data_8RMN
#
_entry.id   8RMN
#
_cell.length_a   1.00
_cell.length_b   1.00
_cell.length_c   1.00
_cell.angle_alpha   90.00
_cell.angle_beta   90.00
_cell.angle_gamma   90.00
#
_symmetry.space_group_name_H-M   'P 1'
#
loop_
_entity.id
_entity.type
_entity.pdbx_description
1 polymer 'Calcium homeostasis modulator protein 4'
2 polymer 'Synthetic nanobody SbC4'
#
loop_
_entity_poly.entity_id
_entity_poly.type
_entity_poly.pdbx_seq_one_letter_code
_entity_poly.pdbx_strand_id
1 'polypeptide(L)'
;MSCPTLNNIVSSLQRNGIFINSLIAALTIGGQQLFSSSTFSCPCQVGKNFYYGSAFLVIPALILLVAGFALRSQMWTITG
EYCCSCAPPYRRISPLECKLACLRFFSITGRAVIAPLTWLAVTLLTGTYYECAASEFASVDHYPMFDNVSASKREEILAG
FPCCRSAPSDVILVRDEIALLHRYQSQMLGWILITLATIAALVSCCVAKCCSPLTSLQHCYWTSHLQNERELFEQAAEQH
SRLLMMHRIKKLFGFIPGSEDVKHIRIPSCQDWKDISVPTLLCMGDDLQGHYSFLGNRVDEDNEEDRSRGIELKPALEVL
FQ
;
A,B,C,D,E,F,G,H,I,J,K,L,M,N,O,P,Q,R,S,T
2 'polypeptide(L)'
;SSSQVQLVESGGGLVQAGGSLRLSCAASGFPVYYTHMRWYRQAPGKEREWVAAIYSKGAGTHYADSVKGRFTISRDNAKN
TVYLQMNSLKPEDTAVYYCFVGVGNSYIGQGTQVTVSAGRAGEQKLISEEDLNSAVDHHHHHH
;
U,V,W,X,Y,Z,a,b,c,d,e,f,g,h,i,j,k,l,m,n
#
# COMPACT_ATOMS: atom_id res chain seq x y z
N LEU A 6 25.10 12.48 -16.82
CA LEU A 6 25.81 13.52 -17.55
C LEU A 6 26.59 12.92 -18.72
N ASN A 7 26.62 11.59 -18.75
CA ASN A 7 27.27 10.88 -19.86
C ASN A 7 26.54 11.19 -21.17
N ASN A 8 25.21 11.23 -21.13
CA ASN A 8 24.44 11.60 -22.32
C ASN A 8 24.78 13.01 -22.78
N ILE A 9 24.95 13.94 -21.84
CA ILE A 9 25.37 15.30 -22.20
C ILE A 9 26.75 15.27 -22.84
N VAL A 10 27.66 14.45 -22.29
CA VAL A 10 29.00 14.32 -22.86
C VAL A 10 28.91 13.79 -24.29
N SER A 11 28.05 12.80 -24.53
CA SER A 11 27.88 12.29 -25.88
C SER A 11 27.34 13.35 -26.82
N SER A 12 26.39 14.16 -26.35
CA SER A 12 25.84 15.22 -27.18
C SER A 12 26.93 16.24 -27.55
N LEU A 13 27.83 16.53 -26.60
CA LEU A 13 28.95 17.41 -26.90
C LEU A 13 29.88 16.80 -27.93
N GLN A 14 30.13 15.49 -27.84
CA GLN A 14 30.99 14.84 -28.81
C GLN A 14 30.36 14.87 -30.20
N ARG A 15 29.02 14.88 -30.26
CA ARG A 15 28.35 14.86 -31.56
C ARG A 15 28.74 16.07 -32.41
N ASN A 16 29.23 17.13 -31.78
CA ASN A 16 29.77 18.28 -32.50
C ASN A 16 31.15 17.92 -33.02
N GLY A 17 31.38 18.17 -34.31
CA GLY A 17 32.65 17.80 -34.92
C GLY A 17 33.81 18.66 -34.49
N ILE A 18 33.54 19.84 -33.93
CA ILE A 18 34.62 20.75 -33.55
C ILE A 18 35.48 20.14 -32.46
N PHE A 19 34.86 19.54 -31.45
CA PHE A 19 35.63 18.95 -30.36
C PHE A 19 36.49 17.79 -30.85
N ILE A 20 35.91 16.90 -31.65
CA ILE A 20 36.66 15.73 -32.10
C ILE A 20 37.80 16.14 -33.04
N ASN A 21 37.54 17.09 -33.94
CA ASN A 21 38.60 17.56 -34.82
C ASN A 21 39.71 18.24 -34.03
N SER A 22 39.34 19.03 -33.01
CA SER A 22 40.37 19.64 -32.16
C SER A 22 41.18 18.58 -31.42
N LEU A 23 40.52 17.52 -30.95
CA LEU A 23 41.22 16.45 -30.24
C LEU A 23 42.19 15.73 -31.19
N ILE A 24 41.75 15.49 -32.43
CA ILE A 24 42.64 14.86 -33.41
C ILE A 24 43.84 15.74 -33.71
N ALA A 25 43.60 17.05 -33.88
CA ALA A 25 44.71 17.95 -34.15
C ALA A 25 45.69 18.02 -32.99
N ALA A 26 45.18 18.05 -31.75
CA ALA A 26 46.06 18.07 -30.59
C ALA A 26 46.88 16.80 -30.50
N LEU A 27 46.26 15.65 -30.74
CA LEU A 27 47.03 14.41 -30.73
C LEU A 27 48.08 14.41 -31.83
N THR A 28 47.75 14.93 -33.01
CA THR A 28 48.75 15.01 -34.07
C THR A 28 49.91 15.89 -33.68
N ILE A 29 49.63 17.03 -33.04
CA ILE A 29 50.70 17.94 -32.62
C ILE A 29 51.60 17.26 -31.59
N GLY A 30 51.01 16.63 -30.59
CA GLY A 30 51.82 15.95 -29.58
C GLY A 30 52.64 14.81 -30.14
N GLY A 31 52.02 14.00 -31.00
CA GLY A 31 52.75 12.90 -31.61
C GLY A 31 53.86 13.38 -32.50
N GLN A 32 53.62 14.45 -33.26
CA GLN A 32 54.69 15.02 -34.09
C GLN A 32 55.83 15.53 -33.23
N GLN A 33 55.52 16.21 -32.13
CA GLN A 33 56.57 16.70 -31.26
C GLN A 33 57.44 15.56 -30.75
N LEU A 34 56.81 14.51 -30.21
CA LEU A 34 57.60 13.40 -29.69
C LEU A 34 58.39 12.72 -30.80
N PHE A 35 57.74 12.46 -31.94
CA PHE A 35 58.38 11.72 -33.03
C PHE A 35 59.58 12.48 -33.59
N SER A 36 59.40 13.78 -33.87
CA SER A 36 60.48 14.56 -34.44
C SER A 36 61.61 14.78 -33.44
N SER A 37 61.27 15.11 -32.18
CA SER A 37 62.33 15.33 -31.21
C SER A 37 63.02 14.03 -30.83
N SER A 38 62.43 12.89 -31.14
CA SER A 38 63.08 11.62 -30.80
C SER A 38 63.94 11.08 -31.95
N THR A 39 63.34 10.87 -33.11
CA THR A 39 64.00 10.06 -34.14
C THR A 39 64.08 10.78 -35.48
N PHE A 40 64.52 12.04 -35.51
CA PHE A 40 64.71 12.67 -36.82
C PHE A 40 66.10 12.32 -37.37
N SER A 41 67.15 12.78 -36.70
CA SER A 41 68.54 12.48 -37.07
C SER A 41 68.80 12.69 -38.56
N CYS A 42 68.75 13.96 -38.97
CA CYS A 42 68.94 14.33 -40.36
C CYS A 42 70.27 13.79 -40.89
N PRO A 43 70.28 13.03 -41.97
CA PRO A 43 71.53 12.46 -42.48
C PRO A 43 72.36 13.50 -43.21
N CYS A 44 73.63 13.14 -43.38
CA CYS A 44 74.58 14.00 -44.07
C CYS A 44 74.93 13.47 -45.45
N GLN A 45 74.19 12.46 -45.92
CA GLN A 45 74.56 11.78 -47.16
C GLN A 45 74.41 12.72 -48.34
N VAL A 46 75.45 12.79 -49.17
CA VAL A 46 75.43 13.67 -50.34
C VAL A 46 74.47 13.16 -51.40
N GLY A 47 74.45 11.85 -51.63
CA GLY A 47 73.65 11.28 -52.69
C GLY A 47 72.16 11.47 -52.53
N LYS A 48 71.60 10.88 -51.47
CA LYS A 48 70.16 10.88 -51.23
C LYS A 48 69.89 11.49 -49.85
N ASN A 49 69.44 12.74 -49.85
CA ASN A 49 69.06 13.42 -48.61
C ASN A 49 67.70 14.06 -48.79
N PHE A 50 67.34 14.36 -50.04
CA PHE A 50 66.00 14.86 -50.32
C PHE A 50 64.94 13.81 -50.02
N TYR A 51 65.22 12.55 -50.33
CA TYR A 51 64.26 11.49 -50.06
C TYR A 51 63.97 11.37 -48.57
N TYR A 52 65.00 11.57 -47.75
CA TYR A 52 64.83 11.45 -46.28
C TYR A 52 63.77 12.44 -45.82
N GLY A 53 64.01 13.73 -46.08
CA GLY A 53 63.09 14.75 -45.62
C GLY A 53 61.73 14.64 -46.27
N SER A 54 61.71 14.33 -47.57
CA SER A 54 60.42 14.20 -48.26
C SER A 54 59.60 13.07 -47.67
N ALA A 55 60.24 11.94 -47.35
CA ALA A 55 59.51 10.85 -46.72
C ALA A 55 59.01 11.26 -45.34
N PHE A 56 59.90 11.79 -44.50
CA PHE A 56 59.50 12.20 -43.17
C PHE A 56 58.43 13.29 -43.18
N LEU A 57 58.26 13.98 -44.30
CA LEU A 57 57.29 15.07 -44.39
C LEU A 57 55.97 14.65 -45.02
N VAL A 58 55.98 13.74 -45.99
CA VAL A 58 54.78 13.39 -46.73
C VAL A 58 54.22 12.05 -46.30
N ILE A 59 55.07 11.05 -46.00
CA ILE A 59 54.56 9.72 -45.69
C ILE A 59 53.64 9.70 -44.48
N PRO A 60 53.99 10.31 -43.33
CA PRO A 60 53.02 10.34 -42.23
C PRO A 60 51.72 11.03 -42.61
N ALA A 61 51.78 12.10 -43.41
CA ALA A 61 50.54 12.76 -43.83
C ALA A 61 49.70 11.85 -44.70
N LEU A 62 50.34 11.12 -45.62
CA LEU A 62 49.61 10.19 -46.48
C LEU A 62 48.99 9.06 -45.66
N ILE A 63 49.74 8.54 -44.68
CA ILE A 63 49.21 7.48 -43.83
C ILE A 63 48.02 7.97 -43.02
N LEU A 64 48.13 9.18 -42.45
CA LEU A 64 47.02 9.71 -41.67
C LEU A 64 45.79 9.96 -42.55
N LEU A 65 46.00 10.44 -43.77
CA LEU A 65 44.89 10.62 -44.69
C LEU A 65 44.20 9.30 -44.99
N VAL A 66 44.99 8.27 -45.31
CA VAL A 66 44.41 6.97 -45.63
C VAL A 66 43.70 6.39 -44.42
N ALA A 67 44.27 6.55 -43.23
CA ALA A 67 43.61 6.07 -42.01
C ALA A 67 42.30 6.78 -41.76
N GLY A 68 42.28 8.10 -41.94
CA GLY A 68 41.05 8.84 -41.74
C GLY A 68 39.95 8.42 -42.69
N PHE A 69 40.31 8.14 -43.95
CA PHE A 69 39.31 7.68 -44.90
C PHE A 69 38.87 6.25 -44.62
N ALA A 70 39.81 5.34 -44.35
CA ALA A 70 39.48 3.92 -44.27
C ALA A 70 38.79 3.57 -42.95
N LEU A 71 39.22 4.19 -41.85
CA LEU A 71 38.68 3.82 -40.53
C LEU A 71 37.20 4.16 -40.39
N ARG A 72 36.66 4.99 -41.29
CA ARG A 72 35.25 5.32 -41.26
C ARG A 72 34.46 4.27 -42.04
N SER A 73 33.53 3.59 -41.36
CA SER A 73 32.74 2.54 -42.01
C SER A 73 31.81 3.11 -43.06
N GLN A 74 31.39 4.37 -42.90
CA GLN A 74 30.57 5.00 -43.92
C GLN A 74 31.29 5.03 -45.26
N MET A 75 32.61 5.19 -45.24
CA MET A 75 33.37 5.14 -46.48
C MET A 75 33.30 3.77 -47.13
N TRP A 76 33.36 2.70 -46.34
CA TRP A 76 33.22 1.37 -46.91
C TRP A 76 31.83 1.19 -47.51
N THR A 77 30.80 1.72 -46.85
CA THR A 77 29.45 1.63 -47.40
C THR A 77 29.34 2.39 -48.71
N ILE A 78 29.94 3.58 -48.79
CA ILE A 78 29.91 4.36 -50.02
C ILE A 78 30.63 3.62 -51.14
N THR A 79 31.80 3.07 -50.85
CA THR A 79 32.54 2.34 -51.87
C THR A 79 31.78 1.10 -52.33
N GLY A 80 31.09 0.42 -51.40
CA GLY A 80 30.26 -0.69 -51.78
C GLY A 80 29.10 -0.29 -52.68
N GLU A 81 28.49 0.86 -52.40
CA GLU A 81 27.41 1.34 -53.26
C GLU A 81 27.92 1.70 -54.64
N TYR A 82 29.04 2.43 -54.72
CA TYR A 82 29.55 2.88 -56.01
C TYR A 82 30.09 1.71 -56.83
N CYS A 83 30.82 0.80 -56.20
CA CYS A 83 31.40 -0.34 -56.91
C CYS A 83 30.31 -1.25 -57.49
N PRO A 95 21.83 10.74 -60.82
CA PRO A 95 20.60 11.06 -60.10
C PRO A 95 20.84 11.40 -58.64
N LEU A 96 19.82 11.27 -57.80
CA LEU A 96 19.93 11.67 -56.41
C LEU A 96 20.86 10.76 -55.61
N GLU A 97 20.98 9.49 -56.01
CA GLU A 97 21.89 8.58 -55.31
C GLU A 97 23.33 9.06 -55.41
N CYS A 98 23.73 9.54 -56.60
CA CYS A 98 25.09 10.06 -56.76
C CYS A 98 25.33 11.26 -55.86
N LYS A 99 24.39 12.19 -55.81
CA LYS A 99 24.57 13.38 -54.96
C LYS A 99 24.61 12.98 -53.49
N LEU A 100 23.78 12.02 -53.09
CA LEU A 100 23.77 11.59 -51.69
C LEU A 100 25.10 10.93 -51.32
N ALA A 101 25.64 10.10 -52.22
CA ALA A 101 26.94 9.49 -51.97
C ALA A 101 28.04 10.56 -51.90
N CYS A 102 27.96 11.57 -52.77
CA CYS A 102 28.94 12.65 -52.73
C CYS A 102 28.86 13.41 -51.41
N LEU A 103 27.65 13.66 -50.93
CA LEU A 103 27.49 14.35 -49.64
C LEU A 103 28.08 13.53 -48.51
N ARG A 104 27.85 12.21 -48.51
CA ARG A 104 28.44 11.38 -47.46
C ARG A 104 29.96 11.36 -47.56
N PHE A 105 30.48 11.31 -48.79
CA PHE A 105 31.92 11.37 -48.98
C PHE A 105 32.50 12.67 -48.42
N PHE A 106 31.81 13.78 -48.65
CA PHE A 106 32.25 15.06 -48.10
C PHE A 106 32.25 15.05 -46.58
N SER A 107 31.20 14.49 -45.99
CA SER A 107 31.13 14.40 -44.52
C SER A 107 32.29 13.58 -43.97
N ILE A 108 32.69 12.53 -44.68
CA ILE A 108 33.87 11.78 -44.27
C ILE A 108 35.14 12.60 -44.49
N THR A 109 35.20 13.33 -45.61
CA THR A 109 36.39 14.08 -45.98
C THR A 109 36.71 15.16 -44.95
N GLY A 110 35.71 15.66 -44.23
CA GLY A 110 36.00 16.61 -43.17
C GLY A 110 37.07 16.11 -42.21
N ARG A 111 36.82 14.95 -41.58
CA ARG A 111 37.81 14.38 -40.68
C ARG A 111 39.04 13.88 -41.44
N ALA A 112 38.83 13.27 -42.62
CA ALA A 112 39.96 12.75 -43.36
C ALA A 112 40.95 13.85 -43.73
N VAL A 113 40.49 15.10 -43.78
CA VAL A 113 41.36 16.23 -44.10
C VAL A 113 41.93 16.87 -42.86
N ILE A 114 41.15 16.98 -41.77
CA ILE A 114 41.73 17.59 -40.58
C ILE A 114 42.83 16.70 -40.01
N ALA A 115 42.80 15.39 -40.32
CA ALA A 115 43.82 14.52 -39.73
C ALA A 115 45.25 14.85 -40.18
N PRO A 116 45.57 14.93 -41.48
CA PRO A 116 46.98 15.17 -41.87
C PRO A 116 47.35 16.63 -42.02
N LEU A 117 46.37 17.53 -42.19
CA LEU A 117 46.70 18.94 -42.34
C LEU A 117 47.42 19.47 -41.13
N THR A 118 47.06 18.98 -39.93
CA THR A 118 47.77 19.38 -38.74
C THR A 118 49.24 18.95 -38.81
N TRP A 119 49.49 17.73 -39.28
CA TRP A 119 50.87 17.26 -39.39
C TRP A 119 51.66 18.13 -40.36
N LEU A 120 51.10 18.38 -41.54
CA LEU A 120 51.83 19.19 -42.52
C LEU A 120 52.07 20.59 -41.99
N ALA A 121 51.06 21.22 -41.39
CA ALA A 121 51.22 22.56 -40.89
C ALA A 121 52.29 22.63 -39.81
N VAL A 122 52.24 21.71 -38.84
CA VAL A 122 53.20 21.76 -37.75
C VAL A 122 54.61 21.51 -38.27
N THR A 123 54.78 20.51 -39.14
CA THR A 123 56.11 20.21 -39.64
C THR A 123 56.68 21.35 -40.46
N LEU A 124 55.87 21.97 -41.32
CA LEU A 124 56.37 23.08 -42.11
C LEU A 124 56.69 24.29 -41.22
N LEU A 125 55.84 24.58 -40.23
CA LEU A 125 56.09 25.72 -39.37
C LEU A 125 57.35 25.53 -38.54
N THR A 126 57.57 24.32 -38.05
CA THR A 126 58.84 24.04 -37.37
C THR A 126 60.01 24.18 -38.33
N GLY A 127 59.84 23.70 -39.57
CA GLY A 127 60.78 23.96 -40.63
C GLY A 127 61.97 23.02 -40.70
N THR A 128 62.20 22.21 -39.67
CA THR A 128 63.37 21.34 -39.68
C THR A 128 63.27 20.27 -40.76
N TYR A 129 62.07 19.72 -40.96
CA TYR A 129 61.88 18.71 -42.00
C TYR A 129 62.17 19.29 -43.38
N TYR A 130 61.62 20.47 -43.66
CA TYR A 130 61.85 21.09 -44.97
C TYR A 130 63.31 21.46 -45.16
N GLU A 131 63.97 21.91 -44.10
CA GLU A 131 65.38 22.21 -44.19
C GLU A 131 66.19 20.97 -44.56
N CYS A 132 65.99 19.88 -43.81
CA CYS A 132 66.72 18.65 -44.10
C CYS A 132 66.36 18.09 -45.47
N ALA A 133 65.17 18.40 -45.97
CA ALA A 133 64.77 17.88 -47.27
C ALA A 133 65.40 18.65 -48.41
N ALA A 134 65.24 19.98 -48.40
CA ALA A 134 65.65 20.82 -49.52
C ALA A 134 66.94 21.57 -49.25
N SER A 135 67.80 21.08 -48.36
CA SER A 135 69.09 21.72 -48.17
C SER A 135 69.94 21.67 -49.43
N GLU A 136 70.01 20.52 -50.09
CA GLU A 136 70.95 20.36 -51.19
C GLU A 136 70.57 21.16 -52.43
N PHE A 137 69.34 21.65 -52.51
CA PHE A 137 68.89 22.40 -53.68
C PHE A 137 69.18 23.89 -53.57
N ALA A 138 70.01 24.28 -52.61
CA ALA A 138 70.36 25.68 -52.44
C ALA A 138 71.25 26.17 -53.56
N SER A 139 71.11 27.45 -53.90
CA SER A 139 71.93 28.06 -54.93
C SER A 139 73.28 28.50 -54.37
N VAL A 140 74.28 28.58 -55.26
CA VAL A 140 75.63 29.00 -54.89
C VAL A 140 76.13 30.18 -55.71
N ASP A 141 75.35 30.67 -56.67
CA ASP A 141 75.79 31.79 -57.48
C ASP A 141 75.95 33.06 -56.64
N HIS A 142 75.04 33.28 -55.70
CA HIS A 142 75.10 34.49 -54.88
C HIS A 142 76.37 34.52 -54.04
N TYR A 143 76.76 33.37 -53.51
CA TYR A 143 77.93 33.32 -52.59
C TYR A 143 79.20 33.08 -53.40
N PRO A 144 80.17 34.00 -53.40
CA PRO A 144 81.44 33.77 -54.10
C PRO A 144 82.29 32.68 -53.45
N MET A 145 82.03 32.33 -52.19
CA MET A 145 82.84 31.32 -51.50
C MET A 145 82.65 29.93 -52.08
N PHE A 146 81.60 29.70 -52.86
CA PHE A 146 81.27 28.37 -53.38
C PHE A 146 81.66 28.22 -54.85
N ASP A 147 82.79 28.79 -55.27
CA ASP A 147 83.25 28.62 -56.64
C ASP A 147 83.48 27.14 -56.94
N ASN A 148 84.49 26.54 -56.31
CA ASN A 148 84.74 25.10 -56.33
C ASN A 148 84.71 24.52 -57.74
N VAL A 149 85.72 24.92 -58.52
CA VAL A 149 85.87 24.50 -59.92
C VAL A 149 85.75 22.99 -60.06
N SER A 150 85.98 22.25 -58.97
CA SER A 150 85.78 20.81 -58.98
C SER A 150 84.33 20.44 -59.24
N ALA A 151 83.38 21.27 -58.78
CA ALA A 151 81.95 21.14 -59.03
C ALA A 151 81.36 19.86 -58.47
N SER A 152 82.10 19.13 -57.65
CA SER A 152 81.60 17.95 -56.96
C SER A 152 81.74 18.04 -55.45
N LYS A 153 82.85 18.60 -54.97
CA LYS A 153 83.02 18.82 -53.54
C LYS A 153 82.00 19.84 -53.04
N ARG A 154 81.67 20.84 -53.87
CA ARG A 154 80.70 21.85 -53.47
C ARG A 154 79.34 21.24 -53.15
N GLU A 155 78.88 20.31 -53.99
CA GLU A 155 77.61 19.66 -53.72
C GLU A 155 77.67 18.89 -52.40
N GLU A 156 78.78 18.21 -52.15
CA GLU A 156 78.89 17.41 -50.93
C GLU A 156 78.88 18.30 -49.69
N ILE A 157 79.63 19.40 -49.69
CA ILE A 157 79.64 20.25 -48.52
C ILE A 157 78.28 20.93 -48.36
N LEU A 158 77.63 21.27 -49.47
CA LEU A 158 76.29 21.87 -49.41
C LEU A 158 75.30 20.93 -48.77
N ALA A 159 75.34 19.65 -49.11
CA ALA A 159 74.47 18.68 -48.46
C ALA A 159 74.96 18.28 -47.08
N GLY A 160 76.20 18.61 -46.73
CA GLY A 160 76.76 18.19 -45.47
C GLY A 160 76.61 19.14 -44.31
N PHE A 161 76.82 20.44 -44.53
CA PHE A 161 76.84 21.34 -43.37
C PHE A 161 75.51 21.45 -42.62
N PRO A 162 74.33 21.30 -43.26
CA PRO A 162 73.10 21.40 -42.47
C PRO A 162 72.96 20.35 -41.39
N CYS A 163 73.58 19.18 -41.55
CA CYS A 163 73.23 18.04 -40.70
C CYS A 163 73.94 18.09 -39.34
N CYS A 164 75.25 17.87 -39.34
CA CYS A 164 76.00 17.80 -38.08
C CYS A 164 77.45 18.26 -38.24
N ARG A 165 77.82 18.84 -39.38
CA ARG A 165 79.23 19.07 -39.67
C ARG A 165 79.85 20.02 -38.66
N SER A 166 79.14 21.09 -38.31
CA SER A 166 79.66 22.14 -37.43
C SER A 166 80.97 22.63 -38.06
N ALA A 167 82.13 22.41 -37.44
CA ALA A 167 83.42 22.70 -38.02
C ALA A 167 83.52 24.17 -38.41
N PRO A 168 83.55 25.10 -37.45
CA PRO A 168 83.60 26.52 -37.80
C PRO A 168 84.88 26.89 -38.55
N SER A 169 84.73 27.17 -39.84
CA SER A 169 85.84 27.58 -40.69
C SER A 169 85.47 28.85 -41.43
N ASP A 170 84.71 29.72 -40.77
CA ASP A 170 84.23 31.00 -41.24
C ASP A 170 83.27 30.86 -42.44
N VAL A 171 82.93 29.63 -42.83
CA VAL A 171 81.85 29.43 -43.80
C VAL A 171 80.49 29.40 -43.10
N ILE A 172 80.46 29.35 -41.77
CA ILE A 172 79.23 29.22 -41.02
C ILE A 172 78.34 30.44 -41.21
N LEU A 173 78.89 31.56 -41.70
CA LEU A 173 78.05 32.69 -42.05
C LEU A 173 77.12 32.33 -43.20
N VAL A 174 77.66 31.71 -44.26
CA VAL A 174 76.84 31.28 -45.39
C VAL A 174 75.87 30.19 -44.94
N ARG A 175 76.33 29.26 -44.10
CA ARG A 175 75.46 28.23 -43.56
C ARG A 175 74.27 28.86 -42.84
N ASP A 176 74.54 29.82 -41.96
CA ASP A 176 73.46 30.42 -41.18
C ASP A 176 72.51 31.21 -42.06
N GLU A 177 73.05 31.94 -43.04
CA GLU A 177 72.19 32.72 -43.92
C GLU A 177 71.27 31.81 -44.74
N ILE A 178 71.83 30.74 -45.31
CA ILE A 178 71.00 29.88 -46.14
C ILE A 178 70.04 29.07 -45.28
N ALA A 179 70.43 28.71 -44.05
CA ALA A 179 69.51 28.03 -43.15
C ALA A 179 68.32 28.92 -42.81
N LEU A 180 68.59 30.20 -42.53
CA LEU A 180 67.50 31.13 -42.29
C LEU A 180 66.63 31.29 -43.53
N LEU A 181 67.24 31.31 -44.71
CA LEU A 181 66.45 31.40 -45.93
C LEU A 181 65.51 30.21 -46.07
N HIS A 182 66.01 29.00 -45.84
CA HIS A 182 65.17 27.82 -45.99
C HIS A 182 64.11 27.74 -44.89
N ARG A 183 64.45 28.16 -43.68
CA ARG A 183 63.45 28.19 -42.61
C ARG A 183 62.33 29.17 -42.94
N TYR A 184 62.68 30.36 -43.43
CA TYR A 184 61.65 31.33 -43.81
C TYR A 184 60.79 30.79 -44.94
N GLN A 185 61.42 30.17 -45.94
CA GLN A 185 60.65 29.59 -47.04
C GLN A 185 59.73 28.50 -46.54
N SER A 186 60.20 27.67 -45.61
CA SER A 186 59.37 26.61 -45.05
C SER A 186 58.16 27.17 -44.33
N GLN A 187 58.36 28.15 -43.45
CA GLN A 187 57.24 28.68 -42.70
C GLN A 187 56.26 29.43 -43.60
N MET A 188 56.76 30.18 -44.58
CA MET A 188 55.86 30.83 -45.52
C MET A 188 55.08 29.79 -46.33
N LEU A 189 55.73 28.70 -46.72
CA LEU A 189 55.03 27.65 -47.44
C LEU A 189 53.96 27.03 -46.56
N GLY A 190 54.24 26.87 -45.26
CA GLY A 190 53.23 26.36 -44.35
C GLY A 190 52.02 27.29 -44.25
N TRP A 191 52.27 28.60 -44.18
CA TRP A 191 51.17 29.54 -44.15
C TRP A 191 50.37 29.50 -45.45
N ILE A 192 51.05 29.40 -46.59
CA ILE A 192 50.35 29.29 -47.86
C ILE A 192 49.49 28.03 -47.88
N LEU A 193 50.03 26.92 -47.36
CA LEU A 193 49.30 25.67 -47.36
C LEU A 193 48.07 25.75 -46.47
N ILE A 194 48.19 26.33 -45.26
CA ILE A 194 47.04 26.38 -44.37
C ILE A 194 46.00 27.35 -44.91
N THR A 195 46.41 28.46 -45.52
CA THR A 195 45.45 29.37 -46.11
C THR A 195 44.71 28.70 -47.26
N LEU A 196 45.42 27.97 -48.12
CA LEU A 196 44.76 27.26 -49.21
C LEU A 196 43.82 26.20 -48.68
N ALA A 197 44.22 25.49 -47.62
CA ALA A 197 43.36 24.48 -47.03
C ALA A 197 42.08 25.09 -46.50
N THR A 198 42.18 26.23 -45.80
CA THR A 198 40.98 26.88 -45.28
C THR A 198 40.08 27.37 -46.40
N ILE A 199 40.66 27.98 -47.43
CA ILE A 199 39.87 28.46 -48.55
C ILE A 199 39.17 27.30 -49.25
N ALA A 200 39.90 26.20 -49.47
CA ALA A 200 39.31 25.04 -50.11
C ALA A 200 38.20 24.45 -49.26
N ALA A 201 38.38 24.40 -47.94
CA ALA A 201 37.33 23.87 -47.07
C ALA A 201 36.08 24.72 -47.14
N LEU A 202 36.24 26.04 -47.06
CA LEU A 202 35.07 26.92 -47.12
C LEU A 202 34.37 26.81 -48.47
N VAL A 203 35.14 26.81 -49.56
CA VAL A 203 34.54 26.69 -50.88
C VAL A 203 33.84 25.35 -51.06
N SER A 204 34.45 24.27 -50.55
CA SER A 204 33.84 22.96 -50.65
C SER A 204 32.54 22.89 -49.86
N CYS A 205 32.50 23.48 -48.67
CA CYS A 205 31.25 23.51 -47.91
C CYS A 205 30.18 24.31 -48.65
N CYS A 206 30.56 25.45 -49.23
CA CYS A 206 29.59 26.24 -49.99
C CYS A 206 29.08 25.47 -51.21
N VAL A 207 29.97 24.77 -51.89
CA VAL A 207 29.57 23.98 -53.06
C VAL A 207 28.67 22.83 -52.63
N ALA A 208 28.95 22.22 -51.47
CA ALA A 208 28.08 21.16 -50.97
C ALA A 208 26.69 21.69 -50.67
N LYS A 209 26.61 22.87 -50.05
CA LYS A 209 25.30 23.45 -49.78
C LYS A 209 24.57 23.82 -51.07
N CYS A 210 25.28 24.37 -52.05
CA CYS A 210 24.64 24.76 -53.30
C CYS A 210 24.17 23.54 -54.09
N CYS A 211 24.98 22.50 -54.16
CA CYS A 211 24.70 21.33 -54.98
C CYS A 211 23.80 20.32 -54.30
N SER A 212 23.53 20.47 -53.02
CA SER A 212 22.68 19.52 -52.31
C SER A 212 21.23 19.67 -52.77
N PRO A 213 20.60 18.62 -53.29
CA PRO A 213 19.19 18.76 -53.68
C PRO A 213 18.26 18.83 -52.48
N LEU A 214 18.62 18.21 -51.37
CA LEU A 214 17.79 18.25 -50.18
C LEU A 214 17.76 19.65 -49.58
N THR A 215 16.63 20.01 -48.99
CA THR A 215 16.57 21.25 -48.23
C THR A 215 17.35 21.10 -46.92
N SER A 216 17.53 22.21 -46.22
CA SER A 216 18.27 22.17 -44.96
C SER A 216 17.61 21.24 -43.96
N LEU A 217 16.30 21.40 -43.76
CA LEU A 217 15.57 20.51 -42.86
C LEU A 217 15.56 19.09 -43.42
N GLN A 218 15.38 18.94 -44.73
CA GLN A 218 15.41 17.61 -45.32
C GLN A 218 16.80 16.98 -45.19
N HIS A 219 17.85 17.79 -45.32
CA HIS A 219 19.21 17.28 -45.13
C HIS A 219 19.41 16.78 -43.71
N CYS A 220 18.93 17.54 -42.71
CA CYS A 220 19.02 17.10 -41.33
C CYS A 220 18.27 15.79 -41.12
N TYR A 221 17.06 15.71 -41.68
CA TYR A 221 16.28 14.48 -41.56
C TYR A 221 17.02 13.30 -42.19
N TRP A 222 17.61 13.50 -43.36
CA TRP A 222 18.29 12.41 -44.04
C TRP A 222 19.53 11.95 -43.27
N THR A 223 20.30 12.88 -42.72
CA THR A 223 21.46 12.50 -41.93
C THR A 223 21.05 11.67 -40.72
N SER A 224 20.03 12.14 -39.99
CA SER A 224 19.58 11.39 -38.83
C SER A 224 18.98 10.05 -39.23
N HIS A 225 18.32 10.00 -40.38
CA HIS A 225 17.79 8.75 -40.91
C HIS A 225 18.89 7.74 -41.12
N LEU A 226 20.00 8.17 -41.71
CA LEU A 226 21.09 7.26 -42.00
C LEU A 226 21.68 6.70 -40.71
N GLN A 227 22.00 7.59 -39.77
CA GLN A 227 22.58 7.14 -38.51
C GLN A 227 21.65 6.17 -37.79
N ASN A 228 20.37 6.52 -37.71
CA ASN A 228 19.43 5.72 -36.93
C ASN A 228 19.17 4.37 -37.60
N GLU A 229 19.07 4.35 -38.93
CA GLU A 229 18.82 3.09 -39.60
C GLU A 229 19.99 2.12 -39.39
N ARG A 230 21.22 2.63 -39.47
CA ARG A 230 22.35 1.72 -39.28
C ARG A 230 22.38 1.18 -37.85
N GLU A 231 22.18 2.07 -36.86
CA GLU A 231 22.24 1.63 -35.47
C GLU A 231 21.12 0.63 -35.17
N LEU A 232 19.90 0.92 -35.64
CA LEU A 232 18.76 0.05 -35.37
C LEU A 232 18.98 -1.33 -35.98
N PHE A 233 19.46 -1.39 -37.22
CA PHE A 233 19.66 -2.71 -37.81
C PHE A 233 20.73 -3.47 -37.08
N GLU A 234 21.81 -2.80 -36.65
CA GLU A 234 22.83 -3.52 -35.89
C GLU A 234 22.24 -4.14 -34.64
N GLN A 235 21.50 -3.35 -33.87
CA GLN A 235 20.95 -3.85 -32.61
C GLN A 235 20.00 -5.00 -32.84
N ALA A 236 19.06 -4.85 -33.77
CA ALA A 236 18.05 -5.89 -33.94
C ALA A 236 18.60 -7.11 -34.65
N ALA A 237 19.65 -6.96 -35.46
CA ALA A 237 20.32 -8.15 -35.97
C ALA A 237 20.93 -8.95 -34.84
N GLU A 238 21.56 -8.26 -33.88
CA GLU A 238 22.05 -8.94 -32.69
C GLU A 238 20.91 -9.66 -31.97
N GLN A 239 19.78 -8.97 -31.78
CA GLN A 239 18.69 -9.56 -30.99
C GLN A 239 18.02 -10.72 -31.74
N HIS A 240 17.83 -10.58 -33.06
CA HIS A 240 17.29 -11.67 -33.86
C HIS A 240 18.16 -12.92 -33.79
N SER A 241 19.47 -12.75 -33.95
CA SER A 241 20.32 -13.93 -33.88
C SER A 241 20.34 -14.51 -32.47
N ARG A 242 20.26 -13.66 -31.45
CA ARG A 242 20.18 -14.18 -30.09
C ARG A 242 18.92 -15.03 -29.92
N LEU A 243 17.78 -14.55 -30.42
CA LEU A 243 16.55 -15.32 -30.30
C LEU A 243 16.62 -16.63 -31.07
N LEU A 244 17.15 -16.58 -32.30
CA LEU A 244 17.22 -17.80 -33.11
C LEU A 244 18.12 -18.84 -32.45
N MET A 245 19.30 -18.42 -32.00
CA MET A 245 20.19 -19.36 -31.33
C MET A 245 19.59 -19.84 -30.02
N MET A 246 18.87 -18.97 -29.31
CA MET A 246 18.26 -19.37 -28.05
C MET A 246 17.20 -20.45 -28.28
N HIS A 247 16.40 -20.30 -29.33
CA HIS A 247 15.47 -21.37 -29.69
C HIS A 247 16.21 -22.65 -30.06
N ARG A 248 17.31 -22.53 -30.81
CA ARG A 248 18.07 -23.71 -31.20
C ARG A 248 18.59 -24.46 -29.97
N ILE A 249 19.13 -23.73 -29.00
CA ILE A 249 19.70 -24.39 -27.84
C ILE A 249 18.60 -24.82 -26.87
N LYS A 250 17.43 -24.19 -26.94
CA LYS A 250 16.26 -24.72 -26.25
C LYS A 250 15.92 -26.10 -26.78
N LYS A 251 15.99 -26.27 -28.10
CA LYS A 251 15.85 -27.60 -28.68
C LYS A 251 16.96 -28.52 -28.20
N LEU A 252 18.18 -28.00 -28.13
CA LEU A 252 19.34 -28.82 -27.80
C LEU A 252 19.29 -29.36 -26.37
N PHE A 253 19.08 -28.47 -25.39
CA PHE A 253 19.16 -28.81 -23.97
C PHE A 253 17.81 -28.91 -23.29
N GLY A 254 16.71 -28.74 -24.02
CA GLY A 254 15.40 -28.87 -23.42
C GLY A 254 14.94 -27.69 -22.58
N PHE A 255 15.67 -26.58 -22.59
CA PHE A 255 15.28 -25.41 -21.84
C PHE A 255 15.86 -24.15 -22.48
N ILE A 256 15.21 -23.03 -22.22
CA ILE A 256 15.74 -21.73 -22.64
C ILE A 256 16.77 -21.26 -21.61
N PRO A 257 17.93 -20.77 -22.05
CA PRO A 257 18.95 -20.32 -21.10
C PRO A 257 18.50 -19.13 -20.27
N GLY A 258 19.01 -19.07 -19.04
CA GLY A 258 18.73 -17.96 -18.16
C GLY A 258 17.35 -17.95 -17.53
N SER A 259 16.68 -19.11 -17.49
CA SER A 259 15.34 -19.21 -16.93
C SER A 259 15.25 -20.47 -16.08
N GLU A 260 14.17 -20.54 -15.28
CA GLU A 260 13.98 -21.61 -14.30
C GLU A 260 13.70 -22.92 -15.03
N ASP A 261 14.66 -23.85 -15.01
CA ASP A 261 14.56 -25.09 -15.79
C ASP A 261 14.57 -26.34 -14.93
N VAL A 262 14.31 -26.23 -13.62
CA VAL A 262 14.28 -27.42 -12.77
C VAL A 262 13.15 -28.37 -13.15
N LYS A 263 12.24 -27.93 -14.01
CA LYS A 263 11.15 -28.80 -14.43
C LYS A 263 11.69 -29.96 -15.27
N HIS A 264 12.52 -29.67 -16.26
CA HIS A 264 13.00 -30.71 -17.16
C HIS A 264 14.40 -30.37 -17.64
N ILE A 265 15.18 -31.42 -17.94
CA ILE A 265 16.51 -31.28 -18.52
C ILE A 265 16.64 -32.32 -19.62
N ARG A 266 17.61 -32.11 -20.50
CA ARG A 266 17.83 -32.98 -21.65
C ARG A 266 19.20 -33.63 -21.56
N ILE A 267 19.33 -34.77 -22.23
CA ILE A 267 20.61 -35.46 -22.37
C ILE A 267 20.93 -35.52 -23.86
N PRO A 268 21.81 -34.66 -24.35
CA PRO A 268 22.10 -34.63 -25.78
C PRO A 268 22.71 -35.94 -26.26
N SER A 269 22.36 -36.32 -27.48
CA SER A 269 22.96 -37.48 -28.14
C SER A 269 24.13 -37.03 -29.01
N CYS A 270 25.01 -37.98 -29.32
CA CYS A 270 26.22 -37.66 -30.07
C CYS A 270 25.87 -37.10 -31.45
N GLN A 271 24.88 -37.71 -32.10
CA GLN A 271 24.44 -37.21 -33.39
C GLN A 271 23.79 -35.83 -33.22
N ASP A 272 23.11 -35.60 -32.09
CA ASP A 272 22.59 -34.26 -31.82
C ASP A 272 23.72 -33.28 -31.54
N TRP A 273 24.78 -33.72 -30.85
CA TRP A 273 25.97 -32.91 -30.70
C TRP A 273 26.55 -32.54 -32.07
N LYS A 274 26.43 -33.44 -33.04
CA LYS A 274 26.85 -33.09 -34.39
C LYS A 274 25.92 -32.02 -34.97
N ASP A 275 24.61 -32.15 -34.76
CA ASP A 275 23.68 -31.20 -35.37
C ASP A 275 23.92 -29.78 -34.84
N ILE A 276 24.14 -29.64 -33.54
CA ILE A 276 24.37 -28.29 -33.00
C ILE A 276 25.68 -27.72 -33.54
N SER A 277 26.70 -28.55 -33.69
CA SER A 277 27.97 -28.10 -34.25
C SER A 277 27.83 -27.71 -35.72
N GLN B 4 97.74 23.09 -69.37
CA GLN B 4 98.84 24.01 -69.59
C GLN B 4 99.06 24.91 -68.38
N VAL B 5 98.08 24.90 -67.47
CA VAL B 5 98.13 25.76 -66.28
C VAL B 5 98.98 25.07 -65.22
N GLN B 6 100.06 25.72 -64.80
CA GLN B 6 100.97 25.18 -63.79
C GLN B 6 101.11 26.18 -62.65
N LEU B 7 101.00 25.69 -61.43
CA LEU B 7 101.15 26.51 -60.23
C LEU B 7 102.37 26.04 -59.45
N VAL B 8 103.28 26.98 -59.18
CA VAL B 8 104.48 26.70 -58.39
C VAL B 8 104.53 27.69 -57.23
N GLU B 9 104.97 27.21 -56.07
CA GLU B 9 105.09 28.03 -54.88
C GLU B 9 106.55 28.39 -54.63
N SER B 10 106.76 29.58 -54.05
CA SER B 10 108.08 30.07 -53.76
C SER B 10 108.00 31.07 -52.62
N GLY B 11 109.15 31.34 -52.01
CA GLY B 11 109.24 32.25 -50.90
C GLY B 11 109.19 31.59 -49.52
N GLY B 12 109.27 30.28 -49.45
CA GLY B 12 109.28 29.58 -48.18
C GLY B 12 110.67 29.51 -47.58
N GLY B 13 110.75 28.78 -46.46
CA GLY B 13 111.99 28.60 -45.75
C GLY B 13 111.73 28.57 -44.26
N LEU B 14 112.78 28.85 -43.48
CA LEU B 14 112.72 28.87 -42.03
C LEU B 14 112.81 30.30 -41.54
N VAL B 15 111.86 30.71 -40.71
CA VAL B 15 111.80 32.05 -40.15
C VAL B 15 111.57 31.93 -38.65
N GLN B 16 112.29 32.76 -37.88
CA GLN B 16 112.18 32.72 -36.43
C GLN B 16 110.88 33.38 -35.98
N ALA B 17 110.67 33.39 -34.66
CA ALA B 17 109.44 33.95 -34.10
C ALA B 17 109.36 35.44 -34.33
N GLY B 18 108.16 35.92 -34.66
CA GLY B 18 107.93 37.32 -34.91
C GLY B 18 108.33 37.80 -36.29
N GLY B 19 108.84 36.92 -37.14
CA GLY B 19 109.29 37.31 -38.46
C GLY B 19 108.18 37.43 -39.46
N SER B 20 108.54 37.92 -40.65
CA SER B 20 107.63 38.08 -41.77
C SER B 20 108.09 37.21 -42.93
N LEU B 21 107.13 36.59 -43.61
CA LEU B 21 107.43 35.73 -44.74
C LEU B 21 106.46 36.05 -45.88
N ARG B 22 106.97 35.91 -47.11
CA ARG B 22 106.24 36.21 -48.32
C ARG B 22 106.12 34.93 -49.15
N LEU B 23 104.89 34.59 -49.54
CA LEU B 23 104.63 33.38 -50.31
C LEU B 23 104.17 33.77 -51.71
N SER B 24 104.77 33.16 -52.72
CA SER B 24 104.54 33.52 -54.11
C SER B 24 104.07 32.29 -54.88
N CYS B 25 102.98 32.45 -55.63
CA CYS B 25 102.47 31.42 -56.52
C CYS B 25 102.37 32.00 -57.93
N ALA B 26 102.93 31.28 -58.90
CA ALA B 26 102.96 31.72 -60.28
C ALA B 26 101.84 31.04 -61.07
N ALA B 27 101.05 31.82 -61.78
CA ALA B 27 100.01 31.31 -62.66
C ALA B 27 100.38 31.57 -64.11
N SER B 28 100.36 30.53 -64.93
CA SER B 28 100.74 30.66 -66.33
C SER B 28 99.63 31.29 -67.15
N HIS B 36 90.26 34.21 -59.32
CA HIS B 36 89.93 33.69 -58.00
C HIS B 36 90.94 32.65 -57.53
N MET B 37 91.62 32.96 -56.42
CA MET B 37 92.66 32.11 -55.86
C MET B 37 92.37 31.85 -54.39
N ARG B 38 92.80 30.68 -53.92
CA ARG B 38 92.58 30.24 -52.57
C ARG B 38 93.85 29.65 -52.00
N TRP B 39 94.06 29.81 -50.69
CA TRP B 39 95.25 29.34 -50.01
C TRP B 39 94.87 28.32 -48.95
N TYR B 40 95.70 27.27 -48.84
CA TYR B 40 95.49 26.21 -47.86
C TYR B 40 96.81 25.89 -47.17
N ARG B 41 96.73 25.36 -45.96
CA ARG B 41 97.89 24.91 -45.22
C ARG B 41 97.64 23.52 -44.66
N GLN B 42 98.70 22.76 -44.46
CA GLN B 42 98.59 21.42 -43.89
C GLN B 42 99.71 21.24 -42.88
N ARG B 48 94.73 19.39 -44.43
CA ARG B 48 94.65 20.62 -45.21
C ARG B 48 93.61 21.55 -44.62
N GLU B 49 94.03 22.72 -44.14
CA GLU B 49 93.15 23.68 -43.51
C GLU B 49 93.02 24.93 -44.38
N TRP B 50 91.81 25.47 -44.45
CA TRP B 50 91.54 26.66 -45.24
C TRP B 50 92.20 27.88 -44.63
N VAL B 51 92.80 28.73 -45.48
CA VAL B 51 93.55 29.90 -45.04
C VAL B 51 92.87 31.20 -45.43
N ALA B 52 92.80 31.50 -46.73
CA ALA B 52 92.32 32.80 -47.16
C ALA B 52 91.91 32.72 -48.63
N ALA B 53 91.20 33.76 -49.09
CA ALA B 53 90.72 33.82 -50.46
C ALA B 53 90.87 35.22 -51.02
N ILE B 54 91.07 35.28 -52.35
CA ILE B 54 91.11 36.53 -53.09
C ILE B 54 90.24 36.36 -54.33
N TYR B 55 89.83 37.50 -54.90
CA TYR B 55 88.96 37.50 -56.08
C TYR B 55 89.74 37.95 -57.32
N ALA B 59 89.62 42.76 -55.97
CA ALA B 59 90.64 42.73 -54.92
C ALA B 59 90.00 42.47 -53.56
N GLY B 60 88.73 42.09 -53.57
CA GLY B 60 88.06 41.74 -52.33
C GLY B 60 88.67 40.50 -51.71
N THR B 61 88.94 40.58 -50.42
CA THR B 61 89.75 39.58 -49.74
C THR B 61 89.05 39.05 -48.50
N HIS B 62 89.31 37.78 -48.21
CA HIS B 62 88.69 37.07 -47.10
C HIS B 62 89.75 36.26 -46.36
N TYR B 63 89.69 36.27 -45.03
CA TYR B 63 90.65 35.53 -44.21
C TYR B 63 89.93 34.69 -43.17
N ALA B 64 90.53 33.55 -42.81
CA ALA B 64 90.01 32.74 -41.73
C ALA B 64 90.29 33.40 -40.37
N ASP B 65 89.39 33.18 -39.42
CA ASP B 65 89.53 33.78 -38.11
C ASP B 65 90.74 33.24 -37.35
N SER B 66 91.09 31.97 -37.57
CA SER B 66 92.27 31.42 -36.93
C SER B 66 93.55 32.07 -37.44
N VAL B 67 93.49 32.73 -38.59
CA VAL B 67 94.63 33.42 -39.19
C VAL B 67 94.36 34.90 -39.41
N LYS B 68 93.26 35.42 -38.86
CA LYS B 68 92.85 36.79 -39.12
C LYS B 68 93.80 37.78 -38.46
N GLY B 69 94.05 38.90 -39.13
CA GLY B 69 94.87 39.96 -38.59
C GLY B 69 96.36 39.72 -38.66
N ARG B 70 96.81 38.73 -39.43
CA ARG B 70 98.23 38.40 -39.51
C ARG B 70 98.70 38.33 -40.95
N PHE B 71 97.83 37.90 -41.85
CA PHE B 71 98.16 37.67 -43.25
C PHE B 71 97.43 38.66 -44.15
N THR B 72 98.09 39.03 -45.24
CA THR B 72 97.52 39.89 -46.26
C THR B 72 97.85 39.31 -47.63
N ILE B 73 96.84 39.21 -48.50
CA ILE B 73 96.99 38.63 -49.82
C ILE B 73 96.69 39.68 -50.86
N SER B 74 97.55 39.78 -51.88
CA SER B 74 97.32 40.62 -53.04
C SER B 74 97.84 39.88 -54.26
N ARG B 75 97.30 40.24 -55.42
CA ARG B 75 97.74 39.66 -56.68
C ARG B 75 97.81 40.75 -57.74
N ASP B 76 98.69 40.56 -58.71
CA ASP B 76 98.86 41.48 -59.82
C ASP B 76 98.71 40.70 -61.12
N ASN B 77 97.88 41.22 -62.02
CA ASN B 77 97.68 40.57 -63.32
C ASN B 77 98.86 40.77 -64.26
N ALA B 78 99.68 41.80 -64.04
CA ALA B 78 100.83 42.03 -64.90
C ALA B 78 101.83 40.88 -64.80
N LYS B 79 102.11 40.41 -63.59
CA LYS B 79 103.04 39.30 -63.38
C LYS B 79 102.35 37.96 -63.25
N ASN B 80 101.02 37.93 -63.16
CA ASN B 80 100.25 36.70 -63.01
C ASN B 80 100.70 35.90 -61.78
N THR B 81 100.98 36.60 -60.69
CA THR B 81 101.39 35.97 -59.44
C THR B 81 100.56 36.53 -58.30
N VAL B 82 100.36 35.71 -57.28
CA VAL B 82 99.63 36.09 -56.07
C VAL B 82 100.61 36.15 -54.92
N TYR B 83 100.64 37.29 -54.23
CA TYR B 83 101.58 37.53 -53.13
C TYR B 83 100.84 37.43 -51.82
N LEU B 84 101.36 36.64 -50.88
CA LEU B 84 100.71 36.42 -49.59
C LEU B 84 101.70 36.89 -48.53
N GLN B 85 101.41 38.05 -47.92
CA GLN B 85 102.32 38.66 -46.97
C GLN B 85 101.95 38.22 -45.56
N MET B 86 102.85 37.52 -44.90
CA MET B 86 102.62 36.99 -43.56
C MET B 86 103.43 37.78 -42.54
N ASN B 87 102.78 38.28 -41.50
CA ASN B 87 103.42 39.03 -40.44
C ASN B 87 103.31 38.30 -39.12
N SER B 88 104.36 38.39 -38.31
CA SER B 88 104.38 37.84 -36.95
C SER B 88 104.08 36.35 -36.94
N LEU B 89 104.94 35.59 -37.62
CA LEU B 89 104.81 34.14 -37.62
C LEU B 89 105.24 33.57 -36.27
N LYS B 90 104.69 32.42 -35.94
CA LYS B 90 104.92 31.73 -34.68
C LYS B 90 105.18 30.26 -34.98
N PRO B 91 105.79 29.54 -34.03
CA PRO B 91 105.98 28.09 -34.24
C PRO B 91 104.68 27.32 -34.37
N GLU B 92 103.56 27.88 -33.93
CA GLU B 92 102.28 27.17 -34.01
C GLU B 92 101.84 26.94 -35.45
N ASP B 93 102.09 27.91 -36.34
CA ASP B 93 101.69 27.79 -37.74
C ASP B 93 102.76 27.16 -38.61
N THR B 94 103.59 26.27 -38.05
CA THR B 94 104.56 25.51 -38.82
C THR B 94 103.81 24.49 -39.66
N ALA B 95 103.70 24.73 -40.97
CA ALA B 95 102.93 23.87 -41.84
C ALA B 95 103.36 24.08 -43.28
N VAL B 96 102.87 23.21 -44.15
CA VAL B 96 103.09 23.30 -45.59
C VAL B 96 101.88 23.97 -46.22
N TYR B 97 102.13 25.01 -47.02
CA TYR B 97 101.07 25.85 -47.57
C TYR B 97 100.88 25.55 -49.06
N TYR B 98 99.63 25.34 -49.45
CA TYR B 98 99.28 25.10 -50.85
C TYR B 98 98.49 26.27 -51.40
N CYS B 99 98.37 26.30 -52.72
CA CYS B 99 97.52 27.26 -53.42
C CYS B 99 96.46 26.50 -54.22
N PHE B 100 95.28 27.10 -54.32
CA PHE B 100 94.17 26.51 -55.04
C PHE B 100 93.45 27.59 -55.83
N VAL B 101 93.08 27.26 -57.07
CA VAL B 101 92.43 28.23 -57.95
C VAL B 101 90.91 28.11 -57.93
N TYR B 107 92.37 21.65 -59.71
CA TYR B 107 93.79 21.99 -59.70
C TYR B 107 94.28 22.28 -58.30
N ILE B 108 95.45 21.75 -57.96
CA ILE B 108 96.06 21.94 -56.64
C ILE B 108 97.52 22.28 -56.82
N GLY B 109 98.00 23.22 -56.00
CA GLY B 109 99.40 23.62 -56.06
C GLY B 109 100.33 22.62 -55.42
N GLN B 110 101.62 22.75 -55.76
CA GLN B 110 102.61 21.81 -55.25
C GLN B 110 102.83 21.97 -53.75
N GLY B 111 102.93 23.20 -53.27
CA GLY B 111 103.13 23.47 -51.86
C GLY B 111 104.59 23.52 -51.47
N THR B 112 104.88 24.40 -50.51
CA THR B 112 106.23 24.59 -50.00
C THR B 112 106.20 24.58 -48.47
N GLN B 113 107.20 23.94 -47.88
CA GLN B 113 107.22 23.75 -46.43
C GLN B 113 107.74 25.00 -45.73
N VAL B 114 107.00 25.45 -44.72
CA VAL B 114 107.38 26.59 -43.89
C VAL B 114 107.49 26.12 -42.46
N THR B 115 108.66 26.34 -41.86
CA THR B 115 108.94 25.93 -40.49
C THR B 115 109.38 27.14 -39.67
N VAL B 116 108.90 27.20 -38.43
CA VAL B 116 109.24 28.28 -37.51
C VAL B 116 109.87 27.68 -36.27
N SER B 117 111.05 28.17 -35.91
CA SER B 117 111.77 27.66 -34.76
C SER B 117 111.90 28.73 -33.67
N LEU C 6 28.12 2.98 -16.42
CA LEU C 6 28.99 3.49 -17.47
C LEU C 6 29.95 2.40 -17.95
N ASN C 7 29.96 1.29 -17.21
CA ASN C 7 30.78 0.14 -17.61
C ASN C 7 30.32 -0.40 -18.96
N ASN C 8 29.00 -0.45 -19.18
CA ASN C 8 28.48 -0.89 -20.47
C ASN C 8 28.94 0.05 -21.58
N ILE C 9 28.95 1.36 -21.32
CA ILE C 9 29.46 2.31 -22.30
C ILE C 9 30.94 2.06 -22.58
N VAL C 10 31.70 1.76 -21.52
CA VAL C 10 33.12 1.44 -21.69
C VAL C 10 33.28 0.20 -22.56
N SER C 11 32.46 -0.82 -22.33
CA SER C 11 32.53 -2.02 -23.16
C SER C 11 32.21 -1.71 -24.61
N SER C 12 31.19 -0.86 -24.85
CA SER C 12 30.84 -0.48 -26.21
C SER C 12 32.01 0.22 -26.90
N LEU C 13 32.72 1.08 -26.16
CA LEU C 13 33.91 1.73 -26.70
C LEU C 13 34.99 0.71 -27.04
N GLN C 14 35.19 -0.28 -26.18
CA GLN C 14 36.20 -1.30 -26.45
C GLN C 14 35.83 -2.10 -27.69
N ARG C 15 34.53 -2.23 -27.97
CA ARG C 15 34.10 -3.02 -29.13
C ARG C 15 34.67 -2.48 -30.43
N ASN C 16 35.07 -1.20 -30.45
CA ASN C 16 35.76 -0.61 -31.58
C ASN C 16 37.21 -1.10 -31.58
N GLY C 17 37.68 -1.59 -32.72
CA GLY C 17 39.02 -2.13 -32.79
C GLY C 17 40.11 -1.08 -32.73
N ILE C 18 39.77 0.18 -32.99
CA ILE C 18 40.79 1.23 -33.02
C ILE C 18 41.42 1.40 -31.65
N PHE C 19 40.60 1.43 -30.60
CA PHE C 19 41.16 1.61 -29.26
C PHE C 19 42.05 0.45 -28.85
N ILE C 20 41.61 -0.78 -29.09
CA ILE C 20 42.39 -1.94 -28.67
C ILE C 20 43.69 -2.02 -29.48
N ASN C 21 43.62 -1.77 -30.78
CA ASN C 21 44.85 -1.78 -31.58
C ASN C 21 45.81 -0.70 -31.15
N SER C 22 45.29 0.50 -30.82
CA SER C 22 46.15 1.56 -30.30
C SER C 22 46.78 1.16 -28.98
N LEU C 23 46.02 0.50 -28.11
CA LEU C 23 46.55 0.07 -26.82
C LEU C 23 47.65 -0.97 -27.02
N ILE C 24 47.46 -1.90 -27.95
CA ILE C 24 48.48 -2.90 -28.24
C ILE C 24 49.74 -2.24 -28.78
N ALA C 25 49.58 -1.27 -29.69
CA ALA C 25 50.74 -0.59 -30.25
C ALA C 25 51.49 0.20 -29.18
N ALA C 26 50.75 0.87 -28.28
CA ALA C 26 51.41 1.61 -27.21
C ALA C 26 52.17 0.68 -26.28
N LEU C 27 51.58 -0.46 -25.92
CA LEU C 27 52.29 -1.42 -25.09
C LEU C 27 53.53 -1.94 -25.80
N THR C 28 53.43 -2.19 -27.11
CA THR C 28 54.61 -2.65 -27.84
C THR C 28 55.71 -1.60 -27.83
N ILE C 29 55.34 -0.33 -28.00
CA ILE C 29 56.34 0.74 -27.99
C ILE C 29 57.02 0.84 -26.63
N GLY C 30 56.24 0.83 -25.56
CA GLY C 30 56.82 0.90 -24.22
C GLY C 30 57.71 -0.29 -23.91
N GLY C 31 57.23 -1.49 -24.23
CA GLY C 31 58.02 -2.68 -24.00
C GLY C 31 59.31 -2.69 -24.80
N GLN C 32 59.24 -2.24 -26.05
CA GLN C 32 60.45 -2.16 -26.87
C GLN C 32 61.43 -1.16 -26.27
N GLN C 33 60.93 -0.01 -25.82
CA GLN C 33 61.82 0.97 -25.21
C GLN C 33 62.56 0.37 -24.02
N LEU C 34 61.81 -0.24 -23.09
CA LEU C 34 62.45 -0.80 -21.92
C LEU C 34 63.42 -1.92 -22.29
N PHE C 35 62.99 -2.82 -23.18
CA PHE C 35 63.79 -3.98 -23.54
C PHE C 35 65.09 -3.57 -24.22
N SER C 36 65.01 -2.68 -25.21
CA SER C 36 66.19 -2.26 -25.93
C SER C 36 67.12 -1.42 -25.05
N SER C 37 66.57 -0.48 -24.29
CA SER C 37 67.43 0.33 -23.44
C SER C 37 68.02 -0.47 -22.29
N SER C 38 67.46 -1.65 -21.99
CA SER C 38 68.01 -2.43 -20.89
C SER C 38 69.04 -3.45 -21.37
N THR C 39 68.67 -4.33 -22.30
CA THR C 39 69.48 -5.52 -22.56
C THR C 39 69.81 -5.67 -24.03
N PHE C 40 70.29 -4.61 -24.69
CA PHE C 40 70.74 -4.81 -26.08
C PHE C 40 72.19 -5.29 -26.10
N SER C 41 73.12 -4.45 -25.65
CA SER C 41 74.54 -4.79 -25.53
C SER C 41 75.08 -5.43 -26.82
N CYS C 42 75.13 -4.61 -27.86
CA CYS C 42 75.59 -5.07 -29.17
C CYS C 42 76.98 -5.69 -29.07
N PRO C 43 77.16 -6.94 -29.52
CA PRO C 43 78.46 -7.59 -29.40
C PRO C 43 79.45 -7.06 -30.44
N CYS C 44 80.72 -7.35 -30.16
CA CYS C 44 81.80 -6.95 -31.05
C CYS C 44 82.38 -8.13 -31.80
N GLN C 45 81.72 -9.29 -31.74
CA GLN C 45 82.29 -10.51 -32.29
C GLN C 45 82.39 -10.40 -33.81
N VAL C 46 83.57 -10.73 -34.34
CA VAL C 46 83.78 -10.65 -35.78
C VAL C 46 83.01 -11.75 -36.51
N GLY C 47 83.00 -12.96 -35.96
CA GLY C 47 82.40 -14.09 -36.64
C GLY C 47 80.91 -13.97 -36.86
N LYS C 48 80.15 -13.90 -35.76
CA LYS C 48 78.69 -13.89 -35.81
C LYS C 48 78.19 -12.64 -35.09
N ASN C 49 77.78 -11.64 -35.86
CA ASN C 49 77.20 -10.43 -35.31
C ASN C 49 75.91 -10.10 -36.05
N PHE C 50 75.80 -10.58 -37.28
CA PHE C 50 74.55 -10.43 -38.02
C PHE C 50 73.43 -11.22 -37.36
N TYR C 51 73.72 -12.41 -36.84
CA TYR C 51 72.69 -13.21 -36.20
C TYR C 51 72.13 -12.51 -34.97
N TYR C 52 73.01 -11.80 -34.25
CA TYR C 52 72.56 -11.09 -33.02
C TYR C 52 71.45 -10.11 -33.39
N GLY C 53 71.77 -9.17 -34.28
CA GLY C 53 70.82 -8.14 -34.64
C GLY C 53 69.60 -8.71 -35.33
N SER C 54 69.81 -9.69 -36.21
CA SER C 54 68.67 -10.29 -36.91
C SER C 54 67.72 -10.96 -35.93
N ALA C 55 68.26 -11.66 -34.93
CA ALA C 55 67.39 -12.26 -33.92
C ALA C 55 66.67 -11.20 -33.12
N PHE C 56 67.40 -10.22 -32.59
CA PHE C 56 66.77 -9.16 -31.82
C PHE C 56 65.75 -8.36 -32.62
N LEU C 57 65.81 -8.43 -33.95
CA LEU C 57 64.90 -7.66 -34.78
C LEU C 57 63.71 -8.47 -35.29
N VAL C 58 63.88 -9.76 -35.56
CA VAL C 58 62.82 -10.55 -36.16
C VAL C 58 62.15 -11.48 -35.14
N ILE C 59 62.91 -12.06 -34.19
CA ILE C 59 62.31 -13.03 -33.28
C ILE C 59 61.19 -12.44 -32.45
N PRO C 60 61.33 -11.27 -31.81
CA PRO C 60 60.18 -10.71 -31.10
C PRO C 60 58.99 -10.46 -32.00
N ALA C 61 59.23 -10.01 -33.25
CA ALA C 61 58.11 -9.81 -34.16
C ALA C 61 57.42 -11.12 -34.49
N LEU C 62 58.19 -12.18 -34.72
CA LEU C 62 57.60 -13.48 -35.01
C LEU C 62 56.82 -14.01 -33.82
N ILE C 63 57.35 -13.84 -32.60
CA ILE C 63 56.66 -14.28 -31.40
C ILE C 63 55.35 -13.51 -31.23
N LEU C 64 55.39 -12.19 -31.43
CA LEU C 64 54.16 -11.41 -31.28
C LEU C 64 53.14 -11.79 -32.33
N LEU C 65 53.57 -12.06 -33.56
CA LEU C 65 52.65 -12.51 -34.60
C LEU C 65 51.99 -13.84 -34.21
N VAL C 66 52.80 -14.79 -33.76
CA VAL C 66 52.25 -16.09 -33.37
C VAL C 66 51.31 -15.95 -32.19
N ALA C 67 51.66 -15.10 -31.23
CA ALA C 67 50.79 -14.88 -30.07
C ALA C 67 49.47 -14.26 -30.49
N GLY C 68 49.51 -13.27 -31.39
CA GLY C 68 48.29 -12.65 -31.85
C GLY C 68 47.37 -13.62 -32.56
N PHE C 69 47.96 -14.52 -33.35
CA PHE C 69 47.12 -15.52 -34.03
C PHE C 69 46.61 -16.59 -33.08
N ALA C 70 47.46 -17.09 -32.19
CA ALA C 70 47.08 -18.25 -31.37
C ALA C 70 46.15 -17.85 -30.23
N LEU C 71 46.38 -16.70 -29.61
CA LEU C 71 45.60 -16.31 -28.43
C LEU C 71 44.13 -16.07 -28.76
N ARG C 72 43.79 -15.94 -30.04
CA ARG C 72 42.40 -15.77 -30.44
C ARG C 72 41.74 -17.13 -30.61
N SER C 73 40.70 -17.39 -29.83
CA SER C 73 40.01 -18.68 -29.89
C SER C 73 39.29 -18.87 -31.22
N GLN C 74 38.88 -17.78 -31.87
CA GLN C 74 38.29 -17.89 -33.19
C GLN C 74 39.24 -18.56 -34.17
N MET C 75 40.54 -18.31 -34.02
CA MET C 75 41.52 -18.98 -34.87
C MET C 75 41.53 -20.48 -34.64
N TRP C 76 41.41 -20.92 -33.38
CA TRP C 76 41.34 -22.35 -33.12
C TRP C 76 40.08 -22.94 -33.73
N THR C 77 38.96 -22.21 -33.66
CA THR C 77 37.73 -22.71 -34.28
C THR C 77 37.89 -22.82 -35.80
N ILE C 78 38.53 -21.84 -36.44
CA ILE C 78 38.74 -21.89 -37.89
C ILE C 78 39.63 -23.07 -38.25
N THR C 79 40.72 -23.26 -37.50
CA THR C 79 41.61 -24.37 -37.79
C THR C 79 40.91 -25.71 -37.59
N GLY C 80 40.05 -25.80 -36.57
CA GLY C 80 39.28 -27.02 -36.39
C GLY C 80 38.32 -27.28 -37.53
N GLU C 81 37.69 -26.22 -38.05
CA GLU C 81 36.81 -26.39 -39.21
C GLU C 81 37.58 -26.82 -40.44
N TYR C 82 38.70 -26.18 -40.72
CA TYR C 82 39.46 -26.49 -41.93
C TYR C 82 40.10 -27.86 -41.86
N CYS C 83 40.68 -28.21 -40.71
CA CYS C 83 41.35 -29.49 -40.54
C CYS C 83 40.37 -30.66 -40.67
N PRO C 95 32.97 -23.32 -51.55
CA PRO C 95 31.63 -22.76 -51.35
C PRO C 95 31.62 -21.63 -50.33
N LEU C 96 30.45 -21.36 -49.74
CA LEU C 96 30.31 -20.24 -48.82
C LEU C 96 31.05 -20.48 -47.51
N GLU C 97 31.21 -21.73 -47.10
CA GLU C 97 31.95 -22.01 -45.87
C GLU C 97 33.40 -21.56 -45.99
N CYS C 98 34.03 -21.79 -47.14
CA CYS C 98 35.40 -21.35 -47.34
C CYS C 98 35.51 -19.83 -47.24
N LYS C 99 34.60 -19.10 -47.89
CA LYS C 99 34.64 -17.65 -47.84
C LYS C 99 34.41 -17.15 -46.43
N LEU C 100 33.49 -17.78 -45.70
CA LEU C 100 33.23 -17.36 -44.33
C LEU C 100 34.43 -17.59 -43.43
N ALA C 101 35.10 -18.74 -43.60
CA ALA C 101 36.32 -18.99 -42.85
C ALA C 101 37.42 -17.99 -43.21
N CYS C 102 37.53 -17.63 -44.48
CA CYS C 102 38.52 -16.65 -44.90
C CYS C 102 38.22 -15.28 -44.28
N LEU C 103 36.94 -14.91 -44.23
CA LEU C 103 36.56 -13.63 -43.61
C LEU C 103 36.93 -13.62 -42.13
N ARG C 104 36.65 -14.73 -41.42
CA ARG C 104 37.01 -14.79 -40.01
C ARG C 104 38.53 -14.74 -39.82
N PHE C 105 39.27 -15.42 -40.70
CA PHE C 105 40.72 -15.36 -40.65
C PHE C 105 41.22 -13.94 -40.84
N PHE C 106 40.61 -13.19 -41.76
CA PHE C 106 40.99 -11.79 -41.97
C PHE C 106 40.70 -10.95 -40.73
N SER C 107 39.54 -11.17 -40.11
CA SER C 107 39.20 -10.43 -38.90
C SER C 107 40.22 -10.69 -37.79
N ILE C 108 40.71 -11.93 -37.71
CA ILE C 108 41.78 -12.23 -36.75
C ILE C 108 43.09 -11.56 -37.17
N THR C 109 43.37 -11.59 -38.48
CA THR C 109 44.63 -11.08 -39.01
C THR C 109 44.78 -9.59 -38.73
N GLY C 110 43.69 -8.86 -38.61
CA GLY C 110 43.81 -7.45 -38.23
C GLY C 110 44.67 -7.25 -36.99
N ARG C 111 44.27 -7.87 -35.88
CA ARG C 111 45.07 -7.75 -34.65
C ARG C 111 46.40 -8.49 -34.78
N ALA C 112 46.39 -9.66 -35.42
CA ALA C 112 47.63 -10.42 -35.54
C ALA C 112 48.69 -9.63 -36.30
N VAL C 113 48.28 -8.68 -37.12
CA VAL C 113 49.22 -7.85 -37.87
C VAL C 113 49.57 -6.58 -37.12
N ILE C 114 48.61 -5.94 -36.45
CA ILE C 114 48.98 -4.72 -35.73
C ILE C 114 49.93 -5.06 -34.58
N ALA C 115 49.94 -6.30 -34.09
CA ALA C 115 50.80 -6.61 -32.96
C ALA C 115 52.29 -6.48 -33.27
N PRO C 116 52.85 -7.11 -34.32
CA PRO C 116 54.31 -7.01 -34.53
C PRO C 116 54.74 -5.86 -35.42
N LEU C 117 53.84 -5.30 -36.22
CA LEU C 117 54.22 -4.19 -37.09
C LEU C 117 54.72 -3.01 -36.28
N THR C 118 54.14 -2.78 -35.11
CA THR C 118 54.63 -1.72 -34.24
C THR C 118 56.06 -2.00 -33.81
N TRP C 119 56.37 -3.25 -33.46
CA TRP C 119 57.73 -3.59 -33.06
C TRP C 119 58.71 -3.35 -34.20
N LEU C 120 58.39 -3.85 -35.39
CA LEU C 120 59.31 -3.67 -36.51
C LEU C 120 59.48 -2.19 -36.85
N ALA C 121 58.40 -1.42 -36.88
CA ALA C 121 58.49 -0.01 -37.20
C ALA C 121 59.35 0.72 -36.19
N VAL C 122 59.09 0.51 -34.90
CA VAL C 122 59.84 1.24 -33.88
C VAL C 122 61.32 0.85 -33.92
N THR C 123 61.61 -0.45 -34.04
CA THR C 123 63.00 -0.87 -34.05
C THR C 123 63.75 -0.34 -35.26
N LEU C 124 63.13 -0.38 -36.44
CA LEU C 124 63.80 0.15 -37.62
C LEU C 124 63.98 1.66 -37.53
N LEU C 125 62.97 2.39 -37.04
CA LEU C 125 63.09 3.84 -36.95
C LEU C 125 64.17 4.25 -35.95
N THR C 126 64.27 3.54 -34.83
CA THR C 126 65.38 3.78 -33.91
C THR C 126 66.71 3.46 -34.58
N GLY C 127 66.76 2.37 -35.34
CA GLY C 127 67.88 2.06 -36.18
C GLY C 127 69.03 1.34 -35.52
N THR C 128 69.05 1.27 -34.18
CA THR C 128 70.18 0.64 -33.51
C THR C 128 70.25 -0.86 -33.79
N TYR C 129 69.09 -1.52 -33.84
CA TYR C 129 69.07 -2.95 -34.15
C TYR C 129 69.63 -3.22 -35.54
N TYR C 130 69.18 -2.44 -36.53
CA TYR C 130 69.65 -2.65 -37.90
C TYR C 130 71.12 -2.33 -38.02
N GLU C 131 71.59 -1.31 -37.30
CA GLU C 131 73.02 -1.00 -37.32
C GLU C 131 73.83 -2.17 -36.77
N CYS C 132 73.48 -2.66 -35.59
CA CYS C 132 74.22 -3.77 -35.00
C CYS C 132 74.09 -5.04 -35.86
N ALA C 133 73.02 -5.16 -36.63
CA ALA C 133 72.86 -6.35 -37.45
C ALA C 133 73.71 -6.28 -38.71
N ALA C 134 73.58 -5.20 -39.48
CA ALA C 134 74.21 -5.11 -40.79
C ALA C 134 75.46 -4.23 -40.79
N SER C 135 76.12 -4.07 -39.64
CA SER C 135 77.38 -3.33 -39.63
C SER C 135 78.44 -3.99 -40.49
N GLU C 136 78.60 -5.31 -40.36
CA GLU C 136 79.72 -5.98 -40.99
C GLU C 136 79.60 -6.05 -42.51
N PHE C 137 78.42 -5.78 -43.06
CA PHE C 137 78.21 -5.86 -44.50
C PHE C 137 78.52 -4.54 -45.21
N ALA C 138 79.16 -3.61 -44.51
CA ALA C 138 79.51 -2.33 -45.10
C ALA C 138 80.62 -2.49 -46.15
N SER C 139 80.57 -1.63 -47.16
CA SER C 139 81.58 -1.64 -48.20
C SER C 139 82.81 -0.85 -47.78
N VAL C 140 83.95 -1.20 -48.37
CA VAL C 140 85.23 -0.55 -48.08
C VAL C 140 85.90 0.03 -49.32
N ASP C 141 85.32 -0.18 -50.51
CA ASP C 141 85.95 0.33 -51.72
C ASP C 141 85.98 1.86 -51.73
N HIS C 142 84.92 2.49 -51.26
CA HIS C 142 84.86 3.95 -51.26
C HIS C 142 85.95 4.56 -50.39
N TYR C 143 86.21 3.93 -49.24
CA TYR C 143 87.19 4.51 -48.28
C TYR C 143 88.57 3.95 -48.58
N PRO C 144 89.56 4.80 -48.94
CA PRO C 144 90.93 4.31 -49.15
C PRO C 144 91.62 3.85 -47.88
N MET C 145 91.11 4.24 -46.71
CA MET C 145 91.75 3.86 -45.46
C MET C 145 91.64 2.37 -45.16
N PHE C 146 90.74 1.66 -45.84
CA PHE C 146 90.49 0.25 -45.57
C PHE C 146 91.13 -0.67 -46.60
N ASP C 147 92.33 -0.34 -47.07
CA ASP C 147 93.04 -1.21 -48.00
C ASP C 147 93.28 -2.58 -47.38
N ASN C 148 94.13 -2.63 -46.36
CA ASN C 148 94.34 -3.82 -45.52
C ASN C 148 94.55 -5.09 -46.36
N VAL C 149 95.70 -5.11 -47.03
CA VAL C 149 96.10 -6.22 -47.90
C VAL C 149 95.97 -7.56 -47.18
N SER C 150 95.97 -7.54 -45.84
CA SER C 150 95.74 -8.76 -45.07
C SER C 150 94.35 -9.31 -45.32
N ALA C 151 93.36 -8.45 -45.57
CA ALA C 151 92.00 -8.82 -45.94
C ALA C 151 91.27 -9.61 -44.86
N SER C 152 91.83 -9.70 -43.66
CA SER C 152 91.17 -10.32 -42.52
C SER C 152 91.04 -9.39 -41.33
N LYS C 153 92.06 -8.57 -41.08
CA LYS C 153 91.97 -7.58 -40.02
C LYS C 153 90.90 -6.55 -40.35
N ARG C 154 90.76 -6.20 -41.63
CA ARG C 154 89.76 -5.23 -42.05
C ARG C 154 88.35 -5.66 -41.68
N GLU C 155 88.03 -6.94 -41.91
CA GLU C 155 86.71 -7.42 -41.53
C GLU C 155 86.50 -7.32 -40.02
N GLU C 156 87.54 -7.66 -39.24
CA GLU C 156 87.40 -7.62 -37.79
C GLU C 156 87.18 -6.19 -37.30
N ILE C 157 87.95 -5.23 -37.81
CA ILE C 157 87.76 -3.86 -37.33
C ILE C 157 86.42 -3.33 -37.80
N LEU C 158 85.99 -3.72 -39.00
CA LEU C 158 84.69 -3.31 -39.52
C LEU C 158 83.56 -3.80 -38.63
N ALA C 159 83.63 -5.05 -38.18
CA ALA C 159 82.63 -5.56 -37.26
C ALA C 159 82.84 -5.08 -35.84
N GLY C 160 84.01 -4.50 -35.53
CA GLY C 160 84.32 -4.10 -34.18
C GLY C 160 83.98 -2.67 -33.80
N PHE C 161 84.26 -1.71 -34.68
CA PHE C 161 84.09 -0.32 -34.24
C PHE C 161 82.65 0.09 -33.92
N PRO C 162 81.61 -0.49 -34.55
CA PRO C 162 80.25 -0.07 -34.17
C PRO C 162 79.89 -0.35 -32.72
N CYS C 163 80.50 -1.36 -32.10
CA CYS C 163 79.97 -1.84 -30.82
C CYS C 163 80.41 -0.98 -29.64
N CYS C 164 81.70 -1.06 -29.29
CA CYS C 164 82.20 -0.36 -28.12
C CYS C 164 83.66 0.05 -28.26
N ARG C 165 84.25 -0.07 -29.45
CA ARG C 165 85.70 0.07 -29.57
C ARG C 165 86.16 1.47 -29.19
N SER C 166 85.43 2.49 -29.63
CA SER C 166 85.80 3.89 -29.42
C SER C 166 87.20 4.05 -29.98
N ALA C 167 88.22 4.31 -29.17
CA ALA C 167 89.62 4.34 -29.59
C ALA C 167 89.83 5.34 -30.72
N PRO C 168 89.70 6.64 -30.46
CA PRO C 168 89.85 7.62 -31.54
C PRO C 168 91.26 7.60 -32.13
N SER C 169 91.36 7.11 -33.36
CA SER C 169 92.62 7.07 -34.10
C SER C 169 92.42 7.66 -35.48
N ASP C 170 91.57 8.69 -35.55
CA ASP C 170 91.22 9.44 -36.74
C ASP C 170 90.50 8.58 -37.78
N VAL C 171 90.20 7.32 -37.47
CA VAL C 171 89.31 6.53 -38.32
C VAL C 171 87.86 6.78 -37.96
N ILE C 172 87.59 7.48 -36.87
CA ILE C 172 86.22 7.69 -36.40
C ILE C 172 85.41 8.52 -37.39
N LEU C 173 86.07 9.22 -38.31
CA LEU C 173 85.35 9.88 -39.38
C LEU C 173 84.64 8.86 -40.27
N VAL C 174 85.34 7.81 -40.67
CA VAL C 174 84.73 6.75 -41.48
C VAL C 174 83.67 6.02 -40.67
N ARG C 175 83.95 5.77 -39.39
CA ARG C 175 82.95 5.14 -38.52
C ARG C 175 81.67 5.97 -38.48
N ASP C 176 81.80 7.28 -38.28
CA ASP C 176 80.62 8.12 -38.16
C ASP C 176 79.87 8.19 -39.48
N GLU C 177 80.59 8.30 -40.59
CA GLU C 177 79.93 8.38 -41.89
C GLU C 177 79.16 7.10 -42.19
N ILE C 178 79.79 5.94 -41.96
CA ILE C 178 79.10 4.69 -42.27
C ILE C 178 77.97 4.43 -41.29
N ALA C 179 78.13 4.85 -40.03
CA ALA C 179 77.03 4.72 -39.06
C ALA C 179 75.83 5.55 -39.49
N LEU C 180 76.07 6.78 -39.94
CA LEU C 180 74.97 7.59 -40.45
C LEU C 180 74.35 6.97 -41.69
N LEU C 181 75.17 6.37 -42.55
CA LEU C 181 74.64 5.70 -43.73
C LEU C 181 73.70 4.57 -43.33
N HIS C 182 74.12 3.74 -42.38
CA HIS C 182 73.29 2.61 -41.97
C HIS C 182 72.05 3.07 -41.21
N ARG C 183 72.17 4.13 -40.41
CA ARG C 183 70.99 4.66 -39.73
C ARG C 183 69.97 5.20 -40.74
N TYR C 184 70.44 5.93 -41.75
CA TYR C 184 69.53 6.43 -42.77
C TYR C 184 68.88 5.28 -43.52
N GLN C 185 69.65 4.26 -43.88
CA GLN C 185 69.09 3.12 -44.57
C GLN C 185 68.05 2.42 -43.70
N SER C 186 68.33 2.30 -42.40
CA SER C 186 67.38 1.66 -41.49
C SER C 186 66.07 2.42 -41.42
N GLN C 187 66.15 3.74 -41.24
CA GLN C 187 64.90 4.51 -41.11
C GLN C 187 64.13 4.54 -42.43
N MET C 188 64.83 4.65 -43.56
CA MET C 188 64.13 4.59 -44.84
C MET C 188 63.49 3.22 -45.04
N LEU C 189 64.17 2.16 -44.63
CA LEU C 189 63.58 0.82 -44.73
C LEU C 189 62.35 0.72 -43.85
N GLY C 190 62.39 1.34 -42.67
CA GLY C 190 61.21 1.35 -41.81
C GLY C 190 60.03 2.06 -42.46
N TRP C 191 60.30 3.20 -43.09
CA TRP C 191 59.24 3.92 -43.79
C TRP C 191 58.68 3.09 -44.95
N ILE C 192 59.56 2.43 -45.70
CA ILE C 192 59.11 1.57 -46.78
C ILE C 192 58.23 0.45 -46.22
N LEU C 193 58.64 -0.14 -45.10
CA LEU C 193 57.89 -1.23 -44.50
C LEU C 193 56.52 -0.77 -44.04
N ILE C 194 56.43 0.39 -43.37
CA ILE C 194 55.14 0.84 -42.87
C ILE C 194 54.23 1.26 -44.03
N THR C 195 54.79 1.88 -45.08
CA THR C 195 53.98 2.21 -46.24
C THR C 195 53.44 0.95 -46.91
N LEU C 196 54.28 -0.07 -47.07
CA LEU C 196 53.81 -1.32 -47.67
C LEU C 196 52.76 -1.98 -46.78
N ALA C 197 52.95 -1.93 -45.46
CA ALA C 197 51.96 -2.52 -44.57
C ALA C 197 50.61 -1.82 -44.69
N THR C 198 50.61 -0.48 -44.75
CA THR C 198 49.36 0.25 -44.89
C THR C 198 48.69 -0.04 -46.23
N ILE C 199 49.48 -0.07 -47.32
CA ILE C 199 48.91 -0.35 -48.62
C ILE C 199 48.33 -1.76 -48.65
N ALA C 200 49.06 -2.74 -48.09
CA ALA C 200 48.56 -4.11 -48.04
C ALA C 200 47.28 -4.21 -47.21
N ALA C 201 47.23 -3.49 -46.08
CA ALA C 201 46.03 -3.53 -45.25
C ALA C 201 44.83 -2.96 -46.00
N LEU C 202 45.01 -1.82 -46.66
CA LEU C 202 43.90 -1.23 -47.40
C LEU C 202 43.45 -2.12 -48.54
N VAL C 203 44.40 -2.68 -49.30
CA VAL C 203 44.06 -3.56 -50.40
C VAL C 203 43.38 -4.83 -49.90
N SER C 204 43.84 -5.38 -48.78
CA SER C 204 43.23 -6.58 -48.22
C SER C 204 41.80 -6.30 -47.76
N CYS C 205 41.57 -5.14 -47.14
CA CYS C 205 40.20 -4.80 -46.75
C CYS C 205 39.31 -4.63 -47.97
N CYS C 206 39.81 -3.99 -49.02
CA CYS C 206 39.02 -3.85 -50.24
C CYS C 206 38.72 -5.19 -50.88
N VAL C 207 39.71 -6.10 -50.89
CA VAL C 207 39.51 -7.42 -51.46
C VAL C 207 38.51 -8.21 -50.61
N ALA C 208 38.56 -8.04 -49.29
CA ALA C 208 37.58 -8.70 -48.42
C ALA C 208 36.17 -8.21 -48.71
N LYS C 209 36.01 -6.90 -48.89
CA LYS C 209 34.68 -6.37 -49.22
C LYS C 209 34.21 -6.85 -50.59
N CYS C 210 35.12 -6.89 -51.57
CA CYS C 210 34.73 -7.33 -52.91
C CYS C 210 34.37 -8.80 -52.95
N CYS C 211 35.17 -9.64 -52.29
CA CYS C 211 35.00 -11.09 -52.34
C CYS C 211 33.96 -11.61 -51.36
N SER C 212 33.47 -10.78 -50.45
CA SER C 212 32.48 -11.26 -49.49
C SER C 212 31.14 -11.50 -50.18
N PRO C 213 30.58 -12.70 -50.12
CA PRO C 213 29.27 -12.93 -50.74
C PRO C 213 28.14 -12.27 -49.97
N LEU C 214 28.27 -12.14 -48.66
CA LEU C 214 27.24 -11.51 -47.86
C LEU C 214 27.15 -10.01 -48.17
N THR C 215 25.94 -9.48 -48.08
CA THR C 215 25.76 -8.04 -48.17
C THR C 215 26.29 -7.37 -46.91
N SER C 216 26.37 -6.05 -46.94
CA SER C 216 26.86 -5.32 -45.78
C SER C 216 26.00 -5.58 -44.55
N LEU C 217 24.68 -5.44 -44.70
CA LEU C 217 23.78 -5.74 -43.59
C LEU C 217 23.82 -7.21 -43.24
N GLN C 218 23.89 -8.09 -44.25
CA GLN C 218 24.00 -9.52 -43.97
C GLN C 218 25.31 -9.84 -43.28
N HIS C 219 26.40 -9.16 -43.66
CA HIS C 219 27.67 -9.37 -42.99
C HIS C 219 27.61 -8.96 -41.52
N CYS C 220 26.96 -7.82 -41.24
CA CYS C 220 26.80 -7.41 -39.85
C CYS C 220 25.97 -8.43 -39.07
N TYR C 221 24.89 -8.92 -39.68
CA TYR C 221 24.07 -9.92 -39.02
C TYR C 221 24.88 -11.18 -38.73
N TRP C 222 25.68 -11.62 -39.70
CA TRP C 222 26.45 -12.85 -39.52
C TRP C 222 27.50 -12.70 -38.43
N THR C 223 28.20 -11.56 -38.38
CA THR C 223 29.17 -11.34 -37.33
C THR C 223 28.53 -11.38 -35.95
N SER C 224 27.40 -10.67 -35.81
CA SER C 224 26.73 -10.68 -34.51
C SER C 224 26.18 -12.06 -34.18
N HIS C 225 25.74 -12.80 -35.20
CA HIS C 225 25.28 -14.16 -35.00
C HIS C 225 26.38 -15.03 -34.42
N LEU C 226 27.58 -14.91 -34.97
CA LEU C 226 28.69 -15.73 -34.49
C LEU C 226 29.01 -15.43 -33.04
N GLN C 227 29.17 -14.14 -32.74
CA GLN C 227 29.51 -13.76 -31.36
C GLN C 227 28.44 -14.24 -30.39
N ASN C 228 27.16 -14.00 -30.73
CA ASN C 228 26.08 -14.31 -29.80
C ASN C 228 25.90 -15.80 -29.63
N GLU C 229 26.05 -16.59 -30.71
CA GLU C 229 25.90 -18.02 -30.58
C GLU C 229 26.97 -18.60 -29.68
N ARG C 230 28.22 -18.12 -29.81
CA ARG C 230 29.27 -18.67 -28.96
C ARG C 230 29.02 -18.32 -27.50
N GLU C 231 28.66 -17.05 -27.22
CA GLU C 231 28.45 -16.64 -25.85
C GLU C 231 27.27 -17.39 -25.23
N LEU C 232 26.17 -17.51 -25.97
CA LEU C 232 24.99 -18.17 -25.46
C LEU C 232 25.27 -19.62 -25.13
N PHE C 233 25.96 -20.33 -26.02
CA PHE C 233 26.23 -21.73 -25.73
C PHE C 233 27.14 -21.87 -24.52
N GLU C 234 28.13 -21.00 -24.37
CA GLU C 234 28.98 -21.07 -23.19
C GLU C 234 28.14 -20.93 -21.92
N GLN C 235 27.30 -19.90 -21.87
CA GLN C 235 26.52 -19.66 -20.66
C GLN C 235 25.59 -20.83 -20.35
N ALA C 236 24.84 -21.29 -21.35
CA ALA C 236 23.86 -22.32 -21.06
C ALA C 236 24.49 -23.69 -20.86
N ALA C 237 25.67 -23.93 -21.43
CA ALA C 237 26.40 -25.13 -21.06
C ALA C 237 26.77 -25.11 -19.59
N GLU C 238 27.23 -23.96 -19.10
CA GLU C 238 27.47 -23.82 -17.67
C GLU C 238 26.20 -24.10 -16.87
N GLN C 239 25.07 -23.51 -17.29
CA GLN C 239 23.85 -23.66 -16.50
C GLN C 239 23.29 -25.08 -16.56
N HIS C 240 23.36 -25.72 -17.74
CA HIS C 240 22.93 -27.11 -17.86
C HIS C 240 23.75 -28.03 -16.96
N SER C 241 25.08 -27.88 -16.96
CA SER C 241 25.86 -28.74 -16.09
C SER C 241 25.60 -28.43 -14.64
N ARG C 242 25.36 -27.16 -14.30
CA ARG C 242 25.01 -26.83 -12.93
C ARG C 242 23.73 -27.54 -12.52
N LEU C 243 22.71 -27.52 -13.37
CA LEU C 243 21.45 -28.19 -13.05
C LEU C 243 21.63 -29.70 -12.92
N LEU C 244 22.38 -30.31 -13.85
CA LEU C 244 22.56 -31.76 -13.81
C LEU C 244 23.29 -32.18 -12.54
N MET C 245 24.39 -31.48 -12.21
CA MET C 245 25.11 -31.80 -11.00
C MET C 245 24.26 -31.53 -9.77
N MET C 246 23.45 -30.47 -9.81
CA MET C 246 22.61 -30.14 -8.67
C MET C 246 21.59 -31.25 -8.41
N HIS C 247 21.00 -31.78 -9.48
CA HIS C 247 20.11 -32.94 -9.32
C HIS C 247 20.87 -34.13 -8.78
N ARG C 248 22.10 -34.36 -9.27
CA ARG C 248 22.89 -35.49 -8.79
C ARG C 248 23.15 -35.39 -7.29
N ILE C 249 23.52 -34.19 -6.82
CA ILE C 249 23.86 -34.04 -5.42
C ILE C 249 22.58 -33.95 -4.58
N LYS C 250 21.46 -33.56 -5.18
CA LYS C 250 20.17 -33.71 -4.52
C LYS C 250 19.89 -35.18 -4.23
N LYS C 251 20.20 -36.05 -5.19
CA LYS C 251 20.13 -37.48 -4.94
C LYS C 251 21.11 -37.87 -3.83
N LEU C 252 22.32 -37.31 -3.87
CA LEU C 252 23.37 -37.71 -2.94
C LEU C 252 23.04 -37.35 -1.49
N PHE C 253 22.67 -36.09 -1.24
CA PHE C 253 22.49 -35.58 0.12
C PHE C 253 21.03 -35.38 0.49
N GLY C 254 20.09 -35.74 -0.37
CA GLY C 254 18.69 -35.62 -0.04
C GLY C 254 18.13 -34.22 -0.10
N PHE C 255 18.87 -33.25 -0.62
CA PHE C 255 18.36 -31.89 -0.73
C PHE C 255 19.10 -31.17 -1.86
N ILE C 256 18.44 -30.14 -2.39
CA ILE C 256 19.07 -29.27 -3.37
C ILE C 256 19.91 -28.23 -2.64
N PRO C 257 21.15 -27.97 -3.08
CA PRO C 257 21.99 -26.98 -2.39
C PRO C 257 21.42 -25.57 -2.47
N GLY C 258 21.71 -24.79 -1.43
CA GLY C 258 21.30 -23.40 -1.39
C GLY C 258 19.83 -23.17 -1.10
N SER C 259 19.13 -24.15 -0.54
CA SER C 259 17.71 -24.03 -0.24
C SER C 259 17.42 -24.60 1.15
N GLU C 260 16.21 -24.30 1.64
CA GLU C 260 15.82 -24.65 3.00
C GLU C 260 15.65 -26.16 3.11
N ASP C 261 16.56 -26.85 3.81
CA ASP C 261 16.56 -28.31 3.85
C ASP C 261 16.38 -28.86 5.26
N VAL C 262 15.89 -28.06 6.21
CA VAL C 262 15.67 -28.57 7.57
C VAL C 262 14.61 -29.65 7.61
N LYS C 263 13.87 -29.85 6.52
CA LYS C 263 12.87 -30.90 6.48
C LYS C 263 13.52 -32.27 6.55
N HIS C 264 14.52 -32.52 5.72
CA HIS C 264 15.13 -33.84 5.66
C HIS C 264 16.60 -33.71 5.32
N ILE C 265 17.39 -34.68 5.79
CA ILE C 265 18.82 -34.78 5.48
C ILE C 265 19.12 -36.25 5.20
N ARG C 266 20.23 -36.48 4.52
CA ARG C 266 20.64 -37.82 4.12
C ARG C 266 21.95 -38.20 4.80
N ILE C 267 22.17 -39.50 4.92
CA ILE C 267 23.43 -40.05 5.39
C ILE C 267 24.03 -40.91 4.29
N PRO C 268 25.00 -40.39 3.54
CA PRO C 268 25.55 -41.15 2.42
C PRO C 268 26.21 -42.44 2.88
N SER C 269 26.08 -43.48 2.05
CA SER C 269 26.76 -44.74 2.27
C SER C 269 28.07 -44.76 1.51
N CYS C 270 28.97 -45.65 1.94
CA CYS C 270 30.31 -45.70 1.34
C CYS C 270 30.23 -46.05 -0.14
N GLN C 271 29.36 -47.00 -0.49
CA GLN C 271 29.17 -47.33 -1.88
C GLN C 271 28.55 -46.16 -2.63
N ASP C 272 27.68 -45.40 -1.96
CA ASP C 272 27.15 -44.18 -2.59
C ASP C 272 28.25 -43.12 -2.73
N TRP C 273 29.14 -43.02 -1.73
CA TRP C 273 30.31 -42.16 -1.88
C TRP C 273 31.15 -42.58 -3.09
N LYS C 274 31.17 -43.87 -3.40
CA LYS C 274 31.85 -44.31 -4.61
C LYS C 274 31.07 -43.82 -5.84
N ASP C 275 29.74 -43.92 -5.82
CA ASP C 275 28.96 -43.55 -7.00
C ASP C 275 29.14 -42.06 -7.33
N ILE C 276 29.12 -41.19 -6.33
CA ILE C 276 29.29 -39.77 -6.61
C ILE C 276 30.68 -39.48 -7.16
N SER C 277 31.69 -40.17 -6.64
CA SER C 277 33.06 -40.02 -7.12
C SER C 277 33.20 -40.52 -8.56
N LEU D 6 30.92 -4.37 -9.89
CA LEU D 6 31.99 -4.46 -10.88
C LEU D 6 32.98 -5.55 -10.50
N ASN D 7 32.83 -6.06 -9.28
CA ASN D 7 33.68 -7.16 -8.82
C ASN D 7 33.46 -8.39 -9.69
N ASN D 8 32.21 -8.66 -10.07
CA ASN D 8 31.93 -9.78 -10.96
C ASN D 8 32.61 -9.60 -12.31
N ILE D 9 32.61 -8.36 -12.83
CA ILE D 9 33.31 -8.07 -14.07
C ILE D 9 34.81 -8.31 -13.90
N VAL D 10 35.35 -7.90 -12.75
CA VAL D 10 36.76 -8.14 -12.46
C VAL D 10 37.07 -9.64 -12.44
N SER D 11 36.19 -10.43 -11.83
CA SER D 11 36.38 -11.87 -11.82
C SER D 11 36.33 -12.44 -13.23
N SER D 12 35.41 -11.97 -14.06
CA SER D 12 35.33 -12.43 -15.43
C SER D 12 36.61 -12.13 -16.19
N LEU D 13 37.20 -10.96 -15.95
CA LEU D 13 38.48 -10.62 -16.57
C LEU D 13 39.59 -11.55 -16.08
N GLN D 14 39.59 -11.88 -14.79
CA GLN D 14 40.61 -12.79 -14.29
C GLN D 14 40.47 -14.18 -14.90
N ARG D 15 39.23 -14.55 -15.27
CA ARG D 15 39.02 -15.88 -15.84
C ARG D 15 39.82 -16.10 -17.10
N ASN D 16 40.26 -15.02 -17.76
CA ASN D 16 41.16 -15.11 -18.89
C ASN D 16 42.56 -15.37 -18.37
N GLY D 17 43.22 -16.38 -18.94
CA GLY D 17 44.55 -16.76 -18.48
C GLY D 17 45.64 -15.77 -18.84
N ILE D 18 45.39 -14.89 -19.81
CA ILE D 18 46.41 -13.95 -20.25
C ILE D 18 46.78 -12.99 -19.12
N PHE D 19 45.79 -12.46 -18.43
CA PHE D 19 46.08 -11.52 -17.35
C PHE D 19 46.85 -12.18 -16.22
N ILE D 20 46.42 -13.37 -15.79
CA ILE D 20 47.10 -14.03 -14.68
C ILE D 20 48.52 -14.43 -15.06
N ASN D 21 48.71 -14.95 -16.27
CA ASN D 21 50.05 -15.31 -16.71
C ASN D 21 50.95 -14.08 -16.81
N SER D 22 50.40 -12.96 -17.30
CA SER D 22 51.18 -11.72 -17.33
C SER D 22 51.55 -11.26 -15.92
N LEU D 23 50.61 -11.39 -14.98
CA LEU D 23 50.89 -10.98 -13.60
C LEU D 23 51.98 -11.87 -13.00
N ILE D 24 51.93 -13.17 -13.26
CA ILE D 24 52.97 -14.07 -12.76
C ILE D 24 54.32 -13.71 -13.36
N ALA D 25 54.36 -13.44 -14.67
CA ALA D 25 55.62 -13.08 -15.31
C ALA D 25 56.18 -11.77 -14.75
N ALA D 26 55.31 -10.79 -14.53
CA ALA D 26 55.77 -9.52 -13.97
C ALA D 26 56.32 -9.70 -12.56
N LEU D 27 55.64 -10.51 -11.74
CA LEU D 27 56.17 -10.78 -10.40
C LEU D 27 57.50 -11.50 -10.48
N THR D 28 57.64 -12.44 -11.41
CA THR D 28 58.92 -13.13 -11.55
C THR D 28 60.03 -12.16 -11.95
N ILE D 29 59.73 -11.22 -12.86
CA ILE D 29 60.74 -10.25 -13.28
C ILE D 29 61.15 -9.37 -12.12
N GLY D 30 60.18 -8.84 -11.37
CA GLY D 30 60.51 -7.99 -10.24
C GLY D 30 61.29 -8.73 -9.17
N GLY D 31 60.85 -9.94 -8.83
CA GLY D 31 61.56 -10.73 -7.84
C GLY D 31 62.97 -11.07 -8.27
N GLN D 32 63.15 -11.41 -9.55
CA GLN D 32 64.49 -11.69 -10.05
C GLN D 32 65.37 -10.44 -9.98
N GLN D 33 64.82 -9.28 -10.33
CA GLN D 33 65.61 -8.06 -10.24
C GLN D 33 66.09 -7.83 -8.82
N LEU D 34 65.17 -7.89 -7.85
CA LEU D 34 65.58 -7.64 -6.47
C LEU D 34 66.55 -8.70 -5.99
N PHE D 35 66.28 -9.97 -6.27
CA PHE D 35 67.10 -11.06 -5.78
C PHE D 35 68.52 -10.99 -6.34
N SER D 36 68.64 -10.80 -7.66
CA SER D 36 69.96 -10.76 -8.28
C SER D 36 70.72 -9.51 -7.88
N SER D 37 70.07 -8.35 -7.88
CA SER D 37 70.77 -7.13 -7.51
C SER D 37 71.11 -7.10 -6.03
N SER D 38 70.49 -7.96 -5.21
CA SER D 38 70.79 -7.96 -3.79
C SER D 38 71.87 -8.98 -3.44
N THR D 39 71.66 -10.25 -3.75
CA THR D 39 72.47 -11.31 -3.17
C THR D 39 73.07 -12.23 -4.23
N PHE D 40 73.68 -11.67 -5.28
CA PHE D 40 74.38 -12.57 -6.20
C PHE D 40 75.80 -12.86 -5.70
N SER D 41 76.65 -11.83 -5.65
CA SER D 41 78.02 -11.94 -5.13
C SER D 41 78.76 -13.13 -5.73
N CYS D 42 79.04 -13.03 -7.03
CA CYS D 42 79.72 -14.09 -7.75
C CYS D 42 81.04 -14.44 -7.09
N PRO D 43 81.28 -15.70 -6.73
CA PRO D 43 82.52 -16.06 -6.05
C PRO D 43 83.70 -16.12 -7.00
N CYS D 44 84.89 -16.09 -6.42
CA CYS D 44 86.12 -16.17 -7.18
C CYS D 44 86.80 -17.51 -7.03
N GLN D 45 86.12 -18.49 -6.44
CA GLN D 45 86.75 -19.76 -6.11
C GLN D 45 87.13 -20.51 -7.39
N VAL D 46 88.38 -20.98 -7.43
CA VAL D 46 88.86 -21.69 -8.61
C VAL D 46 88.22 -23.06 -8.72
N GLY D 47 88.08 -23.76 -7.60
CA GLY D 47 87.57 -25.13 -7.61
C GLY D 47 86.16 -25.27 -8.11
N LYS D 48 85.21 -24.68 -7.39
CA LYS D 48 83.79 -24.82 -7.68
C LYS D 48 83.19 -23.42 -7.87
N ASN D 49 82.96 -23.05 -9.13
CA ASN D 49 82.31 -21.79 -9.46
C ASN D 49 81.19 -22.05 -10.45
N PHE D 50 81.30 -23.14 -11.21
CA PHE D 50 80.21 -23.53 -12.10
C PHE D 50 78.96 -23.91 -11.32
N TYR D 51 79.14 -24.59 -10.18
CA TYR D 51 77.99 -24.97 -9.37
C TYR D 51 77.23 -23.75 -8.88
N TYR D 52 77.95 -22.68 -8.53
CA TYR D 52 77.27 -21.50 -8.00
C TYR D 52 76.32 -20.90 -9.04
N GLY D 53 76.82 -20.64 -10.24
CA GLY D 53 75.97 -20.07 -11.28
C GLY D 53 74.89 -21.03 -11.72
N SER D 54 75.23 -22.31 -11.84
CA SER D 54 74.24 -23.29 -12.27
C SER D 54 73.11 -23.39 -11.26
N ALA D 55 73.43 -23.36 -9.96
CA ALA D 55 72.38 -23.38 -8.95
C ALA D 55 71.54 -22.11 -9.02
N PHE D 56 72.18 -20.95 -9.02
CA PHE D 56 71.45 -19.69 -9.08
C PHE D 56 70.62 -19.56 -10.36
N LEU D 57 70.92 -20.34 -11.39
CA LEU D 57 70.20 -20.26 -12.65
C LEU D 57 69.11 -21.30 -12.81
N VAL D 58 69.29 -22.50 -12.27
CA VAL D 58 68.34 -23.59 -12.49
C VAL D 58 67.48 -23.85 -11.27
N ILE D 59 68.03 -23.73 -10.04
CA ILE D 59 67.25 -24.09 -8.85
C ILE D 59 66.01 -23.22 -8.69
N PRO D 60 66.06 -21.89 -8.81
CA PRO D 60 64.81 -21.13 -8.75
C PRO D 60 63.81 -21.52 -9.82
N ALA D 61 64.28 -21.83 -11.03
CA ALA D 61 63.37 -22.26 -12.08
C ALA D 61 62.71 -23.58 -11.73
N LEU D 62 63.49 -24.53 -11.19
CA LEU D 62 62.94 -25.81 -10.80
C LEU D 62 61.92 -25.66 -9.67
N ILE D 63 62.24 -24.79 -8.69
CA ILE D 63 61.31 -24.56 -7.58
C ILE D 63 60.02 -23.93 -8.09
N LEU D 64 60.12 -22.95 -8.99
CA LEU D 64 58.91 -22.32 -9.51
C LEU D 64 58.08 -23.30 -10.32
N LEU D 65 58.74 -24.18 -11.10
CA LEU D 65 58.02 -25.20 -11.84
C LEU D 65 57.27 -26.14 -10.90
N VAL D 66 57.95 -26.61 -9.85
CA VAL D 66 57.31 -27.52 -8.91
C VAL D 66 56.17 -26.83 -8.18
N ALA D 67 56.36 -25.56 -7.81
CA ALA D 67 55.29 -24.81 -7.15
C ALA D 67 54.09 -24.64 -8.07
N GLY D 68 54.32 -24.31 -9.33
CA GLY D 68 53.21 -24.16 -10.26
C GLY D 68 52.43 -25.44 -10.44
N PHE D 69 53.12 -26.58 -10.49
CA PHE D 69 52.41 -27.84 -10.62
C PHE D 69 51.70 -28.23 -9.33
N ALA D 70 52.36 -28.09 -8.19
CA ALA D 70 51.80 -28.63 -6.95
C ALA D 70 50.68 -27.75 -6.39
N LEU D 71 50.83 -26.43 -6.50
CA LEU D 71 49.85 -25.53 -5.90
C LEU D 71 48.47 -25.63 -6.53
N ARG D 72 48.38 -26.25 -7.70
CA ARG D 72 47.10 -26.45 -8.37
C ARG D 72 46.45 -27.74 -7.85
N SER D 73 45.26 -27.61 -7.25
CA SER D 73 44.57 -28.76 -6.69
C SER D 73 44.11 -29.72 -7.78
N GLN D 74 43.87 -29.21 -8.99
CA GLN D 74 43.51 -30.09 -10.10
C GLN D 74 44.62 -31.10 -10.36
N MET D 75 45.88 -30.70 -10.16
CA MET D 75 46.98 -31.65 -10.30
C MET D 75 46.90 -32.76 -9.27
N TRP D 76 46.54 -32.43 -8.03
CA TRP D 76 46.39 -33.48 -7.02
C TRP D 76 45.26 -34.42 -7.40
N THR D 77 44.17 -33.87 -7.94
CA THR D 77 43.06 -34.73 -8.37
C THR D 77 43.49 -35.66 -9.51
N ILE D 78 44.26 -35.13 -10.47
CA ILE D 78 44.74 -35.95 -11.58
C ILE D 78 45.65 -37.07 -11.06
N THR D 79 46.57 -36.71 -10.17
CA THR D 79 47.49 -37.72 -9.63
C THR D 79 46.72 -38.77 -8.84
N GLY D 80 45.68 -38.36 -8.10
CA GLY D 80 44.86 -39.33 -7.40
C GLY D 80 44.12 -40.26 -8.35
N GLU D 81 43.64 -39.73 -9.47
CA GLU D 81 42.98 -40.59 -10.45
C GLU D 81 43.95 -41.57 -11.09
N TYR D 82 45.13 -41.09 -11.49
CA TYR D 82 46.09 -41.95 -12.17
C TYR D 82 46.67 -43.00 -11.22
N CYS D 83 47.01 -42.59 -10.01
CA CYS D 83 47.60 -43.51 -9.03
C CYS D 83 46.64 -44.63 -8.66
N PRO D 95 41.58 -45.22 -22.84
CA PRO D 95 40.25 -44.75 -23.22
C PRO D 95 40.06 -43.25 -23.01
N LEU D 96 38.81 -42.80 -22.88
CA LEU D 96 38.54 -41.37 -22.80
C LEU D 96 39.02 -40.78 -21.48
N GLU D 97 39.06 -41.58 -20.41
CA GLU D 97 39.55 -41.07 -19.13
C GLU D 97 41.01 -40.64 -19.24
N CYS D 98 41.84 -41.42 -19.94
CA CYS D 98 43.23 -41.04 -20.11
C CYS D 98 43.36 -39.72 -20.87
N LYS D 99 42.60 -39.56 -21.95
CA LYS D 99 42.68 -38.32 -22.72
C LYS D 99 42.19 -37.14 -21.91
N LEU D 100 41.14 -37.34 -21.11
CA LEU D 100 40.63 -36.26 -20.27
C LEU D 100 41.65 -35.85 -19.22
N ALA D 101 42.31 -36.83 -18.59
CA ALA D 101 43.36 -36.52 -17.64
C ALA D 101 44.53 -35.79 -18.31
N CYS D 102 44.88 -36.21 -19.53
CA CYS D 102 45.95 -35.52 -20.25
C CYS D 102 45.58 -34.08 -20.56
N LEU D 103 44.33 -33.85 -20.94
CA LEU D 103 43.87 -32.49 -21.21
C LEU D 103 43.94 -31.62 -19.96
N ARG D 104 43.52 -32.17 -18.82
CA ARG D 104 43.62 -31.41 -17.57
C ARG D 104 45.07 -31.13 -17.20
N PHE D 105 45.94 -32.12 -17.41
CA PHE D 105 47.36 -31.92 -17.15
C PHE D 105 47.92 -30.80 -18.02
N PHE D 106 47.51 -30.76 -19.28
CA PHE D 106 47.95 -29.68 -20.17
C PHE D 106 47.46 -28.32 -19.69
N SER D 107 46.20 -28.25 -19.26
CA SER D 107 45.67 -27.00 -18.75
C SER D 107 46.45 -26.51 -17.53
N ILE D 108 46.89 -27.45 -16.69
CA ILE D 108 47.75 -27.08 -15.57
C ILE D 108 49.13 -26.66 -16.06
N THR D 109 49.65 -27.38 -17.06
CA THR D 109 51.00 -27.13 -17.57
C THR D 109 51.14 -25.74 -18.15
N GLY D 110 50.05 -25.16 -18.64
CA GLY D 110 50.13 -23.78 -19.10
C GLY D 110 50.75 -22.85 -18.06
N ARG D 111 50.14 -22.77 -16.89
CA ARG D 111 50.70 -21.94 -15.82
C ARG D 111 52.01 -22.50 -15.29
N ALA D 112 52.09 -23.83 -15.16
CA ALA D 112 53.31 -24.42 -14.62
C ALA D 112 54.52 -24.09 -15.50
N VAL D 113 54.29 -23.79 -16.77
CA VAL D 113 55.37 -23.45 -17.68
C VAL D 113 55.61 -21.95 -17.73
N ILE D 114 54.55 -21.13 -17.69
CA ILE D 114 54.82 -19.69 -17.74
C ILE D 114 55.53 -19.25 -16.46
N ALA D 115 55.41 -20.02 -15.36
CA ALA D 115 56.04 -19.57 -14.13
C ALA D 115 57.57 -19.50 -14.20
N PRO D 116 58.29 -20.56 -14.60
CA PRO D 116 59.77 -20.47 -14.59
C PRO D 116 60.39 -19.97 -15.88
N LEU D 117 59.67 -20.02 -16.99
CA LEU D 117 60.23 -19.57 -18.25
C LEU D 117 60.61 -18.10 -18.18
N THR D 118 59.81 -17.30 -17.46
CA THR D 118 60.17 -15.90 -17.25
C THR D 118 61.48 -15.77 -16.51
N TRP D 119 61.69 -16.58 -15.47
CA TRP D 119 62.94 -16.53 -14.74
C TRP D 119 64.12 -16.88 -15.63
N LEU D 120 64.02 -17.99 -16.37
CA LEU D 120 65.13 -18.38 -17.23
C LEU D 120 65.41 -17.33 -18.29
N ALA D 121 64.36 -16.80 -18.93
CA ALA D 121 64.56 -15.80 -19.97
C ALA D 121 65.22 -14.56 -19.42
N VAL D 122 64.72 -14.05 -18.30
CA VAL D 122 65.28 -12.81 -17.75
C VAL D 122 66.73 -13.03 -17.32
N THR D 123 67.01 -14.14 -16.65
CA THR D 123 68.37 -14.39 -16.17
C THR D 123 69.34 -14.55 -17.34
N LEU D 124 68.95 -15.29 -18.38
CA LEU D 124 69.84 -15.45 -19.52
C LEU D 124 70.04 -14.13 -20.26
N LEU D 125 68.98 -13.35 -20.43
CA LEU D 125 69.11 -12.08 -21.15
C LEU D 125 69.99 -11.11 -20.40
N THR D 126 69.86 -11.07 -19.07
CA THR D 126 70.79 -10.26 -18.28
C THR D 126 72.21 -10.78 -18.41
N GLY D 127 72.38 -12.10 -18.41
CA GLY D 127 73.63 -12.74 -18.74
C GLY D 127 74.62 -12.86 -17.59
N THR D 128 74.39 -12.17 -16.46
CA THR D 128 75.36 -12.22 -15.38
C THR D 128 75.44 -13.62 -14.76
N TYR D 129 74.30 -14.29 -14.62
CA TYR D 129 74.30 -15.65 -14.08
C TYR D 129 75.09 -16.59 -14.96
N TYR D 130 74.85 -16.54 -16.28
CA TYR D 130 75.56 -17.42 -17.19
C TYR D 130 77.06 -17.11 -17.21
N GLU D 131 77.40 -15.83 -17.12
CA GLU D 131 78.81 -15.46 -17.07
C GLU D 131 79.49 -16.05 -15.85
N CYS D 132 78.91 -15.82 -14.67
CA CYS D 132 79.49 -16.37 -13.45
C CYS D 132 79.49 -17.89 -13.45
N ALA D 133 78.59 -18.51 -14.19
CA ALA D 133 78.54 -19.98 -14.22
C ALA D 133 79.61 -20.55 -15.13
N ALA D 134 79.67 -20.09 -16.37
CA ALA D 134 80.53 -20.68 -17.38
C ALA D 134 81.78 -19.85 -17.67
N SER D 135 82.21 -19.02 -16.71
CA SER D 135 83.46 -18.30 -16.91
C SER D 135 84.66 -19.23 -17.06
N GLU D 136 84.76 -20.24 -16.18
CA GLU D 136 85.96 -21.05 -16.14
C GLU D 136 86.11 -21.96 -17.35
N PHE D 137 85.06 -22.15 -18.15
CA PHE D 137 85.13 -23.02 -19.31
C PHE D 137 85.59 -22.30 -20.56
N ALA D 138 86.12 -21.09 -20.41
CA ALA D 138 86.61 -20.33 -21.54
C ALA D 138 87.88 -20.95 -22.13
N SER D 139 88.05 -20.80 -23.43
CA SER D 139 89.24 -21.29 -24.11
C SER D 139 90.39 -20.30 -23.99
N VAL D 140 91.61 -20.83 -24.10
CA VAL D 140 92.82 -20.02 -24.01
C VAL D 140 93.72 -20.17 -25.21
N ASP D 141 93.37 -21.05 -26.17
CA ASP D 141 94.22 -21.25 -27.33
C ASP D 141 94.30 -19.99 -28.19
N HIS D 142 93.18 -19.29 -28.34
CA HIS D 142 93.16 -18.09 -29.17
C HIS D 142 94.09 -17.02 -28.62
N TYR D 143 94.11 -16.88 -27.29
CA TYR D 143 94.91 -15.78 -26.67
C TYR D 143 96.31 -16.28 -26.37
N PRO D 144 97.36 -15.70 -26.97
CA PRO D 144 98.74 -16.11 -26.64
C PRO D 144 99.17 -15.73 -25.24
N MET D 145 98.47 -14.80 -24.59
CA MET D 145 98.85 -14.37 -23.25
C MET D 145 98.65 -15.44 -22.20
N PHE D 146 97.87 -16.48 -22.50
CA PHE D 146 97.53 -17.52 -21.54
C PHE D 146 98.34 -18.80 -21.76
N ASP D 147 99.62 -18.68 -22.11
CA ASP D 147 100.46 -19.86 -22.26
C ASP D 147 100.54 -20.64 -20.94
N ASN D 148 101.20 -20.04 -19.94
CA ASN D 148 101.22 -20.54 -18.57
C ASN D 148 101.55 -22.03 -18.49
N VAL D 149 102.80 -22.33 -18.84
CA VAL D 149 103.32 -23.69 -18.85
C VAL D 149 103.02 -24.42 -17.54
N SER D 150 102.78 -23.65 -16.47
CA SER D 150 102.38 -24.25 -15.20
C SER D 150 101.04 -24.98 -15.32
N ALA D 151 100.15 -24.48 -16.18
CA ALA D 151 98.87 -25.11 -16.50
C ALA D 151 97.93 -25.23 -15.30
N SER D 152 98.25 -24.59 -14.18
CA SER D 152 97.38 -24.53 -13.02
C SER D 152 97.05 -23.11 -12.61
N LYS D 153 98.03 -22.20 -12.67
CA LYS D 153 97.77 -20.80 -12.40
C LYS D 153 96.80 -20.22 -13.42
N ARG D 154 96.91 -20.66 -14.68
CA ARG D 154 96.03 -20.16 -15.73
C ARG D 154 94.57 -20.44 -15.41
N GLU D 155 94.26 -21.65 -14.95
CA GLU D 155 92.89 -21.96 -14.59
C GLU D 155 92.40 -21.05 -13.46
N GLU D 156 93.27 -20.81 -12.47
CA GLU D 156 92.86 -19.99 -11.33
C GLU D 156 92.59 -18.56 -11.77
N ILE D 157 93.47 -17.97 -12.59
CA ILE D 157 93.22 -16.59 -13.00
C ILE D 157 92.00 -16.52 -13.91
N LEU D 158 91.80 -17.55 -14.74
CA LEU D 158 90.63 -17.60 -15.60
C LEU D 158 89.34 -17.61 -14.80
N ALA D 159 89.29 -18.40 -13.72
CA ALA D 159 88.13 -18.38 -12.86
C ALA D 159 88.09 -17.17 -11.93
N GLY D 160 89.19 -16.44 -11.82
CA GLY D 160 89.25 -15.33 -10.89
C GLY D 160 88.88 -13.96 -11.44
N PHE D 161 89.34 -13.64 -12.65
CA PHE D 161 89.13 -12.26 -13.10
C PHE D 161 87.66 -11.86 -13.31
N PRO D 162 86.75 -12.78 -13.67
CA PRO D 162 85.35 -12.33 -13.82
C PRO D 162 84.73 -11.79 -12.56
N CYS D 163 85.17 -12.22 -11.39
CA CYS D 163 84.41 -11.97 -10.17
C CYS D 163 84.64 -10.56 -9.61
N CYS D 164 85.84 -10.32 -9.07
CA CYS D 164 86.14 -9.04 -8.43
C CYS D 164 87.61 -8.66 -8.53
N ARG D 165 88.40 -9.37 -9.32
CA ARG D 165 89.84 -9.20 -9.26
C ARG D 165 90.26 -7.80 -9.66
N SER D 166 89.65 -7.26 -10.71
CA SER D 166 90.02 -5.95 -11.27
C SER D 166 91.50 -6.01 -11.58
N ALA D 167 92.36 -5.25 -10.89
CA ALA D 167 93.81 -5.35 -11.01
C ALA D 167 94.24 -5.14 -12.45
N PRO D 168 94.11 -3.92 -12.99
CA PRO D 168 94.48 -3.69 -14.39
C PRO D 168 95.97 -3.91 -14.63
N SER D 169 96.29 -4.99 -15.33
CA SER D 169 97.66 -5.33 -15.69
C SER D 169 97.74 -5.62 -17.18
N ASP D 170 96.94 -4.88 -17.96
CA ASP D 170 96.84 -4.95 -19.41
C ASP D 170 96.31 -6.29 -19.88
N VAL D 171 95.93 -7.20 -18.97
CA VAL D 171 95.19 -8.40 -19.37
C VAL D 171 93.70 -8.13 -19.47
N ILE D 172 93.24 -6.96 -19.01
CA ILE D 172 91.82 -6.63 -18.98
C ILE D 172 91.24 -6.57 -20.38
N LEU D 173 92.07 -6.45 -21.41
CA LEU D 173 91.57 -6.55 -22.77
C LEU D 173 91.02 -7.95 -23.04
N VAL D 174 91.76 -8.98 -22.67
CA VAL D 174 91.28 -10.35 -22.82
C VAL D 174 90.07 -10.60 -21.94
N ARG D 175 90.10 -10.09 -20.71
CA ARG D 175 88.95 -10.20 -19.82
C ARG D 175 87.71 -9.60 -20.47
N ASP D 176 87.82 -8.39 -21.01
CA ASP D 176 86.66 -7.73 -21.59
C ASP D 176 86.17 -8.46 -22.82
N GLU D 177 87.09 -8.93 -23.66
CA GLU D 177 86.69 -9.64 -24.87
C GLU D 177 85.95 -10.93 -24.53
N ILE D 178 86.49 -11.71 -23.59
CA ILE D 178 85.85 -12.98 -23.27
C ILE D 178 84.55 -12.75 -22.50
N ALA D 179 84.47 -11.68 -21.69
CA ALA D 179 83.23 -11.35 -21.02
C ALA D 179 82.14 -10.99 -22.03
N LEU D 180 82.49 -10.22 -23.05
CA LEU D 180 81.53 -9.91 -24.11
C LEU D 180 81.13 -11.17 -24.86
N LEU D 181 82.09 -12.08 -25.09
CA LEU D 181 81.75 -13.34 -25.76
C LEU D 181 80.73 -14.13 -24.95
N HIS D 182 80.95 -14.25 -23.64
CA HIS D 182 80.03 -15.03 -22.82
C HIS D 182 78.68 -14.33 -22.68
N ARG D 183 78.67 -12.99 -22.60
CA ARG D 183 77.41 -12.28 -22.55
C ARG D 183 76.61 -12.47 -23.82
N TYR D 184 77.27 -12.40 -24.98
CA TYR D 184 76.58 -12.63 -26.25
C TYR D 184 76.06 -14.05 -26.32
N GLN D 185 76.86 -15.02 -25.90
CA GLN D 185 76.40 -16.40 -25.92
C GLN D 185 75.21 -16.59 -25.00
N SER D 186 75.23 -15.95 -23.83
CA SER D 186 74.12 -16.05 -22.89
C SER D 186 72.84 -15.49 -23.49
N GLN D 187 72.91 -14.29 -24.06
CA GLN D 187 71.68 -13.69 -24.60
C GLN D 187 71.17 -14.46 -25.81
N MET D 188 72.07 -14.93 -26.68
CA MET D 188 71.62 -15.75 -27.79
C MET D 188 71.00 -17.04 -27.31
N LEU D 189 71.56 -17.65 -26.26
CA LEU D 189 70.96 -18.85 -25.70
C LEU D 189 69.59 -18.56 -25.12
N GLY D 190 69.43 -17.39 -24.50
CA GLY D 190 68.11 -17.01 -24.02
C GLY D 190 67.10 -16.87 -25.14
N TRP D 191 67.51 -16.25 -26.25
CA TRP D 191 66.60 -16.14 -27.39
C TRP D 191 66.26 -17.52 -27.96
N ILE D 192 67.24 -18.40 -28.04
CA ILE D 192 66.98 -19.76 -28.52
C ILE D 192 65.99 -20.44 -27.59
N LEU D 193 66.15 -20.27 -26.28
CA LEU D 193 65.28 -20.91 -25.31
C LEU D 193 63.86 -20.38 -25.43
N ILE D 194 63.69 -19.06 -25.55
CA ILE D 194 62.34 -18.52 -25.62
C ILE D 194 61.67 -18.90 -26.93
N THR D 195 62.43 -18.92 -28.04
CA THR D 195 61.86 -19.36 -29.30
C THR D 195 61.42 -20.82 -29.23
N LEU D 196 62.25 -21.68 -28.66
CA LEU D 196 61.87 -23.08 -28.51
C LEU D 196 60.67 -23.23 -27.60
N ALA D 197 60.59 -22.44 -26.53
CA ALA D 197 59.44 -22.52 -25.64
C ALA D 197 58.16 -22.12 -26.37
N THR D 198 58.21 -21.04 -27.16
CA THR D 198 57.02 -20.62 -27.89
C THR D 198 56.61 -21.66 -28.92
N ILE D 199 57.57 -22.21 -29.65
CA ILE D 199 57.26 -23.23 -30.65
C ILE D 199 56.65 -24.47 -29.98
N ALA D 200 57.23 -24.89 -28.85
CA ALA D 200 56.71 -26.04 -28.14
C ALA D 200 55.31 -25.77 -27.61
N ALA D 201 55.05 -24.56 -27.11
CA ALA D 201 53.72 -24.24 -26.62
C ALA D 201 52.69 -24.28 -27.74
N LEU D 202 53.03 -23.69 -28.90
CA LEU D 202 52.09 -23.70 -30.01
C LEU D 202 51.84 -25.12 -30.51
N VAL D 203 52.90 -25.91 -30.65
CA VAL D 203 52.75 -27.29 -31.12
C VAL D 203 51.95 -28.11 -30.11
N SER D 204 52.18 -27.90 -28.81
CA SER D 204 51.45 -28.64 -27.80
C SER D 204 49.97 -28.27 -27.81
N CYS D 205 49.64 -26.99 -28.00
CA CYS D 205 48.25 -26.61 -28.11
C CYS D 205 47.59 -27.22 -29.34
N CYS D 206 48.31 -27.23 -30.47
CA CYS D 206 47.76 -27.86 -31.67
C CYS D 206 47.55 -29.35 -31.48
N VAL D 207 48.50 -30.01 -30.82
CA VAL D 207 48.37 -31.44 -30.57
C VAL D 207 47.22 -31.72 -29.60
N ALA D 208 47.02 -30.84 -28.62
CA ALA D 208 45.89 -30.98 -27.72
C ALA D 208 44.58 -30.86 -28.46
N LYS D 209 44.48 -29.89 -29.37
CA LYS D 209 43.25 -29.74 -30.15
C LYS D 209 43.02 -30.94 -31.08
N CYS D 210 44.10 -31.44 -31.70
CA CYS D 210 43.95 -32.57 -32.61
C CYS D 210 43.57 -33.85 -31.87
N CYS D 211 44.21 -34.11 -30.72
CA CYS D 211 44.03 -35.34 -29.98
C CYS D 211 42.80 -35.33 -29.08
N SER D 212 42.17 -34.18 -28.89
CA SER D 212 41.00 -34.12 -28.00
C SER D 212 39.83 -34.82 -28.66
N PRO D 213 39.23 -35.83 -28.02
CA PRO D 213 38.05 -36.47 -28.63
C PRO D 213 36.81 -35.60 -28.56
N LEU D 214 36.71 -34.75 -27.54
CA LEU D 214 35.55 -33.87 -27.42
C LEU D 214 35.57 -32.82 -28.52
N THR D 215 34.37 -32.42 -28.96
CA THR D 215 34.25 -31.31 -29.86
C THR D 215 34.55 -30.01 -29.12
N SER D 216 34.66 -28.91 -29.89
CA SER D 216 34.96 -27.62 -29.27
C SER D 216 33.86 -27.24 -28.27
N LEU D 217 32.61 -27.31 -28.69
CA LEU D 217 31.51 -27.02 -27.78
C LEU D 217 31.45 -28.04 -26.65
N GLN D 218 31.68 -29.32 -26.97
CA GLN D 218 31.70 -30.34 -25.94
C GLN D 218 32.85 -30.12 -24.97
N HIS D 219 34.00 -29.66 -25.47
CA HIS D 219 35.13 -29.37 -24.60
C HIS D 219 34.80 -28.22 -23.65
N CYS D 220 34.15 -27.17 -24.16
CA CYS D 220 33.73 -26.07 -23.30
C CYS D 220 32.75 -26.56 -22.23
N TYR D 221 31.78 -27.39 -22.64
CA TYR D 221 30.84 -27.93 -21.68
C TYR D 221 31.54 -28.74 -20.60
N TRP D 222 32.50 -29.58 -21.00
CA TRP D 222 33.19 -30.43 -20.03
C TRP D 222 34.03 -29.61 -19.06
N THR D 223 34.72 -28.58 -19.54
CA THR D 223 35.50 -27.74 -18.65
C THR D 223 34.60 -27.06 -17.62
N SER D 224 33.49 -26.48 -18.09
CA SER D 224 32.59 -25.83 -17.15
C SER D 224 31.96 -26.83 -16.20
N HIS D 225 31.69 -28.05 -16.68
CA HIS D 225 31.16 -29.11 -15.84
C HIS D 225 32.12 -29.40 -14.70
N LEU D 226 33.41 -29.51 -15.00
CA LEU D 226 34.38 -29.84 -13.97
C LEU D 226 34.44 -28.75 -12.91
N GLN D 227 34.57 -27.49 -13.35
CA GLN D 227 34.65 -26.40 -12.40
C GLN D 227 33.41 -26.34 -11.52
N ASN D 228 32.23 -26.45 -12.14
CA ASN D 228 30.99 -26.28 -11.40
C ASN D 228 30.75 -27.44 -10.45
N GLU D 229 31.07 -28.67 -10.87
CA GLU D 229 30.86 -29.80 -9.98
C GLU D 229 31.74 -29.67 -8.74
N ARG D 230 33.00 -29.27 -8.91
CA ARG D 230 33.85 -29.16 -7.74
C ARG D 230 33.34 -28.06 -6.79
N GLU D 231 32.97 -26.91 -7.34
CA GLU D 231 32.52 -25.81 -6.49
C GLU D 231 31.23 -26.18 -5.77
N LEU D 232 30.29 -26.79 -6.49
CA LEU D 232 29.00 -27.15 -5.90
C LEU D 232 29.18 -28.15 -4.77
N PHE D 233 30.01 -29.18 -4.98
CA PHE D 233 30.18 -30.15 -3.92
C PHE D 233 30.85 -29.52 -2.70
N GLU D 234 31.82 -28.62 -2.91
CA GLU D 234 32.43 -27.96 -1.76
C GLU D 234 31.38 -27.22 -0.95
N GLN D 235 30.56 -26.40 -1.63
CA GLN D 235 29.57 -25.60 -0.91
C GLN D 235 28.57 -26.47 -0.17
N ALA D 236 28.03 -27.48 -0.84
CA ALA D 236 26.97 -28.25 -0.20
C ALA D 236 27.53 -29.22 0.83
N ALA D 237 28.79 -29.62 0.71
CA ALA D 237 29.40 -30.36 1.81
C ALA D 237 29.49 -29.50 3.05
N GLU D 238 29.88 -28.24 2.88
CA GLU D 238 29.85 -27.30 3.99
C GLU D 238 28.45 -27.21 4.59
N GLN D 239 27.43 -27.04 3.74
CA GLN D 239 26.08 -26.83 4.24
C GLN D 239 25.51 -28.09 4.90
N HIS D 240 25.78 -29.26 4.32
CA HIS D 240 25.35 -30.52 4.93
C HIS D 240 25.96 -30.70 6.30
N SER D 241 27.27 -30.47 6.45
CA SER D 241 27.86 -30.64 7.76
C SER D 241 27.33 -29.60 8.74
N ARG D 242 27.07 -28.39 8.26
CA ARG D 242 26.48 -27.38 9.13
C ARG D 242 25.12 -27.85 9.64
N LEU D 243 24.28 -28.39 8.76
CA LEU D 243 22.98 -28.87 9.18
C LEU D 243 23.09 -30.04 10.16
N LEU D 244 23.99 -30.99 9.88
CA LEU D 244 24.11 -32.15 10.76
C LEU D 244 24.59 -31.73 12.14
N MET D 245 25.62 -30.88 12.20
CA MET D 245 26.10 -30.41 13.49
C MET D 245 25.05 -29.57 14.19
N MET D 246 24.27 -28.79 13.43
CA MET D 246 23.25 -27.96 14.03
C MET D 246 22.17 -28.81 14.67
N HIS D 247 21.78 -29.90 14.02
CA HIS D 247 20.85 -30.85 14.65
C HIS D 247 21.46 -31.47 15.89
N ARG D 248 22.75 -31.83 15.82
CA ARG D 248 23.42 -32.43 16.97
C ARG D 248 23.39 -31.49 18.18
N ILE D 249 23.70 -30.22 17.95
CA ILE D 249 23.77 -29.28 19.06
C ILE D 249 22.36 -28.85 19.48
N LYS D 250 21.38 -28.95 18.57
CA LYS D 250 20.00 -28.82 18.98
C LYS D 250 19.63 -29.90 20.00
N LYS D 251 20.08 -31.12 19.75
CA LYS D 251 19.94 -32.17 20.76
C LYS D 251 20.69 -31.81 22.03
N LEU D 252 21.89 -31.25 21.89
CA LEU D 252 22.74 -30.98 23.04
C LEU D 252 22.15 -29.91 23.96
N PHE D 253 21.78 -28.76 23.41
CA PHE D 253 21.36 -27.60 24.17
C PHE D 253 19.86 -27.35 24.13
N GLY D 254 19.09 -28.21 23.47
CA GLY D 254 17.66 -28.03 23.44
C GLY D 254 17.15 -26.96 22.51
N PHE D 255 18.00 -26.39 21.68
CA PHE D 255 17.56 -25.36 20.73
C PHE D 255 18.50 -25.33 19.54
N ILE D 256 17.98 -24.83 18.43
CA ILE D 256 18.81 -24.60 17.24
C ILE D 256 19.52 -23.26 17.40
N PRO D 257 20.82 -23.18 17.09
CA PRO D 257 21.55 -21.92 17.25
C PRO D 257 21.04 -20.84 16.30
N GLY D 258 21.15 -19.59 16.75
CA GLY D 258 20.76 -18.46 15.94
C GLY D 258 19.27 -18.23 15.79
N SER D 259 18.46 -18.78 16.68
CA SER D 259 17.01 -18.64 16.61
C SER D 259 16.45 -18.37 18.01
N GLU D 260 15.20 -17.94 18.04
CA GLU D 260 14.53 -17.52 19.27
C GLU D 260 14.31 -18.73 20.18
N ASP D 261 15.06 -18.82 21.28
CA ASP D 261 15.02 -20.00 22.14
C ASP D 261 14.56 -19.70 23.57
N VAL D 262 13.93 -18.55 23.80
CA VAL D 262 13.44 -18.24 25.15
C VAL D 262 12.36 -19.20 25.61
N LYS D 263 11.85 -20.03 24.71
CA LYS D 263 10.84 -21.00 25.11
C LYS D 263 11.43 -22.05 26.04
N HIS D 264 12.56 -22.63 25.68
CA HIS D 264 13.14 -23.71 26.47
C HIS D 264 14.65 -23.67 26.36
N ILE D 265 15.32 -24.13 27.42
CA ILE D 265 16.77 -24.28 27.45
C ILE D 265 17.09 -25.62 28.10
N ARG D 266 18.30 -26.09 27.88
CA ARG D 266 18.74 -27.40 28.38
C ARG D 266 19.90 -27.22 29.35
N ILE D 267 20.06 -28.21 30.21
CA ILE D 267 21.19 -28.29 31.12
C ILE D 267 21.96 -29.57 30.81
N PRO D 268 23.07 -29.47 30.08
CA PRO D 268 23.80 -30.68 29.68
C PRO D 268 24.32 -31.43 30.89
N SER D 269 24.32 -32.76 30.78
CA SER D 269 24.92 -33.63 31.78
C SER D 269 26.36 -33.96 31.39
N CYS D 270 27.13 -34.39 32.39
CA CYS D 270 28.56 -34.64 32.17
C CYS D 270 28.75 -35.75 31.15
N GLN D 271 27.94 -36.81 31.25
CA GLN D 271 28.01 -37.88 30.26
C GLN D 271 27.56 -37.37 28.90
N ASP D 272 26.60 -36.44 28.87
CA ASP D 272 26.23 -35.83 27.59
C ASP D 272 27.35 -34.94 27.07
N TRP D 273 28.05 -34.22 27.96
CA TRP D 273 29.25 -33.50 27.56
C TRP D 273 30.27 -34.44 26.95
N LYS D 274 30.34 -35.68 27.44
CA LYS D 274 31.22 -36.65 26.81
C LYS D 274 30.69 -36.99 25.40
N ASP D 275 29.38 -37.18 25.27
CA ASP D 275 28.85 -37.59 23.96
C ASP D 275 29.11 -36.54 22.89
N ILE D 276 28.93 -35.26 23.22
CA ILE D 276 29.19 -34.22 22.21
C ILE D 276 30.66 -34.17 21.85
N SER D 277 31.54 -34.37 22.83
CA SER D 277 32.98 -34.40 22.57
C SER D 277 33.37 -35.60 21.71
N LEU E 6 32.04 -6.92 -0.54
CA LEU E 6 33.27 -7.45 -1.11
C LEU E 6 34.14 -8.06 -0.02
N ASN E 7 33.75 -7.81 1.23
CA ASN E 7 34.46 -8.39 2.36
C ASN E 7 34.38 -9.91 2.32
N ASN E 8 33.21 -10.45 1.96
CA ASN E 8 33.08 -11.90 1.81
C ASN E 8 34.00 -12.44 0.74
N ILE E 9 34.14 -11.71 -0.37
CA ILE E 9 35.07 -12.11 -1.42
C ILE E 9 36.50 -12.08 -0.89
N VAL E 10 36.83 -11.06 -0.09
CA VAL E 10 38.16 -10.97 0.51
C VAL E 10 38.41 -12.18 1.41
N SER E 11 37.40 -12.56 2.21
CA SER E 11 37.55 -13.73 3.07
C SER E 11 37.76 -14.99 2.24
N SER E 12 37.02 -15.14 1.14
CA SER E 12 37.19 -16.31 0.28
C SER E 12 38.60 -16.36 -0.29
N LEU E 13 39.16 -15.21 -0.64
CA LEU E 13 40.54 -15.17 -1.11
C LEU E 13 41.51 -15.58 -0.02
N GLN E 14 41.27 -15.14 1.22
CA GLN E 14 42.15 -15.51 2.32
C GLN E 14 42.08 -17.01 2.58
N ARG E 15 40.93 -17.63 2.29
CA ARG E 15 40.79 -19.06 2.54
C ARG E 15 41.82 -19.88 1.77
N ASN E 16 42.39 -19.32 0.71
CA ASN E 16 43.49 -19.95 0.00
C ASN E 16 44.76 -19.76 0.80
N GLY E 17 45.49 -20.86 1.03
CA GLY E 17 46.69 -20.79 1.84
C GLY E 17 47.85 -20.08 1.18
N ILE E 18 47.81 -19.93 -0.14
CA ILE E 18 48.93 -19.31 -0.84
C ILE E 18 49.11 -17.87 -0.42
N PHE E 19 48.01 -17.11 -0.32
CA PHE E 19 48.12 -15.71 0.06
C PHE E 19 48.65 -15.56 1.49
N ILE E 20 48.12 -16.34 2.42
CA ILE E 20 48.56 -16.21 3.81
C ILE E 20 50.01 -16.63 3.97
N ASN E 21 50.41 -17.72 3.32
CA ASN E 21 51.80 -18.15 3.39
C ASN E 21 52.73 -17.11 2.78
N SER E 22 52.32 -16.50 1.67
CA SER E 22 53.13 -15.44 1.08
C SER E 22 53.23 -14.24 2.01
N LEU E 23 52.13 -13.91 2.68
CA LEU E 23 52.16 -12.77 3.62
C LEU E 23 53.08 -13.06 4.79
N ILE E 24 53.06 -14.30 5.30
CA ILE E 24 53.95 -14.67 6.39
C ILE E 24 55.40 -14.61 5.94
N ALA E 25 55.70 -15.10 4.73
CA ALA E 25 57.07 -15.06 4.23
C ALA E 25 57.54 -13.63 4.04
N ALA E 26 56.68 -12.75 3.51
CA ALA E 26 57.06 -11.36 3.33
C ALA E 26 57.32 -10.68 4.67
N LEU E 27 56.48 -10.94 5.67
CA LEU E 27 56.74 -10.37 6.99
C LEU E 27 58.03 -10.89 7.56
N THR E 28 58.33 -12.19 7.37
CA THR E 28 59.59 -12.72 7.85
C THR E 28 60.77 -12.05 7.18
N ILE E 29 60.69 -11.81 5.87
CA ILE E 29 61.78 -11.16 5.15
C ILE E 29 62.00 -9.75 5.67
N GLY E 30 60.91 -8.98 5.80
CA GLY E 30 61.05 -7.62 6.30
C GLY E 30 61.59 -7.56 7.71
N GLY E 31 61.07 -8.42 8.59
CA GLY E 31 61.55 -8.45 9.96
C GLY E 31 63.00 -8.86 10.04
N GLN E 32 63.41 -9.84 9.23
CA GLN E 32 64.81 -10.23 9.21
C GLN E 32 65.69 -9.09 8.73
N GLN E 33 65.26 -8.37 7.69
CA GLN E 33 66.05 -7.25 7.21
C GLN E 33 66.26 -6.22 8.32
N LEU E 34 65.17 -5.80 8.97
CA LEU E 34 65.31 -4.79 10.02
C LEU E 34 66.16 -5.32 11.18
N PHE E 35 65.91 -6.55 11.61
CA PHE E 35 66.59 -7.10 12.77
C PHE E 35 68.08 -7.25 12.51
N SER E 36 68.46 -7.81 11.37
CA SER E 36 69.87 -8.01 11.07
C SER E 36 70.58 -6.70 10.82
N SER E 37 69.97 -5.79 10.05
CA SER E 37 70.62 -4.52 9.79
C SER E 37 70.68 -3.64 11.02
N SER E 38 69.88 -3.95 12.05
CA SER E 38 69.91 -3.13 13.26
C SER E 38 70.88 -3.68 14.30
N THR E 39 70.69 -4.93 14.73
CA THR E 39 71.35 -5.40 15.94
C THR E 39 72.12 -6.70 15.70
N PHE E 40 72.93 -6.78 14.65
CA PHE E 40 73.78 -7.97 14.52
C PHE E 40 75.06 -7.82 15.33
N SER E 41 75.92 -6.87 14.94
CA SER E 41 77.15 -6.55 15.65
C SER E 41 77.98 -7.81 15.97
N CYS E 42 78.49 -8.42 14.91
CA CYS E 42 79.26 -9.65 15.05
C CYS E 42 80.43 -9.46 16.01
N PRO E 43 80.55 -10.27 17.05
CA PRO E 43 81.63 -10.08 18.02
C PRO E 43 82.97 -10.57 17.47
N CYS E 44 84.02 -10.13 18.14
CA CYS E 44 85.38 -10.50 17.78
C CYS E 44 85.97 -11.48 18.77
N GLN E 45 85.17 -12.01 19.68
CA GLN E 45 85.69 -12.83 20.77
C GLN E 45 86.28 -14.11 20.24
N VAL E 46 87.50 -14.42 20.67
CA VAL E 46 88.19 -15.63 20.21
C VAL E 46 87.53 -16.88 20.78
N GLY E 47 87.16 -16.84 22.06
CA GLY E 47 86.63 -18.02 22.73
C GLY E 47 85.33 -18.53 22.17
N LYS E 48 84.28 -17.72 22.25
CA LYS E 48 82.93 -18.11 21.85
C LYS E 48 82.43 -17.13 20.81
N ASN E 49 82.44 -17.55 19.54
CA ASN E 49 81.91 -16.74 18.46
C ASN E 49 80.99 -17.59 17.61
N PHE E 50 81.20 -18.91 17.62
CA PHE E 50 80.31 -19.82 16.94
C PHE E 50 78.92 -19.81 17.57
N TYR E 51 78.85 -19.71 18.90
CA TYR E 51 77.55 -19.68 19.57
C TYR E 51 76.76 -18.46 19.16
N TYR E 52 77.43 -17.33 18.97
CA TYR E 52 76.73 -16.08 18.58
C TYR E 52 75.98 -16.32 17.28
N GLY E 53 76.70 -16.69 16.23
CA GLY E 53 76.09 -16.87 14.93
C GLY E 53 75.08 -18.00 14.92
N SER E 54 75.40 -19.10 15.60
CA SER E 54 74.48 -20.23 15.65
C SER E 54 73.17 -19.83 16.32
N ALA E 55 73.24 -19.07 17.41
CA ALA E 55 72.02 -18.60 18.06
C ALA E 55 71.24 -17.66 17.14
N PHE E 56 71.91 -16.65 16.59
CA PHE E 56 71.24 -15.71 15.71
C PHE E 56 70.66 -16.38 14.46
N LEU E 57 71.13 -17.58 14.12
CA LEU E 57 70.67 -18.28 12.93
C LEU E 57 69.59 -19.31 13.21
N VAL E 58 69.65 -20.00 14.35
CA VAL E 58 68.73 -21.09 14.62
C VAL E 58 67.63 -20.69 15.61
N ILE E 59 67.94 -19.87 16.62
CA ILE E 59 66.95 -19.56 17.65
C ILE E 59 65.72 -18.87 17.08
N PRO E 60 65.83 -17.83 16.25
CA PRO E 60 64.62 -17.27 15.65
C PRO E 60 63.82 -18.28 14.83
N ALA E 61 64.51 -19.17 14.10
CA ALA E 61 63.80 -20.18 13.35
C ALA E 61 63.05 -21.13 14.27
N LEU E 62 63.69 -21.54 15.36
CA LEU E 62 63.03 -22.43 16.31
C LEU E 62 61.83 -21.76 16.97
N ILE E 63 61.98 -20.48 17.32
CA ILE E 63 60.87 -19.74 17.92
C ILE E 63 59.71 -19.62 16.93
N LEU E 64 60.01 -19.29 15.68
CA LEU E 64 58.94 -19.18 14.69
C LEU E 64 58.26 -20.51 14.45
N LEU E 65 59.02 -21.60 14.42
CA LEU E 65 58.42 -22.93 14.28
C LEU E 65 57.47 -23.23 15.45
N VAL E 66 57.94 -22.98 16.67
CA VAL E 66 57.11 -23.26 17.84
C VAL E 66 55.87 -22.38 17.84
N ALA E 67 56.02 -21.11 17.45
CA ALA E 67 54.86 -20.21 17.38
C ALA E 67 53.86 -20.68 16.34
N GLY E 68 54.34 -21.10 15.18
CA GLY E 68 53.43 -21.58 14.14
C GLY E 68 52.67 -22.81 14.58
N PHE E 69 53.32 -23.71 15.31
CA PHE E 69 52.61 -24.89 15.79
C PHE E 69 51.66 -24.56 16.93
N ALA E 70 52.09 -23.75 17.89
CA ALA E 70 51.29 -23.54 19.10
C ALA E 70 50.12 -22.60 18.86
N LEU E 71 50.31 -21.56 18.05
CA LEU E 71 49.27 -20.56 17.87
C LEU E 71 48.04 -21.12 17.18
N ARG E 72 48.15 -22.30 16.56
CA ARG E 72 47.01 -22.93 15.92
C ARG E 72 46.24 -23.77 16.94
N SER E 73 44.96 -23.41 17.15
CA SER E 73 44.15 -24.12 18.14
C SER E 73 43.88 -25.56 17.73
N GLN E 74 43.88 -25.83 16.42
CA GLN E 74 43.71 -27.20 15.95
C GLN E 74 44.82 -28.09 16.51
N MET E 75 46.03 -27.55 16.66
CA MET E 75 47.11 -28.32 17.26
C MET E 75 46.81 -28.67 18.72
N TRP E 76 46.23 -27.72 19.47
CA TRP E 76 45.86 -28.04 20.84
C TRP E 76 44.79 -29.12 20.88
N THR E 77 43.84 -29.07 19.94
CA THR E 77 42.82 -30.11 19.89
C THR E 77 43.43 -31.47 19.56
N ILE E 78 44.37 -31.51 18.62
CA ILE E 78 45.04 -32.78 18.28
C ILE E 78 45.81 -33.32 19.47
N THR E 79 46.54 -32.45 20.16
CA THR E 79 47.31 -32.91 21.32
C THR E 79 46.39 -33.41 22.42
N GLY E 80 45.24 -32.74 22.60
CA GLY E 80 44.26 -33.21 23.57
C GLY E 80 43.70 -34.57 23.21
N GLU E 81 43.45 -34.81 21.92
CA GLU E 81 42.96 -36.11 21.49
C GLU E 81 44.02 -37.20 21.70
N TYR E 82 45.25 -36.93 21.31
CA TYR E 82 46.29 -37.94 21.40
C TYR E 82 46.67 -38.22 22.86
N CYS E 83 46.79 -37.18 23.68
CA CYS E 83 47.16 -37.35 25.08
C CYS E 83 46.10 -38.14 25.85
N PRO E 95 43.81 -46.97 13.87
CA PRO E 95 42.58 -46.91 13.06
C PRO E 95 42.41 -45.57 12.35
N LEU E 96 41.16 -45.23 11.99
CA LEU E 96 40.93 -44.02 11.20
C LEU E 96 41.16 -42.76 12.01
N GLU E 97 40.98 -42.82 13.34
CA GLU E 97 41.23 -41.65 14.16
C GLU E 97 42.69 -41.23 14.09
N CYS E 98 43.62 -42.19 14.11
CA CYS E 98 45.03 -41.86 13.99
C CYS E 98 45.34 -41.18 12.66
N LYS E 99 44.80 -41.72 11.55
CA LYS E 99 45.05 -41.12 10.25
C LYS E 99 44.45 -39.73 10.17
N LEU E 100 43.27 -39.53 10.74
CA LEU E 100 42.64 -38.22 10.72
C LEU E 100 43.45 -37.20 11.51
N ALA E 101 43.96 -37.61 12.68
CA ALA E 101 44.82 -36.73 13.46
C ALA E 101 46.10 -36.41 12.71
N CYS E 102 46.67 -37.40 12.02
CA CYS E 102 47.88 -37.15 11.24
C CYS E 102 47.62 -36.18 10.11
N LEU E 103 46.46 -36.30 9.45
CA LEU E 103 46.11 -35.36 8.39
C LEU E 103 45.96 -33.94 8.92
N ARG E 104 45.32 -33.79 10.09
CA ARG E 104 45.19 -32.45 10.67
C ARG E 104 46.55 -31.90 11.08
N PHE E 105 47.43 -32.76 11.60
CA PHE E 105 48.77 -32.33 11.95
C PHE E 105 49.51 -31.84 10.71
N PHE E 106 49.35 -32.55 9.59
CA PHE E 106 49.99 -32.12 8.35
C PHE E 106 49.46 -30.77 7.88
N SER E 107 48.14 -30.58 7.98
CA SER E 107 47.55 -29.30 7.59
C SER E 107 48.11 -28.16 8.44
N ILE E 108 48.36 -28.43 9.72
CA ILE E 108 49.00 -27.42 10.57
C ILE E 108 50.46 -27.23 10.16
N THR E 109 51.14 -28.33 9.85
CA THR E 109 52.56 -28.31 9.54
C THR E 109 52.85 -27.47 8.31
N GLY E 110 51.88 -27.35 7.39
CA GLY E 110 52.09 -26.46 6.26
C GLY E 110 52.53 -25.07 6.67
N ARG E 111 51.71 -24.39 7.48
CA ARG E 111 52.08 -23.07 7.97
C ARG E 111 53.25 -23.13 8.95
N ALA E 112 53.26 -24.14 9.81
CA ALA E 112 54.35 -24.22 10.78
C ALA E 112 55.71 -24.34 10.10
N VAL E 113 55.73 -24.82 8.86
CA VAL E 113 56.98 -24.97 8.13
C VAL E 113 57.26 -23.73 7.28
N ILE E 114 56.24 -23.13 6.66
CA ILE E 114 56.54 -21.94 5.87
C ILE E 114 57.02 -20.80 6.77
N ALA E 115 56.67 -20.83 8.06
CA ALA E 115 57.07 -19.71 8.92
C ALA E 115 58.58 -19.58 9.09
N PRO E 116 59.35 -20.61 9.48
CA PRO E 116 60.78 -20.41 9.70
C PRO E 116 61.65 -20.67 8.48
N LEU E 117 61.15 -21.39 7.48
CA LEU E 117 61.96 -21.67 6.30
C LEU E 117 62.35 -20.39 5.60
N THR E 118 61.47 -19.39 5.60
CA THR E 118 61.81 -18.10 5.03
C THR E 118 62.98 -17.46 5.79
N TRP E 119 62.95 -17.54 7.11
CA TRP E 119 64.05 -16.97 7.90
C TRP E 119 65.36 -17.66 7.58
N LEU E 120 65.37 -19.00 7.58
CA LEU E 120 66.61 -19.71 7.30
C LEU E 120 67.11 -19.40 5.89
N ALA E 121 66.22 -19.42 4.91
CA ALA E 121 66.64 -19.16 3.54
C ALA E 121 67.22 -17.77 3.39
N VAL E 122 66.54 -16.76 3.93
CA VAL E 122 67.02 -15.39 3.77
C VAL E 122 68.35 -15.21 4.49
N THR E 123 68.47 -15.72 5.72
CA THR E 123 69.71 -15.55 6.46
C THR E 123 70.88 -16.25 5.79
N LEU E 124 70.66 -17.47 5.29
CA LEU E 124 71.75 -18.17 4.61
C LEU E 124 72.12 -17.48 3.30
N LEU E 125 71.13 -17.01 2.54
CA LEU E 125 71.44 -16.36 1.26
C LEU E 125 72.19 -15.06 1.48
N THR E 126 71.81 -14.30 2.51
CA THR E 126 72.60 -13.12 2.84
C THR E 126 74.00 -13.50 3.28
N GLY E 127 74.12 -14.57 4.05
CA GLY E 127 75.40 -15.17 4.36
C GLY E 127 76.15 -14.55 5.52
N THR E 128 75.73 -13.38 6.00
CA THR E 128 76.47 -12.73 7.09
C THR E 128 76.39 -13.54 8.38
N TYR E 129 75.23 -14.10 8.68
CA TYR E 129 75.09 -14.91 9.89
C TYR E 129 76.01 -16.12 9.83
N TYR E 130 76.03 -16.83 8.71
CA TYR E 130 76.88 -18.02 8.60
C TYR E 130 78.35 -17.64 8.65
N GLU E 131 78.72 -16.51 8.06
CA GLU E 131 80.10 -16.05 8.13
C GLU E 131 80.51 -15.80 9.57
N CYS E 132 79.72 -15.01 10.30
CA CYS E 132 80.05 -14.72 11.69
C CYS E 132 80.01 -15.98 12.56
N ALA E 133 79.25 -16.99 12.14
CA ALA E 133 79.16 -18.22 12.94
C ALA E 133 80.38 -19.11 12.71
N ALA E 134 80.67 -19.42 11.45
CA ALA E 134 81.69 -20.40 11.12
C ALA E 134 82.99 -19.76 10.64
N SER E 135 83.26 -18.51 11.02
CA SER E 135 84.55 -17.92 10.66
C SER E 135 85.71 -18.67 11.28
N GLU E 136 85.62 -19.01 12.56
CA GLU E 136 86.77 -19.55 13.27
C GLU E 136 87.13 -20.96 12.82
N PHE E 137 86.24 -21.65 12.11
CA PHE E 137 86.51 -23.02 11.68
C PHE E 137 87.22 -23.08 10.33
N ALA E 138 87.74 -21.95 9.86
CA ALA E 138 88.46 -21.92 8.59
C ALA E 138 89.79 -22.64 8.70
N SER E 139 90.21 -23.24 7.59
CA SER E 139 91.50 -23.93 7.53
C SER E 139 92.63 -22.95 7.27
N VAL E 140 93.83 -23.33 7.69
CA VAL E 140 95.03 -22.51 7.50
C VAL E 140 96.14 -23.25 6.78
N ASP E 141 95.95 -24.53 6.44
CA ASP E 141 97.00 -25.27 5.76
C ASP E 141 97.28 -24.70 4.37
N HIS E 142 96.22 -24.30 3.66
CA HIS E 142 96.39 -23.78 2.31
C HIS E 142 97.23 -22.50 2.30
N TYR E 143 97.08 -21.68 3.34
CA TYR E 143 97.71 -20.36 3.35
C TYR E 143 99.02 -20.43 4.11
N PRO E 144 100.17 -20.23 3.46
CA PRO E 144 101.44 -20.26 4.19
C PRO E 144 101.61 -19.13 5.18
N MET E 145 100.83 -18.06 5.07
CA MET E 145 100.96 -16.92 5.96
C MET E 145 100.53 -17.23 7.39
N PHE E 146 99.80 -18.33 7.59
CA PHE E 146 99.26 -18.67 8.91
C PHE E 146 100.05 -19.79 9.59
N ASP E 147 101.38 -19.79 9.46
CA ASP E 147 102.20 -20.77 10.15
C ASP E 147 102.02 -20.67 11.66
N ASN E 148 102.48 -19.56 12.24
CA ASN E 148 102.23 -19.20 13.64
C ASN E 148 102.50 -20.36 14.60
N VAL E 149 103.79 -20.70 14.70
CA VAL E 149 104.26 -21.79 15.55
C VAL E 149 103.70 -21.67 16.97
N SER E 150 103.27 -20.47 17.35
CA SER E 150 102.63 -20.29 18.65
C SER E 150 101.32 -21.08 18.74
N ALA E 151 100.61 -21.21 17.62
CA ALA E 151 99.40 -22.02 17.48
C ALA E 151 98.25 -21.52 18.35
N SER E 152 98.38 -20.34 18.95
CA SER E 152 97.29 -19.72 19.71
C SER E 152 96.94 -18.34 19.20
N LYS E 153 97.94 -17.55 18.79
CA LYS E 153 97.67 -16.26 18.17
C LYS E 153 96.93 -16.44 16.85
N ARG E 154 97.26 -17.50 16.11
CA ARG E 154 96.61 -17.75 14.83
C ARG E 154 95.10 -17.92 14.98
N GLU E 155 94.68 -18.69 16.00
CA GLU E 155 93.26 -18.85 16.23
C GLU E 155 92.60 -17.51 16.54
N GLU E 156 93.26 -16.69 17.35
CA GLU E 156 92.67 -15.42 17.73
C GLU E 156 92.52 -14.49 16.53
N ILE E 157 93.56 -14.39 15.68
CA ILE E 157 93.43 -13.50 14.54
C ILE E 157 92.41 -14.06 13.55
N LEU E 158 92.34 -15.40 13.43
CA LEU E 158 91.35 -16.02 12.55
C LEU E 158 89.93 -15.68 12.99
N ALA E 159 89.67 -15.73 14.29
CA ALA E 159 88.36 -15.34 14.79
C ALA E 159 88.18 -13.83 14.85
N GLY E 160 89.25 -13.06 14.71
CA GLY E 160 89.17 -11.62 14.85
C GLY E 160 88.95 -10.84 13.57
N PHE E 161 89.64 -11.20 12.48
CA PHE E 161 89.56 -10.32 11.31
C PHE E 161 88.17 -10.25 10.67
N PRO E 162 87.31 -11.27 10.73
CA PRO E 162 85.98 -11.12 10.11
C PRO E 162 85.14 -10.01 10.72
N CYS E 163 85.35 -9.67 11.99
CA CYS E 163 84.37 -8.85 12.71
C CYS E 163 84.55 -7.36 12.40
N CYS E 164 85.62 -6.76 12.90
CA CYS E 164 85.82 -5.32 12.75
C CYS E 164 87.30 -4.94 12.71
N ARG E 165 88.21 -5.90 12.61
CA ARG E 165 89.62 -5.61 12.81
C ARG E 165 90.14 -4.63 11.77
N SER E 166 89.75 -4.83 10.50
CA SER E 166 90.25 -4.03 9.39
C SER E 166 91.78 -4.13 9.42
N ALA E 167 92.50 -3.04 9.70
CA ALA E 167 93.94 -3.06 9.91
C ALA E 167 94.65 -3.66 8.69
N PRO E 168 94.66 -2.96 7.55
CA PRO E 168 95.30 -3.52 6.36
C PRO E 168 96.79 -3.73 6.54
N SER E 169 97.22 -4.98 6.64
CA SER E 169 98.62 -5.34 6.78
C SER E 169 98.97 -6.41 5.75
N ASP E 170 98.36 -6.29 4.57
CA ASP E 170 98.53 -7.18 3.43
C ASP E 170 98.06 -8.60 3.70
N VAL E 171 97.48 -8.87 4.88
CA VAL E 171 96.80 -10.14 5.11
C VAL E 171 95.36 -10.09 4.61
N ILE E 172 94.86 -8.91 4.26
CA ILE E 172 93.47 -8.75 3.85
C ILE E 172 93.16 -9.53 2.58
N LEU E 173 94.19 -9.92 1.83
CA LEU E 173 93.94 -10.82 0.69
C LEU E 173 93.41 -12.16 1.17
N VAL E 174 94.05 -12.74 2.19
CA VAL E 174 93.56 -14.01 2.75
C VAL E 174 92.20 -13.82 3.39
N ARG E 175 92.01 -12.70 4.11
CA ARG E 175 90.71 -12.40 4.69
C ARG E 175 89.63 -12.38 3.61
N ASP E 176 89.88 -11.67 2.52
CA ASP E 176 88.87 -11.53 1.48
C ASP E 176 88.60 -12.87 0.80
N GLU E 177 89.66 -13.66 0.55
CA GLU E 177 89.47 -14.95 -0.10
C GLU E 177 88.64 -15.88 0.78
N ILE E 178 88.97 -15.96 2.07
CA ILE E 178 88.24 -16.88 2.95
C ILE E 178 86.82 -16.36 3.20
N ALA E 179 86.64 -15.04 3.25
CA ALA E 179 85.28 -14.50 3.39
C ALA E 179 84.43 -14.86 2.19
N LEU E 180 84.98 -14.76 0.97
CA LEU E 180 84.24 -15.18 -0.20
C LEU E 180 83.97 -16.67 -0.18
N LEU E 181 84.92 -17.46 0.31
CA LEU E 181 84.68 -18.90 0.42
C LEU E 181 83.51 -19.20 1.35
N HIS E 182 83.47 -18.55 2.51
CA HIS E 182 82.39 -18.81 3.45
C HIS E 182 81.06 -18.27 2.94
N ARG E 183 81.07 -17.13 2.25
CA ARG E 183 79.84 -16.61 1.68
C ARG E 183 79.29 -17.55 0.61
N TYR E 184 80.17 -18.08 -0.24
CA TYR E 184 79.72 -19.03 -1.26
C TYR E 184 79.17 -20.29 -0.61
N GLN E 185 79.86 -20.79 0.41
CA GLN E 185 79.37 -21.98 1.11
C GLN E 185 78.03 -21.72 1.75
N SER E 186 77.85 -20.53 2.33
CA SER E 186 76.57 -20.18 2.95
C SER E 186 75.45 -20.17 1.93
N GLN E 187 75.65 -19.49 0.81
CA GLN E 187 74.58 -19.40 -0.17
C GLN E 187 74.28 -20.76 -0.81
N MET E 188 75.31 -21.55 -1.09
CA MET E 188 75.05 -22.90 -1.60
C MET E 188 74.31 -23.74 -0.58
N LEU E 189 74.66 -23.60 0.70
CA LEU E 189 73.93 -24.33 1.73
C LEU E 189 72.48 -23.89 1.80
N GLY E 190 72.23 -22.59 1.60
CA GLY E 190 70.86 -22.11 1.56
C GLY E 190 70.08 -22.70 0.40
N TRP E 191 70.70 -22.79 -0.78
CA TRP E 191 70.04 -23.41 -1.91
C TRP E 191 69.77 -24.88 -1.66
N ILE E 192 70.73 -25.58 -1.06
CA ILE E 192 70.52 -26.99 -0.72
C ILE E 192 69.35 -27.12 0.24
N LEU E 193 69.28 -26.24 1.23
CA LEU E 193 68.22 -26.29 2.23
C LEU E 193 66.85 -26.04 1.59
N ILE E 194 66.75 -25.04 0.72
CA ILE E 194 65.45 -24.74 0.13
C ILE E 194 65.03 -25.84 -0.84
N THR E 195 65.98 -26.41 -1.59
CA THR E 195 65.65 -27.53 -2.46
C THR E 195 65.17 -28.73 -1.66
N LEU E 196 65.85 -29.05 -0.56
CA LEU E 196 65.41 -30.16 0.28
C LEU E 196 64.05 -29.87 0.90
N ALA E 197 63.80 -28.63 1.30
CA ALA E 197 62.51 -28.30 1.86
C ALA E 197 61.39 -28.48 0.84
N THR E 198 61.62 -28.03 -0.40
CA THR E 198 60.60 -28.19 -1.43
C THR E 198 60.37 -29.66 -1.75
N ILE E 199 61.44 -30.45 -1.87
CA ILE E 199 61.29 -31.86 -2.15
C ILE E 199 60.53 -32.56 -1.03
N ALA E 200 60.88 -32.24 0.23
CA ALA E 200 60.20 -32.82 1.37
C ALA E 200 58.73 -32.42 1.40
N ALA E 201 58.42 -31.17 1.08
CA ALA E 201 57.02 -30.74 1.06
C ALA E 201 56.23 -31.48 0.00
N LEU E 202 56.78 -31.61 -1.21
CA LEU E 202 56.07 -32.32 -2.26
C LEU E 202 55.88 -33.80 -1.91
N VAL E 203 56.93 -34.44 -1.39
CA VAL E 203 56.83 -35.84 -1.02
C VAL E 203 55.84 -36.03 0.11
N SER E 204 55.83 -35.12 1.09
CA SER E 204 54.90 -35.22 2.20
C SER E 204 53.45 -35.05 1.73
N CYS E 205 53.21 -34.13 0.79
CA CYS E 205 51.86 -33.99 0.25
C CYS E 205 51.44 -35.24 -0.51
N CYS E 206 52.35 -35.82 -1.29
CA CYS E 206 52.03 -37.05 -2.01
C CYS E 206 51.75 -38.19 -1.04
N VAL E 207 52.53 -38.30 0.03
CA VAL E 207 52.31 -39.34 1.01
C VAL E 207 51.00 -39.13 1.75
N ALA E 208 50.65 -37.87 2.02
CA ALA E 208 49.36 -37.59 2.64
C ALA E 208 48.20 -38.00 1.74
N LYS E 209 48.31 -37.71 0.43
CA LYS E 209 47.26 -38.14 -0.49
C LYS E 209 47.19 -39.66 -0.59
N CYS E 210 48.33 -40.33 -0.64
CA CYS E 210 48.33 -41.78 -0.76
C CYS E 210 47.78 -42.46 0.50
N CYS E 211 48.19 -41.98 1.68
CA CYS E 211 47.84 -42.60 2.94
C CYS E 211 46.46 -42.19 3.46
N SER E 212 45.84 -41.19 2.86
CA SER E 212 44.53 -40.74 3.33
C SER E 212 43.48 -41.78 2.99
N PRO E 213 42.75 -42.31 3.98
CA PRO E 213 41.68 -43.27 3.65
C PRO E 213 40.48 -42.62 3.00
N LEU E 214 40.20 -41.36 3.32
CA LEU E 214 39.08 -40.66 2.72
C LEU E 214 39.33 -40.41 1.24
N THR E 215 38.24 -40.43 0.47
CA THR E 215 38.33 -40.02 -0.93
C THR E 215 38.52 -38.52 -1.01
N SER E 216 38.80 -38.03 -2.22
CA SER E 216 39.01 -36.59 -2.40
C SER E 216 37.76 -35.81 -1.99
N LEU E 217 36.60 -36.21 -2.50
CA LEU E 217 35.36 -35.55 -2.12
C LEU E 217 35.06 -35.78 -0.65
N GLN E 218 35.30 -36.98 -0.15
CA GLN E 218 35.11 -37.24 1.28
C GLN E 218 36.06 -36.43 2.13
N HIS E 219 37.30 -36.24 1.66
CA HIS E 219 38.25 -35.41 2.39
C HIS E 219 37.78 -33.96 2.45
N CYS E 220 37.27 -33.44 1.33
CA CYS E 220 36.73 -32.08 1.35
C CYS E 220 35.55 -31.97 2.31
N TYR E 221 34.66 -32.96 2.29
CA TYR E 221 33.52 -32.95 3.21
C TYR E 221 33.99 -32.96 4.66
N TRP E 222 34.99 -33.80 4.96
CA TRP E 222 35.46 -33.90 6.34
C TRP E 222 36.11 -32.61 6.81
N THR E 223 36.92 -31.97 5.96
CA THR E 223 37.53 -30.71 6.35
C THR E 223 36.48 -29.65 6.63
N SER E 224 35.49 -29.53 5.74
CA SER E 224 34.44 -28.54 5.97
C SER E 224 33.62 -28.89 7.20
N HIS E 225 33.41 -30.20 7.44
CA HIS E 225 32.71 -30.64 8.64
C HIS E 225 33.42 -30.16 9.90
N LEU E 226 34.74 -30.32 9.94
CA LEU E 226 35.49 -29.93 11.11
C LEU E 226 35.38 -28.43 11.37
N GLN E 227 35.63 -27.63 10.33
CA GLN E 227 35.56 -26.19 10.49
C GLN E 227 34.16 -25.76 10.95
N ASN E 228 33.13 -26.29 10.31
CA ASN E 228 31.77 -25.84 10.60
C ASN E 228 31.33 -26.29 11.97
N GLU E 229 31.68 -27.51 12.39
CA GLU E 229 31.28 -27.96 13.71
C GLU E 229 31.91 -27.10 14.80
N ARG E 230 33.19 -26.74 14.64
CA ARG E 230 33.82 -25.92 15.67
C ARG E 230 33.17 -24.55 15.74
N GLU E 231 32.94 -23.92 14.58
CA GLU E 231 32.36 -22.58 14.57
C GLU E 231 30.95 -22.60 15.14
N LEU E 232 30.14 -23.58 14.73
CA LEU E 232 28.76 -23.66 15.20
C LEU E 232 28.70 -23.84 16.70
N PHE E 233 29.53 -24.73 17.26
CA PHE E 233 29.46 -24.93 18.69
C PHE E 233 29.91 -23.67 19.43
N GLU E 234 30.92 -22.97 18.93
CA GLU E 234 31.33 -21.73 19.58
C GLU E 234 30.16 -20.74 19.64
N GLN E 235 29.51 -20.52 18.50
CA GLN E 235 28.43 -19.54 18.44
C GLN E 235 27.27 -19.93 19.37
N ALA E 236 26.83 -21.18 19.30
CA ALA E 236 25.66 -21.55 20.07
C ALA E 236 25.98 -21.73 21.55
N ALA E 237 27.23 -22.02 21.89
CA ALA E 237 27.61 -21.97 23.30
C ALA E 237 27.48 -20.55 23.84
N GLU E 238 27.94 -19.57 23.05
CA GLU E 238 27.72 -18.18 23.42
C GLU E 238 26.23 -17.88 23.60
N GLN E 239 25.41 -18.31 22.65
CA GLN E 239 23.98 -17.98 22.71
C GLN E 239 23.27 -18.70 23.85
N HIS E 240 23.61 -19.96 24.09
CA HIS E 240 23.04 -20.70 25.21
C HIS E 240 23.36 -20.04 26.54
N SER E 241 24.63 -19.65 26.73
CA SER E 241 24.96 -19.00 28.00
C SER E 241 24.29 -17.64 28.11
N ARG E 242 24.16 -16.94 26.99
CA ARG E 242 23.43 -15.67 27.02
C ARG E 242 22.00 -15.88 27.47
N LEU E 243 21.33 -16.89 26.92
CA LEU E 243 19.94 -17.15 27.32
C LEU E 243 19.85 -17.57 28.78
N LEU E 244 20.74 -18.44 29.25
CA LEU E 244 20.67 -18.90 30.63
C LEU E 244 20.90 -17.74 31.60
N MET E 245 21.92 -16.92 31.34
CA MET E 245 22.15 -15.77 32.20
C MET E 245 21.01 -14.76 32.11
N MET E 246 20.42 -14.62 30.92
CA MET E 246 19.32 -13.68 30.76
C MET E 246 18.11 -14.11 31.59
N HIS E 247 17.82 -15.42 31.59
CA HIS E 247 16.77 -15.92 32.48
C HIS E 247 17.12 -15.69 33.94
N ARG E 248 18.39 -15.92 34.30
CA ARG E 248 18.80 -15.71 35.69
C ARG E 248 18.57 -14.27 36.12
N ILE E 249 18.96 -13.32 35.28
CA ILE E 249 18.85 -11.92 35.67
C ILE E 249 17.40 -11.44 35.51
N LYS E 250 16.60 -12.12 34.67
CA LYS E 250 15.17 -11.89 34.69
C LYS E 250 14.59 -12.25 36.05
N LYS E 251 15.05 -13.36 36.63
CA LYS E 251 14.68 -13.68 38.00
C LYS E 251 15.18 -12.61 38.95
N LEU E 252 16.41 -12.13 38.73
CA LEU E 252 17.04 -11.19 39.65
C LEU E 252 16.32 -9.84 39.70
N PHE E 253 16.08 -9.23 38.54
CA PHE E 253 15.56 -7.88 38.43
C PHE E 253 14.11 -7.83 38.00
N GLY E 254 13.45 -8.97 37.82
CA GLY E 254 12.05 -8.96 37.45
C GLY E 254 11.76 -8.64 36.00
N PHE E 255 12.77 -8.55 35.15
CA PHE E 255 12.55 -8.27 33.73
C PHE E 255 13.69 -8.84 32.91
N ILE E 256 13.41 -9.08 31.64
CA ILE E 256 14.45 -9.49 30.70
C ILE E 256 15.16 -8.23 30.18
N PRO E 257 16.49 -8.23 30.13
CA PRO E 257 17.22 -7.04 29.65
C PRO E 257 16.92 -6.72 28.19
N GLY E 258 16.98 -5.43 27.88
CA GLY E 258 16.79 -4.98 26.52
C GLY E 258 15.37 -5.01 26.01
N SER E 259 14.38 -5.03 26.90
CA SER E 259 12.97 -5.06 26.52
C SER E 259 12.17 -4.11 27.39
N GLU E 260 10.93 -3.85 26.98
CA GLU E 260 10.07 -2.87 27.62
C GLU E 260 9.64 -3.38 28.99
N ASP E 261 10.16 -2.77 30.06
CA ASP E 261 9.93 -3.28 31.41
C ASP E 261 9.22 -2.27 32.31
N VAL E 262 8.58 -1.23 31.75
CA VAL E 262 7.87 -0.27 32.58
C VAL E 262 6.69 -0.90 33.31
N LYS E 263 6.33 -2.14 32.96
CA LYS E 263 5.25 -2.80 33.65
C LYS E 263 5.61 -3.09 35.11
N HIS E 264 6.78 -3.68 35.33
CA HIS E 264 7.16 -4.08 36.68
C HIS E 264 8.67 -3.97 36.82
N ILE E 265 9.11 -3.71 38.06
CA ILE E 265 10.53 -3.69 38.42
C ILE E 265 10.68 -4.41 39.75
N ARG E 266 11.90 -4.83 40.05
CA ARG E 266 12.20 -5.58 41.25
C ARG E 266 13.15 -4.79 42.14
N ILE E 267 13.13 -5.12 43.43
CA ILE E 267 14.07 -4.58 44.40
C ILE E 267 14.84 -5.75 45.00
N PRO E 268 16.07 -5.98 44.55
CA PRO E 268 16.83 -7.14 45.04
C PRO E 268 17.09 -7.05 46.53
N SER E 269 17.07 -8.21 47.18
CA SER E 269 17.45 -8.31 48.58
C SER E 269 18.92 -8.68 48.71
N CYS E 270 19.48 -8.41 49.89
CA CYS E 270 20.91 -8.62 50.09
C CYS E 270 21.27 -10.09 49.93
N GLN E 271 20.42 -10.98 50.47
CA GLN E 271 20.65 -12.40 50.29
C GLN E 271 20.48 -12.79 48.82
N ASP E 272 19.57 -12.12 48.11
CA ASP E 272 19.46 -12.35 46.67
C ASP E 272 20.69 -11.82 45.93
N TRP E 273 21.22 -10.67 46.37
CA TRP E 273 22.50 -10.19 45.85
C TRP E 273 23.60 -11.22 46.06
N LYS E 274 23.53 -11.97 47.16
CA LYS E 274 24.48 -13.06 47.35
C LYS E 274 24.22 -14.16 46.33
N ASP E 275 22.95 -14.50 46.09
CA ASP E 275 22.67 -15.62 45.17
C ASP E 275 23.17 -15.32 43.76
N ILE E 276 22.95 -14.10 43.27
CA ILE E 276 23.42 -13.78 41.92
C ILE E 276 24.95 -13.82 41.85
N SER E 277 25.62 -13.36 42.90
CA SER E 277 27.08 -13.40 42.95
C SER E 277 27.59 -14.84 43.02
N LEU F 6 31.50 -3.56 8.55
CA LEU F 6 32.79 -4.24 8.61
C LEU F 6 33.43 -4.03 9.98
N ASN F 7 32.82 -3.15 10.78
CA ASN F 7 33.29 -2.93 12.15
C ASN F 7 33.16 -4.21 12.96
N ASN F 8 32.07 -4.95 12.79
CA ASN F 8 31.91 -6.23 13.47
C ASN F 8 33.00 -7.20 13.07
N ILE F 9 33.36 -7.23 11.79
CA ILE F 9 34.47 -8.07 11.34
C ILE F 9 35.77 -7.64 11.99
N VAL F 10 35.98 -6.33 12.11
CA VAL F 10 37.17 -5.81 12.78
C VAL F 10 37.20 -6.25 14.23
N SER F 11 36.05 -6.20 14.92
CA SER F 11 36.00 -6.66 16.30
C SER F 11 36.32 -8.15 16.40
N SER F 12 35.80 -8.96 15.46
CA SER F 12 36.08 -10.38 15.47
C SER F 12 37.57 -10.64 15.30
N LEU F 13 38.23 -9.86 14.44
CA LEU F 13 39.67 -9.97 14.28
C LEU F 13 40.41 -9.60 15.57
N GLN F 14 39.94 -8.56 16.26
CA GLN F 14 40.60 -8.18 17.51
C GLN F 14 40.43 -9.27 18.56
N ARG F 15 39.33 -10.03 18.48
CA ARG F 15 39.09 -11.08 19.48
C ARG F 15 40.22 -12.10 19.51
N ASN F 16 41.00 -12.20 18.44
CA ASN F 16 42.19 -13.03 18.42
C ASN F 16 43.30 -12.32 19.18
N GLY F 17 43.94 -13.03 20.10
CA GLY F 17 44.96 -12.42 20.93
C GLY F 17 46.25 -12.12 20.20
N ILE F 18 46.47 -12.75 19.04
CA ILE F 18 47.71 -12.55 18.32
C ILE F 18 47.86 -11.10 17.87
N PHE F 19 46.79 -10.53 17.32
CA PHE F 19 46.88 -9.15 16.86
C PHE F 19 47.13 -8.18 17.99
N ILE F 20 46.41 -8.32 19.10
CA ILE F 20 46.58 -7.39 20.21
C ILE F 20 47.96 -7.53 20.84
N ASN F 21 48.43 -8.77 21.01
CA ASN F 21 49.78 -8.96 21.55
C ASN F 21 50.84 -8.38 20.62
N SER F 22 50.66 -8.55 19.31
CA SER F 22 51.60 -7.95 18.37
C SER F 22 51.57 -6.43 18.45
N LEU F 23 50.39 -5.85 18.61
CA LEU F 23 50.27 -4.40 18.72
C LEU F 23 50.95 -3.90 19.99
N ILE F 24 50.78 -4.62 21.10
CA ILE F 24 51.44 -4.24 22.34
C ILE F 24 52.96 -4.33 22.19
N ALA F 25 53.45 -5.40 21.55
CA ALA F 25 54.89 -5.53 21.37
C ALA F 25 55.44 -4.43 20.47
N ALA F 26 54.72 -4.08 19.41
CA ALA F 26 55.18 -3.01 18.52
C ALA F 26 55.22 -1.68 19.25
N LEU F 27 54.19 -1.40 20.06
CA LEU F 27 54.21 -0.15 20.84
C LEU F 27 55.37 -0.16 21.83
N THR F 28 55.64 -1.30 22.45
CA THR F 28 56.77 -1.37 23.38
C THR F 28 58.09 -1.10 22.66
N ILE F 29 58.25 -1.66 21.45
CA ILE F 29 59.49 -1.44 20.69
C ILE F 29 59.65 0.02 20.33
N GLY F 30 58.58 0.65 19.82
CA GLY F 30 58.68 2.05 19.46
C GLY F 30 58.93 2.95 20.66
N GLY F 31 58.23 2.70 21.76
CA GLY F 31 58.45 3.49 22.96
C GLY F 31 59.84 3.31 23.51
N GLN F 32 60.37 2.09 23.49
CA GLN F 32 61.73 1.87 23.94
C GLN F 32 62.72 2.60 23.06
N GLN F 33 62.52 2.57 21.74
CA GLN F 33 63.43 3.28 20.85
C GLN F 33 63.45 4.76 21.18
N LEU F 34 62.28 5.39 21.27
CA LEU F 34 62.26 6.82 21.56
C LEU F 34 62.85 7.11 22.93
N PHE F 35 62.48 6.34 23.95
CA PHE F 35 62.92 6.59 25.32
C PHE F 35 64.43 6.44 25.45
N SER F 36 64.99 5.36 24.92
CA SER F 36 66.43 5.14 25.03
C SER F 36 67.21 6.14 24.21
N SER F 37 66.79 6.39 22.96
CA SER F 37 67.52 7.33 22.14
C SER F 37 67.38 8.76 22.64
N SER F 38 66.39 9.03 23.50
CA SER F 38 66.23 10.39 24.01
C SER F 38 66.95 10.61 25.33
N THR F 39 66.66 9.81 26.35
CA THR F 39 67.06 10.16 27.71
C THR F 39 67.81 9.03 28.40
N PHE F 40 68.80 8.43 27.73
CA PHE F 40 69.61 7.45 28.45
C PHE F 40 70.73 8.13 29.24
N SER F 41 71.67 8.76 28.53
CA SER F 41 72.76 9.53 29.14
C SER F 41 73.46 8.73 30.26
N CYS F 42 74.15 7.67 29.84
CA CYS F 42 74.83 6.80 30.79
C CYS F 42 75.81 7.60 31.65
N PRO F 43 75.72 7.54 32.97
CA PRO F 43 76.60 8.32 33.82
C PRO F 43 77.99 7.72 33.91
N CYS F 44 78.92 8.54 34.37
CA CYS F 44 80.31 8.14 34.53
C CYS F 44 80.68 7.95 35.98
N GLN F 45 79.69 7.97 36.88
CA GLN F 45 79.97 7.96 38.31
C GLN F 45 80.62 6.65 38.72
N VAL F 46 81.72 6.74 39.46
CA VAL F 46 82.43 5.54 39.89
C VAL F 46 81.64 4.79 40.95
N GLY F 47 81.04 5.51 41.89
CA GLY F 47 80.36 4.89 43.02
C GLY F 47 79.16 4.04 42.63
N LYS F 48 78.14 4.68 42.05
CA LYS F 48 76.88 4.01 41.73
C LYS F 48 76.61 4.19 40.23
N ASN F 49 76.85 3.14 39.46
CA ASN F 49 76.56 3.13 38.04
C ASN F 49 75.79 1.87 37.68
N PHE F 50 75.96 0.83 38.49
CA PHE F 50 75.16 -0.39 38.31
C PHE F 50 73.69 -0.12 38.56
N TYR F 51 73.37 0.70 39.56
CA TYR F 51 71.98 1.01 39.85
C TYR F 51 71.31 1.71 38.69
N TYR F 52 72.04 2.58 37.99
CA TYR F 52 71.44 3.31 36.88
C TYR F 52 70.97 2.37 35.79
N GLY F 53 71.87 1.50 35.31
CA GLY F 53 71.50 0.57 34.26
C GLY F 53 70.48 -0.44 34.74
N SER F 54 70.63 -0.94 35.97
CA SER F 54 69.67 -1.90 36.49
C SER F 54 68.28 -1.31 36.57
N ALA F 55 68.17 -0.06 37.02
CA ALA F 55 66.87 0.60 37.06
C ALA F 55 66.31 0.78 35.66
N PHE F 56 67.10 1.35 34.76
CA PHE F 56 66.63 1.56 33.40
C PHE F 56 66.28 0.27 32.68
N LEU F 57 66.76 -0.87 33.17
CA LEU F 57 66.51 -2.16 32.53
C LEU F 57 65.37 -2.93 33.16
N VAL F 58 65.18 -2.85 34.48
CA VAL F 58 64.18 -3.66 35.17
C VAL F 58 62.94 -2.86 35.54
N ILE F 59 63.09 -1.58 35.93
CA ILE F 59 61.93 -0.83 36.41
C ILE F 59 60.86 -0.69 35.34
N PRO F 60 61.15 -0.29 34.10
CA PRO F 60 60.09 -0.27 33.10
C PRO F 60 59.44 -1.63 32.88
N ALA F 61 60.21 -2.71 32.92
CA ALA F 61 59.62 -4.03 32.76
C ALA F 61 58.68 -4.35 33.93
N LEU F 62 59.09 -4.02 35.15
CA LEU F 62 58.24 -4.26 36.31
C LEU F 62 56.96 -3.43 36.23
N ILE F 63 57.08 -2.17 35.81
CA ILE F 63 55.90 -1.31 35.68
C ILE F 63 54.96 -1.86 34.62
N LEU F 64 55.49 -2.29 33.48
CA LEU F 64 54.63 -2.82 32.43
C LEU F 64 53.96 -4.12 32.89
N LEU F 65 54.67 -4.96 33.62
CA LEU F 65 54.08 -6.18 34.16
C LEU F 65 52.92 -5.84 35.10
N VAL F 66 53.14 -4.91 36.02
CA VAL F 66 52.11 -4.54 36.97
C VAL F 66 50.92 -3.92 36.26
N ALA F 67 51.18 -3.09 35.24
CA ALA F 67 50.09 -2.48 34.48
C ALA F 67 49.29 -3.53 33.74
N GLY F 68 49.97 -4.51 33.12
CA GLY F 68 49.25 -5.55 32.42
C GLY F 68 48.38 -6.38 33.34
N PHE F 69 48.85 -6.66 34.55
CA PHE F 69 48.02 -7.40 35.49
C PHE F 69 46.88 -6.56 36.04
N ALA F 70 47.15 -5.31 36.44
CA ALA F 70 46.16 -4.52 37.15
C ALA F 70 45.08 -3.98 36.21
N LEU F 71 45.46 -3.56 35.00
CA LEU F 71 44.50 -2.94 34.09
C LEU F 71 43.40 -3.89 33.65
N ARG F 72 43.58 -5.19 33.85
CA ARG F 72 42.56 -6.17 33.51
C ARG F 72 41.58 -6.33 34.66
N SER F 73 40.30 -6.02 34.41
CA SER F 73 39.30 -6.10 35.47
C SER F 73 39.06 -7.55 35.91
N GLN F 74 39.29 -8.51 35.01
CA GLN F 74 39.18 -9.90 35.41
C GLN F 74 40.12 -10.24 36.55
N MET F 75 41.30 -9.61 36.57
CA MET F 75 42.23 -9.81 37.67
C MET F 75 41.65 -9.29 38.98
N TRP F 76 40.98 -8.14 38.95
CA TRP F 76 40.34 -7.65 40.17
C TRP F 76 39.24 -8.61 40.63
N THR F 77 38.48 -9.17 39.69
CA THR F 77 37.46 -10.14 40.06
C THR F 77 38.08 -11.38 40.69
N ILE F 78 39.18 -11.88 40.12
CA ILE F 78 39.85 -13.05 40.68
C ILE F 78 40.36 -12.77 42.08
N THR F 79 40.99 -11.60 42.26
CA THR F 79 41.51 -11.26 43.59
C THR F 79 40.38 -11.11 44.59
N GLY F 80 39.23 -10.55 44.16
CA GLY F 80 38.09 -10.48 45.05
C GLY F 80 37.55 -11.84 45.43
N GLU F 81 37.54 -12.78 44.48
CA GLU F 81 37.09 -14.13 44.80
C GLU F 81 38.05 -14.82 45.77
N TYR F 82 39.35 -14.72 45.52
CA TYR F 82 40.33 -15.42 46.36
C TYR F 82 40.41 -14.79 47.75
N CYS F 83 40.40 -13.47 47.83
CA CYS F 83 40.50 -12.78 49.12
C CYS F 83 39.30 -13.07 50.00
N PRO F 95 38.98 -27.30 45.04
CA PRO F 95 37.93 -27.79 44.15
C PRO F 95 37.94 -27.11 42.78
N LEU F 96 36.80 -27.14 42.08
CA LEU F 96 36.75 -26.62 40.72
C LEU F 96 36.88 -25.10 40.70
N GLU F 97 36.45 -24.41 41.75
CA GLU F 97 36.58 -22.96 41.79
C GLU F 97 38.05 -22.55 41.74
N CYS F 98 38.91 -23.25 42.46
CA CYS F 98 40.34 -22.93 42.43
C CYS F 98 40.90 -23.11 41.03
N LYS F 99 40.57 -24.22 40.36
CA LYS F 99 41.08 -24.45 39.01
C LYS F 99 40.56 -23.40 38.05
N LEU F 100 39.29 -23.01 38.19
CA LEU F 100 38.73 -21.99 37.31
C LEU F 100 39.41 -20.64 37.50
N ALA F 101 39.68 -20.28 38.76
CA ALA F 101 40.40 -19.04 39.04
C ALA F 101 41.81 -19.11 38.48
N CYS F 102 42.47 -20.26 38.59
CA CYS F 102 43.81 -20.41 38.03
C CYS F 102 43.79 -20.26 36.51
N LEU F 103 42.78 -20.84 35.86
CA LEU F 103 42.67 -20.69 34.40
C LEU F 103 42.47 -19.24 34.00
N ARG F 104 41.63 -18.51 34.74
CA ARG F 104 41.44 -17.09 34.43
C ARG F 104 42.72 -16.30 34.66
N PHE F 105 43.44 -16.63 35.73
CA PHE F 105 44.72 -15.98 35.99
C PHE F 105 45.70 -16.23 34.85
N PHE F 106 45.72 -17.45 34.33
CA PHE F 106 46.60 -17.76 33.20
C PHE F 106 46.21 -16.95 31.96
N SER F 107 44.90 -16.84 31.70
CA SER F 107 44.44 -16.06 30.56
C SER F 107 44.86 -14.60 30.68
N ILE F 108 44.86 -14.08 31.90
CA ILE F 108 45.36 -12.71 32.12
C ILE F 108 46.88 -12.68 31.94
N THR F 109 47.56 -13.71 32.43
CA THR F 109 49.02 -13.75 32.41
C THR F 109 49.56 -13.74 31.00
N GLY F 110 48.80 -14.23 30.04
CA GLY F 110 49.25 -14.13 28.65
C GLY F 110 49.64 -12.72 28.26
N ARG F 111 48.71 -11.77 28.38
CA ARG F 111 49.03 -10.38 28.08
C ARG F 111 49.99 -9.78 29.09
N ALA F 112 49.80 -10.12 30.38
CA ALA F 112 50.69 -9.55 31.39
C ALA F 112 52.14 -9.92 31.14
N VAL F 113 52.39 -11.02 30.43
CA VAL F 113 53.74 -11.45 30.14
C VAL F 113 54.23 -10.90 28.80
N ILE F 114 53.36 -10.84 27.79
CA ILE F 114 53.85 -10.29 26.51
C ILE F 114 54.17 -8.81 26.68
N ALA F 115 53.60 -8.13 27.67
CA ALA F 115 53.86 -6.69 27.79
C ALA F 115 55.32 -6.37 28.10
N PRO F 116 55.96 -6.93 29.14
CA PRO F 116 57.33 -6.52 29.45
C PRO F 116 58.41 -7.35 28.77
N LEU F 117 58.08 -8.56 28.31
CA LEU F 117 59.09 -9.39 27.65
C LEU F 117 59.65 -8.70 26.42
N THR F 118 58.80 -7.96 25.70
CA THR F 118 59.30 -7.18 24.57
C THR F 118 60.32 -6.15 25.00
N TRP F 119 60.05 -5.46 26.12
CA TRP F 119 60.99 -4.46 26.61
C TRP F 119 62.32 -5.11 26.97
N LEU F 120 62.28 -6.20 27.74
CA LEU F 120 63.53 -6.84 28.14
C LEU F 120 64.30 -7.35 26.92
N ALA F 121 63.60 -7.99 25.98
CA ALA F 121 64.28 -8.53 24.81
C ALA F 121 64.92 -7.42 24.00
N VAL F 122 64.19 -6.34 23.73
CA VAL F 122 64.75 -5.27 22.91
C VAL F 122 65.92 -4.61 23.61
N THR F 123 65.79 -4.34 24.91
CA THR F 123 66.87 -3.66 25.61
C THR F 123 68.12 -4.53 25.69
N LEU F 124 67.96 -5.83 25.94
CA LEU F 124 69.13 -6.70 25.99
C LEU F 124 69.77 -6.84 24.61
N LEU F 125 68.95 -6.98 23.56
CA LEU F 125 69.51 -7.14 22.22
C LEU F 125 70.26 -5.89 21.78
N THR F 126 69.71 -4.71 22.09
CA THR F 126 70.47 -3.49 21.82
C THR F 126 71.75 -3.45 22.64
N GLY F 127 71.69 -3.87 23.90
CA GLY F 127 72.87 -4.09 24.71
C GLY F 127 73.41 -2.86 25.41
N THR F 128 72.94 -1.67 25.06
CA THR F 128 73.49 -0.46 25.68
C THR F 128 73.14 -0.39 27.16
N TYR F 129 71.92 -0.78 27.53
CA TYR F 129 71.54 -0.78 28.94
C TYR F 129 72.41 -1.72 29.75
N TYR F 130 72.61 -2.93 29.25
CA TYR F 130 73.42 -3.90 29.98
C TYR F 130 74.86 -3.46 30.07
N GLU F 131 75.38 -2.82 29.01
CA GLU F 131 76.74 -2.30 29.05
C GLU F 131 76.88 -1.25 30.13
N CYS F 132 75.99 -0.24 30.13
CA CYS F 132 76.07 0.80 31.13
C CYS F 132 75.83 0.26 32.55
N ALA F 133 75.12 -0.86 32.66
CA ALA F 133 74.84 -1.42 33.98
C ALA F 133 76.05 -2.19 34.51
N ALA F 134 76.57 -3.13 33.73
CA ALA F 134 77.60 -4.04 34.20
C ALA F 134 78.98 -3.69 33.67
N SER F 135 79.23 -2.43 33.31
CA SER F 135 80.57 -2.04 32.91
C SER F 135 81.58 -2.22 34.05
N GLU F 136 81.23 -1.77 35.24
CA GLU F 136 82.21 -1.72 36.32
C GLU F 136 82.59 -3.11 36.84
N PHE F 137 81.84 -4.14 36.50
CA PHE F 137 82.13 -5.48 36.98
C PHE F 137 83.08 -6.24 36.07
N ALA F 138 83.71 -5.55 35.13
CA ALA F 138 84.66 -6.18 34.22
C ALA F 138 85.93 -6.60 34.95
N SER F 139 86.52 -7.69 34.48
CA SER F 139 87.77 -8.19 35.04
C SER F 139 88.97 -7.45 34.46
N VAL F 140 90.06 -7.42 35.23
CA VAL F 140 91.30 -6.76 34.82
C VAL F 140 92.49 -7.68 34.84
N ASP F 141 92.34 -8.94 35.28
CA ASP F 141 93.47 -9.85 35.33
C ASP F 141 94.01 -10.15 33.95
N HIS F 142 93.13 -10.30 32.97
CA HIS F 142 93.56 -10.63 31.61
C HIS F 142 94.42 -9.52 31.02
N TYR F 143 94.13 -8.27 31.36
CA TYR F 143 94.78 -7.14 30.73
C TYR F 143 95.93 -6.66 31.61
N PRO F 144 97.18 -6.77 31.16
CA PRO F 144 98.29 -6.28 31.99
C PRO F 144 98.31 -4.77 32.16
N MET F 145 97.59 -4.03 31.32
CA MET F 145 97.60 -2.58 31.41
C MET F 145 96.90 -2.06 32.67
N PHE F 146 96.10 -2.90 33.33
CA PHE F 146 95.31 -2.48 34.48
C PHE F 146 95.93 -2.94 35.80
N ASP F 147 97.25 -2.92 35.92
CA ASP F 147 97.90 -3.26 37.18
C ASP F 147 97.44 -2.34 38.30
N ASN F 148 97.83 -1.06 38.23
CA ASN F 148 97.32 0.01 39.09
C ASN F 148 97.37 -0.39 40.57
N VAL F 149 98.60 -0.49 41.07
CA VAL F 149 98.87 -0.87 42.46
C VAL F 149 98.06 -0.02 43.43
N SER F 150 97.61 1.16 42.99
CA SER F 150 96.74 1.98 43.81
C SER F 150 95.41 1.29 44.09
N ALA F 151 94.93 0.48 43.16
CA ALA F 151 93.74 -0.35 43.29
C ALA F 151 92.46 0.46 43.52
N SER F 152 92.51 1.77 43.34
CA SER F 152 91.33 2.63 43.40
C SER F 152 91.13 3.44 42.14
N LYS F 153 92.21 3.94 41.54
CA LYS F 153 92.09 4.63 40.26
C LYS F 153 91.62 3.67 39.18
N ARG F 154 92.04 2.41 39.24
CA ARG F 154 91.63 1.43 38.24
C ARG F 154 90.12 1.26 38.20
N GLU F 155 89.50 1.16 39.38
CA GLU F 155 88.04 1.04 39.41
C GLU F 155 87.38 2.27 38.79
N GLU F 156 87.91 3.46 39.07
CA GLU F 156 87.30 4.67 38.55
C GLU F 156 87.42 4.74 37.04
N ILE F 157 88.59 4.42 36.48
CA ILE F 157 88.72 4.48 35.03
C ILE F 157 87.87 3.39 34.39
N LEU F 158 87.78 2.22 35.04
CA LEU F 158 86.96 1.13 34.52
C LEU F 158 85.50 1.55 34.43
N ALA F 159 84.99 2.22 35.46
CA ALA F 159 83.63 2.73 35.41
C ALA F 159 83.48 3.98 34.56
N GLY F 160 84.60 4.62 34.20
CA GLY F 160 84.54 5.87 33.47
C GLY F 160 84.59 5.76 31.96
N PHE F 161 85.46 4.92 31.42
CA PHE F 161 85.63 4.96 29.96
C PHE F 161 84.39 4.54 29.16
N PRO F 162 83.50 3.67 29.66
CA PRO F 162 82.31 3.34 28.84
C PRO F 162 81.41 4.52 28.54
N CYS F 163 81.39 5.54 29.41
CA CYS F 163 80.33 6.54 29.33
C CYS F 163 80.60 7.60 28.27
N CYS F 164 81.59 8.47 28.52
CA CYS F 164 81.87 9.57 27.61
C CYS F 164 83.33 9.98 27.61
N ARG F 165 84.21 9.21 28.24
CA ARG F 165 85.57 9.69 28.48
C ARG F 165 86.31 9.93 27.17
N SER F 166 86.16 9.03 26.21
CA SER F 166 86.89 9.08 24.93
C SER F 166 88.36 9.15 25.29
N ALA F 167 89.06 10.25 25.02
CA ALA F 167 90.45 10.46 25.44
C ALA F 167 91.34 9.34 24.93
N PRO F 168 91.59 9.26 23.62
CA PRO F 168 92.42 8.17 23.09
C PRO F 168 93.84 8.24 23.62
N SER F 169 94.19 7.30 24.49
CA SER F 169 95.54 7.19 25.05
C SER F 169 96.03 5.76 24.89
N ASP F 170 95.66 5.13 23.77
CA ASP F 170 96.02 3.77 23.38
C ASP F 170 95.45 2.74 24.34
N VAL F 171 94.66 3.14 25.34
CA VAL F 171 93.90 2.17 26.13
C VAL F 171 92.58 1.82 25.46
N ILE F 172 92.20 2.53 24.40
CA ILE F 172 90.92 2.33 23.75
C ILE F 172 90.82 0.95 23.12
N LEU F 173 91.96 0.27 22.92
CA LEU F 173 91.91 -1.12 22.48
C LEU F 173 91.24 -1.99 23.54
N VAL F 174 91.65 -1.84 24.81
CA VAL F 174 91.04 -2.60 25.89
C VAL F 174 89.59 -2.18 26.07
N ARG F 175 89.30 -0.88 25.96
CA ARG F 175 87.93 -0.41 26.03
C ARG F 175 87.06 -1.08 24.97
N ASP F 176 87.55 -1.11 23.73
CA ASP F 176 86.76 -1.68 22.64
C ASP F 176 86.57 -3.17 22.83
N GLU F 177 87.62 -3.87 23.25
CA GLU F 177 87.52 -5.31 23.44
C GLU F 177 86.51 -5.65 24.54
N ILE F 178 86.59 -4.95 25.67
CA ILE F 178 85.68 -5.26 26.77
C ILE F 178 84.26 -4.82 26.43
N ALA F 179 84.10 -3.73 25.68
CA ALA F 179 82.77 -3.31 25.25
C ALA F 179 82.14 -4.35 24.35
N LEU F 180 82.92 -4.90 23.41
CA LEU F 180 82.41 -5.98 22.58
C LEU F 180 82.08 -7.22 23.40
N LEU F 181 82.90 -7.51 24.42
CA LEU F 181 82.59 -8.64 25.28
C LEU F 181 81.26 -8.46 25.99
N HIS F 182 81.02 -7.27 26.55
CA HIS F 182 79.77 -7.03 27.26
C HIS F 182 78.58 -6.97 26.32
N ARG F 183 78.77 -6.43 25.12
CA ARG F 183 77.68 -6.43 24.14
C ARG F 183 77.30 -7.85 23.73
N TYR F 184 78.30 -8.71 23.49
CA TYR F 184 78.02 -10.09 23.16
C TYR F 184 77.33 -10.80 24.29
N GLN F 185 77.79 -10.58 25.53
CA GLN F 185 77.15 -11.20 26.67
C GLN F 185 75.70 -10.73 26.81
N SER F 186 75.46 -9.44 26.56
CA SER F 186 74.11 -8.90 26.65
C SER F 186 73.19 -9.55 25.62
N GLN F 187 73.63 -9.62 24.37
CA GLN F 187 72.76 -10.19 23.34
C GLN F 187 72.54 -11.68 23.56
N MET F 188 73.58 -12.42 23.97
CA MET F 188 73.38 -13.82 24.28
C MET F 188 72.43 -14.00 25.46
N LEU F 189 72.53 -13.13 26.46
CA LEU F 189 71.60 -13.21 27.58
C LEU F 189 70.18 -12.93 27.13
N GLY F 190 70.01 -11.99 26.19
CA GLY F 190 68.70 -11.73 25.64
C GLY F 190 68.13 -12.94 24.91
N TRP F 191 68.96 -13.62 24.12
CA TRP F 191 68.50 -14.83 23.46
C TRP F 191 68.14 -15.92 24.46
N ILE F 192 68.94 -16.07 25.51
CA ILE F 192 68.62 -17.05 26.54
C ILE F 192 67.29 -16.70 27.19
N LEU F 193 67.07 -15.42 27.46
CA LEU F 193 65.84 -14.99 28.10
C LEU F 193 64.62 -15.26 27.22
N ILE F 194 64.72 -14.94 25.93
CA ILE F 194 63.56 -15.13 25.06
C ILE F 194 63.29 -16.61 24.84
N THR F 195 64.35 -17.42 24.73
CA THR F 195 64.16 -18.87 24.61
C THR F 195 63.48 -19.44 25.86
N LEU F 196 63.95 -19.02 27.05
CA LEU F 196 63.31 -19.49 28.28
C LEU F 196 61.88 -19.02 28.36
N ALA F 197 61.59 -17.78 27.94
CA ALA F 197 60.22 -17.30 27.97
C ALA F 197 59.32 -18.12 27.06
N THR F 198 59.79 -18.42 25.85
CA THR F 198 58.98 -19.23 24.93
C THR F 198 58.76 -20.64 25.48
N ILE F 199 59.82 -21.26 26.03
CA ILE F 199 59.67 -22.60 26.58
C ILE F 199 58.69 -22.58 27.75
N ALA F 200 58.81 -21.58 28.63
CA ALA F 200 57.90 -21.48 29.76
C ALA F 200 56.47 -21.25 29.30
N ALA F 201 56.26 -20.42 28.28
CA ALA F 201 54.91 -20.19 27.78
C ALA F 201 54.30 -21.47 27.22
N LEU F 202 55.08 -22.22 26.42
CA LEU F 202 54.55 -23.46 25.86
C LEU F 202 54.25 -24.47 26.95
N VAL F 203 55.16 -24.62 27.91
CA VAL F 203 54.94 -25.58 28.99
C VAL F 203 53.74 -25.16 29.84
N SER F 204 53.58 -23.87 30.09
CA SER F 204 52.45 -23.39 30.88
C SER F 204 51.14 -23.63 30.16
N CYS F 205 51.11 -23.43 28.84
CA CYS F 205 49.88 -23.73 28.09
C CYS F 205 49.57 -25.21 28.13
N CYS F 206 50.60 -26.06 27.99
CA CYS F 206 50.37 -27.50 28.06
C CYS F 206 49.88 -27.92 29.44
N VAL F 207 50.44 -27.33 30.49
CA VAL F 207 50.01 -27.64 31.84
C VAL F 207 48.58 -27.16 32.08
N ALA F 208 48.23 -26.00 31.51
CA ALA F 208 46.86 -25.52 31.63
C ALA F 208 45.88 -26.47 30.94
N LYS F 209 46.24 -26.96 29.77
CA LYS F 209 45.36 -27.91 29.08
C LYS F 209 45.26 -29.23 29.84
N CYS F 210 46.38 -29.71 30.39
CA CYS F 210 46.35 -30.97 31.13
C CYS F 210 45.55 -30.85 32.43
N CYS F 211 45.74 -29.76 33.16
CA CYS F 211 45.14 -29.58 34.48
C CYS F 211 43.70 -29.06 34.42
N SER F 212 43.24 -28.63 33.26
CA SER F 212 41.89 -28.10 33.15
C SER F 212 40.88 -29.23 33.29
N PRO F 213 39.96 -29.16 34.26
CA PRO F 213 38.94 -30.23 34.36
C PRO F 213 37.90 -30.15 33.26
N LEU F 214 37.61 -28.96 32.75
CA LEU F 214 36.64 -28.82 31.68
C LEU F 214 37.18 -29.43 30.39
N THR F 215 36.26 -29.97 29.59
CA THR F 215 36.62 -30.42 28.26
C THR F 215 36.87 -29.21 27.36
N SER F 216 37.39 -29.47 26.16
CA SER F 216 37.67 -28.39 25.23
C SER F 216 36.41 -27.62 24.89
N LEU F 217 35.35 -28.33 24.52
CA LEU F 217 34.09 -27.67 24.23
C LEU F 217 33.50 -27.03 25.49
N GLN F 218 33.62 -27.73 26.62
CA GLN F 218 33.14 -27.15 27.87
C GLN F 218 33.94 -25.92 28.26
N HIS F 219 35.25 -25.94 27.99
CA HIS F 219 36.07 -24.76 28.26
C HIS F 219 35.65 -23.58 27.41
N CYS F 220 35.37 -23.82 26.12
CA CYS F 220 34.88 -22.75 25.26
C CYS F 220 33.56 -22.21 25.77
N TYR F 221 32.65 -23.10 26.16
CA TYR F 221 31.36 -22.66 26.70
C TYR F 221 31.56 -21.82 27.94
N TRP F 222 32.44 -22.24 28.84
CA TRP F 222 32.65 -21.51 30.09
C TRP F 222 33.24 -20.13 29.85
N THR F 223 34.21 -20.02 28.94
CA THR F 223 34.79 -18.73 28.62
C THR F 223 33.74 -17.77 28.07
N SER F 224 32.94 -18.26 27.12
CA SER F 224 31.90 -17.40 26.56
C SER F 224 30.85 -17.07 27.60
N HIS F 225 30.56 -18.01 28.50
CA HIS F 225 29.62 -17.75 29.59
C HIS F 225 30.10 -16.60 30.46
N LEU F 226 31.39 -16.59 30.80
CA LEU F 226 31.93 -15.54 31.65
C LEU F 226 31.81 -14.18 30.98
N GLN F 227 32.28 -14.10 29.73
CA GLN F 227 32.23 -12.83 29.02
C GLN F 227 30.79 -12.32 28.91
N ASN F 228 29.88 -13.20 28.52
CA ASN F 228 28.50 -12.78 28.26
C ASN F 228 27.79 -12.40 29.55
N GLU F 229 28.03 -13.14 30.63
CA GLU F 229 27.37 -12.79 31.89
C GLU F 229 27.81 -11.42 32.37
N ARG F 230 29.11 -11.12 32.26
CA ARG F 230 29.55 -9.81 32.73
C ARG F 230 28.95 -8.70 31.88
N GLU F 231 28.97 -8.87 30.55
CA GLU F 231 28.45 -7.81 29.68
C GLU F 231 26.96 -7.61 29.90
N LEU F 232 26.21 -8.72 30.00
CA LEU F 232 24.76 -8.62 30.18
C LEU F 232 24.41 -7.92 31.48
N PHE F 233 25.09 -8.28 32.57
CA PHE F 233 24.75 -7.62 33.83
C PHE F 233 25.09 -6.14 33.77
N GLU F 234 26.21 -5.78 33.15
CA GLU F 234 26.52 -4.35 33.04
C GLU F 234 25.40 -3.61 32.31
N GLN F 235 24.98 -4.13 31.16
CA GLN F 235 23.97 -3.44 30.38
C GLN F 235 22.65 -3.33 31.14
N ALA F 236 22.18 -4.42 31.71
CA ALA F 236 20.88 -4.39 32.35
C ALA F 236 20.91 -3.66 33.69
N ALA F 237 22.06 -3.61 34.35
CA ALA F 237 22.17 -2.74 35.52
C ALA F 237 21.99 -1.29 35.11
N GLU F 238 22.61 -0.89 34.00
CA GLU F 238 22.38 0.45 33.46
C GLU F 238 20.90 0.67 33.19
N GLN F 239 20.25 -0.29 32.52
CA GLN F 239 18.85 -0.09 32.13
C GLN F 239 17.91 -0.09 33.33
N HIS F 240 18.16 -0.97 34.31
CA HIS F 240 17.36 -0.97 35.53
C HIS F 240 17.46 0.34 36.28
N SER F 241 18.68 0.88 36.44
CA SER F 241 18.79 2.15 37.13
C SER F 241 18.15 3.26 36.33
N ARG F 242 18.26 3.20 35.00
CA ARG F 242 17.59 4.21 34.18
C ARG F 242 16.08 4.18 34.41
N LEU F 243 15.49 2.98 34.43
CA LEU F 243 14.05 2.88 34.66
C LEU F 243 13.66 3.35 36.06
N LEU F 244 14.43 2.98 37.07
CA LEU F 244 14.10 3.39 38.44
C LEU F 244 14.17 4.90 38.59
N MET F 245 15.24 5.51 38.09
CA MET F 245 15.35 6.96 38.16
C MET F 245 14.28 7.63 37.32
N MET F 246 13.93 7.04 36.18
CA MET F 246 12.91 7.63 35.32
C MET F 246 11.56 7.64 36.02
N HIS F 247 11.23 6.56 36.72
CA HIS F 247 10.01 6.56 37.53
C HIS F 247 10.09 7.61 38.65
N ARG F 248 11.26 7.72 39.28
CA ARG F 248 11.41 8.72 40.35
C ARG F 248 11.16 10.12 39.84
N ILE F 249 11.72 10.45 38.68
CA ILE F 249 11.58 11.81 38.17
C ILE F 249 10.21 12.00 37.53
N LYS F 250 9.57 10.90 37.10
CA LYS F 250 8.16 10.99 36.74
C LYS F 250 7.33 11.42 37.94
N LYS F 251 7.63 10.87 39.11
CA LYS F 251 7.00 11.36 40.33
C LYS F 251 7.36 12.82 40.57
N LEU F 252 8.62 13.19 40.33
CA LEU F 252 9.09 14.53 40.65
C LEU F 252 8.42 15.60 39.78
N PHE F 253 8.43 15.42 38.46
CA PHE F 253 7.98 16.43 37.51
C PHE F 253 6.63 16.11 36.88
N GLY F 254 5.99 15.02 37.28
CA GLY F 254 4.68 14.71 36.73
C GLY F 254 4.67 14.13 35.34
N PHE F 255 5.83 13.79 34.78
CA PHE F 255 5.89 13.20 33.45
C PHE F 255 7.16 12.37 33.31
N ILE F 256 7.11 11.42 32.38
CA ILE F 256 8.29 10.64 32.04
C ILE F 256 9.13 11.43 31.03
N PRO F 257 10.44 11.51 31.22
CA PRO F 257 11.28 12.28 30.28
C PRO F 257 11.27 11.68 28.88
N GLY F 258 11.44 12.57 27.89
CA GLY F 258 11.52 12.15 26.51
C GLY F 258 10.22 11.74 25.87
N SER F 259 9.08 12.14 26.44
CA SER F 259 7.77 11.78 25.90
C SER F 259 6.85 12.99 25.93
N GLU F 260 5.73 12.87 25.22
CA GLU F 260 4.79 13.98 25.03
C GLU F 260 4.09 14.29 26.35
N ASP F 261 4.43 15.44 26.95
CA ASP F 261 3.93 15.78 28.28
C ASP F 261 3.10 17.05 28.30
N VAL F 262 2.62 17.53 27.15
CA VAL F 262 1.79 18.73 27.14
C VAL F 262 0.48 18.55 27.88
N LYS F 263 0.15 17.30 28.25
CA LYS F 263 -1.08 17.06 29.00
C LYS F 263 -1.00 17.68 30.39
N HIS F 264 0.09 17.41 31.11
CA HIS F 264 0.20 17.89 32.48
C HIS F 264 1.66 18.17 32.80
N ILE F 265 1.87 19.13 33.71
CA ILE F 265 3.18 19.46 34.24
C ILE F 265 3.05 19.64 35.75
N ARG F 266 4.19 19.56 36.43
CA ARG F 266 4.23 19.64 37.89
C ARG F 266 5.03 20.87 38.31
N ILE F 267 4.75 21.33 39.53
CA ILE F 267 5.50 22.40 40.16
C ILE F 267 6.12 21.84 41.44
N PRO F 268 7.40 21.49 41.42
CA PRO F 268 8.02 20.88 42.60
C PRO F 268 8.00 21.83 43.79
N SER F 269 7.82 21.25 44.98
CA SER F 269 7.92 21.98 46.23
C SER F 269 9.33 21.87 46.80
N CYS F 270 9.67 22.81 47.68
CA CYS F 270 11.02 22.86 48.22
C CYS F 270 11.35 21.59 48.99
N GLN F 271 10.40 21.11 49.77
CA GLN F 271 10.60 19.85 50.48
C GLN F 271 10.70 18.70 49.49
N ASP F 272 9.97 18.77 48.38
CA ASP F 272 10.11 17.74 47.36
C ASP F 272 11.48 17.87 46.67
N TRP F 273 11.96 19.10 46.45
CA TRP F 273 13.32 19.29 45.98
C TRP F 273 14.33 18.66 46.93
N LYS F 274 14.03 18.67 48.23
CA LYS F 274 14.89 17.95 49.17
C LYS F 274 14.79 16.45 48.94
N ASP F 275 13.58 15.93 48.72
CA ASP F 275 13.44 14.47 48.57
C ASP F 275 14.20 13.96 47.36
N ILE F 276 14.13 14.67 46.24
CA ILE F 276 14.85 14.20 45.04
C ILE F 276 16.36 14.25 45.28
N SER F 277 16.83 15.27 45.98
CA SER F 277 18.25 15.39 46.30
C SER F 277 18.69 14.28 47.25
N LEU G 6 29.11 3.88 14.63
CA LEU G 6 30.35 3.48 15.27
C LEU G 6 30.73 4.49 16.35
N ASN G 7 30.00 5.61 16.37
CA ASN G 7 30.22 6.63 17.40
C ASN G 7 29.92 6.05 18.77
N ASN G 8 28.86 5.25 18.89
CA ASN G 8 28.55 4.60 20.15
C ASN G 8 29.69 3.68 20.59
N ILE G 9 30.27 2.94 19.64
CA ILE G 9 31.42 2.09 19.95
C ILE G 9 32.59 2.94 20.43
N VAL G 10 32.80 4.09 19.78
CA VAL G 10 33.87 5.00 20.21
C VAL G 10 33.62 5.48 21.63
N SER G 11 32.37 5.82 21.96
CA SER G 11 32.06 6.24 23.32
C SER G 11 32.32 5.12 24.31
N SER G 12 31.95 3.89 23.96
CA SER G 12 32.20 2.75 24.85
C SER G 12 33.70 2.58 25.10
N LEU G 13 34.52 2.78 24.06
CA LEU G 13 35.96 2.72 24.24
C LEU G 13 36.46 3.83 25.17
N GLN G 14 35.90 5.03 25.03
CA GLN G 14 36.31 6.13 25.90
C GLN G 14 35.94 5.83 27.34
N ARG G 15 34.86 5.07 27.56
CA ARG G 15 34.42 4.78 28.91
C ARG G 15 35.50 4.07 29.73
N ASN G 16 36.47 3.44 29.06
CA ASN G 16 37.62 2.86 29.71
C ASN G 16 38.58 3.98 30.08
N GLY G 17 39.03 3.99 31.34
CA GLY G 17 39.89 5.05 31.80
C GLY G 17 41.30 4.99 31.25
N ILE G 18 41.72 3.84 30.73
CA ILE G 18 43.08 3.68 30.24
C ILE G 18 43.33 4.60 29.06
N PHE G 19 42.40 4.67 28.11
CA PHE G 19 42.60 5.51 26.95
C PHE G 19 42.66 6.99 27.33
N ILE G 20 41.75 7.45 28.18
CA ILE G 20 41.73 8.86 28.55
C ILE G 20 42.97 9.22 29.35
N ASN G 21 43.38 8.37 30.28
CA ASN G 21 44.60 8.65 31.05
C ASN G 21 45.82 8.67 30.14
N SER G 22 45.89 7.76 29.16
CA SER G 22 46.99 7.78 28.21
C SER G 22 46.98 9.06 27.39
N LEU G 23 45.80 9.51 26.99
CA LEU G 23 45.69 10.74 26.20
C LEU G 23 46.14 11.94 27.02
N ILE G 24 45.76 11.99 28.30
CA ILE G 24 46.19 13.07 29.18
C ILE G 24 47.71 13.05 29.35
N ALA G 25 48.28 11.86 29.55
CA ALA G 25 49.74 11.77 29.70
C ALA G 25 50.47 12.19 28.44
N ALA G 26 49.96 11.80 27.27
CA ALA G 26 50.59 12.20 26.02
C ALA G 26 50.52 13.71 25.83
N LEU G 27 49.37 14.31 26.13
CA LEU G 27 49.28 15.76 26.04
C LEU G 27 50.23 16.44 27.00
N THR G 28 50.36 15.90 28.22
CA THR G 28 51.31 16.49 29.17
C THR G 28 52.74 16.39 28.64
N ILE G 29 53.11 15.26 28.05
CA ILE G 29 54.46 15.10 27.52
C ILE G 29 54.72 16.10 26.40
N GLY G 30 53.77 16.21 25.45
CA GLY G 30 53.97 17.16 24.36
C GLY G 30 54.03 18.60 24.83
N GLY G 31 53.12 18.97 25.74
CA GLY G 31 53.13 20.32 26.27
C GLY G 31 54.41 20.63 27.02
N GLN G 32 54.90 19.66 27.81
CA GLN G 32 56.15 19.87 28.52
C GLN G 32 57.31 20.04 27.54
N GLN G 33 57.34 19.23 26.49
CA GLN G 33 58.40 19.37 25.50
C GLN G 33 58.40 20.77 24.92
N LEU G 34 57.25 21.23 24.42
CA LEU G 34 57.21 22.56 23.81
C LEU G 34 57.55 23.64 24.84
N PHE G 35 56.98 23.56 26.04
CA PHE G 35 57.17 24.60 27.04
C PHE G 35 58.63 24.69 27.48
N SER G 36 59.25 23.55 27.77
CA SER G 36 60.63 23.57 28.22
C SER G 36 61.58 23.97 27.11
N SER G 37 61.39 23.42 25.91
CA SER G 37 62.29 23.78 24.81
C SER G 37 62.08 25.21 24.35
N SER G 38 60.97 25.84 24.73
CA SER G 38 60.75 27.21 24.30
C SER G 38 61.23 28.22 25.35
N THR G 39 60.73 28.14 26.58
CA THR G 39 60.88 29.24 27.52
C THR G 39 61.48 28.79 28.84
N PHE G 40 62.56 28.01 28.83
CA PHE G 40 63.20 27.70 30.11
C PHE G 40 64.17 28.81 30.51
N SER G 41 65.24 28.99 29.73
CA SER G 41 66.22 30.06 29.95
C SER G 41 66.69 30.13 31.40
N CYS G 42 67.41 29.10 31.80
CA CYS G 42 67.90 29.00 33.17
C CYS G 42 68.72 30.23 33.54
N PRO G 43 68.38 30.93 34.63
CA PRO G 43 69.12 32.14 34.99
C PRO G 43 70.46 31.82 35.62
N CYS G 44 71.30 32.84 35.65
CA CYS G 44 72.62 32.73 36.24
C CYS G 44 72.72 33.46 37.56
N GLN G 45 71.59 33.90 38.11
CA GLN G 45 71.60 34.74 39.29
C GLN G 45 72.14 33.97 40.49
N VAL G 46 73.08 34.57 41.20
CA VAL G 46 73.69 33.91 42.36
C VAL G 46 72.69 33.85 43.52
N GLY G 47 71.95 34.93 43.75
CA GLY G 47 71.06 35.01 44.89
C GLY G 47 69.94 33.99 44.90
N LYS G 48 69.06 34.08 43.90
CA LYS G 48 67.86 33.24 43.82
C LYS G 48 67.87 32.50 42.49
N ASN G 49 68.23 31.22 42.54
CA ASN G 49 68.21 30.37 41.36
C ASN G 49 67.48 29.08 41.68
N PHE G 50 67.47 28.70 42.97
CA PHE G 50 66.69 27.55 43.40
C PHE G 50 65.20 27.78 43.22
N TYR G 51 64.73 29.00 43.49
CA TYR G 51 63.32 29.30 43.31
C TYR G 51 62.88 29.13 41.87
N TYR G 52 63.75 29.49 40.92
CA TYR G 52 63.38 29.39 39.52
C TYR G 52 63.10 27.95 39.12
N GLY G 53 64.05 27.05 39.40
CA GLY G 53 63.85 25.66 39.06
C GLY G 53 62.74 25.03 39.86
N SER G 54 62.65 25.35 41.14
CA SER G 54 61.60 24.78 41.97
C SER G 54 60.21 25.18 41.46
N ALA G 55 60.06 26.45 41.08
CA ALA G 55 58.79 26.88 40.52
C ALA G 55 58.50 26.18 39.20
N PHE G 56 59.46 26.18 38.28
CA PHE G 56 59.24 25.53 36.99
C PHE G 56 59.00 24.03 37.13
N LEU G 57 59.36 23.43 38.27
CA LEU G 57 59.20 22.00 38.47
C LEU G 57 57.94 21.63 39.24
N VAL G 58 57.52 22.45 40.20
CA VAL G 58 56.40 22.10 41.06
C VAL G 58 55.14 22.86 40.70
N ILE G 59 55.23 24.13 40.29
CA ILE G 59 54.02 24.91 40.05
C ILE G 59 53.16 24.32 38.94
N PRO G 60 53.69 23.95 37.77
CA PRO G 60 52.82 23.29 36.78
C PRO G 60 52.19 22.01 37.30
N ALA G 61 52.92 21.22 38.09
CA ALA G 61 52.34 20.00 38.65
C ALA G 61 51.21 20.34 39.60
N LEU G 62 51.39 21.35 40.45
CA LEU G 62 50.34 21.74 41.37
C LEU G 62 49.12 22.26 40.62
N ILE G 63 49.33 23.05 39.57
CA ILE G 63 48.21 23.56 38.78
C ILE G 63 47.47 22.43 38.10
N LEU G 64 48.20 21.46 37.53
CA LEU G 64 47.52 20.35 36.88
C LEU G 64 46.76 19.51 37.89
N LEU G 65 47.31 19.30 39.08
CA LEU G 65 46.58 18.57 40.13
C LEU G 65 45.29 19.29 40.50
N VAL G 66 45.37 20.61 40.72
CA VAL G 66 44.19 21.36 41.09
C VAL G 66 43.16 21.35 39.97
N ALA G 67 43.62 21.45 38.71
CA ALA G 67 42.70 21.41 37.58
C ALA G 67 42.02 20.05 37.48
N GLY G 68 42.78 18.97 37.66
CA GLY G 68 42.18 17.64 37.60
C GLY G 68 41.13 17.43 38.68
N PHE G 69 41.37 17.96 39.88
CA PHE G 69 40.38 17.81 40.93
C PHE G 69 39.16 18.72 40.70
N ALA G 70 39.40 19.98 40.32
CA ALA G 70 38.30 20.95 40.27
C ALA G 70 37.42 20.75 39.04
N LEU G 71 38.02 20.42 37.89
CA LEU G 71 37.26 20.32 36.65
C LEU G 71 36.24 19.19 36.68
N ARG G 72 36.35 18.27 37.62
CA ARG G 72 35.39 17.18 37.76
C ARG G 72 34.22 17.64 38.62
N SER G 73 33.01 17.63 38.04
CA SER G 73 31.83 18.08 38.76
C SER G 73 31.48 17.15 39.91
N GLN G 74 31.85 15.87 39.80
CA GLN G 74 31.63 14.95 40.91
C GLN G 74 32.36 15.43 42.17
N MET G 75 33.52 16.06 42.00
CA MET G 75 34.23 16.61 43.15
C MET G 75 33.43 17.74 43.79
N TRP G 76 32.80 18.59 43.00
CA TRP G 76 31.97 19.64 43.58
C TRP G 76 30.79 19.04 44.33
N THR G 77 30.20 17.96 43.78
CA THR G 77 29.10 17.30 44.47
C THR G 77 29.56 16.70 45.80
N ILE G 78 30.75 16.08 45.82
CA ILE G 78 31.27 15.51 47.06
C ILE G 78 31.52 16.60 48.08
N THR G 79 32.14 17.70 47.65
CA THR G 79 32.41 18.79 48.58
C THR G 79 31.12 19.39 49.12
N GLY G 80 30.09 19.49 48.27
CA GLY G 80 28.81 19.97 48.74
C GLY G 80 28.18 19.04 49.76
N GLU G 81 28.32 17.73 49.55
CA GLU G 81 27.79 16.77 50.53
C GLU G 81 28.54 16.87 51.85
N TYR G 82 29.87 16.92 51.80
CA TYR G 82 30.65 16.93 53.03
C TYR G 82 30.50 18.24 53.79
N CYS G 83 30.50 19.36 53.07
CA CYS G 83 30.38 20.67 53.70
C CYS G 83 29.03 20.84 54.40
N PRO G 95 29.32 6.41 58.72
CA PRO G 95 28.43 5.39 58.13
C PRO G 95 28.71 5.16 56.65
N LEU G 96 27.72 4.62 55.93
CA LEU G 96 27.92 4.27 54.53
C LEU G 96 28.08 5.48 53.64
N GLU G 97 27.49 6.62 54.02
CA GLU G 97 27.64 7.83 53.22
C GLU G 97 29.10 8.27 53.16
N CYS G 98 29.81 8.19 54.30
CA CYS G 98 31.22 8.55 54.31
C CYS G 98 32.03 7.65 53.39
N LYS G 99 31.79 6.33 53.45
CA LYS G 99 32.54 5.42 52.60
C LYS G 99 32.23 5.66 51.13
N LEU G 100 30.96 5.95 50.81
CA LEU G 100 30.58 6.21 49.43
C LEU G 100 31.25 7.48 48.91
N ALA G 101 31.28 8.53 49.74
CA ALA G 101 31.98 9.74 49.35
C ALA G 101 33.47 9.50 49.16
N CYS G 102 34.07 8.68 50.03
CA CYS G 102 35.49 8.36 49.88
C CYS G 102 35.75 7.60 48.59
N LEU G 103 34.86 6.67 48.24
CA LEU G 103 35.01 5.94 46.99
C LEU G 103 34.92 6.86 45.79
N ARG G 104 33.97 7.81 45.81
CA ARG G 104 33.88 8.75 44.70
C ARG G 104 35.12 9.66 44.63
N PHE G 105 35.62 10.06 45.79
CA PHE G 105 36.84 10.86 45.82
C PHE G 105 38.01 10.08 45.22
N PHE G 106 38.10 8.79 45.52
CA PHE G 106 39.16 7.97 44.94
C PHE G 106 39.02 7.86 43.42
N SER G 107 37.79 7.69 42.93
CA SER G 107 37.56 7.62 41.50
C SER G 107 37.98 8.91 40.81
N ILE G 108 37.77 10.05 41.48
CA ILE G 108 38.25 11.31 40.94
C ILE G 108 39.78 11.38 41.01
N THR G 109 40.34 10.90 42.12
CA THR G 109 41.78 10.99 42.36
C THR G 109 42.57 10.22 41.31
N GLY G 110 41.98 9.19 40.71
CA GLY G 110 42.67 8.51 39.63
C GLY G 110 43.16 9.47 38.55
N ARG G 111 42.24 10.22 37.95
CA ARG G 111 42.64 11.20 36.94
C ARG G 111 43.42 12.36 37.55
N ALA G 112 42.99 12.82 38.74
CA ALA G 112 43.69 13.94 39.36
C ALA G 112 45.16 13.62 39.62
N VAL G 113 45.50 12.34 39.73
CA VAL G 113 46.88 11.93 39.96
C VAL G 113 47.61 11.66 38.65
N ILE G 114 46.95 11.05 37.67
CA ILE G 114 47.67 10.80 36.42
C ILE G 114 47.99 12.12 35.73
N ALA G 115 47.26 13.20 36.03
CA ALA G 115 47.53 14.45 35.33
C ALA G 115 48.91 15.03 35.62
N PRO G 116 49.34 15.23 36.88
CA PRO G 116 50.65 15.86 37.11
C PRO G 116 51.81 14.89 37.23
N LEU G 117 51.54 13.62 37.50
CA LEU G 117 52.63 12.66 37.63
C LEU G 117 53.42 12.55 36.34
N THR G 118 52.74 12.66 35.20
CA THR G 118 53.45 12.68 33.92
C THR G 118 54.39 13.86 33.83
N TRP G 119 53.94 15.03 34.27
CA TRP G 119 54.80 16.21 34.23
C TRP G 119 56.03 16.02 35.11
N LEU G 120 55.82 15.57 36.35
CA LEU G 120 56.96 15.39 37.24
C LEU G 120 57.93 14.34 36.70
N ALA G 121 57.40 13.22 36.21
CA ALA G 121 58.28 12.17 35.70
C ALA G 121 59.08 12.65 34.51
N VAL G 122 58.43 13.31 33.55
CA VAL G 122 59.15 13.75 32.35
C VAL G 122 60.18 14.80 32.72
N THR G 123 59.83 15.76 33.56
CA THR G 123 60.78 16.81 33.91
C THR G 123 61.97 16.26 34.67
N LEU G 124 61.74 15.35 35.61
CA LEU G 124 62.87 14.77 36.34
C LEU G 124 63.74 13.91 35.43
N LEU G 125 63.13 13.12 34.55
CA LEU G 125 63.92 12.27 33.66
C LEU G 125 64.76 13.09 32.70
N THR G 126 64.20 14.18 32.18
CA THR G 126 65.00 15.09 31.37
C THR G 126 66.12 15.69 32.19
N GLY G 127 65.82 16.07 33.43
CA GLY G 127 66.83 16.47 34.39
C GLY G 127 67.25 17.93 34.33
N THR G 128 66.89 18.65 33.27
CA THR G 128 67.35 20.03 33.14
C THR G 128 66.73 20.92 34.22
N TYR G 129 65.46 20.71 34.56
CA TYR G 129 64.82 21.49 35.60
C TYR G 129 65.52 21.27 36.94
N TYR G 130 65.77 20.01 37.29
CA TYR G 130 66.42 19.71 38.56
C TYR G 130 67.84 20.27 38.60
N GLU G 131 68.54 20.21 37.47
CA GLU G 131 69.89 20.77 37.42
C GLU G 131 69.84 22.27 37.69
N CYS G 132 69.00 23.00 36.96
CA CYS G 132 68.91 24.44 37.15
C CYS G 132 68.42 24.79 38.55
N ALA G 133 67.67 23.89 39.18
CA ALA G 133 67.15 24.17 40.52
C ALA G 133 68.22 23.97 41.58
N ALA G 134 68.85 22.80 41.60
CA ALA G 134 69.76 22.42 42.68
C ALA G 134 71.22 22.52 42.27
N SER G 135 71.55 23.36 41.28
CA SER G 135 72.96 23.56 40.95
C SER G 135 73.73 24.17 42.11
N GLU G 136 73.19 25.19 42.76
CA GLU G 136 73.96 25.94 43.74
C GLU G 136 74.22 25.15 45.02
N PHE G 137 73.51 24.05 45.24
CA PHE G 137 73.68 23.27 46.45
C PHE G 137 74.75 22.20 46.32
N ALA G 138 75.58 22.29 45.27
CA ALA G 138 76.65 21.33 45.07
C ALA G 138 77.75 21.51 46.10
N SER G 139 78.40 20.41 46.45
CA SER G 139 79.52 20.45 47.39
C SER G 139 80.81 20.83 46.68
N VAL G 140 81.75 21.38 47.45
CA VAL G 140 83.05 21.79 46.94
C VAL G 140 84.21 21.17 47.70
N ASP G 141 83.94 20.39 48.75
CA ASP G 141 85.02 19.77 49.52
C ASP G 141 85.80 18.78 48.67
N HIS G 142 85.11 18.01 47.83
CA HIS G 142 85.78 17.00 47.02
C HIS G 142 86.76 17.64 46.05
N TYR G 143 86.42 18.82 45.53
CA TYR G 143 87.21 19.42 44.47
C TYR G 143 88.19 20.42 45.07
N PRO G 144 89.50 20.19 44.98
CA PRO G 144 90.46 21.17 45.53
C PRO G 144 90.46 22.49 44.79
N MET G 145 89.93 22.55 43.57
CA MET G 145 89.96 23.78 42.79
C MET G 145 89.06 24.85 43.38
N PHE G 146 88.14 24.49 44.27
CA PHE G 146 87.16 25.42 44.82
C PHE G 146 87.51 25.87 46.24
N ASP G 147 88.79 26.08 46.53
CA ASP G 147 89.19 26.58 47.84
C ASP G 147 88.55 27.94 48.10
N ASN G 148 88.98 28.96 47.36
CA ASN G 148 88.35 30.29 47.35
C ASN G 148 88.12 30.83 48.75
N VAL G 149 89.23 31.14 49.42
CA VAL G 149 89.24 31.66 50.78
C VAL G 149 88.29 32.84 50.93
N SER G 150 87.96 33.50 49.82
CA SER G 150 86.96 34.57 49.85
C SER G 150 85.59 34.05 50.27
N ALA G 151 85.26 32.81 49.92
CA ALA G 151 84.04 32.12 50.32
C ALA G 151 82.77 32.78 49.82
N SER G 152 82.89 33.75 48.93
CA SER G 152 81.73 34.38 48.28
C SER G 152 81.78 34.29 46.77
N LYS G 153 82.96 34.44 46.17
CA LYS G 153 83.10 34.24 44.73
C LYS G 153 82.80 32.80 44.35
N ARG G 154 83.18 31.85 45.21
CA ARG G 154 82.95 30.44 44.93
C ARG G 154 81.46 30.15 44.77
N GLU G 155 80.63 30.70 45.64
CA GLU G 155 79.19 30.49 45.51
C GLU G 155 78.68 31.06 44.19
N GLU G 156 79.17 32.24 43.82
CA GLU G 156 78.70 32.87 42.59
C GLU G 156 79.09 32.05 41.36
N ILE G 157 80.34 31.58 41.30
CA ILE G 157 80.72 30.81 40.12
C ILE G 157 79.99 29.47 40.12
N LEU G 158 79.76 28.90 41.30
CA LEU G 158 79.02 27.63 41.40
C LEU G 158 77.61 27.78 40.85
N ALA G 159 76.93 28.89 41.19
CA ALA G 159 75.62 29.14 40.63
C ALA G 159 75.66 29.66 39.21
N GLY G 160 76.82 30.07 38.72
CA GLY G 160 76.93 30.64 37.40
C GLY G 160 77.25 29.70 36.27
N PHE G 161 78.19 28.77 36.47
CA PHE G 161 78.62 27.97 35.33
C PHE G 161 77.54 27.06 34.72
N PRO G 162 76.55 26.56 35.49
CA PRO G 162 75.53 25.72 34.83
C PRO G 162 74.72 26.43 33.78
N CYS G 163 74.57 27.75 33.87
CA CYS G 163 73.56 28.43 33.05
C CYS G 163 74.04 28.70 31.63
N CYS G 164 74.98 29.63 31.48
CA CYS G 164 75.44 30.03 30.15
C CYS G 164 76.89 30.49 30.14
N ARG G 165 77.63 30.30 31.24
CA ARG G 165 78.94 30.95 31.37
C ARG G 165 79.90 30.45 30.31
N SER G 166 79.91 29.15 30.04
CA SER G 166 80.86 28.52 29.12
C SER G 166 82.25 28.92 29.59
N ALA G 167 83.02 29.71 28.84
CA ALA G 167 84.29 30.26 29.28
C ALA G 167 85.25 29.13 29.67
N PRO G 168 85.73 28.33 28.72
CA PRO G 168 86.62 27.22 29.07
C PRO G 168 87.93 27.70 29.67
N SER G 169 88.09 27.47 30.97
CA SER G 169 89.31 27.83 31.70
C SER G 169 89.79 26.62 32.48
N ASP G 170 89.61 25.43 31.90
CA ASP G 170 90.00 24.14 32.44
C ASP G 170 89.24 23.80 33.72
N VAL G 171 88.30 24.64 34.15
CA VAL G 171 87.38 24.24 35.23
C VAL G 171 86.21 23.45 34.69
N ILE G 172 86.04 23.39 33.37
CA ILE G 172 84.89 22.72 32.77
C ILE G 172 84.89 21.23 33.06
N LEU G 173 86.02 20.67 33.48
CA LEU G 173 86.02 19.29 33.93
C LEU G 173 85.16 19.13 35.18
N VAL G 174 85.33 20.02 36.16
CA VAL G 174 84.51 19.97 37.37
C VAL G 174 83.06 20.28 37.04
N ARG G 175 82.83 21.25 36.15
CA ARG G 175 81.47 21.56 35.70
C ARG G 175 80.81 20.32 35.12
N ASP G 176 81.51 19.62 34.22
CA ASP G 176 80.90 18.47 33.56
C ASP G 176 80.66 17.34 34.55
N GLU G 177 81.61 17.11 35.46
CA GLU G 177 81.44 16.04 36.44
C GLU G 177 80.24 16.32 37.35
N ILE G 178 80.13 17.55 37.85
CA ILE G 178 79.03 17.85 38.77
C ILE G 178 77.70 17.89 38.01
N ALA G 179 77.70 18.33 36.74
CA ALA G 179 76.49 18.30 35.95
C ALA G 179 76.01 16.88 35.74
N LEU G 180 76.93 15.95 35.45
CA LEU G 180 76.55 14.55 35.33
C LEU G 180 76.06 14.00 36.66
N LEU G 181 76.66 14.42 37.77
CA LEU G 181 76.18 13.98 39.07
C LEU G 181 74.75 14.42 39.31
N HIS G 182 74.44 15.68 39.02
CA HIS G 182 73.09 16.18 39.25
C HIS G 182 72.09 15.56 38.28
N ARG G 183 72.50 15.33 37.03
CA ARG G 183 71.61 14.67 36.09
C ARG G 183 71.29 13.25 36.53
N TYR G 184 72.30 12.52 37.00
CA TYR G 184 72.05 11.16 37.49
C TYR G 184 71.15 11.19 38.71
N GLN G 185 71.38 12.12 39.63
CA GLN G 185 70.52 12.22 40.80
C GLN G 185 69.10 12.55 40.41
N SER G 186 68.92 13.44 39.42
CA SER G 186 67.60 13.80 38.95
C SER G 186 66.86 12.60 38.37
N GLN G 187 67.52 11.86 37.48
CA GLN G 187 66.84 10.72 36.86
C GLN G 187 66.55 9.62 37.87
N MET G 188 67.48 9.35 38.79
CA MET G 188 67.20 8.37 39.83
C MET G 188 66.05 8.83 40.71
N LEU G 189 65.98 10.12 41.02
CA LEU G 189 64.86 10.63 41.80
C LEU G 189 63.55 10.47 41.05
N GLY G 190 63.59 10.67 39.74
CA GLY G 190 62.39 10.45 38.94
C GLY G 190 61.94 8.99 38.97
N TRP G 191 62.88 8.06 38.88
CA TRP G 191 62.53 6.65 38.98
C TRP G 191 61.96 6.32 40.36
N ILE G 192 62.57 6.87 41.40
CA ILE G 192 62.04 6.65 42.76
C ILE G 192 60.62 7.18 42.85
N LEU G 193 60.38 8.36 42.29
CA LEU G 193 59.06 8.97 42.35
C LEU G 193 58.02 8.15 41.61
N ILE G 194 58.36 7.66 40.40
CA ILE G 194 57.38 6.90 39.64
C ILE G 194 57.12 5.54 40.29
N THR G 195 58.17 4.92 40.85
CA THR G 195 57.96 3.66 41.56
C THR G 195 57.07 3.86 42.79
N LEU G 196 57.30 4.92 43.56
CA LEU G 196 56.46 5.20 44.71
C LEU G 196 55.03 5.51 44.28
N ALA G 197 54.86 6.24 43.17
CA ALA G 197 53.52 6.53 42.69
C ALA G 197 52.78 5.26 42.30
N THR G 198 53.45 4.34 41.60
CA THR G 198 52.81 3.09 41.21
C THR G 198 52.46 2.25 42.44
N ILE G 199 53.38 2.16 43.40
CA ILE G 199 53.11 1.37 44.60
C ILE G 199 51.94 1.98 45.37
N ALA G 200 51.91 3.30 45.49
CA ALA G 200 50.81 3.97 46.19
C ALA G 200 49.50 3.76 45.46
N ALA G 201 49.50 3.82 44.14
CA ALA G 201 48.27 3.60 43.39
C ALA G 201 47.74 2.18 43.59
N LEU G 202 48.63 1.19 43.52
CA LEU G 202 48.19 -0.19 43.71
C LEU G 202 47.67 -0.42 45.12
N VAL G 203 48.39 0.11 46.12
CA VAL G 203 47.96 -0.05 47.50
C VAL G 203 46.63 0.66 47.74
N SER G 204 46.46 1.84 47.16
CA SER G 204 45.22 2.58 47.33
C SER G 204 44.05 1.85 46.69
N CYS G 205 44.26 1.25 45.51
CA CYS G 205 43.20 0.47 44.90
C CYS G 205 42.85 -0.75 45.75
N CYS G 206 43.86 -1.43 46.29
CA CYS G 206 43.59 -2.57 47.16
C CYS G 206 42.84 -2.15 48.41
N VAL G 207 43.23 -1.02 49.00
CA VAL G 207 42.54 -0.52 50.20
C VAL G 207 41.12 -0.12 49.87
N ALA G 208 40.89 0.46 48.69
CA ALA G 208 39.53 0.79 48.27
C ALA G 208 38.68 -0.47 48.13
N LYS G 209 39.24 -1.52 47.53
CA LYS G 209 38.48 -2.75 47.41
C LYS G 209 38.21 -3.39 48.77
N CYS G 210 39.19 -3.37 49.67
CA CYS G 210 39.00 -3.96 50.98
C CYS G 210 37.98 -3.19 51.82
N CYS G 211 38.06 -1.86 51.79
CA CYS G 211 37.24 -1.01 52.64
C CYS G 211 35.86 -0.75 52.06
N SER G 212 35.62 -1.11 50.80
CA SER G 212 34.31 -0.86 50.20
C SER G 212 33.27 -1.79 50.81
N PRO G 213 32.19 -1.26 51.40
CA PRO G 213 31.15 -2.15 51.93
C PRO G 213 30.33 -2.82 50.85
N LEU G 214 30.18 -2.18 49.70
CA LEU G 214 29.41 -2.76 48.61
C LEU G 214 30.15 -3.96 48.03
N THR G 215 29.38 -4.94 47.56
CA THR G 215 29.97 -6.04 46.83
C THR G 215 30.41 -5.56 45.45
N SER G 216 31.14 -6.42 44.73
CA SER G 216 31.60 -6.04 43.40
C SER G 216 30.44 -5.74 42.47
N LEU G 217 29.45 -6.62 42.42
CA LEU G 217 28.27 -6.37 41.60
C LEU G 217 27.48 -5.18 42.14
N GLN G 218 27.37 -5.08 43.46
CA GLN G 218 26.69 -3.93 44.05
C GLN G 218 27.44 -2.63 43.76
N HIS G 219 28.77 -2.68 43.77
CA HIS G 219 29.56 -1.50 43.43
C HIS G 219 29.32 -1.08 41.99
N CYS G 220 29.28 -2.04 41.07
CA CYS G 220 28.98 -1.71 39.67
C CYS G 220 27.59 -1.09 39.55
N TYR G 221 26.61 -1.68 40.24
CA TYR G 221 25.26 -1.12 40.21
C TYR G 221 25.24 0.30 40.73
N TRP G 222 25.93 0.55 41.84
CA TRP G 222 25.93 1.88 42.42
C TRP G 222 26.58 2.92 41.53
N THR G 223 27.71 2.56 40.90
CA THR G 223 28.37 3.48 39.98
C THR G 223 27.45 3.85 38.81
N SER G 224 26.83 2.83 38.22
CA SER G 224 25.93 3.10 37.11
C SER G 224 24.71 3.89 37.56
N HIS G 225 24.24 3.63 38.78
CA HIS G 225 23.13 4.38 39.36
C HIS G 225 23.47 5.86 39.44
N LEU G 226 24.67 6.17 39.91
CA LEU G 226 25.06 7.57 40.07
C LEU G 226 25.11 8.27 38.72
N GLN G 227 25.79 7.66 37.76
CA GLN G 227 25.90 8.28 36.43
C GLN G 227 24.52 8.49 35.82
N ASN G 228 23.67 7.46 35.88
CA ASN G 228 22.38 7.53 35.22
C ASN G 228 21.45 8.53 35.90
N GLU G 229 21.47 8.57 37.23
CA GLU G 229 20.60 9.52 37.92
C GLU G 229 20.98 10.95 37.57
N ARG G 230 22.28 11.25 37.52
CA ARG G 230 22.67 12.63 37.19
C ARG G 230 22.25 12.99 35.77
N GLU G 231 22.51 12.08 34.82
CA GLU G 231 22.17 12.38 33.43
C GLU G 231 20.67 12.53 33.24
N LEU G 232 19.89 11.63 33.84
CA LEU G 232 18.44 11.69 33.70
C LEU G 232 17.88 12.98 34.27
N PHE G 233 18.34 13.38 35.46
CA PHE G 233 17.79 14.60 36.02
C PHE G 233 18.16 15.81 35.17
N GLU G 234 19.38 15.84 34.63
CA GLU G 234 19.74 16.96 33.76
C GLU G 234 18.79 17.04 32.57
N GLN G 235 18.58 15.91 31.89
CA GLN G 235 17.73 15.93 30.70
C GLN G 235 16.31 16.35 31.03
N ALA G 236 15.73 15.76 32.06
CA ALA G 236 14.32 16.04 32.33
C ALA G 236 14.13 17.39 32.98
N ALA G 237 15.14 17.93 33.66
CA ALA G 237 15.06 19.31 34.09
C ALA G 237 14.98 20.24 32.89
N GLU G 238 15.81 19.97 31.88
CA GLU G 238 15.71 20.73 30.63
C GLU G 238 14.31 20.62 30.05
N GLN G 239 13.77 19.40 29.97
CA GLN G 239 12.47 19.21 29.32
C GLN G 239 11.32 19.82 30.12
N HIS G 240 11.37 19.70 31.46
CA HIS G 240 10.36 20.32 32.31
C HIS G 240 10.35 21.84 32.14
N SER G 241 11.53 22.47 32.15
CA SER G 241 11.54 23.91 31.98
C SER G 241 11.09 24.29 30.58
N ARG G 242 11.43 23.49 29.57
CA ARG G 242 10.94 23.77 28.24
C ARG G 242 9.42 23.74 28.20
N LEU G 243 8.81 22.73 28.82
CA LEU G 243 7.36 22.65 28.83
C LEU G 243 6.73 23.81 29.60
N LEU G 244 7.29 24.16 30.76
CA LEU G 244 6.72 25.25 31.54
C LEU G 244 6.80 26.57 30.78
N MET G 245 7.96 26.87 30.20
CA MET G 245 8.09 28.10 29.44
C MET G 245 7.20 28.07 28.20
N MET G 246 7.06 26.89 27.59
CA MET G 246 6.22 26.79 26.40
C MET G 246 4.76 27.09 26.73
N HIS G 247 4.28 26.58 27.87
CA HIS G 247 2.94 26.94 28.31
C HIS G 247 2.83 28.44 28.59
N ARG G 248 3.87 29.01 29.22
CA ARG G 248 3.85 30.44 29.52
C ARG G 248 3.73 31.27 28.25
N ILE G 249 4.50 30.91 27.22
CA ILE G 249 4.49 31.71 26.00
C ILE G 249 3.25 31.36 25.16
N LYS G 250 2.68 30.17 25.36
CA LYS G 250 1.35 29.91 24.79
C LYS G 250 0.33 30.88 25.36
N LYS G 251 0.41 31.13 26.66
CA LYS G 251 -0.42 32.18 27.24
C LYS G 251 -0.09 33.54 26.64
N LEU G 252 1.20 33.81 26.44
CA LEU G 252 1.64 35.12 25.98
C LEU G 252 1.17 35.43 24.56
N PHE G 253 1.41 34.52 23.61
CA PHE G 253 1.16 34.75 22.20
C PHE G 253 -0.06 34.01 21.67
N GLY G 254 -0.78 33.29 22.52
CA GLY G 254 -1.98 32.61 22.06
C GLY G 254 -1.75 31.33 21.28
N PHE G 255 -0.51 30.84 21.22
CA PHE G 255 -0.23 29.60 20.52
C PHE G 255 1.02 28.95 21.10
N ILE G 256 1.12 27.65 20.91
CA ILE G 256 2.34 26.92 21.28
C ILE G 256 3.35 27.05 20.15
N PRO G 257 4.62 27.34 20.46
CA PRO G 257 5.62 27.49 19.40
C PRO G 257 5.87 26.20 18.63
N GLY G 258 6.22 26.36 17.36
CA GLY G 258 6.55 25.23 16.52
C GLY G 258 5.37 24.40 16.05
N SER G 259 4.16 24.96 16.07
CA SER G 259 2.96 24.24 15.66
C SER G 259 2.07 25.16 14.81
N GLU G 260 1.10 24.55 14.15
CA GLU G 260 0.24 25.26 13.20
C GLU G 260 -0.68 26.22 13.95
N ASP G 261 -0.43 27.52 13.81
CA ASP G 261 -1.17 28.52 14.59
C ASP G 261 -1.95 29.50 13.72
N VAL G 262 -2.21 29.17 12.46
CA VAL G 262 -2.99 30.07 11.61
C VAL G 262 -4.42 30.22 12.10
N LYS G 263 -4.84 29.40 13.06
CA LYS G 263 -6.18 29.52 13.60
C LYS G 263 -6.34 30.84 14.37
N HIS G 264 -5.41 31.14 15.27
CA HIS G 264 -5.54 32.33 16.10
C HIS G 264 -4.17 32.88 16.43
N ILE G 265 -4.10 34.20 16.62
CA ILE G 265 -2.89 34.89 17.05
C ILE G 265 -3.28 35.89 18.13
N ARG G 266 -2.30 36.32 18.91
CA ARG G 266 -2.52 37.24 20.01
C ARG G 266 -1.80 38.54 19.77
N ILE G 267 -2.28 39.60 20.41
CA ILE G 267 -1.63 40.90 20.42
C ILE G 267 -1.27 41.25 21.86
N PRO G 268 0.00 41.07 22.25
CA PRO G 268 0.36 41.31 23.65
C PRO G 268 0.15 42.77 24.04
N SER G 269 -0.26 42.96 25.29
CA SER G 269 -0.37 44.29 25.87
C SER G 269 0.92 44.65 26.61
N CYS G 270 1.12 45.96 26.82
CA CYS G 270 2.36 46.42 27.44
C CYS G 270 2.51 45.87 28.84
N GLN G 271 1.41 45.85 29.60
CA GLN G 271 1.46 45.26 30.94
C GLN G 271 1.71 43.76 30.84
N ASP G 272 1.19 43.11 29.80
CA ASP G 272 1.50 41.70 29.60
C ASP G 272 2.97 41.53 29.19
N TRP G 273 3.50 42.44 28.38
CA TRP G 273 4.94 42.45 28.11
C TRP G 273 5.74 42.58 29.40
N LYS G 274 5.21 43.30 30.39
CA LYS G 274 5.87 43.35 31.68
C LYS G 274 5.79 41.98 32.36
N ASP G 275 4.62 41.33 32.30
CA ASP G 275 4.47 40.05 33.01
C ASP G 275 5.43 39.00 32.46
N ILE G 276 5.58 38.91 31.14
CA ILE G 276 6.50 37.91 30.59
C ILE G 276 7.94 38.22 30.98
N SER G 277 8.30 39.50 31.01
CA SER G 277 9.64 39.90 31.44
C SER G 277 9.88 39.60 32.91
N LEU H 6 25.87 14.20 14.26
CA LEU H 6 26.96 14.32 15.22
C LEU H 6 27.18 15.78 15.61
N ASN H 7 26.49 16.67 14.89
CA ASN H 7 26.55 18.09 15.21
C ASN H 7 25.98 18.34 16.60
N ASN H 8 24.89 17.66 16.96
CA ASN H 8 24.33 17.78 18.29
C ASN H 8 25.34 17.33 19.35
N ILE H 9 26.06 16.24 19.07
CA ILE H 9 27.10 15.79 20.00
C ILE H 9 28.19 16.85 20.11
N VAL H 10 28.56 17.47 19.00
CA VAL H 10 29.56 18.54 19.02
C VAL H 10 29.07 19.70 19.88
N SER H 11 27.80 20.07 19.75
CA SER H 11 27.25 21.14 20.57
C SER H 11 27.29 20.77 22.05
N SER H 12 26.95 19.52 22.38
CA SER H 12 27.00 19.07 23.76
C SER H 12 28.41 19.17 24.33
N LEU H 13 29.41 18.83 23.51
CA LEU H 13 30.80 18.98 23.93
C LEU H 13 31.16 20.46 24.16
N GLN H 14 30.67 21.34 23.30
CA GLN H 14 30.96 22.77 23.48
C GLN H 14 30.31 23.27 24.76
N ARG H 15 29.19 22.68 25.17
CA ARG H 15 28.50 23.14 26.37
C ARG H 15 29.38 23.07 27.60
N ASN H 16 30.43 22.25 27.57
CA ASN H 16 31.43 22.21 28.62
C ASN H 16 32.34 23.42 28.47
N GLY H 17 32.55 24.14 29.56
CA GLY H 17 33.35 25.35 29.51
C GLY H 17 34.83 25.10 29.33
N ILE H 18 35.29 23.88 29.62
CA ILE H 18 36.73 23.58 29.53
C ILE H 18 37.22 23.73 28.10
N PHE H 19 36.47 23.19 27.13
CA PHE H 19 36.91 23.28 25.74
C PHE H 19 36.96 24.73 25.27
N ILE H 20 35.91 25.51 25.56
CA ILE H 20 35.87 26.89 25.07
C ILE H 20 36.97 27.72 25.74
N ASN H 21 37.17 27.54 27.05
CA ASN H 21 38.23 28.28 27.72
C ASN H 21 39.60 27.90 27.18
N SER H 22 39.82 26.61 26.89
CA SER H 22 41.08 26.20 26.29
C SER H 22 41.26 26.81 24.91
N LEU H 23 40.18 26.88 24.13
CA LEU H 23 40.26 27.48 22.80
C LEU H 23 40.59 28.96 22.89
N ILE H 24 39.98 29.67 23.85
CA ILE H 24 40.29 31.08 24.03
C ILE H 24 41.75 31.26 24.45
N ALA H 25 42.23 30.43 25.37
CA ALA H 25 43.62 30.55 25.79
C ALA H 25 44.59 30.27 24.65
N ALA H 26 44.29 29.26 23.83
CA ALA H 26 45.15 28.96 22.69
C ALA H 26 45.17 30.10 21.68
N LEU H 27 44.00 30.69 21.42
CA LEU H 27 43.98 31.85 20.51
C LEU H 27 44.77 33.01 21.09
N THR H 28 44.66 33.23 22.42
CA THR H 28 45.43 34.30 23.03
C THR H 28 46.92 34.05 22.90
N ILE H 29 47.36 32.80 23.09
CA ILE H 29 48.78 32.48 22.98
C ILE H 29 49.27 32.72 21.55
N GLY H 30 48.53 32.23 20.57
CA GLY H 30 48.94 32.43 19.18
C GLY H 30 48.96 33.90 18.79
N GLY H 31 47.91 34.64 19.17
CA GLY H 31 47.88 36.06 18.86
C GLY H 31 49.00 36.82 19.54
N GLN H 32 49.30 36.48 20.79
CA GLN H 32 50.41 37.13 21.47
C GLN H 32 51.73 36.83 20.78
N GLN H 33 51.93 35.58 20.36
CA GLN H 33 53.17 35.24 19.66
C GLN H 33 53.32 36.09 18.40
N LEU H 34 52.29 36.11 17.57
CA LEU H 34 52.40 36.89 16.33
C LEU H 34 52.59 38.37 16.62
N PHE H 35 51.81 38.92 17.55
CA PHE H 35 51.84 40.35 17.84
C PHE H 35 53.20 40.78 18.39
N SER H 36 53.71 40.04 19.37
CA SER H 36 54.99 40.40 19.97
C SER H 36 56.15 40.19 19.00
N SER H 37 56.16 39.06 18.28
CA SER H 37 57.25 38.84 17.35
C SER H 37 57.18 39.76 16.14
N SER H 38 56.04 40.40 15.91
CA SER H 38 55.94 41.31 14.78
C SER H 38 56.26 42.75 15.15
N THR H 39 55.54 43.31 16.12
CA THR H 39 55.55 44.76 16.31
C THR H 39 55.88 45.16 17.75
N PHE H 40 56.92 44.57 18.35
CA PHE H 40 57.30 45.06 19.68
C PHE H 40 58.21 46.28 19.56
N SER H 41 59.41 46.08 19.00
CA SER H 41 60.37 47.17 18.75
C SER H 41 60.57 48.05 19.99
N CYS H 42 61.18 47.46 21.02
CA CYS H 42 61.41 48.16 22.28
C CYS H 42 62.18 49.45 22.05
N PRO H 43 61.67 50.60 22.48
CA PRO H 43 62.36 51.87 22.24
C PRO H 43 63.56 52.04 23.16
N CYS H 44 64.41 52.97 22.77
CA CYS H 44 65.61 53.30 23.53
C CYS H 44 65.48 54.63 24.24
N GLN H 45 64.28 55.22 24.26
CA GLN H 45 64.11 56.57 24.76
C GLN H 45 64.38 56.62 26.26
N VAL H 46 65.21 57.57 26.67
CA VAL H 46 65.56 57.70 28.09
C VAL H 46 64.37 58.21 28.90
N GLY H 47 63.64 59.17 28.36
CA GLY H 47 62.56 59.80 29.10
C GLY H 47 61.41 58.87 29.47
N LYS H 48 60.73 58.34 28.46
CA LYS H 48 59.55 57.51 28.65
C LYS H 48 59.78 56.16 27.97
N ASN H 49 60.08 55.14 28.77
CA ASN H 49 60.25 53.78 28.27
C ASN H 49 59.42 52.83 29.12
N PHE H 50 59.17 53.22 30.38
CA PHE H 50 58.29 52.45 31.23
C PHE H 50 56.87 52.41 30.70
N TYR H 51 56.40 53.55 30.16
CA TYR H 51 55.05 53.60 29.63
C TYR H 51 54.88 52.64 28.46
N TYR H 52 55.92 52.49 27.63
CA TYR H 52 55.80 51.62 26.48
C TYR H 52 55.56 50.17 26.89
N GLY H 53 56.41 49.64 27.77
CA GLY H 53 56.23 48.27 28.22
C GLY H 53 54.97 48.10 29.04
N SER H 54 54.66 49.07 29.90
CA SER H 54 53.45 48.96 30.72
C SER H 54 52.21 48.93 29.85
N ALA H 55 52.17 49.76 28.79
CA ALA H 55 51.03 49.73 27.88
C ALA H 55 50.96 48.40 27.15
N PHE H 56 52.08 47.97 26.55
CA PHE H 56 52.09 46.71 25.83
C PHE H 56 51.77 45.52 26.72
N LEU H 57 51.90 45.66 28.03
CA LEU H 57 51.66 44.57 28.96
C LEU H 57 50.26 44.59 29.58
N VAL H 58 49.71 45.76 29.85
CA VAL H 58 48.43 45.85 30.55
C VAL H 58 47.28 46.20 29.62
N ILE H 59 47.49 47.04 28.60
CA ILE H 59 46.37 47.47 27.77
C ILE H 59 45.71 46.31 27.03
N PRO H 60 46.44 45.39 26.38
CA PRO H 60 45.74 44.24 25.79
C PRO H 60 44.99 43.41 26.80
N ALA H 61 45.53 43.24 28.01
CA ALA H 61 44.82 42.49 29.03
C ALA H 61 43.53 43.20 29.44
N LEU H 62 43.60 44.52 29.60
CA LEU H 62 42.40 45.28 29.96
C LEU H 62 41.36 45.21 28.86
N ILE H 63 41.79 45.31 27.60
CA ILE H 63 40.86 45.23 26.47
C ILE H 63 40.21 43.85 26.42
N LEU H 64 40.99 42.79 26.61
CA LEU H 64 40.42 41.45 26.57
C LEU H 64 39.45 41.24 27.73
N LEU H 65 39.77 41.76 28.91
CA LEU H 65 38.85 41.68 30.04
C LEU H 65 37.53 42.37 29.73
N VAL H 66 37.61 43.60 29.20
CA VAL H 66 36.39 44.34 28.89
C VAL H 66 35.60 43.64 27.79
N ALA H 67 36.28 43.09 26.80
CA ALA H 67 35.58 42.37 25.74
C ALA H 67 34.89 41.12 26.28
N GLY H 68 35.56 40.38 27.16
CA GLY H 68 34.94 39.19 27.73
C GLY H 68 33.71 39.53 28.54
N PHE H 69 33.74 40.63 29.28
CA PHE H 69 32.57 41.02 30.06
C PHE H 69 31.45 41.55 29.16
N ALA H 70 31.79 42.42 28.20
CA ALA H 70 30.76 43.12 27.43
C ALA H 70 30.11 42.21 26.39
N LEU H 71 30.90 41.36 25.73
CA LEU H 71 30.37 40.54 24.65
C LEU H 71 29.33 39.53 25.11
N ARG H 72 29.24 39.29 26.41
CA ARG H 72 28.24 38.39 26.95
C ARG H 72 26.94 39.15 27.21
N SER H 73 25.86 38.74 26.52
CA SER H 73 24.58 39.42 26.67
C SER H 73 24.00 39.25 28.07
N GLN H 74 24.34 38.15 28.75
CA GLN H 74 23.89 37.97 30.12
C GLN H 74 24.39 39.10 31.01
N MET H 75 25.59 39.62 30.72
CA MET H 75 26.08 40.76 31.48
C MET H 75 25.22 42.00 31.25
N TRP H 76 24.77 42.22 30.01
CA TRP H 76 23.88 43.36 29.77
C TRP H 76 22.56 43.18 30.52
N THR H 77 22.05 41.94 30.56
CA THR H 77 20.82 41.69 31.31
C THR H 77 21.02 41.94 32.79
N ILE H 78 22.15 41.52 33.36
CA ILE H 78 22.43 41.75 34.77
C ILE H 78 22.52 43.25 35.06
N THR H 79 23.23 43.98 34.20
CA THR H 79 23.38 45.42 34.41
C THR H 79 22.03 46.11 34.30
N GLY H 80 21.18 45.67 33.37
CA GLY H 80 19.84 46.21 33.28
C GLY H 80 19.00 45.95 34.52
N GLU H 81 19.14 44.75 35.09
CA GLU H 81 18.41 44.44 36.32
C GLU H 81 18.90 45.30 37.48
N TYR H 82 20.23 45.41 37.64
CA TYR H 82 20.78 46.15 38.77
C TYR H 82 20.52 47.65 38.64
N CYS H 83 20.70 48.20 37.45
CA CYS H 83 20.50 49.63 37.23
C CYS H 83 19.06 50.05 37.47
N PRO H 95 18.07 40.37 48.97
CA PRO H 95 17.27 39.14 48.90
C PRO H 95 17.80 38.15 47.86
N LEU H 96 16.94 37.24 47.40
CA LEU H 96 17.40 36.19 46.49
C LEU H 96 17.75 36.74 45.11
N GLU H 97 17.13 37.85 44.69
CA GLU H 97 17.48 38.44 43.40
C GLU H 97 18.93 38.88 43.37
N CYS H 98 19.42 39.48 44.46
CA CYS H 98 20.81 39.90 44.52
C CYS H 98 21.75 38.71 44.39
N LYS H 99 21.47 37.62 45.12
CA LYS H 99 22.33 36.45 45.06
C LYS H 99 22.29 35.82 43.67
N LEU H 100 21.12 35.80 43.04
CA LEU H 100 21.01 35.24 41.70
C LEU H 100 21.81 36.06 40.69
N ALA H 101 21.72 37.39 40.80
CA ALA H 101 22.52 38.25 39.92
C ALA H 101 24.01 38.05 40.17
N CYS H 102 24.41 37.88 41.43
CA CYS H 102 25.81 37.64 41.73
C CYS H 102 26.28 36.33 41.14
N LEU H 103 25.44 35.29 41.21
CA LEU H 103 25.80 34.01 40.62
C LEU H 103 25.97 34.12 39.11
N ARG H 104 25.06 34.85 38.44
CA ARG H 104 25.20 35.03 36.99
C ARG H 104 26.45 35.83 36.66
N PHE H 105 26.76 36.84 37.47
CA PHE H 105 27.97 37.61 37.27
C PHE H 105 29.21 36.72 37.39
N PHE H 106 29.21 35.81 38.37
CA PHE H 106 30.32 34.89 38.53
C PHE H 106 30.45 33.96 37.32
N SER H 107 29.33 33.46 36.81
CA SER H 107 29.36 32.61 35.63
C SER H 107 29.94 33.34 34.44
N ILE H 108 29.65 34.64 34.31
CA ILE H 108 30.27 35.44 33.26
C ILE H 108 31.75 35.64 33.55
N THR H 109 32.10 35.89 34.82
CA THR H 109 33.46 36.19 35.21
C THR H 109 34.40 35.05 34.91
N GLY H 110 33.90 33.81 34.88
CA GLY H 110 34.76 32.70 34.49
C GLY H 110 35.47 32.95 33.16
N ARG H 111 34.71 33.19 32.10
CA ARG H 111 35.30 33.49 30.80
C ARG H 111 36.00 34.85 30.80
N ALA H 112 35.38 35.84 31.46
CA ALA H 112 35.99 37.17 31.46
C ALA H 112 37.37 37.15 32.09
N VAL H 113 37.65 36.17 32.94
CA VAL H 113 38.94 36.06 33.59
C VAL H 113 39.89 35.17 32.80
N ILE H 114 39.40 34.07 32.22
CA ILE H 114 40.33 33.24 31.46
C ILE H 114 40.82 33.99 30.22
N ALA H 115 40.08 34.99 29.75
CA ALA H 115 40.52 35.68 28.54
C ALA H 115 41.84 36.43 28.70
N PRO H 116 42.04 37.31 29.69
CA PRO H 116 43.30 38.05 29.76
C PRO H 116 44.39 37.40 30.59
N LEU H 117 44.03 36.46 31.47
CA LEU H 117 45.05 35.81 32.29
C LEU H 117 46.06 35.08 31.43
N THR H 118 45.60 34.50 30.31
CA THR H 118 46.53 33.86 29.39
C THR H 118 47.52 34.87 28.82
N TRP H 119 47.03 36.06 28.45
CA TRP H 119 47.92 37.09 27.92
C TRP H 119 48.96 37.49 28.95
N LEU H 120 48.52 37.78 30.17
CA LEU H 120 49.47 38.20 31.20
C LEU H 120 50.48 37.11 31.49
N ALA H 121 50.02 35.86 31.62
CA ALA H 121 50.92 34.77 31.93
C ALA H 121 51.96 34.59 30.83
N VAL H 122 51.51 34.57 29.57
CA VAL H 122 52.45 34.33 28.48
C VAL H 122 53.44 35.48 28.37
N THR H 123 52.96 36.73 28.48
CA THR H 123 53.87 37.86 28.34
C THR H 123 54.89 37.90 29.47
N LEU H 124 54.46 37.63 30.71
CA LEU H 124 55.41 37.63 31.82
C LEU H 124 56.41 36.49 31.69
N LEU H 125 55.94 35.30 31.30
CA LEU H 125 56.85 34.16 31.19
C LEU H 125 57.88 34.38 30.08
N THR H 126 57.46 34.97 28.96
CA THR H 126 58.43 35.34 27.94
C THR H 126 59.40 36.39 28.47
N GLY H 127 58.89 37.36 29.23
CA GLY H 127 59.71 38.29 29.97
C GLY H 127 60.20 39.49 29.19
N THR H 128 60.06 39.49 27.86
CA THR H 128 60.57 40.61 27.08
C THR H 128 59.80 41.91 27.37
N TYR H 129 58.48 41.81 27.54
CA TYR H 129 57.68 42.99 27.87
C TYR H 129 58.11 43.58 29.19
N TYR H 130 58.27 42.75 30.22
CA TYR H 130 58.66 43.25 31.53
C TYR H 130 60.06 43.82 31.50
N GLU H 131 60.95 43.21 30.73
CA GLU H 131 62.30 43.75 30.60
C GLU H 131 62.27 45.15 29.99
N CYS H 132 61.60 45.29 28.85
CA CYS H 132 61.52 46.61 28.21
C CYS H 132 60.78 47.62 29.08
N ALA H 133 59.91 47.16 29.95
CA ALA H 133 59.16 48.08 30.80
C ALA H 133 60.01 48.58 31.97
N ALA H 134 60.58 47.65 32.74
CA ALA H 134 61.27 47.99 33.98
C ALA H 134 62.78 47.96 33.84
N SER H 135 63.32 48.14 32.63
CA SER H 135 64.77 48.24 32.49
C SER H 135 65.34 49.43 33.24
N GLU H 136 64.72 50.60 33.11
CA GLU H 136 65.31 51.82 33.63
C GLU H 136 65.31 51.87 35.15
N PHE H 137 64.53 51.02 35.82
CA PHE H 137 64.45 51.04 37.27
C PHE H 137 65.50 50.16 37.93
N ALA H 138 66.50 49.73 37.17
CA ALA H 138 67.56 48.89 37.72
C ALA H 138 68.47 49.69 38.64
N SER H 139 69.00 49.01 39.64
CA SER H 139 69.92 49.63 40.59
C SER H 139 71.34 49.66 40.02
N VAL H 140 72.13 50.61 40.51
CA VAL H 140 73.52 50.78 40.08
C VAL H 140 74.50 50.74 41.25
N ASP H 141 74.02 50.65 42.49
CA ASP H 141 74.92 50.64 43.63
C ASP H 141 75.82 49.40 43.62
N HIS H 142 75.26 48.25 43.25
CA HIS H 142 76.03 47.01 43.25
C HIS H 142 77.20 47.09 42.28
N TYR H 143 77.00 47.76 41.14
CA TYR H 143 77.99 47.75 40.08
C TYR H 143 78.88 48.99 40.18
N PRO H 144 80.17 48.84 40.46
CA PRO H 144 81.03 50.02 40.55
C PRO H 144 81.23 50.72 39.22
N MET H 145 80.93 50.07 38.09
CA MET H 145 81.14 50.68 36.78
C MET H 145 80.18 51.83 36.51
N PHE H 146 79.10 51.94 37.29
CA PHE H 146 78.07 52.96 37.06
C PHE H 146 78.18 54.12 38.03
N ASP H 147 79.39 54.55 38.37
CA ASP H 147 79.55 55.71 39.24
C ASP H 147 78.92 56.95 38.60
N ASN H 148 79.51 57.42 37.51
CA ASN H 148 78.93 58.48 36.66
C ASN H 148 78.47 59.68 37.47
N VAL H 149 79.45 60.38 38.03
CA VAL H 149 79.22 61.56 38.87
C VAL H 149 78.30 62.56 38.17
N SER H 150 78.20 62.48 36.84
CA SER H 150 77.25 63.31 36.11
C SER H 150 75.81 63.01 36.51
N ALA H 151 75.51 61.75 36.85
CA ALA H 151 74.22 61.31 37.36
C ALA H 151 73.08 61.49 36.36
N SER H 152 73.39 61.82 35.11
CA SER H 152 72.40 61.91 34.05
C SER H 152 72.72 61.01 32.87
N LYS H 153 73.99 60.90 32.50
CA LYS H 153 74.38 59.98 31.45
C LYS H 153 74.11 58.53 31.89
N ARG H 154 74.30 58.24 33.18
CA ARG H 154 74.07 56.88 33.68
C ARG H 154 72.64 56.45 33.45
N GLU H 155 71.67 57.32 33.72
CA GLU H 155 70.28 56.97 33.48
C GLU H 155 70.04 56.69 32.00
N GLU H 156 70.63 57.50 31.13
CA GLU H 156 70.41 57.33 29.69
C GLU H 156 70.99 56.01 29.21
N ILE H 157 72.22 55.67 29.63
CA ILE H 157 72.79 54.40 29.16
C ILE H 157 72.02 53.24 29.77
N LEU H 158 71.56 53.38 31.01
CA LEU H 158 70.77 52.33 31.65
C LEU H 158 69.49 52.06 30.87
N ALA H 159 68.80 53.10 30.43
CA ALA H 159 67.61 52.92 29.62
C ALA H 159 67.94 52.57 28.17
N GLY H 160 69.18 52.73 27.75
CA GLY H 160 69.55 52.51 26.38
C GLY H 160 70.05 51.13 26.03
N PHE H 161 70.90 50.53 26.87
CA PHE H 161 71.51 49.27 26.43
C PHE H 161 70.52 48.11 26.25
N PRO H 162 69.40 48.03 26.99
CA PRO H 162 68.48 46.90 26.74
C PRO H 162 67.91 46.85 25.34
N CYS H 163 67.78 47.99 24.67
CA CYS H 163 66.96 48.04 23.46
C CYS H 163 67.71 47.52 22.23
N CYS H 164 68.69 48.29 21.75
CA CYS H 164 69.41 47.93 20.53
C CYS H 164 70.85 48.42 20.52
N ARG H 165 71.37 48.91 21.64
CA ARG H 165 72.64 49.62 21.61
C ARG H 165 73.77 48.70 21.18
N SER H 166 73.79 47.47 21.68
CA SER H 166 74.87 46.51 21.43
C SER H 166 76.16 47.20 21.85
N ALA H 167 77.06 47.51 20.93
CA ALA H 167 78.27 48.29 21.20
C ALA H 167 79.10 47.65 22.31
N PRO H 168 79.71 46.49 22.05
CA PRO H 168 80.48 45.82 23.09
C PRO H 168 81.68 46.65 23.54
N SER H 169 81.59 47.18 24.76
CA SER H 169 82.66 47.96 25.36
C SER H 169 82.96 47.42 26.76
N ASP H 170 82.85 46.10 26.91
CA ASP H 170 83.10 45.33 28.12
C ASP H 170 82.10 45.69 29.23
N VAL H 171 81.12 46.56 28.96
CA VAL H 171 80.02 46.75 29.90
C VAL H 171 78.93 45.70 29.70
N ILE H 172 79.00 44.92 28.62
CA ILE H 172 77.96 43.96 28.29
C ILE H 172 77.86 42.87 29.36
N LEU H 173 78.87 42.72 30.20
CA LEU H 173 78.74 41.81 31.32
C LEU H 173 77.66 42.29 32.29
N VAL H 174 77.69 43.58 32.63
CA VAL H 174 76.66 44.14 33.51
C VAL H 174 75.30 44.11 32.81
N ARG H 175 75.28 44.42 31.51
CA ARG H 175 74.03 44.33 30.75
C ARG H 175 73.44 42.92 30.84
N ASP H 176 74.27 41.90 30.61
CA ASP H 176 73.76 40.54 30.59
C ASP H 176 73.30 40.12 31.99
N GLU H 177 74.05 40.50 33.02
CA GLU H 177 73.67 40.13 34.37
C GLU H 177 72.34 40.76 34.76
N ILE H 178 72.18 42.06 34.48
CA ILE H 178 70.94 42.72 34.87
C ILE H 178 69.77 42.25 34.01
N ALA H 179 70.04 41.93 32.74
CA ALA H 179 68.98 41.38 31.89
C ALA H 179 68.50 40.04 32.42
N LEU H 180 69.43 39.18 32.84
CA LEU H 180 69.03 37.91 33.46
C LEU H 180 68.28 38.14 34.75
N LEU H 181 68.69 39.14 35.53
CA LEU H 181 67.96 39.45 36.77
C LEU H 181 66.52 39.84 36.47
N HIS H 182 66.32 40.72 35.49
CA HIS H 182 64.96 41.15 35.17
C HIS H 182 64.14 40.03 34.54
N ARG H 183 64.76 39.20 33.72
CA ARG H 183 64.04 38.06 33.16
C ARG H 183 63.60 37.09 34.25
N TYR H 184 64.48 36.81 35.21
CA TYR H 184 64.11 35.93 36.32
C TYR H 184 62.99 36.55 37.14
N GLN H 185 63.08 37.84 37.41
CA GLN H 185 62.03 38.50 38.18
C GLN H 185 60.71 38.46 37.42
N SER H 186 60.75 38.65 36.10
CA SER H 186 59.54 38.59 35.29
C SER H 186 58.90 37.22 35.35
N GLN H 187 59.67 36.17 35.15
CA GLN H 187 59.08 34.83 35.14
C GLN H 187 58.58 34.44 36.52
N MET H 188 59.31 34.79 37.59
CA MET H 188 58.81 34.52 38.92
C MET H 188 57.53 35.30 39.21
N LEU H 189 57.46 36.54 38.73
CA LEU H 189 56.23 37.30 38.91
C LEU H 189 55.09 36.66 38.15
N GLY H 190 55.36 36.11 36.97
CA GLY H 190 54.33 35.40 36.24
C GLY H 190 53.83 34.18 36.99
N TRP H 191 54.75 33.42 37.59
CA TRP H 191 54.32 32.26 38.38
C TRP H 191 53.51 32.70 39.59
N ILE H 192 53.93 33.78 40.25
CA ILE H 192 53.16 34.29 41.38
C ILE H 192 51.76 34.69 40.93
N LEU H 193 51.67 35.34 39.77
CA LEU H 193 50.38 35.78 39.26
C LEU H 193 49.47 34.61 38.94
N ILE H 194 50.00 33.59 38.28
CA ILE H 194 49.15 32.45 37.90
C ILE H 194 48.74 31.66 39.14
N THR H 195 49.64 31.52 40.12
CA THR H 195 49.26 30.84 41.35
C THR H 195 48.17 31.61 42.09
N LEU H 196 48.30 32.94 42.17
CA LEU H 196 47.26 33.73 42.82
C LEU H 196 45.95 33.65 42.06
N ALA H 197 46.01 33.64 40.73
CA ALA H 197 44.79 33.53 39.94
C ALA H 197 44.09 32.19 40.19
N THR H 198 44.85 31.10 40.23
CA THR H 198 44.24 29.80 40.49
C THR H 198 43.65 29.73 41.90
N ILE H 199 44.38 30.24 42.89
CA ILE H 199 43.86 30.23 44.26
C ILE H 199 42.59 31.07 44.36
N ALA H 200 42.59 32.24 43.73
CA ALA H 200 41.41 33.10 43.74
C ALA H 200 40.23 32.42 43.05
N ALA H 201 40.48 31.75 41.93
CA ALA H 201 39.41 31.06 41.22
C ALA H 201 38.81 29.96 42.08
N LEU H 202 39.66 29.15 42.71
CA LEU H 202 39.15 28.07 43.55
C LEU H 202 38.37 28.62 44.73
N VAL H 203 38.91 29.65 45.39
CA VAL H 203 38.23 30.24 46.54
C VAL H 203 36.91 30.86 46.12
N SER H 204 36.88 31.53 44.96
CA SER H 204 35.66 32.14 44.48
C SER H 204 34.60 31.09 44.16
N CYS H 205 35.01 29.97 43.56
CA CYS H 205 34.04 28.90 43.31
C CYS H 205 33.50 28.32 44.61
N CYS H 206 34.38 28.13 45.60
CA CYS H 206 33.92 27.63 46.89
C CYS H 206 32.97 28.61 47.56
N VAL H 207 33.27 29.90 47.48
CA VAL H 207 32.40 30.91 48.08
C VAL H 207 31.07 30.96 47.34
N ALA H 208 31.09 30.78 46.02
CA ALA H 208 29.84 30.74 45.27
C ALA H 208 28.98 29.56 45.69
N LYS H 209 29.60 28.39 45.88
CA LYS H 209 28.84 27.23 46.33
C LYS H 209 28.31 27.42 47.74
N CYS H 210 29.10 28.01 48.63
CA CYS H 210 28.67 28.21 50.00
C CYS H 210 27.54 29.24 50.08
N CYS H 211 27.65 30.34 49.35
CA CYS H 211 26.72 31.46 49.43
C CYS H 211 25.47 31.24 48.58
N SER H 212 25.45 30.24 47.71
CA SER H 212 24.29 30.02 46.86
C SER H 212 23.13 29.51 47.68
N PRO H 213 21.98 30.19 47.68
CA PRO H 213 20.83 29.67 48.44
C PRO H 213 20.21 28.45 47.78
N LEU H 214 20.28 28.35 46.46
CA LEU H 214 19.71 27.21 45.76
C LEU H 214 20.51 25.94 46.07
N THR H 215 19.81 24.81 46.09
CA THR H 215 20.49 23.54 46.19
C THR H 215 21.18 23.22 44.88
N SER H 216 22.00 22.17 44.88
CA SER H 216 22.71 21.78 43.67
C SER H 216 21.75 21.46 42.55
N LEU H 217 20.76 20.61 42.82
CA LEU H 217 19.76 20.29 41.81
C LEU H 217 18.93 21.52 41.47
N GLN H 218 18.58 22.32 42.47
CA GLN H 218 17.84 23.55 42.21
C GLN H 218 18.67 24.53 41.39
N HIS H 219 19.97 24.58 41.65
CA HIS H 219 20.85 25.45 40.86
C HIS H 219 20.90 25.00 39.40
N CYS H 220 21.00 23.70 39.17
CA CYS H 220 20.96 23.18 37.80
C CYS H 220 19.64 23.53 37.12
N TYR H 221 18.53 23.35 37.83
CA TYR H 221 17.23 23.69 37.27
C TYR H 221 17.16 25.17 36.92
N TRP H 222 17.65 26.03 37.79
CA TRP H 222 17.58 27.47 37.55
C TRP H 222 18.43 27.88 36.35
N THR H 223 19.63 27.33 36.24
CA THR H 223 20.48 27.64 35.09
C THR H 223 19.80 27.25 33.78
N SER H 224 19.27 26.02 33.74
CA SER H 224 18.59 25.58 32.53
C SER H 224 17.33 26.40 32.26
N HIS H 225 16.65 26.81 33.33
CA HIS H 225 15.48 27.67 33.19
C HIS H 225 15.84 28.97 32.51
N LEU H 226 16.95 29.58 32.93
CA LEU H 226 17.34 30.86 32.36
C LEU H 226 17.66 30.71 30.87
N GLN H 227 18.50 29.72 30.54
CA GLN H 227 18.85 29.53 29.13
C GLN H 227 17.62 29.27 28.28
N ASN H 228 16.74 28.38 28.75
CA ASN H 228 15.60 27.98 27.94
C ASN H 228 14.60 29.11 27.80
N GLU H 229 14.37 29.89 28.87
CA GLU H 229 13.42 30.98 28.76
C GLU H 229 13.90 32.02 27.75
N ARG H 230 15.21 32.34 27.77
CA ARG H 230 15.69 33.34 26.82
C ARG H 230 15.55 32.83 25.38
N GLU H 231 15.94 31.57 25.14
CA GLU H 231 15.89 31.04 23.78
C GLU H 231 14.45 30.96 23.29
N LEU H 232 13.54 30.48 24.14
CA LEU H 232 12.14 30.34 23.75
C LEU H 232 11.53 31.69 23.41
N PHE H 233 11.77 32.70 24.24
CA PHE H 233 11.18 33.99 23.93
C PHE H 233 11.74 34.56 22.64
N GLU H 234 13.04 34.39 22.39
CA GLU H 234 13.59 34.87 21.12
C GLU H 234 12.87 34.22 19.94
N GLN H 235 12.75 32.89 19.97
CA GLN H 235 12.14 32.19 18.85
C GLN H 235 10.69 32.62 18.64
N ALA H 236 9.91 32.63 19.71
CA ALA H 236 8.49 32.91 19.54
C ALA H 236 8.22 34.39 19.28
N ALA H 237 9.12 35.28 19.73
CA ALA H 237 8.99 36.67 19.30
C ALA H 237 9.18 36.78 17.79
N GLU H 238 10.17 36.06 17.25
CA GLU H 238 10.31 36.01 15.81
C GLU H 238 9.04 35.50 15.15
N GLN H 239 8.48 34.40 15.65
CA GLN H 239 7.33 33.79 15.01
C GLN H 239 6.08 34.65 15.14
N HIS H 240 5.87 35.28 16.30
CA HIS H 240 4.75 36.19 16.48
C HIS H 240 4.82 37.36 15.52
N SER H 241 5.99 37.98 15.38
CA SER H 241 6.09 39.10 14.45
C SER H 241 5.90 38.62 13.02
N ARG H 242 6.40 37.43 12.69
CA ARG H 242 6.18 36.89 11.36
C ARG H 242 4.69 36.74 11.08
N LEU H 243 3.94 36.18 12.04
CA LEU H 243 2.50 36.01 11.85
C LEU H 243 1.79 37.35 11.73
N LEU H 244 2.14 38.32 12.58
CA LEU H 244 1.47 39.61 12.52
C LEU H 244 1.73 40.32 11.20
N MET H 245 2.98 40.34 10.75
CA MET H 245 3.29 40.95 9.47
C MET H 245 2.65 40.18 8.33
N MET H 246 2.58 38.86 8.44
CA MET H 246 1.97 38.06 7.39
C MET H 246 0.49 38.38 7.24
N HIS H 247 -0.21 38.55 8.37
CA HIS H 247 -1.60 38.99 8.32
C HIS H 247 -1.70 40.39 7.70
N ARG H 248 -0.78 41.28 8.08
CA ARG H 248 -0.81 42.64 7.53
C ARG H 248 -0.66 42.63 6.02
N ILE H 249 0.27 41.82 5.50
CA ILE H 249 0.50 41.82 4.07
C ILE H 249 -0.56 40.99 3.36
N LYS H 250 -1.21 40.06 4.07
CA LYS H 250 -2.41 39.43 3.54
C LYS H 250 -3.49 40.48 3.29
N LYS H 251 -3.64 41.41 4.22
CA LYS H 251 -4.54 42.54 3.99
C LYS H 251 -4.05 43.37 2.80
N LEU H 252 -2.73 43.58 2.70
CA LEU H 252 -2.17 44.45 1.68
C LEU H 252 -2.37 43.90 0.27
N PHE H 253 -1.98 42.65 0.04
CA PHE H 253 -1.96 42.05 -1.29
C PHE H 253 -3.09 41.05 -1.52
N GLY H 254 -3.98 40.86 -0.56
CA GLY H 254 -5.10 39.95 -0.75
C GLY H 254 -4.76 38.49 -0.65
N PHE H 255 -3.56 38.13 -0.22
CA PHE H 255 -3.19 36.72 -0.06
C PHE H 255 -2.09 36.59 0.97
N ILE H 256 -2.00 35.40 1.55
CA ILE H 256 -0.90 35.09 2.47
C ILE H 256 0.32 34.67 1.64
N PRO H 257 1.51 35.17 1.96
CA PRO H 257 2.70 34.79 1.18
C PRO H 257 3.03 33.32 1.30
N GLY H 258 3.62 32.78 0.23
CA GLY H 258 4.06 31.39 0.22
C GLY H 258 2.96 30.36 0.09
N SER H 259 1.78 30.75 -0.41
CA SER H 259 0.66 29.84 -0.56
C SER H 259 -0.02 30.08 -1.90
N GLU H 260 -0.89 29.14 -2.28
CA GLU H 260 -1.53 29.14 -3.59
C GLU H 260 -2.53 30.28 -3.65
N ASP H 261 -2.23 31.32 -4.45
CA ASP H 261 -3.05 32.52 -4.48
C ASP H 261 -3.64 32.81 -5.86
N VAL H 262 -3.67 31.82 -6.76
CA VAL H 262 -4.26 32.06 -8.08
C VAL H 262 -5.74 32.35 -8.01
N LYS H 263 -6.36 32.16 -6.84
CA LYS H 263 -7.77 32.46 -6.70
C LYS H 263 -8.03 33.96 -6.82
N HIS H 264 -7.27 34.77 -6.10
CA HIS H 264 -7.51 36.20 -6.08
C HIS H 264 -6.20 36.94 -5.89
N ILE H 265 -6.13 38.15 -6.43
CA ILE H 265 -5.00 39.06 -6.26
C ILE H 265 -5.55 40.45 -5.99
N ARG H 266 -4.71 41.31 -5.43
CA ARG H 266 -5.10 42.65 -5.07
C ARG H 266 -4.30 43.67 -5.87
N ILE H 267 -4.85 44.87 -6.00
CA ILE H 267 -4.17 46.01 -6.60
C ILE H 267 -4.08 47.10 -5.55
N PRO H 268 -2.91 47.26 -4.91
CA PRO H 268 -2.80 48.26 -3.84
C PRO H 268 -3.03 49.67 -4.35
N SER H 269 -3.65 50.49 -3.51
CA SER H 269 -3.82 51.90 -3.78
C SER H 269 -2.69 52.70 -3.15
N CYS H 270 -2.49 53.92 -3.66
CA CYS H 270 -1.37 54.74 -3.21
C CYS H 270 -1.50 55.06 -1.73
N GLN H 271 -2.72 55.37 -1.29
CA GLN H 271 -2.93 55.62 0.14
C GLN H 271 -2.72 54.32 0.93
N ASP H 272 -3.06 53.17 0.35
CA ASP H 272 -2.76 51.91 1.01
C ASP H 272 -1.25 51.65 1.03
N TRP H 273 -0.54 52.01 -0.05
CA TRP H 273 0.92 51.98 -0.03
C TRP H 273 1.47 52.85 1.09
N LYS H 274 0.80 53.95 1.41
CA LYS H 274 1.21 54.74 2.55
C LYS H 274 0.95 53.97 3.84
N ASP H 275 -0.21 53.30 3.96
CA ASP H 275 -0.52 52.62 5.22
C ASP H 275 0.48 51.51 5.52
N ILE H 276 0.87 50.73 4.51
CA ILE H 276 1.84 49.66 4.76
C ILE H 276 3.19 50.24 5.16
N SER H 277 3.59 51.35 4.55
CA SER H 277 4.84 52.00 4.89
C SER H 277 4.79 52.57 6.31
N LEU I 6 23.37 21.64 7.86
CA LEU I 6 24.26 22.36 8.75
C LEU I 6 24.42 23.80 8.30
N ASN I 7 23.90 24.09 7.10
CA ASN I 7 23.92 25.47 6.59
C ASN I 7 23.12 26.38 7.49
N ASN I 8 21.97 25.90 7.99
CA ASN I 8 21.18 26.69 8.93
C ASN I 8 21.96 26.98 10.20
N ILE I 9 22.70 25.99 10.69
CA ILE I 9 23.55 26.21 11.86
C ILE I 9 24.63 27.25 11.55
N VAL I 10 25.20 27.19 10.36
CA VAL I 10 26.19 28.17 9.94
C VAL I 10 25.57 29.58 9.93
N SER I 11 24.35 29.70 9.41
CA SER I 11 23.68 30.99 9.40
C SER I 11 23.44 31.49 10.83
N SER I 12 23.03 30.60 11.73
CA SER I 12 22.82 30.99 13.11
C SER I 12 24.10 31.50 13.74
N LEU I 13 25.23 30.87 13.43
CA LEU I 13 26.52 31.35 13.91
C LEU I 13 26.86 32.72 13.34
N GLN I 14 26.55 32.95 12.06
CA GLN I 14 26.83 34.26 11.48
C GLN I 14 25.96 35.33 12.13
N ARG I 15 24.78 34.95 12.62
CA ARG I 15 23.89 35.94 13.22
C ARG I 15 24.53 36.63 14.42
N ASN I 16 25.55 36.02 15.01
CA ASN I 16 26.34 36.65 16.06
C ASN I 16 27.29 37.65 15.42
N GLY I 17 27.30 38.88 15.94
CA GLY I 17 28.12 39.92 15.36
C GLY I 17 29.61 39.74 15.59
N ILE I 18 29.99 38.92 16.57
CA ILE I 18 31.40 38.75 16.90
C ILE I 18 32.15 38.13 15.73
N PHE I 19 31.59 37.10 15.11
CA PHE I 19 32.27 36.45 14.00
C PHE I 19 32.43 37.39 12.81
N ILE I 20 31.36 38.11 12.46
CA ILE I 20 31.44 39.00 11.29
C ILE I 20 32.40 40.14 11.55
N ASN I 21 32.36 40.73 12.74
CA ASN I 21 33.29 41.80 13.06
C ASN I 21 34.73 41.31 13.05
N SER I 22 34.97 40.10 13.57
CA SER I 22 36.31 39.53 13.51
C SER I 22 36.75 39.31 12.07
N LEU I 23 35.84 38.85 11.22
CA LEU I 23 36.18 38.62 9.82
C LEU I 23 36.51 39.93 9.12
N ILE I 24 35.76 40.99 9.41
CA ILE I 24 36.03 42.30 8.83
C ILE I 24 37.40 42.81 9.30
N ALA I 25 37.70 42.65 10.60
CA ALA I 25 38.99 43.11 11.11
C ALA I 25 40.14 42.33 10.48
N ALA I 26 39.98 41.01 10.32
CA ALA I 26 41.03 40.22 9.70
C ALA I 26 41.25 40.62 8.24
N LEU I 27 40.16 40.87 7.51
CA LEU I 27 40.33 41.33 6.13
C LEU I 27 41.01 42.69 6.09
N THR I 28 40.67 43.58 7.02
CA THR I 28 41.33 44.88 7.06
C THR I 28 42.81 44.74 7.34
N ILE I 29 43.19 43.84 8.25
CA ILE I 29 44.60 43.63 8.56
C ILE I 29 45.35 43.09 7.35
N GLY I 30 44.79 42.08 6.69
CA GLY I 30 45.45 41.54 5.52
C GLY I 30 45.57 42.53 4.39
N GLY I 31 44.49 43.27 4.12
CA GLY I 31 44.54 44.28 3.08
C GLY I 31 45.52 45.38 3.39
N GLN I 32 45.59 45.81 4.65
CA GLN I 32 46.57 46.82 5.02
C GLN I 32 47.98 46.31 4.84
N GLN I 33 48.23 45.05 5.23
CA GLN I 33 49.57 44.49 5.04
C GLN I 33 49.96 44.53 3.57
N LEU I 34 49.10 44.00 2.70
CA LEU I 34 49.46 43.98 1.28
C LEU I 34 49.61 45.39 0.73
N PHE I 35 48.67 46.29 1.06
CA PHE I 35 48.68 47.64 0.52
C PHE I 35 49.93 48.41 0.94
N SER I 36 50.24 48.38 2.24
CA SER I 36 51.40 49.11 2.73
C SER I 36 52.70 48.51 2.24
N SER I 37 52.83 47.18 2.28
CA SER I 37 54.07 46.58 1.82
C SER I 37 54.23 46.69 0.31
N SER I 38 53.16 47.00 -0.42
CA SER I 38 53.29 47.12 -1.87
C SER I 38 53.56 48.56 -2.30
N THR I 39 52.69 49.50 -1.94
CA THR I 39 52.69 50.81 -2.58
C THR I 39 52.75 51.94 -1.57
N PHE I 40 53.66 51.88 -0.59
CA PHE I 40 53.79 53.04 0.28
C PHE I 40 54.74 54.07 -0.33
N SER I 41 56.01 53.71 -0.49
CA SER I 41 57.02 54.56 -1.13
C SER I 41 57.01 55.99 -0.58
N CYS I 42 57.40 56.11 0.68
CA CYS I 42 57.40 57.40 1.35
C CYS I 42 58.24 58.42 0.58
N PRO I 43 57.68 59.57 0.21
CA PRO I 43 58.42 60.55 -0.57
C PRO I 43 59.43 61.31 0.28
N CYS I 44 60.36 61.95 -0.41
CA CYS I 44 61.39 62.74 0.22
C CYS I 44 61.16 64.23 0.03
N GLN I 45 59.99 64.62 -0.47
CA GLN I 45 59.75 66.00 -0.83
C GLN I 45 59.75 66.88 0.41
N VAL I 46 60.50 67.98 0.36
CA VAL I 46 60.60 68.89 1.49
C VAL I 46 59.29 69.65 1.68
N GLY I 47 58.67 70.10 0.60
CA GLY I 47 57.49 70.93 0.68
C GLY I 47 56.29 70.26 1.31
N LYS I 48 55.79 69.21 0.67
CA LYS I 48 54.57 68.51 1.09
C LYS I 48 54.90 67.04 1.32
N ASN I 49 55.03 66.66 2.58
CA ASN I 49 55.26 65.26 2.95
C ASN I 49 54.29 64.87 4.05
N PHE I 50 53.81 65.85 4.82
CA PHE I 50 52.78 65.59 5.80
C PHE I 50 51.49 65.16 5.15
N TYR I 51 51.13 65.77 4.01
CA TYR I 51 49.90 65.40 3.32
C TYR I 51 49.94 63.95 2.87
N TYR I 52 51.10 63.47 2.45
CA TYR I 52 51.19 62.08 1.97
C TYR I 52 50.85 61.10 3.07
N GLY I 53 51.52 61.21 4.22
CA GLY I 53 51.24 60.30 5.32
C GLY I 53 49.84 60.49 5.88
N SER I 54 49.40 61.74 5.99
CA SER I 54 48.06 61.99 6.52
C SER I 54 46.99 61.38 5.62
N ALA I 55 47.16 61.49 4.30
CA ALA I 55 46.21 60.86 3.39
C ALA I 55 46.25 59.35 3.52
N PHE I 56 47.45 58.76 3.44
CA PHE I 56 47.57 57.32 3.55
C PHE I 56 47.08 56.79 4.89
N LEU I 57 46.96 57.64 5.91
CA LEU I 57 46.55 57.21 7.23
C LEU I 57 45.07 57.45 7.50
N VAL I 58 44.48 58.52 6.98
CA VAL I 58 43.10 58.87 7.30
C VAL I 58 42.14 58.55 6.16
N ILE I 59 42.55 58.72 4.89
CA ILE I 59 41.62 58.51 3.79
C ILE I 59 41.08 57.09 3.73
N PRO I 60 41.90 56.04 3.82
CA PRO I 60 41.31 54.69 3.86
C PRO I 60 40.36 54.49 5.03
N ALA I 61 40.68 55.06 6.19
CA ALA I 61 39.77 54.92 7.34
C ALA I 61 38.45 55.63 7.07
N LEU I 62 38.49 56.82 6.47
CA LEU I 62 37.27 57.54 6.16
C LEU I 62 36.44 56.79 5.13
N ILE I 63 37.10 56.23 4.11
CA ILE I 63 36.40 55.46 3.09
C ILE I 63 35.75 54.23 3.70
N LEU I 64 36.46 53.52 4.56
CA LEU I 64 35.88 52.34 5.19
C LEU I 64 34.71 52.70 6.09
N LEU I 65 34.82 53.82 6.82
CA LEU I 65 33.70 54.28 7.65
C LEU I 65 32.47 54.58 6.78
N VAL I 66 32.67 55.32 5.69
CA VAL I 66 31.55 55.65 4.82
C VAL I 66 30.96 54.41 4.20
N ALA I 67 31.79 53.46 3.79
CA ALA I 67 31.30 52.22 3.22
C ALA I 67 30.49 51.42 4.24
N GLY I 68 30.98 51.34 5.47
CA GLY I 68 30.25 50.61 6.50
C GLY I 68 28.89 51.22 6.78
N PHE I 69 28.81 52.56 6.77
CA PHE I 69 27.52 53.19 7.00
C PHE I 69 26.59 53.05 5.79
N ALA I 70 27.11 53.28 4.58
CA ALA I 70 26.25 53.35 3.40
C ALA I 70 25.80 51.97 2.95
N LEU I 71 26.68 50.96 3.02
CA LEU I 71 26.34 49.64 2.49
C LEU I 71 25.22 48.97 3.25
N ARG I 72 24.89 49.48 4.44
CA ARG I 72 23.78 48.93 5.22
C ARG I 72 22.47 49.58 4.79
N SER I 73 21.53 48.78 4.29
CA SER I 73 20.26 49.31 3.83
C SER I 73 19.43 49.88 4.97
N GLN I 74 19.62 49.36 6.19
CA GLN I 74 18.93 49.93 7.33
C GLN I 74 19.27 51.40 7.51
N MET I 75 20.51 51.79 7.19
CA MET I 75 20.87 53.20 7.25
C MET I 75 20.09 54.02 6.24
N TRP I 76 19.88 53.50 5.04
CA TRP I 76 19.07 54.23 4.07
C TRP I 76 17.64 54.37 4.57
N THR I 77 17.10 53.32 5.20
CA THR I 77 15.75 53.41 5.75
C THR I 77 15.68 54.46 6.86
N ILE I 78 16.68 54.50 7.74
CA ILE I 78 16.70 55.50 8.80
C ILE I 78 16.76 56.91 8.22
N THR I 79 17.64 57.11 7.24
CA THR I 79 17.76 58.43 6.64
C THR I 79 16.46 58.84 5.94
N GLY I 80 15.79 57.88 5.30
CA GLY I 80 14.50 58.18 4.70
C GLY I 80 13.45 58.55 5.72
N GLU I 81 13.45 57.88 6.87
CA GLU I 81 12.52 58.24 7.93
C GLU I 81 12.80 59.62 8.49
N TYR I 82 14.07 59.92 8.76
CA TYR I 82 14.41 61.20 9.38
C TYR I 82 14.21 62.36 8.40
N CYS I 83 14.62 62.17 7.14
CA CYS I 83 14.49 63.23 6.14
C CYS I 83 13.03 63.58 5.88
N PRO I 95 9.79 61.73 20.47
CA PRO I 95 9.01 60.60 20.96
C PRO I 95 9.69 59.26 20.75
N LEU I 96 8.92 58.17 20.74
CA LEU I 96 9.51 56.84 20.64
C LEU I 96 10.12 56.58 19.27
N GLU I 97 9.61 57.21 18.23
CA GLU I 97 10.19 57.02 16.90
C GLU I 97 11.64 57.51 16.85
N CYS I 98 11.92 58.64 17.49
CA CYS I 98 13.29 59.14 17.53
C CYS I 98 14.22 58.16 18.25
N LYS I 99 13.78 57.64 19.39
CA LYS I 99 14.62 56.69 20.13
C LYS I 99 14.83 55.41 19.34
N LEU I 100 13.80 54.95 18.64
CA LEU I 100 13.92 53.74 17.84
C LEU I 100 14.91 53.94 16.70
N ALA I 101 14.82 55.10 16.04
CA ALA I 101 15.77 55.41 14.98
C ALA I 101 17.20 55.50 15.52
N CYS I 102 17.35 56.09 16.71
CA CYS I 102 18.68 56.18 17.32
C CYS I 102 19.23 54.80 17.63
N LEU I 103 18.37 53.90 18.13
CA LEU I 103 18.80 52.54 18.41
C LEU I 103 19.25 51.82 17.14
N ARG I 104 18.50 51.99 16.05
CA ARG I 104 18.90 51.36 14.80
C ARG I 104 20.21 51.95 14.28
N PHE I 105 20.37 53.26 14.43
CA PHE I 105 21.62 53.90 14.04
C PHE I 105 22.78 53.34 14.83
N PHE I 106 22.59 53.12 16.13
CA PHE I 106 23.65 52.52 16.95
C PHE I 106 23.98 51.11 16.49
N SER I 107 22.96 50.31 16.18
CA SER I 107 23.19 48.96 15.70
C SER I 107 24.00 48.96 14.41
N ILE I 108 23.76 49.95 13.54
CA ILE I 108 24.57 50.09 12.33
C ILE I 108 25.99 50.55 12.70
N THR I 109 26.09 51.48 13.65
CA THR I 109 27.37 52.07 14.02
C THR I 109 28.33 51.04 14.57
N GLY I 110 27.82 49.95 15.15
CA GLY I 110 28.71 48.89 15.57
C GLY I 110 29.67 48.44 14.47
N ARG I 111 29.10 47.98 13.36
CA ARG I 111 29.94 47.57 12.23
C ARG I 111 30.64 48.77 11.58
N ALA I 112 29.94 49.90 11.47
CA ALA I 112 30.56 51.05 10.83
C ALA I 112 31.80 51.51 11.59
N VAL I 113 31.90 51.19 12.87
CA VAL I 113 33.06 51.56 13.67
C VAL I 113 34.11 50.47 13.67
N ILE I 114 33.72 49.19 13.72
CA ILE I 114 34.76 48.16 13.71
C ILE I 114 35.48 48.15 12.36
N ALA I 115 34.85 48.67 11.30
CA ALA I 115 35.51 48.62 10.00
C ALA I 115 36.80 49.44 9.93
N PRO I 116 36.83 50.73 10.29
CA PRO I 116 38.07 51.50 10.14
C PRO I 116 38.98 51.50 11.35
N LEU I 117 38.46 51.18 12.53
CA LEU I 117 39.29 51.17 13.73
C LEU I 117 40.42 50.17 13.58
N THR I 118 40.17 49.05 12.92
CA THR I 118 41.24 48.09 12.67
C THR I 118 42.33 48.71 11.81
N TRP I 119 41.94 49.45 10.77
CA TRP I 119 42.93 50.09 9.91
C TRP I 119 43.77 51.09 10.70
N LEU I 120 43.11 51.96 11.47
CA LEU I 120 43.87 52.96 12.22
C LEU I 120 44.79 52.29 13.24
N ALA I 121 44.29 51.29 13.96
CA ALA I 121 45.11 50.63 14.96
C ALA I 121 46.32 49.96 14.33
N VAL I 122 46.11 49.21 13.25
CA VAL I 122 47.24 48.51 12.63
C VAL I 122 48.25 49.49 12.07
N THR I 123 47.78 50.53 11.39
CA THR I 123 48.71 51.49 10.80
C THR I 123 49.50 52.23 11.87
N LEU I 124 48.86 52.65 12.96
CA LEU I 124 49.59 53.34 14.01
C LEU I 124 50.57 52.40 14.71
N LEU I 125 50.17 51.15 14.97
CA LEU I 125 51.06 50.22 15.65
C LEU I 125 52.28 49.90 14.79
N THR I 126 52.08 49.73 13.49
CA THR I 126 53.23 49.57 12.61
C THR I 126 54.09 50.82 12.62
N GLY I 127 53.47 51.99 12.61
CA GLY I 127 54.17 53.24 12.83
C GLY I 127 54.80 53.86 11.61
N THR I 128 54.91 53.13 10.50
CA THR I 128 55.58 53.68 9.33
C THR I 128 54.79 54.84 8.73
N TYR I 129 53.46 54.74 8.70
CA TYR I 129 52.64 55.83 8.18
C TYR I 129 52.82 57.09 9.01
N TYR I 130 52.77 56.96 10.34
CA TYR I 130 52.93 58.13 11.19
C TYR I 130 54.32 58.72 11.07
N GLU I 131 55.33 57.87 10.93
CA GLU I 131 56.70 58.37 10.74
C GLU I 131 56.79 59.20 9.47
N CYS I 132 56.34 58.63 8.34
CA CYS I 132 56.41 59.36 7.08
C CYS I 132 55.54 60.62 7.11
N ALA I 133 54.51 60.64 7.95
CA ALA I 133 53.64 61.80 8.01
C ALA I 133 54.26 62.93 8.82
N ALA I 134 54.67 62.63 10.05
CA ALA I 134 55.13 63.65 10.98
C ALA I 134 56.64 63.69 11.14
N SER I 135 57.39 63.22 10.13
CA SER I 135 58.84 63.35 10.20
C SER I 135 59.28 64.81 10.25
N GLU I 136 58.72 65.65 9.40
CA GLU I 136 59.23 67.00 9.25
C GLU I 136 58.95 67.89 10.45
N PHE I 137 58.05 67.47 11.34
CA PHE I 137 57.70 68.27 12.51
C PHE I 137 58.60 67.99 13.70
N ALA I 138 59.72 67.29 13.49
CA ALA I 138 60.65 66.99 14.56
C ALA I 138 61.38 68.25 15.03
N SER I 139 61.72 68.28 16.30
CA SER I 139 62.45 69.39 16.88
C SER I 139 63.95 69.23 16.64
N VAL I 140 64.66 70.35 16.63
CA VAL I 140 66.10 70.38 16.42
C VAL I 140 66.86 71.08 17.54
N ASP I 141 66.15 71.63 18.53
CA ASP I 141 66.82 72.33 19.62
C ASP I 141 67.68 71.37 20.44
N HIS I 142 67.18 70.16 20.68
CA HIS I 142 67.92 69.19 21.49
C HIS I 142 69.24 68.82 20.84
N TYR I 143 69.27 68.75 19.52
CA TYR I 143 70.44 68.25 18.80
C TYR I 143 71.32 69.42 18.35
N PRO I 144 72.54 69.56 18.87
CA PRO I 144 73.39 70.67 18.42
C PRO I 144 73.84 70.54 16.98
N MET I 145 73.74 69.35 16.38
CA MET I 145 74.18 69.16 15.01
C MET I 145 73.32 69.89 14.00
N PHE I 146 72.12 70.31 14.39
CA PHE I 146 71.16 70.94 13.47
C PHE I 146 71.10 72.45 13.64
N ASP I 147 72.24 73.10 13.88
CA ASP I 147 72.26 74.55 13.97
C ASP I 147 71.79 75.18 12.66
N ASN I 148 72.57 75.03 11.60
CA ASN I 148 72.18 75.39 10.24
C ASN I 148 71.59 76.80 10.15
N VAL I 149 72.47 77.78 10.39
CA VAL I 149 72.11 79.19 10.37
C VAL I 149 71.35 79.57 9.11
N SER I 150 71.50 78.76 8.05
CA SER I 150 70.71 78.98 6.84
C SER I 150 69.22 78.82 7.10
N ALA I 151 68.84 77.92 8.01
CA ALA I 151 67.47 77.72 8.47
C ALA I 151 66.54 77.23 7.37
N SER I 152 67.08 76.85 6.22
CA SER I 152 66.29 76.26 5.14
C SER I 152 66.81 74.89 4.72
N LYS I 153 68.12 74.70 4.70
CA LYS I 153 68.69 73.39 4.41
C LYS I 153 68.32 72.41 5.51
N ARG I 154 68.26 72.88 6.77
CA ARG I 154 67.92 72.02 7.89
C ARG I 154 66.55 71.39 7.71
N GLU I 155 65.56 72.19 7.30
CA GLU I 155 64.23 71.64 7.07
C GLU I 155 64.26 70.59 5.98
N GLU I 156 65.01 70.83 4.91
CA GLU I 156 65.06 69.88 3.81
C GLU I 156 65.69 68.57 4.23
N ILE I 157 66.82 68.62 4.95
CA ILE I 157 67.44 67.37 5.37
C ILE I 157 66.56 66.65 6.38
N LEU I 158 65.87 67.41 7.24
CA LEU I 158 64.96 66.81 8.22
C LEU I 158 63.85 66.06 7.54
N ALA I 159 63.27 66.63 6.49
CA ALA I 159 62.25 65.93 5.73
C ALA I 159 62.83 64.88 4.79
N GLY I 160 64.13 64.90 4.56
CA GLY I 160 64.74 63.98 3.61
C GLY I 160 65.27 62.68 4.18
N PHE I 161 65.94 62.72 5.33
CA PHE I 161 66.60 61.48 5.77
C PHE I 161 65.64 60.34 6.11
N PRO I 162 64.39 60.57 6.56
CA PRO I 162 63.53 59.42 6.85
C PRO I 162 63.22 58.56 5.64
N CYS I 163 63.24 59.13 4.44
CA CYS I 163 62.65 58.43 3.29
C CYS I 163 63.60 57.39 2.69
N CYS I 164 64.67 57.86 2.04
CA CYS I 164 65.59 56.96 1.35
C CYS I 164 67.01 57.49 1.30
N ARG I 165 67.33 58.55 2.03
CA ARG I 165 68.59 59.24 1.83
C ARG I 165 69.77 58.34 2.16
N SER I 166 69.67 57.59 3.26
CA SER I 166 70.77 56.75 3.75
C SER I 166 71.97 57.66 3.93
N ALA I 167 73.04 57.50 3.14
CA ALA I 167 74.18 58.41 3.13
C ALA I 167 74.78 58.54 4.52
N PRO I 168 75.41 57.48 5.05
CA PRO I 168 75.97 57.57 6.41
C PRO I 168 77.07 58.62 6.52
N SER I 169 76.77 59.71 7.20
CA SER I 169 77.74 60.78 7.43
C SER I 169 77.75 61.12 8.91
N ASP I 170 77.61 60.09 9.75
CA ASP I 170 77.61 60.14 11.20
C ASP I 170 76.44 60.96 11.76
N VAL I 171 75.53 61.46 10.90
CA VAL I 171 74.28 62.02 11.38
C VAL I 171 73.23 60.95 11.62
N ILE I 172 73.49 59.72 11.18
CA ILE I 172 72.51 58.64 11.28
C ILE I 172 72.19 58.31 12.72
N LEU I 173 73.03 58.73 13.67
CA LEU I 173 72.68 58.58 15.07
C LEU I 173 71.45 59.41 15.42
N VAL I 174 71.44 60.68 14.99
CA VAL I 174 70.28 61.54 15.22
C VAL I 174 69.07 61.01 14.45
N ARG I 175 69.28 60.55 13.22
CA ARG I 175 68.20 59.96 12.45
C ARG I 175 67.58 58.78 13.19
N ASP I 176 68.42 57.88 13.71
CA ASP I 176 67.90 56.69 14.38
C ASP I 176 67.19 57.07 15.66
N GLU I 177 67.74 58.01 16.42
CA GLU I 177 67.12 58.40 17.67
C GLU I 177 65.75 59.03 17.42
N ILE I 178 65.66 59.94 16.45
CA ILE I 178 64.38 60.60 16.20
C ILE I 178 63.39 59.63 15.57
N ALA I 179 63.87 58.69 14.75
CA ALA I 179 62.97 57.68 14.19
C ALA I 179 62.39 56.81 15.29
N LEU I 180 63.20 56.41 16.26
CA LEU I 180 62.68 55.65 17.40
C LEU I 180 61.71 56.49 18.21
N LEU I 181 61.99 57.78 18.36
CA LEU I 181 61.06 58.65 19.08
C LEU I 181 59.70 58.68 18.39
N HIS I 182 59.69 58.86 17.07
CA HIS I 182 58.42 58.94 16.35
C HIS I 182 57.71 57.58 16.32
N ARG I 183 58.46 56.49 16.21
CA ARG I 183 57.83 55.17 16.26
C ARG I 183 57.18 54.93 17.63
N TYR I 184 57.87 55.29 18.70
CA TYR I 184 57.28 55.14 20.03
C TYR I 184 56.05 56.00 20.18
N GLN I 185 56.12 57.24 19.71
CA GLN I 185 54.95 58.12 19.79
C GLN I 185 53.79 57.56 18.99
N SER I 186 54.07 56.99 17.82
CA SER I 186 53.04 56.40 16.99
C SER I 186 52.36 55.24 17.69
N GLN I 187 53.15 54.31 18.23
CA GLN I 187 52.54 53.14 18.87
C GLN I 187 51.79 53.53 20.14
N MET I 188 52.32 54.46 20.93
CA MET I 188 51.58 54.92 22.10
C MET I 188 50.28 55.61 21.68
N LEU I 189 50.31 56.38 20.60
CA LEU I 189 49.09 57.01 20.11
C LEU I 189 48.09 55.96 19.67
N GLY I 190 48.57 54.88 19.05
CA GLY I 190 47.67 53.80 18.68
C GLY I 190 47.03 53.15 19.89
N TRP I 191 47.80 52.92 20.94
CA TRP I 191 47.23 52.36 22.16
C TRP I 191 46.21 53.31 22.79
N ILE I 192 46.52 54.61 22.80
CA ILE I 192 45.56 55.58 23.32
C ILE I 192 44.28 55.55 22.50
N LEU I 193 44.42 55.46 21.18
CA LEU I 193 43.25 55.43 20.30
C LEU I 193 42.39 54.19 20.54
N ILE I 194 43.02 53.02 20.65
CA ILE I 194 42.24 51.81 20.83
C ILE I 194 41.59 51.78 22.22
N THR I 195 42.29 52.27 23.24
CA THR I 195 41.69 52.36 24.57
C THR I 195 40.49 53.30 24.56
N LEU I 196 40.62 54.46 23.93
CA LEU I 196 39.49 55.39 23.84
C LEU I 196 38.34 54.79 23.05
N ALA I 197 38.65 54.06 21.98
CA ALA I 197 37.59 53.43 21.20
C ALA I 197 36.84 52.40 22.03
N THR I 198 37.55 51.57 22.80
CA THR I 198 36.89 50.58 23.63
C THR I 198 36.05 51.24 24.71
N ILE I 199 36.59 52.27 25.36
CA ILE I 199 35.83 52.96 26.40
C ILE I 199 34.58 53.60 25.82
N ALA I 200 34.71 54.24 24.65
CA ALA I 200 33.56 54.85 24.00
C ALA I 200 32.53 53.81 23.61
N ALA I 201 32.97 52.65 23.10
CA ALA I 201 32.03 51.61 22.74
C ALA I 201 31.26 51.10 23.95
N LEU I 202 31.97 50.86 25.06
CA LEU I 202 31.29 50.37 26.26
C LEU I 202 30.32 51.40 26.80
N VAL I 203 30.75 52.67 26.85
CA VAL I 203 29.87 53.73 27.35
C VAL I 203 28.67 53.90 26.44
N SER I 204 28.86 53.82 25.13
CA SER I 204 27.75 53.96 24.19
C SER I 204 26.76 52.82 24.35
N CYS I 205 27.25 51.59 24.54
CA CYS I 205 26.33 50.48 24.77
C CYS I 205 25.56 50.67 26.06
N CYS I 206 26.23 51.12 27.12
CA CYS I 206 25.53 51.37 28.39
C CYS I 206 24.49 52.47 28.24
N VAL I 207 24.83 53.53 27.51
CA VAL I 207 23.87 54.62 27.29
C VAL I 207 22.70 54.14 26.44
N ALA I 208 22.96 53.28 25.46
CA ALA I 208 21.87 52.72 24.67
C ALA I 208 20.94 51.88 25.54
N LYS I 209 21.49 51.07 26.43
CA LYS I 209 20.64 50.28 27.33
C LYS I 209 19.86 51.17 28.28
N CYS I 210 20.49 52.21 28.82
CA CYS I 210 19.80 53.10 29.75
C CYS I 210 18.70 53.90 29.07
N CYS I 211 18.97 54.43 27.88
CA CYS I 211 18.05 55.31 27.18
C CYS I 211 16.99 54.56 26.39
N SER I 212 17.11 53.26 26.24
CA SER I 212 16.13 52.50 25.47
C SER I 212 14.82 52.42 26.24
N PRO I 213 13.69 52.89 25.68
CA PRO I 213 12.42 52.77 26.40
C PRO I 213 11.90 51.34 26.44
N LEU I 214 12.22 50.54 25.43
CA LEU I 214 11.76 49.16 25.39
C LEU I 214 12.47 48.34 26.47
N THR I 215 11.76 47.36 27.01
CA THR I 215 12.38 46.41 27.91
C THR I 215 13.30 45.49 27.12
N SER I 216 14.09 44.69 27.84
CA SER I 216 15.01 43.77 27.18
C SER I 216 14.26 42.80 26.28
N LEU I 217 13.22 42.16 26.82
CA LEU I 217 12.42 41.25 26.00
C LEU I 217 11.68 42.01 24.91
N GLN I 218 11.17 43.19 25.22
CA GLN I 218 10.51 44.01 24.21
C GLN I 218 11.50 44.44 23.14
N HIS I 219 12.74 44.75 23.53
CA HIS I 219 13.76 45.11 22.54
C HIS I 219 14.06 43.95 21.62
N CYS I 220 14.17 42.74 22.16
CA CYS I 220 14.39 41.56 21.32
C CYS I 220 13.22 41.36 20.37
N TYR I 221 11.99 41.51 20.86
CA TYR I 221 10.83 41.37 20.01
C TYR I 221 10.84 42.40 18.89
N TRP I 222 11.18 43.64 19.21
CA TRP I 222 11.18 44.69 18.21
C TRP I 222 12.24 44.46 17.14
N THR I 223 13.44 44.04 17.53
CA THR I 223 14.48 43.75 16.56
C THR I 223 14.05 42.65 15.61
N SER I 224 13.51 41.56 16.17
CA SER I 224 13.07 40.46 15.31
C SER I 224 11.89 40.89 14.43
N HIS I 225 11.02 41.76 14.97
CA HIS I 225 9.91 42.29 14.19
C HIS I 225 10.42 43.03 12.97
N LEU I 226 11.44 43.87 13.15
CA LEU I 226 11.96 44.65 12.04
C LEU I 226 12.54 43.76 10.97
N GLN I 227 13.41 42.82 11.37
CA GLN I 227 14.01 41.93 10.39
C GLN I 227 12.95 41.14 9.63
N ASN I 228 11.98 40.58 10.37
CA ASN I 228 11.01 39.70 9.74
C ASN I 228 10.06 40.48 8.84
N GLU I 229 9.66 41.69 9.24
CA GLU I 229 8.77 42.46 8.39
C GLU I 229 9.44 42.81 7.09
N ARG I 230 10.72 43.19 7.13
CA ARG I 230 11.38 43.55 5.87
C ARG I 230 11.51 42.33 4.97
N GLU I 231 11.92 41.19 5.53
CA GLU I 231 12.10 40.00 4.70
C GLU I 231 10.77 39.54 4.11
N LEU I 232 9.72 39.52 4.92
CA LEU I 232 8.41 39.07 4.46
C LEU I 232 7.90 39.94 3.34
N PHE I 233 8.00 41.27 3.49
CA PHE I 233 7.49 42.13 2.43
C PHE I 233 8.29 41.94 1.15
N GLU I 234 9.61 41.77 1.25
CA GLU I 234 10.39 41.52 0.04
C GLU I 234 9.88 40.28 -0.69
N GLN I 235 9.74 39.18 0.05
CA GLN I 235 9.34 37.93 -0.58
C GLN I 235 7.96 38.04 -1.21
N ALA I 236 6.99 38.57 -0.48
CA ALA I 236 5.64 38.59 -1.00
C ALA I 236 5.45 39.65 -2.07
N ALA I 237 6.25 40.72 -2.06
CA ALA I 237 6.23 41.63 -3.19
C ALA I 237 6.69 40.92 -4.45
N GLU I 238 7.75 40.11 -4.34
CA GLU I 238 8.17 39.29 -5.47
C GLU I 238 7.02 38.39 -5.92
N GLN I 239 6.37 37.71 -4.99
CA GLN I 239 5.34 36.73 -5.37
C GLN I 239 4.09 37.42 -5.94
N HIS I 240 3.70 38.56 -5.38
CA HIS I 240 2.58 39.32 -5.92
C HIS I 240 2.84 39.77 -7.34
N SER I 241 4.03 40.32 -7.60
CA SER I 241 4.31 40.74 -8.97
C SER I 241 4.39 39.56 -9.91
N ARG I 242 4.92 38.42 -9.43
CA ARG I 242 4.93 37.23 -10.25
C ARG I 242 3.51 36.82 -10.63
N LEU I 243 2.59 36.81 -9.66
CA LEU I 243 1.21 36.44 -9.97
C LEU I 243 0.56 37.43 -10.92
N LEU I 244 0.77 38.73 -10.71
CA LEU I 244 0.14 39.72 -11.57
C LEU I 244 0.64 39.61 -13.00
N MET I 245 1.96 39.49 -13.17
CA MET I 245 2.50 39.33 -14.52
C MET I 245 2.07 38.01 -15.12
N MET I 246 1.95 36.96 -14.30
CA MET I 246 1.54 35.66 -14.83
C MET I 246 0.12 35.72 -15.35
N HIS I 247 -0.77 36.41 -14.64
CA HIS I 247 -2.12 36.64 -15.17
C HIS I 247 -2.08 37.46 -16.45
N ARG I 248 -1.23 38.48 -16.49
CA ARG I 248 -1.14 39.31 -17.70
C ARG I 248 -0.73 38.48 -18.90
N ILE I 249 0.27 37.62 -18.74
CA ILE I 249 0.77 36.84 -19.86
C ILE I 249 -0.17 35.67 -20.16
N LYS I 250 -0.94 35.24 -19.16
CA LYS I 250 -2.03 34.32 -19.44
C LYS I 250 -3.04 34.95 -20.40
N LYS I 251 -3.35 36.23 -20.17
CA LYS I 251 -4.15 36.96 -21.14
C LYS I 251 -3.44 37.04 -22.48
N LEU I 252 -2.13 37.28 -22.46
CA LEU I 252 -1.38 37.50 -23.70
C LEU I 252 -1.32 36.26 -24.58
N PHE I 253 -0.93 35.12 -24.01
CA PHE I 253 -0.67 33.89 -24.76
C PHE I 253 -1.75 32.84 -24.57
N GLY I 254 -2.81 33.13 -23.84
CA GLY I 254 -3.88 32.16 -23.67
C GLY I 254 -3.60 31.03 -22.72
N PHE I 255 -2.50 31.07 -21.97
CA PHE I 255 -2.19 30.03 -21.01
C PHE I 255 -1.30 30.58 -19.91
N ILE I 256 -1.34 29.92 -18.77
CA ILE I 256 -0.44 30.25 -17.67
C ILE I 256 0.91 29.55 -17.91
N PRO I 257 2.03 30.24 -17.73
CA PRO I 257 3.33 29.61 -17.97
C PRO I 257 3.61 28.47 -17.00
N GLY I 258 4.38 27.50 -17.49
CA GLY I 258 4.79 26.37 -16.66
C GLY I 258 3.72 25.35 -16.37
N SER I 259 2.65 25.30 -17.18
CA SER I 259 1.57 24.35 -16.98
C SER I 259 1.14 23.76 -18.32
N GLU I 260 0.35 22.69 -18.25
CA GLU I 260 -0.05 21.92 -19.43
C GLU I 260 -1.01 22.75 -20.27
N ASP I 261 -0.54 23.21 -21.45
CA ASP I 261 -1.32 24.12 -22.28
C ASP I 261 -1.64 23.55 -23.65
N VAL I 262 -1.52 22.24 -23.85
CA VAL I 262 -1.86 21.66 -25.16
C VAL I 262 -3.33 21.81 -25.49
N LYS I 263 -4.14 22.24 -24.53
CA LYS I 263 -5.56 22.43 -24.82
C LYS I 263 -5.76 23.60 -25.78
N HIS I 264 -5.13 24.74 -25.52
CA HIS I 264 -5.35 25.92 -26.34
C HIS I 264 -4.08 26.76 -26.38
N ILE I 265 -3.89 27.47 -27.48
CA ILE I 265 -2.80 28.42 -27.66
C ILE I 265 -3.36 29.67 -28.30
N ARG I 266 -2.62 30.77 -28.18
CA ARG I 266 -3.06 32.06 -28.69
C ARG I 266 -2.09 32.54 -29.78
N ILE I 267 -2.60 33.42 -30.64
CA ILE I 267 -1.80 34.09 -31.64
C ILE I 267 -1.88 35.59 -31.38
N PRO I 268 -0.86 36.17 -30.76
CA PRO I 268 -0.92 37.59 -30.41
C PRO I 268 -1.03 38.47 -31.65
N SER I 269 -1.78 39.56 -31.51
CA SER I 269 -1.88 40.58 -32.55
C SER I 269 -0.86 41.68 -32.30
N CYS I 270 -0.55 42.43 -33.36
CA CYS I 270 0.48 43.46 -33.26
C CYS I 270 0.09 44.53 -32.24
N GLN I 271 -1.18 44.92 -32.24
CA GLN I 271 -1.66 45.88 -31.26
C GLN I 271 -1.61 45.26 -29.86
N ASP I 272 -1.86 43.96 -29.76
CA ASP I 272 -1.70 43.29 -28.47
C ASP I 272 -0.23 43.22 -28.07
N TRP I 273 0.67 42.99 -29.03
CA TRP I 273 2.10 43.10 -28.76
C TRP I 273 2.45 44.49 -28.24
N LYS I 274 1.75 45.52 -28.70
CA LYS I 274 1.96 46.84 -28.13
C LYS I 274 1.45 46.88 -26.69
N ASP I 275 0.29 46.28 -26.42
CA ASP I 275 -0.27 46.37 -25.06
C ASP I 275 0.65 45.70 -24.04
N ILE I 276 1.20 44.54 -24.37
CA ILE I 276 2.09 43.87 -23.41
C ILE I 276 3.35 44.69 -23.20
N SER I 277 3.88 45.31 -24.24
CA SER I 277 5.05 46.16 -24.12
C SER I 277 4.76 47.40 -23.29
N LEU J 6 21.93 24.18 -1.99
CA LEU J 6 22.67 25.34 -1.51
C LEU J 6 22.96 26.30 -2.66
N ASN J 7 22.68 25.83 -3.88
CA ASN J 7 22.84 26.66 -5.06
C ASN J 7 21.91 27.87 -4.98
N ASN J 8 20.67 27.66 -4.52
CA ASN J 8 19.74 28.77 -4.34
C ASN J 8 20.28 29.79 -3.34
N ILE J 9 20.89 29.29 -2.25
CA ILE J 9 21.51 30.20 -1.28
C ILE J 9 22.65 30.97 -1.93
N VAL J 10 23.44 30.30 -2.77
CA VAL J 10 24.52 30.96 -3.49
C VAL J 10 23.97 32.06 -4.39
N SER J 11 22.87 31.78 -5.09
CA SER J 11 22.25 32.78 -5.94
C SER J 11 21.77 33.97 -5.12
N SER J 12 21.16 33.71 -3.95
CA SER J 12 20.70 34.79 -3.09
C SER J 12 21.86 35.67 -2.64
N LEU J 13 23.02 35.05 -2.35
CA LEU J 13 24.21 35.82 -2.00
C LEU J 13 24.68 36.67 -3.17
N GLN J 14 24.63 36.11 -4.39
CA GLN J 14 25.05 36.90 -5.56
C GLN J 14 24.12 38.08 -5.78
N ARG J 15 22.85 37.94 -5.37
CA ARG J 15 21.89 39.02 -5.59
C ARG J 15 22.32 40.31 -4.91
N ASN J 16 23.19 40.21 -3.91
CA ASN J 16 23.78 41.38 -3.28
C ASN J 16 24.87 41.92 -4.20
N GLY J 17 24.82 43.24 -4.45
CA GLY J 17 25.77 43.84 -5.37
C GLY J 17 27.18 43.94 -4.82
N ILE J 18 27.34 43.83 -3.51
CA ILE J 18 28.66 44.00 -2.91
C ILE J 18 29.60 42.89 -3.38
N PHE J 19 29.13 41.65 -3.39
CA PHE J 19 29.99 40.56 -3.81
C PHE J 19 30.40 40.68 -5.27
N ILE J 20 29.45 40.99 -6.15
CA ILE J 20 29.77 41.07 -7.57
C ILE J 20 30.70 42.25 -7.85
N ASN J 21 30.44 43.39 -7.21
CA ASN J 21 31.34 44.53 -7.40
C ASN J 21 32.74 44.24 -6.88
N SER J 22 32.84 43.54 -5.74
CA SER J 22 34.15 43.15 -5.24
C SER J 22 34.85 42.20 -6.19
N LEU J 23 34.09 41.27 -6.78
CA LEU J 23 34.68 40.33 -7.73
C LEU J 23 35.18 41.05 -8.98
N ILE J 24 34.42 42.02 -9.47
CA ILE J 24 34.85 42.81 -10.62
C ILE J 24 36.10 43.60 -10.29
N ALA J 25 36.16 44.21 -9.10
CA ALA J 25 37.34 44.98 -8.73
C ALA J 25 38.55 44.08 -8.59
N ALA J 26 38.39 42.89 -8.01
CA ALA J 26 39.52 41.97 -7.89
C ALA J 26 40.02 41.52 -9.25
N LEU J 27 39.10 41.22 -10.17
CA LEU J 27 39.53 40.85 -11.52
C LEU J 27 40.24 42.01 -12.20
N THR J 28 39.77 43.23 -12.01
CA THR J 28 40.45 44.38 -12.59
C THR J 28 41.86 44.53 -12.02
N ILE J 29 42.02 44.33 -10.71
CA ILE J 29 43.34 44.45 -10.11
C ILE J 29 44.28 43.39 -10.66
N GLY J 30 43.82 42.13 -10.72
CA GLY J 30 44.69 41.08 -11.24
C GLY J 30 45.04 41.29 -12.70
N GLY J 31 44.06 41.66 -13.52
CA GLY J 31 44.33 41.92 -14.92
C GLY J 31 45.27 43.08 -15.12
N GLN J 32 45.11 44.14 -14.32
CA GLN J 32 46.03 45.27 -14.42
C GLN J 32 47.44 44.85 -14.03
N GLN J 33 47.58 44.05 -12.97
CA GLN J 33 48.91 43.60 -12.58
C GLN J 33 49.57 42.84 -13.72
N LEU J 34 48.88 41.84 -14.27
CA LEU J 34 49.48 41.06 -15.36
C LEU J 34 49.78 41.94 -16.56
N PHE J 35 48.83 42.79 -16.96
CA PHE J 35 48.99 43.60 -18.16
C PHE J 35 50.15 44.58 -18.04
N SER J 36 50.22 45.30 -16.91
CA SER J 36 51.28 46.27 -16.73
C SER J 36 52.63 45.60 -16.57
N SER J 37 52.71 44.54 -15.76
CA SER J 37 53.99 43.88 -15.58
C SER J 37 54.45 43.15 -16.84
N SER J 38 53.54 42.91 -17.79
CA SER J 38 53.94 42.22 -19.00
C SER J 38 54.34 43.18 -20.11
N THR J 39 53.44 44.09 -20.50
CA THR J 39 53.61 44.82 -21.75
C THR J 39 53.51 46.32 -21.57
N PHE J 40 54.20 46.89 -20.59
CA PHE J 40 54.22 48.34 -20.51
C PHE J 40 55.30 48.93 -21.42
N SER J 41 56.57 48.65 -21.12
CA SER J 41 57.71 49.07 -21.94
C SER J 41 57.63 50.56 -22.30
N CYS J 42 57.78 51.39 -21.28
CA CYS J 42 57.69 52.84 -21.46
C CYS J 42 58.69 53.31 -22.52
N PRO J 43 58.25 54.01 -23.56
CA PRO J 43 59.16 54.45 -24.62
C PRO J 43 60.01 55.63 -24.18
N CYS J 44 61.08 55.84 -24.94
CA CYS J 44 62.00 56.93 -24.69
C CYS J 44 61.85 58.04 -25.71
N GLN J 45 60.81 57.99 -26.55
CA GLN J 45 60.69 58.92 -27.66
C GLN J 45 60.47 60.33 -27.15
N VAL J 46 61.26 61.26 -27.68
CA VAL J 46 61.16 62.66 -27.26
C VAL J 46 59.86 63.29 -27.76
N GLY J 47 59.48 63.01 -29.00
CA GLY J 47 58.34 63.65 -29.61
C GLY J 47 57.02 63.34 -28.93
N LYS J 48 56.62 62.07 -28.93
CA LYS J 48 55.32 61.64 -28.42
C LYS J 48 55.55 60.58 -27.35
N ASN J 49 55.44 60.98 -26.08
CA ASN J 49 55.54 60.05 -24.97
C ASN J 49 54.37 60.26 -24.02
N PHE J 50 53.79 61.46 -24.04
CA PHE J 50 52.58 61.71 -23.27
C PHE J 50 51.42 60.88 -23.79
N TYR J 51 51.31 60.73 -25.10
CA TYR J 51 50.22 59.94 -25.67
C TYR J 51 50.29 58.49 -25.21
N TYR J 52 51.50 57.95 -25.07
CA TYR J 52 51.64 56.55 -24.67
C TYR J 52 51.06 56.31 -23.28
N GLY J 53 51.50 57.10 -22.31
CA GLY J 53 50.99 56.94 -20.96
C GLY J 53 49.52 57.30 -20.85
N SER J 54 49.11 58.36 -21.54
CA SER J 54 47.70 58.76 -21.48
C SER J 54 46.80 57.66 -22.05
N ALA J 55 47.22 57.04 -23.16
CA ALA J 55 46.44 55.94 -23.70
C ALA J 55 46.41 54.76 -22.74
N PHE J 56 47.58 54.33 -22.26
CA PHE J 56 47.63 53.20 -21.34
C PHE J 56 46.87 53.47 -20.04
N LEU J 57 46.61 54.74 -19.72
CA LEU J 57 45.93 55.09 -18.49
C LEU J 57 44.43 55.31 -18.65
N VAL J 58 43.99 55.86 -19.79
CA VAL J 58 42.58 56.22 -19.96
C VAL J 58 41.85 55.23 -20.86
N ILE J 59 42.50 54.70 -21.91
CA ILE J 59 41.78 53.84 -22.86
C ILE J 59 41.22 52.60 -22.19
N PRO J 60 41.97 51.84 -21.39
CA PRO J 60 41.34 50.70 -20.71
C PRO J 60 40.18 51.10 -19.81
N ALA J 61 40.29 52.25 -19.12
CA ALA J 61 39.18 52.71 -18.29
C ALA J 61 37.95 53.03 -19.13
N LEU J 62 38.16 53.70 -20.27
CA LEU J 62 37.04 54.02 -21.15
C LEU J 62 36.39 52.75 -21.70
N ILE J 63 37.21 51.77 -22.09
CA ILE J 63 36.68 50.51 -22.61
C ILE J 63 35.89 49.78 -21.53
N LEU J 64 36.41 49.73 -20.31
CA LEU J 64 35.69 49.06 -19.24
C LEU J 64 34.38 49.77 -18.92
N LEU J 65 34.38 51.11 -18.94
CA LEU J 65 33.15 51.85 -18.72
C LEU J 65 32.12 51.53 -19.80
N VAL J 66 32.54 51.54 -21.06
CA VAL J 66 31.61 51.25 -22.15
C VAL J 66 31.11 49.82 -22.06
N ALA J 67 31.98 48.88 -21.70
CA ALA J 67 31.56 47.49 -21.56
C ALA J 67 30.55 47.34 -20.43
N GLY J 68 30.79 48.00 -19.29
CA GLY J 68 29.86 47.91 -18.18
C GLY J 68 28.50 48.47 -18.54
N PHE J 69 28.46 49.56 -19.30
CA PHE J 69 27.17 50.10 -19.70
C PHE J 69 26.48 49.24 -20.76
N ALA J 70 27.23 48.79 -21.77
CA ALA J 70 26.61 48.12 -22.91
C ALA J 70 26.20 46.69 -22.59
N LEU J 71 27.02 45.97 -21.82
CA LEU J 71 26.75 44.56 -21.56
C LEU J 71 25.47 44.35 -20.76
N ARG J 72 24.94 45.39 -20.14
CA ARG J 72 23.70 45.29 -19.39
C ARG J 72 22.52 45.49 -20.33
N SER J 73 21.66 44.46 -20.45
CA SER J 73 20.51 44.55 -21.34
C SER J 73 19.50 45.59 -20.88
N GLN J 74 19.45 45.85 -19.57
CA GLN J 74 18.57 46.91 -19.08
C GLN J 74 18.92 48.24 -19.71
N MET J 75 20.20 48.48 -19.97
CA MET J 75 20.60 49.72 -20.65
C MET J 75 20.04 49.77 -22.06
N TRP J 76 20.05 48.65 -22.78
CA TRP J 76 19.45 48.65 -24.11
C TRP J 76 17.96 48.93 -24.03
N THR J 77 17.28 48.36 -23.03
CA THR J 77 15.86 48.64 -22.87
C THR J 77 15.61 50.12 -22.57
N ILE J 78 16.43 50.73 -21.72
CA ILE J 78 16.28 52.15 -21.42
C ILE J 78 16.50 52.99 -22.66
N THR J 79 17.54 52.69 -23.42
CA THR J 79 17.82 53.45 -24.63
C THR J 79 16.69 53.29 -25.64
N GLY J 80 16.12 52.08 -25.74
CA GLY J 80 14.99 51.89 -26.61
C GLY J 80 13.76 52.69 -26.18
N GLU J 81 13.53 52.77 -24.86
CA GLU J 81 12.42 53.59 -24.38
C GLU J 81 12.64 55.07 -24.66
N TYR J 82 13.85 55.57 -24.38
CA TYR J 82 14.11 57.00 -24.55
C TYR J 82 14.13 57.39 -26.02
N CYS J 83 14.76 56.57 -26.87
CA CYS J 83 14.86 56.87 -28.29
C CYS J 83 13.48 56.90 -28.96
N PRO J 95 7.50 63.24 -16.68
CA PRO J 95 6.60 62.52 -15.78
C PRO J 95 7.28 61.34 -15.08
N LEU J 96 6.48 60.38 -14.61
CA LEU J 96 7.04 59.27 -13.84
C LEU J 96 7.89 58.34 -14.68
N GLU J 97 7.60 58.24 -15.98
CA GLU J 97 8.42 57.39 -16.86
C GLU J 97 9.86 57.88 -16.91
N CYS J 98 10.06 59.20 -16.98
CA CYS J 98 11.41 59.75 -16.99
C CYS J 98 12.15 59.41 -15.70
N LYS J 99 11.49 59.58 -14.56
CA LYS J 99 12.14 59.29 -13.28
C LYS J 99 12.46 57.79 -13.17
N LEU J 100 11.56 56.95 -13.65
CA LEU J 100 11.80 55.51 -13.59
C LEU J 100 12.99 55.11 -14.47
N ALA J 101 13.07 55.69 -15.67
CA ALA J 101 14.21 55.43 -16.53
C ALA J 101 15.50 55.93 -15.89
N CYS J 102 15.46 57.09 -15.24
CA CYS J 102 16.64 57.61 -14.56
C CYS J 102 17.08 56.69 -13.44
N LEU J 103 16.11 56.16 -12.68
CA LEU J 103 16.45 55.22 -11.60
C LEU J 103 17.10 53.97 -12.16
N ARG J 104 16.57 53.42 -13.26
CA ARG J 104 17.18 52.24 -13.86
C ARG J 104 18.58 52.55 -14.38
N PHE J 105 18.76 53.73 -14.97
CA PHE J 105 20.08 54.14 -15.44
C PHE J 105 21.06 54.21 -14.27
N PHE J 106 20.62 54.73 -13.13
CA PHE J 106 21.47 54.79 -11.94
C PHE J 106 21.85 53.39 -11.46
N SER J 107 20.88 52.48 -11.44
CA SER J 107 21.15 51.10 -11.04
C SER J 107 22.19 50.46 -11.94
N ILE J 108 22.15 50.77 -13.24
CA ILE J 108 23.18 50.28 -14.16
C ILE J 108 24.51 50.97 -13.88
N THR J 109 24.45 52.28 -13.61
CA THR J 109 25.66 53.08 -13.42
C THR J 109 26.47 52.61 -12.22
N GLY J 110 25.83 51.99 -11.24
CA GLY J 110 26.60 51.42 -10.13
C GLY J 110 27.71 50.51 -10.61
N ARG J 111 27.37 49.46 -11.35
CA ARG J 111 28.39 48.57 -11.90
C ARG J 111 29.23 49.25 -12.96
N ALA J 112 28.59 50.06 -13.81
CA ALA J 112 29.36 50.72 -14.87
C ALA J 112 30.45 51.61 -14.30
N VAL J 113 30.29 52.06 -13.06
CA VAL J 113 31.29 52.92 -12.43
C VAL J 113 32.30 52.10 -11.63
N ILE J 114 31.87 51.04 -10.94
CA ILE J 114 32.85 50.27 -10.20
C ILE J 114 33.81 49.57 -11.15
N ALA J 115 33.41 49.35 -12.41
CA ALA J 115 34.31 48.64 -13.32
C ALA J 115 35.61 49.38 -13.61
N PRO J 116 35.61 50.65 -14.06
CA PRO J 116 36.89 51.30 -14.39
C PRO J 116 37.55 52.05 -13.25
N LEU J 117 36.79 52.40 -12.21
CA LEU J 117 37.39 53.13 -11.09
C LEU J 117 38.50 52.31 -10.45
N THR J 118 38.34 50.99 -10.39
CA THR J 118 39.41 50.15 -9.88
C THR J 118 40.66 50.27 -10.74
N TRP J 119 40.50 50.27 -12.05
CA TRP J 119 41.65 50.41 -12.94
C TRP J 119 42.36 51.73 -12.71
N LEU J 120 41.60 52.83 -12.70
CA LEU J 120 42.23 54.13 -12.51
C LEU J 120 42.92 54.22 -11.16
N ALA J 121 42.27 53.75 -10.09
CA ALA J 121 42.86 53.84 -8.78
C ALA J 121 44.15 53.02 -8.70
N VAL J 122 44.12 51.79 -9.19
CA VAL J 122 45.31 50.95 -9.11
C VAL J 122 46.45 51.54 -9.93
N THR J 123 46.14 51.99 -11.15
CA THR J 123 47.20 52.51 -12.01
C THR J 123 47.81 53.79 -11.42
N LEU J 124 46.97 54.68 -10.89
CA LEU J 124 47.52 55.90 -10.29
C LEU J 124 48.32 55.59 -9.04
N LEU J 125 47.83 54.67 -8.19
CA LEU J 125 48.56 54.36 -6.96
C LEU J 125 49.90 53.72 -7.27
N THR J 126 49.94 52.83 -8.27
CA THR J 126 51.24 52.29 -8.69
C THR J 126 52.13 53.41 -9.23
N GLY J 127 51.55 54.32 -10.00
CA GLY J 127 52.24 55.53 -10.40
C GLY J 127 53.11 55.41 -11.63
N THR J 128 53.40 54.20 -12.10
CA THR J 128 54.29 54.05 -13.25
C THR J 128 53.66 54.62 -14.51
N TYR J 129 52.36 54.42 -14.71
CA TYR J 129 51.69 54.96 -15.88
C TYR J 129 51.75 56.48 -15.90
N TYR J 130 51.45 57.11 -14.76
CA TYR J 130 51.48 58.57 -14.69
C TYR J 130 52.89 59.10 -14.88
N GLU J 131 53.88 58.39 -14.34
CA GLU J 131 55.26 58.81 -14.53
C GLU J 131 55.63 58.79 -16.01
N CYS J 132 55.38 57.66 -16.69
CA CYS J 132 55.70 57.57 -18.11
C CYS J 132 54.89 58.55 -18.94
N ALA J 133 53.71 58.95 -18.45
CA ALA J 133 52.89 59.88 -19.21
C ALA J 133 53.39 61.31 -19.08
N ALA J 134 53.55 61.79 -17.84
CA ALA J 134 53.84 63.18 -17.58
C ALA J 134 55.31 63.42 -17.21
N SER J 135 56.22 62.54 -17.64
CA SER J 135 57.64 62.79 -17.40
C SER J 135 58.11 64.06 -18.11
N GLU J 136 57.74 64.23 -19.37
CA GLU J 136 58.31 65.31 -20.17
C GLU J 136 57.84 66.69 -19.73
N PHE J 137 56.78 66.78 -18.93
CA PHE J 137 56.23 68.06 -18.50
C PHE J 137 56.88 68.56 -17.22
N ALA J 138 58.00 67.96 -16.81
CA ALA J 138 58.70 68.38 -15.62
C ALA J 138 59.37 69.74 -15.82
N SER J 139 59.46 70.50 -14.74
CA SER J 139 60.12 71.80 -14.78
C SER J 139 61.62 71.65 -14.63
N VAL J 140 62.35 72.64 -15.14
CA VAL J 140 63.81 72.66 -15.07
C VAL J 140 64.36 73.91 -14.43
N ASP J 141 63.49 74.87 -14.06
CA ASP J 141 63.98 76.11 -13.46
C ASP J 141 64.64 75.85 -12.10
N HIS J 142 64.07 74.93 -11.31
CA HIS J 142 64.61 74.65 -9.99
C HIS J 142 66.02 74.09 -10.07
N TYR J 143 66.29 73.29 -11.11
CA TYR J 143 67.56 72.57 -11.20
C TYR J 143 68.54 73.35 -12.06
N PRO J 144 69.64 73.86 -11.51
CA PRO J 144 70.60 74.60 -12.35
C PRO J 144 71.31 73.72 -13.37
N MET J 145 71.28 72.39 -13.20
CA MET J 145 71.98 71.51 -14.13
C MET J 145 71.33 71.48 -15.50
N PHE J 146 70.10 71.95 -15.63
CA PHE J 146 69.35 71.88 -16.90
C PHE J 146 69.31 73.22 -17.62
N ASP J 147 70.41 73.98 -17.59
CA ASP J 147 70.45 75.23 -18.34
C ASP J 147 70.25 74.98 -19.83
N ASN J 148 71.22 74.33 -20.46
CA ASN J 148 71.10 73.84 -21.84
C ASN J 148 70.58 74.91 -22.80
N VAL J 149 71.43 75.92 -23.01
CA VAL J 149 71.12 77.05 -23.88
C VAL J 149 70.62 76.59 -25.24
N SER J 150 70.95 75.35 -25.62
CA SER J 150 70.41 74.79 -26.85
C SER J 150 68.89 74.68 -26.81
N ALA J 151 68.32 74.42 -25.64
CA ALA J 151 66.88 74.40 -25.39
C ALA J 151 66.16 73.31 -26.17
N SER J 152 66.89 72.39 -26.79
CA SER J 152 66.31 71.24 -27.47
C SER J 152 66.85 69.92 -26.94
N LYS J 153 68.14 69.86 -26.63
CA LYS J 153 68.71 68.66 -26.03
C LYS J 153 68.10 68.44 -24.65
N ARG J 154 67.83 69.52 -23.91
CA ARG J 154 67.26 69.40 -22.58
C ARG J 154 65.92 68.67 -22.60
N GLU J 155 65.05 69.02 -23.56
CA GLU J 155 63.77 68.33 -23.67
C GLU J 155 63.97 66.86 -23.95
N GLU J 156 64.93 66.53 -24.82
CA GLU J 156 65.14 65.13 -25.18
C GLU J 156 65.65 64.33 -23.98
N ILE J 157 66.62 64.87 -23.24
CA ILE J 157 67.12 64.11 -22.08
C ILE J 157 66.03 64.02 -21.01
N LEU J 158 65.22 65.07 -20.86
CA LEU J 158 64.13 65.06 -19.89
C LEU J 158 63.13 63.95 -20.22
N ALA J 159 62.78 63.80 -21.49
CA ALA J 159 61.90 62.71 -21.88
C ALA J 159 62.61 61.36 -21.95
N GLY J 160 63.93 61.35 -21.92
CA GLY J 160 64.68 60.12 -22.07
C GLY J 160 65.05 59.39 -20.79
N PHE J 161 65.50 60.13 -19.76
CA PHE J 161 66.02 59.41 -18.60
C PHE J 161 64.98 58.57 -17.84
N PRO J 162 63.69 58.92 -17.82
CA PRO J 162 62.75 58.05 -17.09
C PRO J 162 62.64 56.65 -17.64
N CYS J 163 62.90 56.45 -18.94
CA CYS J 163 62.53 55.18 -19.58
C CYS J 163 63.53 54.08 -19.30
N CYS J 164 64.72 54.18 -19.91
CA CYS J 164 65.72 53.12 -19.80
C CYS J 164 67.15 53.64 -19.89
N ARG J 165 67.34 54.96 -19.85
CA ARG J 165 68.65 55.51 -20.18
C ARG J 165 69.72 55.05 -19.20
N SER J 166 69.39 55.04 -17.91
CA SER J 166 70.34 54.70 -16.84
C SER J 166 71.52 55.65 -17.01
N ALA J 167 72.71 55.17 -17.36
CA ALA J 167 73.87 56.01 -17.69
C ALA J 167 74.20 56.93 -16.53
N PRO J 168 74.68 56.41 -15.41
CA PRO J 168 74.98 57.27 -14.26
C PRO J 168 76.08 58.29 -14.57
N SER J 169 75.69 59.56 -14.68
CA SER J 169 76.62 60.66 -14.93
C SER J 169 76.38 61.76 -13.92
N ASP J 170 76.03 61.36 -12.70
CA ASP J 170 75.76 62.22 -11.55
C ASP J 170 74.54 63.11 -11.77
N VAL J 171 73.82 62.96 -12.89
CA VAL J 171 72.52 63.60 -13.04
C VAL J 171 71.41 62.76 -12.42
N ILE J 172 71.71 61.52 -12.03
CA ILE J 172 70.70 60.61 -11.52
C ILE J 172 70.11 61.11 -10.22
N LEU J 173 70.77 62.05 -9.55
CA LEU J 173 70.15 62.68 -8.39
C LEU J 173 68.91 63.47 -8.80
N VAL J 174 69.01 64.27 -9.85
CA VAL J 174 67.86 65.01 -10.35
C VAL J 174 66.80 64.05 -10.88
N ARG J 175 67.23 63.00 -11.59
CA ARG J 175 66.29 62.00 -12.06
C ARG J 175 65.51 61.39 -10.91
N ASP J 176 66.20 61.00 -9.84
CA ASP J 176 65.53 60.35 -8.73
C ASP J 176 64.60 61.32 -8.01
N GLU J 177 65.03 62.57 -7.83
CA GLU J 177 64.20 63.54 -7.15
C GLU J 177 62.92 63.81 -7.94
N ILE J 178 63.04 64.01 -9.26
CA ILE J 178 61.86 64.32 -10.04
C ILE J 178 60.97 63.08 -10.19
N ALA J 179 61.57 61.89 -10.24
CA ALA J 179 60.76 60.67 -10.27
C ALA J 179 59.95 60.52 -9.00
N LEU J 180 60.56 60.79 -7.84
CA LEU J 180 59.81 60.76 -6.60
C LEU J 180 58.72 61.82 -6.57
N LEU J 181 59.02 63.00 -7.13
CA LEU J 181 57.99 64.04 -7.20
C LEU J 181 56.79 63.57 -8.01
N HIS J 182 57.04 62.98 -9.18
CA HIS J 182 55.93 62.54 -10.02
C HIS J 182 55.19 61.36 -9.42
N ARG J 183 55.91 60.45 -8.75
CA ARG J 183 55.24 59.34 -8.08
C ARG J 183 54.34 59.84 -6.96
N TYR J 184 54.82 60.80 -6.17
CA TYR J 184 53.99 61.36 -5.11
C TYR J 184 52.78 62.06 -5.69
N GLN J 185 52.97 62.83 -6.76
CA GLN J 185 51.84 63.50 -7.38
C GLN J 185 50.84 62.50 -7.92
N SER J 186 51.32 61.40 -8.50
CA SER J 186 50.43 60.37 -9.02
C SER J 186 49.60 59.74 -7.91
N GLN J 187 50.25 59.34 -6.80
CA GLN J 187 49.50 58.69 -5.74
C GLN J 187 48.53 59.65 -5.07
N MET J 188 48.94 60.90 -4.86
CA MET J 188 48.00 61.87 -4.31
C MET J 188 46.83 62.11 -5.24
N LEU J 189 47.09 62.15 -6.55
CA LEU J 189 45.99 62.31 -7.51
C LEU J 189 45.07 61.10 -7.45
N GLY J 190 45.62 59.90 -7.27
CA GLY J 190 44.77 58.74 -7.11
C GLY J 190 43.89 58.81 -5.88
N TRP J 191 44.45 59.29 -4.76
CA TRP J 191 43.64 59.45 -3.56
C TRP J 191 42.55 60.49 -3.77
N ILE J 192 42.89 61.60 -4.44
CA ILE J 192 41.89 62.62 -4.73
C ILE J 192 40.78 62.03 -5.59
N LEU J 193 41.15 61.22 -6.59
CA LEU J 193 40.17 60.63 -7.49
C LEU J 193 39.25 59.67 -6.74
N ILE J 194 39.81 58.81 -5.88
CA ILE J 194 38.96 57.84 -5.19
C ILE J 194 38.08 58.55 -4.17
N THR J 195 38.58 59.58 -3.50
CA THR J 195 37.74 60.34 -2.58
C THR J 195 36.60 61.03 -3.32
N LEU J 196 36.89 61.63 -4.47
CA LEU J 196 35.83 62.27 -5.25
C LEU J 196 34.83 61.23 -5.74
N ALA J 197 35.30 60.07 -6.15
CA ALA J 197 34.39 59.02 -6.61
C ALA J 197 33.47 58.57 -5.49
N THR J 198 34.00 58.38 -4.28
CA THR J 198 33.16 57.97 -3.16
C THR J 198 32.15 59.05 -2.80
N ILE J 199 32.59 60.31 -2.76
CA ILE J 199 31.67 61.40 -2.44
C ILE J 199 30.57 61.50 -3.50
N ALA J 200 30.95 61.38 -4.78
CA ALA J 200 29.95 61.44 -5.84
C ALA J 200 28.98 60.27 -5.75
N ALA J 201 29.47 59.08 -5.43
CA ALA J 201 28.59 57.93 -5.31
C ALA J 201 27.58 58.13 -4.17
N LEU J 202 28.06 58.59 -3.01
CA LEU J 202 27.16 58.80 -1.89
C LEU J 202 26.14 59.88 -2.20
N VAL J 203 26.58 61.00 -2.79
CA VAL J 203 25.67 62.07 -3.13
C VAL J 203 24.66 61.62 -4.18
N SER J 204 25.10 60.83 -5.16
CA SER J 204 24.19 60.34 -6.18
C SER J 204 23.15 59.40 -5.59
N CYS J 205 23.55 58.54 -4.66
CA CYS J 205 22.57 57.67 -4.01
C CYS J 205 21.57 58.48 -3.20
N CYS J 206 22.05 59.51 -2.48
CA CYS J 206 21.14 60.36 -1.73
C CYS J 206 20.18 61.09 -2.64
N VAL J 207 20.68 61.60 -3.78
CA VAL J 207 19.82 62.29 -4.73
C VAL J 207 18.81 61.34 -5.34
N ALA J 208 19.22 60.09 -5.60
CA ALA J 208 18.29 59.10 -6.12
C ALA J 208 17.18 58.83 -5.11
N LYS J 209 17.53 58.70 -3.83
CA LYS J 209 16.50 58.47 -2.81
C LYS J 209 15.58 59.68 -2.68
N CYS J 210 16.13 60.89 -2.72
CA CYS J 210 15.32 62.08 -2.59
C CYS J 210 14.38 62.27 -3.77
N CYS J 211 14.89 62.08 -4.99
CA CYS J 211 14.15 62.34 -6.21
C CYS J 211 13.23 61.20 -6.61
N SER J 212 13.33 60.04 -5.98
CA SER J 212 12.48 58.91 -6.35
C SER J 212 11.05 59.17 -5.90
N PRO J 213 10.07 59.16 -6.81
CA PRO J 213 8.69 59.35 -6.39
C PRO J 213 8.13 58.16 -5.64
N LEU J 214 8.60 56.95 -5.96
CA LEU J 214 8.12 55.76 -5.28
C LEU J 214 8.58 55.74 -3.83
N THR J 215 7.75 55.16 -2.97
CA THR J 215 8.16 54.94 -1.60
C THR J 215 9.19 53.81 -1.56
N SER J 216 9.79 53.61 -0.38
CA SER J 216 10.79 52.56 -0.25
C SER J 216 10.20 51.19 -0.55
N LEU J 217 9.06 50.88 0.06
CA LEU J 217 8.40 49.61 -0.23
C LEU J 217 7.90 49.56 -1.67
N GLN J 218 7.38 50.69 -2.17
CA GLN J 218 6.95 50.74 -3.56
C GLN J 218 8.13 50.58 -4.51
N HIS J 219 9.28 51.15 -4.15
CA HIS J 219 10.48 50.99 -4.97
C HIS J 219 10.91 49.53 -5.01
N CYS J 220 10.89 48.85 -3.87
CA CYS J 220 11.22 47.42 -3.85
C CYS J 220 10.25 46.63 -4.71
N TYR J 221 8.95 46.93 -4.60
CA TYR J 221 7.96 46.24 -5.42
C TYR J 221 8.23 46.48 -6.90
N TRP J 222 8.53 47.70 -7.29
CA TRP J 222 8.75 48.01 -8.69
C TRP J 222 9.99 47.32 -9.24
N THR J 223 11.07 47.28 -8.47
CA THR J 223 12.27 46.58 -8.93
C THR J 223 11.99 45.10 -9.14
N SER J 224 11.33 44.48 -8.17
CA SER J 224 11.01 43.06 -8.33
C SER J 224 10.04 42.84 -9.48
N HIS J 225 9.11 43.77 -9.68
CA HIS J 225 8.19 43.69 -10.81
C HIS J 225 8.94 43.66 -12.13
N LEU J 226 9.93 44.54 -12.27
CA LEU J 226 10.67 44.62 -13.52
C LEU J 226 11.42 43.31 -13.78
N GLN J 227 12.17 42.84 -12.78
CA GLN J 227 12.92 41.60 -12.96
C GLN J 227 12.00 40.44 -13.32
N ASN J 228 10.89 40.31 -12.57
CA ASN J 228 10.01 39.16 -12.75
C ASN J 228 9.29 39.21 -14.08
N GLU J 229 8.85 40.41 -14.51
CA GLU J 229 8.16 40.51 -15.78
C GLU J 229 9.08 40.12 -16.93
N ARG J 230 10.34 40.56 -16.88
CA ARG J 230 11.24 40.21 -17.98
C ARG J 230 11.49 38.71 -18.02
N GLU J 231 11.75 38.11 -16.84
CA GLU J 231 12.05 36.68 -16.81
C GLU J 231 10.85 35.86 -17.26
N LEU J 232 9.65 36.22 -16.78
CA LEU J 232 8.44 35.48 -17.12
C LEU J 232 8.17 35.54 -18.61
N PHE J 233 8.29 36.72 -19.21
CA PHE J 233 8.02 36.80 -20.64
C PHE J 233 9.04 35.99 -21.43
N GLU J 234 10.31 36.02 -21.02
CA GLU J 234 11.30 35.20 -21.73
C GLU J 234 10.90 33.73 -21.71
N GLN J 235 10.59 33.22 -20.51
CA GLN J 235 10.27 31.80 -20.40
C GLN J 235 9.04 31.43 -21.21
N ALA J 236 7.96 32.21 -21.08
CA ALA J 236 6.73 31.82 -21.75
C ALA J 236 6.78 32.09 -23.25
N ALA J 237 7.60 33.04 -23.69
CA ALA J 237 7.83 33.16 -25.12
C ALA J 237 8.49 31.91 -25.67
N GLU J 238 9.48 31.39 -24.94
CA GLU J 238 10.08 30.11 -25.31
C GLU J 238 9.02 29.01 -25.38
N GLN J 239 8.18 28.93 -24.35
CA GLN J 239 7.20 27.83 -24.29
C GLN J 239 6.11 27.97 -25.35
N HIS J 240 5.65 29.20 -25.60
CA HIS J 240 4.67 29.43 -26.66
C HIS J 240 5.22 29.04 -28.02
N SER J 241 6.46 29.43 -28.34
CA SER J 241 7.00 29.05 -29.63
C SER J 241 7.21 27.54 -29.71
N ARG J 242 7.61 26.92 -28.59
CA ARG J 242 7.73 25.47 -28.59
C ARG J 242 6.40 24.81 -28.91
N LEU J 243 5.32 25.28 -28.28
CA LEU J 243 4.01 24.69 -28.56
C LEU J 243 3.57 24.92 -30.00
N LEU J 244 3.78 26.14 -30.52
CA LEU J 244 3.35 26.42 -31.89
C LEU J 244 4.12 25.56 -32.88
N MET J 245 5.44 25.48 -32.73
CA MET J 245 6.23 24.64 -33.63
C MET J 245 5.87 23.17 -33.45
N MET J 246 5.57 22.75 -32.23
CA MET J 246 5.22 21.36 -31.99
C MET J 246 3.93 21.00 -32.70
N HIS J 247 2.94 21.90 -32.67
CA HIS J 247 1.72 21.68 -33.45
C HIS J 247 2.02 21.65 -34.94
N ARG J 248 2.89 22.54 -35.40
CA ARG J 248 3.24 22.56 -36.82
C ARG J 248 3.85 21.23 -37.26
N ILE J 249 4.77 20.70 -36.46
CA ILE J 249 5.45 19.48 -36.86
C ILE J 249 4.55 18.27 -36.60
N LYS J 250 3.59 18.40 -35.68
CA LYS J 250 2.53 17.38 -35.58
C LYS J 250 1.76 17.30 -36.88
N LYS J 251 1.45 18.46 -37.47
CA LYS J 251 0.86 18.46 -38.81
C LYS J 251 1.81 17.84 -39.83
N LEU J 252 3.10 18.15 -39.71
CA LEU J 252 4.08 17.70 -40.70
C LEU J 252 4.26 16.18 -40.70
N PHE J 253 4.50 15.59 -39.53
CA PHE J 253 4.86 14.19 -39.41
C PHE J 253 3.73 13.33 -38.85
N GLY J 254 2.57 13.90 -38.60
CA GLY J 254 1.45 13.11 -38.11
C GLY J 254 1.51 12.72 -36.65
N PHE J 255 2.46 13.26 -35.89
CA PHE J 255 2.54 12.96 -34.47
C PHE J 255 3.22 14.10 -33.74
N ILE J 256 2.95 14.19 -32.44
CA ILE J 256 3.65 15.15 -31.59
C ILE J 256 4.99 14.54 -31.15
N PRO J 257 6.08 15.30 -31.21
CA PRO J 257 7.38 14.75 -30.82
C PRO J 257 7.44 14.37 -29.35
N GLY J 258 8.25 13.36 -29.06
CA GLY J 258 8.46 12.93 -27.69
C GLY J 258 7.32 12.15 -27.07
N SER J 259 6.43 11.58 -27.87
CA SER J 259 5.30 10.83 -27.37
C SER J 259 5.11 9.55 -28.19
N GLU J 260 4.29 8.65 -27.67
CA GLU J 260 4.10 7.32 -28.26
C GLU J 260 3.35 7.45 -29.57
N ASP J 261 4.03 7.22 -30.70
CA ASP J 261 3.45 7.45 -32.02
C ASP J 261 3.38 6.18 -32.87
N VAL J 262 3.49 4.99 -32.26
CA VAL J 262 3.39 3.76 -33.05
C VAL J 262 2.02 3.59 -33.67
N LYS J 263 1.05 4.40 -33.27
CA LYS J 263 -0.29 4.30 -33.86
C LYS J 263 -0.26 4.70 -35.33
N HIS J 264 0.34 5.84 -35.64
CA HIS J 264 0.32 6.34 -37.01
C HIS J 264 1.60 7.12 -37.30
N ILE J 265 2.01 7.10 -38.56
CA ILE J 265 3.15 7.87 -39.05
C ILE J 265 2.76 8.51 -40.37
N ARG J 266 3.49 9.54 -40.76
CA ARG J 266 3.21 10.28 -41.97
C ARG J 266 4.37 10.16 -42.96
N ILE J 267 4.06 10.36 -44.23
CA ILE J 267 5.05 10.42 -45.29
C ILE J 267 4.97 11.80 -45.93
N PRO J 268 5.89 12.71 -45.57
CA PRO J 268 5.80 14.07 -46.10
C PRO J 268 5.95 14.10 -47.62
N SER J 269 5.23 15.01 -48.25
CA SER J 269 5.36 15.27 -49.68
C SER J 269 6.34 16.40 -49.91
N CYS J 270 6.86 16.46 -51.14
CA CYS J 270 7.89 17.45 -51.47
C CYS J 270 7.35 18.87 -51.31
N GLN J 271 6.12 19.08 -51.76
CA GLN J 271 5.49 20.39 -51.58
C GLN J 271 5.26 20.66 -50.10
N ASP J 272 4.95 19.62 -49.32
CA ASP J 272 4.84 19.80 -47.87
C ASP J 272 6.21 20.09 -47.25
N TRP J 273 7.26 19.43 -47.76
CA TRP J 273 8.62 19.79 -47.35
C TRP J 273 8.92 21.25 -47.63
N LYS J 274 8.34 21.79 -48.71
CA LYS J 274 8.49 23.21 -48.97
C LYS J 274 7.73 24.01 -47.91
N ASP J 275 6.51 23.58 -47.56
CA ASP J 275 5.72 24.37 -46.60
C ASP J 275 6.40 24.45 -45.24
N ILE J 276 6.96 23.35 -44.76
CA ILE J 276 7.63 23.41 -43.46
C ILE J 276 8.86 24.30 -43.51
N SER J 277 9.59 24.27 -44.63
CA SER J 277 10.75 25.14 -44.80
C SER J 277 10.34 26.61 -44.88
N LEU K 6 22.63 20.62 -11.43
CA LEU K 6 23.30 21.91 -11.58
C LEU K 6 23.82 22.07 -13.00
N ASN K 7 23.76 20.99 -13.77
CA ASN K 7 24.16 21.03 -15.17
C ASN K 7 23.26 22.00 -15.94
N ASN K 8 21.96 21.98 -15.65
CA ASN K 8 21.04 22.92 -16.30
C ASN K 8 21.42 24.36 -15.97
N ILE K 9 21.80 24.62 -14.71
CA ILE K 9 22.25 25.96 -14.33
C ILE K 9 23.52 26.32 -15.10
N VAL K 10 24.42 25.36 -15.26
CA VAL K 10 25.64 25.60 -16.04
C VAL K 10 25.29 25.96 -17.47
N SER K 11 24.34 25.23 -18.07
CA SER K 11 23.91 25.55 -19.43
C SER K 11 23.31 26.95 -19.51
N SER K 12 22.50 27.33 -18.52
CA SER K 12 21.93 28.66 -18.51
C SER K 12 23.01 29.73 -18.46
N LEU K 13 24.06 29.48 -17.68
CA LEU K 13 25.19 30.41 -17.63
C LEU K 13 25.89 30.50 -18.98
N GLN K 14 26.06 29.36 -19.66
CA GLN K 14 26.70 29.38 -20.97
C GLN K 14 25.86 30.16 -21.97
N ARG K 15 24.54 30.16 -21.78
CA ARG K 15 23.67 30.86 -22.72
C ARG K 15 24.00 32.33 -22.83
N ASN K 16 24.67 32.89 -21.82
CA ASN K 16 25.17 34.26 -21.87
C ASN K 16 26.42 34.29 -22.74
N GLY K 17 26.46 35.21 -23.69
CA GLY K 17 27.58 35.28 -24.62
C GLY K 17 28.86 35.78 -23.99
N ILE K 18 28.77 36.45 -22.84
CA ILE K 18 29.97 37.02 -22.22
C ILE K 18 30.94 35.92 -21.83
N PHE K 19 30.45 34.85 -21.21
CA PHE K 19 31.34 33.78 -20.79
C PHE K 19 32.01 33.10 -21.97
N ILE K 20 31.25 32.79 -23.02
CA ILE K 20 31.83 32.09 -24.16
C ILE K 20 32.82 32.99 -24.88
N ASN K 21 32.50 34.26 -25.06
CA ASN K 21 33.44 35.17 -25.71
C ASN K 21 34.71 35.33 -24.89
N SER K 22 34.57 35.40 -23.56
CA SER K 22 35.76 35.46 -22.70
C SER K 22 36.60 34.20 -22.83
N LEU K 23 35.94 33.04 -22.90
CA LEU K 23 36.67 31.78 -23.05
C LEU K 23 37.41 31.73 -24.38
N ILE K 24 36.77 32.19 -25.45
CA ILE K 24 37.42 32.23 -26.74
C ILE K 24 38.63 33.17 -26.72
N ALA K 25 38.48 34.35 -26.10
CA ALA K 25 39.59 35.29 -26.02
C ALA K 25 40.74 34.71 -25.21
N ALA K 26 40.44 34.05 -24.09
CA ALA K 26 41.49 33.45 -23.28
C ALA K 26 42.22 32.35 -24.04
N LEU K 27 41.48 31.51 -24.78
CA LEU K 27 42.14 30.49 -25.58
C LEU K 27 43.01 31.12 -26.66
N THR K 28 42.53 32.21 -27.28
CA THR K 28 43.34 32.88 -28.29
C THR K 28 44.62 33.43 -27.67
N ILE K 29 44.54 34.01 -26.47
CA ILE K 29 45.73 34.57 -25.82
C ILE K 29 46.73 33.46 -25.52
N GLY K 30 46.25 32.35 -24.94
CA GLY K 30 47.16 31.26 -24.62
C GLY K 30 47.79 30.64 -25.86
N GLY K 31 46.98 30.42 -26.89
CA GLY K 31 47.51 29.87 -28.13
C GLY K 31 48.51 30.80 -28.79
N GLN K 32 48.24 32.10 -28.77
CA GLN K 32 49.19 33.04 -29.33
C GLN K 32 50.49 33.04 -28.54
N GLN K 33 50.41 32.98 -27.21
CA GLN K 33 51.63 32.94 -26.41
C GLN K 33 52.47 31.73 -26.79
N LEU K 34 51.86 30.54 -26.81
CA LEU K 34 52.63 29.34 -27.13
C LEU K 34 53.18 29.41 -28.56
N PHE K 35 52.35 29.81 -29.52
CA PHE K 35 52.75 29.82 -30.91
C PHE K 35 53.89 30.79 -31.17
N SER K 36 53.76 32.02 -30.65
CA SER K 36 54.80 33.02 -30.88
C SER K 36 56.08 32.67 -30.14
N SER K 37 55.99 32.25 -28.87
CA SER K 37 57.19 31.91 -28.14
C SER K 37 57.85 30.64 -28.67
N SER K 38 57.13 29.84 -29.45
CA SER K 38 57.72 28.62 -29.97
C SER K 38 58.34 28.83 -31.36
N THR K 39 57.55 29.28 -32.33
CA THR K 39 57.98 29.19 -33.73
C THR K 39 57.88 30.54 -34.44
N PHE K 40 58.41 31.61 -33.85
CA PHE K 40 58.45 32.87 -34.60
C PHE K 40 59.69 32.92 -35.49
N SER K 41 60.87 32.95 -34.89
CA SER K 41 62.16 32.94 -35.59
C SER K 41 62.19 33.95 -36.74
N CYS K 42 62.17 35.23 -36.35
CA CYS K 42 62.17 36.31 -37.34
C CYS K 42 63.35 36.19 -38.28
N PRO K 43 63.12 36.16 -39.59
CA PRO K 43 64.23 36.00 -40.54
C PRO K 43 65.01 37.29 -40.71
N CYS K 44 66.21 37.13 -41.26
CA CYS K 44 67.10 38.24 -41.53
C CYS K 44 67.18 38.58 -43.01
N GLN K 45 66.31 37.98 -43.82
CA GLN K 45 66.42 38.11 -45.27
C GLN K 45 66.15 39.55 -45.69
N VAL K 46 67.06 40.09 -46.51
CA VAL K 46 66.91 41.46 -46.97
C VAL K 46 65.75 41.60 -47.95
N GLY K 47 65.60 40.64 -48.86
CA GLY K 47 64.60 40.73 -49.90
C GLY K 47 63.17 40.76 -49.40
N LYS K 48 62.74 39.67 -48.76
CA LYS K 48 61.37 39.51 -48.31
C LYS K 48 61.36 39.24 -46.81
N ASN K 49 61.03 40.26 -46.04
CA ASN K 49 60.90 40.13 -44.60
C ASN K 49 59.57 40.73 -44.15
N PHE K 50 59.05 41.67 -44.93
CA PHE K 50 57.73 42.22 -44.66
C PHE K 50 56.65 41.15 -44.80
N TYR K 51 56.78 40.27 -45.79
CA TYR K 51 55.79 39.22 -45.99
C TYR K 51 55.74 38.28 -44.79
N TYR K 52 56.89 38.00 -44.17
CA TYR K 52 56.91 37.09 -43.04
C TYR K 52 56.08 37.63 -41.88
N GLY K 53 56.35 38.86 -41.47
CA GLY K 53 55.60 39.44 -40.37
C GLY K 53 54.14 39.68 -40.73
N SER K 54 53.89 40.13 -41.96
CA SER K 54 52.51 40.37 -42.36
C SER K 54 51.71 39.08 -42.35
N ALA K 55 52.30 37.99 -42.83
CA ALA K 55 51.60 36.71 -42.78
C ALA K 55 51.37 36.27 -41.34
N PHE K 56 52.42 36.28 -40.52
CA PHE K 56 52.27 35.87 -39.13
C PHE K 56 51.29 36.75 -38.36
N LEU K 57 51.00 37.94 -38.85
CA LEU K 57 50.11 38.88 -38.16
C LEU K 57 48.68 38.83 -38.69
N VAL K 58 48.47 38.63 -39.98
CA VAL K 58 47.14 38.71 -40.56
C VAL K 58 46.55 37.34 -40.86
N ILE K 59 47.36 36.36 -41.30
CA ILE K 59 46.81 35.07 -41.70
C ILE K 59 46.10 34.37 -40.55
N PRO K 60 46.67 34.24 -39.35
CA PRO K 60 45.90 33.64 -38.26
C PRO K 60 44.60 34.39 -37.96
N ALA K 61 44.62 35.72 -38.03
CA ALA K 61 43.39 36.46 -37.80
C ALA K 61 42.35 36.16 -38.87
N LEU K 62 42.77 36.09 -40.13
CA LEU K 62 41.84 35.78 -41.21
C LEU K 62 41.28 34.37 -41.05
N ILE K 63 42.13 33.41 -40.68
CA ILE K 63 41.67 32.04 -40.47
C ILE K 63 40.67 31.97 -39.32
N LEU K 64 40.96 32.66 -38.22
CA LEU K 64 40.02 32.64 -37.10
C LEU K 64 38.70 33.30 -37.46
N LEU K 65 38.75 34.39 -38.24
CA LEU K 65 37.52 35.03 -38.69
C LEU K 65 36.69 34.08 -39.55
N VAL K 66 37.34 33.42 -40.50
CA VAL K 66 36.62 32.50 -41.38
C VAL K 66 36.07 31.32 -40.58
N ALA K 67 36.83 30.82 -39.62
CA ALA K 67 36.35 29.72 -38.79
C ALA K 67 35.15 30.14 -37.95
N GLY K 68 35.20 31.33 -37.37
CA GLY K 68 34.07 31.80 -36.58
C GLY K 68 32.81 31.96 -37.41
N PHE K 69 32.95 32.43 -38.65
CA PHE K 69 31.76 32.55 -39.50
C PHE K 69 31.28 31.19 -39.98
N ALA K 70 32.17 30.32 -40.42
CA ALA K 70 31.76 29.08 -41.07
C ALA K 70 31.26 28.05 -40.07
N LEU K 71 31.91 27.95 -38.91
CA LEU K 71 31.55 26.90 -37.94
C LEU K 71 30.15 27.07 -37.39
N ARG K 72 29.54 28.24 -37.56
CA ARG K 72 28.18 28.46 -37.11
C ARG K 72 27.19 28.01 -38.18
N SER K 73 26.34 27.04 -37.85
CA SER K 73 25.38 26.50 -38.81
C SER K 73 24.33 27.54 -39.19
N GLN K 74 24.05 28.49 -38.29
CA GLN K 74 23.11 29.56 -38.64
C GLN K 74 23.62 30.34 -39.84
N MET K 75 24.93 30.50 -39.97
CA MET K 75 25.48 31.17 -41.15
C MET K 75 25.20 30.38 -42.42
N TRP K 76 25.31 29.05 -42.36
CA TRP K 76 24.98 28.26 -43.53
C TRP K 76 23.49 28.40 -43.88
N THR K 77 22.63 28.45 -42.88
CA THR K 77 21.21 28.65 -43.14
C THR K 77 20.94 30.02 -43.77
N ILE K 78 21.61 31.06 -43.28
CA ILE K 78 21.44 32.40 -43.86
C ILE K 78 21.91 32.41 -45.31
N THR K 79 23.08 31.81 -45.58
CA THR K 79 23.59 31.80 -46.94
C THR K 79 22.66 31.01 -47.86
N GLY K 80 22.09 29.91 -47.35
CA GLY K 80 21.12 29.16 -48.14
C GLY K 80 19.88 29.97 -48.44
N GLU K 81 19.41 30.76 -47.47
CA GLU K 81 18.25 31.61 -47.73
C GLU K 81 18.56 32.69 -48.75
N TYR K 82 19.70 33.36 -48.61
CA TYR K 82 20.03 34.46 -49.50
C TYR K 82 20.34 33.97 -50.91
N CYS K 83 21.09 32.87 -51.03
CA CYS K 83 21.46 32.33 -52.33
C CYS K 83 20.23 31.87 -53.11
N PRO K 95 12.26 43.48 -47.77
CA PRO K 95 11.19 43.32 -46.79
C PRO K 95 11.69 42.79 -45.44
N LEU K 96 10.80 42.19 -44.65
CA LEU K 96 11.17 41.75 -43.31
C LEU K 96 12.14 40.58 -43.33
N GLU K 97 12.10 39.75 -44.37
CA GLU K 97 13.03 38.63 -44.46
C GLU K 97 14.47 39.12 -44.53
N CYS K 98 14.72 40.19 -45.30
CA CYS K 98 16.06 40.74 -45.39
C CYS K 98 16.54 41.24 -44.04
N LYS K 99 15.69 41.97 -43.31
CA LYS K 99 16.08 42.49 -42.01
C LYS K 99 16.33 41.35 -41.02
N LEU K 100 15.52 40.30 -41.08
CA LEU K 100 15.70 39.17 -40.18
C LEU K 100 17.02 38.45 -40.47
N ALA K 101 17.33 38.27 -41.75
CA ALA K 101 18.61 37.66 -42.12
C ALA K 101 19.77 38.54 -41.67
N CYS K 102 19.63 39.85 -41.80
CA CYS K 102 20.69 40.76 -41.34
C CYS K 102 20.88 40.67 -39.83
N LEU K 103 19.79 40.57 -39.09
CA LEU K 103 19.89 40.43 -37.65
C LEU K 103 20.60 39.13 -37.27
N ARG K 104 20.26 38.03 -37.95
CA ARG K 104 20.94 36.76 -37.66
C ARG K 104 22.42 36.84 -38.01
N PHE K 105 22.74 37.50 -39.13
CA PHE K 105 24.13 37.68 -39.51
C PHE K 105 24.88 38.48 -38.45
N PHE K 106 24.25 39.52 -37.90
CA PHE K 106 24.88 40.28 -36.83
C PHE K 106 25.11 39.43 -35.59
N SER K 107 24.13 38.61 -35.22
CA SER K 107 24.29 37.73 -34.07
C SER K 107 25.46 36.77 -34.26
N ILE K 108 25.66 36.31 -35.49
CA ILE K 108 26.83 35.47 -35.79
C ILE K 108 28.11 36.31 -35.73
N THR K 109 28.04 37.53 -36.25
CA THR K 109 29.21 38.40 -36.34
C THR K 109 29.77 38.74 -34.98
N GLY K 110 28.94 38.73 -33.94
CA GLY K 110 29.48 38.94 -32.60
C GLY K 110 30.64 38.01 -32.29
N ARG K 111 30.41 36.70 -32.36
CA ARG K 111 31.48 35.74 -32.11
C ARG K 111 32.53 35.78 -33.22
N ALA K 112 32.09 35.92 -34.47
CA ALA K 112 33.05 35.93 -35.57
C ALA K 112 34.05 37.08 -35.43
N VAL K 113 33.67 38.14 -34.71
CA VAL K 113 34.56 39.27 -34.51
C VAL K 113 35.37 39.13 -33.24
N ILE K 114 34.80 38.60 -32.15
CA ILE K 114 35.60 38.47 -30.95
C ILE K 114 36.70 37.44 -31.17
N ALA K 115 36.54 36.52 -32.13
CA ALA K 115 37.56 35.48 -32.30
C ALA K 115 38.92 36.04 -32.74
N PRO K 116 39.04 36.85 -33.81
CA PRO K 116 40.37 37.29 -34.25
C PRO K 116 40.83 38.61 -33.64
N LEU K 117 39.91 39.42 -33.11
CA LEU K 117 40.31 40.69 -32.51
C LEU K 117 41.26 40.47 -31.36
N THR K 118 41.06 39.40 -30.59
CA THR K 118 41.99 39.08 -29.52
C THR K 118 43.37 38.80 -30.06
N TRP K 119 43.46 38.05 -31.17
CA TRP K 119 44.76 37.76 -31.76
C TRP K 119 45.45 39.04 -32.21
N LEU K 120 44.73 39.89 -32.95
CA LEU K 120 45.35 41.13 -33.42
C LEU K 120 45.79 42.01 -32.26
N ALA K 121 44.93 42.16 -31.26
CA ALA K 121 45.27 43.02 -30.13
C ALA K 121 46.50 42.49 -29.40
N VAL K 122 46.54 41.20 -29.10
CA VAL K 122 47.66 40.65 -28.35
C VAL K 122 48.95 40.76 -29.16
N THR K 123 48.89 40.43 -30.45
CA THR K 123 50.10 40.48 -31.26
C THR K 123 50.62 41.90 -31.41
N LEU K 124 49.72 42.88 -31.62
CA LEU K 124 50.19 44.25 -31.73
C LEU K 124 50.73 44.77 -30.41
N LEU K 125 50.08 44.44 -29.29
CA LEU K 125 50.55 44.93 -28.00
C LEU K 125 51.91 44.33 -27.65
N THR K 126 52.12 43.05 -27.95
CA THR K 126 53.44 42.48 -27.78
C THR K 126 54.45 43.16 -28.69
N GLY K 127 54.05 43.45 -29.93
CA GLY K 127 54.83 44.27 -30.83
C GLY K 127 55.91 43.56 -31.60
N THR K 128 56.24 42.32 -31.25
CA THR K 128 57.33 41.63 -31.94
C THR K 128 56.97 41.34 -33.40
N TYR K 129 55.72 40.96 -33.66
CA TYR K 129 55.29 40.69 -35.02
C TYR K 129 55.40 41.95 -35.88
N TYR K 130 54.91 43.08 -35.36
CA TYR K 130 54.96 44.31 -36.13
C TYR K 130 56.39 44.76 -36.34
N GLU K 131 57.26 44.57 -35.34
CA GLU K 131 58.66 44.92 -35.50
C GLU K 131 59.29 44.10 -36.62
N CYS K 132 59.14 42.78 -36.58
CA CYS K 132 59.72 41.93 -37.62
C CYS K 132 59.10 42.21 -38.98
N ALA K 133 57.88 42.72 -39.01
CA ALA K 133 57.22 43.00 -40.29
C ALA K 133 57.73 44.29 -40.90
N ALA K 134 57.67 45.38 -40.14
CA ALA K 134 57.96 46.71 -40.67
C ALA K 134 59.33 47.22 -40.26
N SER K 135 60.28 46.33 -39.95
CA SER K 135 61.63 46.80 -39.68
C SER K 135 62.26 47.48 -40.88
N GLU K 136 62.14 46.89 -42.06
CA GLU K 136 62.88 47.38 -43.21
C GLU K 136 62.37 48.73 -43.72
N PHE K 137 61.18 49.16 -43.30
CA PHE K 137 60.61 50.41 -43.76
C PHE K 137 61.03 51.60 -42.90
N ALA K 138 62.03 51.41 -42.05
CA ALA K 138 62.51 52.49 -41.19
C ALA K 138 63.23 53.55 -42.01
N SER K 139 63.15 54.80 -41.56
CA SER K 139 63.84 55.90 -42.21
C SER K 139 65.28 55.99 -41.74
N VAL K 140 66.12 56.57 -42.60
CA VAL K 140 67.54 56.74 -42.31
C VAL K 140 67.99 58.19 -42.41
N ASP K 141 67.12 59.11 -42.79
CA ASP K 141 67.51 60.51 -42.92
C ASP K 141 67.90 61.11 -41.57
N HIS K 142 67.16 60.74 -40.51
CA HIS K 142 67.44 61.29 -39.20
C HIS K 142 68.83 60.89 -38.71
N TYR K 143 69.27 59.68 -39.05
CA TYR K 143 70.51 59.15 -38.50
C TYR K 143 71.65 59.38 -39.48
N PRO K 144 72.64 60.20 -39.13
CA PRO K 144 73.77 60.42 -40.06
C PRO K 144 74.62 59.18 -40.27
N MET K 145 74.54 58.18 -39.40
CA MET K 145 75.36 56.99 -39.53
C MET K 145 74.98 56.14 -40.73
N PHE K 146 73.81 56.35 -41.30
CA PHE K 146 73.30 55.53 -42.41
C PHE K 146 73.43 56.23 -43.76
N ASP K 147 74.52 56.96 -43.99
CA ASP K 147 74.74 57.59 -45.29
C ASP K 147 74.81 56.53 -46.39
N ASN K 148 75.86 55.71 -46.37
CA ASN K 148 75.99 54.53 -47.22
C ASN K 148 75.69 54.84 -48.70
N VAL K 149 76.59 55.62 -49.28
CA VAL K 149 76.48 56.05 -50.68
C VAL K 149 76.23 54.87 -51.61
N SER K 150 76.57 53.65 -51.15
CA SER K 150 76.26 52.46 -51.93
C SER K 150 74.76 52.26 -52.09
N ALA K 151 73.98 52.67 -51.08
CA ALA K 151 72.52 52.66 -51.12
C ALA K 151 71.92 51.26 -51.26
N SER K 152 72.72 50.22 -51.12
CA SER K 152 72.25 48.85 -51.11
C SER K 152 72.64 48.10 -49.85
N LYS K 153 73.86 48.32 -49.36
CA LYS K 153 74.26 47.72 -48.10
C LYS K 153 73.41 48.26 -46.95
N ARG K 154 73.04 49.54 -47.01
CA ARG K 154 72.22 50.14 -45.96
C ARG K 154 70.89 49.42 -45.80
N GLU K 155 70.23 49.10 -46.92
CA GLU K 155 68.97 48.37 -46.83
C GLU K 155 69.19 47.01 -46.19
N GLU K 156 70.27 46.32 -46.54
CA GLU K 156 70.51 44.99 -46.01
C GLU K 156 70.76 45.04 -44.51
N ILE K 157 71.59 45.99 -44.05
CA ILE K 157 71.84 46.04 -42.60
C ILE K 157 70.59 46.47 -41.87
N LEU K 158 69.79 47.37 -42.48
CA LEU K 158 68.54 47.80 -41.87
C LEU K 158 67.59 46.62 -41.68
N ALA K 159 67.47 45.76 -42.68
CA ALA K 159 66.65 44.56 -42.53
C ALA K 159 67.32 43.48 -41.71
N GLY K 160 68.62 43.59 -41.45
CA GLY K 160 69.35 42.57 -40.75
C GLY K 160 69.45 42.71 -39.25
N PHE K 161 69.71 43.92 -38.75
CA PHE K 161 69.99 44.02 -37.31
C PHE K 161 68.81 43.67 -36.41
N PRO K 162 67.54 43.86 -36.81
CA PRO K 162 66.46 43.48 -35.89
C PRO K 162 66.42 42.00 -35.56
N CYS K 163 66.91 41.13 -36.45
CA CYS K 163 66.62 39.70 -36.31
C CYS K 163 67.53 39.02 -35.30
N CYS K 164 68.82 38.86 -35.65
CA CYS K 164 69.74 38.13 -34.79
C CYS K 164 71.17 38.63 -34.93
N ARG K 165 71.40 39.75 -35.60
CA ARG K 165 72.77 40.13 -35.96
C ARG K 165 73.62 40.38 -34.73
N SER K 166 73.05 41.07 -33.72
CA SER K 166 73.78 41.47 -32.52
C SER K 166 75.00 42.25 -32.99
N ALA K 167 76.23 41.75 -32.81
CA ALA K 167 77.44 42.36 -33.34
C ALA K 167 77.58 43.80 -32.88
N PRO K 168 77.84 44.03 -31.59
CA PRO K 168 77.94 45.42 -31.11
C PRO K 168 79.10 46.17 -31.74
N SER K 169 78.77 47.12 -32.61
CA SER K 169 79.77 47.96 -33.27
C SER K 169 79.37 49.41 -33.12
N ASP K 170 78.79 49.74 -31.96
CA ASP K 170 78.34 51.07 -31.56
C ASP K 170 77.21 51.58 -32.44
N VAL K 171 76.71 50.78 -33.39
CA VAL K 171 75.47 51.11 -34.10
C VAL K 171 74.24 50.68 -33.31
N ILE K 172 74.44 49.89 -32.24
CA ILE K 172 73.32 49.34 -31.49
C ILE K 172 72.51 50.44 -30.81
N LEU K 173 73.07 51.64 -30.69
CA LEU K 173 72.26 52.76 -30.21
C LEU K 173 71.14 53.08 -31.20
N VAL K 174 71.46 53.17 -32.49
CA VAL K 174 70.43 53.40 -33.50
C VAL K 174 69.46 52.23 -33.57
N ARG K 175 69.99 50.99 -33.48
CA ARG K 175 69.13 49.83 -33.44
C ARG K 175 68.13 49.91 -32.30
N ASP K 176 68.60 50.24 -31.10
CA ASP K 176 67.72 50.27 -29.94
C ASP K 176 66.70 51.39 -30.07
N GLU K 177 67.13 52.55 -30.56
CA GLU K 177 66.20 53.68 -30.70
C GLU K 177 65.10 53.35 -31.71
N ILE K 178 65.48 52.80 -32.86
CA ILE K 178 64.46 52.51 -33.88
C ILE K 178 63.58 51.34 -33.44
N ALA K 179 64.14 50.37 -32.70
CA ALA K 179 63.33 49.28 -32.18
C ALA K 179 62.29 49.80 -31.20
N LEU K 180 62.69 50.72 -30.32
CA LEU K 180 61.71 51.33 -29.42
C LEU K 180 60.67 52.13 -30.19
N LEU K 181 61.09 52.81 -31.25
CA LEU K 181 60.13 53.55 -32.07
C LEU K 181 59.09 52.61 -32.66
N HIS K 182 59.53 51.49 -33.23
CA HIS K 182 58.58 50.57 -33.85
C HIS K 182 57.72 49.87 -32.82
N ARG K 183 58.28 49.56 -31.64
CA ARG K 183 57.47 48.96 -30.59
C ARG K 183 56.39 49.92 -30.11
N TYR K 184 56.74 51.20 -29.93
CA TYR K 184 55.74 52.19 -29.53
C TYR K 184 54.67 52.34 -30.60
N GLN K 185 55.09 52.39 -31.86
CA GLN K 185 54.11 52.51 -32.94
C GLN K 185 53.19 51.30 -32.98
N SER K 186 53.74 50.10 -32.75
CA SER K 186 52.94 48.89 -32.74
C SER K 186 51.90 48.93 -31.62
N GLN K 187 52.32 49.26 -30.40
CA GLN K 187 51.37 49.26 -29.29
C GLN K 187 50.32 50.35 -29.46
N MET K 188 50.72 51.54 -29.94
CA MET K 188 49.73 52.57 -30.18
C MET K 188 48.76 52.15 -31.27
N LEU K 189 49.25 51.47 -32.31
CA LEU K 189 48.36 50.97 -33.35
C LEU K 189 47.39 49.93 -32.79
N GLY K 190 47.87 49.10 -31.87
CA GLY K 190 46.98 48.15 -31.22
C GLY K 190 45.89 48.83 -30.42
N TRP K 191 46.25 49.88 -29.69
CA TRP K 191 45.23 50.63 -28.95
C TRP K 191 44.24 51.29 -29.89
N ILE K 192 44.72 51.85 -30.99
CA ILE K 192 43.82 52.44 -31.98
C ILE K 192 42.87 51.39 -32.53
N LEU K 193 43.40 50.20 -32.81
CA LEU K 193 42.59 49.13 -33.37
C LEU K 193 41.52 48.67 -32.38
N ILE K 194 41.88 48.50 -31.11
CA ILE K 194 40.90 48.02 -30.14
C ILE K 194 39.85 49.09 -29.87
N THR K 195 40.26 50.36 -29.82
CA THR K 195 39.28 51.43 -29.65
C THR K 195 38.31 51.49 -30.82
N LEU K 196 38.83 51.38 -32.05
CA LEU K 196 37.95 51.38 -33.21
C LEU K 196 37.03 50.16 -33.21
N ALA K 197 37.54 49.01 -32.79
CA ALA K 197 36.70 47.82 -32.73
C ALA K 197 35.57 48.00 -31.72
N THR K 198 35.87 48.55 -30.55
CA THR K 198 34.82 48.77 -29.55
C THR K 198 33.80 49.79 -30.04
N ILE K 199 34.26 50.88 -30.65
CA ILE K 199 33.33 51.88 -31.15
C ILE K 199 32.44 51.29 -32.25
N ALA K 200 33.04 50.51 -33.16
CA ALA K 200 32.27 49.88 -34.22
C ALA K 200 31.26 48.88 -33.65
N ALA K 201 31.66 48.12 -32.64
CA ALA K 201 30.73 47.17 -32.03
C ALA K 201 29.54 47.88 -31.39
N LEU K 202 29.81 48.95 -30.64
CA LEU K 202 28.72 49.69 -30.00
C LEU K 202 27.80 50.33 -31.04
N VAL K 203 28.38 50.93 -32.07
CA VAL K 203 27.57 51.57 -33.10
C VAL K 203 26.76 50.53 -33.87
N SER K 204 27.35 49.36 -34.14
CA SER K 204 26.63 48.31 -34.85
C SER K 204 25.48 47.78 -34.01
N CYS K 205 25.68 47.62 -32.70
CA CYS K 205 24.57 47.19 -31.85
C CYS K 205 23.46 48.23 -31.82
N CYS K 206 23.83 49.52 -31.73
CA CYS K 206 22.82 50.57 -31.75
C CYS K 206 22.06 50.58 -33.08
N VAL K 207 22.77 50.41 -34.19
CA VAL K 207 22.12 50.38 -35.50
C VAL K 207 21.22 49.17 -35.63
N ALA K 208 21.64 48.03 -35.06
CA ALA K 208 20.78 46.85 -35.08
C ALA K 208 19.51 47.09 -34.31
N LYS K 209 19.61 47.72 -33.14
CA LYS K 209 18.40 48.02 -32.36
C LYS K 209 17.51 49.02 -33.08
N CYS K 210 18.10 50.04 -33.70
CA CYS K 210 17.30 51.04 -34.41
C CYS K 210 16.61 50.46 -35.64
N CYS K 211 17.33 49.66 -36.42
CA CYS K 211 16.83 49.12 -37.68
C CYS K 211 15.97 47.89 -37.51
N SER K 212 15.92 47.29 -36.34
CA SER K 212 15.12 46.09 -36.14
C SER K 212 13.65 46.44 -36.17
N PRO K 213 12.85 45.83 -37.06
CA PRO K 213 11.41 46.13 -37.05
C PRO K 213 10.69 45.50 -35.87
N LEU K 214 11.18 44.37 -35.37
CA LEU K 214 10.55 43.72 -34.23
C LEU K 214 10.74 44.56 -32.97
N THR K 215 9.75 44.50 -32.09
CA THR K 215 9.89 45.10 -30.78
C THR K 215 10.86 44.28 -29.94
N SER K 216 11.24 44.82 -28.78
CA SER K 216 12.16 44.11 -27.90
C SER K 216 11.59 42.76 -27.48
N LEU K 217 10.35 42.75 -27.00
CA LEU K 217 9.72 41.50 -26.63
C LEU K 217 9.50 40.62 -27.85
N GLN K 218 9.10 41.21 -28.98
CA GLN K 218 8.94 40.44 -30.20
C GLN K 218 10.28 39.89 -30.68
N HIS K 219 11.36 40.65 -30.52
CA HIS K 219 12.67 40.15 -30.89
C HIS K 219 13.07 38.95 -30.03
N CYS K 220 12.82 39.03 -28.72
CA CYS K 220 13.09 37.90 -27.85
C CYS K 220 12.28 36.67 -28.27
N TYR K 221 11.00 36.89 -28.56
CA TYR K 221 10.16 35.78 -29.00
C TYR K 221 10.69 35.16 -30.28
N TRP K 222 11.11 35.99 -31.24
CA TRP K 222 11.59 35.48 -32.51
C TRP K 222 12.88 34.69 -32.36
N THR K 223 13.81 35.18 -31.53
CA THR K 223 15.05 34.46 -31.30
C THR K 223 14.77 33.09 -30.69
N SER K 224 13.92 33.05 -29.66
CA SER K 224 13.61 31.78 -29.05
C SER K 224 12.85 30.86 -30.01
N HIS K 225 12.01 31.45 -30.86
CA HIS K 225 11.31 30.68 -31.88
C HIS K 225 12.28 29.98 -32.80
N LEU K 226 13.31 30.71 -33.24
CA LEU K 226 14.28 30.13 -34.17
C LEU K 226 15.01 28.97 -33.53
N GLN K 227 15.55 29.19 -32.32
CA GLN K 227 16.28 28.14 -31.65
C GLN K 227 15.41 26.91 -31.43
N ASN K 228 14.19 27.12 -30.95
CA ASN K 228 13.34 26.00 -30.59
C ASN K 228 12.86 25.25 -31.82
N GLU K 229 12.54 25.96 -32.91
CA GLU K 229 12.10 25.27 -34.10
C GLU K 229 13.21 24.38 -34.66
N ARG K 230 14.46 24.88 -34.67
CA ARG K 230 15.52 24.05 -35.21
C ARG K 230 15.74 22.81 -34.34
N GLU K 231 15.76 23.00 -33.01
CA GLU K 231 16.01 21.85 -32.14
C GLU K 231 14.88 20.82 -32.24
N LEU K 232 13.63 21.30 -32.24
CA LEU K 232 12.49 20.40 -32.31
C LEU K 232 12.51 19.60 -33.60
N PHE K 233 12.76 20.25 -34.73
CA PHE K 233 12.76 19.48 -35.97
C PHE K 233 13.88 18.47 -35.99
N GLU K 234 15.07 18.82 -35.46
CA GLU K 234 16.14 17.83 -35.41
C GLU K 234 15.70 16.59 -34.62
N GLN K 235 15.16 16.81 -33.42
CA GLN K 235 14.78 15.68 -32.58
C GLN K 235 13.72 14.83 -33.23
N ALA K 236 12.66 15.44 -33.75
CA ALA K 236 11.56 14.65 -34.27
C ALA K 236 11.90 14.04 -35.63
N ALA K 237 12.81 14.64 -36.39
CA ALA K 237 13.30 13.96 -37.58
C ALA K 237 14.02 12.68 -37.19
N GLU K 238 14.85 12.74 -36.15
CA GLU K 238 15.46 11.52 -35.62
C GLU K 238 14.40 10.49 -35.24
N GLN K 239 13.38 10.93 -34.50
CA GLN K 239 12.38 9.98 -34.00
C GLN K 239 11.51 9.42 -35.12
N HIS K 240 11.13 10.25 -36.09
CA HIS K 240 10.38 9.76 -37.25
C HIS K 240 11.15 8.73 -38.04
N SER K 241 12.44 8.97 -38.30
CA SER K 241 13.20 7.98 -39.04
C SER K 241 13.38 6.72 -38.22
N ARG K 242 13.54 6.86 -36.90
CA ARG K 242 13.63 5.68 -36.06
C ARG K 242 12.37 4.85 -36.16
N LEU K 243 11.20 5.49 -36.11
CA LEU K 243 9.94 4.74 -36.22
C LEU K 243 9.79 4.10 -37.58
N LEU K 244 10.12 4.82 -38.66
CA LEU K 244 9.96 4.25 -40.00
C LEU K 244 10.88 3.06 -40.19
N MET K 245 12.14 3.18 -39.80
CA MET K 245 13.06 2.05 -39.92
C MET K 245 12.63 0.91 -39.01
N MET K 246 12.10 1.22 -37.83
CA MET K 246 11.68 0.18 -36.91
C MET K 246 10.53 -0.62 -37.50
N HIS K 247 9.58 0.05 -38.15
CA HIS K 247 8.52 -0.65 -38.86
C HIS K 247 9.08 -1.49 -39.99
N ARG K 248 10.06 -0.95 -40.72
CA ARG K 248 10.66 -1.70 -41.83
C ARG K 248 11.30 -2.98 -41.33
N ILE K 249 12.05 -2.91 -40.24
CA ILE K 249 12.75 -4.08 -39.75
C ILE K 249 11.79 -5.01 -39.01
N LYS K 250 10.68 -4.47 -38.50
CA LYS K 250 9.59 -5.33 -38.03
C LYS K 250 9.07 -6.19 -39.16
N LYS K 251 8.90 -5.59 -40.35
CA LYS K 251 8.57 -6.38 -41.52
C LYS K 251 9.67 -7.39 -41.83
N LEU K 252 10.93 -6.96 -41.70
CA LEU K 252 12.06 -7.81 -42.09
C LEU K 252 12.20 -9.04 -41.20
N PHE K 253 12.21 -8.86 -39.88
CA PHE K 253 12.50 -9.92 -38.93
C PHE K 253 11.26 -10.41 -38.19
N GLY K 254 10.08 -9.89 -38.50
CA GLY K 254 8.88 -10.37 -37.85
C GLY K 254 8.65 -9.86 -36.44
N PHE K 255 9.46 -8.91 -35.96
CA PHE K 255 9.26 -8.36 -34.63
C PHE K 255 9.84 -6.95 -34.57
N ILE K 256 9.33 -6.19 -33.62
CA ILE K 256 9.89 -4.86 -33.35
C ILE K 256 11.10 -5.01 -32.43
N PRO K 257 12.21 -4.32 -32.72
CA PRO K 257 13.40 -4.45 -31.87
C PRO K 257 13.17 -3.94 -30.47
N GLY K 258 13.88 -4.55 -29.51
CA GLY K 258 13.82 -4.12 -28.13
C GLY K 258 12.58 -4.50 -27.38
N SER K 259 11.83 -5.51 -27.86
CA SER K 259 10.60 -5.94 -27.22
C SER K 259 10.54 -7.46 -27.20
N GLU K 260 9.61 -7.98 -26.41
CA GLU K 260 9.49 -9.42 -26.17
C GLU K 260 9.00 -10.11 -27.43
N ASP K 261 9.87 -10.87 -28.10
CA ASP K 261 9.55 -11.47 -29.39
C ASP K 261 9.60 -13.00 -29.37
N VAL K 262 9.57 -13.63 -28.20
CA VAL K 262 9.59 -15.08 -28.16
C VAL K 262 8.35 -15.70 -28.78
N LYS K 263 7.34 -14.88 -29.09
CA LYS K 263 6.14 -15.40 -29.73
C LYS K 263 6.44 -15.89 -31.14
N HIS K 264 7.12 -15.07 -31.94
CA HIS K 264 7.37 -15.44 -33.33
C HIS K 264 8.70 -14.84 -33.77
N ILE K 265 9.34 -15.52 -34.73
CA ILE K 265 10.57 -15.06 -35.36
C ILE K 265 10.44 -15.32 -36.86
N ARG K 266 11.27 -14.62 -37.62
CA ARG K 266 11.23 -14.70 -39.08
C ARG K 266 12.55 -15.27 -39.61
N ILE K 267 12.48 -15.84 -40.80
CA ILE K 267 13.66 -16.29 -41.52
C ILE K 267 13.74 -15.52 -42.84
N PRO K 268 14.59 -14.50 -42.90
CA PRO K 268 14.65 -13.67 -44.12
C PRO K 268 15.08 -14.49 -45.33
N SER K 269 14.50 -14.15 -46.48
CA SER K 269 14.91 -14.72 -47.75
C SER K 269 15.95 -13.83 -48.42
N CYS K 270 16.69 -14.43 -49.36
CA CYS K 270 17.79 -13.72 -50.00
C CYS K 270 17.27 -12.50 -50.77
N GLN K 271 16.14 -12.67 -51.46
CA GLN K 271 15.54 -11.55 -52.15
C GLN K 271 15.04 -10.52 -51.14
N ASP K 272 14.56 -10.97 -49.99
CA ASP K 272 14.20 -10.02 -48.93
C ASP K 272 15.43 -9.32 -48.36
N TRP K 273 16.54 -10.05 -48.23
CA TRP K 273 17.81 -9.43 -47.87
C TRP K 273 18.19 -8.36 -48.88
N LYS K 274 17.85 -8.56 -50.15
CA LYS K 274 18.07 -7.50 -51.13
C LYS K 274 17.14 -6.32 -50.85
N ASP K 275 15.88 -6.58 -50.53
CA ASP K 275 14.95 -5.47 -50.33
C ASP K 275 15.36 -4.58 -49.17
N ILE K 276 15.81 -5.18 -48.06
CA ILE K 276 16.22 -4.35 -46.93
C ILE K 276 17.47 -3.54 -47.28
N SER K 277 18.38 -4.13 -48.04
CA SER K 277 19.58 -3.41 -48.47
C SER K 277 19.23 -2.28 -49.43
N LEU L 6 -23.02 -22.34 -6.47
CA LEU L 6 -23.68 -23.63 -6.35
C LEU L 6 -24.26 -24.06 -7.70
N ASN L 7 -24.23 -23.13 -8.65
CA ASN L 7 -24.68 -23.44 -10.01
C ASN L 7 -23.80 -24.53 -10.62
N ASN L 8 -22.50 -24.46 -10.38
CA ASN L 8 -21.59 -25.50 -10.87
C ASN L 8 -21.95 -26.86 -10.26
N ILE L 9 -22.28 -26.87 -8.97
CA ILE L 9 -22.72 -28.11 -8.33
C ILE L 9 -24.01 -28.62 -8.98
N VAL L 10 -24.93 -27.70 -9.28
CA VAL L 10 -26.17 -28.08 -9.95
C VAL L 10 -25.86 -28.70 -11.31
N SER L 11 -24.93 -28.11 -12.06
CA SER L 11 -24.55 -28.67 -13.35
C SER L 11 -23.96 -30.07 -13.19
N SER L 12 -23.11 -30.25 -12.18
CA SER L 12 -22.52 -31.57 -11.94
C SER L 12 -23.59 -32.60 -11.64
N LEU L 13 -24.63 -32.20 -10.89
CA LEU L 13 -25.74 -33.11 -10.63
C LEU L 13 -26.50 -33.44 -11.91
N GLN L 14 -26.69 -32.45 -12.80
CA GLN L 14 -27.38 -32.71 -14.05
C GLN L 14 -26.57 -33.67 -14.92
N ARG L 15 -25.24 -33.64 -14.78
CA ARG L 15 -24.40 -34.50 -15.61
C ARG L 15 -24.73 -35.97 -15.42
N ASN L 16 -25.36 -36.33 -14.30
CA ASN L 16 -25.85 -37.68 -14.08
C ASN L 16 -27.14 -37.86 -14.88
N GLY L 17 -27.20 -38.96 -15.64
CA GLY L 17 -28.35 -39.19 -16.50
C GLY L 17 -29.61 -39.57 -15.75
N ILE L 18 -29.47 -40.01 -14.49
CA ILE L 18 -30.64 -40.45 -13.75
C ILE L 18 -31.61 -39.30 -13.52
N PHE L 19 -31.10 -38.14 -13.14
CA PHE L 19 -31.98 -37.00 -12.89
C PHE L 19 -32.70 -36.55 -14.15
N ILE L 20 -31.97 -36.44 -15.27
CA ILE L 20 -32.60 -35.97 -16.49
C ILE L 20 -33.61 -36.98 -17.00
N ASN L 21 -33.28 -38.27 -16.95
CA ASN L 21 -34.24 -39.28 -17.38
C ASN L 21 -35.48 -39.27 -16.50
N SER L 22 -35.31 -39.10 -15.19
CA SER L 22 -36.46 -39.00 -14.30
C SER L 22 -37.30 -37.78 -14.63
N LEU L 23 -36.66 -36.66 -14.94
CA LEU L 23 -37.39 -35.45 -15.29
C LEU L 23 -38.18 -35.64 -16.58
N ILE L 24 -37.58 -36.30 -17.57
CA ILE L 24 -38.29 -36.59 -18.81
C ILE L 24 -39.48 -37.50 -18.56
N ALA L 25 -39.30 -38.53 -17.75
CA ALA L 25 -40.40 -39.44 -17.45
C ALA L 25 -41.53 -38.73 -16.72
N ALA L 26 -41.19 -37.86 -15.76
CA ALA L 26 -42.22 -37.12 -15.04
C ALA L 26 -42.98 -36.19 -15.97
N LEU L 27 -42.27 -35.50 -16.87
CA LEU L 27 -42.96 -34.66 -17.82
C LEU L 27 -43.87 -35.47 -18.74
N THR L 28 -43.41 -36.65 -19.16
CA THR L 28 -44.25 -37.50 -19.99
C THR L 28 -45.50 -37.93 -19.25
N ILE L 29 -45.37 -38.28 -17.96
CA ILE L 29 -46.53 -38.69 -17.18
C ILE L 29 -47.52 -37.55 -17.04
N GLY L 30 -47.05 -36.35 -16.70
CA GLY L 30 -47.95 -35.21 -16.57
C GLY L 30 -48.62 -34.85 -17.87
N GLY L 31 -47.84 -34.82 -18.96
CA GLY L 31 -48.42 -34.51 -20.26
C GLY L 31 -49.44 -35.54 -20.69
N GLN L 32 -49.16 -36.81 -20.45
CA GLN L 32 -50.13 -37.85 -20.78
C GLN L 32 -51.40 -37.69 -19.96
N GLN L 33 -51.27 -37.38 -18.68
CA GLN L 33 -52.47 -37.19 -17.86
C GLN L 33 -53.32 -36.07 -18.43
N LEU L 34 -52.72 -34.91 -18.67
CA LEU L 34 -53.51 -33.80 -19.20
C LEU L 34 -54.10 -34.13 -20.57
N PHE L 35 -53.30 -34.70 -21.46
CA PHE L 35 -53.75 -34.97 -22.81
C PHE L 35 -54.89 -35.97 -22.84
N SER L 36 -54.76 -37.08 -22.11
CA SER L 36 -55.79 -38.10 -22.12
C SER L 36 -57.05 -37.62 -21.40
N SER L 37 -56.90 -36.97 -20.25
CA SER L 37 -58.09 -36.50 -19.55
C SER L 37 -58.76 -35.35 -20.28
N SER L 38 -58.08 -34.71 -21.23
CA SER L 38 -58.69 -33.60 -21.94
C SER L 38 -59.37 -34.07 -23.24
N THR L 39 -58.61 -34.70 -24.14
CA THR L 39 -59.08 -34.88 -25.51
C THR L 39 -59.01 -36.33 -25.97
N PHE L 40 -59.50 -37.27 -25.16
CA PHE L 40 -59.56 -38.64 -25.67
C PHE L 40 -60.83 -38.86 -26.49
N SER L 41 -61.99 -38.78 -25.84
CA SER L 41 -63.30 -38.90 -26.50
C SER L 41 -63.37 -40.11 -27.43
N CYS L 42 -63.34 -41.29 -26.81
CA CYS L 42 -63.36 -42.54 -27.57
C CYS L 42 -64.57 -42.60 -28.49
N PRO L 43 -64.39 -42.80 -29.79
CA PRO L 43 -65.53 -42.83 -30.71
C PRO L 43 -66.31 -44.12 -30.61
N CYS L 44 -67.53 -44.07 -31.14
CA CYS L 44 -68.42 -45.21 -31.15
C CYS L 44 -68.55 -45.81 -32.54
N GLN L 45 -67.71 -45.38 -33.48
CA GLN L 45 -67.86 -45.78 -34.87
C GLN L 45 -67.62 -47.27 -35.03
N VAL L 46 -68.54 -47.95 -35.71
CA VAL L 46 -68.41 -49.39 -35.91
C VAL L 46 -67.29 -49.71 -36.88
N GLY L 47 -67.16 -48.94 -37.95
CA GLY L 47 -66.20 -49.22 -39.00
C GLY L 47 -64.75 -49.15 -38.55
N LYS L 48 -64.31 -47.98 -38.15
CA LYS L 48 -62.92 -47.72 -37.78
C LYS L 48 -62.86 -47.18 -36.36
N ASN L 49 -62.50 -48.05 -35.42
CA ASN L 49 -62.33 -47.65 -34.03
C ASN L 49 -60.98 -48.16 -33.52
N PHE L 50 -60.48 -49.22 -34.14
CA PHE L 50 -59.14 -49.70 -33.81
C PHE L 50 -58.08 -48.69 -34.19
N TYR L 51 -58.25 -48.01 -35.33
CA TYR L 51 -57.27 -47.02 -35.75
C TYR L 51 -57.18 -45.87 -34.75
N TYR L 52 -58.31 -45.49 -34.16
CA TYR L 52 -58.29 -44.37 -33.21
C TYR L 52 -57.42 -44.69 -32.01
N GLY L 53 -57.67 -45.82 -31.35
CA GLY L 53 -56.88 -46.19 -30.19
C GLY L 53 -55.44 -46.48 -30.56
N SER L 54 -55.23 -47.16 -31.68
CA SER L 54 -53.86 -47.49 -32.09
C SER L 54 -53.06 -46.21 -32.35
N ALA L 55 -53.67 -45.21 -33.00
CA ALA L 55 -52.99 -43.96 -33.22
C ALA L 55 -52.70 -43.26 -31.90
N PHE L 56 -53.72 -43.11 -31.05
CA PHE L 56 -53.53 -42.45 -29.77
C PHE L 56 -52.52 -43.17 -28.88
N LEU L 57 -52.24 -44.44 -29.15
CA LEU L 57 -51.33 -45.22 -28.33
C LEU L 57 -49.91 -45.30 -28.90
N VAL L 58 -49.75 -45.32 -30.22
CA VAL L 58 -48.44 -45.52 -30.82
C VAL L 58 -47.87 -44.22 -31.39
N ILE L 59 -48.70 -43.35 -31.97
CA ILE L 59 -48.16 -42.16 -32.63
C ILE L 59 -47.43 -41.25 -31.67
N PRO L 60 -47.95 -40.90 -30.48
CA PRO L 60 -47.14 -40.10 -29.56
C PRO L 60 -45.83 -40.78 -29.17
N ALA L 61 -45.85 -42.11 -28.99
CA ALA L 61 -44.60 -42.80 -28.66
C ALA L 61 -43.61 -42.71 -29.80
N LEU L 62 -44.08 -42.87 -31.04
CA LEU L 62 -43.18 -42.77 -32.19
C LEU L 62 -42.62 -41.36 -32.32
N ILE L 63 -43.46 -40.34 -32.11
CA ILE L 63 -43.00 -38.96 -32.18
C ILE L 63 -41.96 -38.68 -31.10
N LEU L 64 -42.21 -39.15 -29.87
CA LEU L 64 -41.24 -38.92 -28.81
C LEU L 64 -39.92 -39.64 -29.09
N LEU L 65 -40.00 -40.85 -29.64
CA LEU L 65 -38.77 -41.56 -30.01
C LEU L 65 -37.99 -40.79 -31.06
N VAL L 66 -38.67 -40.32 -32.10
CA VAL L 66 -37.99 -39.58 -33.16
C VAL L 66 -37.41 -38.28 -32.62
N ALA L 67 -38.15 -37.60 -31.73
CA ALA L 67 -37.64 -36.37 -31.14
C ALA L 67 -36.41 -36.63 -30.29
N GLY L 68 -36.43 -37.70 -29.49
CA GLY L 68 -35.27 -38.01 -28.67
C GLY L 68 -34.04 -38.31 -29.49
N PHE L 69 -34.22 -39.01 -30.62
CA PHE L 69 -33.07 -39.29 -31.47
C PHE L 69 -32.60 -38.05 -32.22
N ALA L 70 -33.53 -37.27 -32.78
CA ALA L 70 -33.13 -36.17 -33.66
C ALA L 70 -32.60 -34.97 -32.89
N LEU L 71 -33.21 -34.66 -31.74
CA LEU L 71 -32.83 -33.46 -31.01
C LEU L 71 -31.40 -33.51 -30.47
N ARG L 72 -30.79 -34.70 -30.45
CA ARG L 72 -29.41 -34.84 -30.02
C ARG L 72 -28.47 -34.59 -31.20
N SER L 73 -27.62 -33.58 -31.07
CA SER L 73 -26.70 -33.24 -32.15
C SER L 73 -25.65 -34.32 -32.37
N GLN L 74 -25.32 -35.08 -31.32
CA GLN L 74 -24.41 -36.20 -31.49
C GLN L 74 -24.94 -37.20 -32.51
N MET L 75 -26.27 -37.37 -32.56
CA MET L 75 -26.85 -38.24 -33.57
C MET L 75 -26.62 -37.71 -34.97
N TRP L 76 -26.72 -36.40 -35.17
CA TRP L 76 -26.44 -35.85 -36.48
C TRP L 76 -24.98 -36.05 -36.84
N THR L 77 -24.08 -35.91 -35.87
CA THR L 77 -22.66 -36.16 -36.14
C THR L 77 -22.42 -37.62 -36.52
N ILE L 78 -23.06 -38.55 -35.82
CA ILE L 78 -22.91 -39.98 -36.15
C ILE L 78 -23.43 -40.26 -37.55
N THR L 79 -24.60 -39.72 -37.88
CA THR L 79 -25.16 -39.96 -39.21
C THR L 79 -24.28 -39.35 -40.29
N GLY L 80 -23.69 -38.19 -40.02
CA GLY L 80 -22.75 -37.60 -40.96
C GLY L 80 -21.51 -38.45 -41.16
N GLU L 81 -21.00 -39.04 -40.07
CA GLU L 81 -19.85 -39.92 -40.20
C GLU L 81 -20.19 -41.17 -40.99
N TYR L 82 -21.32 -41.81 -40.68
CA TYR L 82 -21.67 -43.06 -41.35
C TYR L 82 -22.04 -42.84 -42.81
N CYS L 83 -22.80 -41.78 -43.10
CA CYS L 83 -23.21 -41.49 -44.47
C CYS L 83 -22.01 -41.19 -45.37
N PRO L 95 -13.81 -51.60 -38.23
CA PRO L 95 -12.70 -51.26 -37.34
C PRO L 95 -13.16 -50.50 -36.10
N LEU L 96 -12.24 -49.75 -35.46
CA LEU L 96 -12.57 -49.08 -34.21
C LEU L 96 -13.55 -47.92 -34.42
N GLU L 97 -13.54 -47.30 -35.60
CA GLU L 97 -14.48 -46.22 -35.86
C GLU L 97 -15.93 -46.72 -35.80
N CYS L 98 -16.19 -47.91 -36.34
CA CYS L 98 -17.54 -48.46 -36.28
C CYS L 98 -17.97 -48.70 -34.84
N LYS L 99 -17.09 -49.29 -34.02
CA LYS L 99 -17.44 -49.55 -32.63
C LYS L 99 -17.65 -48.26 -31.87
N LEU L 100 -16.84 -47.23 -32.14
CA LEU L 100 -17.00 -45.95 -31.47
C LEU L 100 -18.33 -45.29 -31.84
N ALA L 101 -18.70 -45.35 -33.13
CA ALA L 101 -19.99 -44.83 -33.55
C ALA L 101 -21.13 -45.60 -32.90
N CYS L 102 -20.99 -46.92 -32.80
CA CYS L 102 -22.03 -47.71 -32.14
C CYS L 102 -22.17 -47.34 -30.67
N LEU L 103 -21.04 -47.11 -30.00
CA LEU L 103 -21.09 -46.70 -28.60
C LEU L 103 -21.79 -45.36 -28.44
N ARG L 104 -21.49 -44.40 -29.32
CA ARG L 104 -22.17 -43.11 -29.25
C ARG L 104 -23.66 -43.25 -29.54
N PHE L 105 -24.01 -44.10 -30.50
CA PHE L 105 -25.41 -44.36 -30.79
C PHE L 105 -26.12 -44.93 -29.57
N PHE L 106 -25.46 -45.84 -28.86
CA PHE L 106 -26.06 -46.40 -27.64
C PHE L 106 -26.25 -45.33 -26.57
N SER L 107 -25.26 -44.45 -26.41
CA SER L 107 -25.38 -43.37 -25.43
C SER L 107 -26.57 -42.47 -25.76
N ILE L 108 -26.81 -42.24 -27.05
CA ILE L 108 -27.99 -41.48 -27.45
C ILE L 108 -29.26 -42.28 -27.19
N THR L 109 -29.21 -43.58 -27.48
CA THR L 109 -30.38 -44.46 -27.37
C THR L 109 -30.89 -44.53 -25.95
N GLY L 110 -30.02 -44.33 -24.96
CA GLY L 110 -30.51 -44.28 -23.59
C GLY L 110 -31.67 -43.31 -23.40
N ARG L 111 -31.44 -42.03 -23.73
CA ARG L 111 -32.51 -41.05 -23.63
C ARG L 111 -33.60 -41.29 -24.68
N ALA L 112 -33.19 -41.66 -25.89
CA ALA L 112 -34.19 -41.88 -26.94
C ALA L 112 -35.18 -42.98 -26.54
N VAL L 113 -34.78 -43.88 -25.66
CA VAL L 113 -35.66 -44.96 -25.22
C VAL L 113 -36.42 -44.57 -23.97
N ILE L 114 -35.80 -43.85 -23.03
CA ILE L 114 -36.57 -43.49 -21.83
C ILE L 114 -37.69 -42.52 -22.20
N ALA L 115 -37.56 -41.80 -23.33
CA ALA L 115 -38.60 -40.82 -23.66
C ALA L 115 -39.96 -41.45 -23.93
N PRO L 116 -40.11 -42.44 -24.84
CA PRO L 116 -41.46 -42.95 -25.13
C PRO L 116 -41.89 -44.13 -24.26
N LEU L 117 -40.95 -44.83 -23.62
CA LEU L 117 -41.32 -45.97 -22.80
C LEU L 117 -42.23 -45.54 -21.66
N THR L 118 -42.00 -44.34 -21.12
CA THR L 118 -42.89 -43.82 -20.10
C THR L 118 -44.31 -43.65 -20.63
N TRP L 119 -44.43 -43.12 -21.85
CA TRP L 119 -45.75 -42.94 -22.44
C TRP L 119 -46.45 -44.28 -22.62
N LEU L 120 -45.76 -45.26 -23.21
CA LEU L 120 -46.39 -46.56 -23.42
C LEU L 120 -46.78 -47.21 -22.11
N ALA L 121 -45.88 -47.17 -21.11
CA ALA L 121 -46.19 -47.80 -19.84
C ALA L 121 -47.39 -47.15 -19.17
N VAL L 122 -47.42 -45.82 -19.13
CA VAL L 122 -48.53 -45.14 -18.46
C VAL L 122 -49.84 -45.40 -19.19
N THR L 123 -49.83 -45.31 -20.52
CA THR L 123 -51.07 -45.51 -21.26
C THR L 123 -51.58 -46.94 -21.12
N LEU L 124 -50.70 -47.94 -21.18
CA LEU L 124 -51.15 -49.31 -21.02
C LEU L 124 -51.65 -49.56 -19.60
N LEU L 125 -50.95 -49.04 -18.58
CA LEU L 125 -51.38 -49.27 -17.21
C LEU L 125 -52.73 -48.62 -16.93
N THR L 126 -52.95 -47.42 -17.46
CA THR L 126 -54.27 -46.82 -17.35
C THR L 126 -55.31 -47.66 -18.08
N GLY L 127 -54.95 -48.17 -19.26
CA GLY L 127 -55.75 -49.15 -19.95
C GLY L 127 -56.87 -48.59 -20.81
N THR L 128 -57.19 -47.31 -20.69
CA THR L 128 -58.31 -46.75 -21.45
C THR L 128 -58.00 -46.74 -22.95
N TYR L 129 -56.76 -46.42 -23.32
CA TYR L 129 -56.38 -46.41 -24.72
C TYR L 129 -56.52 -47.81 -25.33
N TYR L 130 -56.00 -48.82 -24.63
CA TYR L 130 -56.07 -50.18 -25.14
C TYR L 130 -57.51 -50.66 -25.23
N GLU L 131 -58.34 -50.28 -24.25
CA GLU L 131 -59.75 -50.65 -24.30
C GLU L 131 -60.42 -50.06 -25.53
N CYS L 132 -60.27 -48.75 -25.73
CA CYS L 132 -60.89 -48.11 -26.89
C CYS L 132 -60.32 -48.64 -28.19
N ALA L 133 -59.09 -49.15 -28.18
CA ALA L 133 -58.48 -49.66 -29.40
C ALA L 133 -59.00 -51.05 -29.74
N ALA L 134 -58.91 -51.98 -28.79
CA ALA L 134 -59.21 -53.37 -29.05
C ALA L 134 -60.57 -53.81 -28.50
N SER L 135 -61.51 -52.87 -28.34
CA SER L 135 -62.85 -53.26 -27.93
C SER L 135 -63.52 -54.17 -28.95
N GLU L 136 -63.43 -53.82 -30.23
CA GLU L 136 -64.22 -54.51 -31.25
C GLU L 136 -63.71 -55.92 -31.51
N PHE L 137 -62.52 -56.28 -31.06
CA PHE L 137 -61.96 -57.59 -31.31
C PHE L 137 -62.33 -58.59 -30.23
N ALA L 138 -63.30 -58.25 -29.38
CA ALA L 138 -63.75 -59.15 -28.33
C ALA L 138 -64.50 -60.34 -28.91
N SER L 139 -64.38 -61.48 -28.23
CA SER L 139 -65.10 -62.68 -28.64
C SER L 139 -66.53 -62.68 -28.11
N VAL L 140 -67.39 -63.41 -28.82
CA VAL L 140 -68.80 -63.52 -28.45
C VAL L 140 -69.25 -64.96 -28.26
N ASP L 141 -68.37 -65.95 -28.50
CA ASP L 141 -68.77 -67.34 -28.34
C ASP L 141 -69.10 -67.66 -26.90
N HIS L 142 -68.34 -67.12 -25.95
CA HIS L 142 -68.57 -67.41 -24.54
C HIS L 142 -69.94 -66.93 -24.09
N TYR L 143 -70.40 -65.81 -24.64
CA TYR L 143 -71.62 -65.17 -24.16
C TYR L 143 -72.79 -65.58 -25.03
N PRO L 144 -73.77 -66.31 -24.50
CA PRO L 144 -74.92 -66.70 -25.33
C PRO L 144 -75.79 -65.54 -25.75
N MET L 145 -75.68 -64.39 -25.08
CA MET L 145 -76.51 -63.23 -25.40
C MET L 145 -76.18 -62.62 -26.75
N PHE L 146 -75.02 -62.95 -27.32
CA PHE L 146 -74.56 -62.35 -28.58
C PHE L 146 -74.74 -63.28 -29.77
N ASP L 147 -75.83 -64.05 -29.80
CA ASP L 147 -76.09 -64.90 -30.96
C ASP L 147 -76.20 -64.07 -32.23
N ASN L 148 -77.26 -63.26 -32.33
CA ASN L 148 -77.42 -62.26 -33.39
C ASN L 148 -77.17 -62.84 -34.79
N VAL L 149 -78.09 -63.72 -35.19
CA VAL L 149 -78.02 -64.39 -36.48
C VAL L 149 -77.81 -63.41 -37.62
N SER L 150 -78.15 -62.14 -37.40
CA SER L 150 -77.87 -61.10 -38.39
C SER L 150 -76.38 -60.94 -38.64
N ALA L 151 -75.55 -61.16 -37.61
CA ALA L 151 -74.10 -61.16 -37.69
C ALA L 151 -73.51 -59.81 -38.10
N SER L 152 -74.32 -58.76 -38.13
CA SER L 152 -73.84 -57.41 -38.41
C SER L 152 -74.20 -56.44 -37.30
N LYS L 153 -75.40 -56.57 -36.72
CA LYS L 153 -75.76 -55.73 -35.58
C LYS L 153 -74.87 -56.05 -34.38
N ARG L 154 -74.49 -57.32 -34.22
CA ARG L 154 -73.63 -57.71 -33.11
C ARG L 154 -72.31 -56.98 -33.13
N GLU L 155 -71.68 -56.87 -34.30
CA GLU L 155 -70.43 -56.15 -34.40
C GLU L 155 -70.62 -54.68 -34.02
N GLU L 156 -71.73 -54.08 -34.47
CA GLU L 156 -71.96 -52.68 -34.18
C GLU L 156 -72.15 -52.44 -32.68
N ILE L 157 -72.96 -53.28 -32.02
CA ILE L 157 -73.16 -53.06 -30.59
C ILE L 157 -71.88 -53.36 -29.83
N LEU L 158 -71.09 -54.34 -30.29
CA LEU L 158 -69.82 -54.65 -29.65
C LEU L 158 -68.87 -53.47 -29.72
N ALA L 159 -68.79 -52.81 -30.87
CA ALA L 159 -67.97 -51.60 -30.97
C ALA L 159 -68.62 -50.39 -30.35
N GLY L 160 -69.91 -50.44 -30.03
CA GLY L 160 -70.61 -49.30 -29.51
C GLY L 160 -70.67 -49.16 -28.00
N PHE L 161 -70.92 -50.25 -27.28
CA PHE L 161 -71.14 -50.09 -25.85
C PHE L 161 -69.93 -49.58 -25.06
N PRO L 162 -68.67 -49.84 -25.45
CA PRO L 162 -67.56 -49.29 -24.67
C PRO L 162 -67.52 -47.78 -24.62
N CYS L 163 -68.05 -47.09 -25.64
CA CYS L 163 -67.75 -45.66 -25.79
C CYS L 163 -68.63 -44.81 -24.89
N CYS L 164 -69.92 -44.71 -25.21
CA CYS L 164 -70.83 -43.83 -24.47
C CYS L 164 -72.26 -44.34 -24.46
N ARG L 165 -72.51 -45.58 -24.91
CA ARG L 165 -73.88 -46.02 -25.14
C ARG L 165 -74.69 -46.03 -23.85
N SER L 166 -74.08 -46.51 -22.76
CA SER L 166 -74.78 -46.68 -21.48
C SER L 166 -76.00 -47.53 -21.75
N ALA L 167 -77.22 -47.01 -21.62
CA ALA L 167 -78.45 -47.70 -21.99
C ALA L 167 -78.57 -49.03 -21.26
N PRO L 168 -78.77 -49.02 -19.95
CA PRO L 168 -78.86 -50.29 -19.20
C PRO L 168 -80.03 -51.14 -19.65
N SER L 169 -79.73 -52.23 -20.33
CA SER L 169 -80.75 -53.18 -20.79
C SER L 169 -80.34 -54.59 -20.38
N ASP L 170 -79.72 -54.69 -19.20
CA ASP L 170 -79.25 -55.93 -18.58
C ASP L 170 -78.14 -56.59 -19.39
N VAL L 171 -77.67 -55.98 -20.49
CA VAL L 171 -76.47 -56.45 -21.16
C VAL L 171 -75.22 -55.87 -20.52
N ILE L 172 -75.37 -54.90 -19.61
CA ILE L 172 -74.23 -54.22 -19.00
C ILE L 172 -73.39 -55.18 -18.17
N LEU L 173 -73.93 -56.33 -17.81
CA LEU L 173 -73.11 -57.34 -17.16
C LEU L 173 -72.02 -57.84 -18.10
N VAL L 174 -72.38 -58.16 -19.34
CA VAL L 174 -71.39 -58.59 -20.32
C VAL L 174 -70.44 -57.45 -20.65
N ARG L 175 -70.96 -56.23 -20.77
CA ARG L 175 -70.11 -55.07 -20.99
C ARG L 175 -69.07 -54.94 -19.88
N ASP L 176 -69.50 -55.04 -18.63
CA ASP L 176 -68.58 -54.86 -17.51
C ASP L 176 -67.55 -55.98 -17.47
N GLU L 177 -67.99 -57.21 -17.71
CA GLU L 177 -67.06 -58.34 -17.67
C GLU L 177 -66.00 -58.22 -18.76
N ILE L 178 -66.42 -57.88 -19.99
CA ILE L 178 -65.44 -57.79 -21.07
C ILE L 178 -64.56 -56.56 -20.89
N ALA L 179 -65.10 -55.48 -20.33
CA ALA L 179 -64.27 -54.31 -20.06
C ALA L 179 -63.20 -54.64 -19.03
N LEU L 180 -63.56 -55.38 -17.98
CA LEU L 180 -62.55 -55.81 -17.01
C LEU L 180 -61.53 -56.74 -17.65
N LEU L 181 -61.98 -57.61 -18.55
CA LEU L 181 -61.05 -58.49 -19.25
C LEU L 181 -60.03 -57.68 -20.05
N HIS L 182 -60.50 -56.68 -20.80
CA HIS L 182 -59.58 -55.90 -21.62
C HIS L 182 -58.68 -55.02 -20.76
N ARG L 183 -59.20 -54.49 -19.65
CA ARG L 183 -58.36 -53.70 -18.75
C ARG L 183 -57.26 -54.57 -18.14
N TYR L 184 -57.60 -55.78 -17.71
CA TYR L 184 -56.58 -56.68 -17.17
C TYR L 184 -55.56 -57.03 -18.23
N GLN L 185 -56.01 -57.32 -19.45
CA GLN L 185 -55.07 -57.64 -20.51
C GLN L 185 -54.16 -56.45 -20.81
N SER L 186 -54.71 -55.25 -20.79
CA SER L 186 -53.91 -54.04 -21.03
C SER L 186 -52.83 -53.87 -19.97
N GLN L 187 -53.21 -53.97 -18.70
CA GLN L 187 -52.22 -53.76 -17.64
C GLN L 187 -51.17 -54.87 -17.63
N MET L 188 -51.58 -56.12 -17.86
CA MET L 188 -50.59 -57.19 -17.95
C MET L 188 -49.66 -56.97 -19.14
N LEU L 189 -50.20 -56.50 -20.26
CA LEU L 189 -49.34 -56.21 -21.41
C LEU L 189 -48.36 -55.09 -21.09
N GLY L 190 -48.81 -54.09 -20.32
CA GLY L 190 -47.90 -53.04 -19.90
C GLY L 190 -46.78 -53.55 -19.02
N TRP L 191 -47.11 -54.46 -18.09
CA TRP L 191 -46.07 -55.05 -17.26
C TRP L 191 -45.10 -55.88 -18.10
N ILE L 192 -45.62 -56.64 -19.05
CA ILE L 192 -44.75 -57.41 -19.94
C ILE L 192 -43.83 -56.48 -20.71
N LEU L 193 -44.38 -55.36 -21.20
CA LEU L 193 -43.59 -54.41 -21.97
C LEU L 193 -42.49 -53.78 -21.12
N ILE L 194 -42.80 -53.36 -19.90
CA ILE L 194 -41.79 -52.72 -19.07
C ILE L 194 -40.73 -53.72 -18.64
N THR L 195 -41.13 -54.96 -18.35
CA THR L 195 -40.14 -55.99 -18.00
C THR L 195 -39.21 -56.26 -19.18
N LEU L 196 -39.77 -56.38 -20.38
CA LEU L 196 -38.93 -56.59 -21.56
C LEU L 196 -38.02 -55.41 -21.81
N ALA L 197 -38.52 -54.18 -21.61
CA ALA L 197 -37.68 -53.01 -21.79
C ALA L 197 -36.51 -53.00 -20.81
N THR L 198 -36.78 -53.33 -19.54
CA THR L 198 -35.69 -53.36 -18.57
C THR L 198 -34.68 -54.45 -18.89
N ILE L 199 -35.15 -55.64 -19.27
CA ILE L 199 -34.24 -56.72 -19.61
C ILE L 199 -33.40 -56.34 -20.82
N ALA L 200 -34.03 -55.74 -21.84
CA ALA L 200 -33.30 -55.32 -23.03
C ALA L 200 -32.28 -54.25 -22.69
N ALA L 201 -32.64 -53.30 -21.83
CA ALA L 201 -31.69 -52.26 -21.44
C ALA L 201 -30.48 -52.84 -20.72
N LEU L 202 -30.71 -53.75 -19.77
CA LEU L 202 -29.61 -54.35 -19.04
C LEU L 202 -28.72 -55.17 -19.98
N VAL L 203 -29.33 -55.97 -20.86
CA VAL L 203 -28.56 -56.79 -21.78
C VAL L 203 -27.78 -55.91 -22.75
N SER L 204 -28.39 -54.81 -23.22
CA SER L 204 -27.70 -53.91 -24.13
C SER L 204 -26.51 -53.23 -23.46
N CYS L 205 -26.67 -52.83 -22.19
CA CYS L 205 -25.54 -52.25 -21.48
C CYS L 205 -24.42 -53.27 -21.29
N CYS L 206 -24.78 -54.51 -20.96
CA CYS L 206 -23.76 -55.56 -20.81
C CYS L 206 -23.05 -55.83 -22.14
N VAL L 207 -23.80 -55.85 -23.23
CA VAL L 207 -23.21 -56.07 -24.54
C VAL L 207 -22.32 -54.90 -24.94
N ALA L 208 -22.72 -53.68 -24.58
CA ALA L 208 -21.87 -52.52 -24.84
C ALA L 208 -20.56 -52.61 -24.08
N LYS L 209 -20.62 -53.02 -22.81
CA LYS L 209 -19.39 -53.18 -22.03
C LYS L 209 -18.51 -54.30 -22.59
N CYS L 210 -19.12 -55.41 -23.00
CA CYS L 210 -18.34 -56.53 -23.52
C CYS L 210 -17.70 -56.18 -24.86
N CYS L 211 -18.45 -55.54 -25.75
CA CYS L 211 -17.99 -55.26 -27.11
C CYS L 211 -17.13 -54.01 -27.21
N SER L 212 -17.05 -53.20 -26.16
CA SER L 212 -16.25 -51.99 -26.22
C SER L 212 -14.77 -52.33 -26.24
N PRO L 213 -14.01 -51.92 -27.25
CA PRO L 213 -12.58 -52.19 -27.24
C PRO L 213 -11.81 -51.36 -26.23
N LEU L 214 -12.29 -50.16 -25.92
CA LEU L 214 -11.62 -49.31 -24.95
C LEU L 214 -11.77 -49.90 -23.56
N THR L 215 -10.74 -49.67 -22.73
CA THR L 215 -10.84 -50.03 -21.33
C THR L 215 -11.79 -49.05 -20.62
N SER L 216 -12.11 -49.37 -19.37
CA SER L 216 -13.02 -48.51 -18.61
C SER L 216 -12.43 -47.11 -18.47
N LEU L 217 -11.18 -47.01 -18.04
CA LEU L 217 -10.54 -45.71 -17.94
C LEU L 217 -10.37 -45.07 -19.32
N GLN L 218 -10.01 -45.87 -20.32
CA GLN L 218 -9.90 -45.34 -21.67
C GLN L 218 -11.24 -44.88 -22.20
N HIS L 219 -12.32 -45.60 -21.86
CA HIS L 219 -13.65 -45.18 -22.26
C HIS L 219 -14.02 -43.84 -21.63
N CYS L 220 -13.72 -43.68 -20.34
CA CYS L 220 -13.98 -42.39 -19.69
C CYS L 220 -13.18 -41.27 -20.36
N TYR L 221 -11.91 -41.53 -20.66
CA TYR L 221 -11.09 -40.53 -21.32
C TYR L 221 -11.67 -40.16 -22.67
N TRP L 222 -12.11 -41.16 -23.44
CA TRP L 222 -12.64 -40.89 -24.77
C TRP L 222 -13.93 -40.09 -24.72
N THR L 223 -14.82 -40.42 -23.78
CA THR L 223 -16.07 -39.65 -23.66
C THR L 223 -15.78 -38.20 -23.33
N SER L 224 -14.89 -37.97 -22.35
CA SER L 224 -14.56 -36.60 -21.99
C SER L 224 -13.84 -35.89 -23.14
N HIS L 225 -13.03 -36.62 -23.89
CA HIS L 225 -12.36 -36.06 -25.06
C HIS L 225 -13.38 -35.55 -26.06
N LEU L 226 -14.41 -36.34 -26.33
CA LEU L 226 -15.42 -35.95 -27.31
C LEU L 226 -16.14 -34.68 -26.87
N GLN L 227 -16.63 -34.68 -25.63
CA GLN L 227 -17.35 -33.52 -25.14
C GLN L 227 -16.47 -32.27 -25.18
N ASN L 228 -15.23 -32.38 -24.71
CA ASN L 228 -14.36 -31.22 -24.60
C ASN L 228 -13.94 -30.72 -25.96
N GLU L 229 -13.66 -31.61 -26.90
CA GLU L 229 -13.27 -31.16 -28.23
C GLU L 229 -14.39 -30.40 -28.90
N ARG L 230 -15.63 -30.88 -28.77
CA ARG L 230 -16.73 -30.17 -29.42
C ARG L 230 -16.92 -28.78 -28.79
N GLU L 231 -16.90 -28.72 -27.46
CA GLU L 231 -17.12 -27.43 -26.79
C GLU L 231 -16.00 -26.44 -27.12
N LEU L 232 -14.75 -26.91 -27.09
CA LEU L 232 -13.62 -26.04 -27.37
C LEU L 232 -13.68 -25.48 -28.77
N PHE L 233 -13.98 -26.34 -29.76
CA PHE L 233 -14.02 -25.83 -31.12
C PHE L 233 -15.14 -24.82 -31.29
N GLU L 234 -16.30 -25.07 -30.66
CA GLU L 234 -17.38 -24.09 -30.75
C GLU L 234 -16.93 -22.73 -30.23
N GLN L 235 -16.34 -22.72 -29.03
CA GLN L 235 -15.94 -21.45 -28.43
C GLN L 235 -14.90 -20.74 -29.27
N ALA L 236 -13.86 -21.44 -29.69
CA ALA L 236 -12.78 -20.76 -30.40
C ALA L 236 -13.17 -20.42 -31.83
N ALA L 237 -14.10 -21.15 -32.43
CA ALA L 237 -14.64 -20.70 -33.70
C ALA L 237 -15.35 -19.36 -33.55
N GLU L 238 -16.14 -19.23 -32.49
CA GLU L 238 -16.75 -17.93 -32.18
C GLU L 238 -15.67 -16.86 -32.03
N GLN L 239 -14.62 -17.14 -31.26
CA GLN L 239 -13.62 -16.11 -30.97
C GLN L 239 -12.79 -15.78 -32.22
N HIS L 240 -12.44 -16.77 -33.03
CA HIS L 240 -11.73 -16.52 -34.28
C HIS L 240 -12.54 -15.64 -35.21
N SER L 241 -13.83 -15.95 -35.38
CA SER L 241 -14.62 -15.10 -36.27
C SER L 241 -14.78 -13.71 -35.69
N ARG L 242 -14.90 -13.60 -34.37
CA ARG L 242 -14.96 -12.28 -33.76
C ARG L 242 -13.71 -11.48 -34.07
N LEU L 243 -12.53 -12.11 -33.93
CA LEU L 243 -11.28 -11.40 -34.21
C LEU L 243 -11.18 -11.01 -35.69
N LEU L 244 -11.55 -11.92 -36.59
CA LEU L 244 -11.44 -11.63 -38.02
C LEU L 244 -12.37 -10.47 -38.40
N MET L 245 -13.61 -10.52 -37.94
CA MET L 245 -14.54 -9.43 -38.25
C MET L 245 -14.10 -8.14 -37.59
N MET L 246 -13.52 -8.23 -36.39
CA MET L 246 -13.06 -7.04 -35.69
C MET L 246 -11.94 -6.37 -36.46
N HIS L 247 -11.01 -7.15 -37.00
CA HIS L 247 -9.98 -6.59 -37.87
C HIS L 247 -10.59 -5.98 -39.12
N ARG L 248 -11.58 -6.65 -39.70
CA ARG L 248 -12.23 -6.12 -40.90
C ARG L 248 -12.86 -4.76 -40.64
N ILE L 249 -13.56 -4.63 -39.52
CA ILE L 249 -14.26 -3.37 -39.23
C ILE L 249 -13.27 -2.34 -38.71
N LYS L 250 -12.14 -2.78 -38.16
CA LYS L 250 -11.05 -1.83 -37.89
C LYS L 250 -10.56 -1.21 -39.19
N LYS L 251 -10.44 -2.02 -40.24
CA LYS L 251 -10.15 -1.46 -41.56
C LYS L 251 -11.27 -0.52 -42.00
N LEU L 252 -12.52 -0.92 -41.76
CA LEU L 252 -13.67 -0.16 -42.25
C LEU L 252 -13.78 1.22 -41.61
N PHE L 253 -13.75 1.28 -40.28
CA PHE L 253 -14.00 2.50 -39.53
C PHE L 253 -12.74 3.13 -38.94
N GLY L 254 -11.58 2.56 -39.18
CA GLY L 254 -10.35 3.14 -38.68
C GLY L 254 -10.08 2.92 -37.21
N PHE L 255 -10.86 2.06 -36.54
CA PHE L 255 -10.62 1.78 -35.13
C PHE L 255 -11.18 0.40 -34.79
N ILE L 256 -10.63 -0.17 -33.73
CA ILE L 256 -11.17 -1.43 -33.19
C ILE L 256 -12.36 -1.11 -32.28
N PRO L 257 -13.47 -1.83 -32.40
CA PRO L 257 -14.64 -1.55 -31.55
C PRO L 257 -14.35 -1.79 -30.08
N GLY L 258 -15.04 -1.01 -29.23
CA GLY L 258 -14.93 -1.17 -27.80
C GLY L 258 -13.66 -0.65 -27.18
N SER L 259 -12.93 0.23 -27.86
CA SER L 259 -11.68 0.78 -27.36
C SER L 259 -11.62 2.28 -27.63
N GLU L 260 -10.67 2.94 -26.98
CA GLU L 260 -10.55 4.40 -27.02
C GLU L 260 -10.11 4.84 -28.40
N ASP L 261 -11.01 5.47 -29.17
CA ASP L 261 -10.73 5.81 -30.56
C ASP L 261 -10.79 7.31 -30.83
N VAL L 262 -10.73 8.16 -29.80
CA VAL L 262 -10.75 9.59 -30.02
C VAL L 262 -9.53 10.07 -30.80
N LYS L 263 -8.53 9.21 -30.98
CA LYS L 263 -7.36 9.60 -31.75
C LYS L 263 -7.71 9.82 -33.21
N HIS L 264 -8.42 8.87 -33.82
CA HIS L 264 -8.72 8.97 -35.24
C HIS L 264 -10.05 8.30 -35.52
N ILE L 265 -10.73 8.79 -36.56
CA ILE L 265 -11.97 8.22 -37.06
C ILE L 265 -11.90 8.19 -38.58
N ARG L 266 -12.75 7.36 -39.18
CA ARG L 266 -12.77 7.17 -40.62
C ARG L 266 -14.10 7.64 -41.19
N ILE L 267 -14.09 7.96 -42.48
CA ILE L 267 -15.29 8.29 -43.23
C ILE L 267 -15.41 7.28 -44.36
N PRO L 268 -16.26 6.26 -44.22
CA PRO L 268 -16.35 5.23 -45.25
C PRO L 268 -16.83 5.80 -46.58
N SER L 269 -16.30 5.25 -47.67
CA SER L 269 -16.74 5.57 -49.01
C SER L 269 -17.81 4.59 -49.46
N CYS L 270 -18.58 5.00 -50.47
CA CYS L 270 -19.70 4.17 -50.93
C CYS L 270 -19.20 2.84 -51.47
N GLN L 271 -18.10 2.87 -52.21
CA GLN L 271 -17.51 1.63 -52.72
C GLN L 271 -16.97 0.81 -51.55
N ASP L 272 -16.46 1.47 -50.51
CA ASP L 272 -16.05 0.74 -49.31
C ASP L 272 -17.26 0.16 -48.58
N TRP L 273 -18.37 0.91 -48.55
CA TRP L 273 -19.63 0.36 -48.03
C TRP L 273 -20.03 -0.89 -48.81
N LYS L 274 -19.74 -0.92 -50.10
CA LYS L 274 -19.99 -2.14 -50.87
C LYS L 274 -19.05 -3.24 -50.41
N ASP L 275 -17.77 -2.94 -50.18
CA ASP L 275 -16.83 -4.00 -49.82
C ASP L 275 -17.19 -4.65 -48.49
N ILE L 276 -17.61 -3.86 -47.49
CA ILE L 276 -17.97 -4.46 -46.21
C ILE L 276 -19.23 -5.32 -46.36
N SER L 277 -20.18 -4.88 -47.18
CA SER L 277 -21.38 -5.66 -47.44
C SER L 277 -21.07 -6.96 -48.18
N LEU M 6 -25.77 -15.28 -13.29
CA LEU M 6 -26.51 -16.42 -13.78
C LEU M 6 -27.32 -16.05 -15.02
N ASN M 7 -27.37 -14.74 -15.29
CA ASN M 7 -28.05 -14.25 -16.49
C ASN M 7 -27.38 -14.79 -17.74
N ASN M 8 -26.04 -14.84 -17.75
CA ASN M 8 -25.32 -15.41 -18.87
C ASN M 8 -25.68 -16.89 -19.06
N ILE M 9 -25.80 -17.63 -17.96
CA ILE M 9 -26.22 -19.03 -18.05
C ILE M 9 -27.64 -19.12 -18.62
N VAL M 10 -28.51 -18.21 -18.20
CA VAL M 10 -29.87 -18.18 -18.74
C VAL M 10 -29.85 -17.93 -20.24
N SER M 11 -29.00 -16.99 -20.69
CA SER M 11 -28.88 -16.73 -22.13
C SER M 11 -28.38 -17.96 -22.87
N SER M 12 -27.39 -18.66 -22.29
CA SER M 12 -26.88 -19.88 -22.93
C SER M 12 -27.98 -20.92 -23.07
N LEU M 13 -28.83 -21.04 -22.06
CA LEU M 13 -29.97 -21.96 -22.14
C LEU M 13 -30.94 -21.54 -23.24
N GLN M 14 -31.19 -20.24 -23.37
CA GLN M 14 -32.09 -19.77 -24.42
C GLN M 14 -31.50 -20.05 -25.79
N ARG M 15 -30.18 -20.09 -25.90
CA ARG M 15 -29.55 -20.32 -27.21
C ARG M 15 -29.95 -21.65 -27.81
N ASN M 16 -30.42 -22.58 -26.98
CA ASN M 16 -30.99 -23.83 -27.46
C ASN M 16 -32.39 -23.58 -27.99
N GLY M 17 -32.66 -24.06 -29.20
CA GLY M 17 -33.95 -23.80 -29.81
C GLY M 17 -35.09 -24.56 -29.19
N ILE M 18 -34.80 -25.61 -28.44
CA ILE M 18 -35.86 -26.44 -27.87
C ILE M 18 -36.69 -25.63 -26.88
N PHE M 19 -36.03 -24.86 -26.01
CA PHE M 19 -36.77 -24.08 -25.02
C PHE M 19 -37.65 -23.02 -25.69
N ILE M 20 -37.09 -22.29 -26.66
CA ILE M 20 -37.87 -21.23 -27.29
C ILE M 20 -39.03 -21.81 -28.09
N ASN M 21 -38.80 -22.91 -28.81
CA ASN M 21 -39.89 -23.52 -29.55
C ASN M 21 -40.97 -24.05 -28.61
N SER M 22 -40.58 -24.62 -27.48
CA SER M 22 -41.56 -25.07 -26.49
C SER M 22 -42.35 -23.89 -25.94
N LEU M 23 -41.67 -22.77 -25.69
CA LEU M 23 -42.36 -21.59 -25.17
C LEU M 23 -43.35 -21.06 -26.19
N ILE M 24 -42.97 -21.04 -27.47
CA ILE M 24 -43.89 -20.59 -28.51
C ILE M 24 -45.09 -21.51 -28.61
N ALA M 25 -44.86 -22.83 -28.54
CA ALA M 25 -45.97 -23.77 -28.61
C ALA M 25 -46.91 -23.62 -27.42
N ALA M 26 -46.36 -23.42 -26.22
CA ALA M 26 -47.20 -23.23 -25.04
C ALA M 26 -48.02 -21.95 -25.15
N LEU M 27 -47.42 -20.87 -25.62
CA LEU M 27 -48.18 -19.65 -25.81
C LEU M 27 -49.27 -19.85 -26.85
N THR M 28 -48.99 -20.58 -27.93
CA THR M 28 -50.01 -20.84 -28.92
C THR M 28 -51.16 -21.63 -28.33
N ILE M 29 -50.86 -22.64 -27.51
CA ILE M 29 -51.90 -23.45 -26.89
C ILE M 29 -52.78 -22.59 -25.97
N GLY M 30 -52.14 -21.79 -25.11
CA GLY M 30 -52.92 -20.94 -24.23
C GLY M 30 -53.77 -19.92 -24.96
N GLY M 31 -53.18 -19.27 -25.97
CA GLY M 31 -53.93 -18.31 -26.75
C GLY M 31 -55.08 -18.94 -27.49
N GLN M 32 -54.87 -20.14 -28.05
CA GLN M 32 -55.95 -20.83 -28.72
C GLN M 32 -57.06 -21.18 -27.74
N GLN M 33 -56.71 -21.65 -26.54
CA GLN M 33 -57.74 -21.97 -25.56
C GLN M 33 -58.58 -20.75 -25.26
N LEU M 34 -57.93 -19.62 -24.92
CA LEU M 34 -58.71 -18.43 -24.59
C LEU M 34 -59.54 -17.96 -25.79
N PHE M 35 -58.94 -17.92 -26.97
CA PHE M 35 -59.61 -17.40 -28.15
C PHE M 35 -60.82 -18.25 -28.52
N SER M 36 -60.66 -19.57 -28.57
CA SER M 36 -61.76 -20.43 -28.95
C SER M 36 -62.84 -20.46 -27.88
N SER M 37 -62.46 -20.56 -26.60
CA SER M 37 -63.48 -20.59 -25.56
C SER M 37 -64.18 -19.25 -25.41
N SER M 38 -63.60 -18.17 -25.95
CA SER M 38 -64.24 -16.87 -25.81
C SER M 38 -65.14 -16.55 -27.01
N THR M 39 -64.59 -16.56 -28.22
CA THR M 39 -65.28 -15.94 -29.35
C THR M 39 -65.40 -16.90 -30.53
N PHE M 40 -65.84 -18.14 -30.32
CA PHE M 40 -66.08 -19.00 -31.48
C PHE M 40 -67.48 -18.75 -32.04
N SER M 41 -68.51 -19.07 -31.27
CA SER M 41 -69.91 -18.84 -31.63
C SER M 41 -70.23 -19.33 -33.05
N CYS M 42 -70.19 -20.65 -33.20
CA CYS M 42 -70.42 -21.26 -34.50
C CYS M 42 -71.77 -20.83 -35.07
N PRO M 43 -71.82 -20.27 -36.28
CA PRO M 43 -73.09 -19.80 -36.83
C PRO M 43 -73.95 -20.95 -37.33
N CYS M 44 -75.23 -20.64 -37.52
CA CYS M 44 -76.20 -21.60 -38.00
C CYS M 44 -76.59 -21.33 -39.44
N GLN M 45 -75.88 -20.43 -40.13
CA GLN M 45 -76.29 -19.99 -41.45
C GLN M 45 -76.19 -21.13 -42.44
N VAL M 46 -77.26 -21.35 -43.21
CA VAL M 46 -77.27 -22.42 -44.19
C VAL M 46 -76.34 -22.12 -45.36
N GLY M 47 -76.34 -20.88 -45.83
CA GLY M 47 -75.58 -20.51 -47.01
C GLY M 47 -74.08 -20.67 -46.86
N LYS M 48 -73.48 -19.90 -45.96
CA LYS M 48 -72.04 -19.86 -45.77
C LYS M 48 -71.72 -20.20 -44.32
N ASN M 49 -71.27 -21.44 -44.09
CA ASN M 49 -70.84 -21.88 -42.77
C ASN M 49 -69.48 -22.55 -42.88
N PHE M 50 -69.17 -23.08 -44.05
CA PHE M 50 -67.84 -23.63 -44.29
C PHE M 50 -66.78 -22.54 -44.23
N TYR M 51 -67.07 -21.35 -44.75
CA TYR M 51 -66.10 -20.27 -44.72
C TYR M 51 -65.77 -19.87 -43.29
N TYR M 52 -66.75 -19.92 -42.39
CA TYR M 52 -66.49 -19.52 -41.01
C TYR M 52 -65.46 -20.43 -40.36
N GLY M 53 -65.70 -21.73 -40.41
CA GLY M 53 -64.76 -22.67 -39.80
C GLY M 53 -63.42 -22.67 -40.52
N SER M 54 -63.45 -22.61 -41.85
CA SER M 54 -62.20 -22.61 -42.60
C SER M 54 -61.35 -21.40 -42.25
N ALA M 55 -61.98 -20.22 -42.12
CA ALA M 55 -61.24 -19.03 -41.73
C ALA M 55 -60.69 -19.19 -40.31
N PHE M 56 -61.55 -19.56 -39.36
CA PHE M 56 -61.09 -19.72 -37.99
C PHE M 56 -60.02 -20.79 -37.83
N LEU M 57 -59.89 -21.68 -38.81
CA LEU M 57 -58.92 -22.76 -38.74
C LEU M 57 -57.63 -22.48 -39.49
N VAL M 58 -57.68 -21.76 -40.60
CA VAL M 58 -56.50 -21.56 -41.44
C VAL M 58 -55.93 -20.15 -41.28
N ILE M 59 -56.77 -19.13 -41.14
CA ILE M 59 -56.26 -17.76 -41.10
C ILE M 59 -55.30 -17.52 -39.94
N PRO M 60 -55.60 -17.91 -38.70
CA PRO M 60 -54.60 -17.74 -37.65
C PRO M 60 -53.30 -18.49 -37.93
N ALA M 61 -53.39 -19.69 -38.52
CA ALA M 61 -52.17 -20.42 -38.85
C ALA M 61 -51.36 -19.67 -39.91
N LEU M 62 -52.04 -19.14 -40.93
CA LEU M 62 -51.34 -18.39 -41.96
C LEU M 62 -50.69 -17.12 -41.39
N ILE M 63 -51.40 -16.42 -40.50
CA ILE M 63 -50.86 -15.23 -39.88
C ILE M 63 -49.64 -15.57 -39.03
N LEU M 64 -49.72 -16.65 -38.25
CA LEU M 64 -48.57 -17.02 -37.42
C LEU M 64 -47.39 -17.44 -38.28
N LEU M 65 -47.64 -18.14 -39.39
CA LEU M 65 -46.56 -18.49 -40.30
C LEU M 65 -45.88 -17.25 -40.87
N VAL M 66 -46.69 -16.29 -41.33
CA VAL M 66 -46.12 -15.08 -41.91
C VAL M 66 -45.37 -14.28 -40.85
N ALA M 67 -45.90 -14.23 -39.62
CA ALA M 67 -45.21 -13.52 -38.56
C ALA M 67 -43.88 -14.18 -38.22
N GLY M 68 -43.86 -15.52 -38.15
CA GLY M 68 -42.62 -16.21 -37.86
C GLY M 68 -41.56 -15.98 -38.92
N PHE M 69 -41.97 -15.93 -40.19
CA PHE M 69 -40.99 -15.66 -41.24
C PHE M 69 -40.55 -14.19 -41.25
N ALA M 70 -41.49 -13.26 -41.11
CA ALA M 70 -41.16 -11.85 -41.30
C ALA M 70 -40.43 -11.27 -40.10
N LEU M 71 -40.81 -11.66 -38.88
CA LEU M 71 -40.23 -11.06 -37.68
C LEU M 71 -38.74 -11.38 -37.54
N ARG M 72 -38.23 -12.35 -38.29
CA ARG M 72 -36.81 -12.68 -38.25
C ARG M 72 -36.06 -11.80 -39.23
N SER M 73 -35.11 -11.00 -38.72
CA SER M 73 -34.36 -10.10 -39.57
C SER M 73 -33.45 -10.85 -40.54
N GLN M 74 -33.02 -12.06 -40.16
CA GLN M 74 -32.23 -12.87 -41.08
C GLN M 74 -33.00 -13.14 -42.36
N MET M 75 -34.33 -13.30 -42.27
CA MET M 75 -35.13 -13.47 -43.47
C MET M 75 -35.08 -12.24 -44.37
N TRP M 76 -35.12 -11.04 -43.77
CA TRP M 76 -35.00 -9.83 -44.59
C TRP M 76 -33.63 -9.77 -45.26
N THR M 77 -32.58 -10.18 -44.55
CA THR M 77 -31.26 -10.20 -45.15
C THR M 77 -31.19 -11.20 -46.32
N ILE M 78 -31.78 -12.38 -46.15
CA ILE M 78 -31.80 -13.36 -47.23
C ILE M 78 -32.56 -12.84 -48.43
N THR M 79 -33.72 -12.24 -48.20
CA THR M 79 -34.50 -11.71 -49.31
C THR M 79 -33.76 -10.58 -50.01
N GLY M 80 -33.04 -9.75 -49.25
CA GLY M 80 -32.23 -8.71 -49.86
C GLY M 80 -31.11 -9.28 -50.71
N GLU M 81 -30.48 -10.36 -50.24
CA GLU M 81 -29.43 -11.00 -51.03
C GLU M 81 -29.99 -11.60 -52.31
N TYR M 82 -31.11 -12.32 -52.22
CA TYR M 82 -31.66 -13.01 -53.38
C TYR M 82 -32.23 -12.01 -54.38
N CYS M 83 -32.94 -10.99 -53.91
CA CYS M 83 -33.55 -10.00 -54.79
C CYS M 83 -32.49 -9.22 -55.56
N PRO M 95 -24.09 -21.63 -56.95
CA PRO M 95 -22.83 -21.82 -56.23
C PRO M 95 -23.03 -21.89 -54.72
N LEU M 96 -21.96 -21.61 -53.95
CA LEU M 96 -22.04 -21.75 -52.51
C LEU M 96 -22.94 -20.71 -51.87
N GLU M 97 -23.07 -19.53 -52.49
CA GLU M 97 -23.96 -18.51 -51.93
C GLU M 97 -25.40 -18.99 -51.89
N CYS M 98 -25.85 -19.68 -52.96
CA CYS M 98 -27.20 -20.21 -52.97
C CYS M 98 -27.41 -21.23 -51.84
N LYS M 99 -26.46 -22.14 -51.67
CA LYS M 99 -26.60 -23.14 -50.61
C LYS M 99 -26.60 -22.49 -49.23
N LEU M 100 -25.76 -21.48 -49.04
CA LEU M 100 -25.70 -20.79 -47.76
C LEU M 100 -27.02 -20.07 -47.46
N ALA M 101 -27.59 -19.42 -48.47
CA ALA M 101 -28.89 -18.77 -48.30
C ALA M 101 -29.96 -19.80 -48.00
N CYS M 102 -29.92 -20.96 -48.67
CA CYS M 102 -30.90 -22.00 -48.40
C CYS M 102 -30.78 -22.51 -46.96
N LEU M 103 -29.54 -22.67 -46.48
CA LEU M 103 -29.33 -23.12 -45.11
C LEU M 103 -29.89 -22.10 -44.12
N ARG M 104 -29.66 -20.80 -44.36
CA ARG M 104 -30.22 -19.80 -43.47
C ARG M 104 -31.73 -19.78 -43.52
N PHE M 105 -32.30 -19.97 -44.71
CA PHE M 105 -33.75 -20.05 -44.83
C PHE M 105 -34.30 -21.22 -44.03
N PHE M 106 -33.61 -22.37 -44.07
CA PHE M 106 -34.04 -23.52 -43.30
C PHE M 106 -33.98 -23.23 -41.79
N SER M 107 -32.91 -22.57 -41.35
CA SER M 107 -32.79 -22.22 -39.93
C SER M 107 -33.93 -21.32 -39.50
N ILE M 108 -34.36 -20.41 -40.38
CA ILE M 108 -35.52 -19.59 -40.08
C ILE M 108 -36.80 -20.43 -40.08
N THR M 109 -36.89 -21.35 -41.04
CA THR M 109 -38.09 -22.16 -41.23
C THR M 109 -38.38 -23.02 -40.02
N GLY M 110 -37.35 -23.39 -39.26
CA GLY M 110 -37.61 -24.13 -38.02
C GLY M 110 -38.64 -23.45 -37.13
N ARG M 111 -38.36 -22.20 -36.74
CA ARG M 111 -39.33 -21.47 -35.93
C ARG M 111 -40.59 -21.12 -36.72
N ALA M 112 -40.41 -20.74 -37.98
CA ALA M 112 -41.58 -20.36 -38.78
C ALA M 112 -42.58 -21.51 -38.89
N VAL M 113 -42.10 -22.74 -38.73
CA VAL M 113 -42.98 -23.90 -38.82
C VAL M 113 -43.51 -24.31 -37.45
N ILE M 114 -42.70 -24.22 -36.40
CA ILE M 114 -43.23 -24.60 -35.09
C ILE M 114 -44.31 -23.60 -34.66
N ALA M 115 -44.31 -22.39 -35.20
CA ALA M 115 -45.30 -21.41 -34.75
C ALA M 115 -46.74 -21.82 -35.08
N PRO M 116 -47.11 -22.14 -36.33
CA PRO M 116 -48.52 -22.44 -36.61
C PRO M 116 -48.90 -23.91 -36.49
N LEU M 117 -47.93 -24.82 -36.52
CA LEU M 117 -48.24 -26.23 -36.40
C LEU M 117 -48.92 -26.53 -35.08
N THR M 118 -48.53 -25.83 -34.02
CA THR M 118 -49.20 -26.00 -32.73
C THR M 118 -50.66 -25.58 -32.83
N TRP M 119 -50.94 -24.47 -33.51
CA TRP M 119 -52.31 -24.03 -33.66
C TRP M 119 -53.14 -25.06 -34.42
N LEU M 120 -52.63 -25.52 -35.56
CA LEU M 120 -53.39 -26.50 -36.34
C LEU M 120 -53.60 -27.78 -35.56
N ALA M 121 -52.56 -28.27 -34.89
CA ALA M 121 -52.71 -29.52 -34.15
C ALA M 121 -53.73 -29.38 -33.04
N VAL M 122 -53.65 -28.30 -32.25
CA VAL M 122 -54.57 -28.14 -31.14
C VAL M 122 -56.01 -27.98 -31.65
N THR M 123 -56.20 -27.17 -32.68
CA THR M 123 -57.55 -26.95 -33.18
C THR M 123 -58.15 -28.22 -33.75
N LEU M 124 -57.37 -28.99 -34.51
CA LEU M 124 -57.90 -30.23 -35.06
C LEU M 124 -58.18 -31.25 -33.96
N LEU M 125 -57.29 -31.36 -32.97
CA LEU M 125 -57.51 -32.33 -31.90
C LEU M 125 -58.74 -31.98 -31.08
N THR M 126 -58.95 -30.68 -30.80
CA THR M 126 -60.19 -30.29 -30.15
C THR M 126 -61.39 -30.61 -31.03
N GLY M 127 -61.27 -30.36 -32.33
CA GLY M 127 -62.25 -30.81 -33.30
C GLY M 127 -63.44 -29.89 -33.49
N THR M 128 -63.63 -28.91 -32.62
CA THR M 128 -64.81 -28.04 -32.74
C THR M 128 -64.75 -27.20 -34.01
N TYR M 129 -63.56 -26.69 -34.36
CA TYR M 129 -63.41 -25.89 -35.56
C TYR M 129 -63.74 -26.72 -36.80
N TYR M 130 -63.21 -27.94 -36.88
CA TYR M 130 -63.47 -28.78 -38.04
C TYR M 130 -64.93 -29.17 -38.11
N GLU M 131 -65.57 -29.41 -36.96
CA GLU M 131 -66.99 -29.73 -36.95
C GLU M 131 -67.79 -28.57 -37.52
N CYS M 132 -67.58 -27.37 -36.98
CA CYS M 132 -68.33 -26.21 -37.47
C CYS M 132 -68.01 -25.90 -38.92
N ALA M 133 -66.84 -26.31 -39.41
CA ALA M 133 -66.48 -26.02 -40.79
C ALA M 133 -67.15 -27.00 -41.74
N ALA M 134 -66.99 -28.30 -41.50
CA ALA M 134 -67.44 -29.33 -42.43
C ALA M 134 -68.72 -30.02 -41.98
N SER M 135 -69.54 -29.36 -41.16
CA SER M 135 -70.83 -29.96 -40.82
C SER M 135 -71.73 -30.15 -42.03
N GLU M 136 -71.82 -29.14 -42.89
CA GLU M 136 -72.80 -29.17 -43.97
C GLU M 136 -72.46 -30.18 -45.05
N PHE M 137 -71.23 -30.69 -45.08
CA PHE M 137 -70.83 -31.63 -46.10
C PHE M 137 -71.11 -33.08 -45.71
N ALA M 138 -71.90 -33.29 -44.67
CA ALA M 138 -72.24 -34.63 -44.23
C ALA M 138 -73.16 -35.32 -45.22
N SER M 139 -73.04 -36.64 -45.32
CA SER M 139 -73.89 -37.43 -46.20
C SER M 139 -75.21 -37.75 -45.51
N VAL M 140 -76.24 -37.99 -46.33
CA VAL M 140 -77.57 -38.32 -45.85
C VAL M 140 -78.10 -39.63 -46.41
N ASP M 141 -77.35 -40.30 -47.29
CA ASP M 141 -77.83 -41.54 -47.88
C ASP M 141 -77.95 -42.64 -46.82
N HIS M 142 -77.01 -42.69 -45.88
CA HIS M 142 -77.03 -43.72 -44.86
C HIS M 142 -78.26 -43.60 -43.98
N TYR M 143 -78.71 -42.37 -43.72
CA TYR M 143 -79.79 -42.15 -42.76
C TYR M 143 -81.11 -42.03 -43.50
N PRO M 144 -82.06 -42.96 -43.30
CA PRO M 144 -83.34 -42.84 -43.99
C PRO M 144 -84.18 -41.66 -43.52
N MET M 145 -83.86 -41.08 -42.36
CA MET M 145 -84.65 -39.97 -41.84
C MET M 145 -84.50 -38.70 -42.67
N PHE M 146 -83.47 -38.62 -43.52
CA PHE M 146 -83.17 -37.42 -44.28
C PHE M 146 -83.61 -37.54 -45.74
N ASP M 147 -84.76 -38.17 -46.00
CA ASP M 147 -85.26 -38.24 -47.36
C ASP M 147 -85.51 -36.85 -47.93
N ASN M 148 -86.50 -36.15 -47.37
CA ASN M 148 -86.74 -34.73 -47.65
C ASN M 148 -86.77 -34.42 -49.15
N VAL M 149 -87.81 -34.95 -49.80
CA VAL M 149 -88.00 -34.79 -51.25
C VAL M 149 -87.90 -33.33 -51.67
N SER M 150 -88.09 -32.41 -50.72
CA SER M 150 -87.90 -30.99 -51.00
C SER M 150 -86.45 -30.69 -51.39
N ALA M 151 -85.50 -31.41 -50.81
CA ALA M 151 -84.08 -31.34 -51.14
C ALA M 151 -83.46 -29.98 -50.84
N SER M 152 -84.18 -29.10 -50.14
CA SER M 152 -83.65 -27.81 -49.69
C SER M 152 -83.74 -27.64 -48.18
N LYS M 153 -84.84 -28.10 -47.57
CA LYS M 153 -84.95 -28.05 -46.12
C LYS M 153 -83.91 -28.96 -45.48
N ARG M 154 -83.61 -30.09 -46.12
CA ARG M 154 -82.62 -31.02 -45.58
C ARG M 154 -81.25 -30.36 -45.43
N GLU M 155 -80.83 -29.61 -46.44
CA GLU M 155 -79.55 -28.92 -46.34
C GLU M 155 -79.56 -27.92 -45.18
N GLU M 156 -80.67 -27.20 -45.02
CA GLU M 156 -80.74 -26.20 -43.96
C GLU M 156 -80.67 -26.85 -42.58
N ILE M 157 -81.44 -27.93 -42.37
CA ILE M 157 -81.38 -28.55 -41.04
C ILE M 157 -80.02 -29.18 -40.81
N LEU M 158 -79.41 -29.73 -41.87
CA LEU M 158 -78.08 -30.32 -41.75
C LEU M 158 -77.05 -29.27 -41.32
N ALA M 159 -77.11 -28.07 -41.90
CA ALA M 159 -76.22 -27.00 -41.47
C ALA M 159 -76.67 -26.36 -40.16
N GLY M 160 -77.89 -26.62 -39.72
CA GLY M 160 -78.41 -25.97 -38.53
C GLY M 160 -78.21 -26.70 -37.22
N PHE M 161 -78.42 -28.02 -37.20
CA PHE M 161 -78.40 -28.68 -35.89
C PHE M 161 -77.04 -28.66 -35.18
N PRO M 162 -75.89 -28.64 -35.88
CA PRO M 162 -74.63 -28.59 -35.13
C PRO M 162 -74.46 -27.35 -34.26
N CYS M 163 -75.09 -26.24 -34.62
CA CYS M 163 -74.72 -24.96 -34.00
C CYS M 163 -75.36 -24.77 -32.64
N CYS M 164 -76.68 -24.54 -32.62
CA CYS M 164 -77.39 -24.25 -31.38
C CYS M 164 -78.84 -24.72 -31.39
N ARG M 165 -79.25 -25.49 -32.39
CA ARG M 165 -80.66 -25.76 -32.59
C ARG M 165 -81.25 -26.51 -31.40
N SER M 166 -80.52 -27.50 -30.89
CA SER M 166 -81.01 -28.38 -29.81
C SER M 166 -82.33 -28.96 -30.29
N ALA M 167 -83.47 -28.63 -29.67
CA ALA M 167 -84.79 -29.03 -30.14
C ALA M 167 -84.89 -30.54 -30.27
N PRO M 168 -84.88 -31.27 -29.15
CA PRO M 168 -84.94 -32.73 -29.23
C PRO M 168 -86.24 -33.22 -29.85
N SER M 169 -86.15 -33.74 -31.07
CA SER M 169 -87.29 -34.30 -31.79
C SER M 169 -86.93 -35.68 -32.31
N ASP M 170 -86.14 -36.41 -31.52
CA ASP M 170 -85.67 -37.77 -31.77
C ASP M 170 -84.76 -37.85 -32.99
N VAL M 171 -84.44 -36.71 -33.63
CA VAL M 171 -83.39 -36.70 -34.65
C VAL M 171 -82.01 -36.55 -34.02
N ILE M 172 -81.95 -36.25 -32.73
CA ILE M 172 -80.67 -35.99 -32.06
C ILE M 172 -79.79 -37.24 -32.05
N LEU M 173 -80.35 -38.41 -32.30
CA LEU M 173 -79.52 -39.59 -32.48
C LEU M 173 -78.63 -39.45 -33.71
N VAL M 174 -79.22 -39.03 -34.83
CA VAL M 174 -78.44 -38.82 -36.04
C VAL M 174 -77.46 -37.67 -35.85
N ARG M 175 -77.91 -36.60 -35.18
CA ARG M 175 -77.00 -35.49 -34.87
C ARG M 175 -75.79 -35.98 -34.09
N ASP M 176 -76.02 -36.77 -33.03
CA ASP M 176 -74.92 -37.22 -32.19
C ASP M 176 -74.00 -38.15 -32.96
N GLU M 177 -74.56 -39.05 -33.76
CA GLU M 177 -73.73 -39.99 -34.52
C GLU M 177 -72.86 -39.25 -35.51
N ILE M 178 -73.43 -38.30 -36.26
CA ILE M 178 -72.64 -37.60 -37.27
C ILE M 178 -71.65 -36.65 -36.60
N ALA M 179 -72.00 -36.07 -35.45
CA ALA M 179 -71.05 -35.24 -34.72
C ALA M 179 -69.85 -36.05 -34.26
N LEU M 180 -70.09 -37.27 -33.74
CA LEU M 180 -68.99 -38.14 -33.37
C LEU M 180 -68.16 -38.53 -34.59
N LEU M 181 -68.82 -38.76 -35.73
CA LEU M 181 -68.08 -39.08 -36.94
C LEU M 181 -67.15 -37.94 -37.32
N HIS M 182 -67.64 -36.70 -37.31
CA HIS M 182 -66.80 -35.57 -37.70
C HIS M 182 -65.72 -35.30 -36.67
N ARG M 183 -66.01 -35.49 -35.38
CA ARG M 183 -64.98 -35.32 -34.37
C ARG M 183 -63.86 -36.35 -34.54
N TYR M 184 -64.22 -37.60 -34.81
CA TYR M 184 -63.21 -38.63 -35.04
C TYR M 184 -62.39 -38.31 -36.28
N GLN M 185 -63.06 -37.87 -37.35
CA GLN M 185 -62.32 -37.52 -38.57
C GLN M 185 -61.39 -36.36 -38.31
N SER M 186 -61.83 -35.37 -37.53
CA SER M 186 -60.99 -34.22 -37.21
C SER M 186 -59.75 -34.65 -36.43
N GLN M 187 -59.92 -35.45 -35.38
CA GLN M 187 -58.77 -35.84 -34.58
C GLN M 187 -57.81 -36.74 -35.37
N MET M 188 -58.35 -37.66 -36.17
CA MET M 188 -57.47 -38.47 -37.01
C MET M 188 -56.73 -37.61 -38.02
N LEU M 189 -57.40 -36.60 -38.59
CA LEU M 189 -56.73 -35.70 -39.51
C LEU M 189 -55.63 -34.92 -38.80
N GLY M 190 -55.87 -34.54 -37.54
CA GLY M 190 -54.82 -33.88 -36.78
C GLY M 190 -53.61 -34.77 -36.56
N TRP M 191 -53.86 -36.04 -36.24
CA TRP M 191 -52.74 -36.97 -36.07
C TRP M 191 -51.99 -37.17 -37.38
N ILE M 192 -52.71 -37.28 -38.49
CA ILE M 192 -52.07 -37.40 -39.79
C ILE M 192 -51.21 -36.17 -40.07
N LEU M 193 -51.74 -34.99 -39.75
CA LEU M 193 -51.01 -33.75 -40.00
C LEU M 193 -49.74 -33.67 -39.16
N ILE M 194 -49.83 -34.03 -37.87
CA ILE M 194 -48.64 -33.92 -37.02
C ILE M 194 -47.61 -34.97 -37.40
N THR M 195 -48.05 -36.18 -37.77
CA THR M 195 -47.10 -37.18 -38.24
C THR M 195 -46.41 -36.73 -39.51
N LEU M 196 -47.16 -36.17 -40.47
CA LEU M 196 -46.54 -35.68 -41.69
C LEU M 196 -45.59 -34.53 -41.40
N ALA M 197 -45.95 -33.65 -40.47
CA ALA M 197 -45.06 -32.55 -40.12
C ALA M 197 -43.76 -33.06 -39.53
N THR M 198 -43.83 -34.04 -38.63
CA THR M 198 -42.61 -34.59 -38.03
C THR M 198 -41.76 -35.29 -39.08
N ILE M 199 -42.37 -36.07 -39.96
CA ILE M 199 -41.62 -36.76 -41.00
C ILE M 199 -40.96 -35.75 -41.93
N ALA M 200 -41.69 -34.71 -42.31
CA ALA M 200 -41.13 -33.67 -43.17
C ALA M 200 -39.98 -32.94 -42.49
N ALA M 201 -40.13 -32.65 -41.19
CA ALA M 201 -39.05 -31.97 -40.47
C ALA M 201 -37.80 -32.83 -40.43
N LEU M 202 -37.95 -34.11 -40.11
CA LEU M 202 -36.78 -34.99 -40.05
C LEU M 202 -36.13 -35.14 -41.42
N VAL M 203 -36.93 -35.32 -42.47
CA VAL M 203 -36.38 -35.46 -43.81
C VAL M 203 -35.70 -34.17 -44.24
N SER M 204 -36.29 -33.03 -43.92
CA SER M 204 -35.68 -31.75 -44.28
C SER M 204 -34.36 -31.53 -43.57
N CYS M 205 -34.27 -31.90 -42.29
CA CYS M 205 -33.00 -31.80 -41.59
C CYS M 205 -31.95 -32.72 -42.20
N CYS M 206 -32.35 -33.95 -42.55
CA CYS M 206 -31.41 -34.87 -43.19
C CYS M 206 -30.95 -34.33 -44.54
N VAL M 207 -31.86 -33.76 -45.32
CA VAL M 207 -31.50 -33.21 -46.61
C VAL M 207 -30.60 -31.99 -46.45
N ALA M 208 -30.83 -31.19 -45.41
CA ALA M 208 -29.96 -30.06 -45.13
C ALA M 208 -28.55 -30.53 -44.79
N LYS M 209 -28.44 -31.58 -43.98
CA LYS M 209 -27.12 -32.10 -43.64
C LYS M 209 -26.43 -32.70 -44.87
N CYS M 210 -27.18 -33.41 -45.70
CA CYS M 210 -26.58 -34.02 -46.89
C CYS M 210 -26.13 -32.98 -47.90
N CYS M 211 -26.97 -31.96 -48.15
CA CYS M 211 -26.72 -30.97 -49.17
C CYS M 211 -25.79 -29.86 -48.72
N SER M 212 -25.48 -29.77 -47.43
CA SER M 212 -24.60 -28.71 -46.95
C SER M 212 -23.17 -28.95 -47.42
N PRO M 213 -22.56 -28.01 -48.15
CA PRO M 213 -21.16 -28.22 -48.55
C PRO M 213 -20.19 -28.08 -47.40
N LEU M 214 -20.52 -27.26 -46.41
CA LEU M 214 -19.64 -27.08 -45.26
C LEU M 214 -19.59 -28.35 -44.41
N THR M 215 -18.45 -28.60 -43.80
CA THR M 215 -18.34 -29.67 -42.84
C THR M 215 -19.08 -29.29 -41.56
N SER M 216 -19.23 -30.25 -40.65
CA SER M 216 -19.92 -29.98 -39.40
C SER M 216 -19.23 -28.88 -38.62
N LEU M 217 -17.92 -29.01 -38.43
CA LEU M 217 -17.16 -27.96 -37.74
C LEU M 217 -17.17 -26.67 -38.54
N GLN M 218 -17.04 -26.77 -39.86
CA GLN M 218 -17.10 -25.58 -40.70
C GLN M 218 -18.48 -24.93 -40.63
N HIS M 219 -19.54 -25.75 -40.56
CA HIS M 219 -20.88 -25.19 -40.43
C HIS M 219 -21.04 -24.44 -39.11
N CYS M 220 -20.52 -25.02 -38.02
CA CYS M 220 -20.57 -24.32 -36.73
C CYS M 220 -19.80 -23.00 -36.80
N TYR M 221 -18.61 -23.03 -37.41
CA TYR M 221 -17.84 -21.80 -37.54
C TYR M 221 -18.60 -20.76 -38.34
N TRP M 222 -19.23 -21.16 -39.44
CA TRP M 222 -19.95 -20.22 -40.28
C TRP M 222 -21.15 -19.61 -39.57
N THR M 223 -21.90 -20.43 -38.82
CA THR M 223 -23.04 -19.90 -38.08
C THR M 223 -22.59 -18.87 -37.05
N SER M 224 -21.54 -19.20 -36.29
CA SER M 224 -21.05 -18.25 -35.30
C SER M 224 -20.47 -17.01 -35.96
N HIS M 225 -19.84 -17.18 -37.13
CA HIS M 225 -19.34 -16.04 -37.89
C HIS M 225 -20.46 -15.08 -38.25
N LEU M 226 -21.58 -15.62 -38.72
CA LEU M 226 -22.69 -14.76 -39.12
C LEU M 226 -23.24 -13.98 -37.94
N GLN M 227 -23.52 -14.69 -36.84
CA GLN M 227 -24.05 -14.00 -35.66
C GLN M 227 -23.10 -12.93 -35.17
N ASN M 228 -21.81 -13.26 -35.07
CA ASN M 228 -20.86 -12.33 -34.48
C ASN M 228 -20.62 -11.13 -35.40
N GLU M 229 -20.57 -11.35 -36.71
CA GLU M 229 -20.35 -10.23 -37.62
C GLU M 229 -21.51 -9.24 -37.53
N ARG M 230 -22.75 -9.75 -37.48
CA ARG M 230 -23.87 -8.82 -37.42
C ARG M 230 -23.85 -8.03 -36.11
N GLU M 231 -23.60 -8.72 -34.98
CA GLU M 231 -23.62 -8.03 -33.70
C GLU M 231 -22.50 -7.00 -33.62
N LEU M 232 -21.30 -7.37 -34.07
CA LEU M 232 -20.15 -6.47 -34.01
C LEU M 232 -20.40 -5.23 -34.85
N PHE M 233 -20.91 -5.39 -36.07
CA PHE M 233 -21.13 -4.22 -36.89
C PHE M 233 -22.19 -3.32 -36.27
N GLU M 234 -23.25 -3.89 -35.70
CA GLU M 234 -24.24 -3.05 -35.04
C GLU M 234 -23.61 -2.21 -33.94
N GLN M 235 -22.83 -2.85 -33.05
CA GLN M 235 -22.25 -2.13 -31.94
C GLN M 235 -21.30 -1.03 -32.41
N ALA M 236 -20.40 -1.36 -33.33
CA ALA M 236 -19.41 -0.38 -33.72
C ALA M 236 -19.98 0.70 -34.63
N ALA M 237 -21.06 0.40 -35.35
CA ALA M 237 -21.76 1.47 -36.05
C ALA M 237 -22.32 2.48 -35.06
N GLU M 238 -22.92 1.97 -33.98
CA GLU M 238 -23.37 2.87 -32.91
C GLU M 238 -22.20 3.70 -32.38
N GLN M 239 -21.07 3.06 -32.09
CA GLN M 239 -19.95 3.78 -31.47
C GLN M 239 -19.31 4.77 -32.44
N HIS M 240 -19.18 4.40 -33.72
CA HIS M 240 -18.66 5.33 -34.72
C HIS M 240 -19.54 6.55 -34.86
N SER M 241 -20.85 6.37 -34.94
CA SER M 241 -21.71 7.54 -35.05
C SER M 241 -21.66 8.38 -33.78
N ARG M 242 -21.55 7.73 -32.63
CA ARG M 242 -21.42 8.48 -31.39
C ARG M 242 -20.17 9.34 -31.41
N LEU M 243 -19.05 8.78 -31.86
CA LEU M 243 -17.80 9.56 -31.93
C LEU M 243 -17.91 10.70 -32.93
N LEU M 244 -18.48 10.44 -34.10
CA LEU M 244 -18.58 11.49 -35.11
C LEU M 244 -19.47 12.63 -34.64
N MET M 245 -20.63 12.30 -34.07
CA MET M 245 -21.50 13.35 -33.54
C MET M 245 -20.85 14.07 -32.37
N MET M 246 -20.10 13.34 -31.54
CA MET M 246 -19.45 13.96 -30.40
C MET M 246 -18.40 14.97 -30.85
N HIS M 247 -17.65 14.64 -31.89
CA HIS M 247 -16.73 15.62 -32.47
C HIS M 247 -17.49 16.80 -33.05
N ARG M 248 -18.61 16.55 -33.72
CA ARG M 248 -19.39 17.65 -34.29
C ARG M 248 -19.86 18.61 -33.21
N ILE M 249 -20.36 18.07 -32.10
CA ILE M 249 -20.90 18.94 -31.05
C ILE M 249 -19.77 19.53 -30.23
N LYS M 250 -18.59 18.89 -30.21
CA LYS M 250 -17.41 19.55 -29.67
C LYS M 250 -17.09 20.80 -30.47
N LYS M 251 -17.19 20.72 -31.79
CA LYS M 251 -17.08 21.92 -32.61
C LYS M 251 -18.19 22.92 -32.27
N LEU M 252 -19.40 22.42 -32.06
CA LEU M 252 -20.55 23.30 -31.84
C LEU M 252 -20.45 24.08 -30.53
N PHE M 253 -20.19 23.40 -29.43
CA PHE M 253 -20.23 23.99 -28.09
C PHE M 253 -18.85 24.21 -27.49
N GLY M 254 -17.79 23.90 -28.21
CA GLY M 254 -16.46 24.14 -27.69
C GLY M 254 -15.97 23.13 -26.67
N PHE M 255 -16.70 22.04 -26.46
CA PHE M 255 -16.27 21.01 -25.51
C PHE M 255 -16.87 19.67 -25.89
N ILE M 256 -16.21 18.61 -25.44
CA ILE M 256 -16.74 17.27 -25.60
C ILE M 256 -17.74 16.99 -24.47
N PRO M 257 -18.91 16.42 -24.78
CA PRO M 257 -19.90 16.17 -23.72
C PRO M 257 -19.41 15.15 -22.70
N GLY M 258 -19.88 15.31 -21.46
CA GLY M 258 -19.56 14.38 -20.40
C GLY M 258 -18.16 14.49 -19.84
N SER M 259 -17.49 15.63 -20.03
CA SER M 259 -16.14 15.83 -19.54
C SER M 259 -16.01 17.23 -18.94
N GLU M 260 -14.91 17.43 -18.21
CA GLU M 260 -14.69 18.67 -17.46
C GLU M 260 -14.44 19.82 -18.43
N ASP M 261 -15.41 20.75 -18.54
CA ASP M 261 -15.32 21.81 -19.53
C ASP M 261 -15.31 23.20 -18.91
N VAL M 262 -15.00 23.33 -17.62
CA VAL M 262 -14.95 24.66 -17.01
C VAL M 262 -13.85 25.51 -17.59
N LYS M 263 -12.95 24.92 -18.39
CA LYS M 263 -11.90 25.70 -19.01
C LYS M 263 -12.46 26.69 -20.02
N HIS M 264 -13.32 26.23 -20.92
CA HIS M 264 -13.84 27.09 -21.97
C HIS M 264 -15.25 26.67 -22.33
N ILE M 265 -16.05 27.64 -22.78
CA ILE M 265 -17.40 27.41 -23.28
C ILE M 265 -17.58 28.23 -24.55
N ARG M 266 -18.57 27.85 -25.34
CA ARG M 266 -18.83 28.50 -26.62
C ARG M 266 -20.20 29.17 -26.60
N ILE M 267 -20.36 30.17 -27.46
CA ILE M 267 -21.64 30.82 -27.69
C ILE M 267 -22.03 30.62 -29.15
N PRO M 268 -22.92 29.67 -29.44
CA PRO M 268 -23.25 29.39 -30.84
C PRO M 268 -23.89 30.59 -31.52
N SER M 269 -23.58 30.74 -32.80
CA SER M 269 -24.21 31.75 -33.63
C SER M 269 -25.40 31.16 -34.37
N CYS M 270 -26.30 32.04 -34.82
CA CYS M 270 -27.53 31.59 -35.45
C CYS M 270 -27.23 30.80 -36.71
N GLN M 271 -26.27 31.26 -37.50
CA GLN M 271 -25.87 30.53 -38.69
C GLN M 271 -25.22 29.21 -38.30
N ASP M 272 -24.50 29.19 -37.18
CA ASP M 272 -23.96 27.93 -36.67
C ASP M 272 -25.08 27.00 -36.19
N TRP M 273 -26.10 27.58 -35.55
CA TRP M 273 -27.30 26.80 -35.20
C TRP M 273 -27.93 26.20 -36.46
N LYS M 274 -27.84 26.91 -37.59
CA LYS M 274 -28.31 26.31 -38.84
C LYS M 274 -27.40 25.16 -39.24
N ASP M 275 -26.08 25.32 -39.11
CA ASP M 275 -25.17 24.26 -39.56
C ASP M 275 -25.38 22.97 -38.77
N ILE M 276 -25.56 23.07 -37.46
CA ILE M 276 -25.77 21.84 -36.68
C ILE M 276 -27.09 21.18 -37.05
N SER M 277 -28.12 21.97 -37.32
CA SER M 277 -29.41 21.44 -37.73
C SER M 277 -29.31 20.79 -39.12
N LEU N 6 -28.55 -5.83 -14.74
CA LEU N 6 -29.46 -6.51 -15.64
C LEU N 6 -30.45 -5.53 -16.27
N ASN N 7 -30.42 -4.30 -15.75
CA ASN N 7 -31.27 -3.24 -16.31
C ASN N 7 -30.87 -2.96 -17.75
N ASN N 8 -29.56 -2.96 -18.05
CA ASN N 8 -29.11 -2.78 -19.42
C ASN N 8 -29.62 -3.90 -20.32
N ILE N 9 -29.61 -5.13 -19.82
CA ILE N 9 -30.17 -6.25 -20.59
C ILE N 9 -31.66 -6.05 -20.83
N VAL N 10 -32.37 -5.55 -19.81
CA VAL N 10 -33.79 -5.26 -19.96
C VAL N 10 -34.01 -4.21 -21.03
N SER N 11 -33.17 -3.16 -21.04
CA SER N 11 -33.30 -2.14 -22.07
C SER N 11 -33.04 -2.71 -23.46
N SER N 12 -32.04 -3.59 -23.58
CA SER N 12 -31.75 -4.22 -24.87
C SER N 12 -32.94 -5.04 -25.36
N LEU N 13 -33.62 -5.73 -24.43
CA LEU N 13 -34.82 -6.47 -24.80
C LEU N 13 -35.93 -5.54 -25.25
N GLN N 14 -36.09 -4.39 -24.58
CA GLN N 14 -37.11 -3.44 -24.99
C GLN N 14 -36.81 -2.89 -26.38
N ARG N 15 -35.53 -2.81 -26.74
CA ARG N 15 -35.16 -2.24 -28.04
C ARG N 15 -35.79 -3.02 -29.19
N ASN N 16 -36.18 -4.27 -28.95
CA ASN N 16 -36.93 -5.06 -29.92
C ASN N 16 -38.37 -4.58 -29.94
N GLY N 17 -38.90 -4.30 -31.13
CA GLY N 17 -40.24 -3.78 -31.23
C GLY N 17 -41.33 -4.79 -30.93
N ILE N 18 -41.00 -6.08 -30.96
CA ILE N 18 -42.01 -7.12 -30.74
C ILE N 18 -42.57 -7.03 -29.34
N PHE N 19 -41.70 -6.86 -28.34
CA PHE N 19 -42.18 -6.80 -26.96
C PHE N 19 -43.06 -5.57 -26.74
N ILE N 20 -42.64 -4.41 -27.22
CA ILE N 20 -43.42 -3.19 -26.98
C ILE N 20 -44.75 -3.26 -27.72
N ASN N 21 -44.75 -3.74 -28.96
CA ASN N 21 -46.01 -3.87 -29.69
C ASN N 21 -46.94 -4.86 -29.01
N SER N 22 -46.41 -5.97 -28.50
CA SER N 22 -47.24 -6.91 -27.76
C SER N 22 -47.80 -6.28 -26.50
N LEU N 23 -47.00 -5.47 -25.80
CA LEU N 23 -47.46 -4.81 -24.59
C LEU N 23 -48.58 -3.82 -24.92
N ILE N 24 -48.43 -3.08 -26.02
CA ILE N 24 -49.48 -2.14 -26.44
C ILE N 24 -50.75 -2.90 -26.79
N ALA N 25 -50.64 -4.00 -27.51
CA ALA N 25 -51.83 -4.77 -27.88
C ALA N 25 -52.51 -5.34 -26.65
N ALA N 26 -51.74 -5.84 -25.68
CA ALA N 26 -52.33 -6.37 -24.46
C ALA N 26 -53.05 -5.29 -23.67
N LEU N 27 -52.45 -4.11 -23.57
CA LEU N 27 -53.12 -3.00 -22.89
C LEU N 27 -54.39 -2.61 -23.62
N THR N 28 -54.36 -2.61 -24.96
CA THR N 28 -55.57 -2.29 -25.71
C THR N 28 -56.67 -3.32 -25.45
N ILE N 29 -56.30 -4.61 -25.39
CA ILE N 29 -57.30 -5.64 -25.14
C ILE N 29 -57.91 -5.48 -23.75
N GLY N 30 -57.07 -5.28 -22.74
CA GLY N 30 -57.60 -5.11 -21.40
C GLY N 30 -58.48 -3.87 -21.25
N GLY N 31 -58.02 -2.76 -21.82
CA GLY N 31 -58.80 -1.53 -21.77
C GLY N 31 -60.13 -1.67 -22.50
N GLN N 32 -60.12 -2.34 -23.65
CA GLN N 32 -61.36 -2.56 -24.37
C GLN N 32 -62.31 -3.44 -23.56
N GLN N 33 -61.79 -4.48 -22.92
CA GLN N 33 -62.64 -5.34 -22.10
C GLN N 33 -63.31 -4.52 -21.01
N LEU N 34 -62.52 -3.76 -20.24
CA LEU N 34 -63.12 -2.98 -19.16
C LEU N 34 -64.10 -1.95 -19.69
N PHE N 35 -63.72 -1.23 -20.75
CA PHE N 35 -64.55 -0.16 -21.27
C PHE N 35 -65.88 -0.67 -21.81
N SER N 36 -65.83 -1.74 -22.61
CA SER N 36 -67.06 -2.28 -23.20
C SER N 36 -67.93 -2.93 -22.13
N SER N 37 -67.34 -3.72 -21.23
CA SER N 37 -68.16 -4.35 -20.21
C SER N 37 -68.69 -3.35 -19.20
N SER N 38 -68.13 -2.14 -19.15
CA SER N 38 -68.61 -1.16 -18.19
C SER N 38 -69.68 -0.25 -18.79
N THR N 39 -69.36 0.43 -19.88
CA THR N 39 -70.18 1.57 -20.32
C THR N 39 -70.60 1.44 -21.78
N PHE N 40 -71.09 0.28 -22.21
CA PHE N 40 -71.62 0.22 -23.58
C PHE N 40 -73.07 0.70 -23.62
N SER N 41 -73.97 -0.03 -22.97
CA SER N 41 -75.38 0.33 -22.86
C SER N 41 -75.99 0.71 -24.22
N CYS N 42 -76.09 -0.29 -25.09
CA CYS N 42 -76.61 -0.06 -26.43
C CYS N 42 -77.99 0.57 -26.38
N PRO N 43 -78.21 1.70 -27.04
CA PRO N 43 -79.51 2.36 -26.98
C PRO N 43 -80.54 1.67 -27.86
N CYS N 44 -81.79 2.00 -27.57
CA CYS N 44 -82.92 1.46 -28.31
C CYS N 44 -83.54 2.48 -29.25
N GLN N 45 -82.88 3.63 -29.43
CA GLN N 45 -83.49 4.72 -30.18
C GLN N 45 -83.66 4.35 -31.64
N VAL N 46 -84.86 4.57 -32.16
CA VAL N 46 -85.16 4.23 -33.55
C VAL N 46 -84.42 5.17 -34.51
N GLY N 47 -84.39 6.46 -34.20
CA GLY N 47 -83.82 7.45 -35.09
C GLY N 47 -82.34 7.28 -35.36
N LYS N 48 -81.53 7.41 -34.31
CA LYS N 48 -80.07 7.38 -34.43
C LYS N 48 -79.54 6.29 -33.51
N ASN N 49 -79.15 5.16 -34.10
CA ASN N 49 -78.55 4.06 -33.36
C ASN N 49 -77.29 3.61 -34.09
N PHE N 50 -77.24 3.85 -35.40
CA PHE N 50 -76.03 3.56 -36.16
C PHE N 50 -74.88 4.45 -35.71
N TYR N 51 -75.16 5.71 -35.41
CA TYR N 51 -74.11 6.62 -34.97
C TYR N 51 -73.48 6.15 -33.67
N TYR N 52 -74.32 5.60 -32.78
CA TYR N 52 -73.80 5.12 -31.48
C TYR N 52 -72.71 4.08 -31.71
N GLY N 53 -73.07 2.99 -32.38
CA GLY N 53 -72.13 1.91 -32.60
C GLY N 53 -70.94 2.34 -33.45
N SER N 54 -71.20 3.15 -34.48
CA SER N 54 -70.10 3.60 -35.33
C SER N 54 -69.11 4.44 -34.54
N ALA N 55 -69.60 5.31 -33.66
CA ALA N 55 -68.70 6.09 -32.82
C ALA N 55 -67.92 5.18 -31.88
N PHE N 56 -68.62 4.32 -31.14
CA PHE N 56 -67.96 3.42 -30.22
C PHE N 56 -66.97 2.49 -30.90
N LEU N 57 -67.09 2.30 -32.21
CA LEU N 57 -66.22 1.39 -32.94
C LEU N 57 -65.06 2.10 -33.64
N VAL N 58 -65.25 3.31 -34.14
CA VAL N 58 -64.23 3.98 -34.93
C VAL N 58 -63.51 5.07 -34.14
N ILE N 59 -64.22 5.82 -33.27
CA ILE N 59 -63.59 6.94 -32.59
C ILE N 59 -62.42 6.51 -31.70
N PRO N 60 -62.54 5.47 -30.86
CA PRO N 60 -61.35 5.05 -30.12
C PRO N 60 -60.20 4.63 -31.01
N ALA N 61 -60.48 3.97 -32.14
CA ALA N 61 -59.42 3.59 -33.06
C ALA N 61 -58.75 4.82 -33.65
N LEU N 62 -59.55 5.82 -34.05
CA LEU N 62 -58.97 7.04 -34.59
C LEU N 62 -58.13 7.77 -33.56
N ILE N 63 -58.61 7.84 -32.32
CA ILE N 63 -57.86 8.48 -31.26
C ILE N 63 -56.55 7.76 -31.00
N LEU N 64 -56.57 6.43 -30.95
CA LEU N 64 -55.35 5.68 -30.72
C LEU N 64 -54.37 5.85 -31.88
N LEU N 65 -54.87 5.89 -33.11
CA LEU N 65 -54.00 6.15 -34.26
C LEU N 65 -53.33 7.51 -34.15
N VAL N 66 -54.12 8.55 -33.84
CA VAL N 66 -53.56 9.89 -33.74
C VAL N 66 -52.57 9.97 -32.59
N ALA N 67 -52.86 9.31 -31.47
CA ALA N 67 -51.93 9.30 -30.34
C ALA N 67 -50.64 8.61 -30.70
N GLY N 68 -50.72 7.47 -31.39
CA GLY N 68 -49.51 6.77 -31.79
C GLY N 68 -48.64 7.59 -32.71
N PHE N 69 -49.27 8.33 -33.64
CA PHE N 69 -48.47 9.18 -34.53
C PHE N 69 -47.91 10.40 -33.81
N ALA N 70 -48.72 11.07 -32.99
CA ALA N 70 -48.31 12.35 -32.42
C ALA N 70 -47.32 12.18 -31.27
N LEU N 71 -47.51 11.16 -30.43
CA LEU N 71 -46.68 10.99 -29.25
C LEU N 71 -45.22 10.69 -29.59
N ARG N 72 -44.95 10.32 -30.84
CA ARG N 72 -43.58 10.07 -31.27
C ARG N 72 -42.93 11.38 -31.73
N SER N 73 -41.85 11.77 -31.05
CA SER N 73 -41.18 13.02 -31.39
C SER N 73 -40.53 12.97 -32.77
N GLN N 74 -40.15 11.77 -33.21
CA GLN N 74 -39.60 11.64 -34.57
C GLN N 74 -40.61 12.11 -35.60
N MET N 75 -41.91 11.90 -35.35
CA MET N 75 -42.92 12.41 -36.26
C MET N 75 -42.93 13.93 -36.31
N TRP N 76 -42.76 14.58 -35.15
CA TRP N 76 -42.68 16.04 -35.16
C TRP N 76 -41.45 16.51 -35.94
N THR N 77 -40.33 15.80 -35.79
CA THR N 77 -39.14 16.16 -36.56
C THR N 77 -39.37 15.99 -38.06
N ILE N 78 -40.03 14.91 -38.46
CA ILE N 78 -40.32 14.70 -39.88
C ILE N 78 -41.23 15.80 -40.42
N THR N 79 -42.27 16.13 -39.66
CA THR N 79 -43.19 17.17 -40.11
C THR N 79 -42.49 18.52 -40.20
N GLY N 80 -41.59 18.79 -39.25
CA GLY N 80 -40.80 20.02 -39.34
C GLY N 80 -39.91 20.05 -40.56
N GLU N 81 -39.30 18.91 -40.91
CA GLU N 81 -38.47 18.87 -42.10
C GLU N 81 -39.30 19.07 -43.36
N TYR N 82 -40.45 18.39 -43.47
CA TYR N 82 -41.26 18.47 -44.68
C TYR N 82 -41.90 19.84 -44.82
N CYS N 83 -42.42 20.40 -43.73
CA CYS N 83 -43.08 21.69 -43.77
C CYS N 83 -42.12 22.80 -44.17
N PRO N 95 -35.23 13.56 -53.86
CA PRO N 95 -33.87 13.04 -53.63
C PRO N 95 -33.81 12.12 -52.41
N LEU N 96 -32.60 11.96 -51.84
CA LEU N 96 -32.43 11.02 -50.74
C LEU N 96 -33.11 11.50 -49.45
N GLU N 97 -33.24 12.81 -49.28
CA GLU N 97 -33.92 13.32 -48.09
C GLU N 97 -35.37 12.86 -48.04
N CYS N 98 -36.06 12.88 -49.19
CA CYS N 98 -37.44 12.41 -49.24
C CYS N 98 -37.53 10.94 -48.85
N LYS N 99 -36.65 10.10 -49.40
CA LYS N 99 -36.69 8.68 -49.09
C LYS N 99 -36.39 8.44 -47.61
N LEU N 100 -35.43 9.20 -47.06
CA LEU N 100 -35.09 9.04 -45.65
C LEU N 100 -36.26 9.43 -44.75
N ALA N 101 -36.96 10.53 -45.10
CA ALA N 101 -38.14 10.92 -44.34
C ALA N 101 -39.24 9.87 -44.46
N CYS N 102 -39.41 9.30 -45.65
CA CYS N 102 -40.41 8.25 -45.82
C CYS N 102 -40.07 7.02 -44.97
N LEU N 103 -38.80 6.65 -44.91
CA LEU N 103 -38.39 5.52 -44.09
C LEU N 103 -38.67 5.78 -42.62
N ARG N 104 -38.37 7.00 -42.14
CA ARG N 104 -38.67 7.32 -40.75
C ARG N 104 -40.17 7.32 -40.48
N PHE N 105 -40.95 7.81 -41.43
CA PHE N 105 -42.40 7.78 -41.30
C PHE N 105 -42.89 6.34 -41.20
N PHE N 106 -42.32 5.45 -42.00
CA PHE N 106 -42.70 4.04 -41.92
C PHE N 106 -42.36 3.43 -40.57
N SER N 107 -41.17 3.76 -40.05
CA SER N 107 -40.77 3.25 -38.74
C SER N 107 -41.73 3.72 -37.66
N ILE N 108 -42.23 4.95 -37.78
CA ILE N 108 -43.25 5.43 -36.85
C ILE N 108 -44.58 4.70 -37.07
N THR N 109 -44.92 4.48 -38.35
CA THR N 109 -46.20 3.89 -38.71
C THR N 109 -46.33 2.48 -38.16
N GLY N 110 -45.23 1.78 -37.95
CA GLY N 110 -45.32 0.47 -37.31
C GLY N 110 -46.12 0.50 -36.02
N ARG N 111 -45.67 1.31 -35.05
CA ARG N 111 -46.41 1.43 -33.81
C ARG N 111 -47.74 2.14 -34.00
N ALA N 112 -47.77 3.16 -34.84
CA ALA N 112 -49.02 3.89 -35.04
C ALA N 112 -50.11 2.98 -35.58
N VAL N 113 -49.74 1.88 -36.23
CA VAL N 113 -50.71 0.95 -36.77
C VAL N 113 -51.03 -0.17 -35.79
N ILE N 114 -50.02 -0.67 -35.06
CA ILE N 114 -50.35 -1.73 -34.11
C ILE N 114 -51.25 -1.19 -33.00
N ALA N 115 -51.23 0.13 -32.75
CA ALA N 115 -52.05 0.64 -31.64
C ALA N 115 -53.54 0.46 -31.85
N PRO N 116 -54.16 0.89 -32.97
CA PRO N 116 -55.62 0.76 -33.09
C PRO N 116 -56.10 -0.53 -33.72
N LEU N 117 -55.23 -1.24 -34.46
CA LEU N 117 -55.65 -2.48 -35.09
C LEU N 117 -56.11 -3.49 -34.05
N THR N 118 -55.46 -3.50 -32.88
CA THR N 118 -55.91 -4.38 -31.81
C THR N 118 -57.33 -4.03 -31.38
N TRP N 119 -57.62 -2.73 -31.24
CA TRP N 119 -58.96 -2.32 -30.85
C TRP N 119 -59.99 -2.76 -31.87
N LEU N 120 -59.73 -2.49 -33.16
CA LEU N 120 -60.70 -2.87 -34.17
C LEU N 120 -60.88 -4.38 -34.22
N ALA N 121 -59.80 -5.14 -34.16
CA ALA N 121 -59.91 -6.60 -34.22
C ALA N 121 -60.70 -7.13 -33.05
N VAL N 122 -60.38 -6.68 -31.83
CA VAL N 122 -61.09 -7.20 -30.66
C VAL N 122 -62.56 -6.83 -30.70
N THR N 123 -62.87 -5.57 -31.04
CA THR N 123 -64.27 -5.15 -31.06
C THR N 123 -65.06 -5.89 -32.12
N LEU N 124 -64.50 -6.08 -33.31
CA LEU N 124 -65.22 -6.82 -34.34
C LEU N 124 -65.39 -8.28 -33.97
N LEU N 125 -64.36 -8.90 -33.40
CA LEU N 125 -64.46 -10.31 -33.04
C LEU N 125 -65.49 -10.53 -31.93
N THR N 126 -65.53 -9.61 -30.95
CA THR N 126 -66.59 -9.69 -29.95
C THR N 126 -67.96 -9.49 -30.60
N GLY N 127 -68.05 -8.55 -31.54
CA GLY N 127 -69.22 -8.41 -32.38
C GLY N 127 -70.34 -7.58 -31.80
N THR N 128 -70.29 -7.26 -30.49
CA THR N 128 -71.39 -6.51 -29.90
C THR N 128 -71.48 -5.09 -30.45
N TYR N 129 -70.34 -4.45 -30.68
CA TYR N 129 -70.33 -3.10 -31.24
C TYR N 129 -70.96 -3.09 -32.63
N TYR N 130 -70.55 -4.04 -33.48
CA TYR N 130 -71.09 -4.09 -34.84
C TYR N 130 -72.57 -4.41 -34.82
N GLU N 131 -73.01 -5.28 -33.91
CA GLU N 131 -74.42 -5.58 -33.80
C GLU N 131 -75.21 -4.33 -33.45
N CYS N 132 -74.81 -3.64 -32.39
CA CYS N 132 -75.52 -2.43 -31.98
C CYS N 132 -75.45 -1.34 -33.06
N ALA N 133 -74.42 -1.38 -33.90
CA ALA N 133 -74.29 -0.36 -34.93
C ALA N 133 -75.20 -0.65 -36.12
N ALA N 134 -75.11 -1.85 -36.67
CA ALA N 134 -75.80 -2.18 -37.91
C ALA N 134 -77.04 -3.05 -37.68
N SER N 135 -77.65 -2.99 -36.49
CA SER N 135 -78.90 -3.71 -36.28
C SER N 135 -80.01 -3.21 -37.20
N GLU N 136 -80.16 -1.89 -37.31
CA GLU N 136 -81.32 -1.34 -38.00
C GLU N 136 -81.26 -1.55 -39.51
N PHE N 137 -80.11 -1.93 -40.06
CA PHE N 137 -79.98 -2.11 -41.49
C PHE N 137 -80.31 -3.54 -41.93
N ALA N 138 -80.92 -4.33 -41.04
CA ALA N 138 -81.30 -5.69 -41.37
C ALA N 138 -82.44 -5.72 -42.37
N SER N 139 -82.45 -6.75 -43.21
CA SER N 139 -83.51 -6.94 -44.19
C SER N 139 -84.72 -7.62 -43.56
N VAL N 140 -85.88 -7.38 -44.16
CA VAL N 140 -87.14 -7.96 -43.68
C VAL N 140 -87.87 -8.75 -44.76
N ASP N 141 -87.35 -8.78 -46.00
CA ASP N 141 -88.02 -9.50 -47.07
C ASP N 141 -88.06 -10.99 -46.79
N HIS N 142 -86.97 -11.54 -46.26
CA HIS N 142 -86.90 -12.97 -45.99
C HIS N 142 -87.95 -13.40 -44.98
N TYR N 143 -88.23 -12.55 -44.00
CA TYR N 143 -89.09 -12.93 -42.89
C TYR N 143 -90.52 -12.46 -43.16
N PRO N 144 -91.48 -13.36 -43.33
CA PRO N 144 -92.86 -12.92 -43.56
C PRO N 144 -93.49 -12.23 -42.37
N MET N 145 -92.93 -12.40 -41.17
CA MET N 145 -93.51 -11.78 -39.97
C MET N 145 -93.39 -10.27 -39.97
N PHE N 146 -92.52 -9.71 -40.81
CA PHE N 146 -92.27 -8.26 -40.82
C PHE N 146 -92.96 -7.55 -41.98
N ASP N 147 -94.19 -7.96 -42.31
CA ASP N 147 -94.93 -7.26 -43.35
C ASP N 147 -95.16 -5.81 -42.98
N ASN N 148 -95.96 -5.56 -41.95
CA ASN N 148 -96.14 -4.25 -41.34
C ASN N 148 -96.40 -3.15 -42.37
N VAL N 149 -97.57 -3.25 -42.99
CA VAL N 149 -98.00 -2.31 -44.02
C VAL N 149 -97.85 -0.86 -43.57
N SER N 150 -97.79 -0.65 -42.25
CA SER N 150 -97.53 0.69 -41.73
C SER N 150 -96.16 1.20 -42.16
N ALA N 151 -95.18 0.31 -42.28
CA ALA N 151 -93.84 0.58 -42.78
C ALA N 151 -93.06 1.56 -41.90
N SER N 152 -93.56 1.87 -40.71
CA SER N 152 -92.85 2.69 -39.74
C SER N 152 -92.66 1.99 -38.41
N LYS N 153 -93.67 1.25 -37.95
CA LYS N 153 -93.52 0.46 -36.74
C LYS N 153 -92.46 -0.62 -36.93
N ARG N 154 -92.38 -1.19 -38.14
CA ARG N 154 -91.39 -2.24 -38.41
C ARG N 154 -89.97 -1.74 -38.19
N GLU N 155 -89.66 -0.53 -38.67
CA GLU N 155 -88.33 0.01 -38.45
C GLU N 155 -88.05 0.18 -36.96
N GLU N 156 -89.05 0.66 -36.21
CA GLU N 156 -88.84 0.89 -34.79
C GLU N 156 -88.59 -0.42 -34.06
N ILE N 157 -89.38 -1.46 -34.33
CA ILE N 157 -89.16 -2.71 -33.62
C ILE N 157 -87.84 -3.33 -34.05
N LEU N 158 -87.47 -3.17 -35.33
CA LEU N 158 -86.20 -3.67 -35.82
C LEU N 158 -85.02 -3.03 -35.09
N ALA N 159 -85.08 -1.72 -34.88
CA ALA N 159 -84.04 -1.05 -34.11
C ALA N 159 -84.19 -1.27 -32.61
N GLY N 160 -85.32 -1.77 -32.15
CA GLY N 160 -85.57 -1.91 -30.73
C GLY N 160 -85.20 -3.24 -30.12
N PHE N 161 -85.52 -4.35 -30.79
CA PHE N 161 -85.33 -5.64 -30.11
C PHE N 161 -83.87 -5.99 -29.80
N PRO N 162 -82.86 -5.53 -30.57
CA PRO N 162 -81.48 -5.89 -30.19
C PRO N 162 -81.06 -5.35 -28.84
N CYS N 163 -81.64 -4.25 -28.38
CA CYS N 163 -81.05 -3.53 -27.25
C CYS N 163 -81.43 -4.15 -25.90
N CYS N 164 -82.70 -4.02 -25.51
CA CYS N 164 -83.14 -4.49 -24.20
C CYS N 164 -84.61 -4.90 -24.19
N ARG N 165 -85.26 -5.00 -25.36
CA ARG N 165 -86.71 -5.15 -25.38
C ARG N 165 -87.13 -6.46 -24.72
N SER N 166 -86.42 -7.54 -25.00
CA SER N 166 -86.78 -8.89 -24.53
C SER N 166 -88.21 -9.14 -24.98
N ALA N 167 -89.18 -9.24 -24.07
CA ALA N 167 -90.60 -9.34 -24.42
C ALA N 167 -90.85 -10.53 -25.33
N PRO N 168 -90.71 -11.75 -24.84
CA PRO N 168 -90.91 -12.93 -25.71
C PRO N 168 -92.34 -13.01 -26.24
N SER N 169 -92.51 -12.75 -27.53
CA SER N 169 -93.80 -12.84 -28.19
C SER N 169 -93.67 -13.68 -29.45
N ASP N 170 -92.81 -14.71 -29.37
CA ASP N 170 -92.52 -15.67 -30.42
C ASP N 170 -91.86 -15.02 -31.63
N VAL N 171 -91.56 -13.72 -31.58
CA VAL N 171 -90.71 -13.10 -32.59
C VAL N 171 -89.23 -13.29 -32.29
N ILE N 172 -88.90 -13.78 -31.08
CA ILE N 172 -87.51 -13.91 -30.65
C ILE N 172 -86.76 -14.90 -31.51
N LEU N 173 -87.46 -15.76 -32.26
CA LEU N 173 -86.78 -16.60 -33.22
C LEU N 173 -86.11 -15.78 -34.31
N VAL N 174 -86.86 -14.81 -34.87
CA VAL N 174 -86.28 -13.93 -35.88
C VAL N 174 -85.18 -13.06 -35.27
N ARG N 175 -85.41 -12.57 -34.05
CA ARG N 175 -84.38 -11.80 -33.36
C ARG N 175 -83.09 -12.62 -33.23
N ASP N 176 -83.20 -13.86 -32.79
CA ASP N 176 -82.01 -14.67 -32.57
C ASP N 176 -81.32 -14.99 -33.89
N GLU N 177 -82.11 -15.30 -34.93
CA GLU N 177 -81.51 -15.62 -36.22
C GLU N 177 -80.75 -14.42 -36.79
N ILE N 178 -81.37 -13.23 -36.74
CA ILE N 178 -80.70 -12.07 -37.31
C ILE N 178 -79.53 -11.63 -36.45
N ALA N 179 -79.63 -11.82 -35.14
CA ALA N 179 -78.48 -11.51 -34.27
C ALA N 179 -77.31 -12.41 -34.58
N LEU N 180 -77.56 -13.71 -34.80
CA LEU N 180 -76.49 -14.61 -35.20
C LEU N 180 -75.93 -14.22 -36.56
N LEU N 181 -76.80 -13.78 -37.47
CA LEU N 181 -76.31 -13.35 -38.78
C LEU N 181 -75.37 -12.16 -38.64
N HIS N 182 -75.75 -11.17 -37.84
CA HIS N 182 -74.89 -9.99 -37.69
C HIS N 182 -73.62 -10.31 -36.93
N ARG N 183 -73.69 -11.20 -35.93
CA ARG N 183 -72.49 -11.60 -35.22
C ARG N 183 -71.51 -12.33 -36.16
N TYR N 184 -72.03 -13.22 -37.00
CA TYR N 184 -71.16 -13.91 -37.96
C TYR N 184 -70.56 -12.93 -38.94
N GLN N 185 -71.35 -11.98 -39.43
CA GLN N 185 -70.82 -10.99 -40.36
C GLN N 185 -69.76 -10.14 -39.69
N SER N 186 -69.96 -9.78 -38.42
CA SER N 186 -68.98 -8.99 -37.68
C SER N 186 -67.67 -9.74 -37.54
N GLN N 187 -67.72 -11.00 -37.11
CA GLN N 187 -66.48 -11.74 -36.91
C GLN N 187 -65.77 -12.01 -38.23
N MET N 188 -66.51 -12.33 -39.28
CA MET N 188 -65.88 -12.50 -40.58
C MET N 188 -65.26 -11.20 -41.07
N LEU N 189 -65.93 -10.07 -40.84
CA LEU N 189 -65.34 -8.79 -41.20
C LEU N 189 -64.08 -8.53 -40.41
N GLY N 190 -64.05 -8.91 -39.14
CA GLY N 190 -62.84 -8.77 -38.36
C GLY N 190 -61.70 -9.61 -38.91
N TRP N 191 -61.99 -10.84 -39.31
CA TRP N 191 -60.95 -11.67 -39.93
C TRP N 191 -60.45 -11.07 -41.23
N ILE N 192 -61.38 -10.56 -42.05
CA ILE N 192 -60.97 -9.91 -43.30
C ILE N 192 -60.08 -8.72 -43.00
N LEU N 193 -60.43 -7.93 -41.99
CA LEU N 193 -59.66 -6.75 -41.63
C LEU N 193 -58.25 -7.13 -41.16
N ILE N 194 -58.14 -8.14 -40.30
CA ILE N 194 -56.83 -8.50 -39.78
C ILE N 194 -55.97 -9.12 -40.89
N THR N 195 -56.58 -9.91 -41.77
CA THR N 195 -55.82 -10.46 -42.89
C THR N 195 -55.32 -9.36 -43.81
N LEU N 196 -56.18 -8.38 -44.12
CA LEU N 196 -55.74 -7.26 -44.95
C LEU N 196 -54.66 -6.45 -44.27
N ALA N 197 -54.78 -6.25 -42.96
CA ALA N 197 -53.75 -5.52 -42.23
C ALA N 197 -52.41 -6.23 -42.29
N THR N 198 -52.41 -7.56 -42.10
CA THR N 198 -51.16 -8.31 -42.16
C THR N 198 -50.56 -8.27 -43.57
N ILE N 199 -51.39 -8.44 -44.59
CA ILE N 199 -50.89 -8.40 -45.96
C ILE N 199 -50.31 -7.03 -46.28
N ALA N 200 -51.02 -5.97 -45.86
CA ALA N 200 -50.52 -4.61 -46.10
C ALA N 200 -49.22 -4.36 -45.36
N ALA N 201 -49.10 -4.85 -44.12
CA ALA N 201 -47.86 -4.67 -43.38
C ALA N 201 -46.70 -5.37 -44.06
N LEU N 202 -46.90 -6.62 -44.49
CA LEU N 202 -45.83 -7.34 -45.16
C LEU N 202 -45.44 -6.68 -46.47
N VAL N 203 -46.44 -6.26 -47.26
CA VAL N 203 -46.15 -5.60 -48.53
C VAL N 203 -45.45 -4.28 -48.31
N SER N 204 -45.85 -3.53 -47.28
CA SER N 204 -45.23 -2.25 -46.99
C SER N 204 -43.78 -2.43 -46.56
N CYS N 205 -43.50 -3.45 -45.74
CA CYS N 205 -42.11 -3.74 -45.37
C CYS N 205 -41.29 -4.12 -46.59
N CYS N 206 -41.84 -4.95 -47.47
CA CYS N 206 -41.11 -5.32 -48.68
C CYS N 206 -40.85 -4.10 -49.57
N VAL N 207 -41.84 -3.22 -49.70
CA VAL N 207 -41.67 -2.02 -50.50
C VAL N 207 -40.64 -1.09 -49.86
N ALA N 208 -40.62 -1.02 -48.54
CA ALA N 208 -39.61 -0.21 -47.85
C ALA N 208 -38.21 -0.76 -48.12
N LYS N 209 -38.06 -2.08 -48.06
CA LYS N 209 -36.74 -2.66 -48.35
C LYS N 209 -36.34 -2.45 -49.80
N CYS N 210 -37.29 -2.59 -50.74
CA CYS N 210 -36.97 -2.41 -52.14
C CYS N 210 -36.62 -0.96 -52.47
N CYS N 211 -37.39 -0.02 -51.93
CA CYS N 211 -37.24 1.40 -52.26
C CYS N 211 -36.14 2.09 -51.45
N SER N 212 -35.60 1.44 -50.44
CA SER N 212 -34.56 2.07 -49.62
C SER N 212 -33.27 2.18 -50.42
N PRO N 213 -32.72 3.38 -50.60
CA PRO N 213 -31.45 3.47 -51.31
C PRO N 213 -30.27 2.97 -50.50
N LEU N 214 -30.34 3.09 -49.17
CA LEU N 214 -29.26 2.60 -48.32
C LEU N 214 -29.18 1.09 -48.36
N THR N 215 -27.96 0.58 -48.23
CA THR N 215 -27.78 -0.86 -48.07
C THR N 215 -28.25 -1.29 -46.68
N SER N 216 -28.32 -2.60 -46.46
CA SER N 216 -28.76 -3.10 -45.16
C SER N 216 -27.84 -2.61 -44.04
N LEU N 217 -26.53 -2.78 -44.23
CA LEU N 217 -25.57 -2.29 -43.24
C LEU N 217 -25.61 -0.77 -43.17
N GLN N 218 -25.72 -0.10 -44.31
CA GLN N 218 -25.83 1.35 -44.31
C GLN N 218 -27.11 1.81 -43.62
N HIS N 219 -28.21 1.07 -43.81
CA HIS N 219 -29.44 1.40 -43.14
C HIS N 219 -29.31 1.28 -41.62
N CYS N 220 -28.65 0.21 -41.16
CA CYS N 220 -28.41 0.05 -39.73
C CYS N 220 -27.56 1.20 -39.19
N TYR N 221 -26.50 1.56 -39.93
CA TYR N 221 -25.66 2.67 -39.52
C TYR N 221 -26.46 3.96 -39.43
N TRP N 222 -27.31 4.22 -40.42
CA TRP N 222 -28.07 5.46 -40.43
C TRP N 222 -29.07 5.53 -39.28
N THR N 223 -29.75 4.42 -38.98
CA THR N 223 -30.69 4.40 -37.87
C THR N 223 -29.97 4.69 -36.55
N SER N 224 -28.83 4.01 -36.33
CA SER N 224 -28.09 4.25 -35.10
C SER N 224 -27.54 5.67 -35.05
N HIS N 225 -27.15 6.21 -36.21
CA HIS N 225 -26.69 7.58 -36.30
C HIS N 225 -27.76 8.54 -35.82
N LEU N 226 -28.99 8.33 -36.28
CA LEU N 226 -30.08 9.24 -35.92
C LEU N 226 -30.33 9.21 -34.42
N GLN N 227 -30.48 7.99 -33.87
CA GLN N 227 -30.73 7.88 -32.43
C GLN N 227 -29.61 8.53 -31.62
N ASN N 228 -28.37 8.22 -31.98
CA ASN N 228 -27.24 8.69 -31.18
C ASN N 228 -27.07 10.19 -31.30
N GLU N 229 -27.26 10.75 -32.49
CA GLU N 229 -27.12 12.20 -32.63
C GLU N 229 -28.15 12.94 -31.80
N ARG N 230 -29.40 12.45 -31.79
CA ARG N 230 -30.40 13.15 -31.00
C ARG N 230 -30.09 13.07 -29.51
N GLU N 231 -29.70 11.87 -29.03
CA GLU N 231 -29.43 11.72 -27.60
C GLU N 231 -28.23 12.56 -27.19
N LEU N 232 -27.17 12.54 -28.00
CA LEU N 232 -25.95 13.28 -27.68
C LEU N 232 -26.23 14.77 -27.60
N PHE N 233 -26.97 15.30 -28.58
CA PHE N 233 -27.22 16.74 -28.53
C PHE N 233 -28.07 17.10 -27.33
N GLU N 234 -29.05 16.27 -26.98
CA GLU N 234 -29.85 16.57 -25.79
C GLU N 234 -28.94 16.67 -24.55
N GLN N 235 -28.10 15.65 -24.36
CA GLN N 235 -27.26 15.64 -23.16
C GLN N 235 -26.31 16.84 -23.13
N ALA N 236 -25.63 17.11 -24.22
CA ALA N 236 -24.63 18.16 -24.19
C ALA N 236 -25.26 19.55 -24.21
N ALA N 237 -26.48 19.68 -24.74
CA ALA N 237 -27.19 20.95 -24.58
C ALA N 237 -27.48 21.19 -23.11
N GLU N 238 -27.92 20.15 -22.40
CA GLU N 238 -28.08 20.27 -20.95
C GLU N 238 -26.78 20.70 -20.28
N GLN N 239 -25.67 20.04 -20.63
CA GLN N 239 -24.40 20.32 -19.95
C GLN N 239 -23.85 21.71 -20.31
N HIS N 240 -23.98 22.12 -21.58
CA HIS N 240 -23.58 23.46 -21.97
C HIS N 240 -24.35 24.53 -21.22
N SER N 241 -25.68 24.38 -21.12
CA SER N 241 -26.42 25.40 -20.40
C SER N 241 -26.09 25.37 -18.92
N ARG N 242 -25.83 24.18 -18.37
CA ARG N 242 -25.41 24.11 -16.97
C ARG N 242 -24.11 24.87 -16.77
N LEU N 243 -23.13 24.69 -17.65
CA LEU N 243 -21.87 25.40 -17.52
C LEU N 243 -22.05 26.91 -17.67
N LEU N 244 -22.85 27.34 -18.65
CA LEU N 244 -23.03 28.77 -18.87
C LEU N 244 -23.71 29.42 -17.66
N MET N 245 -24.77 28.80 -17.16
CA MET N 245 -25.44 29.35 -15.99
C MET N 245 -24.54 29.30 -14.77
N MET N 246 -23.72 28.25 -14.66
CA MET N 246 -22.82 28.13 -13.52
C MET N 246 -21.79 29.26 -13.52
N HIS N 247 -21.25 29.59 -14.70
CA HIS N 247 -20.38 30.75 -14.79
C HIS N 247 -21.11 32.04 -14.46
N ARG N 248 -22.36 32.17 -14.92
CA ARG N 248 -23.13 33.37 -14.61
C ARG N 248 -23.31 33.55 -13.11
N ILE N 249 -23.66 32.47 -12.42
CA ILE N 249 -23.92 32.58 -10.99
C ILE N 249 -22.61 32.64 -10.21
N LYS N 250 -21.52 32.13 -10.79
CA LYS N 250 -20.20 32.40 -10.22
C LYS N 250 -19.92 33.89 -10.23
N LYS N 251 -20.27 34.57 -11.32
CA LYS N 251 -20.20 36.02 -11.33
C LYS N 251 -21.12 36.62 -10.28
N LEU N 252 -22.32 36.07 -10.15
CA LEU N 252 -23.34 36.63 -9.26
C LEU N 252 -22.94 36.55 -7.79
N PHE N 253 -22.55 35.36 -7.32
CA PHE N 253 -22.29 35.10 -5.92
C PHE N 253 -20.82 34.97 -5.57
N GLY N 254 -19.93 35.16 -6.54
CA GLY N 254 -18.51 35.10 -6.25
C GLY N 254 -17.94 33.70 -6.08
N PHE N 255 -18.71 32.66 -6.37
CA PHE N 255 -18.21 31.30 -6.27
C PHE N 255 -18.98 30.38 -7.20
N ILE N 256 -18.35 29.28 -7.56
CA ILE N 256 -19.03 28.24 -8.33
C ILE N 256 -19.83 27.35 -7.38
N PRO N 257 -21.08 27.03 -7.70
CA PRO N 257 -21.88 26.19 -6.81
C PRO N 257 -21.31 24.78 -6.65
N GLY N 258 -21.54 24.21 -5.47
CA GLY N 258 -21.11 22.85 -5.19
C GLY N 258 -19.63 22.67 -4.95
N SER N 259 -18.91 23.73 -4.60
CA SER N 259 -17.48 23.66 -4.36
C SER N 259 -17.13 24.48 -3.12
N GLU N 260 -15.90 24.27 -2.64
CA GLU N 260 -15.44 24.87 -1.39
C GLU N 260 -15.27 26.38 -1.57
N ASP N 261 -16.15 27.18 -0.97
CA ASP N 261 -16.16 28.62 -1.19
C ASP N 261 -15.91 29.42 0.09
N VAL N 262 -15.38 28.81 1.15
CA VAL N 262 -15.09 29.56 2.37
C VAL N 262 -14.03 30.62 2.15
N LYS N 263 -13.35 30.61 1.01
CA LYS N 263 -12.35 31.63 0.73
C LYS N 263 -13.00 33.00 0.58
N HIS N 264 -14.05 33.10 -0.23
CA HIS N 264 -14.66 34.39 -0.50
C HIS N 264 -16.16 34.20 -0.75
N ILE N 265 -16.93 35.24 -0.42
CA ILE N 265 -18.36 35.29 -0.68
C ILE N 265 -18.69 36.68 -1.22
N ARG N 266 -19.84 36.79 -1.87
CA ARG N 266 -20.26 38.04 -2.49
C ARG N 266 -21.54 38.54 -1.82
N ILE N 267 -21.77 39.83 -1.93
CA ILE N 267 -23.01 40.47 -1.51
C ILE N 267 -23.65 41.11 -2.72
N PRO N 268 -24.67 40.48 -3.31
CA PRO N 268 -25.27 41.01 -4.53
C PRO N 268 -25.90 42.37 -4.28
N SER N 269 -25.83 43.24 -5.29
CA SER N 269 -26.50 44.52 -5.28
C SER N 269 -27.86 44.41 -5.96
N CYS N 270 -28.74 45.37 -5.66
CA CYS N 270 -30.10 45.31 -6.18
C CYS N 270 -30.09 45.38 -7.71
N GLN N 271 -29.25 46.24 -8.27
CA GLN N 271 -29.14 46.32 -9.71
C GLN N 271 -28.54 45.01 -10.26
N ASP N 272 -27.64 44.39 -9.51
CA ASP N 272 -27.13 43.08 -9.92
C ASP N 272 -28.22 42.02 -9.81
N TRP N 273 -29.06 42.10 -8.77
CA TRP N 273 -30.24 41.23 -8.69
C TRP N 273 -31.13 41.42 -9.92
N LYS N 274 -31.18 42.64 -10.46
CA LYS N 274 -31.92 42.84 -11.71
C LYS N 274 -31.20 42.13 -12.85
N ASP N 275 -29.86 42.24 -12.91
CA ASP N 275 -29.15 41.64 -14.05
C ASP N 275 -29.34 40.13 -14.09
N ILE N 276 -29.26 39.46 -12.94
CA ILE N 276 -29.44 38.00 -12.96
C ILE N 276 -30.86 37.64 -13.37
N SER N 277 -31.85 38.41 -12.93
CA SER N 277 -33.23 38.17 -13.31
C SER N 277 -33.44 38.40 -14.81
N LEU O 6 -31.08 2.43 -9.97
CA LEU O 6 -32.19 2.34 -10.91
C LEU O 6 -33.17 3.49 -10.67
N ASN O 7 -32.97 4.20 -9.57
CA ASN O 7 -33.79 5.37 -9.26
C ASN O 7 -33.63 6.43 -10.35
N ASN O 8 -32.40 6.63 -10.84
CA ASN O 8 -32.18 7.57 -11.93
C ASN O 8 -32.92 7.15 -13.18
N ILE O 9 -32.93 5.84 -13.47
CA ILE O 9 -33.70 5.34 -14.61
C ILE O 9 -35.19 5.61 -14.40
N VAL O 10 -35.67 5.42 -13.17
CA VAL O 10 -37.07 5.71 -12.87
C VAL O 10 -37.38 7.18 -13.10
N SER O 11 -36.48 8.07 -12.67
CA SER O 11 -36.68 9.50 -12.91
C SER O 11 -36.71 9.81 -14.40
N SER O 12 -35.83 9.18 -15.17
CA SER O 12 -35.82 9.40 -16.62
C SER O 12 -37.14 8.97 -17.24
N LEU O 13 -37.70 7.86 -16.77
CA LEU O 13 -39.01 7.42 -17.24
C LEU O 13 -40.10 8.42 -16.88
N GLN O 14 -40.04 8.98 -15.67
CA GLN O 14 -41.04 9.97 -15.27
C GLN O 14 -40.93 11.22 -16.14
N ARG O 15 -39.73 11.52 -16.63
CA ARG O 15 -39.54 12.73 -17.43
C ARG O 15 -40.42 12.73 -18.67
N ASN O 16 -40.88 11.55 -19.10
CA ASN O 16 -41.84 11.44 -20.19
C ASN O 16 -43.22 11.80 -19.66
N GLY O 17 -43.91 12.69 -20.36
CA GLY O 17 -45.21 13.14 -19.90
C GLY O 17 -46.30 12.11 -20.01
N ILE O 18 -46.10 11.07 -20.83
CA ILE O 18 -47.14 10.07 -21.04
C ILE O 18 -47.45 9.33 -19.75
N PHE O 19 -46.41 8.92 -19.02
CA PHE O 19 -46.65 8.19 -17.78
C PHE O 19 -47.36 9.04 -16.75
N ILE O 20 -46.92 10.28 -16.57
CA ILE O 20 -47.54 11.13 -15.55
C ILE O 20 -48.99 11.46 -15.92
N ASN O 21 -49.24 11.76 -17.20
CA ASN O 21 -50.61 12.04 -17.62
C ASN O 21 -51.49 10.82 -17.45
N SER O 22 -50.97 9.62 -17.75
CA SER O 22 -51.74 8.41 -17.53
C SER O 22 -52.03 8.20 -16.06
N LEU O 23 -51.05 8.49 -15.19
CA LEU O 23 -51.25 8.34 -13.76
C LEU O 23 -52.31 9.31 -13.26
N ILE O 24 -52.29 10.55 -13.75
CA ILE O 24 -53.31 11.52 -13.37
C ILE O 24 -54.69 11.08 -13.83
N ALA O 25 -54.78 10.57 -15.06
CA ALA O 25 -56.08 10.12 -15.56
C ALA O 25 -56.60 8.92 -14.76
N ALA O 26 -55.71 7.98 -14.40
CA ALA O 26 -56.14 6.84 -13.60
C ALA O 26 -56.61 7.27 -12.22
N LEU O 27 -55.90 8.21 -11.59
CA LEU O 27 -56.36 8.71 -10.30
C LEU O 27 -57.70 9.41 -10.43
N THR O 28 -57.90 10.17 -11.51
CA THR O 28 -59.19 10.83 -11.71
C THR O 28 -60.30 9.81 -11.87
N ILE O 29 -60.05 8.73 -12.61
CA ILE O 29 -61.06 7.70 -12.80
C ILE O 29 -61.42 7.04 -11.48
N GLY O 30 -60.41 6.65 -10.70
CA GLY O 30 -60.68 6.01 -9.43
C GLY O 30 -61.40 6.92 -8.46
N GLY O 31 -60.96 8.18 -8.37
CA GLY O 31 -61.61 9.13 -7.49
C GLY O 31 -63.04 9.39 -7.91
N GLN O 32 -63.29 9.50 -9.22
CA GLN O 32 -64.66 9.69 -9.69
C GLN O 32 -65.52 8.48 -9.35
N GLN O 33 -64.99 7.27 -9.52
CA GLN O 33 -65.76 6.08 -9.17
C GLN O 33 -66.16 6.12 -7.70
N LEU O 34 -65.20 6.34 -6.81
CA LEU O 34 -65.53 6.34 -5.39
C LEU O 34 -66.49 7.48 -5.06
N PHE O 35 -66.24 8.67 -5.58
CA PHE O 35 -67.05 9.84 -5.24
C PHE O 35 -68.49 9.67 -5.71
N SER O 36 -68.67 9.25 -6.96
CA SER O 36 -70.02 9.11 -7.50
C SER O 36 -70.75 7.95 -6.84
N SER O 37 -70.10 6.80 -6.67
CA SER O 37 -70.77 5.67 -6.05
C SER O 37 -71.04 5.91 -4.58
N SER O 38 -70.37 6.89 -3.96
CA SER O 38 -70.60 7.14 -2.54
C SER O 38 -71.67 8.21 -2.32
N THR O 39 -71.48 9.41 -2.87
CA THR O 39 -72.28 10.56 -2.44
C THR O 39 -72.94 11.27 -3.61
N PHE O 40 -73.59 10.55 -4.51
CA PHE O 40 -74.35 11.25 -5.54
C PHE O 40 -75.74 11.64 -5.04
N SER O 41 -76.57 10.64 -4.76
CA SER O 41 -77.91 10.84 -4.19
C SER O 41 -78.71 11.91 -4.96
N CYS O 42 -79.04 11.58 -6.19
CA CYS O 42 -79.77 12.50 -7.06
C CYS O 42 -81.06 12.96 -6.40
N PRO O 43 -81.28 14.26 -6.25
CA PRO O 43 -82.49 14.74 -5.59
C PRO O 43 -83.71 14.64 -6.48
N CYS O 44 -84.87 14.72 -5.84
CA CYS O 44 -86.14 14.66 -6.53
C CYS O 44 -86.83 16.01 -6.59
N GLN O 45 -86.12 17.08 -6.22
CA GLN O 45 -86.73 18.38 -6.09
C GLN O 45 -87.19 18.90 -7.45
N VAL O 46 -88.44 19.35 -7.51
CA VAL O 46 -88.99 19.85 -8.77
C VAL O 46 -88.36 21.18 -9.15
N GLY O 47 -88.16 22.07 -8.18
CA GLY O 47 -87.67 23.41 -8.46
C GLY O 47 -86.28 23.46 -9.05
N LYS O 48 -85.30 23.00 -8.29
CA LYS O 48 -83.90 23.08 -8.67
C LYS O 48 -83.29 21.68 -8.65
N ASN O 49 -83.13 21.09 -9.82
CA ASN O 49 -82.50 19.79 -9.96
C ASN O 49 -81.43 19.85 -11.04
N PHE O 50 -81.58 20.80 -11.98
CA PHE O 50 -80.55 21.02 -12.97
C PHE O 50 -79.26 21.52 -12.34
N TYR O 51 -79.38 22.40 -11.33
CA TYR O 51 -78.19 22.92 -10.67
C TYR O 51 -77.40 21.80 -10.00
N TYR O 52 -78.08 20.81 -9.44
CA TYR O 52 -77.38 19.74 -8.75
C TYR O 52 -76.48 18.97 -9.70
N GLY O 53 -77.05 18.49 -10.81
CA GLY O 53 -76.25 17.75 -11.77
C GLY O 53 -75.20 18.62 -12.44
N SER O 54 -75.55 19.86 -12.77
CA SER O 54 -74.58 20.74 -13.41
C SER O 54 -73.40 21.01 -12.49
N ALA O 55 -73.66 21.22 -11.20
CA ALA O 55 -72.56 21.40 -10.26
C ALA O 55 -71.72 20.15 -10.15
N PHE O 56 -72.35 19.00 -9.91
CA PHE O 56 -71.61 17.76 -9.79
C PHE O 56 -70.84 17.41 -11.05
N LEU O 57 -71.20 17.99 -12.20
CA LEU O 57 -70.55 17.68 -13.46
C LEU O 57 -69.47 18.68 -13.85
N VAL O 58 -69.64 19.96 -13.53
CA VAL O 58 -68.71 20.99 -13.98
C VAL O 58 -67.78 21.45 -12.86
N ILE O 59 -68.27 21.55 -11.62
CA ILE O 59 -67.44 22.11 -10.55
C ILE O 59 -66.18 21.30 -10.31
N PRO O 60 -66.23 19.96 -10.18
CA PRO O 60 -64.97 19.22 -10.05
C PRO O 60 -64.03 19.42 -11.23
N ALA O 61 -64.57 19.50 -12.45
CA ALA O 61 -63.71 19.73 -13.60
C ALA O 61 -63.05 21.10 -13.52
N LEU O 62 -63.81 22.12 -13.13
CA LEU O 62 -63.24 23.46 -12.99
C LEU O 62 -62.17 23.50 -11.90
N ILE O 63 -62.42 22.83 -10.78
CA ILE O 63 -61.44 22.78 -9.70
C ILE O 63 -60.17 22.08 -10.15
N LEU O 64 -60.31 20.95 -10.86
CA LEU O 64 -59.13 20.24 -11.32
C LEU O 64 -58.35 21.06 -12.34
N LEU O 65 -59.05 21.78 -13.21
CA LEU O 65 -58.38 22.66 -14.16
C LEU O 65 -57.58 23.74 -13.44
N VAL O 66 -58.22 24.40 -12.46
CA VAL O 66 -57.54 25.46 -11.73
C VAL O 66 -56.36 24.90 -10.94
N ALA O 67 -56.51 23.71 -10.35
CA ALA O 67 -55.41 23.10 -9.63
C ALA O 67 -54.25 22.76 -10.55
N GLY O 68 -54.55 22.22 -11.73
CA GLY O 68 -53.49 21.90 -12.67
C GLY O 68 -52.73 23.12 -13.13
N PHE O 69 -53.43 24.23 -13.33
CA PHE O 69 -52.74 25.47 -13.72
C PHE O 69 -51.96 26.07 -12.56
N ALA O 70 -52.56 26.14 -11.37
CA ALA O 70 -51.94 26.88 -10.28
C ALA O 70 -50.80 26.11 -9.64
N LEU O 71 -50.93 24.79 -9.49
CA LEU O 71 -49.91 24.01 -8.79
C LEU O 71 -48.58 24.00 -9.51
N ARG O 72 -48.55 24.40 -10.79
CA ARG O 72 -47.30 24.48 -11.53
C ARG O 72 -46.63 25.83 -11.29
N SER O 73 -45.42 25.80 -10.73
CA SER O 73 -44.70 27.04 -10.43
C SER O 73 -44.31 27.79 -11.69
N GLN O 74 -44.12 27.07 -12.80
CA GLN O 74 -43.83 27.75 -14.06
C GLN O 74 -44.95 28.70 -14.43
N MET O 75 -46.20 28.34 -14.11
CA MET O 75 -47.31 29.25 -14.36
C MET O 75 -47.19 30.52 -13.54
N TRP O 76 -46.77 30.42 -12.28
CA TRP O 76 -46.58 31.63 -11.49
C TRP O 76 -45.47 32.48 -12.08
N THR O 77 -44.40 31.85 -12.58
CA THR O 77 -43.33 32.62 -13.21
C THR O 77 -43.82 33.33 -14.47
N ILE O 78 -44.64 32.64 -15.28
CA ILE O 78 -45.18 33.26 -16.50
C ILE O 78 -46.07 34.44 -16.14
N THR O 79 -46.94 34.26 -15.14
CA THR O 79 -47.83 35.34 -14.74
C THR O 79 -47.03 36.52 -14.19
N GLY O 80 -45.96 36.25 -13.45
CA GLY O 80 -45.10 37.32 -12.97
C GLY O 80 -44.43 38.07 -14.11
N GLU O 81 -43.99 37.34 -15.14
CA GLU O 81 -43.38 38.00 -16.30
C GLU O 81 -44.39 38.86 -17.04
N TYR O 82 -45.59 38.33 -17.29
CA TYR O 82 -46.58 39.06 -18.06
C TYR O 82 -47.13 40.25 -17.29
N CYS O 83 -47.41 40.07 -16.00
CA CYS O 83 -47.95 41.15 -15.18
C CYS O 83 -46.98 42.31 -15.06
N PRO O 95 -42.66 40.38 -29.35
CA PRO O 95 -41.35 39.85 -29.72
C PRO O 95 -41.14 38.41 -29.26
N LEU O 96 -39.88 37.99 -29.12
CA LEU O 96 -39.60 36.60 -28.79
C LEU O 96 -40.01 36.25 -27.36
N GLU O 97 -40.00 37.22 -26.45
CA GLU O 97 -40.42 36.94 -25.08
C GLU O 97 -41.88 36.51 -25.03
N CYS O 98 -42.74 37.15 -25.82
CA CYS O 98 -44.15 36.75 -25.85
C CYS O 98 -44.29 35.32 -26.36
N LYS O 99 -43.59 34.97 -27.43
CA LYS O 99 -43.71 33.62 -27.97
C LYS O 99 -43.17 32.60 -26.98
N LEU O 100 -42.09 32.93 -26.28
CA LEU O 100 -41.52 32.01 -25.30
C LEU O 100 -42.48 31.79 -24.13
N ALA O 101 -43.11 32.87 -23.67
CA ALA O 101 -44.11 32.73 -22.62
C ALA O 101 -45.30 31.90 -23.09
N CYS O 102 -45.73 32.10 -24.33
CA CYS O 102 -46.83 31.31 -24.88
C CYS O 102 -46.46 29.83 -24.94
N LEU O 103 -45.22 29.53 -25.34
CA LEU O 103 -44.78 28.14 -25.39
C LEU O 103 -44.78 27.51 -24.00
N ARG O 104 -44.31 28.25 -23.00
CA ARG O 104 -44.32 27.71 -21.64
C ARG O 104 -45.76 27.52 -21.14
N PHE O 105 -46.65 28.45 -21.48
CA PHE O 105 -48.05 28.31 -21.12
C PHE O 105 -48.64 27.05 -21.74
N PHE O 106 -48.30 26.79 -23.00
CA PHE O 106 -48.78 25.57 -23.67
C PHE O 106 -48.26 24.32 -22.97
N SER O 107 -46.98 24.32 -22.60
CA SER O 107 -46.40 23.17 -21.90
C SER O 107 -47.12 22.92 -20.59
N ILE O 108 -47.53 23.99 -19.90
CA ILE O 108 -48.32 23.83 -18.69
C ILE O 108 -49.72 23.32 -19.03
N THR O 109 -50.30 23.85 -20.11
CA THR O 109 -51.67 23.54 -20.50
C THR O 109 -51.84 22.06 -20.81
N GLY O 110 -50.77 21.39 -21.25
CA GLY O 110 -50.87 19.95 -21.45
C GLY O 110 -51.43 19.22 -20.24
N ARG O 111 -50.75 19.35 -19.10
CA ARG O 111 -51.25 18.73 -17.87
C ARG O 111 -52.53 19.38 -17.39
N ALA O 112 -52.61 20.72 -17.49
CA ALA O 112 -53.82 21.38 -17.00
C ALA O 112 -55.06 20.91 -17.74
N VAL O 113 -54.90 20.39 -18.95
CA VAL O 113 -56.02 19.90 -19.73
C VAL O 113 -56.26 18.42 -19.50
N ILE O 114 -55.20 17.61 -19.37
CA ILE O 114 -55.44 16.18 -19.15
C ILE O 114 -56.08 15.98 -17.78
N ALA O 115 -55.92 16.93 -16.85
CA ALA O 115 -56.48 16.71 -15.52
C ALA O 115 -58.01 16.63 -15.50
N PRO O 116 -58.76 17.60 -16.05
CA PRO O 116 -60.23 17.52 -15.94
C PRO O 116 -60.91 16.80 -17.09
N LEU O 117 -60.25 16.66 -18.23
CA LEU O 117 -60.88 15.99 -19.36
C LEU O 117 -61.24 14.55 -19.00
N THR O 118 -60.40 13.90 -18.20
CA THR O 118 -60.73 12.56 -17.73
C THR O 118 -62.02 12.56 -16.92
N TRP O 119 -62.17 13.55 -16.03
CA TRP O 119 -63.39 13.63 -15.23
C TRP O 119 -64.61 13.81 -16.11
N LEU O 120 -64.55 14.77 -17.03
CA LEU O 120 -65.71 15.01 -17.89
C LEU O 120 -66.03 13.79 -18.73
N ALA O 121 -65.01 13.16 -19.32
CA ALA O 121 -65.26 11.99 -20.16
C ALA O 121 -65.88 10.86 -19.36
N VAL O 122 -65.33 10.55 -18.19
CA VAL O 122 -65.86 9.44 -17.42
C VAL O 122 -67.28 9.73 -16.95
N THR O 123 -67.53 10.96 -16.47
CA THR O 123 -68.87 11.27 -15.98
C THR O 123 -69.90 11.24 -17.09
N LEU O 124 -69.56 11.77 -18.26
CA LEU O 124 -70.51 11.74 -19.38
C LEU O 124 -70.74 10.31 -19.86
N LEU O 125 -69.68 9.50 -19.95
CA LEU O 125 -69.85 8.13 -20.43
C LEU O 125 -70.68 7.31 -19.46
N THR O 126 -70.48 7.50 -18.15
CA THR O 126 -71.36 6.84 -17.19
C THR O 126 -72.80 7.34 -17.34
N GLY O 127 -72.97 8.64 -17.56
CA GLY O 127 -74.25 9.20 -17.93
C GLY O 127 -75.17 9.52 -16.78
N THR O 128 -74.87 9.06 -15.57
CA THR O 128 -75.79 9.31 -14.45
C THR O 128 -75.85 10.78 -14.09
N TYR O 129 -74.70 11.47 -14.13
CA TYR O 129 -74.69 12.90 -13.83
C TYR O 129 -75.53 13.68 -14.83
N TYR O 130 -75.37 13.39 -16.12
CA TYR O 130 -76.12 14.10 -17.14
C TYR O 130 -77.61 13.79 -17.03
N GLU O 131 -77.94 12.55 -16.70
CA GLU O 131 -79.34 12.20 -16.51
C GLU O 131 -79.96 13.00 -15.37
N CYS O 132 -79.31 12.99 -14.21
CA CYS O 132 -79.84 13.74 -13.06
C CYS O 132 -79.86 15.24 -13.34
N ALA O 133 -79.00 15.71 -14.23
CA ALA O 133 -78.96 17.15 -14.51
C ALA O 133 -80.08 17.55 -15.46
N ALA O 134 -80.19 16.88 -16.60
CA ALA O 134 -81.12 17.29 -17.65
C ALA O 134 -82.37 16.42 -17.72
N SER O 135 -82.75 15.77 -16.61
CA SER O 135 -84.00 15.03 -16.61
C SER O 135 -85.21 15.93 -16.86
N GLU O 136 -85.26 17.07 -16.17
CA GLU O 136 -86.47 17.88 -16.21
C GLU O 136 -86.69 18.57 -17.55
N PHE O 137 -85.70 18.61 -18.42
CA PHE O 137 -85.82 19.27 -19.71
C PHE O 137 -86.35 18.34 -20.79
N ALA O 138 -86.85 17.16 -20.41
CA ALA O 138 -87.40 16.22 -21.37
C ALA O 138 -88.70 16.73 -21.98
N SER O 139 -88.93 16.36 -23.23
CA SER O 139 -90.15 16.73 -23.92
C SER O 139 -91.29 15.78 -23.57
N VAL O 140 -92.53 16.28 -23.69
CA VAL O 140 -93.72 15.50 -23.40
C VAL O 140 -94.69 15.44 -24.58
N ASP O 141 -94.40 16.13 -25.68
CA ASP O 141 -95.30 16.13 -26.82
C ASP O 141 -95.42 14.74 -27.44
N HIS O 142 -94.30 14.02 -27.52
CA HIS O 142 -94.31 12.70 -28.12
C HIS O 142 -95.21 11.73 -27.35
N TYR O 143 -95.24 11.87 -26.02
CA TYR O 143 -95.93 10.91 -25.18
C TYR O 143 -97.33 11.41 -24.86
N PRO O 144 -98.38 10.74 -25.32
CA PRO O 144 -99.74 11.21 -25.01
C PRO O 144 -100.09 11.07 -23.54
N MET O 145 -99.35 10.27 -22.76
CA MET O 145 -99.67 10.08 -21.35
C MET O 145 -99.41 11.32 -20.52
N PHE O 146 -98.67 12.30 -21.04
CA PHE O 146 -98.29 13.49 -20.29
C PHE O 146 -99.11 14.71 -20.69
N ASP O 147 -100.40 14.54 -20.96
CA ASP O 147 -101.26 15.68 -21.27
C ASP O 147 -101.28 16.66 -20.11
N ASN O 148 -101.88 16.25 -18.98
CA ASN O 148 -101.83 16.99 -17.72
C ASN O 148 -102.17 18.47 -17.89
N VAL O 149 -103.44 18.71 -18.22
CA VAL O 149 -103.97 20.05 -18.45
C VAL O 149 -103.61 20.99 -17.30
N SER O 150 -103.31 20.43 -16.12
CA SER O 150 -102.84 21.25 -15.01
C SER O 150 -101.52 21.94 -15.33
N ALA O 151 -100.67 21.30 -16.12
CA ALA O 151 -99.41 21.84 -16.61
C ALA O 151 -98.41 22.17 -15.50
N SER O 152 -98.68 21.74 -14.27
CA SER O 152 -97.74 21.89 -13.17
C SER O 152 -97.39 20.56 -12.52
N LYS O 153 -98.36 19.66 -12.38
CA LYS O 153 -98.07 18.33 -11.87
C LYS O 153 -97.16 17.57 -12.83
N ARG O 154 -97.34 17.79 -14.14
CA ARG O 154 -96.50 17.11 -15.14
C ARG O 154 -95.03 17.44 -14.95
N GLU O 155 -94.70 18.70 -14.72
CA GLU O 155 -93.32 19.07 -14.48
C GLU O 155 -92.77 18.37 -13.24
N GLU O 156 -93.58 18.32 -12.18
CA GLU O 156 -93.11 17.70 -10.95
C GLU O 156 -92.86 16.21 -11.13
N ILE O 157 -93.78 15.49 -11.79
CA ILE O 157 -93.53 14.06 -11.97
C ILE O 157 -92.36 13.84 -12.91
N LEU O 158 -92.21 14.70 -13.92
CA LEU O 158 -91.08 14.60 -14.84
C LEU O 158 -89.75 14.74 -14.11
N ALA O 159 -89.66 15.70 -13.20
CA ALA O 159 -88.46 15.84 -12.40
C ALA O 159 -88.36 14.82 -11.28
N GLY O 160 -89.44 14.11 -10.98
CA GLY O 160 -89.46 13.19 -9.87
C GLY O 160 -89.10 11.75 -10.19
N PHE O 161 -89.62 11.21 -11.30
CA PHE O 161 -89.43 9.77 -11.50
C PHE O 161 -87.97 9.35 -11.73
N PRO O 162 -87.08 10.18 -12.28
CA PRO O 162 -85.69 9.71 -12.44
C PRO O 162 -84.99 9.40 -11.12
N CYS O 163 -85.39 10.04 -10.02
CA CYS O 163 -84.56 9.99 -8.81
C CYS O 163 -84.75 8.71 -8.02
N CYS O 164 -85.92 8.57 -7.38
CA CYS O 164 -86.17 7.42 -6.50
C CYS O 164 -87.64 7.04 -6.46
N ARG O 165 -88.48 7.60 -7.32
CA ARG O 165 -89.93 7.44 -7.16
C ARG O 165 -90.35 5.99 -7.28
N SER O 166 -89.79 5.28 -8.25
CA SER O 166 -90.17 3.89 -8.55
C SER O 166 -91.68 3.90 -8.78
N ALA O 167 -92.49 3.28 -7.93
CA ALA O 167 -93.94 3.35 -7.99
C ALA O 167 -94.45 2.88 -9.35
N PRO O 168 -94.33 1.60 -9.67
CA PRO O 168 -94.79 1.13 -10.98
C PRO O 168 -96.28 1.31 -11.18
N SER O 169 -96.64 2.25 -12.05
CA SER O 169 -98.04 2.52 -12.38
C SER O 169 -98.19 2.54 -13.90
N ASP O 170 -97.43 1.68 -14.58
CA ASP O 170 -97.41 1.49 -16.02
C ASP O 170 -96.90 2.73 -16.75
N VAL O 171 -96.48 3.78 -16.03
CA VAL O 171 -95.77 4.88 -16.67
C VAL O 171 -94.29 4.59 -16.81
N ILE O 172 -93.80 3.52 -16.17
CA ILE O 172 -92.38 3.21 -16.17
C ILE O 172 -91.87 2.89 -17.56
N LEU O 173 -92.75 2.60 -18.50
CA LEU O 173 -92.32 2.45 -19.89
C LEU O 173 -91.79 3.78 -20.42
N VAL O 174 -92.53 4.87 -20.19
CA VAL O 174 -92.06 6.19 -20.62
C VAL O 174 -90.80 6.58 -19.86
N ARG O 175 -90.77 6.29 -18.55
CA ARG O 175 -89.57 6.57 -17.76
C ARG O 175 -88.36 5.87 -18.36
N ASP O 176 -88.50 4.57 -18.67
CA ASP O 176 -87.36 3.81 -19.18
C ASP O 176 -86.94 4.32 -20.55
N GLU O 177 -87.91 4.63 -21.41
CA GLU O 177 -87.57 5.12 -22.75
C GLU O 177 -86.83 6.44 -22.67
N ILE O 178 -87.33 7.38 -21.86
CA ILE O 178 -86.68 8.68 -21.79
C ILE O 178 -85.33 8.58 -21.07
N ALA O 179 -85.22 7.68 -20.09
CA ALA O 179 -83.92 7.47 -19.44
C ALA O 179 -82.90 6.93 -20.43
N LEU O 180 -83.29 5.99 -21.27
CA LEU O 180 -82.38 5.51 -22.31
C LEU O 180 -82.04 6.61 -23.29
N LEU O 181 -83.00 7.46 -23.63
CA LEU O 181 -82.72 8.58 -24.51
C LEU O 181 -81.67 9.50 -23.92
N HIS O 182 -81.81 9.86 -22.65
CA HIS O 182 -80.85 10.75 -22.03
C HIS O 182 -79.50 10.10 -21.83
N ARG O 183 -79.48 8.80 -21.52
CA ARG O 183 -78.20 8.09 -21.40
C ARG O 183 -77.47 8.06 -22.74
N TYR O 184 -78.20 7.79 -23.83
CA TYR O 184 -77.57 7.78 -25.14
C TYR O 184 -77.06 9.17 -25.50
N GLN O 185 -77.85 10.20 -25.21
CA GLN O 185 -77.40 11.56 -25.50
C GLN O 185 -76.17 11.90 -24.69
N SER O 186 -76.12 11.47 -23.42
CA SER O 186 -74.97 11.73 -22.58
C SER O 186 -73.72 11.07 -23.14
N GLN O 187 -73.80 9.79 -23.48
CA GLN O 187 -72.61 9.10 -23.96
C GLN O 187 -72.16 9.65 -25.33
N MET O 188 -73.11 9.97 -26.21
CA MET O 188 -72.72 10.58 -27.47
C MET O 188 -72.08 11.93 -27.26
N LEU O 189 -72.59 12.71 -26.30
CA LEU O 189 -71.98 14.00 -25.99
C LEU O 189 -70.57 13.81 -25.45
N GLY O 190 -70.37 12.76 -24.65
CA GLY O 190 -69.02 12.47 -24.17
C GLY O 190 -68.06 12.12 -25.29
N TRP O 191 -68.53 11.33 -26.26
CA TRP O 191 -67.68 11.02 -27.41
C TRP O 191 -67.38 12.27 -28.23
N ILE O 192 -68.38 13.13 -28.42
CA ILE O 192 -68.14 14.38 -29.13
C ILE O 192 -67.11 15.22 -28.39
N LEU O 193 -67.22 15.28 -27.07
CA LEU O 193 -66.30 16.08 -26.27
C LEU O 193 -64.87 15.53 -26.37
N ILE O 194 -64.70 14.22 -26.26
CA ILE O 194 -63.35 13.66 -26.30
C ILE O 194 -62.75 13.80 -27.70
N THR O 195 -63.56 13.63 -28.75
CA THR O 195 -63.07 13.84 -30.10
C THR O 195 -62.63 15.28 -30.31
N LEU O 196 -63.45 16.24 -29.85
CA LEU O 196 -63.07 17.64 -29.97
C LEU O 196 -61.81 17.95 -29.17
N ALA O 197 -61.69 17.36 -27.98
CA ALA O 197 -60.49 17.58 -27.18
C ALA O 197 -59.24 17.06 -27.88
N THR O 198 -59.32 15.86 -28.47
CA THR O 198 -58.18 15.32 -29.18
C THR O 198 -57.82 16.16 -30.40
N ILE O 199 -58.83 16.57 -31.16
CA ILE O 199 -58.57 17.40 -32.34
C ILE O 199 -57.94 18.73 -31.93
N ALA O 200 -58.47 19.35 -30.87
CA ALA O 200 -57.92 20.60 -30.39
C ALA O 200 -56.48 20.43 -29.91
N ALA O 201 -56.20 19.32 -29.21
CA ALA O 201 -54.84 19.09 -28.74
C ALA O 201 -53.88 18.93 -29.91
N LEU O 202 -54.25 18.14 -30.92
CA LEU O 202 -53.37 17.96 -32.06
C LEU O 202 -53.16 19.26 -32.82
N VAL O 203 -54.23 20.02 -33.04
CA VAL O 203 -54.12 21.30 -33.75
C VAL O 203 -53.27 22.28 -32.95
N SER O 204 -53.44 22.30 -31.62
CA SER O 204 -52.66 23.20 -30.79
C SER O 204 -51.18 22.84 -30.82
N CYS O 205 -50.86 21.54 -30.80
CA CYS O 205 -49.46 21.14 -30.91
C CYS O 205 -48.88 21.53 -32.26
N CYS O 206 -49.65 21.34 -33.33
CA CYS O 206 -49.17 21.74 -34.65
C CYS O 206 -48.96 23.25 -34.74
N VAL O 207 -49.88 24.02 -34.16
CA VAL O 207 -49.74 25.48 -34.16
C VAL O 207 -48.55 25.91 -33.33
N ALA O 208 -48.30 25.21 -32.22
CA ALA O 208 -47.12 25.52 -31.41
C ALA O 208 -45.84 25.27 -32.19
N LYS O 209 -45.78 24.15 -32.92
CA LYS O 209 -44.60 23.86 -33.72
C LYS O 209 -44.44 24.87 -34.86
N CYS O 210 -45.54 25.26 -35.51
CA CYS O 210 -45.44 26.22 -36.60
C CYS O 210 -45.04 27.60 -36.11
N CYS O 211 -45.61 28.06 -35.00
CA CYS O 211 -45.40 29.40 -34.50
C CYS O 211 -44.14 29.55 -33.68
N SER O 212 -43.48 28.45 -33.32
CA SER O 212 -42.28 28.54 -32.51
C SER O 212 -41.14 29.11 -33.33
N PRO O 213 -40.52 30.22 -32.92
CA PRO O 213 -39.38 30.74 -33.68
C PRO O 213 -38.13 29.89 -33.53
N LEU O 214 -37.97 29.23 -32.38
CA LEU O 214 -36.80 28.39 -32.17
C LEU O 214 -36.86 27.15 -33.07
N THR O 215 -35.68 26.69 -33.48
CA THR O 215 -35.61 25.42 -34.20
C THR O 215 -35.86 24.27 -33.22
N SER O 216 -36.00 23.07 -33.76
CA SER O 216 -36.25 21.91 -32.91
C SER O 216 -35.12 21.70 -31.92
N LEU O 217 -33.88 21.71 -32.41
CA LEU O 217 -32.73 21.58 -31.52
C LEU O 217 -32.61 22.78 -30.59
N GLN O 218 -32.87 23.98 -31.12
CA GLN O 218 -32.85 25.17 -30.29
C GLN O 218 -33.95 25.12 -29.23
N HIS O 219 -35.12 24.59 -29.60
CA HIS O 219 -36.20 24.45 -28.62
C HIS O 219 -35.82 23.49 -27.50
N CYS O 220 -35.18 22.36 -27.86
CA CYS O 220 -34.71 21.43 -26.83
C CYS O 220 -33.69 22.10 -25.93
N TYR O 221 -32.75 22.84 -26.52
CA TYR O 221 -31.75 23.54 -25.71
C TYR O 221 -32.41 24.53 -24.77
N TRP O 222 -33.40 25.28 -25.26
CA TRP O 222 -34.04 26.29 -24.43
C TRP O 222 -34.82 25.66 -23.27
N THR O 223 -35.53 24.56 -23.54
CA THR O 223 -36.26 23.90 -22.46
C THR O 223 -35.30 23.41 -21.38
N SER O 224 -34.21 22.75 -21.80
CA SER O 224 -33.26 22.28 -20.81
C SER O 224 -32.58 23.43 -20.09
N HIS O 225 -32.35 24.54 -20.79
CA HIS O 225 -31.79 25.73 -20.16
C HIS O 225 -32.68 26.23 -19.05
N LEU O 226 -33.99 26.28 -19.30
CA LEU O 226 -34.92 26.79 -18.30
C LEU O 226 -34.90 25.90 -17.06
N GLN O 227 -35.05 24.59 -17.27
CA GLN O 227 -35.08 23.68 -16.13
C GLN O 227 -33.79 23.77 -15.33
N ASN O 228 -32.64 23.77 -16.01
CA ASN O 228 -31.37 23.73 -15.33
C ASN O 228 -31.09 25.04 -14.61
N GLU O 229 -31.43 26.17 -15.22
CA GLU O 229 -31.19 27.44 -14.55
C GLU O 229 -32.00 27.54 -13.26
N ARG O 230 -33.26 27.11 -13.29
CA ARG O 230 -34.06 27.21 -12.07
C ARG O 230 -33.49 26.31 -10.98
N GLU O 231 -33.15 25.07 -11.34
CA GLU O 231 -32.64 24.14 -10.32
C GLU O 231 -31.32 24.62 -9.75
N LEU O 232 -30.41 25.09 -10.62
CA LEU O 232 -29.11 25.55 -10.17
C LEU O 232 -29.24 26.74 -9.22
N PHE O 233 -30.09 27.71 -9.57
CA PHE O 233 -30.21 28.86 -8.68
C PHE O 233 -30.80 28.45 -7.35
N GLU O 234 -31.78 27.54 -7.34
CA GLU O 234 -32.33 27.10 -6.06
C GLU O 234 -31.22 26.49 -5.19
N GLN O 235 -30.44 25.58 -5.76
CA GLN O 235 -29.42 24.91 -4.96
C GLN O 235 -28.38 25.90 -4.44
N ALA O 236 -27.88 26.76 -5.30
CA ALA O 236 -26.80 27.64 -4.87
C ALA O 236 -27.31 28.77 -3.99
N ALA O 237 -28.58 29.16 -4.11
CA ALA O 237 -29.14 30.08 -3.14
C ALA O 237 -29.15 29.44 -1.76
N GLU O 238 -29.54 28.17 -1.69
CA GLU O 238 -29.45 27.45 -0.42
C GLU O 238 -28.02 27.46 0.10
N GLN O 239 -27.05 27.14 -0.75
CA GLN O 239 -25.67 27.02 -0.28
C GLN O 239 -25.07 28.37 0.09
N HIS O 240 -25.38 29.43 -0.66
CA HIS O 240 -24.93 30.77 -0.30
C HIS O 240 -25.46 31.20 1.04
N SER O 241 -26.76 31.00 1.29
CA SER O 241 -27.29 31.39 2.59
C SER O 241 -26.70 30.55 3.69
N ARG O 242 -26.47 29.26 3.42
CA ARG O 242 -25.82 28.43 4.43
C ARG O 242 -24.44 28.98 4.78
N LEU O 243 -23.65 29.35 3.78
CA LEU O 243 -22.33 29.90 4.05
C LEU O 243 -22.41 31.22 4.80
N LEU O 244 -23.31 32.11 4.40
CA LEU O 244 -23.41 33.40 5.07
C LEU O 244 -23.81 33.24 6.53
N MET O 245 -24.83 32.40 6.79
CA MET O 245 -25.23 32.18 8.17
C MET O 245 -24.14 31.47 8.95
N MET O 246 -23.41 30.57 8.30
CA MET O 246 -22.35 29.85 8.99
C MET O 246 -21.24 30.80 9.41
N HIS O 247 -20.88 31.76 8.56
CA HIS O 247 -19.93 32.80 8.95
C HIS O 247 -20.49 33.64 10.10
N ARG O 248 -21.79 33.97 10.03
CA ARG O 248 -22.38 34.77 11.10
C ARG O 248 -22.29 34.06 12.43
N ILE O 249 -22.61 32.77 12.46
CA ILE O 249 -22.61 32.04 13.72
C ILE O 249 -21.19 31.69 14.13
N LYS O 250 -20.26 31.63 13.18
CA LYS O 250 -18.84 31.56 13.54
C LYS O 250 -18.44 32.80 14.32
N LYS O 251 -18.91 33.97 13.88
CA LYS O 251 -18.72 35.18 14.68
C LYS O 251 -19.39 35.05 16.03
N LEU O 252 -20.60 34.49 16.05
CA LEU O 252 -21.40 34.42 17.28
C LEU O 252 -20.75 33.53 18.34
N PHE O 253 -20.40 32.30 17.98
CA PHE O 253 -19.93 31.29 18.92
C PHE O 253 -18.44 31.03 18.84
N GLY O 254 -17.71 31.76 18.00
CA GLY O 254 -16.27 31.58 17.94
C GLY O 254 -15.81 30.36 17.18
N PHE O 255 -16.70 29.64 16.50
CA PHE O 255 -16.30 28.48 15.74
C PHE O 255 -17.30 28.22 14.62
N ILE O 256 -16.84 27.53 13.58
CA ILE O 256 -17.72 27.10 12.51
C ILE O 256 -18.42 25.81 12.92
N PRO O 257 -19.73 25.69 12.71
CA PRO O 257 -20.44 24.46 13.12
C PRO O 257 -19.97 23.24 12.35
N GLY O 258 -20.05 22.09 13.03
CA GLY O 258 -19.70 20.83 12.41
C GLY O 258 -18.22 20.58 12.22
N SER O 259 -17.36 21.28 12.96
CA SER O 259 -15.92 21.12 12.85
C SER O 259 -15.29 21.10 14.23
N GLU O 260 -14.02 20.69 14.28
CA GLU O 260 -13.31 20.48 15.53
C GLU O 260 -13.04 21.84 16.19
N ASP O 261 -13.73 22.12 17.30
CA ASP O 261 -13.65 23.43 17.94
C ASP O 261 -13.12 23.38 19.36
N VAL O 262 -12.46 22.29 19.77
CA VAL O 262 -11.92 22.22 21.12
C VAL O 262 -10.82 23.26 21.35
N LYS O 263 -10.36 23.91 20.29
CA LYS O 263 -9.34 24.93 20.45
C LYS O 263 -9.88 26.13 21.22
N HIS O 264 -11.04 26.64 20.82
CA HIS O 264 -11.57 27.84 21.44
C HIS O 264 -13.10 27.78 21.41
N ILE O 265 -13.71 28.43 22.41
CA ILE O 265 -15.16 28.58 22.50
C ILE O 265 -15.45 30.02 22.90
N ARG O 266 -16.68 30.45 22.66
CA ARG O 266 -17.10 31.82 22.95
C ARG O 266 -18.19 31.82 23.99
N ILE O 267 -18.33 32.95 24.68
CA ILE O 267 -19.42 33.19 25.62
C ILE O 267 -20.20 34.39 25.12
N PRO O 268 -21.35 34.18 24.48
CA PRO O 268 -22.11 35.29 23.92
C PRO O 268 -22.57 36.26 25.00
N SER O 269 -22.59 37.54 24.65
CA SER O 269 -23.14 38.57 25.51
C SER O 269 -24.60 38.83 25.15
N CYS O 270 -25.33 39.43 26.09
CA CYS O 270 -26.76 39.64 25.91
C CYS O 270 -27.01 40.56 24.72
N GLN O 271 -26.21 41.61 24.58
CA GLN O 271 -26.33 42.49 23.44
C GLN O 271 -25.95 41.75 22.16
N ASP O 272 -24.99 40.82 22.24
CA ASP O 272 -24.67 40.00 21.08
C ASP O 272 -25.82 39.03 20.78
N TRP O 273 -26.47 38.49 21.82
CA TRP O 273 -27.68 37.71 21.62
C TRP O 273 -28.74 38.53 20.90
N LYS O 274 -28.79 39.83 21.17
CA LYS O 274 -29.70 40.69 20.41
C LYS O 274 -29.26 40.78 18.96
N ASP O 275 -27.95 40.93 18.71
CA ASP O 275 -27.49 41.10 17.33
C ASP O 275 -27.80 39.88 16.48
N ILE O 276 -27.59 38.67 17.01
CA ILE O 276 -27.89 37.48 16.23
C ILE O 276 -29.39 37.36 15.95
N SER O 277 -30.22 37.73 16.93
CA SER O 277 -31.66 37.72 16.75
C SER O 277 -32.11 38.75 15.71
N LEU P 6 -32.06 6.64 -0.61
CA LEU P 6 -33.31 7.06 -1.22
C LEU P 6 -34.14 7.87 -0.22
N ASN P 7 -33.70 7.86 1.03
CA ASN P 7 -34.37 8.64 2.06
C ASN P 7 -34.29 10.13 1.73
N ASN P 8 -33.14 10.59 1.23
CA ASN P 8 -33.01 11.97 0.82
C ASN P 8 -33.98 12.31 -0.31
N ILE P 9 -34.15 11.39 -1.26
CA ILE P 9 -35.13 11.59 -2.33
C ILE P 9 -36.53 11.67 -1.75
N VAL P 10 -36.84 10.83 -0.76
CA VAL P 10 -38.13 10.87 -0.09
C VAL P 10 -38.35 12.22 0.58
N SER P 11 -37.31 12.73 1.24
CA SER P 11 -37.42 14.05 1.87
C SER P 11 -37.67 15.13 0.84
N SER P 12 -36.97 15.06 -0.30
CA SER P 12 -37.18 16.04 -1.36
C SER P 12 -38.61 16.02 -1.87
N LEU P 13 -39.19 14.81 -1.99
CA LEU P 13 -40.59 14.69 -2.38
C LEU P 13 -41.51 15.31 -1.34
N GLN P 14 -41.21 15.10 -0.05
CA GLN P 14 -42.05 15.68 0.99
C GLN P 14 -41.98 17.20 0.95
N ARG P 15 -40.84 17.75 0.50
CA ARG P 15 -40.68 19.20 0.48
C ARG P 15 -41.74 19.88 -0.38
N ASN P 16 -42.36 19.14 -1.30
CA ASN P 16 -43.49 19.62 -2.08
C ASN P 16 -44.73 19.59 -1.19
N GLY P 17 -45.45 20.72 -1.15
CA GLY P 17 -46.61 20.82 -0.30
C GLY P 17 -47.80 20.00 -0.77
N ILE P 18 -47.81 19.60 -2.03
CA ILE P 18 -48.96 18.87 -2.57
C ILE P 18 -49.12 17.53 -1.87
N PHE P 19 -48.02 16.80 -1.67
CA PHE P 19 -48.11 15.50 -1.03
C PHE P 19 -48.58 15.62 0.41
N ILE P 20 -48.02 16.57 1.17
CA ILE P 20 -48.39 16.69 2.58
C ILE P 20 -49.84 17.15 2.70
N ASN P 21 -50.26 18.11 1.88
CA ASN P 21 -51.66 18.54 1.93
C ASN P 21 -52.61 17.42 1.55
N SER P 22 -52.25 16.61 0.56
CA SER P 22 -53.06 15.46 0.21
C SER P 22 -53.13 14.47 1.35
N LEU P 23 -52.01 14.24 2.03
CA LEU P 23 -52.00 13.32 3.16
C LEU P 23 -52.88 13.83 4.30
N ILE P 24 -52.83 15.13 4.56
CA ILE P 24 -53.69 15.71 5.60
C ILE P 24 -55.15 15.57 5.22
N ALA P 25 -55.49 15.83 3.97
CA ALA P 25 -56.88 15.71 3.53
C ALA P 25 -57.36 14.26 3.63
N ALA P 26 -56.52 13.30 3.25
CA ALA P 26 -56.91 11.91 3.34
C ALA P 26 -57.12 11.49 4.79
N LEU P 27 -56.23 11.93 5.69
CA LEU P 27 -56.44 11.62 7.10
C LEU P 27 -57.72 12.26 7.62
N THR P 28 -58.02 13.48 7.20
CA THR P 28 -59.25 14.11 7.63
C THR P 28 -60.47 13.33 7.14
N ILE P 29 -60.43 12.85 5.89
CA ILE P 29 -61.55 12.09 5.35
C ILE P 29 -61.74 10.79 6.13
N GLY P 30 -60.66 10.06 6.37
CA GLY P 30 -60.78 8.82 7.11
C GLY P 30 -61.26 9.03 8.54
N GLY P 31 -60.70 10.03 9.21
CA GLY P 31 -61.13 10.32 10.57
C GLY P 31 -62.58 10.75 10.63
N GLN P 32 -63.02 11.56 9.67
CA GLN P 32 -64.42 11.95 9.63
C GLN P 32 -65.32 10.75 9.40
N GLN P 33 -64.93 9.85 8.50
CA GLN P 33 -65.74 8.65 8.27
C GLN P 33 -65.90 7.86 9.56
N LEU P 34 -64.78 7.56 10.23
CA LEU P 34 -64.88 6.77 11.46
C LEU P 34 -65.68 7.51 12.53
N PHE P 35 -65.41 8.80 12.71
CA PHE P 35 -66.05 9.56 13.78
C PHE P 35 -67.56 9.66 13.56
N SER P 36 -67.98 10.01 12.33
CA SER P 36 -69.40 10.17 12.07
C SER P 36 -70.12 8.83 12.10
N SER P 37 -69.54 7.79 11.48
CA SER P 37 -70.20 6.50 11.49
C SER P 37 -70.21 5.87 12.87
N SER P 38 -69.38 6.35 13.79
CA SER P 38 -69.36 5.77 15.13
C SER P 38 -70.28 6.51 16.09
N THR P 39 -70.08 7.82 16.26
CA THR P 39 -70.69 8.52 17.40
C THR P 39 -71.47 9.76 16.95
N PHE P 40 -72.32 9.64 15.93
CA PHE P 40 -73.17 10.80 15.61
C PHE P 40 -74.42 10.81 16.49
N SER P 41 -75.29 9.81 16.32
CA SER P 41 -76.50 9.64 17.13
C SER P 41 -77.30 10.94 17.23
N CYS P 42 -77.85 11.35 16.09
CA CYS P 42 -78.63 12.58 16.04
C CYS P 42 -79.75 12.58 17.05
N PRO P 43 -79.83 13.57 17.93
CA PRO P 43 -80.88 13.58 18.96
C PRO P 43 -82.23 13.97 18.38
N CYS P 44 -83.26 13.67 19.16
CA CYS P 44 -84.63 13.97 18.80
C CYS P 44 -85.19 15.13 19.61
N GLN P 45 -84.34 15.82 20.37
CA GLN P 45 -84.82 16.82 21.30
C GLN P 45 -85.44 17.99 20.56
N VAL P 46 -86.65 18.39 20.98
CA VAL P 46 -87.34 19.49 20.33
C VAL P 46 -86.66 20.82 20.63
N GLY P 47 -86.24 21.03 21.88
CA GLY P 47 -85.69 22.29 22.30
C GLY P 47 -84.41 22.69 21.59
N LYS P 48 -83.35 21.90 21.79
CA LYS P 48 -82.02 22.21 21.27
C LYS P 48 -81.56 21.03 20.40
N ASN P 49 -81.64 21.20 19.09
CA ASN P 49 -81.15 20.21 18.15
C ASN P 49 -80.25 20.88 17.12
N PHE P 50 -80.47 22.17 16.90
CA PHE P 50 -79.59 22.94 16.02
C PHE P 50 -78.19 23.03 16.59
N TYR P 51 -78.07 23.19 17.91
CA TYR P 51 -76.74 23.27 18.52
C TYR P 51 -75.96 21.99 18.32
N TYR P 52 -76.63 20.84 18.35
CA TYR P 52 -75.93 19.58 18.19
C TYR P 52 -75.26 19.48 16.83
N GLY P 53 -76.03 19.70 15.77
CA GLY P 53 -75.46 19.62 14.43
C GLY P 53 -74.45 20.73 14.18
N SER P 54 -74.75 21.94 14.66
CA SER P 54 -73.83 23.05 14.45
C SER P 54 -72.49 22.78 15.12
N ALA P 55 -72.52 22.23 16.35
CA ALA P 55 -71.27 21.88 17.02
C ALA P 55 -70.53 20.79 16.26
N PHE P 56 -71.23 19.69 15.95
CA PHE P 56 -70.59 18.61 15.22
C PHE P 56 -70.06 19.02 13.85
N LEU P 57 -70.54 20.14 13.32
CA LEU P 57 -70.13 20.59 11.99
C LEU P 57 -69.04 21.66 12.03
N VAL P 58 -69.04 22.55 13.02
CA VAL P 58 -68.12 23.67 13.05
C VAL P 58 -66.99 23.45 14.05
N ILE P 59 -67.26 22.83 15.22
CA ILE P 59 -66.22 22.72 16.24
C ILE P 59 -65.02 21.92 15.76
N PRO P 60 -65.16 20.74 15.15
CA PRO P 60 -63.97 20.08 14.62
C PRO P 60 -63.21 20.91 13.59
N ALA P 61 -63.93 21.65 12.74
CA ALA P 61 -63.24 22.50 11.78
C ALA P 61 -62.46 23.60 12.47
N LEU P 62 -63.06 24.21 13.49
CA LEU P 62 -62.36 25.27 14.23
C LEU P 62 -61.14 24.71 14.96
N ILE P 63 -61.27 23.52 15.56
CA ILE P 63 -60.13 22.90 16.23
C ILE P 63 -59.02 22.59 15.25
N LEU P 64 -59.37 22.03 14.08
CA LEU P 64 -58.33 21.73 13.10
C LEU P 64 -57.66 22.99 12.58
N LEU P 65 -58.42 24.06 12.38
CA LEU P 65 -57.84 25.34 11.97
C LEU P 65 -56.84 25.84 13.02
N VAL P 66 -57.26 25.83 14.29
CA VAL P 66 -56.39 26.32 15.35
C VAL P 66 -55.15 25.44 15.47
N ALA P 67 -55.30 24.12 15.32
CA ALA P 67 -54.16 23.23 15.38
C ALA P 67 -53.19 23.48 14.24
N GLY P 68 -53.72 23.68 13.03
CA GLY P 68 -52.86 23.95 11.89
C GLY P 68 -52.07 25.23 12.06
N PHE P 69 -52.70 26.26 12.63
CA PHE P 69 -51.97 27.51 12.85
C PHE P 69 -50.98 27.39 14.00
N ALA P 70 -51.37 26.77 15.11
CA ALA P 70 -50.53 26.79 16.31
C ALA P 70 -49.36 25.82 16.20
N LEU P 71 -49.58 24.64 15.61
CA LEU P 71 -48.55 23.61 15.58
C LEU P 71 -47.35 24.03 14.73
N ARG P 72 -47.48 25.07 13.92
CA ARG P 72 -46.37 25.57 13.13
C ARG P 72 -45.55 26.57 13.95
N SER P 73 -44.28 26.25 14.17
CA SER P 73 -43.42 27.13 14.98
C SER P 73 -43.16 28.46 14.28
N GLN P 74 -43.21 28.48 12.96
CA GLN P 74 -43.07 29.74 12.24
C GLN P 74 -44.16 30.72 12.65
N MET P 75 -45.36 30.22 12.96
CA MET P 75 -46.42 31.11 13.44
C MET P 75 -46.06 31.71 14.79
N TRP P 76 -45.45 30.93 15.68
CA TRP P 76 -45.03 31.50 16.96
C TRP P 76 -43.96 32.55 16.74
N THR P 77 -43.04 32.33 15.80
CA THR P 77 -42.02 33.33 15.51
C THR P 77 -42.65 34.61 14.96
N ILE P 78 -43.63 34.48 14.07
CA ILE P 78 -44.30 35.66 13.51
C ILE P 78 -45.03 36.43 14.62
N THR P 79 -45.74 35.70 15.49
CA THR P 79 -46.46 36.37 16.57
C THR P 79 -45.48 37.06 17.53
N GLY P 80 -44.34 36.44 17.78
CA GLY P 80 -43.33 37.09 18.60
C GLY P 80 -42.77 38.34 17.97
N GLU P 81 -42.58 38.32 16.65
CA GLU P 81 -42.11 39.52 15.97
C GLU P 81 -43.14 40.64 16.01
N TYR P 82 -44.41 40.30 15.73
CA TYR P 82 -45.45 41.33 15.67
C TYR P 82 -45.75 41.88 17.06
N CYS P 83 -45.84 41.01 18.06
CA CYS P 83 -46.15 41.44 19.42
C CYS P 83 -45.08 42.36 19.99
N PRO P 95 -43.25 48.77 6.48
CA PRO P 95 -42.06 48.55 5.66
C PRO P 95 -41.92 47.09 5.20
N LEU P 96 -40.69 46.69 4.85
CA LEU P 96 -40.48 45.35 4.30
C LEU P 96 -40.69 44.26 5.35
N GLU P 97 -40.45 44.57 6.63
CA GLU P 97 -40.67 43.57 7.67
C GLU P 97 -42.13 43.15 7.74
N CYS P 98 -43.05 44.11 7.60
CA CYS P 98 -44.47 43.78 7.60
C CYS P 98 -44.83 42.87 6.44
N LYS P 99 -44.34 43.18 5.23
CA LYS P 99 -44.65 42.34 4.08
C LYS P 99 -44.05 40.95 4.24
N LEU P 100 -42.84 40.86 4.79
CA LEU P 100 -42.21 39.56 4.99
C LEU P 100 -43.00 38.72 5.99
N ALA P 101 -43.45 39.35 7.08
CA ALA P 101 -44.28 38.64 8.04
C ALA P 101 -45.59 38.19 7.42
N CYS P 102 -46.19 39.03 6.57
CA CYS P 102 -47.42 38.66 5.90
C CYS P 102 -47.20 37.48 4.96
N LEU P 103 -46.08 37.47 4.25
CA LEU P 103 -45.77 36.35 3.37
C LEU P 103 -45.60 35.05 4.16
N ARG P 104 -44.91 35.12 5.31
CA ARG P 104 -44.77 33.91 6.12
C ARG P 104 -46.11 33.46 6.68
N PHE P 105 -46.95 34.41 7.07
CA PHE P 105 -48.29 34.06 7.54
C PHE P 105 -49.08 33.36 6.44
N PHE P 106 -48.97 33.84 5.21
CA PHE P 106 -49.66 33.19 4.09
C PHE P 106 -49.13 31.77 3.87
N SER P 107 -47.81 31.59 3.95
CA SER P 107 -47.24 30.26 3.79
C SER P 107 -47.76 29.31 4.85
N ILE P 108 -47.96 29.80 6.07
CA ILE P 108 -48.56 28.98 7.12
C ILE P 108 -50.04 28.72 6.81
N THR P 109 -50.74 29.76 6.32
CA THR P 109 -52.16 29.68 6.07
C THR P 109 -52.50 28.64 5.03
N GLY P 110 -51.58 28.34 4.13
CA GLY P 110 -51.83 27.25 3.18
C GLY P 110 -52.25 25.97 3.87
N ARG P 111 -51.40 25.44 4.76
CA ARG P 111 -51.75 24.24 5.50
C ARG P 111 -52.88 24.48 6.49
N ALA P 112 -52.86 25.65 7.16
CA ALA P 112 -53.91 25.92 8.13
C ALA P 112 -55.29 25.92 7.50
N VAL P 113 -55.37 26.15 6.19
CA VAL P 113 -56.65 26.17 5.49
C VAL P 113 -56.96 24.81 4.90
N ILE P 114 -55.97 24.08 4.37
CA ILE P 114 -56.30 22.77 3.83
C ILE P 114 -56.73 21.82 4.94
N ALA P 115 -56.34 22.09 6.19
CA ALA P 115 -56.70 21.16 7.26
C ALA P 115 -58.20 21.07 7.50
N PRO P 116 -58.95 22.16 7.72
CA PRO P 116 -60.38 22.01 8.04
C PRO P 116 -61.30 22.05 6.83
N LEU P 117 -60.84 22.57 5.69
CA LEU P 117 -61.70 22.63 4.51
C LEU P 117 -62.11 21.23 4.08
N THR P 118 -61.22 20.25 4.23
CA THR P 118 -61.59 18.88 3.94
C THR P 118 -62.72 18.40 4.84
N TRP P 119 -62.65 18.73 6.13
CA TRP P 119 -63.70 18.32 7.05
C TRP P 119 -65.03 18.95 6.66
N LEU P 120 -65.04 20.26 6.40
CA LEU P 120 -66.30 20.91 6.04
C LEU P 120 -66.86 20.36 4.74
N ALA P 121 -66.00 20.18 3.73
CA ALA P 121 -66.47 19.68 2.46
C ALA P 121 -67.06 18.28 2.60
N VAL P 122 -66.35 17.39 3.29
CA VAL P 122 -66.85 16.02 3.41
C VAL P 122 -68.14 15.98 4.20
N THR P 123 -68.22 16.72 5.31
CA THR P 123 -69.42 16.69 6.12
C THR P 123 -70.61 17.27 5.37
N LEU P 124 -70.42 18.38 4.65
CA LEU P 124 -71.54 18.94 3.90
C LEU P 124 -71.96 18.03 2.76
N LEU P 125 -71.00 17.41 2.06
CA LEU P 125 -71.35 16.53 0.94
C LEU P 125 -72.11 15.30 1.43
N THR P 126 -71.68 14.73 2.56
CA THR P 126 -72.45 13.64 3.14
C THR P 126 -73.84 14.13 3.56
N GLY P 127 -73.92 15.32 4.12
CA GLY P 127 -75.20 15.97 4.36
C GLY P 127 -75.90 15.59 5.64
N THR P 128 -75.45 14.53 6.32
CA THR P 128 -76.15 14.09 7.53
C THR P 128 -76.03 15.12 8.65
N TYR P 129 -74.86 15.74 8.78
CA TYR P 129 -74.67 16.76 9.81
C TYR P 129 -75.59 17.95 9.57
N TYR P 130 -75.64 18.42 8.33
CA TYR P 130 -76.49 19.57 8.03
C TYR P 130 -77.96 19.23 8.21
N GLU P 131 -78.36 18.01 7.86
CA GLU P 131 -79.74 17.59 8.07
C GLU P 131 -80.09 17.62 9.55
N CYS P 132 -79.27 16.96 10.39
CA CYS P 132 -79.54 16.95 11.82
C CYS P 132 -79.48 18.34 12.43
N ALA P 133 -78.73 19.25 11.81
CA ALA P 133 -78.61 20.59 12.35
C ALA P 133 -79.83 21.44 12.01
N ALA P 134 -80.18 21.52 10.73
CA ALA P 134 -81.22 22.43 10.25
C ALA P 134 -82.53 21.72 9.94
N SER P 135 -82.78 20.56 10.57
CA SER P 135 -84.08 19.92 10.38
C SER P 135 -85.23 20.79 10.89
N GLU P 136 -85.08 21.36 12.09
CA GLU P 136 -86.21 22.03 12.72
C GLU P 136 -86.58 23.34 12.04
N PHE P 137 -85.72 23.87 11.17
CA PHE P 137 -86.00 25.13 10.50
C PHE P 137 -86.76 24.95 9.20
N ALA P 138 -87.31 23.77 8.97
CA ALA P 138 -88.07 23.50 7.76
C ALA P 138 -89.41 24.24 7.78
N SER P 139 -89.87 24.62 6.59
CA SER P 139 -91.15 25.29 6.46
C SER P 139 -92.29 24.28 6.42
N VAL P 140 -93.48 24.74 6.81
CA VAL P 140 -94.68 23.92 6.83
C VAL P 140 -95.82 24.51 6.03
N ASP P 141 -95.65 25.71 5.45
CA ASP P 141 -96.73 26.32 4.68
C ASP P 141 -97.06 25.49 3.43
N HIS P 142 -96.03 24.97 2.77
CA HIS P 142 -96.26 24.20 1.55
C HIS P 142 -97.09 22.95 1.82
N TYR P 143 -96.91 22.33 2.98
CA TYR P 143 -97.53 21.05 3.26
C TYR P 143 -98.82 21.27 4.05
N PRO P 144 -99.98 20.95 3.49
CA PRO P 144 -101.22 21.14 4.26
C PRO P 144 -101.35 20.21 5.45
N MET P 145 -100.58 19.13 5.50
CA MET P 145 -100.67 18.18 6.61
C MET P 145 -100.18 18.76 7.93
N PHE P 146 -99.45 19.86 7.90
CA PHE P 146 -98.85 20.44 9.09
C PHE P 146 -99.62 21.67 9.59
N ASP P 147 -100.95 21.65 9.51
CA ASP P 147 -101.73 22.75 10.03
C ASP P 147 -101.50 22.93 11.53
N ASN P 148 -101.95 21.96 12.33
CA ASN P 148 -101.63 21.86 13.75
C ASN P 148 -101.86 23.19 14.48
N VAL P 149 -103.14 23.55 14.58
CA VAL P 149 -103.58 24.78 15.22
C VAL P 149 -102.97 24.93 16.61
N SER P 150 -102.54 23.82 17.21
CA SER P 150 -101.83 23.88 18.49
C SER P 150 -100.52 24.66 18.37
N ALA P 151 -99.86 24.58 17.22
CA ALA P 151 -98.66 25.33 16.89
C ALA P 151 -97.48 25.00 17.79
N SER P 152 -97.58 23.96 18.61
CA SER P 152 -96.46 23.48 19.42
C SER P 152 -96.13 22.02 19.16
N LYS P 153 -97.15 21.18 18.95
CA LYS P 153 -96.89 19.79 18.58
C LYS P 153 -96.21 19.72 17.22
N ARG P 154 -96.57 20.62 16.31
CA ARG P 154 -95.97 20.62 14.97
C ARG P 154 -94.47 20.80 15.04
N GLU P 155 -94.00 21.74 15.87
CA GLU P 155 -92.56 21.94 16.00
C GLU P 155 -91.89 20.69 16.55
N GLU P 156 -92.52 20.03 17.52
CA GLU P 156 -91.92 18.85 18.11
C GLU P 156 -91.82 17.71 17.09
N ILE P 157 -92.89 17.46 16.33
CA ILE P 157 -92.81 16.38 15.35
C ILE P 157 -91.82 16.74 14.25
N LEU P 158 -91.76 18.01 13.88
CA LEU P 158 -90.81 18.46 12.86
C LEU P 158 -89.38 18.20 13.30
N ALA P 159 -89.05 18.49 14.56
CA ALA P 159 -87.72 18.19 15.07
C ALA P 159 -87.55 16.71 15.40
N GLY P 160 -88.62 15.94 15.46
CA GLY P 160 -88.54 14.55 15.85
C GLY P 160 -88.37 13.54 14.74
N PHE P 161 -89.10 13.70 13.63
CA PHE P 161 -89.06 12.62 12.64
C PHE P 161 -87.71 12.41 11.96
N PRO P 162 -86.84 13.43 11.81
CA PRO P 162 -85.54 13.15 11.17
C PRO P 162 -84.67 12.18 11.95
N CYS P 163 -84.84 12.08 13.27
CA CYS P 163 -83.83 11.40 14.08
C CYS P 163 -84.01 9.88 14.07
N CYS P 164 -85.07 9.38 14.72
CA CYS P 164 -85.27 7.95 14.85
C CYS P 164 -86.74 7.58 14.94
N ARG P 165 -87.66 8.51 14.69
CA ARG P 165 -89.07 8.26 15.01
C ARG P 165 -89.63 7.12 14.18
N SER P 166 -89.29 7.07 12.89
CA SER P 166 -89.84 6.08 11.96
C SER P 166 -91.35 6.19 12.04
N ALA P 167 -92.07 5.19 12.55
CA ALA P 167 -93.51 5.25 12.80
C ALA P 167 -94.26 5.61 11.52
N PRO P 168 -94.30 4.73 10.53
CA PRO P 168 -94.99 5.06 9.28
C PRO P 168 -96.48 5.30 9.48
N SER P 169 -96.90 6.55 9.36
CA SER P 169 -98.30 6.94 9.49
C SER P 169 -98.68 7.79 8.29
N ASP P 170 -98.12 7.47 7.12
CA ASP P 170 -98.33 8.11 5.84
C ASP P 170 -97.86 9.56 5.83
N VAL P 171 -97.23 10.04 6.91
CA VAL P 171 -96.54 11.33 6.88
C VAL P 171 -95.13 11.18 6.34
N ILE P 172 -94.64 9.95 6.18
CA ILE P 172 -93.26 9.70 5.77
C ILE P 172 -93.01 10.22 4.36
N LEU P 173 -94.06 10.48 3.59
CA LEU P 173 -93.87 11.15 2.31
C LEU P 173 -93.32 12.55 2.50
N VAL P 174 -93.91 13.32 3.41
CA VAL P 174 -93.41 14.66 3.70
C VAL P 174 -92.02 14.59 4.32
N ARG P 175 -91.80 13.62 5.22
CA ARG P 175 -90.48 13.42 5.79
C ARG P 175 -89.44 13.19 4.70
N ASP P 176 -89.73 12.30 3.77
CA ASP P 176 -88.76 11.96 2.73
C ASP P 176 -88.52 13.15 1.82
N GLU P 177 -89.59 13.88 1.46
CA GLU P 177 -89.43 15.02 0.58
C GLU P 177 -88.57 16.10 1.23
N ILE P 178 -88.85 16.42 2.50
CA ILE P 178 -88.08 17.47 3.15
C ILE P 178 -86.66 17.02 3.44
N ALA P 179 -86.46 15.72 3.72
CA ALA P 179 -85.11 15.21 3.91
C ALA P 179 -84.30 15.33 2.63
N LEU P 180 -84.91 15.01 1.49
CA LEU P 180 -84.22 15.19 0.22
C LEU P 180 -83.94 16.66 -0.05
N LEU P 181 -84.87 17.54 0.32
CA LEU P 181 -84.63 18.97 0.15
C LEU P 181 -83.42 19.42 0.96
N HIS P 182 -83.33 19.00 2.22
CA HIS P 182 -82.22 19.43 3.06
C HIS P 182 -80.90 18.79 2.60
N ARG P 183 -80.95 17.54 2.14
CA ARG P 183 -79.74 16.91 1.62
C ARG P 183 -79.23 17.64 0.38
N TYR P 184 -80.14 18.00 -0.52
CA TYR P 184 -79.73 18.74 -1.71
C TYR P 184 -79.17 20.09 -1.33
N GLN P 185 -79.81 20.79 -0.39
CA GLN P 185 -79.30 22.08 0.04
C GLN P 185 -77.92 21.94 0.66
N SER P 186 -77.73 20.88 1.46
CA SER P 186 -76.42 20.65 2.08
C SER P 186 -75.33 20.43 1.04
N GLN P 187 -75.59 19.55 0.07
CA GLN P 187 -74.55 19.28 -0.92
C GLN P 187 -74.28 20.47 -1.81
N MET P 188 -75.32 21.22 -2.19
CA MET P 188 -75.09 22.44 -2.96
C MET P 188 -74.31 23.45 -2.14
N LEU P 189 -74.59 23.56 -0.85
CA LEU P 189 -73.83 24.47 0.00
C LEU P 189 -72.37 24.03 0.09
N GLY P 190 -72.14 22.72 0.13
CA GLY P 190 -70.77 22.23 0.12
C GLY P 190 -70.04 22.59 -1.15
N TRP P 191 -70.71 22.46 -2.30
CA TRP P 191 -70.09 22.86 -3.56
C TRP P 191 -69.81 24.34 -3.60
N ILE P 192 -70.76 25.16 -3.10
CA ILE P 192 -70.52 26.59 -3.04
C ILE P 192 -69.32 26.90 -2.17
N LEU P 193 -69.21 26.21 -1.03
CA LEU P 193 -68.11 26.45 -0.11
C LEU P 193 -66.77 26.07 -0.74
N ILE P 194 -66.70 24.92 -1.41
CA ILE P 194 -65.42 24.51 -1.98
C ILE P 194 -65.04 25.41 -3.16
N THR P 195 -66.02 25.83 -3.96
CA THR P 195 -65.73 26.77 -5.04
C THR P 195 -65.21 28.09 -4.50
N LEU P 196 -65.85 28.62 -3.45
CA LEU P 196 -65.38 29.86 -2.85
C LEU P 196 -64.00 29.69 -2.25
N ALA P 197 -63.73 28.54 -1.63
CA ALA P 197 -62.41 28.30 -1.06
C ALA P 197 -61.34 28.28 -2.15
N THR P 198 -61.62 27.61 -3.27
CA THR P 198 -60.64 27.57 -4.35
C THR P 198 -60.42 28.95 -4.96
N ILE P 199 -61.50 29.71 -5.17
CA ILE P 199 -61.36 31.05 -5.73
C ILE P 199 -60.56 31.94 -4.78
N ALA P 200 -60.86 31.85 -3.48
CA ALA P 200 -60.13 32.64 -2.50
C ALA P 200 -58.66 32.25 -2.45
N ALA P 201 -58.37 30.95 -2.53
CA ALA P 201 -56.97 30.52 -2.53
C ALA P 201 -56.22 31.05 -3.74
N LEU P 202 -56.82 30.95 -4.92
CA LEU P 202 -56.15 31.44 -6.12
C LEU P 202 -55.95 32.95 -6.06
N VAL P 203 -56.98 33.69 -5.63
CA VAL P 203 -56.87 35.13 -5.53
C VAL P 203 -55.81 35.53 -4.49
N SER P 204 -55.78 34.81 -3.37
CA SER P 204 -54.79 35.11 -2.33
C SER P 204 -53.38 34.85 -2.82
N CYS P 205 -53.17 33.76 -3.57
CA CYS P 205 -51.84 33.52 -4.13
C CYS P 205 -51.46 34.60 -5.13
N CYS P 206 -52.40 35.03 -5.97
CA CYS P 206 -52.10 36.10 -6.92
C CYS P 206 -51.79 37.40 -6.19
N VAL P 207 -52.52 37.71 -5.13
CA VAL P 207 -52.26 38.92 -4.37
C VAL P 207 -50.92 38.84 -3.66
N ALA P 208 -50.56 37.65 -3.17
CA ALA P 208 -49.25 37.48 -2.57
C ALA P 208 -48.14 37.72 -3.57
N LYS P 209 -48.29 37.19 -4.79
CA LYS P 209 -47.28 37.42 -5.81
C LYS P 209 -47.21 38.89 -6.21
N CYS P 210 -48.36 39.56 -6.33
CA CYS P 210 -48.36 40.97 -6.72
C CYS P 210 -47.76 41.84 -5.63
N CYS P 211 -48.11 41.60 -4.38
CA CYS P 211 -47.72 42.45 -3.27
C CYS P 211 -46.32 42.14 -2.74
N SER P 212 -45.72 41.03 -3.16
CA SER P 212 -44.39 40.67 -2.67
C SER P 212 -43.36 41.62 -3.24
N PRO P 213 -42.59 42.33 -2.39
CA PRO P 213 -41.54 43.20 -2.94
C PRO P 213 -40.36 42.43 -3.50
N LEU P 214 -40.08 41.25 -2.97
CA LEU P 214 -38.97 40.45 -3.46
C LEU P 214 -39.28 39.92 -4.85
N THR P 215 -38.22 39.78 -5.66
CA THR P 215 -38.37 39.13 -6.95
C THR P 215 -38.56 37.63 -6.73
N SER P 216 -38.90 36.93 -7.82
CA SER P 216 -39.10 35.48 -7.72
C SER P 216 -37.85 34.78 -7.23
N LEU P 217 -36.71 35.08 -7.85
CA LEU P 217 -35.46 34.49 -7.40
C LEU P 217 -35.09 34.98 -6.00
N GLN P 218 -35.32 36.27 -5.73
CA GLN P 218 -35.06 36.79 -4.39
C GLN P 218 -35.98 36.15 -3.37
N HIS P 219 -37.24 35.89 -3.74
CA HIS P 219 -38.16 35.22 -2.83
C HIS P 219 -37.69 33.80 -2.51
N CYS P 220 -37.21 33.07 -3.54
CA CYS P 220 -36.67 31.74 -3.29
C CYS P 220 -35.46 31.80 -2.37
N TYR P 221 -34.57 32.76 -2.62
CA TYR P 221 -33.40 32.92 -1.76
C TYR P 221 -33.81 33.21 -0.32
N TRP P 222 -34.79 34.08 -0.13
CA TRP P 222 -35.21 34.45 1.22
C TRP P 222 -35.84 33.28 1.95
N THR P 223 -36.68 32.50 1.26
CA THR P 223 -37.29 31.33 1.90
C THR P 223 -36.22 30.34 2.35
N SER P 224 -35.27 30.05 1.46
CA SER P 224 -34.21 29.12 1.83
C SER P 224 -33.34 29.69 2.93
N HIS P 225 -33.12 31.01 2.92
CA HIS P 225 -32.38 31.66 3.98
C HIS P 225 -33.03 31.44 5.34
N LEU P 226 -34.34 31.60 5.39
CA LEU P 226 -35.05 31.45 6.65
C LEU P 226 -34.93 30.03 7.18
N GLN P 227 -35.23 29.05 6.31
CA GLN P 227 -35.14 27.66 6.74
C GLN P 227 -33.74 27.31 7.23
N ASN P 228 -32.72 27.70 6.45
CA ASN P 228 -31.35 27.31 6.76
C ASN P 228 -30.85 28.01 8.01
N GLU P 229 -31.19 29.28 8.20
CA GLU P 229 -30.75 29.98 9.41
C GLU P 229 -31.33 29.34 10.66
N ARG P 230 -32.61 28.97 10.62
CA ARG P 230 -33.19 28.36 11.81
C ARG P 230 -32.54 27.02 12.11
N GLU P 231 -32.36 26.18 11.07
CA GLU P 231 -31.78 24.85 11.29
C GLU P 231 -30.36 24.97 11.80
N LEU P 232 -29.56 25.85 11.18
CA LEU P 232 -28.17 26.01 11.57
C LEU P 232 -28.04 26.46 13.01
N PHE P 233 -28.85 27.45 13.41
CA PHE P 233 -28.72 27.91 14.80
C PHE P 233 -29.14 26.82 15.77
N GLU P 234 -30.17 26.05 15.45
CA GLU P 234 -30.55 24.95 16.34
C GLU P 234 -29.38 23.99 16.53
N GLN P 235 -28.77 23.55 15.42
CA GLN P 235 -27.69 22.58 15.52
C GLN P 235 -26.51 23.12 16.30
N ALA P 236 -26.07 24.33 15.98
CA ALA P 236 -24.87 24.83 16.63
C ALA P 236 -25.14 25.28 18.06
N ALA P 237 -26.37 25.65 18.39
CA ALA P 237 -26.69 25.87 19.80
C ALA P 237 -26.53 24.57 20.57
N GLU P 238 -27.02 23.46 20.00
CA GLU P 238 -26.80 22.16 20.63
C GLU P 238 -25.30 21.90 20.81
N GLN P 239 -24.51 22.13 19.75
CA GLN P 239 -23.09 21.80 19.83
C GLN P 239 -22.32 22.72 20.78
N HIS P 240 -22.66 24.01 20.79
CA HIS P 240 -22.04 24.93 21.74
C HIS P 240 -22.32 24.53 23.17
N SER P 241 -23.58 24.20 23.49
CA SER P 241 -23.86 23.81 24.86
C SER P 241 -23.17 22.50 25.20
N ARG P 242 -23.10 21.58 24.23
CA ARG P 242 -22.37 20.34 24.47
C ARG P 242 -20.92 20.62 24.81
N LEU P 243 -20.27 21.51 24.05
CA LEU P 243 -18.87 21.83 24.34
C LEU P 243 -18.71 22.51 25.70
N LEU P 244 -19.59 23.46 26.03
CA LEU P 244 -19.47 24.16 27.30
C LEU P 244 -19.65 23.21 28.47
N MET P 245 -20.68 22.36 28.41
CA MET P 245 -20.88 21.39 29.48
C MET P 245 -19.74 20.39 29.53
N MET P 246 -19.21 20.02 28.38
CA MET P 246 -18.11 19.06 28.35
C MET P 246 -16.87 19.63 29.02
N HIS P 247 -16.58 20.90 28.79
CA HIS P 247 -15.49 21.56 29.51
C HIS P 247 -15.78 21.61 31.00
N ARG P 248 -17.04 21.92 31.37
CA ARG P 248 -17.39 21.97 32.78
C ARG P 248 -17.15 20.64 33.47
N ILE P 249 -17.57 19.54 32.83
CA ILE P 249 -17.43 18.25 33.47
C ILE P 249 -16.00 17.74 33.35
N LYS P 250 -15.24 18.24 32.37
CA LYS P 250 -13.80 18.01 32.38
C LYS P 250 -13.17 18.61 33.62
N LYS P 251 -13.61 19.82 33.99
CA LYS P 251 -13.19 20.38 35.27
C LYS P 251 -13.64 19.51 36.43
N LEU P 252 -14.87 19.01 36.35
CA LEU P 252 -15.47 18.26 37.46
C LEU P 252 -14.75 16.94 37.72
N PHE P 253 -14.56 16.13 36.68
CA PHE P 253 -14.05 14.77 36.82
C PHE P 253 -12.60 14.63 36.34
N GLY P 254 -11.96 15.71 35.93
CA GLY P 254 -10.58 15.62 35.51
C GLY P 254 -10.34 15.03 34.15
N PHE P 255 -11.39 14.79 33.36
CA PHE P 255 -11.22 14.26 32.02
C PHE P 255 -12.40 14.66 31.15
N ILE P 256 -12.17 14.66 29.85
CA ILE P 256 -13.24 14.89 28.89
C ILE P 256 -13.97 13.57 28.65
N PRO P 257 -15.31 13.56 28.64
CA PRO P 257 -16.04 12.31 28.43
C PRO P 257 -15.81 11.73 27.05
N GLY P 258 -15.88 10.39 26.98
CA GLY P 258 -15.74 9.69 25.71
C GLY P 258 -14.34 9.61 25.15
N SER P 259 -13.32 9.80 26.00
CA SER P 259 -11.93 9.76 25.55
C SER P 259 -11.10 8.98 26.57
N GLU P 260 -9.87 8.63 26.15
CA GLU P 260 -8.99 7.78 26.93
C GLU P 260 -8.50 8.54 28.17
N ASP P 261 -8.99 8.15 29.35
CA ASP P 261 -8.70 8.89 30.57
C ASP P 261 -7.96 8.06 31.62
N VAL P 262 -7.34 6.95 31.23
CA VAL P 262 -6.60 6.15 32.20
C VAL P 262 -5.39 6.89 32.75
N LYS P 263 -5.04 8.03 32.17
CA LYS P 263 -3.92 8.81 32.68
C LYS P 263 -4.23 9.37 34.06
N HIS P 264 -5.40 10.00 34.22
CA HIS P 264 -5.73 10.64 35.48
C HIS P 264 -7.23 10.59 35.70
N ILE P 265 -7.62 10.56 36.99
CA ILE P 265 -9.02 10.62 37.40
C ILE P 265 -9.11 11.57 38.57
N ARG P 266 -10.32 12.05 38.83
CA ARG P 266 -10.57 13.02 39.88
C ARG P 266 -11.48 12.43 40.94
N ILE P 267 -11.41 12.97 42.14
CA ILE P 267 -12.31 12.64 43.24
C ILE P 267 -13.06 13.90 43.63
N PRO P 268 -14.30 14.05 43.20
CA PRO P 268 -15.05 15.29 43.49
C PRO P 268 -15.25 15.48 44.98
N SER P 269 -15.20 16.74 45.41
CA SER P 269 -15.53 17.11 46.78
C SER P 269 -16.99 17.51 46.88
N CYS P 270 -17.51 17.46 48.12
CA CYS P 270 -18.93 17.72 48.33
C CYS P 270 -19.28 19.14 47.91
N GLN P 271 -18.43 20.10 48.23
CA GLN P 271 -18.65 21.48 47.80
C GLN P 271 -18.55 21.57 46.29
N ASP P 272 -17.66 20.78 45.68
CA ASP P 272 -17.62 20.73 44.21
C ASP P 272 -18.88 20.08 43.64
N TRP P 273 -19.39 19.04 44.31
CA TRP P 273 -20.68 18.48 43.93
C TRP P 273 -21.77 19.54 44.00
N LYS P 274 -21.66 20.48 44.93
CA LYS P 274 -22.61 21.59 44.95
C LYS P 274 -22.38 22.48 43.72
N ASP P 275 -21.13 22.77 43.37
CA ASP P 275 -20.88 23.68 42.26
C ASP P 275 -21.44 23.13 40.95
N ILE P 276 -21.24 21.84 40.70
CA ILE P 276 -21.76 21.28 39.44
C ILE P 276 -23.29 21.32 39.43
N SER P 277 -23.92 21.06 40.57
CA SER P 277 -25.37 21.13 40.67
C SER P 277 -25.88 22.56 40.49
N LEU Q 6 -30.99 5.14 9.34
CA LEU Q 6 -32.29 5.81 9.32
C LEU Q 6 -32.88 5.89 10.71
N ASN Q 7 -32.25 5.18 11.65
CA ASN Q 7 -32.66 5.22 13.05
C ASN Q 7 -32.53 6.63 13.59
N ASN Q 8 -31.44 7.32 13.24
CA ASN Q 8 -31.27 8.71 13.67
C ASN Q 8 -32.39 9.59 13.12
N ILE Q 9 -32.79 9.37 11.87
CA ILE Q 9 -33.91 10.11 11.29
C ILE Q 9 -35.19 9.80 12.06
N VAL Q 10 -35.38 8.54 12.44
CA VAL Q 10 -36.56 8.16 13.22
C VAL Q 10 -36.54 8.88 14.56
N SER Q 11 -35.38 8.96 15.22
CA SER Q 11 -35.28 9.69 16.47
C SER Q 11 -35.61 11.16 16.29
N SER Q 12 -35.12 11.77 15.21
CA SER Q 12 -35.42 13.16 14.94
C SER Q 12 -36.92 13.39 14.77
N LEU Q 13 -37.59 12.45 14.11
CA LEU Q 13 -39.04 12.53 13.96
C LEU Q 13 -39.74 12.42 15.32
N GLN Q 14 -39.24 11.53 16.20
CA GLN Q 14 -39.85 11.39 17.51
C GLN Q 14 -39.67 12.67 18.32
N ARG Q 15 -38.58 13.40 18.06
CA ARG Q 15 -38.32 14.63 18.83
C ARG Q 15 -39.45 15.63 18.70
N ASN Q 16 -40.27 15.52 17.66
CA ASN Q 16 -41.46 16.33 17.51
C ASN Q 16 -42.54 15.78 18.43
N GLY Q 17 -43.15 16.65 19.22
CA GLY Q 17 -44.15 16.21 20.18
C GLY Q 17 -45.46 15.77 19.55
N ILE Q 18 -45.71 16.16 18.31
CA ILE Q 18 -46.98 15.84 17.66
C ILE Q 18 -47.13 14.32 17.51
N PHE Q 19 -46.08 13.65 17.06
CA PHE Q 19 -46.16 12.21 16.87
C PHE Q 19 -46.37 11.47 18.18
N ILE Q 20 -45.63 11.84 19.21
CA ILE Q 20 -45.75 11.14 20.49
C ILE Q 20 -47.12 11.40 21.12
N ASN Q 21 -47.60 12.64 21.05
CA ASN Q 21 -48.92 12.93 21.60
C ASN Q 21 -50.01 12.18 20.83
N SER Q 22 -49.88 12.10 19.51
CA SER Q 22 -50.84 11.32 18.72
C SER Q 22 -50.79 9.85 19.10
N LEU Q 23 -49.59 9.31 19.33
CA LEU Q 23 -49.46 7.91 19.71
C LEU Q 23 -50.11 7.67 21.08
N ILE Q 24 -49.91 8.59 22.01
CA ILE Q 24 -50.53 8.46 23.33
C ILE Q 24 -52.05 8.50 23.21
N ALA Q 25 -52.58 9.43 22.40
CA ALA Q 25 -54.02 9.52 22.23
C ALA Q 25 -54.59 8.27 21.59
N ALA Q 26 -53.89 7.73 20.58
CA ALA Q 26 -54.36 6.50 19.94
C ALA Q 26 -54.37 5.33 20.91
N LEU Q 27 -53.32 5.21 21.73
CA LEU Q 27 -53.31 4.15 22.74
C LEU Q 27 -54.44 4.34 23.74
N THR Q 28 -54.70 5.58 24.14
CA THR Q 28 -55.81 5.82 25.06
C THR Q 28 -57.14 5.42 24.45
N ILE Q 29 -57.34 5.73 23.16
CA ILE Q 29 -58.60 5.38 22.50
C ILE Q 29 -58.76 3.86 22.43
N GLY Q 30 -57.71 3.16 22.02
CA GLY Q 30 -57.80 1.71 21.94
C GLY Q 30 -58.02 1.06 23.29
N GLY Q 31 -57.29 1.52 24.31
CA GLY Q 31 -57.46 0.98 25.65
C GLY Q 31 -58.84 1.25 26.19
N GLN Q 32 -59.37 2.46 25.95
CA GLN Q 32 -60.72 2.75 26.39
C GLN Q 32 -61.74 1.86 25.69
N GLN Q 33 -61.58 1.65 24.39
CA GLN Q 33 -62.50 0.77 23.68
C GLN Q 33 -62.50 -0.62 24.30
N LEU Q 34 -61.33 -1.22 24.47
CA LEU Q 34 -61.28 -2.56 25.04
C LEU Q 34 -61.83 -2.59 26.45
N PHE Q 35 -61.44 -1.62 27.29
CA PHE Q 35 -61.83 -1.61 28.68
C PHE Q 35 -63.35 -1.45 28.84
N SER Q 36 -63.93 -0.48 28.12
CA SER Q 36 -65.37 -0.24 28.24
C SER Q 36 -66.17 -1.39 27.64
N SER Q 37 -65.78 -1.88 26.46
CA SER Q 37 -66.53 -2.97 25.86
C SER Q 37 -66.36 -4.27 26.62
N SER Q 38 -65.35 -4.36 27.50
CA SER Q 38 -65.15 -5.59 28.24
C SER Q 38 -65.85 -5.56 29.60
N THR Q 39 -65.52 -4.58 30.44
CA THR Q 39 -65.88 -4.66 31.85
C THR Q 39 -66.62 -3.41 32.33
N PHE Q 40 -67.64 -2.96 31.59
CA PHE Q 40 -68.42 -1.85 32.14
C PHE Q 40 -69.52 -2.37 33.07
N SER Q 41 -70.48 -3.13 32.53
CA SER Q 41 -71.54 -3.76 33.30
C SER Q 41 -72.22 -2.78 34.26
N CYS Q 42 -72.92 -1.81 33.67
CA CYS Q 42 -73.60 -0.78 34.45
C CYS Q 42 -74.54 -1.40 35.48
N PRO Q 43 -74.40 -1.08 36.76
CA PRO Q 43 -75.26 -1.68 37.78
C PRO Q 43 -76.65 -1.07 37.77
N CYS Q 44 -77.55 -1.80 38.41
CA CYS Q 44 -78.94 -1.38 38.54
C CYS Q 44 -79.27 -0.92 39.95
N GLN Q 45 -78.26 -0.75 40.80
CA GLN Q 45 -78.49 -0.47 42.20
C GLN Q 45 -79.14 0.90 42.37
N VAL Q 46 -80.22 0.95 43.14
CA VAL Q 46 -80.92 2.21 43.37
C VAL Q 46 -80.10 3.15 44.24
N GLY Q 47 -79.47 2.62 45.28
CA GLY Q 47 -78.76 3.46 46.23
C GLY Q 47 -77.59 4.21 45.65
N LYS Q 48 -76.58 3.49 45.18
CA LYS Q 48 -75.33 4.07 44.69
C LYS Q 48 -75.11 3.61 43.27
N ASN Q 49 -75.39 4.50 42.31
CA ASN Q 49 -75.14 4.22 40.90
C ASN Q 49 -74.37 5.39 40.29
N PHE Q 50 -74.53 6.57 40.88
CA PHE Q 50 -73.75 7.73 40.44
C PHE Q 50 -72.26 7.51 40.70
N TYR Q 51 -71.92 6.90 41.83
CA TYR Q 51 -70.52 6.67 42.15
C TYR Q 51 -69.86 5.75 41.12
N TYR Q 52 -70.62 4.77 40.61
CA TYR Q 52 -70.04 3.82 39.65
C TYR Q 52 -69.62 4.54 38.38
N GLY Q 53 -70.53 5.30 37.77
CA GLY Q 53 -70.20 6.02 36.56
C GLY Q 53 -69.16 7.10 36.79
N SER Q 54 -69.28 7.82 37.91
CA SER Q 54 -68.32 8.87 38.20
C SER Q 54 -66.92 8.30 38.36
N ALA Q 55 -66.79 7.17 39.04
CA ALA Q 55 -65.48 6.53 39.16
C ALA Q 55 -64.97 6.09 37.81
N PHE Q 56 -65.78 5.34 37.06
CA PHE Q 56 -65.36 4.87 35.75
C PHE Q 56 -65.03 6.01 34.79
N LEU Q 57 -65.50 7.22 35.06
CA LEU Q 57 -65.29 8.36 34.18
C LEU Q 57 -64.13 9.24 34.62
N VAL Q 58 -63.90 9.41 35.92
CA VAL Q 58 -62.89 10.35 36.40
C VAL Q 58 -61.63 9.64 36.89
N ILE Q 59 -61.76 8.46 37.53
CA ILE Q 59 -60.58 7.82 38.10
C ILE Q 59 -59.54 7.46 37.05
N PRO Q 60 -59.87 6.84 35.92
CA PRO Q 60 -58.83 6.63 34.90
C PRO Q 60 -58.19 7.91 34.41
N ALA Q 61 -58.98 8.98 34.26
CA ALA Q 61 -58.40 10.25 33.85
C ALA Q 61 -57.43 10.79 34.89
N LEU Q 62 -57.80 10.69 36.17
CA LEU Q 62 -56.91 11.17 37.23
C LEU Q 62 -55.64 10.34 37.28
N ILE Q 63 -55.75 9.01 37.11
CA ILE Q 63 -54.58 8.15 37.11
C ILE Q 63 -53.67 8.49 35.94
N LEU Q 64 -54.24 8.68 34.75
CA LEU Q 64 -53.42 9.01 33.60
C LEU Q 64 -52.73 10.36 33.77
N LEU Q 65 -53.44 11.34 34.35
CA LEU Q 65 -52.82 12.64 34.63
C LEU Q 65 -51.65 12.49 35.58
N VAL Q 66 -51.84 11.75 36.67
CA VAL Q 66 -50.77 11.58 37.65
C VAL Q 66 -49.60 10.83 37.03
N ALA Q 67 -49.89 9.81 36.20
CA ALA Q 67 -48.82 9.08 35.54
C ALA Q 67 -48.04 9.97 34.58
N GLY Q 68 -48.74 10.79 33.81
CA GLY Q 68 -48.05 11.70 32.90
C GLY Q 68 -47.15 12.68 33.61
N PHE Q 69 -47.60 13.18 34.76
CA PHE Q 69 -46.75 14.11 35.51
C PHE Q 69 -45.59 13.38 36.19
N ALA Q 70 -45.85 12.23 36.82
CA ALA Q 70 -44.82 11.60 37.64
C ALA Q 70 -43.76 10.89 36.80
N LEU Q 71 -44.17 10.24 35.70
CA LEU Q 71 -43.23 9.45 34.91
C LEU Q 71 -42.16 10.31 34.25
N ARG Q 72 -42.35 11.62 34.20
CA ARG Q 72 -41.34 12.51 33.64
C ARG Q 72 -40.33 12.89 34.72
N SER Q 73 -39.07 12.55 34.50
CA SER Q 73 -38.02 12.84 35.48
C SER Q 73 -37.78 14.33 35.63
N GLN Q 74 -38.04 15.10 34.57
CA GLN Q 74 -37.93 16.55 34.68
C GLN Q 74 -38.85 17.10 35.77
N MET Q 75 -40.02 16.48 35.94
CA MET Q 75 -40.91 16.90 37.01
C MET Q 75 -40.29 16.65 38.39
N TRP Q 76 -39.61 15.51 38.55
CA TRP Q 76 -38.94 15.27 39.83
C TRP Q 76 -37.84 16.30 40.06
N THR Q 77 -37.11 16.66 39.00
CA THR Q 77 -36.07 17.68 39.15
C THR Q 77 -36.68 19.03 39.54
N ILE Q 78 -37.80 19.40 38.92
CA ILE Q 78 -38.47 20.67 39.27
C ILE Q 78 -38.94 20.64 40.71
N THR Q 79 -39.56 19.55 41.14
CA THR Q 79 -40.03 19.46 42.52
C THR Q 79 -38.87 19.52 43.49
N GLY Q 80 -37.74 18.89 43.15
CA GLY Q 80 -36.56 18.98 43.99
C GLY Q 80 -36.03 20.40 44.09
N GLU Q 81 -36.05 21.12 42.98
CA GLU Q 81 -35.61 22.52 43.01
C GLU Q 81 -36.53 23.38 43.86
N TYR Q 82 -37.85 23.23 43.67
CA TYR Q 82 -38.80 24.07 44.40
C TYR Q 82 -38.84 23.73 45.88
N CYS Q 83 -38.82 22.45 46.22
CA CYS Q 83 -38.87 22.02 47.61
C CYS Q 83 -37.65 22.49 48.39
N PRO Q 95 -37.58 35.47 40.77
CA PRO Q 95 -36.56 35.79 39.76
C PRO Q 95 -36.60 34.87 38.56
N LEU Q 96 -35.49 34.76 37.82
CA LEU Q 96 -35.47 33.98 36.60
C LEU Q 96 -35.58 32.48 36.86
N GLU Q 97 -35.12 32.02 38.03
CA GLU Q 97 -35.25 30.60 38.34
C GLU Q 97 -36.70 30.17 38.42
N CYS Q 98 -37.56 31.02 39.02
CA CYS Q 98 -38.98 30.69 39.08
C CYS Q 98 -39.59 30.59 37.70
N LYS Q 99 -39.28 31.55 36.81
CA LYS Q 99 -39.84 31.52 35.47
C LYS Q 99 -39.33 30.29 34.70
N LEU Q 100 -38.06 29.95 34.89
CA LEU Q 100 -37.51 28.79 34.20
C LEU Q 100 -38.18 27.50 34.68
N ALA Q 101 -38.40 27.38 35.99
CA ALA Q 101 -39.12 26.22 36.51
C ALA Q 101 -40.54 26.17 35.99
N CYS Q 102 -41.20 27.33 35.90
CA CYS Q 102 -42.56 27.36 35.36
C CYS Q 102 -42.59 26.93 33.90
N LEU Q 103 -41.60 27.36 33.12
CA LEU Q 103 -41.52 26.94 31.72
C LEU Q 103 -41.32 25.43 31.61
N ARG Q 104 -40.46 24.86 32.44
CA ARG Q 104 -40.27 23.42 32.40
C ARG Q 104 -41.54 22.68 32.83
N PHE Q 105 -42.23 23.21 33.83
CA PHE Q 105 -43.50 22.62 34.25
C PHE Q 105 -44.50 22.64 33.11
N PHE Q 106 -44.56 23.74 32.37
CA PHE Q 106 -45.46 23.82 31.22
C PHE Q 106 -45.10 22.79 30.15
N SER Q 107 -43.81 22.64 29.88
CA SER Q 107 -43.38 21.65 28.89
C SER Q 107 -43.78 20.24 29.31
N ILE Q 108 -43.74 19.96 30.61
CA ILE Q 108 -44.23 18.67 31.10
C ILE Q 108 -45.75 18.59 30.97
N THR Q 109 -46.43 19.69 31.29
CA THR Q 109 -47.88 19.73 31.30
C THR Q 109 -48.47 19.45 29.93
N GLY Q 110 -47.73 19.75 28.86
CA GLY Q 110 -48.22 19.39 27.54
C GLY Q 110 -48.62 17.92 27.45
N ARG Q 111 -47.67 17.02 27.71
CA ARG Q 111 -48.00 15.59 27.70
C ARG Q 111 -48.92 15.20 28.84
N ALA Q 112 -48.71 15.78 30.03
CA ALA Q 112 -49.55 15.41 31.16
C ALA Q 112 -51.02 15.74 30.89
N VAL Q 113 -51.28 16.67 29.98
CA VAL Q 113 -52.65 17.04 29.65
C VAL Q 113 -53.17 16.23 28.46
N ILE Q 114 -52.33 15.98 27.46
CA ILE Q 114 -52.85 15.19 26.33
C ILE Q 114 -53.17 13.77 26.78
N ALA Q 115 -52.55 13.29 27.87
CA ALA Q 115 -52.81 11.91 28.27
C ALA Q 115 -54.25 11.65 28.69
N PRO Q 116 -54.86 12.41 29.62
CA PRO Q 116 -56.24 12.06 30.04
C PRO Q 116 -57.33 12.74 29.24
N LEU Q 117 -57.03 13.83 28.55
CA LEU Q 117 -58.05 14.53 27.77
C LEU Q 117 -58.64 13.61 26.71
N THR Q 118 -57.82 12.75 26.13
CA THR Q 118 -58.34 11.77 25.18
C THR Q 118 -59.34 10.83 25.84
N TRP Q 119 -59.03 10.36 27.05
CA TRP Q 119 -59.95 9.48 27.76
C TRP Q 119 -61.27 10.18 28.03
N LEU Q 120 -61.22 11.40 28.57
CA LEU Q 120 -62.46 12.11 28.87
C LEU Q 120 -63.27 12.38 27.60
N ALA Q 121 -62.60 12.82 26.54
CA ALA Q 121 -63.32 13.12 25.31
C ALA Q 121 -63.99 11.88 24.75
N VAL Q 122 -63.25 10.77 24.67
CA VAL Q 122 -63.82 9.56 24.08
C VAL Q 122 -64.97 9.04 24.94
N THR Q 123 -64.80 9.03 26.26
CA THR Q 123 -65.86 8.50 27.12
C THR Q 123 -67.10 9.36 27.05
N LEU Q 124 -66.95 10.69 27.06
CA LEU Q 124 -68.12 11.54 26.97
C LEU Q 124 -68.80 11.42 25.60
N LEU Q 125 -68.02 11.35 24.52
CA LEU Q 125 -68.62 11.25 23.19
C LEU Q 125 -69.37 9.94 23.02
N THR Q 126 -68.81 8.84 23.55
CA THR Q 126 -69.56 7.59 23.55
C THR Q 126 -70.81 7.70 24.38
N GLY Q 127 -70.71 8.37 25.54
CA GLY Q 127 -71.87 8.73 26.33
C GLY Q 127 -72.38 7.67 27.27
N THR Q 128 -71.92 6.42 27.14
CA THR Q 128 -72.44 5.36 28.00
C THR Q 128 -72.05 5.58 29.45
N TYR Q 129 -70.83 6.04 29.71
CA TYR Q 129 -70.40 6.30 31.07
C TYR Q 129 -71.25 7.39 31.71
N TYR Q 130 -71.48 8.48 31.00
CA TYR Q 130 -72.28 9.57 31.54
C TYR Q 130 -73.72 9.14 31.76
N GLU Q 131 -74.25 8.32 30.86
CA GLU Q 131 -75.60 7.81 31.03
C GLU Q 131 -75.71 6.99 32.31
N CYS Q 132 -74.81 6.01 32.48
CA CYS Q 132 -74.86 5.17 33.67
C CYS Q 132 -74.58 5.98 34.93
N ALA Q 133 -73.87 7.10 34.81
CA ALA Q 133 -73.56 7.90 35.99
C ALA Q 133 -74.76 8.76 36.40
N ALA Q 134 -75.30 9.54 35.47
CA ALA Q 134 -76.33 10.52 35.79
C ALA Q 134 -77.72 10.07 35.37
N SER Q 135 -77.96 8.77 35.28
CA SER Q 135 -79.32 8.30 35.00
C SER Q 135 -80.29 8.68 36.10
N GLU Q 136 -79.92 8.49 37.36
CA GLU Q 136 -80.86 8.65 38.45
C GLU Q 136 -81.24 10.10 38.70
N PHE Q 137 -80.50 11.06 38.15
CA PHE Q 137 -80.79 12.46 38.36
C PHE Q 137 -81.77 13.03 37.35
N ALA Q 138 -82.43 12.17 36.59
CA ALA Q 138 -83.40 12.61 35.60
C ALA Q 138 -84.65 13.17 36.28
N SER Q 139 -85.27 14.14 35.62
CA SER Q 139 -86.50 14.74 36.11
C SER Q 139 -87.71 13.89 35.73
N VAL Q 140 -88.78 14.02 36.51
CA VAL Q 140 -90.01 13.28 36.28
C VAL Q 140 -91.22 14.20 36.16
N ASP Q 141 -91.05 15.51 36.33
CA ASP Q 141 -92.19 16.42 36.25
C ASP Q 141 -92.78 16.44 34.85
N HIS Q 142 -91.93 16.40 33.83
CA HIS Q 142 -92.41 16.47 32.45
C HIS Q 142 -93.28 15.26 32.12
N TYR Q 143 -92.96 14.10 32.67
CA TYR Q 143 -93.62 12.86 32.29
C TYR Q 143 -94.74 12.56 33.28
N PRO Q 144 -96.01 12.58 32.85
CA PRO Q 144 -97.09 12.27 33.80
C PRO Q 144 -97.09 10.82 34.26
N MET Q 145 -96.40 9.92 33.55
CA MET Q 145 -96.39 8.51 33.93
C MET Q 145 -95.65 8.25 35.24
N PHE Q 146 -94.84 9.20 35.71
CA PHE Q 146 -94.02 9.02 36.89
C PHE Q 146 -94.59 9.72 38.12
N ASP Q 147 -95.92 9.72 38.28
CA ASP Q 147 -96.53 10.30 39.46
C ASP Q 147 -96.03 9.61 40.73
N ASN Q 148 -96.40 8.35 40.90
CA ASN Q 148 -95.88 7.47 41.95
C ASN Q 148 -95.88 8.13 43.33
N VAL Q 149 -97.10 8.34 43.84
CA VAL Q 149 -97.33 8.98 45.13
C VAL Q 149 -96.48 8.33 46.22
N SER Q 150 -96.04 7.09 46.00
CA SER Q 150 -95.14 6.44 46.94
C SER Q 150 -93.81 7.17 47.04
N ALA Q 151 -93.35 7.78 45.95
CA ALA Q 151 -92.16 8.63 45.90
C ALA Q 151 -90.88 7.88 46.23
N SER Q 152 -90.93 6.56 46.32
CA SER Q 152 -89.74 5.74 46.51
C SER Q 152 -89.57 4.69 45.41
N LYS Q 153 -90.66 4.09 44.96
CA LYS Q 153 -90.58 3.16 43.84
C LYS Q 153 -90.14 3.89 42.57
N ARG Q 154 -90.57 5.15 42.41
CA ARG Q 154 -90.20 5.92 41.23
C ARG Q 154 -88.69 6.08 41.11
N GLU Q 155 -88.04 6.40 42.23
CA GLU Q 155 -86.57 6.52 42.19
C GLU Q 155 -85.93 5.21 41.80
N GLU Q 156 -86.44 4.10 42.33
CA GLU Q 156 -85.84 2.80 42.03
C GLU Q 156 -86.00 2.44 40.56
N ILE Q 157 -87.20 2.64 39.99
CA ILE Q 157 -87.36 2.30 38.58
C ILE Q 157 -86.54 3.25 37.72
N LEU Q 158 -86.45 4.52 38.12
CA LEU Q 158 -85.64 5.48 37.38
C LEU Q 158 -84.18 5.07 37.33
N ALA Q 159 -83.63 4.61 38.45
CA ALA Q 159 -82.26 4.10 38.45
C ALA Q 159 -82.15 2.71 37.86
N GLY Q 160 -83.26 2.01 37.67
CA GLY Q 160 -83.22 0.65 37.19
C GLY Q 160 -83.31 0.45 35.69
N PHE Q 161 -84.21 1.18 35.02
CA PHE Q 161 -84.42 0.86 33.61
C PHE Q 161 -83.20 1.12 32.70
N PRO Q 162 -82.30 2.06 32.99
CA PRO Q 162 -81.14 2.23 32.09
C PRO Q 162 -80.25 1.02 32.01
N CYS Q 163 -80.20 0.19 33.05
CA CYS Q 163 -79.12 -0.81 33.14
C CYS Q 163 -79.42 -2.05 32.30
N CYS Q 164 -80.39 -2.86 32.75
CA CYS Q 164 -80.69 -4.12 32.08
C CYS Q 164 -82.15 -4.53 32.21
N ARG Q 165 -83.01 -3.64 32.69
CA ARG Q 165 -84.36 -4.07 33.06
C ARG Q 165 -85.14 -4.56 31.86
N SER Q 166 -85.03 -3.86 30.73
CA SER Q 166 -85.79 -4.16 29.51
C SER Q 166 -87.26 -4.16 29.92
N ALA Q 167 -87.95 -5.29 29.88
CA ALA Q 167 -89.32 -5.42 30.38
C ALA Q 167 -90.24 -4.42 29.69
N PRO Q 168 -90.53 -4.60 28.40
CA PRO Q 168 -91.38 -3.64 27.70
C PRO Q 168 -92.79 -3.60 28.26
N SER Q 169 -93.12 -2.51 28.95
CA SER Q 169 -94.44 -2.29 29.51
C SER Q 169 -94.96 -0.93 29.10
N ASP Q 170 -94.62 -0.53 27.87
CA ASP Q 170 -95.00 0.72 27.23
C ASP Q 170 -94.41 1.94 27.95
N VAL Q 171 -93.58 1.74 28.99
CA VAL Q 171 -92.81 2.84 29.56
C VAL Q 171 -91.53 3.07 28.78
N ILE Q 172 -91.16 2.15 27.88
CA ILE Q 172 -89.90 2.23 27.16
C ILE Q 172 -89.84 3.46 26.27
N LEU Q 173 -90.98 4.09 25.99
CA LEU Q 173 -90.95 5.37 25.29
C LEU Q 173 -90.26 6.43 26.14
N VAL Q 174 -90.64 6.52 27.41
CA VAL Q 174 -89.99 7.48 28.32
C VAL Q 174 -88.53 7.11 28.52
N ARG Q 175 -88.24 5.81 28.67
CA ARG Q 175 -86.87 5.36 28.78
C ARG Q 175 -86.04 5.82 27.58
N ASP Q 176 -86.56 5.60 26.37
CA ASP Q 176 -85.80 5.95 25.18
C ASP Q 176 -85.62 7.45 25.06
N GLU Q 177 -86.67 8.22 25.38
CA GLU Q 177 -86.56 9.67 25.28
C GLU Q 177 -85.53 10.21 26.26
N ILE Q 178 -85.57 9.75 27.51
CA ILE Q 178 -84.63 10.27 28.49
C ILE Q 178 -83.22 9.77 28.22
N ALA Q 179 -83.08 8.55 27.68
CA ALA Q 179 -81.76 8.06 27.30
C ALA Q 179 -81.16 8.91 26.19
N LEU Q 180 -81.97 9.27 25.20
CA LEU Q 180 -81.48 10.17 24.15
C LEU Q 180 -81.14 11.53 24.71
N LEU Q 181 -81.92 12.02 25.67
CA LEU Q 181 -81.61 13.30 26.30
C LEU Q 181 -80.25 13.25 26.99
N HIS Q 182 -80.00 12.19 27.76
CA HIS Q 182 -78.71 12.10 28.47
C HIS Q 182 -77.57 11.88 27.52
N ARG Q 183 -77.77 11.11 26.45
CA ARG Q 183 -76.71 10.92 25.45
C ARG Q 183 -76.36 12.24 24.77
N TYR Q 184 -77.39 13.02 24.41
CA TYR Q 184 -77.12 14.32 23.79
C TYR Q 184 -76.39 15.24 24.75
N GLN Q 185 -76.82 15.25 26.01
CA GLN Q 185 -76.15 16.09 27.00
C GLN Q 185 -74.70 15.65 27.18
N SER Q 186 -74.46 14.34 27.19
CA SER Q 186 -73.10 13.83 27.33
C SER Q 186 -72.22 14.27 26.18
N GLN Q 187 -72.68 14.10 24.94
CA GLN Q 187 -71.85 14.45 23.80
C GLN Q 187 -71.64 15.96 23.71
N MET Q 188 -72.67 16.76 24.02
CA MET Q 188 -72.47 18.20 24.03
C MET Q 188 -71.49 18.61 25.12
N LEU Q 189 -71.55 17.96 26.28
CA LEU Q 189 -70.59 18.24 27.34
C LEU Q 189 -69.18 17.87 26.90
N GLY Q 190 -69.04 16.77 26.16
CA GLY Q 190 -67.73 16.42 25.64
C GLY Q 190 -67.20 17.46 24.67
N TRP Q 191 -68.06 17.98 23.80
CA TRP Q 191 -67.61 19.03 22.89
C TRP Q 191 -67.24 20.29 23.65
N ILE Q 192 -68.02 20.65 24.67
CA ILE Q 192 -67.67 21.81 25.49
C ILE Q 192 -66.33 21.60 26.15
N LEU Q 193 -66.08 20.40 26.66
CA LEU Q 193 -64.82 20.09 27.34
C LEU Q 193 -63.64 20.19 26.39
N ILE Q 194 -63.77 19.62 25.18
CA ILE Q 194 -62.65 19.64 24.25
C ILE Q 194 -62.40 21.06 23.75
N THR Q 195 -63.46 21.84 23.51
CA THR Q 195 -63.27 23.22 23.12
C THR Q 195 -62.58 24.02 24.21
N LEU Q 196 -62.99 23.84 25.46
CA LEU Q 196 -62.33 24.54 26.56
C LEU Q 196 -60.88 24.10 26.69
N ALA Q 197 -60.61 22.81 26.51
CA ALA Q 197 -59.24 22.34 26.59
C ALA Q 197 -58.37 22.97 25.51
N THR Q 198 -58.87 23.04 24.28
CA THR Q 198 -58.10 23.65 23.21
C THR Q 198 -57.87 25.13 23.46
N ILE Q 199 -58.91 25.85 23.90
CA ILE Q 199 -58.76 27.27 24.18
C ILE Q 199 -57.75 27.48 25.31
N ALA Q 200 -57.83 26.68 26.37
CA ALA Q 200 -56.89 26.79 27.47
C ALA Q 200 -55.47 26.48 27.02
N ALA Q 201 -55.30 25.48 26.17
CA ALA Q 201 -53.96 25.15 25.69
C ALA Q 201 -53.37 26.30 24.87
N LEU Q 202 -54.17 26.88 23.97
CA LEU Q 202 -53.67 27.98 23.16
C LEU Q 202 -53.34 29.19 24.02
N VAL Q 203 -54.22 29.52 24.97
CA VAL Q 203 -53.98 30.66 25.84
C VAL Q 203 -52.76 30.43 26.71
N SER Q 204 -52.59 29.20 27.21
CA SER Q 204 -51.43 28.89 28.04
C SER Q 204 -50.13 28.99 27.24
N CYS Q 205 -50.14 28.53 25.99
CA CYS Q 205 -48.95 28.68 25.16
C CYS Q 205 -48.64 30.15 24.90
N CYS Q 206 -49.68 30.95 24.62
CA CYS Q 206 -49.46 32.38 24.41
C CYS Q 206 -48.92 33.05 25.67
N VAL Q 207 -49.46 32.68 26.83
CA VAL Q 207 -48.98 33.26 28.09
C VAL Q 207 -47.55 32.83 28.37
N ALA Q 208 -47.20 31.58 28.03
CA ALA Q 208 -45.83 31.13 28.19
C ALA Q 208 -44.88 31.93 27.31
N LYS Q 209 -45.28 32.18 26.06
CA LYS Q 209 -44.43 32.99 25.19
C LYS Q 209 -44.31 34.42 25.68
N CYS Q 210 -45.41 35.01 26.16
CA CYS Q 210 -45.37 36.39 26.64
C CYS Q 210 -44.53 36.52 27.91
N CYS Q 211 -44.70 35.59 28.85
CA CYS Q 211 -44.05 35.67 30.15
C CYS Q 211 -42.62 35.15 30.15
N SER Q 212 -42.19 34.50 29.08
CA SER Q 212 -40.83 33.96 29.04
C SER Q 212 -39.82 35.11 28.93
N PRO Q 213 -38.88 35.23 29.86
CA PRO Q 213 -37.87 36.29 29.72
C PRO Q 213 -36.87 36.01 28.63
N LEU Q 214 -36.59 34.74 28.35
CA LEU Q 214 -35.63 34.39 27.30
C LEU Q 214 -36.21 34.74 25.93
N THR Q 215 -35.32 35.13 25.02
CA THR Q 215 -35.72 35.30 23.63
C THR Q 215 -36.00 33.94 23.00
N SER Q 216 -36.55 33.96 21.78
CA SER Q 216 -36.86 32.72 21.09
C SER Q 216 -35.59 31.89 20.87
N LEU Q 217 -34.55 32.53 20.33
CA LEU Q 217 -33.28 31.82 20.14
C LEU Q 217 -32.67 31.44 21.47
N GLN Q 218 -32.75 32.35 22.46
CA GLN Q 218 -32.23 32.03 23.79
C GLN Q 218 -33.02 30.89 24.42
N HIS Q 219 -34.33 30.85 24.20
CA HIS Q 219 -35.14 29.75 24.72
C HIS Q 219 -34.73 28.42 24.09
N CYS Q 220 -34.50 28.42 22.77
CA CYS Q 220 -34.02 27.20 22.13
C CYS Q 220 -32.68 26.77 22.69
N TYR Q 221 -31.77 27.72 22.88
CA TYR Q 221 -30.47 27.39 23.44
C TYR Q 221 -30.61 26.80 24.84
N TRP Q 222 -31.47 27.39 25.66
CA TRP Q 222 -31.64 26.92 27.03
C TRP Q 222 -32.23 25.52 27.07
N THR Q 223 -33.23 25.24 26.23
CA THR Q 223 -33.81 23.90 26.19
C THR Q 223 -32.76 22.87 25.81
N SER Q 224 -31.99 23.15 24.75
CA SER Q 224 -30.97 22.21 24.34
C SER Q 224 -29.88 22.08 25.39
N HIS Q 225 -29.57 23.18 26.09
CA HIS Q 225 -28.61 23.14 27.19
C HIS Q 225 -29.05 22.16 28.26
N LEU Q 226 -30.32 22.23 28.64
CA LEU Q 226 -30.83 21.37 29.70
C LEU Q 226 -30.73 19.90 29.30
N GLN Q 227 -31.23 19.58 28.10
CA GLN Q 227 -31.19 18.19 27.66
C GLN Q 227 -29.75 17.68 27.60
N ASN Q 228 -28.85 18.47 27.01
CA ASN Q 228 -27.49 18.01 26.80
C ASN Q 228 -26.74 17.89 28.12
N GLU Q 229 -26.94 18.82 29.05
CA GLU Q 229 -26.24 18.72 30.32
C GLU Q 229 -26.67 17.47 31.08
N ARG Q 230 -27.97 17.16 31.07
CA ARG Q 230 -28.39 15.96 31.79
C ARG Q 230 -27.80 14.70 31.16
N GLU Q 231 -27.86 14.61 29.82
CA GLU Q 231 -27.35 13.40 29.16
C GLU Q 231 -25.86 13.26 29.36
N LEU Q 232 -25.11 14.35 29.23
CA LEU Q 232 -23.66 14.31 29.38
C LEU Q 232 -23.27 13.86 30.78
N PHE Q 233 -23.92 14.43 31.79
CA PHE Q 233 -23.54 14.03 33.14
C PHE Q 233 -23.87 12.57 33.40
N GLU Q 234 -25.00 12.08 32.88
CA GLU Q 234 -25.31 10.66 33.06
C GLU Q 234 -24.20 9.79 32.46
N GLN Q 235 -23.82 10.08 31.21
CA GLN Q 235 -22.82 9.25 30.54
C GLN Q 235 -21.49 9.30 31.28
N ALA Q 236 -21.02 10.48 31.62
CA ALA Q 236 -19.68 10.57 32.21
C ALA Q 236 -19.68 10.12 33.66
N ALA Q 237 -20.80 10.20 34.36
CA ALA Q 237 -20.87 9.56 35.67
C ALA Q 237 -20.70 8.07 35.54
N GLU Q 238 -21.35 7.46 34.55
CA GLU Q 238 -21.13 6.04 34.28
C GLU Q 238 -19.65 5.77 34.01
N GLN Q 239 -19.03 6.59 33.15
CA GLN Q 239 -17.64 6.31 32.76
C GLN Q 239 -16.67 6.55 33.91
N HIS Q 240 -16.89 7.60 34.71
CA HIS Q 240 -16.06 7.85 35.88
C HIS Q 240 -16.13 6.70 36.87
N SER Q 241 -17.33 6.20 37.16
CA SER Q 241 -17.42 5.09 38.10
C SER Q 241 -16.80 3.83 37.50
N ARG Q 242 -16.94 3.64 36.19
CA ARG Q 242 -16.29 2.49 35.57
C ARG Q 242 -14.77 2.58 35.74
N LEU Q 243 -14.19 3.76 35.51
CA LEU Q 243 -12.75 3.91 35.67
C LEU Q 243 -12.32 3.70 37.12
N LEU Q 244 -13.06 4.27 38.07
CA LEU Q 244 -12.68 4.13 39.48
C LEU Q 244 -12.73 2.68 39.91
N MET Q 245 -13.82 1.98 39.57
CA MET Q 245 -13.92 0.57 39.94
C MET Q 245 -12.87 -0.25 39.20
N MET Q 246 -12.56 0.11 37.96
CA MET Q 246 -11.56 -0.63 37.21
C MET Q 246 -10.19 -0.51 37.86
N HIS Q 247 -9.84 0.69 38.33
CA HIS Q 247 -8.60 0.85 39.09
C HIS Q 247 -8.64 0.04 40.38
N ARG Q 248 -9.79 0.04 41.06
CA ARG Q 248 -9.90 -0.72 42.30
C ARG Q 248 -9.65 -2.20 42.06
N ILE Q 249 -10.25 -2.75 41.01
CA ILE Q 249 -10.12 -4.19 40.76
C ILE Q 249 -8.76 -4.49 40.13
N LYS Q 250 -8.14 -3.50 39.49
CA LYS Q 250 -6.74 -3.64 39.10
C LYS Q 250 -5.87 -3.83 40.33
N LYS Q 251 -6.14 -3.07 41.38
CA LYS Q 251 -5.48 -3.31 42.66
C LYS Q 251 -5.81 -4.70 43.19
N LEU Q 252 -7.08 -5.11 43.06
CA LEU Q 252 -7.53 -6.37 43.64
C LEU Q 252 -6.88 -7.59 42.98
N PHE Q 253 -6.94 -7.66 41.65
CA PHE Q 253 -6.50 -8.83 40.90
C PHE Q 253 -5.17 -8.65 40.18
N GLY Q 254 -4.53 -7.50 40.35
CA GLY Q 254 -3.24 -7.29 39.72
C GLY Q 254 -3.27 -7.00 38.23
N PHE Q 255 -4.45 -6.77 37.65
CA PHE Q 255 -4.55 -6.45 36.24
C PHE Q 255 -5.82 -5.67 35.97
N ILE Q 256 -5.81 -4.91 34.88
CA ILE Q 256 -7.02 -4.22 34.43
C ILE Q 256 -7.87 -5.19 33.62
N PRO Q 257 -9.18 -5.23 33.86
CA PRO Q 257 -10.03 -6.16 33.11
C PRO Q 257 -10.08 -5.85 31.62
N GLY Q 258 -10.26 -6.92 30.83
CA GLY Q 258 -10.39 -6.77 29.39
C GLY Q 258 -9.10 -6.48 28.65
N SER Q 259 -7.95 -6.77 29.24
CA SER Q 259 -6.66 -6.52 28.61
C SER Q 259 -5.73 -7.71 28.85
N GLU Q 260 -4.63 -7.72 28.10
CA GLU Q 260 -3.69 -8.84 28.09
C GLU Q 260 -2.96 -8.89 29.42
N ASP Q 261 -3.27 -9.90 30.25
CA ASP Q 261 -2.72 -9.97 31.61
C ASP Q 261 -1.89 -11.22 31.85
N VAL Q 262 -1.43 -11.91 30.79
CA VAL Q 262 -0.60 -13.10 31.00
C VAL Q 262 0.73 -12.76 31.65
N LYS Q 263 1.06 -11.48 31.75
CA LYS Q 263 2.31 -11.09 32.40
C LYS Q 263 2.27 -11.42 33.89
N HIS Q 264 1.21 -11.03 34.57
CA HIS Q 264 1.14 -11.23 36.02
C HIS Q 264 -0.30 -11.45 36.44
N ILE Q 265 -0.48 -12.21 37.52
CA ILE Q 265 -1.78 -12.43 38.14
C ILE Q 265 -1.61 -12.32 39.64
N ARG Q 266 -2.73 -12.11 40.33
CA ARG Q 266 -2.72 -11.91 41.78
C ARG Q 266 -3.49 -13.03 42.46
N ILE Q 267 -3.17 -13.26 43.73
CA ILE Q 267 -3.91 -14.18 44.58
C ILE Q 267 -4.48 -13.39 45.75
N PRO Q 268 -5.77 -13.04 45.70
CA PRO Q 268 -6.35 -12.22 46.76
C PRO Q 268 -6.29 -12.91 48.11
N SER Q 269 -6.09 -12.11 49.16
CA SER Q 269 -6.14 -12.60 50.53
C SER Q 269 -7.54 -12.37 51.10
N CYS Q 270 -7.85 -13.13 52.16
CA CYS Q 270 -9.19 -13.08 52.73
C CYS Q 270 -9.50 -11.68 53.26
N GLN Q 271 -8.53 -11.06 53.90
CA GLN Q 271 -8.72 -9.69 54.37
C GLN Q 271 -8.85 -8.74 53.18
N ASP Q 272 -8.15 -9.02 52.08
CA ASP Q 272 -8.34 -8.23 50.87
C ASP Q 272 -9.72 -8.48 50.26
N TRP Q 273 -10.19 -9.73 50.31
CA TRP Q 273 -11.58 -10.02 49.92
C TRP Q 273 -12.55 -9.21 50.76
N LYS Q 274 -12.22 -8.96 52.04
CA LYS Q 274 -13.06 -8.09 52.84
C LYS Q 274 -12.98 -6.66 52.32
N ASP Q 275 -11.77 -6.19 51.96
CA ASP Q 275 -11.65 -4.79 51.55
C ASP Q 275 -12.44 -4.52 50.27
N ILE Q 276 -12.40 -5.43 49.30
CA ILE Q 276 -13.16 -5.20 48.07
C ILE Q 276 -14.66 -5.20 48.35
N SER Q 277 -15.11 -6.08 49.25
CA SER Q 277 -16.52 -6.13 49.63
C SER Q 277 -16.94 -4.86 50.36
N LEU R 6 -28.39 -1.72 16.30
CA LEU R 6 -29.61 -1.18 16.88
C LEU R 6 -29.96 -1.94 18.16
N ASN R 7 -29.22 -3.03 18.40
CA ASN R 7 -29.40 -3.80 19.63
C ASN R 7 -29.07 -2.94 20.85
N ASN R 8 -28.00 -2.14 20.74
CA ASN R 8 -27.65 -1.23 21.84
C ASN R 8 -28.77 -0.23 22.09
N ILE R 9 -29.39 0.28 21.03
CA ILE R 9 -30.52 1.18 21.19
C ILE R 9 -31.68 0.46 21.87
N VAL R 10 -31.91 -0.79 21.49
CA VAL R 10 -32.96 -1.59 22.14
C VAL R 10 -32.67 -1.76 23.62
N SER R 11 -31.41 -2.02 23.97
CA SER R 11 -31.05 -2.15 25.38
C SER R 11 -31.28 -0.83 26.12
N SER R 12 -30.93 0.30 25.51
CA SER R 12 -31.16 1.60 26.13
C SER R 12 -32.64 1.83 26.39
N LEU R 13 -33.48 1.41 25.45
CA LEU R 13 -34.93 1.52 25.65
C LEU R 13 -35.39 0.64 26.80
N GLN R 14 -34.84 -0.57 26.91
CA GLN R 14 -35.22 -1.45 28.02
C GLN R 14 -34.80 -0.85 29.34
N ARG R 15 -33.73 -0.07 29.36
CA ARG R 15 -33.24 0.50 30.60
C ARG R 15 -34.29 1.37 31.28
N ASN R 16 -35.28 1.85 30.53
CA ASN R 16 -36.41 2.57 31.08
C ASN R 16 -37.36 1.56 31.70
N GLY R 17 -37.76 1.82 32.94
CA GLY R 17 -38.62 0.89 33.66
C GLY R 17 -40.05 0.84 33.15
N ILE R 18 -40.47 1.86 32.40
CA ILE R 18 -41.85 1.91 31.93
C ILE R 18 -42.14 0.76 30.98
N PHE R 19 -41.23 0.49 30.05
CA PHE R 19 -41.47 -0.59 29.10
C PHE R 19 -41.52 -1.95 29.79
N ILE R 20 -40.58 -2.21 30.70
CA ILE R 20 -40.55 -3.52 31.35
C ILE R 20 -41.76 -3.70 32.25
N ASN R 21 -42.15 -2.66 32.99
CA ASN R 21 -43.34 -2.76 33.83
C ASN R 21 -44.59 -2.97 33.00
N SER R 22 -44.69 -2.28 31.85
CA SER R 22 -45.82 -2.51 30.96
C SER R 22 -45.83 -3.93 30.43
N LEU R 23 -44.66 -4.47 30.10
CA LEU R 23 -44.58 -5.84 29.60
C LEU R 23 -45.01 -6.83 30.67
N ILE R 24 -44.59 -6.60 31.91
CA ILE R 24 -44.99 -7.47 33.01
C ILE R 24 -46.50 -7.40 33.23
N ALA R 25 -47.07 -6.20 33.18
CA ALA R 25 -48.51 -6.06 33.36
C ALA R 25 -49.28 -6.75 32.24
N ALA R 26 -48.81 -6.61 31.00
CA ALA R 26 -49.48 -7.27 29.89
C ALA R 26 -49.41 -8.79 30.01
N LEU R 27 -48.25 -9.32 30.41
CA LEU R 27 -48.17 -10.75 30.63
C LEU R 27 -49.09 -11.21 31.75
N THR R 28 -49.18 -10.41 32.82
CA THR R 28 -50.10 -10.77 33.89
C THR R 28 -51.53 -10.79 33.42
N ILE R 29 -51.93 -9.81 32.60
CA ILE R 29 -53.30 -9.77 32.10
C ILE R 29 -53.59 -10.98 31.22
N GLY R 30 -52.68 -11.30 30.29
CA GLY R 30 -52.91 -12.45 29.43
C GLY R 30 -52.95 -13.76 30.21
N GLY R 31 -52.02 -13.93 31.14
CA GLY R 31 -52.01 -15.13 31.94
C GLY R 31 -53.25 -15.27 32.80
N GLN R 32 -53.72 -14.15 33.37
CA GLN R 32 -54.95 -14.19 34.14
C GLN R 32 -56.13 -14.56 33.26
N GLN R 33 -56.20 -14.00 32.06
CA GLN R 33 -57.30 -14.34 31.17
C GLN R 33 -57.32 -15.84 30.89
N LEU R 34 -56.17 -16.39 30.48
CA LEU R 34 -56.16 -17.82 30.18
C LEU R 34 -56.46 -18.65 31.41
N PHE R 35 -55.85 -18.32 32.55
CA PHE R 35 -56.01 -19.12 33.76
C PHE R 35 -57.46 -19.12 34.24
N SER R 36 -58.07 -17.93 34.31
CA SER R 36 -59.44 -17.85 34.80
C SER R 36 -60.43 -18.46 33.83
N SER R 37 -60.27 -18.19 32.53
CA SER R 37 -61.21 -18.77 31.56
C SER R 37 -61.01 -20.28 31.42
N SER R 38 -59.88 -20.81 31.88
CA SER R 38 -59.66 -22.25 31.76
C SER R 38 -60.12 -23.00 33.01
N THR R 39 -59.58 -22.66 34.17
CA THR R 39 -59.70 -23.54 35.34
C THR R 39 -60.25 -22.81 36.55
N PHE R 40 -61.33 -22.04 36.41
CA PHE R 40 -61.94 -21.46 37.60
C PHE R 40 -62.89 -22.45 38.26
N SER R 41 -63.99 -22.79 37.59
CA SER R 41 -64.96 -23.78 38.05
C SER R 41 -65.38 -23.54 39.50
N CYS R 42 -66.09 -22.43 39.70
CA CYS R 42 -66.53 -22.04 41.03
C CYS R 42 -67.34 -23.16 41.67
N PRO R 43 -66.96 -23.61 42.87
CA PRO R 43 -67.68 -24.72 43.51
C PRO R 43 -69.01 -24.25 44.10
N CYS R 44 -69.85 -25.24 44.37
CA CYS R 44 -71.15 -25.01 44.96
C CYS R 44 -71.20 -25.42 46.42
N GLN R 45 -70.05 -25.74 47.02
CA GLN R 45 -70.04 -26.31 48.35
C GLN R 45 -70.53 -25.29 49.37
N VAL R 46 -71.46 -25.72 50.22
CA VAL R 46 -72.01 -24.83 51.24
C VAL R 46 -70.99 -24.52 52.32
N GLY R 47 -70.24 -25.53 52.75
CA GLY R 47 -69.31 -25.37 53.85
C GLY R 47 -68.20 -24.38 53.60
N LYS R 48 -67.34 -24.69 52.62
CA LYS R 48 -66.15 -23.90 52.33
C LYS R 48 -66.20 -23.46 50.87
N ASN R 49 -66.57 -22.19 50.65
CA ASN R 49 -66.57 -21.62 49.32
C ASN R 49 -65.84 -20.29 49.34
N PHE R 50 -65.79 -19.65 50.51
CA PHE R 50 -65.01 -18.43 50.67
C PHE R 50 -63.52 -18.71 50.48
N TYR R 51 -63.04 -19.84 50.99
CA TYR R 51 -61.63 -20.18 50.84
C TYR R 51 -61.25 -20.33 49.38
N TYR R 52 -62.14 -20.88 48.56
CA TYR R 52 -61.81 -21.09 47.16
C TYR R 52 -61.55 -19.77 46.46
N GLY R 53 -62.49 -18.83 46.55
CA GLY R 53 -62.30 -17.54 45.91
C GLY R 53 -61.16 -16.75 46.53
N SER R 54 -61.03 -16.79 47.86
CA SER R 54 -59.95 -16.06 48.50
C SER R 54 -58.60 -16.57 48.06
N ALA R 55 -58.45 -17.90 47.94
CA ALA R 55 -57.20 -18.45 47.45
C ALA R 55 -56.95 -18.04 46.01
N PHE R 56 -57.93 -18.25 45.13
CA PHE R 56 -57.77 -17.88 43.74
C PHE R 56 -57.52 -16.39 43.54
N LEU R 57 -57.85 -15.57 44.53
CA LEU R 57 -57.68 -14.12 44.41
C LEU R 57 -56.41 -13.60 45.05
N VAL R 58 -55.94 -14.19 46.16
CA VAL R 58 -54.80 -13.68 46.88
C VAL R 58 -53.54 -14.50 46.65
N ILE R 59 -53.65 -15.83 46.52
CA ILE R 59 -52.45 -16.65 46.41
C ILE R 59 -51.62 -16.32 45.18
N PRO R 60 -52.19 -16.20 43.98
CA PRO R 60 -51.36 -15.78 42.85
C PRO R 60 -50.71 -14.41 43.05
N ALA R 61 -51.42 -13.47 43.68
CA ALA R 61 -50.82 -12.18 43.95
C ALA R 61 -49.65 -12.29 44.91
N LEU R 62 -49.81 -13.11 45.96
CA LEU R 62 -48.72 -13.30 46.91
C LEU R 62 -47.53 -13.97 46.26
N ILE R 63 -47.78 -14.96 45.41
CA ILE R 63 -46.69 -15.64 44.71
C ILE R 63 -45.96 -14.68 43.78
N LEU R 64 -46.71 -13.85 43.04
CA LEU R 64 -46.06 -12.91 42.14
C LEU R 64 -45.26 -11.88 42.91
N LEU R 65 -45.77 -11.42 44.06
CA LEU R 65 -45.03 -10.49 44.90
C LEU R 65 -43.72 -11.11 45.37
N VAL R 66 -43.78 -12.35 45.87
CA VAL R 66 -42.58 -13.01 46.37
C VAL R 66 -41.60 -13.25 45.23
N ALA R 67 -42.09 -13.62 44.05
CA ALA R 67 -41.22 -13.82 42.90
C ALA R 67 -40.54 -12.53 42.49
N GLY R 68 -41.29 -11.43 42.46
CA GLY R 68 -40.69 -10.15 42.10
C GLY R 68 -39.62 -9.71 43.07
N PHE R 69 -39.82 -9.97 44.36
CA PHE R 69 -38.79 -9.61 45.33
C PHE R 69 -37.59 -10.55 45.26
N ALA R 70 -37.83 -11.87 45.16
CA ALA R 70 -36.73 -12.82 45.28
C ALA R 70 -35.90 -12.90 44.01
N LEU R 71 -36.54 -12.82 42.84
CA LEU R 71 -35.81 -13.00 41.58
C LEU R 71 -34.79 -11.89 41.34
N ARG R 72 -34.88 -10.79 42.07
CA ARG R 72 -33.91 -9.70 41.94
C ARG R 72 -32.71 -9.97 42.83
N SER R 73 -31.53 -10.10 42.23
CA SER R 73 -30.32 -10.38 42.99
C SER R 73 -29.94 -9.22 43.91
N GLN R 74 -30.31 -8.00 43.53
CA GLN R 74 -30.06 -6.87 44.41
C GLN R 74 -30.74 -7.05 45.76
N MET R 75 -31.90 -7.69 45.77
CA MET R 75 -32.58 -7.99 47.04
C MET R 75 -31.76 -8.96 47.89
N TRP R 76 -31.15 -9.97 47.26
CA TRP R 76 -30.30 -10.87 48.03
C TRP R 76 -29.09 -10.13 48.60
N THR R 77 -28.52 -9.20 47.82
CA THR R 77 -27.40 -8.42 48.32
C THR R 77 -27.82 -7.54 49.50
N ILE R 78 -29.01 -6.92 49.42
CA ILE R 78 -29.50 -6.09 50.52
C ILE R 78 -29.72 -6.94 51.77
N THR R 79 -30.34 -8.11 51.60
CA THR R 79 -30.58 -8.96 52.75
C THR R 79 -29.27 -9.45 53.37
N GLY R 80 -28.28 -9.74 52.52
CA GLY R 80 -26.97 -10.10 53.04
C GLY R 80 -26.31 -8.98 53.83
N GLU R 81 -26.46 -7.74 53.34
CA GLU R 81 -25.91 -6.61 54.07
C GLU R 81 -26.61 -6.40 55.40
N TYR R 82 -27.94 -6.46 55.41
CA TYR R 82 -28.69 -6.19 56.63
C TYR R 82 -28.50 -7.32 57.65
N CYS R 83 -28.54 -8.57 57.20
CA CYS R 83 -28.39 -9.71 58.10
C CYS R 83 -27.02 -9.73 58.76
N PRO R 95 -27.18 5.28 59.89
CA PRO R 95 -26.32 6.15 59.07
C PRO R 95 -26.64 6.06 57.58
N LEU R 96 -25.67 6.42 56.73
CA LEU R 96 -25.93 6.48 55.30
C LEU R 96 -26.10 5.09 54.70
N GLU R 97 -25.50 4.06 55.28
CA GLU R 97 -25.68 2.71 54.77
C GLU R 97 -27.14 2.27 54.86
N CYS R 98 -27.81 2.60 55.97
CA CYS R 98 -29.21 2.26 56.10
C CYS R 98 -30.06 2.95 55.03
N LYS R 99 -29.83 4.23 54.81
CA LYS R 99 -30.60 4.95 53.80
C LYS R 99 -30.33 4.40 52.41
N LEU R 100 -29.07 4.04 52.13
CA LEU R 100 -28.74 3.49 50.81
C LEU R 100 -29.43 2.14 50.60
N ALA R 101 -29.43 1.30 51.63
CA ALA R 101 -30.14 0.02 51.54
C ALA R 101 -31.63 0.24 51.36
N CYS R 102 -32.21 1.23 52.04
CA CYS R 102 -33.63 1.51 51.88
C CYS R 102 -33.93 1.99 50.46
N LEU R 103 -33.05 2.81 49.89
CA LEU R 103 -33.24 3.27 48.51
C LEU R 103 -33.20 2.09 47.54
N ARG R 104 -32.25 1.17 47.74
CA ARG R 104 -32.19 0.00 46.85
C ARG R 104 -33.43 -0.87 47.01
N PHE R 105 -33.90 -1.02 48.25
CA PHE R 105 -35.11 -1.78 48.49
C PHE R 105 -36.29 -1.15 47.77
N PHE R 106 -36.39 0.18 47.79
CA PHE R 106 -37.46 0.86 47.08
C PHE R 106 -37.36 0.63 45.58
N SER R 107 -36.15 0.69 45.03
CA SER R 107 -35.97 0.46 43.60
C SER R 107 -36.41 -0.95 43.22
N ILE R 108 -36.18 -1.92 44.10
CA ILE R 108 -36.67 -3.28 43.87
C ILE R 108 -38.20 -3.32 44.00
N THR R 109 -38.72 -2.60 44.99
CA THR R 109 -40.15 -2.62 45.30
C THR R 109 -40.98 -2.10 44.14
N GLY R 110 -40.41 -1.22 43.30
CA GLY R 110 -41.14 -0.79 42.12
C GLY R 110 -41.66 -1.95 41.30
N ARG R 111 -40.76 -2.82 40.83
CA ARG R 111 -41.19 -3.99 40.08
C ARG R 111 -41.94 -4.99 40.95
N ALA R 112 -41.49 -5.18 42.20
CA ALA R 112 -42.16 -6.15 43.06
C ALA R 112 -43.62 -5.77 43.29
N VAL R 113 -43.96 -4.49 43.13
CA VAL R 113 -45.33 -4.04 43.32
C VAL R 113 -46.10 -4.04 42.01
N ILE R 114 -45.46 -3.67 40.89
CA ILE R 114 -46.22 -3.69 39.65
C ILE R 114 -46.57 -5.12 39.26
N ALA R 115 -45.83 -6.11 39.76
CA ALA R 115 -46.12 -7.49 39.35
C ALA R 115 -47.49 -7.98 39.81
N PRO R 116 -47.88 -7.90 41.09
CA PRO R 116 -49.19 -8.46 41.49
C PRO R 116 -50.34 -7.48 41.43
N LEU R 117 -50.07 -6.18 41.43
CA LEU R 117 -51.15 -5.21 41.38
C LEU R 117 -51.98 -5.38 40.12
N THR R 118 -51.34 -5.73 39.01
CA THR R 118 -52.09 -6.01 37.79
C THR R 118 -53.03 -7.18 37.98
N TRP R 119 -52.57 -8.25 38.65
CA TRP R 119 -53.43 -9.40 38.89
C TRP R 119 -54.62 -9.02 39.74
N LEU R 120 -54.38 -8.32 40.85
CA LEU R 120 -55.49 -7.94 41.72
C LEU R 120 -56.47 -7.03 40.99
N ALA R 121 -55.97 -6.04 40.26
CA ALA R 121 -56.85 -5.12 39.57
C ALA R 121 -57.69 -5.84 38.53
N VAL R 122 -57.07 -6.69 37.72
CA VAL R 122 -57.82 -7.37 36.67
C VAL R 122 -58.86 -8.31 37.28
N THR R 123 -58.47 -9.08 38.30
CA THR R 123 -59.40 -10.02 38.90
C THR R 123 -60.58 -9.30 39.56
N LEU R 124 -60.32 -8.21 40.28
CA LEU R 124 -61.42 -7.49 40.89
C LEU R 124 -62.32 -6.84 39.86
N LEU R 125 -61.74 -6.27 38.80
CA LEU R 125 -62.56 -5.61 37.78
C LEU R 125 -63.43 -6.62 37.04
N THR R 126 -62.88 -7.80 36.75
CA THR R 126 -63.71 -8.85 36.18
C THR R 126 -64.80 -9.27 37.15
N GLY R 127 -64.46 -9.37 38.44
CA GLY R 127 -65.44 -9.55 39.49
C GLY R 127 -65.87 -10.98 39.74
N THR R 128 -65.54 -11.92 38.86
CA THR R 128 -65.99 -13.29 39.05
C THR R 128 -65.35 -13.93 40.28
N TYR R 129 -64.07 -13.66 40.51
CA TYR R 129 -63.38 -14.20 41.68
C TYR R 129 -64.04 -13.69 42.97
N TYR R 130 -64.29 -12.39 43.05
CA TYR R 130 -64.89 -11.83 44.24
C TYR R 130 -66.31 -12.34 44.44
N GLU R 131 -67.05 -12.53 43.35
CA GLU R 131 -68.39 -13.08 43.46
C GLU R 131 -68.34 -14.49 44.04
N CYS R 132 -67.53 -15.36 43.46
CA CYS R 132 -67.43 -16.73 43.96
C CYS R 132 -66.88 -16.77 45.38
N ALA R 133 -66.11 -15.76 45.79
CA ALA R 133 -65.56 -15.75 47.13
C ALA R 133 -66.59 -15.32 48.16
N ALA R 134 -67.22 -14.17 47.95
CA ALA R 134 -68.09 -13.57 48.94
C ALA R 134 -69.57 -13.74 48.62
N SER R 135 -69.93 -14.78 47.84
CA SER R 135 -71.34 -15.04 47.61
C SER R 135 -72.09 -15.37 48.89
N GLU R 136 -71.51 -16.23 49.73
CA GLU R 136 -72.25 -16.75 50.87
C GLU R 136 -72.47 -15.70 51.96
N PHE R 137 -71.76 -14.58 51.91
CA PHE R 137 -71.89 -13.55 52.93
C PHE R 137 -72.97 -12.54 52.61
N ALA R 138 -73.83 -12.84 51.63
CA ALA R 138 -74.91 -11.95 51.27
C ALA R 138 -75.98 -11.90 52.34
N SER R 139 -76.62 -10.75 52.47
CA SER R 139 -77.69 -10.57 53.43
C SER R 139 -79.02 -11.08 52.87
N VAL R 140 -79.93 -11.45 53.76
CA VAL R 140 -81.25 -11.96 53.40
C VAL R 140 -82.38 -11.18 54.03
N ASP R 141 -82.08 -10.19 54.87
CA ASP R 141 -83.14 -9.42 55.53
C ASP R 141 -83.95 -8.62 54.52
N HIS R 142 -83.27 -8.06 53.51
CA HIS R 142 -83.97 -7.24 52.52
C HIS R 142 -84.98 -8.07 51.74
N TYR R 143 -84.67 -9.33 51.48
CA TYR R 143 -85.48 -10.15 50.60
C TYR R 143 -86.45 -10.99 51.43
N PRO R 144 -87.76 -10.78 51.33
CA PRO R 144 -88.69 -11.61 52.12
C PRO R 144 -88.73 -13.05 51.67
N MET R 145 -88.24 -13.37 50.48
CA MET R 145 -88.28 -14.75 49.98
C MET R 145 -87.36 -15.68 50.76
N PHE R 146 -86.41 -15.14 51.52
CA PHE R 146 -85.42 -15.94 52.23
C PHE R 146 -85.72 -16.07 53.71
N ASP R 147 -87.00 -16.20 54.09
CA ASP R 147 -87.35 -16.40 55.49
C ASP R 147 -86.71 -17.68 56.02
N ASN R 148 -87.15 -18.84 55.53
CA ASN R 148 -86.52 -20.13 55.78
C ASN R 148 -86.24 -20.37 57.27
N VAL R 149 -87.34 -20.52 58.01
CA VAL R 149 -87.30 -20.73 59.46
C VAL R 149 -86.34 -21.86 59.82
N SER R 150 -86.05 -22.74 58.87
CA SER R 150 -85.05 -23.78 59.10
C SER R 150 -83.66 -23.20 59.35
N ALA R 151 -83.35 -22.06 58.73
CA ALA R 151 -82.12 -21.30 58.94
C ALA R 151 -80.87 -22.07 58.55
N SER R 152 -81.00 -23.21 57.89
CA SER R 152 -79.87 -23.97 57.36
C SER R 152 -79.96 -24.20 55.87
N LYS R 153 -81.17 -24.47 55.36
CA LYS R 153 -81.36 -24.60 53.92
C LYS R 153 -81.06 -23.27 53.23
N ARG R 154 -81.42 -22.15 53.88
CA ARG R 154 -81.19 -20.84 53.29
C ARG R 154 -79.72 -20.60 53.01
N GLU R 155 -78.85 -20.95 53.97
CA GLU R 155 -77.42 -20.78 53.74
C GLU R 155 -76.96 -21.62 52.57
N GLU R 156 -77.45 -22.85 52.46
CA GLU R 156 -77.03 -23.74 51.39
C GLU R 156 -77.45 -23.20 50.03
N ILE R 157 -78.71 -22.74 49.89
CA ILE R 157 -79.13 -22.24 48.60
C ILE R 157 -78.40 -20.94 48.28
N LEU R 158 -78.13 -20.12 49.31
CA LEU R 158 -77.38 -18.88 49.11
C LEU R 158 -75.99 -19.15 48.56
N ALA R 159 -75.31 -20.16 49.11
CA ALA R 159 -74.00 -20.53 48.58
C ALA R 159 -74.10 -21.34 47.29
N GLY R 160 -75.27 -21.83 46.95
CA GLY R 160 -75.43 -22.70 45.79
C GLY R 160 -75.78 -22.01 44.49
N PHE R 161 -76.71 -21.05 44.52
CA PHE R 161 -77.19 -20.52 43.24
C PHE R 161 -76.12 -19.76 42.43
N PRO R 162 -75.11 -19.12 43.03
CA PRO R 162 -74.12 -18.43 42.19
C PRO R 162 -73.34 -19.37 41.27
N CYS R 163 -73.18 -20.64 41.65
CA CYS R 163 -72.20 -21.48 40.96
C CYS R 163 -72.72 -22.04 39.64
N CYS R 164 -73.67 -22.98 39.72
CA CYS R 164 -74.17 -23.65 38.53
C CYS R 164 -75.63 -24.10 38.67
N ARG R 165 -76.32 -23.67 39.72
CA ARG R 165 -77.61 -24.27 40.03
C ARG R 165 -78.62 -24.01 38.92
N SER R 166 -78.65 -22.80 38.38
CA SER R 166 -79.62 -22.37 37.36
C SER R 166 -80.99 -22.64 37.96
N ALA R 167 -81.78 -23.58 37.43
CA ALA R 167 -83.05 -24.00 38.01
C ALA R 167 -83.99 -22.83 38.18
N PRO R 168 -84.49 -22.24 37.08
CA PRO R 168 -85.37 -21.07 37.22
C PRO R 168 -86.66 -21.41 37.96
N SER R 169 -86.79 -20.90 39.18
CA SER R 169 -87.98 -21.09 40.00
C SER R 169 -88.44 -19.75 40.52
N ASP R 170 -88.28 -18.70 39.70
CA ASP R 170 -88.66 -17.32 39.95
C ASP R 170 -87.86 -16.72 41.12
N VAL R 171 -86.90 -17.45 41.68
CA VAL R 171 -85.95 -16.84 42.62
C VAL R 171 -84.79 -16.18 41.89
N ILE R 172 -84.67 -16.41 40.58
CA ILE R 172 -83.54 -15.90 39.81
C ILE R 172 -83.52 -14.38 39.78
N LEU R 173 -84.64 -13.74 40.10
CA LEU R 173 -84.63 -12.29 40.25
C LEU R 173 -83.73 -11.87 41.41
N VAL R 174 -83.88 -12.53 42.56
CA VAL R 174 -83.01 -12.23 43.70
C VAL R 174 -81.57 -12.61 43.39
N ARG R 175 -81.38 -13.76 42.73
CA ARG R 175 -80.03 -14.15 42.32
C ARG R 175 -79.39 -13.07 41.46
N ASP R 176 -80.11 -12.58 40.46
CA ASP R 176 -79.54 -11.60 39.55
C ASP R 176 -79.26 -10.29 40.26
N GLU R 177 -80.17 -9.86 41.14
CA GLU R 177 -79.97 -8.61 41.85
C GLU R 177 -78.75 -8.69 42.77
N ILE R 178 -78.62 -9.79 43.52
CA ILE R 178 -77.49 -9.88 44.43
C ILE R 178 -76.19 -10.10 43.67
N ALA R 179 -76.24 -10.79 42.53
CA ALA R 179 -75.04 -10.95 41.71
C ALA R 179 -74.57 -9.60 41.18
N LEU R 180 -75.51 -8.76 40.73
CA LEU R 180 -75.13 -7.42 40.30
C LEU R 180 -74.59 -6.60 41.45
N LEU R 181 -75.16 -6.77 42.65
CA LEU R 181 -74.65 -6.06 43.82
C LEU R 181 -73.20 -6.45 44.10
N HIS R 182 -72.90 -7.74 44.07
CA HIS R 182 -71.54 -8.18 44.37
C HIS R 182 -70.57 -7.80 43.25
N ARG R 183 -71.02 -7.83 42.00
CA ARG R 183 -70.17 -7.40 40.90
C ARG R 183 -69.83 -5.92 41.02
N TYR R 184 -70.83 -5.10 41.35
CA TYR R 184 -70.57 -3.67 41.53
C TYR R 184 -69.62 -3.44 42.70
N GLN R 185 -69.83 -4.16 43.80
CA GLN R 185 -68.93 -4.00 44.94
C GLN R 185 -67.51 -4.42 44.58
N SER R 186 -67.38 -5.50 43.81
CA SER R 186 -66.06 -5.96 43.39
C SER R 186 -65.35 -4.91 42.54
N GLN R 187 -66.04 -4.38 41.53
CA GLN R 187 -65.38 -3.41 40.66
C GLN R 187 -65.06 -2.11 41.39
N MET R 188 -65.95 -1.65 42.27
CA MET R 188 -65.65 -0.47 43.06
C MET R 188 -64.47 -0.73 43.99
N LEU R 189 -64.39 -1.93 44.57
CA LEU R 189 -63.24 -2.26 45.41
C LEU R 189 -61.97 -2.28 44.60
N GLY R 190 -62.04 -2.75 43.35
CA GLY R 190 -60.87 -2.71 42.49
C GLY R 190 -60.41 -1.29 42.20
N TRP R 191 -61.37 -0.39 41.94
CA TRP R 191 -61.00 1.00 41.72
C TRP R 191 -60.40 1.62 42.97
N ILE R 192 -60.96 1.31 44.13
CA ILE R 192 -60.40 1.82 45.38
C ILE R 192 -58.98 1.30 45.56
N LEU R 193 -58.75 0.04 45.25
CA LEU R 193 -57.43 -0.56 45.40
C LEU R 193 -56.42 0.09 44.46
N ILE R 194 -56.79 0.29 43.19
CA ILE R 194 -55.83 0.88 42.25
C ILE R 194 -55.56 2.33 42.59
N THR R 195 -56.59 3.07 43.03
CA THR R 195 -56.36 4.45 43.46
C THR R 195 -55.43 4.51 44.66
N LEU R 196 -55.64 3.64 45.65
CA LEU R 196 -54.75 3.61 46.81
C LEU R 196 -53.35 3.21 46.40
N ALA R 197 -53.21 2.27 45.48
CA ALA R 197 -51.88 1.86 45.03
C ALA R 197 -51.16 3.02 44.36
N THR R 198 -51.86 3.76 43.50
CA THR R 198 -51.22 4.90 42.83
C THR R 198 -50.83 5.99 43.83
N ILE R 199 -51.72 6.29 44.77
CA ILE R 199 -51.42 7.31 45.78
C ILE R 199 -50.22 6.87 46.62
N ALA R 200 -50.19 5.61 47.03
CA ALA R 200 -49.07 5.10 47.82
C ALA R 200 -47.77 5.14 47.02
N ALA R 201 -47.82 4.80 45.73
CA ALA R 201 -46.62 4.85 44.91
C ALA R 201 -46.09 6.27 44.80
N LEU R 202 -46.97 7.23 44.53
CA LEU R 202 -46.53 8.62 44.41
C LEU R 202 -45.97 9.14 45.72
N VAL R 203 -46.65 8.85 46.83
CA VAL R 203 -46.18 9.30 48.14
C VAL R 203 -44.85 8.65 48.49
N SER R 204 -44.69 7.36 48.16
CA SER R 204 -43.44 6.67 48.45
C SER R 204 -42.30 7.24 47.63
N CYS R 205 -42.55 7.57 46.35
CA CYS R 205 -41.49 8.20 45.56
C CYS R 205 -41.12 9.56 46.11
N CYS R 206 -42.13 10.35 46.53
CA CYS R 206 -41.83 11.65 47.12
C CYS R 206 -41.04 11.52 48.41
N VAL R 207 -41.40 10.53 49.25
CA VAL R 207 -40.68 10.31 50.50
C VAL R 207 -39.26 9.83 50.21
N ALA R 208 -39.08 9.02 49.18
CA ALA R 208 -37.73 8.59 48.80
C ALA R 208 -36.89 9.78 48.37
N LYS R 209 -37.47 10.68 47.57
CA LYS R 209 -36.72 11.87 47.17
C LYS R 209 -36.40 12.77 48.35
N CYS R 210 -37.35 12.94 49.26
CA CYS R 210 -37.12 13.81 50.42
C CYS R 210 -36.07 13.22 51.36
N CYS R 211 -36.16 11.92 51.63
CA CYS R 211 -35.29 11.27 52.61
C CYS R 211 -33.93 10.88 52.05
N SER R 212 -33.74 10.97 50.75
CA SER R 212 -32.45 10.59 50.17
C SER R 212 -31.39 11.62 50.53
N PRO R 213 -30.30 11.21 51.18
CA PRO R 213 -29.24 12.20 51.48
C PRO R 213 -28.45 12.62 50.26
N LEU R 214 -28.33 11.74 49.27
CA LEU R 214 -27.60 12.08 48.05
C LEU R 214 -28.36 13.12 47.25
N THR R 215 -27.62 13.97 46.55
CA THR R 215 -28.23 14.90 45.62
C THR R 215 -28.71 14.13 44.39
N SER R 216 -29.46 14.82 43.53
CA SER R 216 -29.97 14.18 42.32
C SER R 216 -28.84 13.66 41.45
N LEU R 217 -27.84 14.52 41.18
CA LEU R 217 -26.69 14.08 40.40
C LEU R 217 -25.89 13.03 41.16
N GLN R 218 -25.74 13.21 42.46
CA GLN R 218 -25.04 12.22 43.27
C GLN R 218 -25.79 10.89 43.29
N HIS R 219 -27.12 10.95 43.32
CA HIS R 219 -27.92 9.73 43.27
C HIS R 219 -27.73 9.00 41.95
N CYS R 220 -27.72 9.75 40.84
CA CYS R 220 -27.46 9.13 39.54
C CYS R 220 -26.08 8.49 39.51
N TYR R 221 -25.07 9.20 40.02
CA TYR R 221 -23.73 8.64 40.06
C TYR R 221 -23.69 7.36 40.89
N TRP R 222 -24.35 7.36 42.04
CA TRP R 222 -24.32 6.19 42.91
C TRP R 222 -25.00 4.98 42.27
N THR R 223 -26.15 5.21 41.61
CA THR R 223 -26.84 4.11 40.94
C THR R 223 -25.95 3.50 39.85
N SER R 224 -25.35 4.37 39.02
CA SER R 224 -24.49 3.85 37.97
C SER R 224 -23.26 3.18 38.56
N HIS R 225 -22.75 3.70 39.68
CA HIS R 225 -21.62 3.07 40.35
C HIS R 225 -21.95 1.65 40.76
N LEU R 226 -23.14 1.45 41.34
CA LEU R 226 -23.53 0.12 41.80
C LEU R 226 -23.61 -0.85 40.63
N GLN R 227 -24.34 -0.45 39.58
CA GLN R 227 -24.48 -1.34 38.43
C GLN R 227 -23.11 -1.70 37.83
N ASN R 228 -22.27 -0.68 37.64
CA ASN R 228 -21.00 -0.91 36.96
C ASN R 228 -20.05 -1.73 37.82
N GLU R 229 -20.02 -1.49 39.13
CA GLU R 229 -19.13 -2.28 39.97
C GLU R 229 -19.52 -3.74 39.95
N ARG R 230 -20.83 -4.04 40.02
CA ARG R 230 -21.21 -5.45 40.00
C ARG R 230 -20.85 -6.11 38.68
N GLU R 231 -21.13 -5.43 37.56
CA GLU R 231 -20.85 -6.03 36.25
C GLU R 231 -19.35 -6.22 36.07
N LEU R 232 -18.55 -5.22 36.43
CA LEU R 232 -17.10 -5.30 36.26
C LEU R 232 -16.52 -6.44 37.08
N PHE R 233 -16.94 -6.59 38.34
CA PHE R 233 -16.37 -7.66 39.12
C PHE R 233 -16.77 -9.01 38.57
N GLU R 234 -18.02 -9.17 38.09
CA GLU R 234 -18.40 -10.44 37.48
C GLU R 234 -17.48 -10.78 36.32
N GLN R 235 -17.30 -9.83 35.41
CA GLN R 235 -16.49 -10.10 34.22
C GLN R 235 -15.05 -10.45 34.59
N ALA R 236 -14.44 -9.64 35.45
CA ALA R 236 -13.03 -9.88 35.73
C ALA R 236 -12.80 -11.07 36.64
N ALA R 237 -13.79 -11.43 37.46
CA ALA R 237 -13.69 -12.69 38.17
C ALA R 237 -13.66 -13.86 37.20
N GLU R 238 -14.52 -13.81 36.18
CA GLU R 238 -14.46 -14.81 35.11
C GLU R 238 -13.07 -14.84 34.48
N GLN R 239 -12.54 -13.67 34.13
CA GLN R 239 -11.27 -13.63 33.41
C GLN R 239 -10.09 -14.05 34.29
N HIS R 240 -10.10 -13.65 35.56
CA HIS R 240 -9.07 -14.09 36.50
C HIS R 240 -9.06 -15.60 36.66
N SER R 241 -10.23 -16.20 36.84
CA SER R 241 -10.25 -17.65 36.99
C SER R 241 -9.84 -18.33 35.70
N ARG R 242 -10.22 -17.76 34.55
CA ARG R 242 -9.77 -18.32 33.29
C ARG R 242 -8.25 -18.31 33.19
N LEU R 243 -7.62 -17.19 33.56
CA LEU R 243 -6.17 -17.12 33.51
C LEU R 243 -5.52 -18.09 34.49
N LEU R 244 -6.05 -18.19 35.71
CA LEU R 244 -5.44 -19.08 36.70
C LEU R 244 -5.54 -20.54 36.25
N MET R 245 -6.72 -20.95 35.78
CA MET R 245 -6.87 -22.31 35.30
C MET R 245 -6.03 -22.55 34.05
N MET R 246 -5.90 -21.54 33.19
CA MET R 246 -5.11 -21.70 31.99
C MET R 246 -3.64 -21.92 32.33
N HIS R 247 -3.13 -21.19 33.32
CA HIS R 247 -1.77 -21.45 33.79
C HIS R 247 -1.65 -22.85 34.39
N ARG R 248 -2.67 -23.27 35.15
CA ARG R 248 -2.63 -24.61 35.74
C ARG R 248 -2.55 -25.68 34.68
N ILE R 249 -3.36 -25.55 33.62
CA ILE R 249 -3.38 -26.60 32.60
C ILE R 249 -2.18 -26.45 31.67
N LYS R 250 -1.60 -25.25 31.59
CA LYS R 250 -0.30 -25.11 30.94
C LYS R 250 0.75 -25.95 31.67
N LYS R 251 0.72 -25.92 33.00
CA LYS R 251 1.57 -26.82 33.77
C LYS R 251 1.21 -28.27 33.48
N LEU R 252 -0.08 -28.57 33.38
CA LEU R 252 -0.54 -29.95 33.22
C LEU R 252 -0.10 -30.56 31.90
N PHE R 253 -0.38 -29.88 30.79
CA PHE R 253 -0.18 -30.40 29.45
C PHE R 253 1.02 -29.80 28.73
N GLY R 254 1.78 -28.93 29.37
CA GLY R 254 2.96 -28.37 28.75
C GLY R 254 2.70 -27.28 27.73
N PHE R 255 1.46 -26.81 27.60
CA PHE R 255 1.15 -25.74 26.65
C PHE R 255 -0.08 -24.98 27.12
N ILE R 256 -0.19 -23.74 26.65
CA ILE R 256 -1.38 -22.94 26.90
C ILE R 256 -2.44 -23.31 25.86
N PRO R 257 -3.70 -23.51 26.27
CA PRO R 257 -4.73 -23.89 25.29
C PRO R 257 -5.00 -22.80 24.28
N GLY R 258 -5.40 -23.22 23.07
CA GLY R 258 -5.75 -22.29 22.02
C GLY R 258 -4.59 -21.59 21.35
N SER R 259 -3.37 -22.14 21.46
CA SER R 259 -2.20 -21.54 20.86
C SER R 259 -1.34 -22.62 20.20
N GLU R 260 -0.39 -22.17 19.39
CA GLU R 260 0.44 -23.07 18.58
C GLU R 260 1.39 -23.85 19.49
N ASP R 261 1.14 -25.15 19.66
CA ASP R 261 1.89 -25.97 20.61
C ASP R 261 2.66 -27.11 19.94
N VAL R 262 2.87 -27.06 18.63
CA VAL R 262 3.63 -28.13 17.97
C VAL R 262 5.07 -28.19 18.44
N LYS R 263 5.52 -27.18 19.19
CA LYS R 263 6.88 -27.19 19.70
C LYS R 263 7.07 -28.31 20.73
N HIS R 264 6.17 -28.40 21.69
CA HIS R 264 6.32 -29.39 22.76
C HIS R 264 4.96 -29.85 23.23
N ILE R 265 4.90 -31.09 23.72
CA ILE R 265 3.71 -31.66 24.33
C ILE R 265 4.14 -32.42 25.58
N ARG R 266 3.17 -32.66 26.46
CA ARG R 266 3.44 -33.33 27.73
C ARG R 266 2.71 -34.66 27.79
N ILE R 267 3.21 -35.55 28.63
CA ILE R 267 2.56 -36.81 28.93
C ILE R 267 2.25 -36.84 30.43
N PRO R 268 1.00 -36.57 30.81
CA PRO R 268 0.67 -36.50 32.24
C PRO R 268 0.90 -37.84 32.93
N SER R 269 1.35 -37.77 34.19
CA SER R 269 1.48 -38.94 35.04
C SER R 269 0.22 -39.12 35.88
N CYS R 270 0.04 -40.35 36.36
CA CYS R 270 -1.18 -40.67 37.11
C CYS R 270 -1.29 -39.83 38.36
N GLN R 271 -0.18 -39.65 39.06
CA GLN R 271 -0.17 -38.79 40.23
C GLN R 271 -0.43 -37.34 39.84
N ASP R 272 0.05 -36.94 38.66
CA ASP R 272 -0.27 -35.60 38.16
C ASP R 272 -1.76 -35.50 37.78
N TRP R 273 -2.32 -36.57 37.20
CA TRP R 273 -3.76 -36.63 36.99
C TRP R 273 -4.51 -36.47 38.29
N LYS R 274 -3.95 -36.97 39.40
CA LYS R 274 -4.57 -36.73 40.69
C LYS R 274 -4.46 -35.26 41.07
N ASP R 275 -3.30 -34.63 40.82
CA ASP R 275 -3.13 -33.24 41.24
C ASP R 275 -4.11 -32.32 40.51
N ILE R 276 -4.30 -32.52 39.21
CA ILE R 276 -5.23 -31.66 38.49
C ILE R 276 -6.66 -31.86 38.99
N SER R 277 -7.02 -33.11 39.30
CA SER R 277 -8.35 -33.40 39.83
C SER R 277 -8.54 -32.78 41.21
N LEU S 6 -25.60 -11.44 17.22
CA LEU S 6 -26.64 -11.36 18.23
C LEU S 6 -26.82 -12.72 18.91
N ASN S 7 -26.15 -13.73 18.36
CA ASN S 7 -26.18 -15.06 18.96
C ASN S 7 -25.55 -15.02 20.35
N ASN S 8 -24.46 -14.27 20.51
CA ASN S 8 -23.84 -14.13 21.82
C ASN S 8 -24.81 -13.48 22.81
N ILE S 9 -25.56 -12.47 22.35
CA ILE S 9 -26.57 -11.85 23.20
C ILE S 9 -27.64 -12.86 23.58
N VAL S 10 -28.04 -13.70 22.63
CA VAL S 10 -29.02 -14.75 22.90
C VAL S 10 -28.48 -15.71 23.96
N SER S 11 -27.21 -16.10 23.85
CA SER S 11 -26.61 -16.97 24.85
C SER S 11 -26.60 -16.30 26.22
N SER S 12 -26.27 -15.01 26.28
CA SER S 12 -26.27 -14.30 27.55
C SER S 12 -27.65 -14.30 28.18
N LEU S 13 -28.69 -14.14 27.36
CA LEU S 13 -30.06 -14.21 27.86
C LEU S 13 -30.38 -15.60 28.39
N GLN S 14 -29.92 -16.65 27.70
CA GLN S 14 -30.18 -18.00 28.17
C GLN S 14 -29.48 -18.25 29.51
N ARG S 15 -28.35 -17.56 29.74
CA ARG S 15 -27.60 -17.78 30.98
C ARG S 15 -28.44 -17.47 32.20
N ASN S 16 -29.49 -16.68 32.06
CA ASN S 16 -30.44 -16.43 33.12
C ASN S 16 -31.35 -17.65 33.25
N GLY S 17 -31.50 -18.14 34.49
CA GLY S 17 -32.29 -19.34 34.70
C GLY S 17 -33.78 -19.13 34.55
N ILE S 18 -34.24 -17.89 34.59
CA ILE S 18 -35.68 -17.63 34.52
C ILE S 18 -36.24 -18.06 33.17
N PHE S 19 -35.53 -17.73 32.08
CA PHE S 19 -36.03 -18.09 30.76
C PHE S 19 -36.07 -19.61 30.58
N ILE S 20 -35.01 -20.31 30.98
CA ILE S 20 -34.97 -21.75 30.78
C ILE S 20 -36.02 -22.44 31.64
N ASN S 21 -36.17 -22.00 32.89
CA ASN S 21 -37.19 -22.60 33.75
C ASN S 21 -38.58 -22.34 33.20
N SER S 22 -38.83 -21.14 32.67
CA SER S 22 -40.12 -20.85 32.06
C SER S 22 -40.35 -21.73 30.83
N LEU S 23 -39.30 -21.96 30.04
CA LEU S 23 -39.44 -22.80 28.86
C LEU S 23 -39.75 -24.24 29.26
N ILE S 24 -39.09 -24.74 30.31
CA ILE S 24 -39.36 -26.09 30.79
C ILE S 24 -40.80 -26.20 31.30
N ALA S 25 -41.27 -25.19 32.05
CA ALA S 25 -42.63 -25.23 32.55
C ALA S 25 -43.64 -25.19 31.42
N ALA S 26 -43.39 -24.37 30.39
CA ALA S 26 -44.31 -24.31 29.26
C ALA S 26 -44.35 -25.62 28.51
N LEU S 27 -43.19 -26.26 28.31
CA LEU S 27 -43.19 -27.56 27.66
C LEU S 27 -43.92 -28.59 28.49
N THR S 28 -43.76 -28.54 29.82
CA THR S 28 -44.49 -29.47 30.68
C THR S 28 -46.00 -29.26 30.56
N ILE S 29 -46.44 -28.00 30.52
CA ILE S 29 -47.86 -27.73 30.41
C ILE S 29 -48.42 -28.24 29.09
N GLY S 30 -47.72 -27.96 27.98
CA GLY S 30 -48.19 -28.44 26.69
C GLY S 30 -48.21 -29.95 26.60
N GLY S 31 -47.14 -30.59 27.07
CA GLY S 31 -47.09 -32.04 27.05
C GLY S 31 -48.17 -32.66 27.91
N GLN S 32 -48.43 -32.08 29.08
CA GLN S 32 -49.50 -32.59 29.93
C GLN S 32 -50.84 -32.44 29.25
N GLN S 33 -51.09 -31.30 28.60
CA GLN S 33 -52.35 -31.11 27.90
C GLN S 33 -52.55 -32.19 26.86
N LEU S 34 -51.55 -32.38 25.99
CA LEU S 34 -51.69 -33.39 24.94
C LEU S 34 -51.85 -34.79 25.53
N PHE S 35 -51.02 -35.13 26.52
CA PHE S 35 -51.03 -36.47 27.09
C PHE S 35 -52.36 -36.79 27.77
N SER S 36 -52.85 -35.87 28.60
CA SER S 36 -54.09 -36.11 29.31
C SER S 36 -55.29 -36.11 28.37
N SER S 37 -55.34 -35.15 27.44
CA SER S 37 -56.48 -35.11 26.53
C SER S 37 -56.44 -36.27 25.55
N SER S 38 -55.30 -36.95 25.40
CA SER S 38 -55.24 -38.05 24.45
C SER S 38 -55.52 -39.39 25.13
N THR S 39 -54.75 -39.75 26.15
CA THR S 39 -54.74 -41.13 26.64
C THR S 39 -54.99 -41.22 28.13
N PHE S 40 -56.02 -40.54 28.64
CA PHE S 40 -56.34 -40.75 30.06
C PHE S 40 -57.24 -41.97 30.24
N SER S 41 -58.47 -41.90 29.70
CA SER S 41 -59.43 -43.02 29.72
C SER S 41 -59.56 -43.64 31.12
N CYS S 42 -60.12 -42.85 32.03
CA CYS S 42 -60.29 -43.30 33.40
C CYS S 42 -61.06 -44.61 33.47
N PRO S 43 -60.51 -45.64 34.10
CA PRO S 43 -61.19 -46.94 34.15
C PRO S 43 -62.34 -46.93 35.14
N CYS S 44 -63.21 -47.93 34.98
CA CYS S 44 -64.36 -48.10 35.85
C CYS S 44 -64.19 -49.26 36.80
N GLN S 45 -62.98 -49.83 36.88
CA GLN S 45 -62.77 -51.04 37.64
C GLN S 45 -62.98 -50.80 39.12
N VAL S 46 -63.78 -51.66 39.75
CA VAL S 46 -64.06 -51.50 41.18
C VAL S 46 -62.84 -51.82 42.03
N GLY S 47 -62.11 -52.87 41.66
CA GLY S 47 -61.00 -53.33 42.47
C GLY S 47 -59.85 -52.34 42.58
N LYS S 48 -59.22 -52.02 41.46
CA LYS S 48 -58.04 -51.16 41.43
C LYS S 48 -58.32 -49.98 40.51
N ASN S 49 -58.59 -48.83 41.10
CA ASN S 49 -58.80 -47.60 40.34
C ASN S 49 -57.96 -46.48 40.95
N PHE S 50 -57.65 -46.62 42.25
CA PHE S 50 -56.75 -45.67 42.90
C PHE S 50 -55.35 -45.75 42.30
N TYR S 51 -54.89 -46.96 41.99
CA TYR S 51 -53.56 -47.11 41.41
C TYR S 51 -53.45 -46.41 40.08
N TYR S 52 -54.53 -46.43 39.28
CA TYR S 52 -54.48 -45.80 37.96
C TYR S 52 -54.23 -44.31 38.08
N GLY S 53 -55.05 -43.62 38.86
CA GLY S 53 -54.88 -42.18 39.03
C GLY S 53 -53.58 -41.84 39.73
N SER S 54 -53.23 -42.62 40.76
CA SER S 54 -51.99 -42.34 41.48
C SER S 54 -50.78 -42.47 40.56
N ALA S 55 -50.76 -43.50 39.71
CA ALA S 55 -49.67 -43.64 38.76
C ALA S 55 -49.65 -42.49 37.77
N PHE S 56 -50.80 -42.20 37.14
CA PHE S 56 -50.85 -41.11 36.18
C PHE S 56 -50.51 -39.75 36.81
N LEU S 57 -50.59 -39.64 38.13
CA LEU S 57 -50.33 -38.37 38.80
C LEU S 57 -48.91 -38.27 39.35
N VAL S 58 -48.32 -39.36 39.82
CA VAL S 58 -47.02 -39.31 40.48
C VAL S 58 -45.90 -39.81 39.59
N ILE S 59 -46.14 -40.85 38.77
CA ILE S 59 -45.05 -41.43 37.98
C ILE S 59 -44.44 -40.44 37.01
N PRO S 60 -45.20 -39.68 36.22
CA PRO S 60 -44.55 -38.67 35.37
C PRO S 60 -43.77 -37.64 36.17
N ALA S 61 -44.26 -37.23 37.34
CA ALA S 61 -43.52 -36.29 38.16
C ALA S 61 -42.21 -36.90 38.65
N LEU S 62 -42.24 -38.16 39.07
CA LEU S 62 -41.03 -38.82 39.52
C LEU S 62 -40.03 -38.97 38.38
N ILE S 63 -40.51 -39.32 37.19
CA ILE S 63 -39.63 -39.46 36.04
C ILE S 63 -39.00 -38.12 35.68
N LEU S 64 -39.79 -37.05 35.69
CA LEU S 64 -39.24 -35.75 35.36
C LEU S 64 -38.23 -35.30 36.40
N LEU S 65 -38.49 -35.57 37.68
CA LEU S 65 -37.52 -35.25 38.72
C LEU S 65 -36.21 -36.00 38.50
N VAL S 66 -36.29 -37.30 38.23
CA VAL S 66 -35.08 -38.09 38.03
C VAL S 66 -34.34 -37.62 36.79
N ALA S 67 -35.08 -37.28 35.72
CA ALA S 67 -34.43 -36.77 34.51
C ALA S 67 -33.74 -35.45 34.77
N GLY S 68 -34.38 -34.55 35.51
CA GLY S 68 -33.76 -33.27 35.80
C GLY S 68 -32.48 -33.42 36.61
N PHE S 69 -32.48 -34.36 37.56
CA PHE S 69 -31.26 -34.58 38.34
C PHE S 69 -30.18 -35.29 37.52
N ALA S 70 -30.54 -36.32 36.77
CA ALA S 70 -29.52 -37.14 36.11
C ALA S 70 -28.95 -36.47 34.88
N LEU S 71 -29.76 -35.76 34.10
CA LEU S 71 -29.29 -35.19 32.85
C LEU S 71 -28.25 -34.10 33.06
N ARG S 72 -28.11 -33.60 34.28
CA ARG S 72 -27.10 -32.60 34.58
C ARG S 72 -25.78 -33.29 34.93
N SER S 73 -24.74 -33.02 34.14
CA SER S 73 -23.44 -33.65 34.36
C SER S 73 -22.80 -33.19 35.67
N GLN S 74 -23.13 -31.99 36.12
CA GLN S 74 -22.63 -31.53 37.41
C GLN S 74 -23.08 -32.46 38.52
N MET S 75 -24.27 -33.04 38.41
CA MET S 75 -24.72 -34.01 39.40
C MET S 75 -23.85 -35.26 39.38
N TRP S 76 -23.45 -35.73 38.20
CA TRP S 76 -22.56 -36.88 38.15
C TRP S 76 -21.21 -36.54 38.79
N THR S 77 -20.72 -35.32 38.56
CA THR S 77 -19.46 -34.92 39.18
C THR S 77 -19.59 -34.87 40.70
N ILE S 78 -20.71 -34.35 41.22
CA ILE S 78 -20.93 -34.29 42.67
C ILE S 78 -20.99 -35.71 43.25
N THR S 79 -21.72 -36.60 42.59
CA THR S 79 -21.83 -37.97 43.08
C THR S 79 -20.48 -38.67 43.05
N GLY S 80 -19.68 -38.40 42.02
CA GLY S 80 -18.33 -38.95 41.98
C GLY S 80 -17.45 -38.43 43.09
N GLU S 81 -17.58 -37.15 43.43
CA GLU S 81 -16.81 -36.60 44.54
C GLU S 81 -17.24 -37.20 45.87
N TYR S 82 -18.55 -37.30 46.11
CA TYR S 82 -19.04 -37.79 47.39
C TYR S 82 -18.77 -39.29 47.55
N CYS S 83 -19.00 -40.06 46.50
CA CYS S 83 -18.79 -41.51 46.55
C CYS S 83 -17.32 -41.86 46.82
N PRO S 95 -16.00 -30.07 56.10
CA PRO S 95 -15.23 -28.87 55.75
C PRO S 95 -15.81 -28.12 54.55
N LEU S 96 -14.98 -27.32 53.89
CA LEU S 96 -15.49 -26.47 52.80
C LEU S 96 -15.89 -27.29 51.57
N GLU S 97 -15.28 -28.45 51.37
CA GLU S 97 -15.66 -29.29 50.23
C GLU S 97 -17.12 -29.74 50.35
N CYS S 98 -17.54 -30.12 51.56
CA CYS S 98 -18.93 -30.52 51.76
C CYS S 98 -19.89 -29.37 51.44
N LYS S 99 -19.59 -28.17 51.93
CA LYS S 99 -20.46 -27.03 51.66
C LYS S 99 -20.50 -26.70 50.18
N LEU S 100 -19.35 -26.79 49.51
CA LEU S 100 -19.31 -26.51 48.07
C LEU S 100 -20.13 -27.53 47.28
N ALA S 101 -20.03 -28.81 47.65
CA ALA S 101 -20.85 -29.83 47.01
C ALA S 101 -22.33 -29.59 47.27
N CYS S 102 -22.68 -29.18 48.49
CA CYS S 102 -24.07 -28.89 48.80
C CYS S 102 -24.58 -27.72 47.98
N LEU S 103 -23.76 -26.68 47.80
CA LEU S 103 -24.16 -25.54 46.98
C LEU S 103 -24.39 -25.97 45.53
N ARG S 104 -23.50 -26.81 44.98
CA ARG S 104 -23.69 -27.27 43.62
C ARG S 104 -24.95 -28.13 43.50
N PHE S 105 -25.20 -28.97 44.51
CA PHE S 105 -26.43 -29.77 44.52
C PHE S 105 -27.65 -28.88 44.52
N PHE S 106 -27.62 -27.80 45.29
CA PHE S 106 -28.75 -26.86 45.31
C PHE S 106 -28.95 -26.21 43.95
N SER S 107 -27.85 -25.80 43.30
CA SER S 107 -27.94 -25.21 41.98
C SER S 107 -28.56 -26.16 40.98
N ILE S 108 -28.26 -27.45 41.10
CA ILE S 108 -28.91 -28.46 40.26
C ILE S 108 -30.38 -28.61 40.65
N THR S 109 -30.66 -28.59 41.95
CA THR S 109 -32.00 -28.83 42.46
C THR S 109 -32.97 -27.77 41.97
N GLY S 110 -32.49 -26.55 41.68
CA GLY S 110 -33.38 -25.55 41.11
C GLY S 110 -34.14 -26.07 39.89
N ARG S 111 -33.42 -26.51 38.86
CA ARG S 111 -34.08 -27.06 37.68
C ARG S 111 -34.74 -28.40 37.99
N ALA S 112 -34.09 -29.24 38.79
CA ALA S 112 -34.67 -30.54 39.09
C ALA S 112 -36.02 -30.41 39.77
N VAL S 113 -36.29 -29.28 40.42
CA VAL S 113 -37.56 -29.05 41.09
C VAL S 113 -38.54 -28.34 40.18
N ILE S 114 -38.09 -27.38 39.36
CA ILE S 114 -39.06 -26.72 38.50
C ILE S 114 -39.60 -27.70 37.46
N ALA S 115 -38.86 -28.78 37.17
CA ALA S 115 -39.33 -29.70 36.13
C ALA S 115 -40.64 -30.40 36.50
N PRO S 116 -40.78 -31.07 37.65
CA PRO S 116 -42.04 -31.79 37.92
C PRO S 116 -43.10 -30.99 38.65
N LEU S 117 -42.72 -29.90 39.31
CA LEU S 117 -43.71 -29.10 40.03
C LEU S 117 -44.76 -28.56 39.08
N THR S 118 -44.36 -28.22 37.85
CA THR S 118 -45.34 -27.78 36.86
C THR S 118 -46.33 -28.89 36.55
N TRP S 119 -45.84 -30.12 36.40
CA TRP S 119 -46.74 -31.25 36.13
C TRP S 119 -47.73 -31.43 37.26
N LEU S 120 -47.24 -31.47 38.50
CA LEU S 120 -48.13 -31.68 39.62
C LEU S 120 -49.15 -30.55 39.75
N ALA S 121 -48.70 -29.31 39.60
CA ALA S 121 -49.61 -28.19 39.73
C ALA S 121 -50.68 -28.22 38.65
N VAL S 122 -50.29 -28.45 37.40
CA VAL S 122 -51.28 -28.45 36.32
C VAL S 122 -52.26 -29.60 36.49
N THR S 123 -51.76 -30.80 36.82
CA THR S 123 -52.66 -31.94 36.96
C THR S 123 -53.62 -31.75 38.12
N LEU S 124 -53.15 -31.25 39.26
CA LEU S 124 -54.06 -31.03 40.38
C LEU S 124 -55.07 -29.94 40.07
N LEU S 125 -54.64 -28.85 39.43
CA LEU S 125 -55.56 -27.76 39.13
C LEU S 125 -56.64 -28.21 38.14
N THR S 126 -56.25 -29.00 37.14
CA THR S 126 -57.27 -29.58 36.25
C THR S 126 -58.19 -30.51 37.03
N GLY S 127 -57.64 -31.30 37.95
CA GLY S 127 -58.42 -32.07 38.88
C GLY S 127 -58.92 -33.40 38.39
N THR S 128 -58.83 -33.68 37.08
CA THR S 128 -59.36 -34.93 36.56
C THR S 128 -58.56 -36.13 37.07
N TYR S 129 -57.24 -36.00 37.16
CA TYR S 129 -56.41 -37.08 37.68
C TYR S 129 -56.77 -37.40 39.12
N TYR S 130 -56.90 -36.38 39.95
CA TYR S 130 -57.23 -36.60 41.36
C TYR S 130 -58.62 -37.19 41.50
N GLU S 131 -59.56 -36.75 40.67
CA GLU S 131 -60.91 -37.31 40.71
C GLU S 131 -60.88 -38.80 40.40
N CYS S 132 -60.25 -39.17 39.27
CA CYS S 132 -60.18 -40.58 38.91
C CYS S 132 -59.40 -41.40 39.92
N ALA S 133 -58.48 -40.76 40.66
CA ALA S 133 -57.70 -41.49 41.64
C ALA S 133 -58.48 -41.75 42.92
N ALA S 134 -59.05 -40.69 43.51
CA ALA S 134 -59.67 -40.77 44.81
C ALA S 134 -61.19 -40.78 44.74
N SER S 135 -61.77 -41.21 43.62
CA SER S 135 -63.23 -41.34 43.56
C SER S 135 -63.75 -42.36 44.56
N GLU S 136 -63.11 -43.52 44.64
CA GLU S 136 -63.67 -44.62 45.42
C GLU S 136 -63.60 -44.37 46.93
N PHE S 137 -62.82 -43.40 47.37
CA PHE S 137 -62.67 -43.12 48.79
C PHE S 137 -63.70 -42.13 49.30
N ALA S 138 -64.74 -41.86 48.52
CA ALA S 138 -65.79 -40.94 48.92
C ALA S 138 -66.64 -41.55 50.04
N SER S 139 -67.15 -40.68 50.90
CA SER S 139 -68.02 -41.11 51.99
C SER S 139 -69.46 -41.26 51.51
N VAL S 140 -70.22 -42.10 52.21
CA VAL S 140 -71.61 -42.35 51.89
C VAL S 140 -72.55 -42.10 53.07
N ASP S 141 -72.02 -41.74 54.23
CA ASP S 141 -72.87 -41.51 55.39
C ASP S 141 -73.78 -40.31 55.18
N HIS S 142 -73.26 -39.25 54.55
CA HIS S 142 -74.04 -38.04 54.34
C HIS S 142 -75.25 -38.32 53.45
N TYR S 143 -75.09 -39.20 52.47
CA TYR S 143 -76.12 -39.41 51.46
C TYR S 143 -76.99 -40.61 51.85
N PRO S 144 -78.27 -40.41 52.16
CA PRO S 144 -79.12 -41.56 52.51
C PRO S 144 -79.36 -42.52 51.36
N MET S 145 -79.12 -42.10 50.12
CA MET S 145 -79.37 -42.96 48.96
C MET S 145 -78.40 -44.14 48.89
N PHE S 146 -77.29 -44.09 49.63
CA PHE S 146 -76.26 -45.11 49.55
C PHE S 146 -76.30 -46.06 50.74
N ASP S 147 -77.50 -46.42 51.22
CA ASP S 147 -77.60 -47.38 52.30
C ASP S 147 -76.99 -48.73 51.90
N ASN S 148 -77.61 -49.41 50.95
CA ASN S 148 -77.06 -50.61 50.31
C ASN S 148 -76.55 -51.63 51.33
N VAL S 149 -77.49 -52.20 52.06
CA VAL S 149 -77.21 -53.19 53.10
C VAL S 149 -76.30 -54.30 52.59
N SER S 150 -76.26 -54.49 51.26
CA SER S 150 -75.34 -55.45 50.67
C SER S 150 -73.88 -55.06 50.93
N ALA S 151 -73.59 -53.77 51.00
CA ALA S 151 -72.28 -53.22 51.35
C ALA S 151 -71.18 -53.60 50.36
N SER S 152 -71.54 -54.17 49.22
CA SER S 152 -70.58 -54.47 48.15
C SER S 152 -70.97 -53.82 46.83
N LYS S 153 -72.26 -53.79 46.51
CA LYS S 153 -72.71 -53.09 45.31
C LYS S 153 -72.44 -51.61 45.44
N ARG S 154 -72.58 -51.05 46.65
CA ARG S 154 -72.35 -49.63 46.86
C ARG S 154 -70.93 -49.22 46.48
N GLU S 155 -69.94 -50.03 46.89
CA GLU S 155 -68.57 -49.73 46.52
C GLU S 155 -68.39 -49.75 45.01
N GLU S 156 -69.01 -50.72 44.34
CA GLU S 156 -68.85 -50.83 42.89
C GLU S 156 -69.47 -49.64 42.18
N ILE S 157 -70.68 -49.23 42.58
CA ILE S 157 -71.28 -48.09 41.89
C ILE S 157 -70.52 -46.82 42.21
N LEU S 158 -70.00 -46.71 43.44
CA LEU S 158 -69.20 -45.55 43.82
C LEU S 158 -67.96 -45.43 42.96
N ALA S 159 -67.27 -46.54 42.71
CA ALA S 159 -66.12 -46.51 41.81
C ALA S 159 -66.51 -46.47 40.35
N GLY S 160 -67.78 -46.72 40.03
CA GLY S 160 -68.20 -46.78 38.65
C GLY S 160 -68.72 -45.50 38.04
N PHE S 161 -69.54 -44.75 38.78
CA PHE S 161 -70.19 -43.60 38.13
C PHE S 161 -69.23 -42.49 37.68
N PRO S 162 -68.08 -42.26 38.33
CA PRO S 162 -67.20 -41.20 37.84
C PRO S 162 -66.68 -41.43 36.42
N CYS S 163 -66.56 -42.69 35.99
CA CYS S 163 -65.80 -42.96 34.77
C CYS S 163 -66.60 -42.71 33.51
N CYS S 164 -67.59 -43.55 33.23
CA CYS S 164 -68.35 -43.46 31.99
C CYS S 164 -69.78 -43.95 32.14
N ARG S 165 -70.25 -44.21 33.36
CA ARG S 165 -71.52 -44.92 33.54
C ARG S 165 -72.68 -44.11 32.98
N SER S 166 -72.69 -42.80 33.23
CA SER S 166 -73.80 -41.92 32.83
C SER S 166 -75.06 -42.51 33.43
N ALA S 167 -76.00 -43.02 32.63
CA ALA S 167 -77.18 -43.74 33.12
C ALA S 167 -77.97 -42.88 34.10
N PRO S 168 -78.60 -41.80 33.63
CA PRO S 168 -79.35 -40.94 34.57
C PRO S 168 -80.51 -41.66 35.23
N SER S 169 -80.37 -41.95 36.52
CA SER S 169 -81.41 -42.59 37.31
C SER S 169 -81.64 -41.79 38.57
N ASP S 170 -81.55 -40.46 38.45
CA ASP S 170 -81.75 -39.47 39.50
C ASP S 170 -80.71 -39.60 40.62
N VAL S 171 -79.72 -40.49 40.48
CA VAL S 171 -78.58 -40.48 41.39
C VAL S 171 -77.52 -39.49 40.95
N ILE S 172 -77.66 -38.94 39.73
CA ILE S 172 -76.64 -38.06 39.17
C ILE S 172 -76.50 -36.78 39.98
N LEU S 173 -77.48 -36.47 40.82
CA LEU S 173 -77.32 -35.35 41.75
C LEU S 173 -76.20 -35.62 42.74
N VAL S 174 -76.19 -36.82 43.33
CA VAL S 174 -75.11 -37.19 44.25
C VAL S 174 -73.79 -37.29 43.51
N ARG S 175 -73.81 -37.86 42.30
CA ARG S 175 -72.61 -37.91 41.49
C ARG S 175 -72.04 -36.51 41.26
N ASP S 176 -72.88 -35.56 40.87
CA ASP S 176 -72.40 -34.23 40.56
C ASP S 176 -71.88 -33.54 41.82
N GLU S 177 -72.59 -33.70 42.94
CA GLU S 177 -72.16 -33.07 44.17
C GLU S 177 -70.80 -33.60 44.62
N ILE S 178 -70.64 -34.93 44.60
CA ILE S 178 -69.37 -35.49 45.06
C ILE S 178 -68.26 -35.20 44.06
N ALA S 179 -68.57 -35.14 42.78
CA ALA S 179 -67.55 -34.76 41.79
C ALA S 179 -67.07 -33.34 42.02
N LEU S 180 -67.99 -32.42 42.30
CA LEU S 180 -67.59 -31.05 42.63
C LEU S 180 -66.78 -31.01 43.91
N LEU S 181 -67.15 -31.84 44.89
CA LEU S 181 -66.37 -31.89 46.13
C LEU S 181 -64.93 -32.32 45.85
N HIS S 182 -64.75 -33.37 45.06
CA HIS S 182 -63.40 -33.86 44.78
C HIS S 182 -62.63 -32.89 43.91
N ARG S 183 -63.29 -32.23 42.96
CA ARG S 183 -62.61 -31.22 42.15
C ARG S 183 -62.14 -30.06 43.00
N TYR S 184 -62.99 -29.59 43.93
CA TYR S 184 -62.58 -28.51 44.82
C TYR S 184 -61.42 -28.94 45.70
N GLN S 185 -61.49 -30.16 46.23
CA GLN S 185 -60.39 -30.64 47.07
C GLN S 185 -59.11 -30.75 46.26
N SER S 186 -59.20 -31.20 45.01
CA SER S 186 -58.03 -31.30 44.16
C SER S 186 -57.39 -29.94 43.91
N GLN S 187 -58.19 -28.95 43.53
CA GLN S 187 -57.63 -27.64 43.24
C GLN S 187 -57.07 -26.98 44.48
N MET S 188 -57.76 -27.12 45.63
CA MET S 188 -57.21 -26.57 46.86
C MET S 188 -55.91 -27.27 47.23
N LEU S 189 -55.83 -28.58 47.02
CA LEU S 189 -54.58 -29.29 47.29
C LEU S 189 -53.48 -28.81 46.37
N GLY S 190 -53.81 -28.51 45.12
CA GLY S 190 -52.82 -27.95 44.21
C GLY S 190 -52.31 -26.61 44.68
N TRP S 191 -53.21 -25.74 45.15
CA TRP S 191 -52.77 -24.45 45.68
C TRP S 191 -51.90 -24.62 46.92
N ILE S 192 -52.27 -25.56 47.80
CA ILE S 192 -51.45 -25.82 48.97
C ILE S 192 -50.07 -26.30 48.55
N LEU S 193 -50.01 -27.17 47.55
CA LEU S 193 -48.74 -27.71 47.08
C LEU S 193 -47.87 -26.61 46.48
N ILE S 194 -48.44 -25.74 45.66
CA ILE S 194 -47.62 -24.71 45.03
C ILE S 194 -47.17 -23.68 46.06
N THR S 195 -48.03 -23.34 47.02
CA THR S 195 -47.61 -22.43 48.09
C THR S 195 -46.48 -23.04 48.91
N LEU S 196 -46.59 -24.31 49.27
CA LEU S 196 -45.51 -24.96 50.02
C LEU S 196 -44.24 -25.03 49.19
N ALA S 197 -44.34 -25.29 47.89
CA ALA S 197 -43.17 -25.32 47.04
C ALA S 197 -42.48 -23.96 47.00
N THR S 198 -43.25 -22.89 46.85
CA THR S 198 -42.65 -21.56 46.82
C THR S 198 -42.00 -21.21 48.15
N ILE S 199 -42.68 -21.51 49.27
CA ILE S 199 -42.11 -21.22 50.57
C ILE S 199 -40.82 -22.01 50.78
N ALA S 200 -40.83 -23.30 50.40
CA ALA S 200 -39.63 -24.11 50.53
C ALA S 200 -38.50 -23.60 49.66
N ALA S 201 -38.81 -23.16 48.44
CA ALA S 201 -37.77 -22.62 47.57
C ALA S 201 -37.15 -21.37 48.16
N LEU S 202 -37.98 -20.45 48.66
CA LEU S 202 -37.45 -19.22 49.23
C LEU S 202 -36.63 -19.51 50.48
N VAL S 203 -37.11 -20.40 51.36
CA VAL S 203 -36.38 -20.74 52.57
C VAL S 203 -35.07 -21.44 52.21
N SER S 204 -35.08 -22.31 51.22
CA SER S 204 -33.86 -23.01 50.82
C SER S 204 -32.85 -22.04 50.24
N CYS S 205 -33.29 -21.06 49.45
CA CYS S 205 -32.35 -20.06 48.95
C CYS S 205 -31.77 -19.23 50.08
N CYS S 206 -32.61 -18.84 51.05
CA CYS S 206 -32.10 -18.09 52.20
C CYS S 206 -31.11 -18.91 53.01
N VAL S 207 -31.39 -20.20 53.21
CA VAL S 207 -30.48 -21.06 53.95
C VAL S 207 -29.18 -21.25 53.18
N ALA S 208 -29.26 -21.35 51.85
CA ALA S 208 -28.05 -21.44 51.05
C ALA S 208 -27.19 -20.20 51.19
N LYS S 209 -27.83 -19.01 51.17
CA LYS S 209 -27.06 -17.79 51.34
C LYS S 209 -26.46 -17.68 52.73
N CYS S 210 -27.21 -18.09 53.76
CA CYS S 210 -26.71 -18.01 55.13
C CYS S 210 -25.57 -18.99 55.36
N CYS S 211 -25.70 -20.23 54.87
CA CYS S 211 -24.75 -21.29 55.13
C CYS S 211 -23.54 -21.26 54.21
N SER S 212 -23.57 -20.45 53.15
CA SER S 212 -22.45 -20.39 52.22
C SER S 212 -21.26 -19.72 52.88
N PRO S 213 -20.10 -20.38 52.96
CA PRO S 213 -18.93 -19.70 53.55
C PRO S 213 -18.35 -18.65 52.64
N LEU S 214 -18.47 -18.81 51.33
CA LEU S 214 -17.96 -17.83 50.39
C LEU S 214 -18.75 -16.54 50.47
N THR S 215 -18.07 -15.41 50.24
CA THR S 215 -18.76 -14.15 50.11
C THR S 215 -19.52 -14.11 48.79
N SER S 216 -20.35 -13.08 48.62
CA SER S 216 -21.12 -12.95 47.39
C SER S 216 -20.21 -12.85 46.17
N LEU S 217 -19.22 -11.96 46.24
CA LEU S 217 -18.26 -11.84 45.14
C LEU S 217 -17.44 -13.12 45.01
N GLN S 218 -17.03 -13.70 46.13
CA GLN S 218 -16.29 -14.95 46.10
C GLN S 218 -17.14 -16.07 45.53
N HIS S 219 -18.43 -16.09 45.85
CA HIS S 219 -19.32 -17.09 45.28
C HIS S 219 -19.43 -16.95 43.78
N CYS S 220 -19.56 -15.71 43.29
CA CYS S 220 -19.59 -15.49 41.85
C CYS S 220 -18.30 -15.96 41.19
N TYR S 221 -17.17 -15.62 41.81
CA TYR S 221 -15.89 -16.07 41.26
C TYR S 221 -15.81 -17.58 41.21
N TRP S 222 -16.25 -18.26 42.27
CA TRP S 222 -16.16 -19.71 42.31
C TRP S 222 -17.06 -20.37 41.27
N THR S 223 -18.27 -19.85 41.08
CA THR S 223 -19.16 -20.40 40.07
C THR S 223 -18.54 -20.27 38.68
N SER S 224 -18.03 -19.07 38.37
CA SER S 224 -17.42 -18.89 37.06
C SER S 224 -16.16 -19.73 36.92
N HIS S 225 -15.42 -19.91 38.01
CA HIS S 225 -14.24 -20.78 37.99
C HIS S 225 -14.61 -22.19 37.60
N LEU S 226 -15.69 -22.71 38.18
CA LEU S 226 -16.10 -24.08 37.90
C LEU S 226 -16.48 -24.24 36.43
N GLN S 227 -17.34 -23.34 35.94
CA GLN S 227 -17.76 -23.44 34.54
C GLN S 227 -16.56 -23.34 33.61
N ASN S 228 -15.68 -22.38 33.84
CA ASN S 228 -14.58 -22.14 32.92
C ASN S 228 -13.56 -23.27 32.96
N GLU S 229 -13.29 -23.81 34.16
CA GLU S 229 -12.32 -24.90 34.23
C GLU S 229 -12.83 -26.12 33.47
N ARG S 230 -14.13 -26.44 33.60
CA ARG S 230 -14.63 -27.61 32.89
C ARG S 230 -14.57 -27.39 31.39
N GLU S 231 -15.00 -26.23 30.91
CA GLU S 231 -15.00 -25.97 29.47
C GLU S 231 -13.58 -25.98 28.92
N LEU S 232 -12.64 -25.33 29.62
CA LEU S 232 -11.27 -25.27 29.15
C LEU S 232 -10.65 -26.64 29.06
N PHE S 233 -10.85 -27.48 30.08
CA PHE S 233 -10.24 -28.81 30.01
C PHE S 233 -10.85 -29.61 28.88
N GLU S 234 -12.15 -29.51 28.66
CA GLU S 234 -12.76 -30.24 27.54
C GLU S 234 -12.10 -29.84 26.22
N GLN S 235 -12.00 -28.53 25.98
CA GLN S 235 -11.44 -28.07 24.71
C GLN S 235 -9.99 -28.51 24.53
N ALA S 236 -9.17 -28.31 25.55
CA ALA S 236 -7.76 -28.61 25.37
C ALA S 236 -7.48 -30.12 25.40
N ALA S 237 -8.34 -30.90 26.06
CA ALA S 237 -8.21 -32.34 25.92
C ALA S 237 -8.45 -32.76 24.48
N GLU S 238 -9.48 -32.17 23.84
CA GLU S 238 -9.69 -32.40 22.42
C GLU S 238 -8.45 -32.02 21.61
N GLN S 239 -7.90 -30.85 21.87
CA GLN S 239 -6.77 -30.37 21.06
C GLN S 239 -5.50 -31.18 21.32
N HIS S 240 -5.24 -31.57 22.56
CA HIS S 240 -4.09 -32.42 22.87
C HIS S 240 -4.19 -33.76 22.17
N SER S 241 -5.36 -34.40 22.21
CA SER S 241 -5.47 -35.68 21.52
C SER S 241 -5.36 -35.50 20.02
N ARG S 242 -5.89 -34.39 19.49
CA ARG S 242 -5.73 -34.14 18.06
C ARG S 242 -4.26 -34.03 17.70
N LEU S 243 -3.47 -33.30 18.50
CA LEU S 243 -2.05 -33.16 18.21
C LEU S 243 -1.32 -34.50 18.33
N LEU S 244 -1.63 -35.27 19.37
CA LEU S 244 -0.93 -36.55 19.55
C LEU S 244 -1.23 -37.50 18.40
N MET S 245 -2.51 -37.61 18.02
CA MET S 245 -2.87 -38.48 16.91
C MET S 245 -2.28 -37.95 15.61
N MET S 246 -2.22 -36.63 15.44
CA MET S 246 -1.68 -36.05 14.23
C MET S 246 -0.19 -36.39 14.09
N HIS S 247 0.56 -36.32 15.20
CA HIS S 247 1.94 -36.76 15.17
C HIS S 247 2.04 -38.25 14.85
N ARG S 248 1.15 -39.06 15.43
CA ARG S 248 1.17 -40.49 15.17
C ARG S 248 0.97 -40.79 13.69
N ILE S 249 0.00 -40.11 13.07
CA ILE S 249 -0.29 -40.40 11.66
C ILE S 249 0.73 -39.72 10.76
N LYS S 250 1.39 -38.66 11.24
CA LYS S 250 2.56 -38.14 10.54
C LYS S 250 3.64 -39.21 10.46
N LYS S 251 3.85 -39.93 11.56
CA LYS S 251 4.75 -41.09 11.52
C LYS S 251 4.23 -42.14 10.54
N LEU S 252 2.91 -42.37 10.55
CA LEU S 252 2.32 -43.44 9.75
C LEU S 252 2.45 -43.18 8.24
N PHE S 253 2.04 -42.00 7.78
CA PHE S 253 1.96 -41.68 6.37
C PHE S 253 3.05 -40.74 5.89
N GLY S 254 3.98 -40.36 6.75
CA GLY S 254 5.08 -39.50 6.32
C GLY S 254 4.73 -38.05 6.15
N PHE S 255 3.54 -37.62 6.56
CA PHE S 255 3.16 -36.22 6.44
C PHE S 255 2.10 -35.88 7.49
N ILE S 256 2.01 -34.61 7.82
CA ILE S 256 0.95 -34.12 8.69
C ILE S 256 -0.31 -33.88 7.86
N PRO S 257 -1.48 -34.30 8.32
CA PRO S 257 -2.71 -34.10 7.53
C PRO S 257 -3.05 -32.63 7.37
N GLY S 258 -3.69 -32.33 6.24
CA GLY S 258 -4.14 -30.97 5.97
C GLY S 258 -3.06 -29.99 5.59
N SER S 259 -1.91 -30.45 5.13
CA SER S 259 -0.81 -29.58 4.76
C SER S 259 -0.18 -30.09 3.46
N GLU S 260 0.66 -29.23 2.86
CA GLU S 260 1.24 -29.50 1.54
C GLU S 260 2.26 -30.63 1.66
N ASP S 261 1.94 -31.80 1.11
CA ASP S 261 2.78 -32.99 1.28
C ASP S 261 3.31 -33.54 -0.03
N VAL S 262 3.29 -32.75 -1.12
CA VAL S 262 3.82 -33.25 -2.38
C VAL S 262 5.32 -33.51 -2.32
N LYS S 263 5.98 -33.08 -1.24
CA LYS S 263 7.40 -33.34 -1.11
C LYS S 263 7.67 -34.83 -0.94
N HIS S 264 6.96 -35.48 -0.03
CA HIS S 264 7.21 -36.88 0.26
C HIS S 264 5.92 -37.57 0.65
N ILE S 265 5.85 -38.88 0.36
CA ILE S 265 4.74 -39.73 0.77
C ILE S 265 5.33 -41.04 1.28
N ARG S 266 4.51 -41.77 2.04
CA ARG S 266 4.94 -43.02 2.65
C ARG S 266 4.12 -44.18 2.11
N ILE S 267 4.69 -45.38 2.19
CA ILE S 267 4.00 -46.61 1.87
C ILE S 267 3.96 -47.48 3.12
N PRO S 268 2.83 -47.51 3.82
CA PRO S 268 2.77 -48.26 5.08
C PRO S 268 3.00 -49.75 4.85
N SER S 269 3.66 -50.38 5.81
CA SER S 269 3.85 -51.83 5.82
C SER S 269 2.75 -52.48 6.64
N CYS S 270 2.55 -53.78 6.40
CA CYS S 270 1.46 -54.51 7.05
C CYS S 270 1.65 -54.52 8.56
N GLN S 271 2.90 -54.72 9.01
CA GLN S 271 3.17 -54.67 10.43
C GLN S 271 2.97 -53.26 10.96
N ASP S 272 3.27 -52.25 10.14
CA ASP S 272 2.98 -50.88 10.55
C ASP S 272 1.48 -50.62 10.59
N TRP S 273 0.73 -51.20 9.64
CA TRP S 273 -0.72 -51.17 9.71
C TRP S 273 -1.22 -51.80 11.00
N LYS S 274 -0.52 -52.81 11.51
CA LYS S 274 -0.87 -53.37 12.80
C LYS S 274 -0.58 -52.35 13.90
N ASP S 275 0.58 -51.66 13.83
CA ASP S 275 0.94 -50.73 14.91
C ASP S 275 -0.07 -49.60 15.02
N ILE S 276 -0.51 -49.03 13.89
CA ILE S 276 -1.49 -47.94 13.98
C ILE S 276 -2.81 -48.44 14.54
N SER S 277 -3.22 -49.65 14.17
CA SER S 277 -4.44 -50.23 14.70
C SER S 277 -4.33 -50.51 16.20
N LEU T 6 -22.83 -19.98 12.50
CA LEU T 6 -23.68 -20.51 13.55
C LEU T 6 -23.86 -22.02 13.39
N ASN T 7 -23.39 -22.53 12.24
CA ASN T 7 -23.44 -23.97 12.00
C ASN T 7 -22.59 -24.71 13.02
N ASN T 8 -21.42 -24.16 13.36
CA ASN T 8 -20.59 -24.76 14.40
C ASN T 8 -21.31 -24.80 15.73
N ILE T 9 -22.03 -23.73 16.06
CA ILE T 9 -22.82 -23.72 17.30
C ILE T 9 -23.90 -24.78 17.24
N VAL T 10 -24.54 -24.95 16.07
CA VAL T 10 -25.55 -25.99 15.90
C VAL T 10 -24.94 -27.37 16.12
N SER T 11 -23.74 -27.59 15.57
CA SER T 11 -23.06 -28.87 15.79
C SER T 11 -22.76 -29.10 17.26
N SER T 12 -22.31 -28.06 17.96
CA SER T 12 -22.03 -28.19 19.39
C SER T 12 -23.28 -28.56 20.16
N LEU T 13 -24.42 -27.99 19.77
CA LEU T 13 -25.70 -28.35 20.40
C LEU T 13 -26.05 -29.81 20.12
N GLN T 14 -25.80 -30.28 18.89
CA GLN T 14 -26.10 -31.68 18.58
C GLN T 14 -25.21 -32.61 19.39
N ARG T 15 -24.00 -32.15 19.73
CA ARG T 15 -23.07 -33.01 20.47
C ARG T 15 -23.66 -33.47 21.80
N ASN T 16 -24.66 -32.75 22.32
CA ASN T 16 -25.40 -33.16 23.50
C ASN T 16 -26.37 -34.25 23.10
N GLY T 17 -26.36 -35.36 23.85
CA GLY T 17 -27.21 -36.50 23.51
C GLY T 17 -28.68 -36.26 23.78
N ILE T 18 -29.01 -35.26 24.60
CA ILE T 18 -30.41 -35.03 24.95
C ILE T 18 -31.22 -34.64 23.72
N PHE T 19 -30.68 -33.74 22.89
CA PHE T 19 -31.42 -33.32 21.71
C PHE T 19 -31.62 -34.46 20.73
N ILE T 20 -30.58 -35.24 20.47
CA ILE T 20 -30.71 -36.32 19.50
C ILE T 20 -31.65 -37.40 20.01
N ASN T 21 -31.55 -37.75 21.29
CA ASN T 21 -32.47 -38.74 21.84
C ASN T 21 -33.91 -38.24 21.81
N SER T 22 -34.13 -36.96 22.10
CA SER T 22 -35.47 -36.40 22.00
C SER T 22 -35.99 -36.45 20.56
N LEU T 23 -35.11 -36.16 19.60
CA LEU T 23 -35.51 -36.20 18.19
C LEU T 23 -35.88 -37.62 17.78
N ILE T 24 -35.10 -38.61 18.23
CA ILE T 24 -35.41 -40.00 17.93
C ILE T 24 -36.75 -40.40 18.54
N ALA T 25 -36.99 -40.01 19.79
CA ALA T 25 -38.25 -40.34 20.44
C ALA T 25 -39.43 -39.69 19.73
N ALA T 26 -39.28 -38.43 19.32
CA ALA T 26 -40.37 -37.75 18.60
C ALA T 26 -40.65 -38.42 17.27
N LEU T 27 -39.59 -38.81 16.54
CA LEU T 27 -39.82 -39.53 15.29
C LEU T 27 -40.50 -40.86 15.54
N THR T 28 -40.12 -41.56 16.60
CA THR T 28 -40.77 -42.83 16.91
C THR T 28 -42.25 -42.62 17.22
N ILE T 29 -42.58 -41.56 17.97
CA ILE T 29 -43.97 -41.29 18.31
C ILE T 29 -44.78 -40.99 17.04
N GLY T 30 -44.25 -40.12 16.18
CA GLY T 30 -44.97 -39.80 14.96
C GLY T 30 -45.14 -41.00 14.04
N GLY T 31 -44.07 -41.78 13.87
CA GLY T 31 -44.16 -42.97 13.04
C GLY T 31 -45.13 -43.97 13.59
N GLN T 32 -45.14 -44.17 14.92
CA GLN T 32 -46.10 -45.07 15.52
C GLN T 32 -47.52 -44.60 15.31
N GLN T 33 -47.75 -43.29 15.46
CA GLN T 33 -49.11 -42.77 15.24
C GLN T 33 -49.56 -43.07 13.82
N LEU T 34 -48.74 -42.73 12.82
CA LEU T 34 -49.16 -42.98 11.45
C LEU T 34 -49.35 -44.46 11.18
N PHE T 35 -48.39 -45.28 11.63
CA PHE T 35 -48.43 -46.71 11.34
C PHE T 35 -49.64 -47.39 11.97
N SER T 36 -49.90 -47.10 13.25
CA SER T 36 -51.03 -47.73 13.93
C SER T 36 -52.36 -47.22 13.39
N SER T 37 -52.49 -45.90 13.19
CA SER T 37 -53.75 -45.38 12.68
C SER T 37 -53.98 -45.78 11.23
N SER T 38 -52.95 -46.23 10.52
CA SER T 38 -53.13 -46.62 9.13
C SER T 38 -53.42 -48.11 8.98
N THR T 39 -52.53 -48.96 9.47
CA THR T 39 -52.57 -50.37 9.09
C THR T 39 -52.58 -51.31 10.30
N PHE T 40 -53.43 -51.04 11.28
CA PHE T 40 -53.53 -52.03 12.37
C PHE T 40 -54.51 -53.15 12.00
N SER T 41 -55.78 -52.82 11.85
CA SER T 41 -56.82 -53.76 11.41
C SER T 41 -56.77 -55.07 12.22
N CYS T 42 -57.11 -54.93 13.51
CA CYS T 42 -57.08 -56.08 14.41
C CYS T 42 -57.94 -57.23 13.88
N PRO T 43 -57.40 -58.42 13.71
CA PRO T 43 -58.18 -59.52 13.16
C PRO T 43 -59.15 -60.11 14.18
N CYS T 44 -60.11 -60.86 13.67
CA CYS T 44 -61.11 -61.51 14.48
C CYS T 44 -60.89 -63.01 14.57
N GLN T 45 -59.74 -63.49 14.09
CA GLN T 45 -59.51 -64.92 13.99
C GLN T 45 -59.45 -65.56 15.38
N VAL T 46 -60.21 -66.64 15.56
CA VAL T 46 -60.24 -67.31 16.84
C VAL T 46 -58.93 -68.03 17.12
N GLY T 47 -58.36 -68.69 16.10
CA GLY T 47 -57.17 -69.50 16.29
C GLY T 47 -55.95 -68.72 16.73
N LYS T 48 -55.48 -67.81 15.88
CA LYS T 48 -54.25 -67.07 16.10
C LYS T 48 -54.57 -65.57 16.06
N ASN T 49 -54.65 -64.96 17.24
CA ASN T 49 -54.85 -63.53 17.35
C ASN T 49 -53.83 -62.93 18.31
N PHE T 50 -53.32 -63.76 19.22
CA PHE T 50 -52.24 -63.32 20.10
C PHE T 50 -50.98 -63.03 19.31
N TYR T 51 -50.68 -63.85 18.30
CA TYR T 51 -49.48 -63.61 17.50
C TYR T 51 -49.54 -62.28 16.78
N TYR T 52 -50.73 -61.87 16.33
CA TYR T 52 -50.84 -60.61 15.60
C TYR T 52 -50.45 -59.43 16.48
N GLY T 53 -51.06 -59.33 17.66
CA GLY T 53 -50.73 -58.23 18.56
C GLY T 53 -49.32 -58.33 19.07
N SER T 54 -48.85 -59.53 19.41
CA SER T 54 -47.50 -59.69 19.91
C SER T 54 -46.48 -59.26 18.87
N ALA T 55 -46.70 -59.62 17.60
CA ALA T 55 -45.80 -59.18 16.55
C ALA T 55 -45.84 -57.68 16.39
N PHE T 56 -47.04 -57.11 16.26
CA PHE T 56 -47.16 -55.66 16.09
C PHE T 56 -46.60 -54.89 17.28
N LEU T 57 -46.44 -55.54 18.44
CA LEU T 57 -45.95 -54.87 19.63
C LEU T 57 -44.46 -55.06 19.88
N VAL T 58 -43.90 -56.22 19.54
CA VAL T 58 -42.51 -56.51 19.86
C VAL T 58 -41.61 -56.42 18.63
N ILE T 59 -42.08 -56.82 17.45
CA ILE T 59 -41.20 -56.84 16.28
C ILE T 59 -40.67 -55.45 15.93
N PRO T 60 -41.48 -54.40 15.85
CA PRO T 60 -40.88 -53.07 15.61
C PRO T 60 -39.89 -52.66 16.68
N ALA T 61 -40.15 -52.99 17.95
CA ALA T 61 -39.19 -52.65 19.00
C ALA T 61 -37.88 -53.41 18.80
N LEU T 62 -37.96 -54.69 18.45
CA LEU T 62 -36.75 -55.47 18.22
C LEU T 62 -35.97 -54.93 17.02
N ILE T 63 -36.68 -54.56 15.96
CA ILE T 63 -36.02 -54.00 14.78
C ILE T 63 -35.34 -52.68 15.11
N LEU T 64 -36.02 -51.82 15.86
CA LEU T 64 -35.41 -50.55 16.22
C LEU T 64 -34.20 -50.74 17.13
N LEU T 65 -34.26 -51.70 18.05
CA LEU T 65 -33.12 -52.01 18.89
C LEU T 65 -31.93 -52.47 18.05
N VAL T 66 -32.18 -53.40 17.13
CA VAL T 66 -31.10 -53.91 16.30
C VAL T 66 -30.53 -52.80 15.41
N ALA T 67 -31.40 -51.93 14.88
CA ALA T 67 -30.92 -50.83 14.06
C ALA T 67 -30.07 -49.86 14.87
N GLY T 68 -30.50 -49.55 16.09
CA GLY T 68 -29.72 -48.64 16.93
C GLY T 68 -28.35 -49.20 17.25
N PHE T 69 -28.27 -50.51 17.50
CA PHE T 69 -26.97 -51.11 17.78
C PHE T 69 -26.11 -51.20 16.52
N ALA T 70 -26.68 -51.64 15.40
CA ALA T 70 -25.87 -51.93 14.22
C ALA T 70 -25.45 -50.67 13.49
N LEU T 71 -26.32 -49.66 13.41
CA LEU T 71 -26.02 -48.48 12.63
C LEU T 71 -24.85 -47.68 13.21
N ARG T 72 -24.47 -47.95 14.45
CA ARG T 72 -23.32 -47.28 15.06
C ARG T 72 -22.04 -48.01 14.70
N SER T 73 -21.13 -47.32 14.01
CA SER T 73 -19.87 -47.94 13.61
C SER T 73 -18.99 -48.29 14.79
N GLN T 74 -19.12 -47.56 15.90
CA GLN T 74 -18.38 -47.90 17.10
C GLN T 74 -18.71 -49.30 17.57
N MET T 75 -19.95 -49.74 17.37
CA MET T 75 -20.32 -51.11 17.72
C MET T 75 -19.59 -52.12 16.85
N TRP T 76 -19.43 -51.83 15.56
CA TRP T 76 -18.66 -52.74 14.72
C TRP T 76 -17.21 -52.79 15.16
N THR T 77 -16.65 -51.64 15.55
CA THR T 77 -15.27 -51.64 16.05
C THR T 77 -15.15 -52.46 17.33
N ILE T 78 -16.11 -52.33 18.24
CA ILE T 78 -16.07 -53.11 19.48
C ILE T 78 -16.16 -54.61 19.18
N THR T 79 -17.09 -54.98 18.29
CA THR T 79 -17.23 -56.39 17.96
C THR T 79 -15.97 -56.93 17.28
N GLY T 80 -15.33 -56.11 16.44
CA GLY T 80 -14.07 -56.52 15.85
C GLY T 80 -12.97 -56.71 16.88
N GLU T 81 -12.92 -55.83 17.88
CA GLU T 81 -11.93 -55.99 18.94
C GLU T 81 -12.19 -57.25 19.77
N TYR T 82 -13.44 -57.48 20.15
CA TYR T 82 -13.75 -58.62 21.01
C TYR T 82 -13.60 -59.94 20.26
N CYS T 83 -14.07 -59.99 19.02
CA CYS T 83 -13.98 -61.22 18.22
C CYS T 83 -12.54 -61.62 17.96
N PRO T 95 -8.63 -57.09 31.78
CA PRO T 95 -7.80 -55.90 32.01
C PRO T 95 -8.52 -54.61 31.58
N LEU T 96 -7.74 -53.55 31.32
CA LEU T 96 -8.35 -52.25 31.02
C LEU T 96 -9.02 -52.25 29.65
N GLU T 97 -8.56 -53.08 28.72
CA GLU T 97 -9.20 -53.14 27.41
C GLU T 97 -10.64 -53.60 27.53
N CYS T 98 -10.89 -54.60 28.38
CA CYS T 98 -12.27 -55.07 28.58
C CYS T 98 -13.16 -53.97 29.13
N LYS T 99 -12.67 -53.24 30.14
CA LYS T 99 -13.47 -52.18 30.73
C LYS T 99 -13.72 -51.06 29.72
N LEU T 100 -12.72 -50.74 28.90
CA LEU T 100 -12.89 -49.70 27.89
C LEU T 100 -13.91 -50.11 26.85
N ALA T 101 -13.87 -51.37 26.41
CA ALA T 101 -14.87 -51.87 25.47
C ALA T 101 -16.25 -51.85 26.10
N CYS T 102 -16.36 -52.20 27.38
CA CYS T 102 -17.65 -52.17 28.05
C CYS T 102 -18.19 -50.74 28.13
N LEU T 103 -17.31 -49.78 28.41
CA LEU T 103 -17.74 -48.38 28.46
C LEU T 103 -18.24 -47.91 27.09
N ARG T 104 -17.54 -48.28 26.02
CA ARG T 104 -18.00 -47.90 24.69
C ARG T 104 -19.33 -48.57 24.35
N PHE T 105 -19.49 -49.83 24.76
CA PHE T 105 -20.75 -50.52 24.54
C PHE T 105 -21.88 -49.82 25.27
N PHE T 106 -21.63 -49.35 26.50
CA PHE T 106 -22.64 -48.61 27.24
C PHE T 106 -23.01 -47.30 26.53
N SER T 107 -22.00 -46.59 26.03
CA SER T 107 -22.26 -45.34 25.32
C SER T 107 -23.12 -45.59 24.09
N ILE T 108 -22.91 -46.72 23.41
CA ILE T 108 -23.79 -47.08 22.30
C ILE T 108 -25.18 -47.46 22.80
N THR T 109 -25.23 -48.18 23.91
CA THR T 109 -26.49 -48.68 24.45
C THR T 109 -27.43 -47.56 24.84
N GLY T 110 -26.89 -46.39 25.18
CA GLY T 110 -27.77 -45.25 25.44
C GLY T 110 -28.78 -45.01 24.32
N ARG T 111 -28.27 -44.78 23.10
CA ARG T 111 -29.16 -44.59 21.96
C ARG T 111 -29.89 -45.88 21.59
N ALA T 112 -29.18 -47.01 21.65
CA ALA T 112 -29.83 -48.26 21.28
C ALA T 112 -31.04 -48.56 22.16
N VAL T 113 -31.07 -47.99 23.36
CA VAL T 113 -32.19 -48.21 24.26
C VAL T 113 -33.25 -47.12 24.12
N ILE T 114 -32.85 -45.87 23.90
CA ILE T 114 -33.90 -44.85 23.75
C ILE T 114 -34.68 -45.09 22.46
N ALA T 115 -34.09 -45.80 21.49
CA ALA T 115 -34.82 -45.99 20.23
C ALA T 115 -36.11 -46.80 20.38
N PRO T 116 -36.12 -48.01 20.97
CA PRO T 116 -37.37 -48.78 21.01
C PRO T 116 -38.22 -48.54 22.26
N LEU T 117 -37.64 -48.01 23.33
CA LEU T 117 -38.42 -47.77 24.54
C LEU T 117 -39.56 -46.81 24.26
N THR T 118 -39.34 -45.83 23.39
CA THR T 118 -40.42 -44.93 23.01
C THR T 118 -41.55 -45.69 22.33
N TRP T 119 -41.21 -46.62 21.44
CA TRP T 119 -42.24 -47.40 20.77
C TRP T 119 -43.04 -48.22 21.76
N LEU T 120 -42.35 -48.94 22.65
CA LEU T 120 -43.07 -49.77 23.62
C LEU T 120 -43.93 -48.92 24.53
N ALA T 121 -43.40 -47.80 25.02
CA ALA T 121 -44.18 -46.96 25.92
C ALA T 121 -45.41 -46.41 25.23
N VAL T 122 -45.26 -45.88 24.02
CA VAL T 122 -46.41 -45.29 23.33
C VAL T 122 -47.45 -46.36 23.01
N THR T 123 -47.01 -47.53 22.52
CA THR T 123 -47.97 -48.56 22.16
C THR T 123 -48.71 -49.08 23.39
N LEU T 124 -48.00 -49.30 24.50
CA LEU T 124 -48.69 -49.76 25.70
C LEU T 124 -49.64 -48.71 26.25
N LEU T 125 -49.22 -47.43 26.26
CA LEU T 125 -50.09 -46.39 26.79
C LEU T 125 -51.34 -46.23 25.95
N THR T 126 -51.21 -46.31 24.62
CA THR T 126 -52.40 -46.31 23.78
C THR T 126 -53.27 -47.53 24.06
N GLY T 127 -52.64 -48.69 24.26
CA GLY T 127 -53.33 -49.86 24.73
C GLY T 127 -54.02 -50.70 23.69
N THR T 128 -54.17 -50.18 22.46
CA THR T 128 -54.89 -50.94 21.43
C THR T 128 -54.13 -52.20 21.04
N TYR T 129 -52.80 -52.11 20.93
CA TYR T 129 -52.00 -53.29 20.59
C TYR T 129 -52.15 -54.38 21.65
N TYR T 130 -52.04 -54.00 22.92
CA TYR T 130 -52.15 -54.98 23.99
C TYR T 130 -53.55 -55.57 24.05
N GLU T 131 -54.56 -54.76 23.80
CA GLU T 131 -55.92 -55.27 23.76
C GLU T 131 -56.09 -56.32 22.68
N CYS T 132 -55.69 -55.99 21.44
CA CYS T 132 -55.82 -56.94 20.35
C CYS T 132 -54.95 -58.17 20.58
N ALA T 133 -53.87 -58.05 21.35
CA ALA T 133 -53.01 -59.18 21.59
C ALA T 133 -53.59 -60.13 22.63
N ALA T 134 -53.94 -59.60 23.79
CA ALA T 134 -54.35 -60.43 24.93
C ALA T 134 -55.85 -60.41 25.14
N SER T 135 -56.65 -60.15 24.11
CA SER T 135 -58.10 -60.25 24.27
C SER T 135 -58.54 -61.67 24.61
N GLU T 136 -58.01 -62.67 23.90
CA GLU T 136 -58.53 -64.02 24.03
C GLU T 136 -58.19 -64.66 25.38
N PHE T 137 -57.25 -64.09 26.13
CA PHE T 137 -56.85 -64.66 27.41
C PHE T 137 -57.69 -64.15 28.56
N ALA T 138 -58.81 -63.50 28.28
CA ALA T 138 -59.70 -62.99 29.32
C ALA T 138 -60.40 -64.14 30.04
N SER T 139 -60.67 -63.92 31.32
CA SER T 139 -61.38 -64.91 32.12
C SER T 139 -62.89 -64.77 31.92
N VAL T 140 -63.60 -65.88 32.16
CA VAL T 140 -65.05 -65.94 32.03
C VAL T 140 -65.74 -66.40 33.30
N ASP T 141 -65.00 -66.76 34.34
CA ASP T 141 -65.61 -67.24 35.57
C ASP T 141 -66.45 -66.14 36.24
N HIS T 142 -65.93 -64.91 36.22
CA HIS T 142 -66.63 -63.80 36.87
C HIS T 142 -67.98 -63.55 36.22
N TYR T 143 -68.08 -63.73 34.91
CA TYR T 143 -69.27 -63.36 34.17
C TYR T 143 -70.17 -64.58 33.98
N PRO T 144 -71.35 -64.62 34.57
CA PRO T 144 -72.24 -65.78 34.38
C PRO T 144 -72.75 -65.93 32.97
N MET T 145 -72.69 -64.88 32.15
CA MET T 145 -73.19 -64.94 30.79
C MET T 145 -72.37 -65.86 29.90
N PHE T 146 -71.15 -66.20 30.30
CA PHE T 146 -70.24 -67.00 29.47
C PHE T 146 -70.17 -68.46 29.92
N ASP T 147 -71.30 -69.04 30.33
CA ASP T 147 -71.31 -70.44 30.69
C ASP T 147 -70.89 -71.31 29.50
N ASN T 148 -71.73 -71.36 28.46
CA ASN T 148 -71.41 -71.97 27.18
C ASN T 148 -70.82 -73.38 27.34
N VAL T 149 -71.68 -74.29 27.80
CA VAL T 149 -71.32 -75.68 28.03
C VAL T 149 -70.61 -76.29 26.83
N SER T 150 -70.81 -75.70 25.64
CA SER T 150 -70.09 -76.13 24.46
C SER T 150 -68.58 -75.95 24.61
N ALA T 151 -68.16 -74.90 25.33
CA ALA T 151 -66.78 -74.63 25.67
C ALA T 151 -65.89 -74.36 24.46
N SER T 152 -66.48 -74.20 23.28
CA SER T 152 -65.75 -73.82 22.08
C SER T 152 -66.29 -72.55 21.43
N LYS T 153 -67.61 -72.37 21.43
CA LYS T 153 -68.19 -71.13 20.93
C LYS T 153 -67.77 -69.96 21.82
N ARG T 154 -67.65 -70.19 23.13
CA ARG T 154 -67.26 -69.13 24.05
C ARG T 154 -65.89 -68.56 23.69
N GLU T 155 -64.93 -69.43 23.39
CA GLU T 155 -63.61 -68.94 23.01
C GLU T 155 -63.69 -68.10 21.74
N GLU T 156 -64.50 -68.55 20.77
CA GLU T 156 -64.59 -67.82 19.51
C GLU T 156 -65.22 -66.45 19.71
N ILE T 157 -66.30 -66.35 20.48
CA ILE T 157 -66.91 -65.04 20.68
C ILE T 157 -65.98 -64.16 21.50
N LEU T 158 -65.25 -64.75 22.47
CA LEU T 158 -64.30 -63.98 23.26
C LEU T 158 -63.21 -63.37 22.40
N ALA T 159 -62.69 -64.14 21.45
CA ALA T 159 -61.70 -63.59 20.52
C ALA T 159 -62.33 -62.74 19.43
N GLY T 160 -63.64 -62.79 19.27
CA GLY T 160 -64.29 -62.06 18.20
C GLY T 160 -64.79 -60.68 18.53
N PHE T 161 -65.41 -60.49 19.70
CA PHE T 161 -66.05 -59.19 19.93
C PHE T 161 -65.08 -58.00 20.01
N PRO T 162 -63.82 -58.16 20.44
CA PRO T 162 -62.94 -56.98 20.45
C PRO T 162 -62.68 -56.37 19.09
N CYS T 163 -62.76 -57.16 18.02
CA CYS T 163 -62.23 -56.69 16.73
C CYS T 163 -63.21 -55.78 16.00
N CYS T 164 -64.30 -56.35 15.50
CA CYS T 164 -65.26 -55.59 14.69
C CYS T 164 -66.68 -56.11 14.81
N ARG T 165 -66.96 -57.01 15.74
CA ARG T 165 -68.24 -57.71 15.73
C ARG T 165 -69.39 -56.76 15.95
N SER T 166 -69.25 -55.82 16.88
CA SER T 166 -70.32 -54.89 17.26
C SER T 166 -71.51 -55.74 17.65
N ALA T 167 -72.61 -55.72 16.90
CA ALA T 167 -73.75 -56.61 17.11
C ALA T 167 -74.29 -56.47 18.53
N PRO T 168 -74.90 -55.33 18.88
CA PRO T 168 -75.39 -55.16 20.25
C PRO T 168 -76.48 -56.16 20.61
N SER T 169 -76.16 -57.11 21.46
CA SER T 169 -77.10 -58.11 21.94
C SER T 169 -77.05 -58.16 23.47
N ASP T 170 -76.86 -57.00 24.09
CA ASP T 170 -76.79 -56.78 25.52
C ASP T 170 -75.61 -57.49 26.16
N VAL T 171 -74.74 -58.13 25.37
CA VAL T 171 -73.46 -58.61 25.89
C VAL T 171 -72.40 -57.53 25.88
N ILE T 172 -72.69 -56.39 25.23
CA ILE T 172 -71.71 -55.32 25.07
C ILE T 172 -71.32 -54.72 26.42
N LEU T 173 -72.12 -54.96 27.46
CA LEU T 173 -71.70 -54.55 28.79
C LEU T 173 -70.46 -55.32 29.23
N VAL T 174 -70.46 -56.64 29.04
CA VAL T 174 -69.28 -57.44 29.38
C VAL T 174 -68.12 -57.08 28.47
N ARG T 175 -68.39 -56.86 27.19
CA ARG T 175 -67.34 -56.43 26.27
C ARG T 175 -66.70 -55.14 26.75
N ASP T 176 -67.51 -54.15 27.12
CA ASP T 176 -66.96 -52.86 27.53
C ASP T 176 -66.18 -52.99 28.84
N GLU T 177 -66.71 -53.77 29.78
CA GLU T 177 -66.02 -53.93 31.06
C GLU T 177 -64.66 -54.60 30.87
N ILE T 178 -64.62 -55.68 30.08
CA ILE T 178 -63.36 -56.38 29.90
C ILE T 178 -62.39 -55.56 29.04
N ALA T 179 -62.91 -54.78 28.09
CA ALA T 179 -62.04 -53.90 27.31
C ALA T 179 -61.41 -52.85 28.19
N LEU T 180 -62.19 -52.26 29.11
CA LEU T 180 -61.61 -51.32 30.06
C LEU T 180 -60.60 -51.99 30.98
N LEU T 181 -60.86 -53.23 31.37
CA LEU T 181 -59.90 -53.95 32.19
C LEU T 181 -58.57 -54.13 31.47
N HIS T 182 -58.63 -54.55 30.20
CA HIS T 182 -57.40 -54.76 29.45
C HIS T 182 -56.70 -53.45 29.14
N ARG T 183 -57.45 -52.39 28.86
CA ARG T 183 -56.82 -51.09 28.64
C ARG T 183 -56.10 -50.60 29.89
N TYR T 184 -56.74 -50.74 31.06
CA TYR T 184 -56.10 -50.34 32.30
C TYR T 184 -54.85 -51.17 32.56
N GLN T 185 -54.94 -52.49 32.32
CA GLN T 185 -53.76 -53.34 32.52
C GLN T 185 -52.64 -52.95 31.57
N SER T 186 -52.99 -52.61 30.33
CA SER T 186 -51.98 -52.19 29.35
C SER T 186 -51.28 -50.92 29.79
N GLN T 187 -52.05 -49.90 30.18
CA GLN T 187 -51.41 -48.64 30.57
C GLN T 187 -50.60 -48.79 31.85
N MET T 188 -51.09 -49.56 32.82
CA MET T 188 -50.30 -49.79 34.02
C MET T 188 -49.02 -50.55 33.69
N LEU T 189 -49.10 -51.52 32.77
CA LEU T 189 -47.91 -52.23 32.36
C LEU T 189 -46.92 -51.30 31.67
N GLY T 190 -47.43 -50.34 30.89
CA GLY T 190 -46.56 -49.35 30.28
C GLY T 190 -45.85 -48.50 31.32
N TRP T 191 -46.59 -48.07 32.35
CA TRP T 191 -45.95 -47.30 33.40
C TRP T 191 -44.91 -48.11 34.15
N ILE T 192 -45.21 -49.39 34.42
CA ILE T 192 -44.23 -50.26 35.07
C ILE T 192 -42.98 -50.38 34.20
N LEU T 193 -43.18 -50.53 32.89
CA LEU T 193 -42.06 -50.69 31.97
C LEU T 193 -41.20 -49.44 31.94
N ILE T 194 -41.82 -48.26 31.85
CA ILE T 194 -41.03 -47.03 31.77
C ILE T 194 -40.32 -46.75 33.09
N THR T 195 -40.97 -47.05 34.22
CA THR T 195 -40.30 -46.88 35.50
C THR T 195 -39.10 -47.82 35.63
N LEU T 196 -39.27 -49.08 35.23
CA LEU T 196 -38.14 -50.01 35.26
C LEU T 196 -37.04 -49.57 34.32
N ALA T 197 -37.39 -49.07 33.15
CA ALA T 197 -36.37 -48.60 32.21
C ALA T 197 -35.59 -47.43 32.80
N THR T 198 -36.27 -46.48 33.43
CA THR T 198 -35.57 -45.34 34.04
C THR T 198 -34.67 -45.79 35.19
N ILE T 199 -35.18 -46.69 36.04
CA ILE T 199 -34.37 -47.18 37.15
C ILE T 199 -33.15 -47.92 36.64
N ALA T 200 -33.33 -48.77 35.62
CA ALA T 200 -32.22 -49.50 35.05
C ALA T 200 -31.20 -48.56 34.41
N ALA T 201 -31.67 -47.52 33.73
CA ALA T 201 -30.74 -46.56 33.12
C ALA T 201 -29.92 -45.84 34.19
N LEU T 202 -30.58 -45.38 35.26
CA LEU T 202 -29.85 -44.68 36.31
C LEU T 202 -28.85 -45.61 37.00
N VAL T 203 -29.27 -46.84 37.30
CA VAL T 203 -28.37 -47.78 37.95
C VAL T 203 -27.21 -48.15 37.05
N SER T 204 -27.47 -48.30 35.75
CA SER T 204 -26.40 -48.62 34.80
C SER T 204 -25.40 -47.49 34.69
N CYS T 205 -25.88 -46.24 34.67
CA CYS T 205 -24.96 -45.11 34.65
C CYS T 205 -24.12 -45.06 35.92
N CYS T 206 -24.75 -45.30 37.08
CA CYS T 206 -23.99 -45.31 38.33
C CYS T 206 -22.96 -46.42 38.33
N VAL T 207 -23.32 -47.60 37.84
CA VAL T 207 -22.39 -48.72 37.78
C VAL T 207 -21.26 -48.42 36.81
N ALA T 208 -21.56 -47.75 35.70
CA ALA T 208 -20.51 -47.36 34.76
C ALA T 208 -19.53 -46.38 35.42
N LYS T 209 -20.05 -45.41 36.17
CA LYS T 209 -19.16 -44.48 36.85
C LYS T 209 -18.33 -45.18 37.93
N CYS T 210 -18.94 -46.09 38.67
CA CYS T 210 -18.20 -46.80 39.73
C CYS T 210 -17.13 -47.72 39.15
N CYS T 211 -17.46 -48.46 38.10
CA CYS T 211 -16.57 -49.47 37.54
C CYS T 211 -15.55 -48.88 36.58
N SER T 212 -15.68 -47.63 36.18
CA SER T 212 -14.72 -47.04 35.25
C SER T 212 -13.38 -46.84 35.93
N PRO T 213 -12.29 -47.40 35.42
CA PRO T 213 -10.98 -47.15 36.04
C PRO T 213 -10.47 -45.76 35.78
N LEU T 214 -10.83 -45.15 34.66
CA LEU T 214 -10.39 -43.80 34.34
C LEU T 214 -11.04 -42.79 35.28
N THR T 215 -10.30 -41.73 35.58
CA THR T 215 -10.89 -40.62 36.31
C THR T 215 -11.84 -39.86 35.41
N SER T 216 -12.59 -38.93 36.01
CA SER T 216 -13.55 -38.15 35.23
C SER T 216 -12.84 -37.37 34.13
N LEU T 217 -11.78 -36.64 34.49
CA LEU T 217 -11.02 -35.91 33.48
C LEU T 217 -10.34 -36.87 32.51
N GLN T 218 -9.80 -37.98 33.03
CA GLN T 218 -9.20 -38.97 32.15
C GLN T 218 -10.23 -39.60 31.23
N HIS T 219 -11.45 -39.82 31.72
CA HIS T 219 -12.51 -40.35 30.88
C HIS T 219 -12.86 -39.38 29.76
N CYS T 220 -12.95 -38.09 30.07
CA CYS T 220 -13.20 -37.09 29.04
C CYS T 220 -12.08 -37.08 28.00
N TYR T 221 -10.83 -37.14 28.48
CA TYR T 221 -9.71 -37.17 27.55
C TYR T 221 -9.78 -38.39 26.64
N TRP T 222 -10.10 -39.55 27.21
CA TRP T 222 -10.14 -40.78 26.42
C TRP T 222 -11.25 -40.74 25.38
N THR T 223 -12.43 -40.24 25.74
CA THR T 223 -13.52 -40.14 24.79
C THR T 223 -13.13 -39.23 23.62
N SER T 224 -12.57 -38.06 23.94
CA SER T 224 -12.16 -37.15 22.87
C SER T 224 -11.03 -37.74 22.04
N HIS T 225 -10.14 -38.50 22.68
CA HIS T 225 -9.06 -39.18 21.97
C HIS T 225 -9.63 -40.14 20.94
N LEU T 226 -10.64 -40.92 21.32
CA LEU T 226 -11.20 -41.89 20.41
C LEU T 226 -11.84 -41.20 19.20
N GLN T 227 -12.68 -40.21 19.47
CA GLN T 227 -13.34 -39.51 18.36
C GLN T 227 -12.31 -38.88 17.43
N ASN T 228 -11.31 -38.20 18.00
CA ASN T 228 -10.37 -37.46 17.17
C ASN T 228 -9.46 -38.40 16.39
N GLU T 229 -9.05 -39.51 16.99
CA GLU T 229 -8.19 -40.44 16.26
C GLU T 229 -8.92 -41.03 15.08
N ARG T 230 -10.20 -41.38 15.25
CA ARG T 230 -10.92 -41.97 14.12
C ARG T 230 -11.09 -40.94 13.00
N GLU T 231 -11.47 -39.71 13.36
CA GLU T 231 -11.70 -38.69 12.33
C GLU T 231 -10.40 -38.36 11.60
N LEU T 232 -9.30 -38.19 12.35
CA LEU T 232 -8.02 -37.85 11.75
C LEU T 232 -7.56 -38.93 10.79
N PHE T 233 -7.65 -40.20 11.19
CA PHE T 233 -7.19 -41.23 10.29
C PHE T 233 -8.05 -41.29 9.04
N GLU T 234 -9.37 -41.09 9.16
CA GLU T 234 -10.20 -41.08 7.97
C GLU T 234 -9.74 -39.99 6.99
N GLN T 235 -9.57 -38.78 7.51
CA GLN T 235 -9.19 -37.67 6.64
C GLN T 235 -7.84 -37.91 5.97
N ALA T 236 -6.84 -38.31 6.75
CA ALA T 236 -5.51 -38.42 6.17
C ALA T 236 -5.37 -39.67 5.32
N ALA T 237 -6.17 -40.71 5.56
CA ALA T 237 -6.20 -41.82 4.62
C ALA T 237 -6.72 -41.35 3.28
N GLU T 238 -7.78 -40.54 3.29
CA GLU T 238 -8.24 -39.93 2.04
C GLU T 238 -7.13 -39.14 1.36
N GLN T 239 -6.43 -38.30 2.13
CA GLN T 239 -5.42 -37.42 1.53
C GLN T 239 -4.20 -38.22 1.03
N HIS T 240 -3.77 -39.23 1.78
CA HIS T 240 -2.68 -40.08 1.35
C HIS T 240 -3.01 -40.79 0.05
N SER T 241 -4.21 -41.37 -0.06
CA SER T 241 -4.55 -42.05 -1.30
C SER T 241 -4.67 -41.05 -2.45
N ARG T 242 -5.18 -39.85 -2.16
CA ARG T 242 -5.24 -38.82 -3.20
C ARG T 242 -3.84 -38.51 -3.70
N LEU T 243 -2.87 -38.33 -2.81
CA LEU T 243 -1.51 -38.03 -3.23
C LEU T 243 -0.90 -39.19 -4.02
N LEU T 244 -1.09 -40.42 -3.55
CA LEU T 244 -0.50 -41.57 -4.24
C LEU T 244 -1.08 -41.71 -5.64
N MET T 245 -2.40 -41.61 -5.77
CA MET T 245 -3.01 -41.71 -7.09
C MET T 245 -2.61 -40.52 -7.95
N MET T 246 -2.45 -39.35 -7.36
CA MET T 246 -2.06 -38.17 -8.14
C MET T 246 -0.67 -38.35 -8.71
N HIS T 247 0.26 -38.90 -7.92
CA HIS T 247 1.57 -39.22 -8.44
C HIS T 247 1.48 -40.27 -9.55
N ARG T 248 0.63 -41.28 -9.36
CA ARG T 248 0.48 -42.31 -10.38
C ARG T 248 0.01 -41.72 -11.71
N ILE T 249 -0.98 -40.84 -11.65
CA ILE T 249 -1.53 -40.29 -12.88
C ILE T 249 -0.61 -39.19 -13.43
N LYS T 250 0.20 -38.58 -12.58
CA LYS T 250 1.29 -37.74 -13.08
C LYS T 250 2.24 -38.55 -13.93
N LYS T 251 2.57 -39.77 -13.49
CA LYS T 251 3.33 -40.68 -14.34
C LYS T 251 2.56 -41.01 -15.61
N LEU T 252 1.25 -41.22 -15.49
CA LEU T 252 0.44 -41.67 -16.62
C LEU T 252 0.34 -40.61 -17.72
N PHE T 253 -0.03 -39.38 -17.35
CA PHE T 253 -0.32 -38.32 -18.30
C PHE T 253 0.76 -37.26 -18.38
N GLY T 254 1.85 -37.41 -17.64
CA GLY T 254 2.93 -36.45 -17.71
C GLY T 254 2.70 -35.14 -16.98
N PHE T 255 1.62 -35.04 -16.19
CA PHE T 255 1.36 -33.83 -15.43
C PHE T 255 0.53 -34.16 -14.20
N ILE T 256 0.62 -33.29 -13.21
CA ILE T 256 -0.23 -33.41 -12.03
C ILE T 256 -1.59 -32.75 -12.33
N PRO T 257 -2.70 -33.40 -11.98
CA PRO T 257 -4.02 -32.80 -12.27
C PRO T 257 -4.25 -31.51 -11.52
N GLY T 258 -5.03 -30.63 -12.14
CA GLY T 258 -5.41 -29.37 -11.52
C GLY T 258 -4.33 -28.32 -11.49
N SER T 259 -3.31 -28.42 -12.34
CA SER T 259 -2.21 -27.47 -12.37
C SER T 259 -1.85 -27.14 -13.81
N GLU T 260 -1.06 -26.09 -13.98
CA GLU T 260 -0.71 -25.56 -15.29
C GLU T 260 0.20 -26.54 -16.02
N ASP T 261 -0.32 -27.20 -17.06
CA ASP T 261 0.43 -28.26 -17.74
C ASP T 261 0.68 -27.97 -19.21
N VAL T 262 0.55 -26.71 -19.65
CA VAL T 262 0.82 -26.39 -21.05
C VAL T 262 2.27 -26.61 -21.42
N LYS T 263 3.14 -26.85 -20.44
CA LYS T 263 4.54 -27.11 -20.74
C LYS T 263 4.70 -28.44 -21.49
N HIS T 264 4.08 -29.50 -20.98
CA HIS T 264 4.26 -30.81 -21.58
C HIS T 264 2.99 -31.63 -21.40
N ILE T 265 2.76 -32.55 -22.34
CA ILE T 265 1.66 -33.50 -22.28
C ILE T 265 2.19 -34.86 -22.70
N ARG T 266 1.46 -35.91 -22.35
CA ARG T 266 1.87 -37.27 -22.63
C ARG T 266 0.87 -37.94 -23.55
N ILE T 267 1.34 -38.97 -24.26
CA ILE T 267 0.48 -39.81 -25.08
C ILE T 267 0.58 -41.23 -24.54
N PRO T 268 -0.42 -41.68 -23.78
CA PRO T 268 -0.33 -43.02 -23.17
C PRO T 268 -0.28 -44.11 -24.22
N SER T 269 0.48 -45.16 -23.92
CA SER T 269 0.52 -46.35 -24.76
C SER T 269 -0.48 -47.38 -24.25
N CYS T 270 -0.83 -48.32 -25.14
CA CYS T 270 -1.85 -49.30 -24.79
C CYS T 270 -1.42 -50.16 -23.62
N GLN T 271 -0.15 -50.56 -23.61
CA GLN T 271 0.38 -51.32 -22.48
C GLN T 271 0.40 -50.45 -21.22
N ASP T 272 0.65 -49.14 -21.38
CA ASP T 272 0.55 -48.25 -20.24
C ASP T 272 -0.91 -48.10 -19.78
N TRP T 273 -1.84 -48.05 -20.73
CA TRP T 273 -3.26 -48.10 -20.38
C TRP T 273 -3.59 -49.36 -19.58
N LYS T 274 -2.91 -50.46 -19.88
CA LYS T 274 -3.09 -51.65 -19.07
C LYS T 274 -2.51 -51.42 -17.67
N ASP T 275 -1.34 -50.79 -17.56
CA ASP T 275 -0.72 -50.63 -16.25
C ASP T 275 -1.59 -49.77 -15.33
N ILE T 276 -2.17 -48.69 -15.85
CA ILE T 276 -3.00 -47.85 -14.99
C ILE T 276 -4.26 -48.60 -14.56
N SER T 277 -4.83 -49.40 -15.45
CA SER T 277 -6.00 -50.21 -15.12
C SER T 277 -5.66 -51.27 -14.08
N LEU U 6 -21.94 -23.97 3.25
CA LEU U 6 -22.65 -25.03 3.97
C LEU U 6 -22.98 -26.17 3.03
N ASN U 7 -22.75 -25.95 1.73
CA ASN U 7 -22.97 -26.99 0.74
C ASN U 7 -22.03 -28.16 1.00
N ASN U 8 -20.77 -27.87 1.36
CA ASN U 8 -19.82 -28.93 1.69
C ASN U 8 -20.32 -29.74 2.90
N ILE U 9 -20.87 -29.06 3.90
CA ILE U 9 -21.45 -29.75 5.04
C ILE U 9 -22.62 -30.64 4.60
N VAL U 10 -23.45 -30.12 3.69
CA VAL U 10 -24.55 -30.92 3.16
C VAL U 10 -24.04 -32.17 2.45
N SER U 11 -22.97 -32.02 1.66
CA SER U 11 -22.38 -33.17 0.99
C SER U 11 -21.86 -34.18 2.00
N SER U 12 -21.21 -33.71 3.06
CA SER U 12 -20.70 -34.60 4.09
C SER U 12 -21.84 -35.39 4.75
N LEU U 13 -22.98 -34.72 4.97
CA LEU U 13 -24.15 -35.41 5.50
C LEU U 13 -24.66 -36.46 4.53
N GLN U 14 -24.68 -36.15 3.23
CA GLN U 14 -25.14 -37.12 2.26
C GLN U 14 -24.22 -38.33 2.21
N ARG U 15 -22.92 -38.13 2.53
CA ARG U 15 -21.98 -39.23 2.48
C ARG U 15 -22.37 -40.37 3.41
N ASN U 16 -23.19 -40.09 4.41
CA ASN U 16 -23.75 -41.11 5.27
C ASN U 16 -24.88 -41.82 4.52
N GLY U 17 -24.83 -43.16 4.50
CA GLY U 17 -25.82 -43.91 3.76
C GLY U 17 -27.19 -43.91 4.37
N ILE U 18 -27.31 -43.56 5.66
CA ILE U 18 -28.59 -43.60 6.33
C ILE U 18 -29.56 -42.60 5.70
N PHE U 19 -29.10 -41.38 5.44
CA PHE U 19 -29.98 -40.38 4.87
C PHE U 19 -30.45 -40.77 3.47
N ILE U 20 -29.53 -41.24 2.62
CA ILE U 20 -29.92 -41.60 1.26
C ILE U 20 -30.85 -42.80 1.25
N ASN U 21 -30.57 -43.80 2.08
CA ASN U 21 -31.46 -44.96 2.14
C ASN U 21 -32.84 -44.55 2.66
N SER U 22 -32.89 -43.66 3.65
CA SER U 22 -34.19 -43.18 4.13
C SER U 22 -34.92 -42.42 3.04
N LEU U 23 -34.21 -41.62 2.26
CA LEU U 23 -34.84 -40.87 1.18
C LEU U 23 -35.39 -41.81 0.11
N ILE U 24 -34.64 -42.86 -0.22
CA ILE U 24 -35.12 -43.85 -1.18
C ILE U 24 -36.36 -44.56 -0.66
N ALA U 25 -36.35 -44.94 0.61
CA ALA U 25 -37.51 -45.62 1.19
C ALA U 25 -38.73 -44.71 1.20
N ALA U 26 -38.54 -43.43 1.54
CA ALA U 26 -39.67 -42.50 1.54
C ALA U 26 -40.23 -42.30 0.14
N LEU U 27 -39.36 -42.19 -0.85
CA LEU U 27 -39.85 -42.07 -2.23
C LEU U 27 -40.59 -43.33 -2.65
N THR U 28 -40.09 -44.51 -2.24
CA THR U 28 -40.80 -45.74 -2.58
C THR U 28 -42.17 -45.77 -1.94
N ILE U 29 -42.28 -45.33 -0.68
CA ILE U 29 -43.57 -45.33 0.00
C ILE U 29 -44.54 -44.39 -0.70
N GLY U 30 -44.10 -43.18 -1.01
CA GLY U 30 -44.98 -42.24 -1.69
C GLY U 30 -45.40 -42.71 -3.07
N GLY U 31 -44.46 -43.23 -3.84
CA GLY U 31 -44.78 -43.74 -5.15
C GLY U 31 -45.73 -44.92 -5.10
N GLN U 32 -45.53 -45.82 -4.12
CA GLN U 32 -46.45 -46.94 -3.97
C GLN U 32 -47.84 -46.45 -3.61
N GLN U 33 -47.94 -45.47 -2.71
CA GLN U 33 -49.25 -44.94 -2.35
C GLN U 33 -49.96 -44.41 -3.57
N LEU U 34 -49.30 -43.53 -4.34
CA LEU U 34 -49.96 -42.97 -5.51
C LEU U 34 -50.31 -44.06 -6.53
N PHE U 35 -49.38 -44.96 -6.80
CA PHE U 35 -49.58 -45.99 -7.83
C PHE U 35 -50.73 -46.91 -7.46
N SER U 36 -50.75 -47.41 -6.22
CA SER U 36 -51.79 -48.34 -5.82
C SER U 36 -53.14 -47.64 -5.72
N SER U 37 -53.18 -46.44 -5.12
CA SER U 37 -54.47 -45.76 -5.01
C SER U 37 -54.97 -45.28 -6.36
N SER U 38 -54.11 -45.22 -7.38
CA SER U 38 -54.56 -44.76 -8.68
C SER U 38 -55.01 -45.92 -9.58
N THR U 39 -54.12 -46.88 -9.83
CA THR U 39 -54.33 -47.83 -10.92
C THR U 39 -54.22 -49.27 -10.46
N PHE U 40 -54.88 -49.64 -9.35
CA PHE U 40 -54.88 -51.07 -9.00
C PHE U 40 -55.99 -51.81 -9.75
N SER U 41 -57.24 -51.47 -9.45
CA SER U 41 -58.42 -52.03 -10.13
C SER U 41 -58.35 -53.57 -10.21
N CYS U 42 -58.45 -54.20 -9.05
CA CYS U 42 -58.38 -55.65 -8.96
C CYS U 42 -59.41 -56.31 -9.87
N PRO U 43 -59.00 -57.20 -10.77
CA PRO U 43 -59.96 -57.81 -11.69
C PRO U 43 -60.79 -58.89 -11.00
N CYS U 44 -61.89 -59.24 -11.66
CA CYS U 44 -62.79 -60.26 -11.18
C CYS U 44 -62.68 -61.54 -11.98
N GLN U 45 -61.68 -61.64 -12.85
CA GLN U 45 -61.60 -62.76 -13.78
C GLN U 45 -61.36 -64.06 -13.02
N VAL U 46 -62.17 -65.08 -13.34
CA VAL U 46 -62.04 -66.37 -12.67
C VAL U 46 -60.76 -67.09 -13.10
N GLY U 47 -60.44 -67.03 -14.39
CA GLY U 47 -59.31 -67.78 -14.91
C GLY U 47 -57.97 -67.36 -14.35
N LYS U 48 -57.57 -66.12 -14.62
CA LYS U 48 -56.26 -65.60 -14.24
C LYS U 48 -56.44 -64.36 -13.39
N ASN U 49 -56.27 -64.51 -12.08
CA ASN U 49 -56.34 -63.39 -11.15
C ASN U 49 -55.12 -63.42 -10.24
N PHE U 50 -54.54 -64.61 -10.05
CA PHE U 50 -53.29 -64.72 -9.31
C PHE U 50 -52.16 -64.00 -10.01
N TYR U 51 -52.11 -64.10 -11.35
CA TYR U 51 -51.05 -63.43 -12.09
C TYR U 51 -51.11 -61.92 -11.91
N TYR U 52 -52.32 -61.37 -11.82
CA TYR U 52 -52.43 -59.91 -11.69
C TYR U 52 -51.80 -59.42 -10.39
N GLY U 53 -52.20 -60.02 -9.27
CA GLY U 53 -51.63 -59.61 -7.99
C GLY U 53 -50.16 -59.94 -7.88
N SER U 54 -49.76 -61.12 -8.38
CA SER U 54 -48.36 -61.50 -8.32
C SER U 54 -47.49 -60.54 -9.11
N ALA U 55 -47.95 -60.13 -10.30
CA ALA U 55 -47.21 -59.15 -11.08
C ALA U 55 -47.14 -57.81 -10.34
N PHE U 56 -48.29 -57.29 -9.91
CA PHE U 56 -48.31 -56.02 -9.22
C PHE U 56 -47.50 -56.04 -7.93
N LEU U 57 -47.20 -57.23 -7.39
CA LEU U 57 -46.47 -57.34 -6.13
C LEU U 57 -44.98 -57.59 -6.32
N VAL U 58 -44.59 -58.35 -7.35
CA VAL U 58 -43.19 -58.74 -7.51
C VAL U 58 -42.50 -57.94 -8.62
N ILE U 59 -43.20 -57.61 -9.72
CA ILE U 59 -42.53 -56.95 -10.83
C ILE U 59 -41.94 -55.59 -10.44
N PRO U 60 -42.66 -54.70 -9.77
CA PRO U 60 -42.00 -53.46 -9.32
C PRO U 60 -40.81 -53.70 -8.42
N ALA U 61 -40.88 -54.70 -7.54
CA ALA U 61 -39.74 -54.98 -6.68
C ALA U 61 -38.55 -55.47 -7.49
N LEU U 62 -38.79 -56.33 -8.48
CA LEU U 62 -37.71 -56.81 -9.33
C LEU U 62 -37.10 -55.67 -10.14
N ILE U 63 -37.94 -54.78 -10.67
CA ILE U 63 -37.44 -53.64 -11.44
C ILE U 63 -36.60 -52.73 -10.55
N LEU U 64 -37.07 -52.45 -9.34
CA LEU U 64 -36.30 -51.59 -8.45
C LEU U 64 -34.99 -52.23 -8.05
N LEU U 65 -34.98 -53.55 -7.83
CA LEU U 65 -33.73 -54.26 -7.53
C LEU U 65 -32.75 -54.13 -8.69
N VAL U 66 -33.22 -54.38 -9.91
CA VAL U 66 -32.35 -54.30 -11.07
C VAL U 66 -31.84 -52.88 -11.27
N ALA U 67 -32.70 -51.89 -11.06
CA ALA U 67 -32.29 -50.50 -11.19
C ALA U 67 -31.23 -50.14 -10.15
N GLY U 68 -31.42 -50.57 -8.92
CA GLY U 68 -30.44 -50.28 -7.88
C GLY U 68 -29.09 -50.90 -8.18
N PHE U 69 -29.08 -52.11 -8.73
CA PHE U 69 -27.80 -52.73 -9.08
C PHE U 69 -27.18 -52.08 -10.30
N ALA U 70 -27.97 -51.82 -11.36
CA ALA U 70 -27.39 -51.39 -12.62
C ALA U 70 -26.99 -49.92 -12.59
N LEU U 71 -27.77 -49.07 -11.93
CA LEU U 71 -27.50 -47.63 -11.95
C LEU U 71 -26.19 -47.27 -11.25
N ARG U 72 -25.63 -48.18 -10.48
CA ARG U 72 -24.35 -47.95 -9.82
C ARG U 72 -23.21 -48.33 -10.75
N SER U 73 -22.37 -47.35 -11.09
CA SER U 73 -21.26 -47.60 -12.02
C SER U 73 -20.22 -48.54 -11.41
N GLN U 74 -20.11 -48.55 -10.08
CA GLN U 74 -19.21 -49.50 -9.44
C GLN U 74 -19.58 -50.93 -9.79
N MET U 75 -20.87 -51.21 -9.95
CA MET U 75 -21.29 -52.55 -10.37
C MET U 75 -20.79 -52.86 -11.77
N TRP U 76 -20.84 -51.90 -12.68
CA TRP U 76 -20.30 -52.15 -14.01
C TRP U 76 -18.81 -52.41 -13.95
N THR U 77 -18.09 -51.68 -13.10
CA THR U 77 -16.66 -51.92 -12.96
C THR U 77 -16.39 -53.31 -12.40
N ILE U 78 -17.17 -53.75 -11.42
CA ILE U 78 -17.00 -55.09 -10.86
C ILE U 78 -17.26 -56.15 -11.91
N THR U 79 -18.35 -55.98 -12.67
CA THR U 79 -18.67 -56.97 -13.70
C THR U 79 -17.59 -57.00 -14.77
N GLY U 80 -17.03 -55.83 -15.12
CA GLY U 80 -15.93 -55.81 -16.06
C GLY U 80 -14.69 -56.52 -15.55
N GLU U 81 -14.40 -56.36 -14.26
CA GLU U 81 -13.27 -57.07 -13.67
C GLU U 81 -13.49 -58.58 -13.66
N TYR U 82 -14.68 -59.01 -13.24
CA TYR U 82 -14.93 -60.44 -13.13
C TYR U 82 -15.02 -61.10 -14.50
N CYS U 83 -15.69 -60.46 -15.45
CA CYS U 83 -15.86 -61.02 -16.80
C CYS U 83 -14.51 -61.17 -17.50
N PRO U 95 -7.97 -65.13 -4.53
CA PRO U 95 -7.02 -64.26 -3.82
C PRO U 95 -7.67 -62.98 -3.32
N LEU U 96 -6.87 -61.94 -3.08
CA LEU U 96 -7.40 -60.71 -2.49
C LEU U 96 -8.29 -59.95 -3.47
N GLU U 97 -8.06 -60.10 -4.77
CA GLU U 97 -8.92 -59.42 -5.75
C GLU U 97 -10.36 -59.91 -5.64
N CYS U 98 -10.55 -61.21 -5.46
CA CYS U 98 -11.90 -61.75 -5.31
C CYS U 98 -12.59 -61.17 -4.07
N LYS U 99 -11.87 -61.13 -2.95
CA LYS U 99 -12.48 -60.60 -1.73
C LYS U 99 -12.79 -59.13 -1.88
N LEU U 100 -11.92 -58.37 -2.54
CA LEU U 100 -12.16 -56.95 -2.74
C LEU U 100 -13.39 -56.72 -3.63
N ALA U 101 -13.52 -57.51 -4.69
CA ALA U 101 -14.70 -57.42 -5.54
C ALA U 101 -15.96 -57.79 -4.77
N CYS U 102 -15.88 -58.81 -3.92
CA CYS U 102 -17.04 -59.18 -3.11
C CYS U 102 -17.43 -58.06 -2.15
N LEU U 103 -16.43 -57.40 -1.55
CA LEU U 103 -16.72 -56.29 -0.65
C LEU U 103 -17.40 -55.15 -1.40
N ARG U 104 -16.92 -54.83 -2.60
CA ARG U 104 -17.57 -53.77 -3.39
C ARG U 104 -18.99 -54.16 -3.77
N PHE U 105 -19.18 -55.44 -4.13
CA PHE U 105 -20.52 -55.92 -4.45
C PHE U 105 -21.44 -55.77 -3.25
N PHE U 106 -20.95 -56.08 -2.05
CA PHE U 106 -21.76 -55.91 -0.85
C PHE U 106 -22.12 -54.44 -0.62
N SER U 107 -21.15 -53.55 -0.81
CA SER U 107 -21.42 -52.12 -0.65
C SER U 107 -22.50 -51.65 -1.62
N ILE U 108 -22.51 -52.20 -2.84
CA ILE U 108 -23.58 -51.89 -3.77
C ILE U 108 -24.89 -52.51 -3.32
N THR U 109 -24.82 -53.74 -2.81
CA THR U 109 -26.01 -54.49 -2.43
C THR U 109 -26.77 -53.80 -1.31
N GLY U 110 -26.09 -53.01 -0.48
CA GLY U 110 -26.81 -52.25 0.53
C GLY U 110 -27.96 -51.44 -0.05
N ARG U 111 -27.65 -50.54 -1.01
CA ARG U 111 -28.69 -49.76 -1.65
C ARG U 111 -29.57 -50.63 -2.53
N ALA U 112 -28.98 -51.59 -3.24
CA ALA U 112 -29.79 -52.43 -4.13
C ALA U 112 -30.85 -53.20 -3.36
N VAL U 113 -30.64 -53.41 -2.06
CA VAL U 113 -31.60 -54.12 -1.24
C VAL U 113 -32.57 -53.17 -0.56
N ILE U 114 -32.11 -52.01 -0.10
CA ILE U 114 -33.07 -51.10 0.54
C ILE U 114 -34.08 -50.59 -0.49
N ALA U 115 -33.73 -50.61 -1.79
CA ALA U 115 -34.67 -50.07 -2.78
C ALA U 115 -35.98 -50.85 -2.86
N PRO U 116 -35.99 -52.19 -3.06
CA PRO U 116 -37.28 -52.88 -3.22
C PRO U 116 -37.89 -53.41 -1.93
N LEU U 117 -37.09 -53.55 -0.87
CA LEU U 117 -37.63 -54.06 0.38
C LEU U 117 -38.71 -53.14 0.91
N THR U 118 -38.56 -51.83 0.72
CA THR U 118 -39.61 -50.90 1.11
C THR U 118 -40.90 -51.17 0.35
N TRP U 119 -40.79 -51.43 -0.96
CA TRP U 119 -41.98 -51.73 -1.75
C TRP U 119 -42.67 -52.98 -1.25
N LEU U 120 -41.90 -54.05 -1.07
CA LEU U 120 -42.53 -55.30 -0.61
C LEU U 120 -43.15 -55.14 0.77
N ALA U 121 -42.45 -54.48 1.69
CA ALA U 121 -42.98 -54.31 3.03
C ALA U 121 -44.27 -53.50 3.01
N VAL U 122 -44.28 -52.37 2.29
CA VAL U 122 -45.47 -51.53 2.28
C VAL U 122 -46.64 -52.25 1.63
N THR U 123 -46.38 -52.92 0.49
CA THR U 123 -47.47 -53.61 -0.19
C THR U 123 -48.05 -54.74 0.64
N LEU U 124 -47.19 -55.53 1.29
CA LEU U 124 -47.70 -56.61 2.13
C LEU U 124 -48.44 -56.07 3.35
N LEU U 125 -47.92 -55.01 3.98
CA LEU U 125 -48.60 -54.47 5.15
C LEU U 125 -49.96 -53.89 4.80
N THR U 126 -50.05 -53.21 3.65
CA THR U 126 -51.37 -52.76 3.20
C THR U 126 -52.27 -53.95 2.91
N GLY U 127 -51.72 -54.99 2.30
CA GLY U 127 -52.42 -56.25 2.16
C GLY U 127 -53.34 -56.37 0.97
N THR U 128 -53.66 -55.25 0.30
CA THR U 128 -54.60 -55.32 -0.82
C THR U 128 -54.03 -56.11 -1.98
N TYR U 129 -52.74 -55.96 -2.27
CA TYR U 129 -52.12 -56.71 -3.35
C TYR U 129 -52.17 -58.21 -3.07
N TYR U 130 -51.82 -58.61 -1.85
CA TYR U 130 -51.83 -60.03 -1.52
C TYR U 130 -53.25 -60.58 -1.54
N GLU U 131 -54.22 -59.79 -1.10
CA GLU U 131 -55.61 -60.23 -1.15
C GLU U 131 -56.04 -60.48 -2.59
N CYS U 132 -55.82 -59.51 -3.47
CA CYS U 132 -56.21 -59.67 -4.88
C CYS U 132 -55.42 -60.79 -5.54
N ALA U 133 -54.23 -61.11 -5.04
CA ALA U 133 -53.43 -62.16 -5.65
C ALA U 133 -53.92 -63.54 -5.22
N ALA U 134 -54.02 -63.78 -3.92
CA ALA U 134 -54.30 -65.10 -3.39
C ALA U 134 -55.75 -65.26 -2.92
N SER U 135 -56.68 -64.47 -3.47
CA SER U 135 -58.09 -64.68 -3.13
C SER U 135 -58.58 -66.04 -3.56
N GLU U 136 -58.27 -66.46 -4.78
CA GLU U 136 -58.87 -67.66 -5.33
C GLU U 136 -58.36 -68.93 -4.68
N PHE U 137 -57.27 -68.87 -3.92
CA PHE U 137 -56.71 -70.06 -3.28
C PHE U 137 -57.29 -70.31 -1.90
N ALA U 138 -58.39 -69.64 -1.56
CA ALA U 138 -59.04 -69.83 -0.28
C ALA U 138 -59.71 -71.19 -0.20
N SER U 139 -59.75 -71.74 1.01
CA SER U 139 -60.40 -73.03 1.24
C SER U 139 -61.90 -72.84 1.43
N VAL U 140 -62.65 -73.91 1.14
CA VAL U 140 -64.09 -73.91 1.27
C VAL U 140 -64.61 -75.03 2.17
N ASP U 141 -63.73 -75.90 2.67
CA ASP U 141 -64.18 -77.00 3.51
C ASP U 141 -64.78 -76.49 4.81
N HIS U 142 -64.18 -75.45 5.40
CA HIS U 142 -64.66 -74.93 6.67
C HIS U 142 -66.08 -74.38 6.54
N TYR U 143 -66.41 -73.79 5.40
CA TYR U 143 -67.68 -73.09 5.23
C TYR U 143 -68.69 -74.02 4.56
N PRO U 144 -69.76 -74.41 5.25
CA PRO U 144 -70.75 -75.29 4.61
C PRO U 144 -71.50 -74.62 3.47
N MET U 145 -71.49 -73.29 3.39
CA MET U 145 -72.22 -72.58 2.34
C MET U 145 -71.64 -72.81 0.95
N PHE U 146 -70.41 -73.29 0.87
CA PHE U 146 -69.72 -73.47 -0.42
C PHE U 146 -69.70 -74.91 -0.88
N ASP U 147 -70.79 -75.66 -0.66
CA ASP U 147 -70.86 -77.02 -1.15
C ASP U 147 -70.72 -77.06 -2.68
N ASN U 148 -71.72 -76.53 -3.38
CA ASN U 148 -71.67 -76.31 -4.83
C ASN U 148 -71.19 -77.54 -5.59
N VAL U 149 -72.04 -78.56 -5.57
CA VAL U 149 -71.77 -79.85 -6.22
C VAL U 149 -71.33 -79.65 -7.67
N SER U 150 -71.67 -78.49 -8.26
CA SER U 150 -71.20 -78.17 -9.61
C SER U 150 -69.68 -78.07 -9.65
N ALA U 151 -69.06 -77.60 -8.56
CA ALA U 151 -67.61 -77.53 -8.39
C ALA U 151 -66.92 -76.61 -9.39
N SER U 152 -67.68 -75.82 -10.14
CA SER U 152 -67.14 -74.82 -11.05
C SER U 152 -67.66 -73.42 -10.76
N LYS U 153 -68.94 -73.30 -10.41
CA LYS U 153 -69.49 -72.00 -10.01
C LYS U 153 -68.82 -71.53 -8.73
N ARG U 154 -68.52 -72.46 -7.82
CA ARG U 154 -67.88 -72.09 -6.55
C ARG U 154 -66.55 -71.39 -6.77
N GLU U 155 -65.73 -71.91 -7.68
CA GLU U 155 -64.46 -71.27 -7.97
C GLU U 155 -64.68 -69.86 -8.51
N GLU U 156 -65.67 -69.69 -9.39
CA GLU U 156 -65.91 -68.39 -9.98
C GLU U 156 -66.37 -67.38 -8.94
N ILE U 157 -67.30 -67.77 -8.07
CA ILE U 157 -67.75 -66.81 -7.06
C ILE U 157 -66.63 -66.52 -6.07
N LEU U 158 -65.80 -67.53 -5.76
CA LEU U 158 -64.67 -67.34 -4.86
C LEU U 158 -63.69 -66.32 -5.43
N ALA U 159 -63.40 -66.41 -6.72
CA ALA U 159 -62.54 -65.41 -7.35
C ALA U 159 -63.26 -64.10 -7.64
N GLY U 160 -64.58 -64.08 -7.55
CA GLY U 160 -65.34 -62.90 -7.89
C GLY U 160 -65.66 -61.94 -6.75
N PHE U 161 -66.05 -62.47 -5.59
CA PHE U 161 -66.52 -61.54 -4.56
C PHE U 161 -65.47 -60.58 -4.01
N PRO U 162 -64.16 -60.93 -3.98
CA PRO U 162 -63.19 -59.94 -3.47
C PRO U 162 -63.12 -58.66 -4.29
N CYS U 163 -63.45 -58.71 -5.58
CA CYS U 163 -63.10 -57.59 -6.46
C CYS U 163 -64.10 -56.44 -6.36
N CYS U 164 -65.31 -56.65 -6.88
CA CYS U 164 -66.31 -55.59 -6.93
C CYS U 164 -67.73 -56.12 -6.85
N ARG U 165 -67.93 -57.40 -6.56
CA ARG U 165 -69.25 -58.01 -6.72
C ARG U 165 -70.27 -57.36 -5.80
N SER U 166 -69.89 -57.11 -4.55
CA SER U 166 -70.79 -56.58 -3.52
C SER U 166 -71.98 -57.54 -3.46
N ALA U 167 -73.19 -57.12 -3.85
CA ALA U 167 -74.34 -58.01 -3.95
C ALA U 167 -74.62 -58.71 -2.63
N PRO U 168 -75.06 -57.98 -1.60
CA PRO U 168 -75.30 -58.62 -0.31
C PRO U 168 -76.40 -59.66 -0.38
N SER U 169 -76.02 -60.93 -0.26
CA SER U 169 -76.95 -62.05 -0.26
C SER U 169 -76.65 -62.95 0.92
N ASP U 170 -76.26 -62.33 2.05
CA ASP U 170 -75.94 -62.95 3.32
C ASP U 170 -74.73 -63.87 3.21
N VAL U 171 -74.06 -63.94 2.05
CA VAL U 171 -72.76 -64.61 1.96
C VAL U 171 -71.63 -63.67 2.36
N ILE U 172 -71.92 -62.37 2.53
CA ILE U 172 -70.88 -61.38 2.82
C ILE U 172 -70.23 -61.64 4.17
N LEU U 173 -70.86 -62.44 5.02
CA LEU U 173 -70.19 -62.84 6.25
C LEU U 173 -68.97 -63.70 5.95
N VAL U 174 -69.11 -64.68 5.06
CA VAL U 174 -67.97 -65.51 4.67
C VAL U 174 -66.94 -64.67 3.91
N ARG U 175 -67.41 -63.77 3.05
CA ARG U 175 -66.50 -62.86 2.35
C ARG U 175 -65.67 -62.07 3.34
N ASP U 176 -66.32 -61.47 4.34
CA ASP U 176 -65.60 -60.63 5.29
C ASP U 176 -64.64 -61.46 6.13
N GLU U 177 -65.05 -62.64 6.55
CA GLU U 177 -64.18 -63.48 7.37
C GLU U 177 -62.94 -63.89 6.59
N ILE U 178 -63.12 -64.34 5.34
CA ILE U 178 -61.97 -64.78 4.57
C ILE U 178 -61.09 -63.60 4.16
N ALA U 179 -61.70 -62.44 3.92
CA ALA U 179 -60.90 -61.25 3.62
C ALA U 179 -60.04 -60.86 4.80
N LEU U 180 -60.59 -60.92 6.02
CA LEU U 180 -59.79 -60.65 7.20
C LEU U 180 -58.71 -61.69 7.37
N LEU U 181 -59.01 -62.95 7.06
CA LEU U 181 -57.98 -63.99 7.14
C LEU U 181 -56.82 -63.69 6.20
N HIS U 182 -57.12 -63.32 4.96
CA HIS U 182 -56.06 -63.06 4.00
C HIS U 182 -55.30 -61.78 4.34
N ARG U 183 -55.99 -60.77 4.86
CA ARG U 183 -55.31 -59.56 5.28
C ARG U 183 -54.35 -59.84 6.44
N TYR U 184 -54.80 -60.63 7.42
CA TYR U 184 -53.91 -60.99 8.52
C TYR U 184 -52.72 -61.79 8.04
N GLN U 185 -52.96 -62.74 7.13
CA GLN U 185 -51.85 -63.53 6.60
C GLN U 185 -50.88 -62.64 5.84
N SER U 186 -51.39 -61.67 5.09
CA SER U 186 -50.53 -60.75 4.34
C SER U 186 -49.65 -59.93 5.28
N GLN U 187 -50.25 -59.34 6.31
CA GLN U 187 -49.46 -58.49 7.20
C GLN U 187 -48.46 -59.32 8.00
N MET U 188 -48.85 -60.51 8.45
CA MET U 188 -47.88 -61.37 9.14
C MET U 188 -46.76 -61.78 8.21
N LEU U 189 -47.07 -62.05 6.95
CA LEU U 189 -46.03 -62.39 5.99
C LEU U 189 -45.09 -61.20 5.78
N GLY U 190 -45.64 -59.99 5.76
CA GLY U 190 -44.80 -58.81 5.66
C GLY U 190 -43.87 -58.66 6.85
N TRP U 191 -44.37 -58.91 8.05
CA TRP U 191 -43.51 -58.85 9.23
C TRP U 191 -42.43 -59.93 9.18
N ILE U 192 -42.79 -61.13 8.73
CA ILE U 192 -41.79 -62.19 8.59
C ILE U 192 -40.73 -61.78 7.58
N LEU U 193 -41.15 -61.17 6.48
CA LEU U 193 -40.22 -60.76 5.44
C LEU U 193 -39.27 -59.68 5.96
N ILE U 194 -39.80 -58.67 6.67
CA ILE U 194 -38.92 -57.60 7.13
C ILE U 194 -37.98 -58.11 8.22
N THR U 195 -38.45 -58.99 9.09
CA THR U 195 -37.57 -59.56 10.10
C THR U 195 -36.46 -60.38 9.45
N LEU U 196 -36.79 -61.20 8.45
CA LEU U 196 -35.76 -61.96 7.75
C LEU U 196 -34.80 -61.05 7.03
N ALA U 197 -35.29 -59.97 6.43
CA ALA U 197 -34.41 -59.03 5.75
C ALA U 197 -33.44 -58.39 6.72
N THR U 198 -33.92 -57.96 7.90
CA THR U 198 -33.03 -57.36 8.88
C THR U 198 -32.00 -58.36 9.39
N ILE U 199 -32.43 -59.59 9.68
CA ILE U 199 -31.50 -60.60 10.16
C ILE U 199 -30.45 -60.89 9.10
N ALA U 200 -30.87 -61.02 7.84
CA ALA U 200 -29.93 -61.27 6.75
C ALA U 200 -28.96 -60.12 6.58
N ALA U 201 -29.44 -58.88 6.69
CA ALA U 201 -28.55 -57.73 6.57
C ALA U 201 -27.51 -57.72 7.68
N LEU U 202 -27.93 -57.96 8.92
CA LEU U 202 -26.98 -57.95 10.03
C LEU U 202 -25.96 -59.09 9.88
N VAL U 203 -26.43 -60.28 9.52
CA VAL U 203 -25.52 -61.42 9.35
C VAL U 203 -24.57 -61.17 8.19
N SER U 204 -25.05 -60.57 7.10
CA SER U 204 -24.19 -60.28 5.97
C SER U 204 -23.14 -59.25 6.32
N CYS U 205 -23.50 -58.22 7.09
CA CYS U 205 -22.49 -57.25 7.53
C CYS U 205 -21.45 -57.91 8.44
N CYS U 206 -21.90 -58.78 9.35
CA CYS U 206 -20.95 -59.48 10.21
C CYS U 206 -20.02 -60.38 9.40
N VAL U 207 -20.57 -61.07 8.41
CA VAL U 207 -19.75 -61.95 7.57
C VAL U 207 -18.77 -61.12 6.74
N ALA U 208 -19.20 -59.94 6.27
CA ALA U 208 -18.29 -59.08 5.54
C ALA U 208 -17.15 -58.62 6.42
N LYS U 209 -17.44 -58.24 7.68
CA LYS U 209 -16.37 -57.84 8.59
C LYS U 209 -15.44 -59.00 8.90
N CYS U 210 -15.99 -60.20 9.11
CA CYS U 210 -15.16 -61.35 9.44
C CYS U 210 -14.27 -61.77 8.26
N CYS U 211 -14.84 -61.79 7.05
CA CYS U 211 -14.15 -62.28 5.87
C CYS U 211 -13.25 -61.24 5.23
N SER U 212 -13.34 -59.98 5.63
CA SER U 212 -12.51 -58.95 5.03
C SER U 212 -11.06 -59.13 5.44
N PRO U 213 -10.12 -59.29 4.51
CA PRO U 213 -8.72 -59.40 4.91
C PRO U 213 -8.12 -58.09 5.38
N LEU U 214 -8.62 -56.96 4.87
CA LEU U 214 -8.12 -55.66 5.29
C LEU U 214 -8.52 -55.38 6.73
N THR U 215 -7.65 -54.65 7.44
CA THR U 215 -8.01 -54.16 8.76
C THR U 215 -9.04 -53.04 8.63
N SER U 216 -9.59 -52.63 9.77
CA SER U 216 -10.59 -51.57 9.76
C SER U 216 -10.02 -50.29 9.17
N LEU U 217 -8.85 -49.87 9.66
CA LEU U 217 -8.20 -48.68 9.11
C LEU U 217 -7.78 -48.91 7.67
N GLN U 218 -7.27 -50.10 7.37
CA GLN U 218 -6.90 -50.42 5.99
C GLN U 218 -8.13 -50.43 5.09
N HIS U 219 -9.26 -50.92 5.60
CA HIS U 219 -10.49 -50.91 4.81
C HIS U 219 -10.93 -49.48 4.51
N CYS U 220 -10.86 -48.60 5.51
CA CYS U 220 -11.19 -47.20 5.28
C CYS U 220 -10.26 -46.57 4.24
N TYR U 221 -8.97 -46.85 4.35
CA TYR U 221 -8.02 -46.34 3.37
C TYR U 221 -8.34 -46.83 1.98
N TRP U 222 -8.66 -48.12 1.84
CA TRP U 222 -8.94 -48.68 0.53
C TRP U 222 -10.20 -48.09 -0.09
N THR U 223 -11.25 -47.92 0.72
CA THR U 223 -12.47 -47.31 0.20
C THR U 223 -12.21 -45.90 -0.32
N SER U 224 -11.50 -45.10 0.50
CA SER U 224 -11.22 -43.74 0.07
C SER U 224 -10.29 -43.74 -1.15
N HIS U 225 -9.37 -44.70 -1.22
CA HIS U 225 -8.49 -44.83 -2.38
C HIS U 225 -9.30 -45.05 -3.64
N LEU U 226 -10.29 -45.93 -3.57
CA LEU U 226 -11.09 -46.23 -4.75
C LEU U 226 -11.85 -45.01 -5.23
N GLN U 227 -12.55 -44.35 -4.30
CA GLN U 227 -13.32 -43.16 -4.67
C GLN U 227 -12.42 -42.10 -5.28
N ASN U 228 -11.28 -41.83 -4.62
CA ASN U 228 -10.42 -40.73 -5.05
C ASN U 228 -9.75 -41.05 -6.38
N GLU U 229 -9.33 -42.30 -6.59
CA GLU U 229 -8.69 -42.63 -7.85
C GLU U 229 -9.67 -42.46 -9.01
N ARG U 230 -10.92 -42.89 -8.83
CA ARG U 230 -11.86 -42.74 -9.93
C ARG U 230 -12.13 -41.27 -10.23
N GLU U 231 -12.35 -40.47 -9.18
CA GLU U 231 -12.65 -39.06 -9.41
C GLU U 231 -11.46 -38.33 -10.05
N LEU U 232 -10.25 -38.60 -9.56
CA LEU U 232 -9.07 -37.94 -10.09
C LEU U 232 -8.86 -38.28 -11.55
N PHE U 233 -9.00 -39.55 -11.92
CA PHE U 233 -8.79 -39.89 -13.32
C PHE U 233 -9.84 -39.26 -14.20
N GLU U 234 -11.10 -39.19 -13.74
CA GLU U 234 -12.11 -38.53 -14.55
C GLU U 234 -11.73 -37.07 -14.81
N GLN U 235 -11.37 -36.35 -13.75
CA GLN U 235 -11.05 -34.93 -13.91
C GLN U 235 -9.86 -34.72 -14.83
N ALA U 236 -8.78 -35.47 -14.61
CA ALA U 236 -7.58 -35.21 -15.39
C ALA U 236 -7.68 -35.75 -16.80
N ALA U 237 -8.53 -36.77 -17.03
CA ALA U 237 -8.81 -37.15 -18.41
C ALA U 237 -9.50 -36.02 -19.14
N GLU U 238 -10.47 -35.38 -18.48
CA GLU U 238 -11.09 -34.18 -19.06
C GLU U 238 -10.03 -33.12 -19.37
N GLN U 239 -9.14 -32.85 -18.42
CA GLN U 239 -8.18 -31.76 -18.61
C GLN U 239 -7.13 -32.11 -19.67
N HIS U 240 -6.67 -33.35 -19.71
CA HIS U 240 -5.75 -33.79 -20.75
C HIS U 240 -6.35 -33.65 -22.13
N SER U 241 -7.60 -34.10 -22.31
CA SER U 241 -8.20 -33.96 -23.63
C SER U 241 -8.43 -32.49 -23.98
N ARG U 242 -8.77 -31.68 -22.98
CA ARG U 242 -8.90 -30.24 -23.24
C ARG U 242 -7.59 -29.66 -23.73
N LEU U 243 -6.48 -30.01 -23.08
CA LEU U 243 -5.19 -29.49 -23.52
C LEU U 243 -4.82 -29.98 -24.91
N LEU U 244 -5.03 -31.26 -25.19
CA LEU U 244 -4.67 -31.81 -26.49
C LEU U 244 -5.48 -31.14 -27.60
N MET U 245 -6.79 -31.03 -27.41
CA MET U 245 -7.63 -30.37 -28.41
C MET U 245 -7.27 -28.90 -28.52
N MET U 246 -6.92 -28.26 -27.41
CA MET U 246 -6.56 -26.85 -27.46
C MET U 246 -5.30 -26.63 -28.27
N HIS U 247 -4.32 -27.51 -28.12
CA HIS U 247 -3.13 -27.44 -28.97
C HIS U 247 -3.50 -27.69 -30.43
N ARG U 248 -4.39 -28.65 -30.69
CA ARG U 248 -4.79 -28.94 -32.06
C ARG U 248 -5.43 -27.71 -32.71
N ILE U 249 -6.32 -27.04 -31.99
CA ILE U 249 -7.02 -25.90 -32.58
C ILE U 249 -6.12 -24.67 -32.58
N LYS U 250 -5.11 -24.63 -31.70
CA LYS U 250 -4.06 -23.62 -31.84
C LYS U 250 -3.34 -23.78 -33.17
N LYS U 251 -3.05 -25.03 -33.55
CA LYS U 251 -2.52 -25.28 -34.88
C LYS U 251 -3.52 -24.86 -35.95
N LEU U 252 -4.80 -25.13 -35.72
CA LEU U 252 -5.82 -24.89 -36.74
C LEU U 252 -6.02 -23.39 -37.01
N PHE U 253 -6.21 -22.59 -35.96
CA PHE U 253 -6.56 -21.19 -36.09
C PHE U 253 -5.42 -20.24 -35.75
N GLY U 254 -4.24 -20.76 -35.45
CA GLY U 254 -3.11 -19.90 -35.17
C GLY U 254 -3.11 -19.24 -33.81
N PHE U 255 -4.01 -19.63 -32.92
CA PHE U 255 -4.04 -19.06 -31.57
C PHE U 255 -4.68 -20.05 -30.61
N ILE U 256 -4.35 -19.89 -29.34
CA ILE U 256 -5.01 -20.68 -28.29
C ILE U 256 -6.33 -20.00 -27.92
N PRO U 257 -7.42 -20.75 -27.78
CA PRO U 257 -8.71 -20.13 -27.44
C PRO U 257 -8.70 -19.49 -26.06
N GLY U 258 -9.50 -18.43 -25.93
CA GLY U 258 -9.65 -17.75 -24.66
C GLY U 258 -8.49 -16.88 -24.24
N SER U 259 -7.65 -16.46 -25.18
CA SER U 259 -6.49 -15.63 -24.88
C SER U 259 -6.35 -14.54 -25.94
N GLU U 260 -5.51 -13.55 -25.63
CA GLU U 260 -5.34 -12.36 -26.45
C GLU U 260 -4.66 -12.75 -27.76
N ASP U 261 -5.39 -12.72 -28.87
CA ASP U 261 -4.87 -13.19 -30.15
C ASP U 261 -4.84 -12.11 -31.23
N VAL U 262 -4.93 -10.83 -30.85
CA VAL U 262 -4.88 -9.77 -31.86
C VAL U 262 -3.53 -9.70 -32.55
N LYS U 263 -2.53 -10.44 -32.06
CA LYS U 263 -1.24 -10.45 -32.71
C LYS U 263 -1.32 -11.11 -34.08
N HIS U 264 -1.93 -12.30 -34.14
CA HIS U 264 -1.97 -13.04 -35.39
C HIS U 264 -3.25 -13.85 -35.47
N ILE U 265 -3.72 -14.07 -36.70
CA ILE U 265 -4.87 -14.93 -36.98
C ILE U 265 -4.53 -15.79 -38.18
N ARG U 266 -5.29 -16.88 -38.34
CA ARG U 266 -5.05 -17.84 -39.40
C ARG U 266 -6.24 -17.89 -40.34
N ILE U 267 -5.99 -18.33 -41.57
CA ILE U 267 -7.04 -18.57 -42.55
C ILE U 267 -6.98 -20.05 -42.93
N PRO U 268 -7.86 -20.88 -42.37
CA PRO U 268 -7.80 -22.32 -42.64
C PRO U 268 -8.01 -22.62 -44.12
N SER U 269 -7.32 -23.64 -44.60
CA SER U 269 -7.50 -24.16 -45.94
C SER U 269 -8.49 -25.31 -45.92
N CYS U 270 -9.07 -25.60 -47.10
CA CYS U 270 -10.10 -26.62 -47.18
C CYS U 270 -9.55 -27.99 -46.79
N GLN U 271 -8.34 -28.29 -47.24
CA GLN U 271 -7.70 -29.54 -46.85
C GLN U 271 -7.40 -29.53 -45.35
N ASP U 272 -7.07 -28.36 -44.80
CA ASP U 272 -6.89 -28.27 -43.35
C ASP U 272 -8.23 -28.44 -42.63
N TRP U 273 -9.31 -27.88 -43.20
CA TRP U 273 -10.65 -28.15 -42.67
C TRP U 273 -10.94 -29.64 -42.67
N LYS U 274 -10.41 -30.38 -43.65
CA LYS U 274 -10.56 -31.83 -43.63
C LYS U 274 -9.75 -32.42 -42.47
N ASP U 275 -8.52 -31.92 -42.26
CA ASP U 275 -7.68 -32.52 -41.21
C ASP U 275 -8.30 -32.35 -39.84
N ILE U 276 -8.85 -31.17 -39.54
CA ILE U 276 -9.47 -30.99 -38.22
C ILE U 276 -10.69 -31.87 -38.06
N SER U 277 -11.46 -32.05 -39.12
CA SER U 277 -12.63 -32.93 -39.08
C SER U 277 -12.22 -34.38 -38.90
N GLN V 4 109.65 -11.50 -52.28
CA GLN V 4 110.81 -10.78 -52.79
C GLN V 4 110.82 -9.34 -52.29
N VAL V 5 109.70 -8.90 -51.73
CA VAL V 5 109.54 -7.54 -51.26
C VAL V 5 110.13 -7.44 -49.85
N GLN V 6 111.12 -6.57 -49.70
CA GLN V 6 111.81 -6.37 -48.42
C GLN V 6 111.75 -4.90 -48.05
N LEU V 7 111.38 -4.62 -46.80
CA LEU V 7 111.33 -3.26 -46.29
C LEU V 7 112.36 -3.10 -45.17
N VAL V 8 113.22 -2.11 -45.31
CA VAL V 8 114.23 -1.79 -44.30
C VAL V 8 114.09 -0.32 -43.92
N GLU V 9 114.28 -0.03 -42.64
CA GLU V 9 114.19 1.33 -42.14
C GLU V 9 115.58 1.89 -41.87
N SER V 10 115.71 3.21 -42.05
CA SER V 10 116.98 3.89 -41.84
C SER V 10 116.71 5.34 -41.51
N GLY V 11 117.74 6.01 -40.97
CA GLY V 11 117.63 7.39 -40.57
C GLY V 11 117.29 7.63 -39.12
N GLY V 12 117.30 6.58 -38.28
CA GLY V 12 117.02 6.73 -36.88
C GLY V 12 118.27 7.13 -36.09
N GLY V 13 118.12 7.16 -34.78
CA GLY V 13 119.18 7.52 -33.87
C GLY V 13 118.63 8.31 -32.70
N LEU V 14 119.53 9.06 -32.05
CA LEU V 14 119.17 9.90 -30.91
C LEU V 14 119.22 11.36 -31.32
N VAL V 15 118.14 12.08 -31.05
CA VAL V 15 118.02 13.49 -31.37
C VAL V 15 117.49 14.23 -30.15
N GLN V 16 118.08 15.39 -29.87
CA GLN V 16 117.68 16.17 -28.70
C GLN V 16 116.35 16.87 -28.96
N ALA V 17 115.87 17.59 -27.94
CA ALA V 17 114.59 18.26 -28.03
C ALA V 17 114.61 19.36 -29.08
N GLY V 18 113.51 19.47 -29.84
CA GLY V 18 113.38 20.45 -30.87
C GLY V 18 114.06 20.11 -32.17
N GLY V 19 114.70 18.94 -32.27
CA GLY V 19 115.42 18.57 -33.47
C GLY V 19 114.53 18.00 -34.54
N SER V 20 115.13 17.77 -35.71
CA SER V 20 114.46 17.19 -36.86
C SER V 20 115.11 15.87 -37.22
N LEU V 21 114.28 14.89 -37.58
CA LEU V 21 114.76 13.58 -37.95
C LEU V 21 114.06 13.11 -39.22
N ARG V 22 114.79 12.34 -40.03
CA ARG V 22 114.32 11.85 -41.31
C ARG V 22 114.33 10.32 -41.27
N LEU V 23 113.19 9.72 -41.61
CA LEU V 23 113.03 8.27 -41.59
C LEU V 23 112.87 7.76 -43.01
N SER V 24 113.65 6.74 -43.37
CA SER V 24 113.70 6.24 -44.73
C SER V 24 113.35 4.76 -44.74
N CYS V 25 112.44 4.37 -45.64
CA CYS V 25 112.07 2.98 -45.85
C CYS V 25 112.27 2.66 -47.32
N ALA V 26 112.98 1.56 -47.59
CA ALA V 26 113.28 1.15 -48.96
C ALA V 26 112.33 0.05 -49.39
N ALA V 27 111.73 0.22 -50.56
CA ALA V 27 110.86 -0.77 -51.16
C ALA V 27 111.52 -1.34 -52.41
N SER V 28 111.62 -2.66 -52.47
CA SER V 28 112.28 -3.33 -53.60
C SER V 28 111.37 -3.36 -54.82
N HIS V 36 100.76 2.68 -51.90
CA HIS V 36 100.15 2.97 -50.61
C HIS V 36 101.02 2.47 -49.46
N MET V 37 101.48 3.41 -48.62
CA MET V 37 102.35 3.11 -47.51
C MET V 37 101.77 3.70 -46.22
N ARG V 38 102.06 3.03 -45.11
CA ARG V 38 101.55 3.42 -43.81
C ARG V 38 102.67 3.36 -42.79
N TRP V 39 102.62 4.25 -41.79
CA TRP V 39 103.64 4.34 -40.75
C TRP V 39 103.03 4.06 -39.39
N TYR V 40 103.77 3.34 -38.56
CA TYR V 40 103.35 2.99 -37.20
C TYR V 40 104.49 3.22 -36.24
N ARG V 41 104.15 3.47 -34.98
CA ARG V 41 105.14 3.61 -33.91
C ARG V 41 104.72 2.77 -32.72
N GLN V 42 105.70 2.34 -31.94
CA GLN V 42 105.42 1.55 -30.74
C GLN V 42 106.32 2.07 -29.62
N ARG V 48 101.68 -0.75 -30.72
CA ARG V 48 101.80 -0.17 -32.05
C ARG V 48 100.69 0.84 -32.30
N GLU V 49 101.06 2.10 -32.51
CA GLU V 49 100.09 3.18 -32.72
C GLU V 49 100.19 3.70 -34.14
N TRP V 50 99.03 4.00 -34.72
CA TRP V 50 98.97 4.51 -36.09
C TRP V 50 99.54 5.93 -36.17
N VAL V 51 100.32 6.18 -37.22
CA VAL V 51 101.02 7.47 -37.39
C VAL V 51 100.47 8.26 -38.57
N ALA V 52 100.68 7.77 -39.79
CA ALA V 52 100.34 8.55 -40.97
C ALA V 52 100.22 7.62 -42.18
N ALA V 53 99.66 8.15 -43.26
CA ALA V 53 99.45 7.39 -44.48
C ALA V 53 99.77 8.24 -45.71
N ILE V 54 100.21 7.55 -46.77
CA ILE V 54 100.45 8.17 -48.07
C ILE V 54 99.83 7.26 -49.13
N TYR V 55 99.59 7.84 -50.30
CA TYR V 55 98.98 7.10 -51.40
C TYR V 55 99.98 6.84 -52.52
N ALA V 59 99.78 11.54 -54.19
CA ALA V 59 100.57 12.20 -53.15
C ALA V 59 99.67 12.70 -52.02
N GLY V 60 98.41 12.27 -52.04
CA GLY V 60 97.50 12.63 -50.98
C GLY V 60 97.93 12.01 -49.66
N THR V 61 97.94 12.82 -48.62
CA THR V 61 98.57 12.45 -47.37
C THR V 61 97.62 12.67 -46.19
N HIS V 62 97.78 11.81 -45.18
CA HIS V 62 96.93 11.80 -44.01
C HIS V 62 97.78 11.63 -42.76
N TYR V 63 97.46 12.38 -41.70
CA TYR V 63 98.22 12.32 -40.46
C TYR V 63 97.27 12.14 -39.27
N ALA V 64 97.75 11.47 -38.24
CA ALA V 64 97.00 11.36 -37.00
C ALA V 64 97.03 12.69 -36.24
N ASP V 65 95.95 12.98 -35.50
CA ASP V 65 95.85 14.23 -34.77
C ASP V 65 96.87 14.31 -33.64
N SER V 66 97.21 13.17 -33.03
CA SER V 66 98.23 13.16 -31.99
C SER V 66 99.61 13.53 -32.54
N VAL V 67 99.80 13.42 -33.85
CA VAL V 67 101.06 13.74 -34.50
C VAL V 67 100.88 14.81 -35.58
N LYS V 68 99.72 15.46 -35.63
CA LYS V 68 99.42 16.40 -36.69
C LYS V 68 100.25 17.67 -36.54
N GLY V 69 100.67 18.23 -37.69
CA GLY V 69 101.41 19.47 -37.70
C GLY V 69 102.87 19.37 -37.35
N ARG V 70 103.43 18.16 -37.32
CA ARG V 70 104.82 17.95 -36.94
C ARG V 70 105.58 17.12 -37.97
N PHE V 71 104.88 16.18 -38.61
CA PHE V 71 105.47 15.24 -39.53
C PHE V 71 104.96 15.48 -40.95
N THR V 72 105.84 15.23 -41.92
CA THR V 72 105.51 15.31 -43.33
C THR V 72 106.08 14.09 -44.04
N ILE V 73 105.26 13.44 -44.86
CA ILE V 73 105.64 12.22 -45.57
C ILE V 73 105.58 12.48 -47.07
N SER V 74 106.64 12.06 -47.76
CA SER V 74 106.67 12.08 -49.21
C SER V 74 107.40 10.83 -49.68
N ARG V 75 107.11 10.43 -50.92
CA ARG V 75 107.77 9.28 -51.52
C ARG V 75 108.08 9.58 -52.98
N ASP V 76 109.13 8.95 -53.49
CA ASP V 76 109.55 9.09 -54.88
C ASP V 76 109.62 7.70 -55.50
N ASN V 77 109.01 7.55 -56.67
CA ASN V 77 109.05 6.27 -57.38
C ASN V 77 110.39 6.00 -58.03
N ALA V 78 111.18 7.04 -58.28
CA ALA V 78 112.50 6.85 -58.90
C ALA V 78 113.42 6.04 -57.98
N LYS V 79 113.43 6.36 -56.70
CA LYS V 79 114.26 5.65 -55.73
C LYS V 79 113.51 4.56 -54.99
N ASN V 80 112.18 4.47 -55.15
CA ASN V 80 111.35 3.48 -54.46
C ASN V 80 111.53 3.55 -52.94
N THR V 81 111.62 4.77 -52.42
CA THR V 81 111.75 4.99 -50.98
C THR V 81 110.73 6.03 -50.53
N VAL V 82 110.31 5.91 -49.27
CA VAL V 82 109.37 6.84 -48.66
C VAL V 82 110.11 7.62 -47.59
N TYR V 83 110.04 8.95 -47.67
CA TYR V 83 110.75 9.83 -46.77
C TYR V 83 109.75 10.44 -45.79
N LEU V 84 110.06 10.36 -44.49
CA LEU V 84 109.17 10.85 -43.45
C LEU V 84 109.94 11.93 -42.69
N GLN V 85 109.58 13.19 -42.91
CA GLN V 85 110.32 14.31 -42.33
C GLN V 85 109.65 14.70 -41.02
N MET V 86 110.38 14.57 -39.92
CA MET V 86 109.87 14.88 -38.59
C MET V 86 110.49 16.16 -38.07
N ASN V 87 109.66 17.11 -37.64
CA ASN V 87 110.12 18.38 -37.10
C ASN V 87 109.71 18.51 -35.65
N SER V 88 110.60 19.12 -34.85
CA SER V 88 110.33 19.45 -33.45
C SER V 88 109.98 18.20 -32.65
N LEU V 89 110.93 17.26 -32.61
CA LEU V 89 110.75 16.06 -31.80
C LEU V 89 110.87 16.39 -30.32
N LYS V 90 110.24 15.58 -29.50
CA LYS V 90 110.18 15.74 -28.06
C LYS V 90 110.45 14.39 -27.41
N PRO V 91 110.84 14.38 -26.13
CA PRO V 91 111.01 13.09 -25.44
C PRO V 91 109.74 12.27 -25.34
N GLU V 92 108.57 12.89 -25.51
CA GLU V 92 107.31 12.15 -25.41
C GLU V 92 107.16 11.12 -26.52
N ASP V 93 107.61 11.44 -27.73
CA ASP V 93 107.49 10.53 -28.86
C ASP V 93 108.68 9.59 -29.00
N THR V 94 109.35 9.26 -27.90
CA THR V 94 110.42 8.27 -27.92
C THR V 94 109.82 6.90 -28.14
N ALA V 95 109.99 6.35 -29.34
CA ALA V 95 109.36 5.09 -29.70
C ALA V 95 110.07 4.49 -30.90
N VAL V 96 109.74 3.23 -31.18
CA VAL V 96 110.23 2.51 -32.35
C VAL V 96 109.19 2.62 -33.46
N TYR V 97 109.63 3.03 -34.65
CA TYR V 97 108.75 3.33 -35.76
C TYR V 97 108.83 2.23 -36.81
N TYR V 98 107.68 1.73 -37.24
CA TYR V 98 107.60 0.72 -38.29
C TYR V 98 106.98 1.31 -39.54
N CYS V 99 107.11 0.57 -40.63
CA CYS V 99 106.47 0.89 -41.90
C CYS V 99 105.56 -0.26 -42.31
N PHE V 100 104.44 0.08 -42.94
CA PHE V 100 103.48 -0.91 -43.38
C PHE V 100 102.97 -0.53 -44.76
N VAL V 101 102.83 -1.52 -45.63
CA VAL V 101 102.40 -1.28 -47.02
C VAL V 101 100.90 -1.49 -47.19
N TYR V 107 102.45 -7.69 -44.69
CA TYR V 107 103.85 -7.29 -44.62
C TYR V 107 104.07 -6.21 -43.57
N ILE V 108 105.13 -6.36 -42.78
CA ILE V 108 105.47 -5.41 -41.73
C ILE V 108 106.96 -5.11 -41.80
N GLY V 109 107.30 -3.84 -41.58
CA GLY V 109 108.69 -3.43 -41.61
C GLY V 109 109.44 -3.82 -40.36
N GLN V 110 110.77 -3.79 -40.47
CA GLN V 110 111.62 -4.20 -39.34
C GLN V 110 111.53 -3.19 -38.19
N GLY V 111 111.60 -1.91 -38.50
CA GLY V 111 111.51 -0.88 -37.47
C GLY V 111 112.86 -0.49 -36.92
N THR V 112 113.00 0.79 -36.60
CA THR V 112 114.22 1.35 -36.05
C THR V 112 113.90 2.20 -34.83
N GLN V 113 114.74 2.10 -33.80
CA GLN V 113 114.46 2.76 -32.53
C GLN V 113 114.88 4.22 -32.58
N VAL V 114 113.97 5.10 -32.16
CA VAL V 114 114.23 6.53 -32.09
C VAL V 114 114.04 6.96 -30.64
N THR V 115 115.08 7.58 -30.07
CA THR V 115 115.07 8.04 -28.69
C THR V 115 115.37 9.52 -28.64
N VAL V 116 114.66 10.24 -27.77
CA VAL V 116 114.84 11.68 -27.59
C VAL V 116 115.20 11.93 -26.13
N SER V 117 116.31 12.64 -25.92
CA SER V 117 116.77 12.93 -24.55
C SER V 117 116.72 14.43 -24.28
N GLN W 4 117.13 -29.62 -17.22
CA GLN W 4 118.38 -29.22 -17.85
C GLN W 4 118.34 -27.76 -18.25
N VAL W 5 117.14 -27.18 -18.23
CA VAL W 5 116.95 -25.79 -18.64
C VAL W 5 117.29 -24.88 -17.47
N GLN W 6 118.26 -24.00 -17.67
CA GLN W 6 118.71 -23.07 -16.64
C GLN W 6 118.63 -21.65 -17.18
N LEU W 7 118.05 -20.74 -16.39
CA LEU W 7 117.94 -19.34 -16.74
C LEU W 7 118.75 -18.51 -15.76
N VAL W 8 119.67 -17.69 -16.29
CA VAL W 8 120.49 -16.80 -15.50
C VAL W 8 120.34 -15.39 -16.04
N GLU W 9 120.29 -14.41 -15.14
CA GLU W 9 120.16 -13.01 -15.51
C GLU W 9 121.50 -12.30 -15.39
N SER W 10 121.69 -11.30 -16.25
CA SER W 10 122.92 -10.52 -16.26
C SER W 10 122.64 -9.15 -16.85
N GLY W 11 123.57 -8.23 -16.63
CA GLY W 11 123.44 -6.87 -17.10
C GLY W 11 122.85 -5.89 -16.12
N GLY W 12 122.68 -6.29 -14.86
CA GLY W 12 122.17 -5.39 -13.84
C GLY W 12 123.26 -4.53 -13.23
N GLY W 13 122.87 -3.78 -12.21
CA GLY W 13 123.77 -2.89 -11.51
C GLY W 13 123.05 -1.62 -11.10
N LEU W 14 123.83 -0.57 -10.85
CA LEU W 14 123.31 0.72 -10.45
C LEU W 14 123.47 1.70 -11.59
N VAL W 15 122.37 2.37 -11.96
CA VAL W 15 122.37 3.34 -13.04
C VAL W 15 121.65 4.60 -12.55
N GLN W 16 122.21 5.76 -12.89
CA GLN W 16 121.64 7.03 -12.45
C GLN W 16 120.38 7.35 -13.26
N ALA W 17 119.76 8.48 -12.94
CA ALA W 17 118.53 8.89 -13.59
C ALA W 17 118.76 9.21 -15.06
N GLY W 18 117.83 8.78 -15.91
CA GLY W 18 117.92 9.01 -17.33
C GLY W 18 118.80 8.05 -18.07
N GLY W 19 119.41 7.08 -17.38
CA GLY W 19 120.33 6.16 -18.02
C GLY W 19 119.62 5.01 -18.72
N SER W 20 120.42 4.22 -19.44
CA SER W 20 119.95 3.05 -20.15
C SER W 20 120.61 1.81 -19.59
N LEU W 21 119.83 0.73 -19.47
CA LEU W 21 120.34 -0.53 -18.94
C LEU W 21 119.85 -1.68 -19.82
N ARG W 22 120.70 -2.70 -19.93
CA ARG W 22 120.44 -3.87 -20.76
C ARG W 22 120.40 -5.09 -19.86
N LEU W 23 119.33 -5.88 -19.98
CA LEU W 23 119.13 -7.08 -19.18
C LEU W 23 119.20 -8.30 -20.08
N SER W 24 120.00 -9.28 -19.66
CA SER W 24 120.28 -10.46 -20.46
C SER W 24 119.89 -11.71 -19.69
N CYS W 25 119.14 -12.59 -20.35
CA CYS W 25 118.78 -13.89 -19.80
C CYS W 25 119.23 -14.97 -20.77
N ALA W 26 119.94 -15.96 -20.25
CA ALA W 26 120.48 -17.05 -21.07
C ALA W 26 119.58 -18.28 -20.96
N ALA W 27 119.20 -18.84 -22.11
CA ALA W 27 118.42 -20.06 -22.16
C ALA W 27 119.28 -21.18 -22.75
N SER W 28 119.35 -22.30 -22.04
CA SER W 28 120.18 -23.42 -22.47
C SER W 28 119.51 -24.20 -23.59
N HIS W 36 108.72 -18.40 -26.37
CA HIS W 36 107.90 -17.48 -25.58
C HIS W 36 108.54 -17.18 -24.23
N MET W 37 108.86 -15.91 -24.00
CA MET W 37 109.52 -15.46 -22.79
C MET W 37 108.74 -14.31 -22.18
N ARG W 38 108.80 -14.21 -20.86
CA ARG W 38 108.08 -13.19 -20.10
C ARG W 38 109.00 -12.59 -19.06
N TRP W 39 108.80 -11.31 -18.77
CA TRP W 39 109.62 -10.57 -17.81
C TRP W 39 108.77 -10.08 -16.65
N TYR W 40 109.33 -10.15 -15.45
CA TYR W 40 108.66 -9.71 -14.23
C TYR W 40 109.62 -8.89 -13.39
N ARG W 41 109.07 -8.01 -12.56
CA ARG W 41 109.85 -7.22 -11.63
C ARG W 41 109.20 -7.28 -10.24
N GLN W 42 110.02 -7.12 -9.21
CA GLN W 42 109.51 -7.12 -7.84
C GLN W 42 110.21 -6.00 -7.08
N ARG W 48 105.76 -9.29 -7.14
CA ARG W 48 106.13 -9.56 -8.52
C ARG W 48 105.11 -8.94 -9.48
N GLU W 49 105.55 -7.99 -10.30
CA GLU W 49 104.66 -7.30 -11.23
C GLU W 49 105.03 -7.66 -12.67
N TRP W 50 104.01 -7.82 -13.50
CA TRP W 50 104.21 -8.18 -14.89
C TRP W 50 104.82 -7.01 -15.67
N VAL W 51 105.78 -7.32 -16.54
CA VAL W 51 106.53 -6.31 -17.28
C VAL W 51 106.22 -6.36 -18.77
N ALA W 52 106.63 -7.43 -19.45
CA ALA W 52 106.53 -7.48 -20.90
C ALA W 52 106.60 -8.92 -21.37
N ALA W 53 106.26 -9.13 -22.65
CA ALA W 53 106.25 -10.46 -23.24
C ALA W 53 106.80 -10.43 -24.65
N ILE W 54 107.42 -11.54 -25.05
CA ILE W 54 107.89 -11.76 -26.41
C ILE W 54 107.45 -13.14 -26.86
N TYR W 55 107.44 -13.34 -28.18
CA TYR W 55 107.01 -14.61 -28.75
C TYR W 55 108.19 -15.38 -29.34
N ALA W 59 108.43 -12.45 -33.38
CA ALA W 59 109.03 -11.27 -32.77
C ALA W 59 107.97 -10.29 -32.30
N GLY W 60 106.72 -10.75 -32.28
CA GLY W 60 105.64 -9.93 -31.76
C GLY W 60 105.81 -9.67 -30.28
N THR W 61 105.66 -8.41 -29.89
CA THR W 61 106.04 -7.97 -28.57
C THR W 61 104.91 -7.21 -27.89
N HIS W 62 104.86 -7.34 -26.57
CA HIS W 62 103.81 -6.75 -25.75
C HIS W 62 104.43 -6.13 -24.50
N TYR W 63 103.95 -4.95 -24.13
CA TYR W 63 104.46 -4.23 -22.96
C TYR W 63 103.32 -3.78 -22.06
N ALA W 64 103.59 -3.73 -20.76
CA ALA W 64 102.62 -3.17 -19.82
C ALA W 64 102.57 -1.66 -19.95
N ASP W 65 101.37 -1.10 -19.70
CA ASP W 65 101.18 0.34 -19.82
C ASP W 65 101.99 1.12 -18.78
N SER W 66 102.17 0.55 -17.60
CA SER W 66 102.99 1.20 -16.59
C SER W 66 104.46 1.32 -17.01
N VAL W 67 104.88 0.50 -17.97
CA VAL W 67 106.24 0.49 -18.48
C VAL W 67 106.29 0.76 -19.98
N LYS W 68 105.17 1.17 -20.58
CA LYS W 68 105.10 1.33 -22.03
C LYS W 68 105.93 2.52 -22.48
N GLY W 69 106.55 2.38 -23.66
CA GLY W 69 107.32 3.46 -24.25
C GLY W 69 108.70 3.68 -23.66
N ARG W 70 109.20 2.73 -22.87
CA ARG W 70 110.50 2.89 -22.22
C ARG W 70 111.40 1.67 -22.47
N PHE W 71 110.80 0.50 -22.56
CA PHE W 71 111.52 -0.76 -22.68
C PHE W 71 111.28 -1.39 -24.05
N THR W 72 112.31 -2.07 -24.54
CA THR W 72 112.23 -2.82 -25.79
C THR W 72 112.88 -4.18 -25.57
N ILE W 73 112.21 -5.24 -26.01
CA ILE W 73 112.68 -6.61 -25.83
C ILE W 73 112.89 -7.24 -27.19
N SER W 74 114.04 -7.90 -27.35
CA SER W 74 114.34 -8.69 -28.53
C SER W 74 115.10 -9.93 -28.08
N ARG W 75 115.02 -10.97 -28.91
CA ARG W 75 115.74 -12.21 -28.64
C ARG W 75 116.31 -12.76 -29.94
N ASP W 76 117.43 -13.47 -29.82
CA ASP W 76 118.08 -14.11 -30.95
C ASP W 76 118.22 -15.59 -30.67
N ASN W 77 117.83 -16.43 -31.63
CA ASN W 77 117.95 -17.87 -31.47
C ASN W 77 119.38 -18.35 -31.62
N ALA W 78 120.24 -17.57 -32.29
CA ALA W 78 121.63 -17.98 -32.46
C ALA W 78 122.36 -18.07 -31.12
N LYS W 79 122.15 -17.08 -30.25
CA LYS W 79 122.77 -17.07 -28.93
C LYS W 79 121.87 -17.61 -27.84
N ASN W 80 120.59 -17.86 -28.13
CA ASN W 80 119.62 -18.36 -27.16
C ASN W 80 119.53 -17.43 -25.94
N THR W 81 119.56 -16.13 -26.19
CA THR W 81 119.43 -15.14 -25.13
C THR W 81 118.38 -14.11 -25.52
N VAL W 82 117.75 -13.53 -24.51
CA VAL W 82 116.74 -12.50 -24.69
C VAL W 82 117.29 -11.20 -24.13
N TYR W 83 117.27 -10.15 -24.97
CA TYR W 83 117.85 -8.86 -24.61
C TYR W 83 116.71 -7.88 -24.33
N LEU W 84 116.78 -7.21 -23.18
CA LEU W 84 115.73 -6.29 -22.77
C LEU W 84 116.38 -4.91 -22.64
N GLN W 85 116.11 -4.03 -23.58
CA GLN W 85 116.76 -2.71 -23.62
C GLN W 85 115.88 -1.71 -22.90
N MET W 86 116.40 -1.14 -21.81
CA MET W 86 115.67 -0.18 -21.00
C MET W 86 116.23 1.21 -21.20
N ASN W 87 115.36 2.17 -21.52
CA ASN W 87 115.75 3.55 -21.73
C ASN W 87 115.10 4.45 -20.68
N SER W 88 115.84 5.48 -20.25
CA SER W 88 115.34 6.50 -19.34
C SER W 88 114.81 5.89 -18.04
N LEU W 89 115.71 5.22 -17.33
CA LEU W 89 115.35 4.66 -16.03
C LEU W 89 115.23 5.78 -14.99
N LYS W 90 114.43 5.51 -13.98
CA LYS W 90 114.13 6.45 -12.91
C LYS W 90 114.24 5.73 -11.58
N PRO W 91 114.38 6.46 -10.47
CA PRO W 91 114.40 5.79 -9.16
C PRO W 91 113.10 5.07 -8.82
N GLU W 92 111.99 5.41 -9.50
CA GLU W 92 110.72 4.75 -9.21
C GLU W 92 110.75 3.27 -9.55
N ASP W 93 111.41 2.89 -10.63
CA ASP W 93 111.47 1.49 -11.05
C ASP W 93 112.64 0.73 -10.44
N THR W 94 113.09 1.12 -9.25
CA THR W 94 114.12 0.38 -8.54
C THR W 94 113.52 -0.92 -8.03
N ALA W 95 113.88 -2.03 -8.68
CA ALA W 95 113.30 -3.32 -8.35
C ALA W 95 114.19 -4.43 -8.87
N VAL W 96 113.88 -5.66 -8.45
CA VAL W 96 114.56 -6.87 -8.91
C VAL W 96 113.74 -7.48 -10.03
N TYR W 97 114.39 -7.77 -11.16
CA TYR W 97 113.72 -8.21 -12.36
C TYR W 97 113.97 -9.69 -12.59
N TYR W 98 112.89 -10.44 -12.83
CA TYR W 98 112.97 -11.87 -13.12
C TYR W 98 112.59 -12.14 -14.57
N CYS W 99 112.91 -13.34 -15.03
CA CYS W 99 112.50 -13.83 -16.33
C CYS W 99 111.65 -15.08 -16.16
N PHE W 100 110.68 -15.25 -17.04
CA PHE W 100 109.77 -16.39 -17.00
C PHE W 100 109.53 -16.88 -18.42
N VAL W 101 109.52 -18.20 -18.59
CA VAL W 101 109.35 -18.80 -19.91
C VAL W 101 107.91 -19.20 -20.18
N TYR W 107 108.80 -22.79 -14.41
CA TYR W 107 110.18 -22.31 -14.35
C TYR W 107 110.23 -20.82 -14.07
N ILE W 108 111.14 -20.41 -13.17
CA ILE W 108 111.30 -19.02 -12.79
C ILE W 108 112.79 -18.69 -12.78
N GLY W 109 113.13 -17.49 -13.27
CA GLY W 109 114.51 -17.07 -13.29
C GLY W 109 115.02 -16.63 -11.94
N GLN W 110 116.35 -16.56 -11.82
CA GLN W 110 116.97 -16.20 -10.55
C GLN W 110 116.71 -14.74 -10.19
N GLY W 111 116.85 -13.84 -11.16
CA GLY W 111 116.63 -12.43 -10.93
C GLY W 111 117.87 -11.70 -10.48
N THR W 112 117.98 -10.45 -10.92
CA THR W 112 119.11 -9.59 -10.59
C THR W 112 118.59 -8.23 -10.13
N GLN W 113 119.23 -7.68 -9.10
CA GLN W 113 118.75 -6.43 -8.50
C GLN W 113 119.21 -5.23 -9.31
N VAL W 114 118.28 -4.34 -9.60
CA VAL W 114 118.55 -3.09 -10.31
C VAL W 114 118.12 -1.94 -9.42
N THR W 115 119.06 -1.04 -9.14
CA THR W 115 118.82 0.12 -8.28
C THR W 115 119.15 1.39 -9.03
N VAL W 116 118.33 2.42 -8.84
CA VAL W 116 118.51 3.72 -9.47
C VAL W 116 118.61 4.78 -8.38
N SER W 117 119.69 5.56 -8.41
CA SER W 117 119.91 6.60 -7.42
C SER W 117 119.85 7.99 -8.04
N GLN X 4 117.31 -24.99 22.04
CA GLN X 4 118.67 -24.90 21.50
C GLN X 4 118.73 -23.89 20.36
N VAL X 5 117.57 -23.48 19.87
CA VAL X 5 117.49 -22.56 18.74
C VAL X 5 117.63 -21.14 19.26
N GLN X 6 118.65 -20.43 18.78
CA GLN X 6 118.93 -19.06 19.19
C GLN X 6 118.99 -18.17 17.95
N LEU X 7 118.31 -17.04 18.01
CA LEU X 7 118.30 -16.06 16.94
C LEU X 7 118.95 -14.77 17.42
N VAL X 8 119.96 -14.31 16.68
CA VAL X 8 120.66 -13.06 16.98
C VAL X 8 120.63 -12.19 15.74
N GLU X 9 120.46 -10.88 15.94
CA GLU X 9 120.43 -9.92 14.86
C GLU X 9 121.74 -9.15 14.78
N SER X 10 122.11 -8.78 13.56
CA SER X 10 123.35 -8.04 13.33
C SER X 10 123.21 -7.24 12.04
N GLY X 11 124.11 -6.27 11.88
CA GLY X 11 124.10 -5.40 10.72
C GLY X 11 123.37 -4.09 10.90
N GLY X 12 122.97 -3.75 12.12
CA GLY X 12 122.31 -2.49 12.39
C GLY X 12 123.30 -1.36 12.61
N GLY X 13 122.76 -0.20 12.96
CA GLY X 13 123.54 0.99 13.19
C GLY X 13 122.79 2.22 12.72
N LEU X 14 123.54 3.28 12.48
CA LEU X 14 122.99 4.55 12.02
C LEU X 14 123.38 4.76 10.56
N VAL X 15 122.39 5.04 9.73
CA VAL X 15 122.59 5.27 8.30
C VAL X 15 121.83 6.52 7.90
N GLN X 16 122.47 7.36 7.08
CA GLN X 16 121.86 8.62 6.66
C GLN X 16 120.78 8.35 5.60
N ALA X 17 120.14 9.43 5.15
CA ALA X 17 119.06 9.32 4.20
C ALA X 17 119.56 8.81 2.86
N GLY X 18 118.78 7.93 2.24
CA GLY X 18 119.13 7.36 0.96
C GLY X 18 120.11 6.21 1.01
N GLY X 19 120.56 5.82 2.21
CA GLY X 19 121.54 4.78 2.34
C GLY X 19 120.94 3.39 2.27
N SER X 20 121.83 2.40 2.25
CA SER X 20 121.46 0.99 2.23
C SER X 20 121.99 0.30 3.48
N LEU X 21 121.17 -0.59 4.04
CA LEU X 21 121.54 -1.33 5.24
C LEU X 21 121.19 -2.79 5.07
N ARG X 22 122.01 -3.65 5.68
CA ARG X 22 121.88 -5.09 5.59
C ARG X 22 121.65 -5.64 6.98
N LEU X 23 120.59 -6.44 7.14
CA LEU X 23 120.22 -7.02 8.43
C LEU X 23 120.42 -8.52 8.37
N SER X 24 121.10 -9.06 9.38
CA SER X 24 121.49 -10.46 9.40
C SER X 24 120.94 -11.12 10.66
N CYS X 25 120.30 -12.28 10.48
CA CYS X 25 119.81 -13.09 11.58
C CYS X 25 120.39 -14.49 11.45
N ALA X 26 120.98 -14.99 12.53
CA ALA X 26 121.63 -16.30 12.54
C ALA X 26 120.69 -17.33 13.15
N ALA X 27 120.51 -18.44 12.46
CA ALA X 27 119.72 -19.57 12.95
C ALA X 27 120.63 -20.75 13.22
N SER X 28 120.55 -21.30 14.43
CA SER X 28 121.41 -22.40 14.82
C SER X 28 120.93 -23.72 14.23
N HIS X 36 110.96 -21.18 7.01
CA HIS X 36 110.04 -20.05 7.03
C HIS X 36 110.43 -19.01 8.08
N MET X 37 110.74 -17.81 7.62
CA MET X 37 111.19 -16.72 8.48
C MET X 37 110.34 -15.48 8.22
N ARG X 38 110.18 -14.67 9.26
CA ARG X 38 109.36 -13.48 9.21
C ARG X 38 110.10 -12.33 9.89
N TRP X 39 109.88 -11.11 9.39
CA TRP X 39 110.53 -9.93 9.91
C TRP X 39 109.50 -8.95 10.46
N TYR X 40 109.83 -8.32 11.57
CA TYR X 40 108.98 -7.34 12.22
C TYR X 40 109.80 -6.12 12.62
N ARG X 41 109.13 -4.98 12.73
CA ARG X 41 109.75 -3.75 13.20
C ARG X 41 108.86 -3.11 14.26
N GLN X 42 109.49 -2.34 15.15
CA GLN X 42 108.75 -1.65 16.20
C GLN X 42 109.34 -0.24 16.32
N ARG X 48 104.87 -3.36 17.35
CA ARG X 48 105.47 -4.30 16.42
C ARG X 48 104.66 -4.39 15.13
N GLU X 49 105.26 -4.01 14.01
CA GLU X 49 104.58 -3.99 12.72
C GLU X 49 105.18 -5.04 11.80
N TRP X 50 104.32 -5.71 11.03
CA TRP X 50 104.75 -6.75 10.11
C TRP X 50 105.52 -6.14 8.95
N VAL X 51 106.61 -6.81 8.55
CA VAL X 51 107.51 -6.30 7.51
C VAL X 51 107.47 -7.17 6.27
N ALA X 52 107.97 -8.41 6.35
CA ALA X 52 108.12 -9.25 5.17
C ALA X 52 108.25 -10.70 5.59
N ALA X 53 108.12 -11.59 4.60
CA ALA X 53 108.18 -13.03 4.85
C ALA X 53 108.98 -13.73 3.75
N ILE X 54 109.63 -14.83 4.14
CA ILE X 54 110.33 -15.71 3.21
C ILE X 54 109.93 -17.15 3.53
N TYR X 55 110.16 -18.03 2.55
CA TYR X 55 109.80 -19.43 2.71
C TYR X 55 111.05 -20.30 2.83
N ALA X 59 112.07 -20.02 -2.05
CA ALA X 59 112.59 -18.66 -2.11
C ALA X 59 111.49 -17.66 -2.42
N GLY X 60 110.24 -18.13 -2.35
CA GLY X 60 109.11 -17.25 -2.55
C GLY X 60 109.03 -16.22 -1.45
N THR X 61 108.84 -14.96 -1.84
CA THR X 61 109.00 -13.85 -0.93
C THR X 61 107.78 -12.93 -0.97
N HIS X 62 107.49 -12.33 0.18
CA HIS X 62 106.32 -11.47 0.36
C HIS X 62 106.73 -10.24 1.14
N TYR X 63 106.22 -9.07 0.72
CA TYR X 63 106.53 -7.80 1.38
C TYR X 63 105.27 -7.03 1.68
N ALA X 64 105.30 -6.25 2.76
CA ALA X 64 104.20 -5.35 3.08
C ALA X 64 104.20 -4.16 2.13
N ASP X 65 103.00 -3.64 1.85
CA ASP X 65 102.89 -2.52 0.92
C ASP X 65 103.50 -1.25 1.48
N SER X 66 103.46 -1.06 2.81
CA SER X 66 104.11 0.11 3.40
C SER X 66 105.62 0.07 3.23
N VAL X 67 106.18 -1.11 2.96
CA VAL X 67 107.61 -1.28 2.76
C VAL X 67 107.94 -1.87 1.39
N LYS X 68 106.95 -1.93 0.50
CA LYS X 68 107.15 -2.59 -0.79
C LYS X 68 108.08 -1.78 -1.69
N GLY X 69 108.89 -2.48 -2.47
CA GLY X 69 109.78 -1.84 -3.42
C GLY X 69 111.03 -1.24 -2.83
N ARG X 70 111.37 -1.56 -1.58
CA ARG X 70 112.54 -0.98 -0.92
C ARG X 70 113.43 -2.05 -0.32
N PHE X 71 112.82 -3.15 0.15
CA PHE X 71 113.52 -4.20 0.85
C PHE X 71 113.52 -5.49 0.04
N THR X 72 114.59 -6.25 0.17
CA THR X 72 114.73 -7.56 -0.46
C THR X 72 115.30 -8.54 0.57
N ILE X 73 114.67 -9.71 0.68
CA ILE X 73 115.06 -10.72 1.65
C ILE X 73 115.51 -11.97 0.92
N SER X 74 116.65 -12.52 1.33
CA SER X 74 117.12 -13.81 0.84
C SER X 74 117.76 -14.54 2.01
N ARG X 75 117.81 -15.87 1.90
CA ARG X 75 118.43 -16.69 2.91
C ARG X 75 119.21 -17.82 2.23
N ASP X 76 120.27 -18.28 2.90
CA ASP X 76 121.10 -19.37 2.43
C ASP X 76 121.14 -20.44 3.49
N ASN X 77 120.91 -21.70 3.09
CA ASN X 77 120.96 -22.81 4.04
C ASN X 77 122.38 -23.19 4.40
N ALA X 78 123.37 -22.84 3.57
CA ALA X 78 124.75 -23.17 3.88
C ALA X 78 125.23 -22.45 5.15
N LYS X 79 124.89 -21.17 5.29
CA LYS X 79 125.27 -20.40 6.46
C LYS X 79 124.17 -20.33 7.52
N ASN X 80 122.97 -20.80 7.20
CA ASN X 80 121.82 -20.75 8.12
C ASN X 80 121.54 -19.33 8.60
N THR X 81 121.65 -18.37 7.69
CA THR X 81 121.36 -16.97 7.99
C THR X 81 120.43 -16.40 6.94
N VAL X 82 119.64 -15.42 7.36
CA VAL X 82 118.70 -14.73 6.47
C VAL X 82 119.18 -13.29 6.30
N TYR X 83 119.35 -12.88 5.05
CA TYR X 83 119.88 -11.56 4.72
C TYR X 83 118.73 -10.67 4.24
N LEU X 84 118.62 -9.48 4.82
CA LEU X 84 117.53 -8.56 4.49
C LEU X 84 118.19 -7.29 3.96
N GLN X 85 118.11 -7.08 2.65
CA GLN X 85 118.79 -5.96 2.01
C GLN X 85 117.83 -4.78 1.91
N MET X 86 118.17 -3.69 2.57
CA MET X 86 117.32 -2.50 2.61
C MET X 86 117.95 -1.40 1.76
N ASN X 87 117.18 -0.84 0.83
CA ASN X 87 117.63 0.24 -0.02
C ASN X 87 116.83 1.51 0.23
N SER X 88 117.51 2.65 0.15
CA SER X 88 116.88 3.96 0.26
C SER X 88 116.12 4.12 1.58
N LEU X 89 116.85 4.01 2.67
CA LEU X 89 116.26 4.23 3.99
C LEU X 89 115.98 5.71 4.21
N LYS X 90 115.01 5.98 5.06
CA LYS X 90 114.55 7.32 5.38
C LYS X 90 114.40 7.44 6.88
N PRO X 91 114.36 8.67 7.41
CA PRO X 91 114.13 8.82 8.86
C PRO X 91 112.77 8.31 9.31
N GLU X 92 111.82 8.13 8.40
CA GLU X 92 110.49 7.65 8.78
C GLU X 92 110.54 6.22 9.31
N ASP X 93 111.38 5.37 8.75
CA ASP X 93 111.46 3.97 9.17
C ASP X 93 112.50 3.76 10.28
N THR X 94 112.73 4.76 11.12
CA THR X 94 113.61 4.61 12.27
C THR X 94 112.89 3.74 13.30
N ALA X 95 113.34 2.50 13.44
CA ALA X 95 112.66 1.55 14.32
C ALA X 95 113.61 0.40 14.65
N VAL X 96 113.19 -0.42 15.61
CA VAL X 96 113.91 -1.62 16.00
C VAL X 96 113.28 -2.81 15.28
N TYR X 97 114.12 -3.60 14.63
CA TYR X 97 113.67 -4.69 13.76
C TYR X 97 113.90 -6.03 14.43
N TYR X 98 112.88 -6.87 14.46
CA TYR X 98 112.96 -8.22 15.01
C TYR X 98 112.85 -9.25 13.91
N CYS X 99 113.20 -10.48 14.25
CA CYS X 99 113.02 -11.64 13.38
C CYS X 99 112.11 -12.65 14.07
N PHE X 100 111.31 -13.34 13.27
CA PHE X 100 110.39 -14.34 13.78
C PHE X 100 110.39 -15.55 12.85
N VAL X 101 110.36 -16.74 13.43
CA VAL X 101 110.42 -17.97 12.64
C VAL X 101 109.04 -18.56 12.40
N TYR X 107 108.80 -18.36 19.25
CA TYR X 107 110.16 -17.83 19.26
C TYR X 107 110.20 -16.42 18.69
N ILE X 108 110.94 -15.54 19.35
CA ILE X 108 111.07 -14.15 18.92
C ILE X 108 112.55 -13.75 18.99
N GLY X 109 112.99 -12.99 17.99
CA GLY X 109 114.37 -12.55 17.97
C GLY X 109 114.65 -11.40 18.93
N GLN X 110 115.93 -11.19 19.20
CA GLN X 110 116.32 -10.14 20.15
C GLN X 110 116.05 -8.75 19.60
N GLY X 111 116.38 -8.52 18.34
CA GLY X 111 116.15 -7.22 17.73
C GLY X 111 117.32 -6.27 17.90
N THR X 112 117.53 -5.46 16.86
CA THR X 112 118.61 -4.47 16.85
C THR X 112 118.06 -3.13 16.39
N GLN X 113 118.52 -2.06 17.04
CA GLN X 113 117.98 -0.73 16.79
C GLN X 113 118.60 -0.11 15.55
N VAL X 114 117.76 0.40 14.66
CA VAL X 114 118.19 1.07 13.45
C VAL X 114 117.64 2.49 13.47
N THR X 115 118.54 3.47 13.37
CA THR X 115 118.17 4.88 13.40
C THR X 115 118.66 5.57 12.14
N VAL X 116 117.85 6.47 11.60
CA VAL X 116 118.18 7.23 10.40
C VAL X 116 118.11 8.71 10.74
N SER X 117 119.19 9.43 10.45
CA SER X 117 119.26 10.85 10.75
C SER X 117 119.35 11.68 9.47
N GLN Y 4 110.28 1.79 51.77
CA GLN Y 4 111.72 1.68 51.55
C GLN Y 4 112.04 1.85 50.06
N VAL Y 5 111.01 1.79 49.23
CA VAL Y 5 111.19 1.89 47.79
C VAL Y 5 111.27 3.36 47.40
N GLN Y 6 112.38 3.75 46.79
CA GLN Y 6 112.62 5.13 46.37
C GLN Y 6 112.94 5.16 44.89
N LEU Y 7 112.29 6.05 44.15
CA LEU Y 7 112.54 6.23 42.73
C LEU Y 7 113.12 7.62 42.48
N VAL Y 8 114.27 7.67 41.82
CA VAL Y 8 114.92 8.92 41.46
C VAL Y 8 115.17 8.91 39.95
N GLU Y 9 115.00 10.08 39.33
CA GLU Y 9 115.22 10.23 37.90
C GLU Y 9 116.54 10.93 37.63
N SER Y 10 117.16 10.58 36.52
CA SER Y 10 118.44 11.16 36.13
C SER Y 10 118.58 11.07 34.62
N GLY Y 11 119.53 11.85 34.09
CA GLY Y 11 119.77 11.89 32.66
C GLY Y 11 119.07 12.99 31.92
N GLY Y 12 118.44 13.94 32.61
CA GLY Y 12 117.77 15.05 31.98
C GLY Y 12 118.73 16.19 31.67
N GLY Y 13 118.16 17.28 31.18
CA GLY Y 13 118.91 18.46 30.83
C GLY Y 13 118.31 19.12 29.61
N LEU Y 14 119.12 19.92 28.93
CA LEU Y 14 118.72 20.64 27.73
C LEU Y 14 119.40 20.01 26.51
N VAL Y 15 118.61 19.66 25.51
CA VAL Y 15 119.10 19.05 24.28
C VAL Y 15 118.47 19.78 23.10
N GLN Y 16 119.28 20.04 22.08
CA GLN Y 16 118.82 20.77 20.91
C GLN Y 16 117.96 19.85 20.03
N ALA Y 17 117.46 20.41 18.93
CA ALA Y 17 116.59 19.68 18.04
C ALA Y 17 117.33 18.54 17.36
N GLY Y 18 116.66 17.39 17.23
CA GLY Y 18 117.24 16.22 16.61
C GLY Y 18 118.16 15.42 17.50
N GLY Y 19 118.35 15.83 18.76
CA GLY Y 19 119.26 15.13 19.64
C GLY Y 19 118.65 13.91 20.29
N SER Y 20 119.49 13.18 21.00
CA SER Y 20 119.10 11.98 21.73
C SER Y 20 119.34 12.19 23.23
N LEU Y 21 118.39 11.71 24.03
CA LEU Y 21 118.50 11.84 25.48
C LEU Y 21 118.14 10.51 26.13
N ARG Y 22 118.80 10.24 27.26
CA ARG Y 22 118.65 9.00 28.00
C ARG Y 22 118.12 9.33 29.40
N LEU Y 23 117.04 8.66 29.79
CA LEU Y 23 116.40 8.90 31.07
C LEU Y 23 116.56 7.66 31.95
N SER Y 24 117.01 7.86 33.18
CA SER Y 24 117.34 6.77 34.08
C SER Y 24 116.52 6.90 35.36
N CYS Y 25 115.91 5.80 35.77
CA CYS Y 25 115.18 5.72 37.03
C CYS Y 25 115.74 4.56 37.84
N ALA Y 26 116.08 4.83 39.09
CA ALA Y 26 116.67 3.84 39.98
C ALA Y 26 115.60 3.26 40.89
N ALA Y 27 115.53 1.93 40.95
CA ALA Y 27 114.62 1.22 41.85
C ALA Y 27 115.44 0.51 42.92
N SER Y 28 115.10 0.74 44.18
CA SER Y 28 115.82 0.14 45.29
C SER Y 28 115.43 -1.31 45.49
N HIS Y 36 107.21 -4.32 36.48
CA HIS Y 36 106.33 -3.47 35.68
C HIS Y 36 106.54 -1.99 35.98
N MET Y 37 106.97 -1.24 34.97
CA MET Y 37 107.26 0.18 35.11
C MET Y 37 106.52 0.96 34.03
N ARG Y 38 106.17 2.20 34.36
CA ARG Y 38 105.41 3.07 33.48
C ARG Y 38 106.03 4.46 33.48
N TRP Y 39 105.95 5.14 32.35
CA TRP Y 39 106.53 6.48 32.19
C TRP Y 39 105.43 7.48 31.87
N TYR Y 40 105.55 8.67 32.46
CA TYR Y 40 104.61 9.76 32.25
C TYR Y 40 105.37 11.06 32.01
N ARG Y 41 104.72 11.99 31.30
CA ARG Y 41 105.28 13.31 31.08
C ARG Y 41 104.21 14.36 31.39
N GLN Y 42 104.66 15.55 31.77
CA GLN Y 42 103.76 16.64 32.05
C GLN Y 42 104.34 17.92 31.45
N ARG Y 48 99.68 15.55 33.27
CA ARG Y 48 100.43 14.30 33.19
C ARG Y 48 99.88 13.42 32.07
N GLU Y 49 100.71 13.14 31.06
CA GLU Y 49 100.30 12.36 29.91
C GLU Y 49 101.05 11.03 29.89
N TRP Y 50 100.33 9.97 29.51
CA TRP Y 50 100.92 8.64 29.46
C TRP Y 50 101.93 8.53 28.32
N VAL Y 51 103.06 7.87 28.60
CA VAL Y 51 104.16 7.77 27.63
C VAL Y 51 104.35 6.34 27.15
N ALA Y 52 104.78 5.44 28.02
CA ALA Y 52 105.15 4.09 27.59
C ALA Y 52 105.14 3.15 28.79
N ALA Y 53 105.20 1.85 28.50
CA ALA Y 53 105.16 0.82 29.53
C ALA Y 53 106.13 -0.30 29.21
N ILE Y 54 106.66 -0.91 30.28
CA ILE Y 54 107.52 -2.09 30.18
C ILE Y 54 107.02 -3.12 31.19
N TYR Y 55 107.40 -4.37 30.96
CA TYR Y 55 106.98 -5.46 31.84
C TYR Y 55 108.15 -5.98 32.67
N ALA Y 59 110.16 -8.45 28.81
CA ALA Y 59 110.72 -7.33 28.08
C ALA Y 59 109.72 -6.79 27.05
N GLY Y 60 108.48 -7.26 27.16
CA GLY Y 60 107.44 -6.76 26.27
C GLY Y 60 107.16 -5.29 26.53
N THR Y 61 107.10 -4.52 25.46
CA THR Y 61 107.10 -3.07 25.57
C THR Y 61 105.94 -2.47 24.78
N HIS Y 62 105.44 -1.35 25.29
CA HIS Y 62 104.29 -0.65 24.73
C HIS Y 62 104.56 0.84 24.71
N TYR Y 63 104.18 1.51 23.61
CA TYR Y 63 104.39 2.94 23.46
C TYR Y 63 103.11 3.63 23.02
N ALA Y 64 102.96 4.89 23.43
CA ALA Y 64 101.84 5.70 22.96
C ALA Y 64 102.07 6.12 21.51
N ASP Y 65 100.96 6.27 20.77
CA ASP Y 65 101.07 6.64 19.36
C ASP Y 65 101.60 8.05 19.18
N SER Y 66 101.30 8.96 20.12
CA SER Y 66 101.84 10.31 20.04
C SER Y 66 103.36 10.33 20.20
N VAL Y 67 103.93 9.27 20.77
CA VAL Y 67 105.36 9.14 20.97
C VAL Y 67 105.94 7.91 20.28
N LYS Y 68 105.16 7.26 19.43
CA LYS Y 68 105.58 6.01 18.82
C LYS Y 68 106.70 6.24 17.81
N GLY Y 69 107.63 5.30 17.74
CA GLY Y 69 108.72 5.35 16.78
C GLY Y 69 109.85 6.30 17.12
N ARG Y 70 109.91 6.79 18.35
CA ARG Y 70 110.93 7.74 18.76
C ARG Y 70 111.66 7.30 20.02
N PHE Y 71 110.94 6.63 20.91
CA PHE Y 71 111.44 6.22 22.22
C PHE Y 71 111.57 4.72 22.31
N THR Y 72 112.58 4.27 23.06
CA THR Y 72 112.79 2.86 23.34
C THR Y 72 113.12 2.70 24.82
N ILE Y 73 112.45 1.76 25.48
CA ILE Y 73 112.60 1.52 26.90
C ILE Y 73 113.15 0.13 27.13
N SER Y 74 114.16 0.02 27.98
CA SER Y 74 114.70 -1.26 28.43
C SER Y 74 115.06 -1.14 29.89
N ARG Y 75 115.10 -2.28 30.58
CA ARG Y 75 115.48 -2.32 31.98
C ARG Y 75 116.34 -3.54 32.23
N ASP Y 76 117.22 -3.43 33.21
CA ASP Y 76 118.10 -4.51 33.63
C ASP Y 76 117.91 -4.77 35.11
N ASN Y 77 117.71 -6.04 35.47
CA ASN Y 77 117.55 -6.41 36.86
C ASN Y 77 118.86 -6.37 37.64
N ALA Y 78 120.00 -6.46 36.96
CA ALA Y 78 121.28 -6.42 37.65
C ALA Y 78 121.50 -5.08 38.32
N LYS Y 79 121.20 -3.99 37.63
CA LYS Y 79 121.35 -2.65 38.18
C LYS Y 79 120.06 -2.09 38.78
N ASN Y 80 118.93 -2.77 38.57
CA ASN Y 80 117.63 -2.31 39.08
C ASN Y 80 117.30 -0.91 38.59
N THR Y 81 117.61 -0.63 37.32
CA THR Y 81 117.31 0.66 36.71
C THR Y 81 116.63 0.43 35.37
N VAL Y 82 115.80 1.39 34.99
CA VAL Y 82 115.08 1.36 33.72
C VAL Y 82 115.63 2.47 32.84
N TYR Y 83 116.05 2.12 31.63
CA TYR Y 83 116.68 3.05 30.70
C TYR Y 83 115.69 3.38 29.60
N LEU Y 84 115.48 4.68 29.35
CA LEU Y 84 114.51 5.14 28.36
C LEU Y 84 115.30 5.93 27.32
N GLN Y 85 115.49 5.34 26.13
CA GLN Y 85 116.32 5.95 25.10
C GLN Y 85 115.43 6.76 24.17
N MET Y 86 115.66 8.07 24.12
CA MET Y 86 114.86 8.97 23.30
C MET Y 86 115.68 9.45 22.11
N ASN Y 87 115.12 9.30 20.91
CA ASN Y 87 115.78 9.73 19.69
C ASN Y 87 114.97 10.83 19.01
N SER Y 88 115.69 11.79 18.40
CA SER Y 88 115.09 12.86 17.62
C SER Y 88 114.08 13.66 18.44
N LEU Y 89 114.58 14.27 19.51
CA LEU Y 89 113.74 15.14 20.31
C LEU Y 89 113.47 16.46 19.58
N LYS Y 90 112.35 17.07 19.92
CA LYS Y 90 111.88 18.29 19.31
C LYS Y 90 111.43 19.24 20.41
N PRO Y 91 111.32 20.54 20.13
CA PRO Y 91 110.80 21.47 21.14
C PRO Y 91 109.37 21.19 21.55
N GLU Y 92 108.62 20.43 20.75
CA GLU Y 92 107.23 20.13 21.10
C GLU Y 92 107.12 19.28 22.35
N ASP Y 93 108.03 18.34 22.55
CA ASP Y 93 107.99 17.45 23.72
C ASP Y 93 108.78 18.01 24.90
N THR Y 94 108.86 19.33 25.03
CA THR Y 94 109.48 19.96 26.20
C THR Y 94 108.55 19.77 27.39
N ALA Y 95 108.93 18.87 28.30
CA ALA Y 95 108.05 18.55 29.42
C ALA Y 95 108.88 17.88 30.53
N VAL Y 96 108.26 17.73 31.69
CA VAL Y 96 108.85 17.04 32.83
C VAL Y 96 108.35 15.60 32.83
N TYR Y 97 109.27 14.65 32.92
CA TYR Y 97 108.97 13.23 32.78
C TYR Y 97 109.03 12.55 34.14
N TYR Y 98 108.00 11.78 34.46
CA TYR Y 98 107.93 11.02 35.68
C TYR Y 98 108.00 9.53 35.39
N CYS Y 99 108.25 8.75 36.45
CA CYS Y 99 108.21 7.30 36.38
C CYS Y 99 107.16 6.78 37.36
N PHE Y 100 106.51 5.68 36.98
CA PHE Y 100 105.47 5.08 37.80
C PHE Y 100 105.62 3.56 37.75
N VAL Y 101 105.45 2.92 38.91
CA VAL Y 101 105.64 1.48 39.00
C VAL Y 101 104.31 0.73 38.90
N TYR Y 107 102.70 4.78 44.19
CA TYR Y 107 104.04 5.35 44.13
C TYR Y 107 104.24 6.17 42.86
N ILE Y 108 104.86 7.34 43.02
CA ILE Y 108 105.12 8.25 41.89
C ILE Y 108 106.55 8.75 42.00
N GLY Y 109 107.22 8.83 40.83
CA GLY Y 109 108.59 9.31 40.80
C GLY Y 109 108.69 10.81 40.95
N GLN Y 110 109.90 11.28 41.28
CA GLN Y 110 110.12 12.70 41.50
C GLN Y 110 110.00 13.49 40.20
N GLY Y 111 110.60 13.00 39.13
CA GLY Y 111 110.53 13.68 37.85
C GLY Y 111 111.66 14.66 37.64
N THR Y 112 112.12 14.75 36.39
CA THR Y 112 113.20 15.64 36.00
C THR Y 112 112.79 16.43 34.76
N GLN Y 113 113.14 17.71 34.74
CA GLN Y 113 112.70 18.60 33.67
C GLN Y 113 113.58 18.44 32.44
N VAL Y 114 112.95 18.27 31.29
CA VAL Y 114 113.63 18.17 30.00
C VAL Y 114 113.12 19.30 29.11
N THR Y 115 114.05 20.11 28.61
CA THR Y 115 113.73 21.24 27.76
C THR Y 115 114.49 21.13 26.45
N VAL Y 116 113.82 21.48 25.36
CA VAL Y 116 114.41 21.44 24.02
C VAL Y 116 114.32 22.84 23.41
N SER Y 117 115.45 23.35 22.97
CA SER Y 117 115.51 24.69 22.38
C SER Y 117 115.87 24.63 20.91
N GLN Z 4 98.44 39.89 58.80
CA GLN Z 4 99.89 39.76 58.93
C GLN Z 4 100.48 39.06 57.72
N VAL Z 5 99.62 38.47 56.90
CA VAL Z 5 100.06 37.72 55.73
C VAL Z 5 100.29 38.70 54.58
N GLN Z 6 101.52 38.74 54.07
CA GLN Z 6 101.90 39.62 52.98
C GLN Z 6 102.49 38.80 51.84
N LEU Z 7 102.03 39.07 50.63
CA LEU Z 7 102.54 38.41 49.44
C LEU Z 7 103.23 39.43 48.54
N VAL Z 8 104.49 39.15 48.18
CA VAL Z 8 105.27 40.01 47.29
C VAL Z 8 105.78 39.14 46.14
N GLU Z 9 105.79 39.72 44.95
CA GLU Z 9 106.27 39.03 43.76
C GLU Z 9 107.66 39.53 43.38
N SER Z 10 108.45 38.63 42.79
CA SER Z 10 109.80 38.96 42.38
C SER Z 10 110.22 38.02 41.26
N GLY Z 11 111.28 38.40 40.56
CA GLY Z 11 111.78 37.62 39.45
C GLY Z 11 111.28 38.06 38.09
N GLY Z 12 110.59 39.19 37.99
CA GLY Z 12 110.12 39.68 36.71
C GLY Z 12 111.17 40.49 35.98
N GLY Z 13 110.76 41.05 34.86
CA GLY Z 13 111.63 41.85 34.03
C GLY Z 13 111.30 41.65 32.57
N LEU Z 14 112.27 41.97 31.70
CA LEU Z 14 112.12 41.82 30.27
C LEU Z 14 112.98 40.66 29.79
N VAL Z 15 112.36 39.74 29.05
CA VAL Z 15 113.03 38.56 28.51
C VAL Z 15 112.68 38.43 27.04
N GLN Z 16 113.67 38.11 26.22
CA GLN Z 16 113.46 37.99 24.79
C GLN Z 16 112.73 36.68 24.47
N ALA Z 17 112.47 36.47 23.18
CA ALA Z 17 111.72 35.30 22.73
C ALA Z 17 112.53 34.03 22.99
N GLY Z 18 111.83 32.99 23.43
CA GLY Z 18 112.45 31.71 23.72
C GLY Z 18 113.14 31.62 25.06
N GLY Z 19 113.12 32.70 25.85
CA GLY Z 19 113.81 32.70 27.12
C GLY Z 19 113.03 32.04 28.23
N SER Z 20 113.68 31.91 29.38
CA SER Z 20 113.10 31.34 30.58
C SER Z 20 113.08 32.38 31.69
N LEU Z 21 111.98 32.41 32.44
CA LEU Z 21 111.82 33.35 33.54
C LEU Z 21 111.28 32.62 34.76
N ARG Z 22 111.72 33.10 35.94
CA ARG Z 22 111.35 32.51 37.21
C ARG Z 22 110.60 33.55 38.04
N LEU Z 23 109.43 33.18 38.54
CA LEU Z 23 108.58 34.07 39.31
C LEU Z 23 108.51 33.57 40.75
N SER Z 24 108.75 34.48 41.69
CA SER Z 24 108.85 34.13 43.11
C SER Z 24 107.83 34.93 43.90
N CYS Z 25 107.08 34.24 44.75
CA CYS Z 25 106.13 34.86 45.67
C CYS Z 25 106.48 34.43 47.08
N ALA Z 26 106.60 35.38 47.99
CA ALA Z 26 106.96 35.11 49.38
C ALA Z 26 105.71 35.11 50.24
N ALA Z 27 105.56 34.06 51.04
CA ALA Z 27 104.47 33.96 52.01
C ALA Z 27 105.03 34.04 53.42
N SER Z 28 104.48 34.93 54.23
CA SER Z 28 104.97 35.14 55.59
C SER Z 28 104.47 34.04 56.52
N HIS Z 36 97.85 25.89 49.62
CA HIS Z 36 97.18 26.06 48.33
C HIS Z 36 97.41 27.45 47.75
N MET Z 37 98.06 27.50 46.59
CA MET Z 37 98.41 28.76 45.92
C MET Z 37 97.91 28.72 44.49
N ARG Z 38 97.58 29.90 43.97
CA ARG Z 38 97.05 30.05 42.63
C ARG Z 38 97.72 31.23 41.94
N TRP Z 39 97.89 31.11 40.63
CA TRP Z 39 98.56 32.14 39.83
C TRP Z 39 97.60 32.71 38.80
N TYR Z 40 97.68 34.02 38.60
CA TYR Z 40 96.85 34.73 37.63
C TYR Z 40 97.70 35.70 36.82
N ARG Z 41 97.25 36.00 35.61
CA ARG Z 41 97.91 36.98 34.76
C ARG Z 41 96.87 37.95 34.21
N GLN Z 42 97.31 39.17 33.91
CA GLN Z 42 96.42 40.18 33.34
C GLN Z 42 97.18 40.89 32.22
N ARG Z 48 92.14 39.73 34.21
CA ARG Z 48 92.82 38.72 35.00
C ARG Z 48 92.45 37.32 34.52
N GLU Z 49 93.42 36.56 34.03
CA GLU Z 49 93.19 35.23 33.50
C GLU Z 49 93.85 34.18 34.38
N TRP Z 50 93.16 33.06 34.57
CA TRP Z 50 93.67 31.98 35.40
C TRP Z 50 94.86 31.30 34.74
N VAL Z 51 95.88 30.99 35.54
CA VAL Z 51 97.12 30.42 35.04
C VAL Z 51 97.32 28.97 35.51
N ALA Z 52 97.54 28.78 36.81
CA ALA Z 52 97.90 27.46 37.31
C ALA Z 52 97.62 27.39 38.81
N ALA Z 53 97.66 26.17 39.34
CA ALA Z 53 97.38 25.92 40.75
C ALA Z 53 98.34 24.90 41.32
N ILE Z 54 98.63 25.03 42.61
CA ILE Z 54 99.42 24.07 43.37
C ILE Z 54 98.69 23.79 44.68
N TYR Z 55 99.04 22.67 45.30
CA TYR Z 55 98.41 22.26 46.55
C TYR Z 55 99.38 22.38 47.72
N ALA Z 59 101.91 18.27 46.45
CA ALA Z 59 102.65 18.79 45.30
C ALA Z 59 101.88 18.57 44.01
N GLY Z 60 100.62 18.18 44.13
CA GLY Z 60 99.78 18.00 42.95
C GLY Z 60 99.55 19.34 42.26
N THR Z 61 99.72 19.34 40.95
CA THR Z 61 99.78 20.58 40.20
C THR Z 61 98.83 20.55 39.02
N HIS Z 62 98.30 21.73 38.68
CA HIS Z 62 97.31 21.90 37.63
C HIS Z 62 97.68 23.11 36.78
N TYR Z 63 97.53 22.99 35.46
CA TYR Z 63 97.86 24.08 34.55
C TYR Z 63 96.72 24.32 33.58
N ALA Z 64 96.55 25.58 33.15
CA ALA Z 64 95.58 25.88 32.11
C ALA Z 64 96.10 25.41 30.75
N ASP Z 65 95.15 25.04 29.87
CA ASP Z 65 95.52 24.52 28.56
C ASP Z 65 96.16 25.60 27.69
N SER Z 66 95.75 26.86 27.86
CA SER Z 66 96.37 27.95 27.11
C SER Z 66 97.83 28.14 27.50
N VAL Z 67 98.23 27.65 28.67
CA VAL Z 67 99.60 27.76 29.16
C VAL Z 67 100.21 26.39 29.42
N LYS Z 68 99.57 25.32 28.99
CA LYS Z 68 100.03 23.97 29.30
C LYS Z 68 101.31 23.64 28.56
N GLY Z 69 102.19 22.90 29.22
CA GLY Z 69 103.44 22.45 28.62
C GLY Z 69 104.54 23.48 28.54
N ARG Z 70 104.40 24.60 29.26
CA ARG Z 70 105.39 25.67 29.20
C ARG Z 70 105.84 26.08 30.60
N PHE Z 71 104.94 26.01 31.57
CA PHE Z 71 105.18 26.47 32.92
C PHE Z 71 105.20 25.31 33.90
N THR Z 72 106.03 25.43 34.94
CA THR Z 72 106.12 24.46 36.02
C THR Z 72 106.15 25.22 37.34
N ILE Z 73 105.33 24.78 38.29
CA ILE Z 73 105.21 25.43 39.59
C ILE Z 73 105.62 24.44 40.67
N SER Z 74 106.47 24.92 41.59
CA SER Z 74 106.83 24.17 42.79
C SER Z 74 106.94 25.15 43.94
N ARG Z 75 106.78 24.61 45.15
CA ARG Z 75 106.90 25.41 46.36
C ARG Z 75 107.63 24.62 47.42
N ASP Z 76 108.33 25.34 48.30
CA ASP Z 76 109.06 24.74 49.41
C ASP Z 76 108.57 25.37 50.71
N ASN Z 77 108.26 24.54 51.70
CA ASN Z 77 107.82 25.04 52.99
C ASN Z 77 108.96 25.60 53.81
N ALA Z 78 110.20 25.19 53.53
CA ALA Z 78 111.35 25.70 54.28
C ALA Z 78 111.52 27.20 54.09
N LYS Z 79 111.40 27.67 52.84
CA LYS Z 79 111.52 29.09 52.54
C LYS Z 79 110.18 29.81 52.46
N ASN Z 80 109.06 29.08 52.49
CA ASN Z 80 107.72 29.65 52.39
C ASN Z 80 107.57 30.50 51.12
N THR Z 81 108.12 30.01 50.02
CA THR Z 81 108.01 30.67 48.73
C THR Z 81 107.57 29.68 47.67
N VAL Z 82 106.87 30.19 46.67
CA VAL Z 82 106.40 29.39 45.54
C VAL Z 82 107.16 29.82 44.29
N TYR Z 83 107.77 28.85 43.61
CA TYR Z 83 108.60 29.11 42.46
C TYR Z 83 107.84 28.69 41.20
N LEU Z 84 107.77 29.58 40.22
CA LEU Z 84 107.02 29.32 38.99
C LEU Z 84 108.02 29.42 37.84
N GLN Z 85 108.39 28.26 37.29
CA GLN Z 85 109.43 28.20 36.26
C GLN Z 85 108.77 28.28 34.89
N MET Z 86 109.07 29.33 34.13
CA MET Z 86 108.49 29.54 32.82
C MET Z 86 109.53 29.28 31.73
N ASN Z 87 109.20 28.43 30.77
CA ASN Z 87 110.09 28.12 29.66
C ASN Z 87 109.48 28.58 28.34
N SER Z 88 110.35 29.04 27.44
CA SER Z 88 109.96 29.42 26.08
C SER Z 88 108.87 30.49 26.09
N LEU Z 89 109.20 31.64 26.67
CA LEU Z 89 108.28 32.76 26.66
C LEU Z 89 108.21 33.38 25.27
N LYS Z 90 107.09 34.01 24.99
CA LYS Z 90 106.79 34.64 23.71
C LYS Z 90 106.21 36.01 23.95
N PRO Z 91 106.23 36.89 22.94
CA PRO Z 91 105.59 38.21 23.12
C PRO Z 91 104.10 38.13 23.36
N GLU Z 92 103.45 37.00 23.03
CA GLU Z 92 102.02 36.89 23.23
C GLU Z 92 101.63 36.91 24.70
N ASP Z 93 102.44 36.30 25.57
CA ASP Z 93 102.15 36.26 27.00
C ASP Z 93 102.72 37.45 27.77
N THR Z 94 102.86 38.60 27.11
CA THR Z 94 103.29 39.82 27.78
C THR Z 94 102.16 40.31 28.68
N ALA Z 95 102.30 40.12 29.99
CA ALA Z 95 101.23 40.46 30.92
C ALA Z 95 101.81 40.60 32.32
N VAL Z 96 100.98 41.12 33.22
CA VAL Z 96 101.31 41.25 34.64
C VAL Z 96 100.73 40.05 35.38
N TYR Z 97 101.58 39.39 36.17
CA TYR Z 97 101.23 38.14 36.82
C TYR Z 97 101.00 38.36 38.31
N TYR Z 98 99.88 37.86 38.83
CA TYR Z 98 99.55 37.95 40.24
C TYR Z 98 99.60 36.57 40.88
N CYS Z 99 99.61 36.56 42.21
CA CYS Z 99 99.49 35.35 42.99
C CYS Z 99 98.26 35.42 43.87
N PHE Z 100 97.63 34.27 44.10
CA PHE Z 100 96.44 34.19 44.91
C PHE Z 100 96.51 32.94 45.78
N VAL Z 101 96.10 33.07 47.04
CA VAL Z 101 96.18 31.97 47.98
C VAL Z 101 94.85 31.22 48.10
N TYR Z 107 92.54 37.48 49.66
CA TYR Z 107 93.90 37.99 49.54
C TYR Z 107 94.37 37.94 48.08
N ILE Z 108 95.01 39.01 47.63
CA ILE Z 108 95.52 39.12 46.27
C ILE Z 108 96.94 39.66 46.32
N GLY Z 109 97.81 39.10 45.47
CA GLY Z 109 99.18 39.56 45.40
C GLY Z 109 99.34 40.87 44.68
N GLN Z 110 100.49 41.51 44.89
CA GLN Z 110 100.75 42.81 44.28
C GLN Z 110 100.91 42.70 42.77
N GLY Z 111 101.66 41.72 42.30
CA GLY Z 111 101.87 41.52 40.87
C GLY Z 111 103.07 42.27 40.35
N THR Z 112 103.75 41.64 39.38
CA THR Z 112 104.93 42.21 38.75
C THR Z 112 104.79 42.11 37.24
N GLN Z 113 105.21 43.16 36.54
CA GLN Z 113 105.02 43.24 35.10
C GLN Z 113 106.10 42.45 34.36
N VAL Z 114 105.67 41.61 33.43
CA VAL Z 114 106.58 40.82 32.59
C VAL Z 114 106.30 41.19 31.15
N THR Z 115 107.35 41.63 30.44
CA THR Z 115 107.26 42.03 29.05
C THR Z 115 108.23 41.22 28.21
N VAL Z 116 107.79 40.83 27.02
CA VAL Z 116 108.61 40.07 26.08
C VAL Z 116 108.71 40.84 24.78
N SER Z 117 109.93 41.08 24.32
CA SER Z 117 110.17 41.84 23.09
C SER Z 117 110.78 40.95 22.01
N GLN AA 4 87.29 73.74 42.38
CA GLN AA 4 88.70 73.83 42.77
C GLN AA 4 89.48 72.64 42.23
N VAL AA 5 88.77 71.63 41.75
CA VAL AA 5 89.38 70.41 41.26
C VAL AA 5 89.80 70.63 39.81
N GLN AA 6 91.11 70.49 39.54
CA GLN AA 6 91.66 70.68 38.21
C GLN AA 6 92.43 69.43 37.81
N LEU AA 7 92.19 68.96 36.58
CA LEU AA 7 92.89 67.81 36.03
C LEU AA 7 93.72 68.25 34.83
N VAL AA 8 95.01 67.93 34.88
CA VAL AA 8 95.93 68.23 33.79
C VAL AA 8 96.62 66.93 33.37
N GLU AA 9 96.84 66.78 32.08
CA GLU AA 9 97.50 65.59 31.53
C GLU AA 9 98.94 65.93 31.15
N SER AA 10 99.81 64.93 31.27
CA SER AA 10 101.21 65.10 30.95
C SER AA 10 101.81 63.74 30.60
N GLY AA 11 102.97 63.77 29.96
CA GLY AA 11 103.64 62.57 29.53
C GLY AA 11 103.39 62.15 28.10
N GLY AA 12 102.73 62.98 27.30
CA GLY AA 12 102.48 62.68 25.91
C GLY AA 12 103.65 63.05 25.03
N GLY AA 13 103.44 62.90 23.73
CA GLY AA 13 104.44 63.19 22.73
C GLY AA 13 104.35 62.20 21.58
N LEU AA 14 105.45 62.08 20.84
CA LEU AA 14 105.55 61.18 19.71
C LEU AA 14 106.46 60.02 20.07
N VAL AA 15 105.96 58.80 19.87
CA VAL AA 15 106.71 57.58 20.16
C VAL AA 15 106.60 56.65 18.96
N GLN AA 16 107.71 56.02 18.60
CA GLN AA 16 107.75 55.13 17.46
C GLN AA 16 107.07 53.81 17.80
N ALA AA 17 107.02 52.92 16.81
CA ALA AA 17 106.36 51.62 16.97
C ALA AA 17 107.09 50.76 17.99
N GLY AA 18 106.32 50.07 18.82
CA GLY AA 18 106.87 49.21 19.84
C GLY AA 18 107.34 49.91 21.10
N GLY AA 19 107.20 51.23 21.17
CA GLY AA 19 107.67 51.98 22.31
C GLY AA 19 106.70 51.95 23.48
N SER AA 20 107.16 52.52 24.59
CA SER AA 20 106.38 52.63 25.81
C SER AA 20 106.18 54.10 26.16
N LEU AA 21 104.97 54.44 26.61
CA LEU AA 21 104.64 55.80 26.98
C LEU AA 21 103.91 55.81 28.30
N ARG AA 22 104.14 56.87 29.08
CA ARG AA 22 103.56 57.04 30.41
C ARG AA 22 102.69 58.29 30.41
N LEU AA 23 101.45 58.15 30.87
CA LEU AA 23 100.49 59.25 30.90
C LEU AA 23 100.19 59.59 32.35
N SER AA 24 100.26 60.88 32.66
CA SER AA 24 100.12 61.36 34.03
C SER AA 24 99.00 62.37 34.10
N CYS AA 25 98.11 62.18 35.08
CA CYS AA 25 97.03 63.11 35.37
C CYS AA 25 97.12 63.53 36.82
N ALA AA 26 97.10 64.84 37.07
CA ALA AA 26 97.23 65.39 38.42
C ALA AA 26 95.86 65.75 38.96
N ALA AA 27 95.56 65.29 40.17
CA ALA AA 27 94.32 65.62 40.86
C ALA AA 27 94.65 66.50 42.07
N SER AA 28 93.98 67.64 42.16
CA SER AA 28 94.22 68.58 43.25
C SER AA 28 93.56 68.12 44.54
N HIS AA 36 88.13 57.01 42.33
CA HIS AA 36 87.69 56.41 41.06
C HIS AA 36 88.03 57.28 39.87
N MET AA 37 88.86 56.76 38.97
CA MET AA 37 89.31 57.48 37.80
C MET AA 37 89.07 56.64 36.55
N ARG AA 38 88.84 57.32 35.44
CA ARG AA 38 88.54 56.68 34.17
C ARG AA 38 89.33 57.35 33.05
N TRP AA 39 89.72 56.57 32.05
CA TRP AA 39 90.51 57.06 30.94
C TRP AA 39 89.74 56.89 29.63
N TYR AA 40 89.86 57.90 28.76
CA TYR AA 40 89.21 57.90 27.46
C TYR AA 40 90.20 58.35 26.39
N ARG AA 41 89.95 57.92 25.16
CA ARG AA 41 90.75 58.34 24.02
C ARG AA 41 89.82 58.77 22.89
N GLN AA 42 90.31 59.66 22.03
CA GLN AA 42 89.54 60.12 20.89
C GLN AA 42 90.47 60.19 19.68
N ARG AA 48 85.16 59.86 21.24
CA ARG AA 48 85.70 59.49 22.54
C ARG AA 48 85.40 58.03 22.85
N GLU AA 49 86.44 57.21 22.99
CA GLU AA 49 86.29 55.78 23.25
C GLU AA 49 86.78 55.45 24.64
N TRP AA 50 86.07 54.54 25.31
CA TRP AA 50 86.41 54.13 26.66
C TRP AA 50 87.69 53.30 26.65
N VAL AA 51 88.57 53.55 27.63
CA VAL AA 51 89.88 52.91 27.70
C VAL AA 51 89.99 51.97 28.90
N ALA AA 52 89.98 52.52 30.12
CA ALA AA 52 90.24 51.72 31.30
C ALA AA 52 89.72 52.44 32.54
N ALA AA 53 89.66 51.70 33.64
CA ALA AA 53 89.15 52.24 34.91
C ALA AA 53 89.99 51.76 36.07
N ILE AA 54 90.06 52.59 37.11
CA ILE AA 54 90.71 52.26 38.37
C ILE AA 54 89.78 52.67 39.51
N TYR AA 55 90.01 52.09 40.68
CA TYR AA 55 89.17 52.36 41.84
C TYR AA 55 89.93 53.18 42.88
N ALA AA 59 92.61 49.25 44.42
CA ALA AA 59 93.53 49.14 43.31
C ALA AA 59 93.00 48.19 42.25
N GLY AA 60 91.72 47.82 42.38
CA GLY AA 60 91.10 46.98 41.38
C GLY AA 60 90.99 47.71 40.06
N THR AA 61 91.38 47.02 38.99
CA THR AA 61 91.57 47.66 37.71
C THR AA 61 90.83 46.91 36.61
N HIS AA 62 90.38 47.68 35.61
CA HIS AA 62 89.58 47.17 34.51
C HIS AA 62 90.07 47.77 33.20
N TYR AA 63 90.16 46.94 32.15
CA TYR AA 63 90.63 47.40 30.85
C TYR AA 63 89.67 46.98 29.75
N ALA AA 64 89.58 47.78 28.70
CA ALA AA 64 88.82 47.39 27.52
C ALA AA 64 89.54 46.32 26.74
N ASP AA 65 88.75 45.45 26.09
CA ASP AA 65 89.34 44.35 25.32
C ASP AA 65 90.11 44.84 24.11
N SER AA 66 89.69 45.95 23.50
CA SER AA 66 90.43 46.51 22.39
C SER AA 66 91.81 47.02 22.81
N VAL AA 67 92.01 47.26 24.11
CA VAL AA 67 93.28 47.73 24.65
C VAL AA 67 93.83 46.77 25.70
N LYS AA 68 93.26 45.58 25.83
CA LYS AA 68 93.65 44.66 26.88
C LYS AA 68 95.04 44.10 26.63
N GLY AA 69 95.79 43.90 27.72
CA GLY AA 69 97.11 43.30 27.64
C GLY AA 69 98.22 44.23 27.18
N ARG AA 70 97.97 45.53 27.14
CA ARG AA 70 98.96 46.49 26.65
C ARG AA 70 99.18 47.62 27.64
N PHE AA 71 98.13 48.01 28.36
CA PHE AA 71 98.15 49.14 29.26
C PHE AA 71 98.00 48.69 30.70
N THR AA 72 98.65 49.42 31.60
CA THR AA 72 98.54 49.20 33.04
C THR AA 72 98.36 50.54 33.73
N ILE AA 73 97.39 50.62 34.63
CA ILE AA 73 97.06 51.86 35.34
C ILE AA 73 97.28 51.65 36.83
N SER AA 74 97.96 52.61 37.46
CA SER AA 74 98.12 52.66 38.90
C SER AA 74 98.03 54.10 39.34
N ARG AA 75 97.67 54.29 40.61
CA ARG AA 75 97.60 55.62 41.19
C ARG AA 75 98.14 55.59 42.61
N ASP AA 76 98.68 56.72 43.04
CA ASP AA 76 99.21 56.88 44.39
C ASP AA 76 98.53 58.07 45.04
N ASN AA 77 98.04 57.87 46.27
CA ASN AA 77 97.39 58.95 47.01
C ASN AA 77 98.39 59.97 47.55
N ALA AA 78 99.66 59.57 47.71
CA ALA AA 78 100.66 60.50 48.22
C ALA AA 78 100.88 61.67 47.26
N LYS AA 79 100.97 61.39 45.96
CA LYS AA 79 101.15 62.42 44.96
C LYS AA 79 99.85 62.87 44.31
N ASN AA 80 98.74 62.18 44.57
CA ASN AA 80 97.44 62.50 43.99
C ASN AA 80 97.51 62.51 42.46
N THR AA 81 98.22 61.55 41.88
CA THR AA 81 98.33 61.40 40.44
C THR AA 81 98.07 59.96 40.05
N VAL AA 82 97.56 59.79 38.84
CA VAL AA 82 97.27 58.47 38.28
C VAL AA 82 98.23 58.23 37.13
N TYR AA 83 98.94 57.10 37.17
CA TYR AA 83 99.96 56.77 36.19
C TYR AA 83 99.41 55.68 35.28
N LEU AA 84 99.50 55.89 33.96
CA LEU AA 84 98.97 54.95 32.99
C LEU AA 84 100.15 54.49 32.13
N GLN AA 85 100.60 53.26 32.34
CA GLN AA 85 101.80 52.75 31.68
C GLN AA 85 101.37 52.02 30.42
N MET AA 86 101.80 52.52 29.26
CA MET AA 86 101.45 51.94 27.97
C MET AA 86 102.66 51.23 27.37
N ASN AA 87 102.48 49.98 26.98
CA ASN AA 87 103.54 49.19 26.37
C ASN AA 87 103.16 48.82 24.94
N SER AA 88 104.17 48.79 24.07
CA SER AA 88 104.01 48.34 22.68
C SER AA 88 102.94 49.15 21.95
N LEU AA 89 103.19 50.45 21.85
CA LEU AA 89 102.28 51.32 21.11
C LEU AA 89 102.46 51.09 19.61
N LYS AA 90 101.40 51.37 18.87
CA LYS AA 90 101.33 51.18 17.43
C LYS AA 90 100.72 52.41 16.80
N PRO AA 91 100.92 52.62 15.49
CA PRO AA 91 100.27 53.75 14.83
C PRO AA 91 98.75 53.70 14.86
N GLU AA 92 98.16 52.51 15.11
CA GLU AA 92 96.71 52.39 15.12
C GLU AA 92 96.09 53.18 16.27
N ASP AA 93 96.74 53.21 17.43
CA ASP AA 93 96.21 53.92 18.59
C ASP AA 93 96.67 55.37 18.67
N THR AA 94 96.91 56.00 17.53
CA THR AA 94 97.24 57.42 17.48
C THR AA 94 95.96 58.21 17.79
N ALA AA 95 95.89 58.77 18.99
CA ALA AA 95 94.68 59.46 19.43
C ALA AA 95 95.02 60.39 20.59
N VAL AA 96 94.06 61.24 20.94
CA VAL AA 96 94.14 62.14 22.08
C VAL AA 96 93.45 61.48 23.27
N TYR AA 97 94.15 61.42 24.40
CA TYR AA 97 93.68 60.69 25.57
C TYR AA 97 93.21 61.67 26.64
N TYR AA 98 92.02 61.42 27.18
CA TYR AA 98 91.47 62.23 28.25
C TYR AA 98 91.39 61.42 29.54
N CYS AA 99 91.18 62.13 30.64
CA CYS AA 99 90.93 61.52 31.93
C CYS AA 99 89.56 61.96 32.44
N PHE AA 100 88.90 61.06 33.16
CA PHE AA 100 87.58 61.32 33.72
C PHE AA 100 87.50 60.75 35.12
N VAL AA 101 86.89 61.50 36.03
CA VAL AA 101 86.80 61.09 37.43
C VAL AA 101 85.47 60.41 37.74
N TYR AA 107 82.97 66.31 35.30
CA TYR AA 107 84.33 66.78 35.10
C TYR AA 107 85.04 66.00 34.00
N ILE AA 108 85.76 66.72 33.14
CA ILE AA 108 86.48 66.11 32.03
C ILE AA 108 87.89 66.72 31.97
N GLY AA 109 88.88 65.86 31.69
CA GLY AA 109 90.25 66.33 31.60
C GLY AA 109 90.54 67.05 30.29
N GLN AA 110 91.64 67.80 30.29
CA GLN AA 110 92.01 68.58 29.12
C GLN AA 110 92.42 67.69 27.95
N GLY AA 111 93.23 66.67 28.22
CA GLY AA 111 93.67 65.76 27.17
C GLY AA 111 94.94 66.21 26.50
N THR AA 112 95.77 65.23 26.14
CA THR AA 112 97.04 65.46 25.47
C THR AA 112 97.15 64.55 24.26
N GLN AA 113 97.69 65.09 23.17
CA GLN AA 113 97.75 64.37 21.91
C GLN AA 113 98.93 63.41 21.89
N VAL AA 114 98.66 62.15 21.51
CA VAL AA 114 99.68 61.12 21.38
C VAL AA 114 99.66 60.63 19.94
N THR AA 115 100.81 60.71 19.27
CA THR AA 115 100.95 60.29 17.88
C THR AA 115 102.04 59.25 17.77
N VAL AA 116 101.81 58.24 16.93
CA VAL AA 116 102.76 57.16 16.69
C VAL AA 116 103.08 57.12 15.21
N SER AA 117 104.37 57.18 14.88
CA SER AA 117 104.81 57.17 13.49
C SER AA 117 105.59 55.91 13.17
N GLN BA 4 79.92 92.01 7.51
CA GLN BA 4 81.21 92.42 8.05
C GLN BA 4 82.04 91.18 8.43
N VAL BA 5 81.39 90.03 8.47
CA VAL BA 5 82.04 88.80 8.88
C VAL BA 5 82.76 88.20 7.66
N GLN BA 6 84.08 88.03 7.78
CA GLN BA 6 84.91 87.51 6.71
C GLN BA 6 85.68 86.31 7.22
N LEU BA 7 85.67 85.22 6.46
CA LEU BA 7 86.42 84.01 6.79
C LEU BA 7 87.49 83.76 5.75
N VAL BA 8 88.74 83.62 6.20
CA VAL BA 8 89.87 83.34 5.34
C VAL BA 8 90.58 82.10 5.85
N GLU BA 9 91.04 81.26 4.94
CA GLU BA 9 91.75 80.04 5.30
C GLU BA 9 93.25 80.21 5.07
N SER BA 10 94.03 79.52 5.89
CA SER BA 10 95.48 79.58 5.80
C SER BA 10 96.06 78.32 6.40
N GLY BA 11 97.34 78.08 6.09
CA GLY BA 11 98.03 76.90 6.55
C GLY BA 11 98.05 75.74 5.58
N GLY BA 12 97.60 75.93 4.34
CA GLY BA 12 97.62 74.88 3.35
C GLY BA 12 98.96 74.79 2.65
N GLY BA 13 99.00 73.91 1.65
CA GLY BA 13 100.20 73.68 0.87
C GLY BA 13 100.30 72.22 0.49
N LEU BA 14 101.52 71.80 0.17
CA LEU BA 14 101.81 70.42 -0.22
C LEU BA 14 102.57 69.74 0.90
N VAL BA 15 102.08 68.58 1.32
CA VAL BA 15 102.70 67.79 2.39
C VAL BA 15 102.80 66.34 1.93
N GLN BA 16 103.93 65.71 2.20
CA GLN BA 16 104.16 64.34 1.79
C GLN BA 16 103.37 63.38 2.68
N ALA BA 17 103.49 62.09 2.37
CA ALA BA 17 102.75 61.06 3.10
C ALA BA 17 103.23 60.98 4.54
N GLY BA 18 102.27 60.81 5.45
CA GLY BA 18 102.57 60.71 6.86
C GLY BA 18 102.80 62.03 7.56
N GLY BA 19 102.71 63.15 6.85
CA GLY BA 19 102.97 64.44 7.45
C GLY BA 19 101.79 65.00 8.22
N SER BA 20 102.03 66.12 8.88
CA SER BA 20 101.04 66.83 9.65
C SER BA 20 100.83 68.22 9.07
N LEU BA 21 99.58 68.65 9.01
CA LEU BA 21 99.23 69.96 8.49
C LEU BA 21 98.25 70.66 9.41
N ARG BA 22 98.36 71.98 9.48
CA ARG BA 22 97.54 72.81 10.35
C ARG BA 22 96.74 73.79 9.48
N LEU BA 23 95.43 73.81 9.69
CA LEU BA 23 94.53 74.66 8.92
C LEU BA 23 93.95 75.73 9.83
N SER BA 24 94.02 76.98 9.38
CA SER BA 24 93.63 78.14 10.18
C SER BA 24 92.55 78.92 9.46
N CYS BA 25 91.47 79.24 10.19
CA CYS BA 25 90.40 80.09 9.68
C CYS BA 25 90.22 81.25 10.64
N ALA BA 26 90.21 82.47 10.10
CA ALA BA 26 90.08 83.67 10.89
C ALA BA 26 88.64 84.17 10.87
N ALA BA 27 88.09 84.44 12.05
CA ALA BA 27 86.76 85.01 12.18
C ALA BA 27 86.87 86.43 12.72
N SER BA 28 86.24 87.37 12.03
CA SER BA 28 86.31 88.78 12.43
C SER BA 28 85.38 89.06 13.60
N HIS BA 36 80.05 78.22 17.03
CA HIS BA 36 79.84 76.99 16.28
C HIS BA 36 80.44 77.07 14.87
N MET BA 37 81.42 76.21 14.61
CA MET BA 37 82.13 76.17 13.34
C MET BA 37 82.11 74.77 12.77
N ARG BA 38 82.13 74.69 11.44
CA ARG BA 38 82.06 73.43 10.73
C ARG BA 38 83.09 73.42 9.61
N TRP BA 39 83.64 72.25 9.30
CA TRP BA 39 84.65 72.09 8.28
C TRP BA 39 84.16 71.17 7.18
N TYR BA 40 84.50 71.52 5.94
CA TYR BA 40 84.12 70.76 4.76
C TYR BA 40 85.32 70.60 3.84
N ARG BA 41 85.31 69.54 3.04
CA ARG BA 41 86.33 69.31 2.04
C ARG BA 41 85.67 68.96 0.71
N GLN BA 42 86.37 69.26 -0.38
CA GLN BA 42 85.85 68.95 -1.71
C GLN BA 42 87.03 68.40 -2.54
N ARG BA 48 81.50 68.58 -2.12
CA ARG BA 48 81.74 69.04 -0.76
C ARG BA 48 81.33 67.99 0.26
N GLU BA 49 82.28 67.47 1.03
CA GLU BA 49 82.03 66.42 2.00
C GLU BA 49 82.21 66.95 3.42
N TRP BA 50 81.33 66.53 4.32
CA TRP BA 50 81.39 66.97 5.71
C TRP BA 50 82.61 66.38 6.41
N VAL BA 51 83.28 67.20 7.22
CA VAL BA 51 84.52 66.82 7.90
C VAL BA 51 84.34 66.72 9.41
N ALA BA 52 84.11 67.85 10.07
CA ALA BA 52 84.11 67.86 11.53
C ALA BA 52 83.37 69.11 12.02
N ALA BA 53 83.05 69.12 13.31
CA ALA BA 53 82.32 70.22 13.93
C ALA BA 53 82.90 70.54 15.30
N ILE BA 54 82.78 71.82 15.68
CA ILE BA 54 83.15 72.29 17.01
C ILE BA 54 82.03 73.19 17.51
N TYR BA 55 81.99 73.39 18.83
CA TYR BA 55 80.96 74.20 19.45
C TYR BA 55 81.53 75.51 19.97
N ALA BA 59 83.67 73.35 23.93
CA ALA BA 59 84.80 72.70 23.26
C ALA BA 59 84.44 71.28 22.85
N GLY BA 60 83.15 70.95 22.92
CA GLY BA 60 82.70 69.64 22.47
C GLY BA 60 82.90 69.49 20.97
N THR BA 61 83.47 68.37 20.58
CA THR BA 61 83.94 68.19 19.21
C THR BA 61 83.40 66.90 18.61
N HIS BA 62 83.19 66.95 17.30
CA HIS BA 62 82.61 65.84 16.54
C HIS BA 62 83.38 65.66 15.24
N TYR BA 63 83.64 64.39 14.88
CA TYR BA 63 84.39 64.08 13.67
C TYR BA 63 83.65 63.03 12.84
N ALA BA 64 83.81 63.11 11.51
CA ALA BA 64 83.28 62.07 10.64
C ALA BA 64 84.10 60.80 10.76
N ASP BA 65 83.42 59.66 10.57
CA ASP BA 65 84.11 58.38 10.68
C ASP BA 65 85.13 58.16 9.57
N SER BA 66 84.88 58.71 8.39
CA SER BA 66 85.85 58.61 7.31
C SER BA 66 87.14 59.37 7.63
N VAL BA 67 87.09 60.31 8.57
CA VAL BA 67 88.23 61.10 8.99
C VAL BA 67 88.54 60.94 10.47
N LYS BA 68 87.88 59.98 11.14
CA LYS BA 68 88.02 59.85 12.59
C LYS BA 68 89.41 59.35 12.96
N GLY BA 69 89.92 59.85 14.09
CA GLY BA 69 91.21 59.42 14.61
C GLY BA 69 92.41 60.00 13.92
N ARG BA 70 92.23 61.05 13.12
CA ARG BA 70 93.34 61.64 12.37
C ARG BA 70 93.41 63.15 12.58
N PHE BA 71 92.25 63.78 12.73
CA PHE BA 71 92.13 65.23 12.83
C PHE BA 71 91.67 65.64 14.22
N THR BA 72 92.16 66.80 14.66
CA THR BA 72 91.75 67.40 15.91
C THR BA 72 91.50 68.89 15.69
N ILE BA 73 90.37 69.39 16.18
CA ILE BA 73 89.96 70.77 16.00
C ILE BA 73 89.87 71.45 17.36
N SER BA 74 90.45 72.64 17.44
CA SER BA 74 90.32 73.50 18.61
C SER BA 74 90.20 74.94 18.14
N ARG BA 75 89.61 75.77 18.99
CA ARG BA 75 89.47 77.19 18.69
C ARG BA 75 89.71 78.00 19.95
N ASP BA 76 90.21 79.22 19.77
CA ASP BA 76 90.46 80.14 20.87
C ASP BA 76 89.72 81.43 20.60
N ASN BA 77 88.98 81.92 21.60
CA ASN BA 77 88.25 83.17 21.46
C ASN BA 77 89.16 84.39 21.52
N ALA BA 78 90.35 84.25 22.11
CA ALA BA 78 91.26 85.39 22.19
C ALA BA 78 91.71 85.83 20.81
N LYS BA 79 92.06 84.88 19.94
CA LYS BA 79 92.48 85.19 18.58
C LYS BA 79 91.36 85.09 17.56
N ASN BA 80 90.20 84.58 17.95
CA ASN BA 80 89.05 84.41 17.05
C ASN BA 80 89.41 83.57 15.83
N THR BA 81 90.20 82.53 16.05
CA THR BA 81 90.59 81.61 14.98
C THR BA 81 90.35 80.18 15.43
N VAL BA 82 90.07 79.31 14.45
CA VAL BA 82 89.85 77.89 14.69
C VAL BA 82 91.02 77.13 14.07
N TYR BA 83 91.65 76.29 14.88
CA TYR BA 83 92.84 75.54 14.46
C TYR BA 83 92.44 74.08 14.24
N LEU BA 84 92.80 73.53 13.09
CA LEU BA 84 92.44 72.17 12.72
C LEU BA 84 93.74 71.41 12.51
N GLN BA 85 94.09 70.54 13.47
CA GLN BA 85 95.37 69.84 13.44
C GLN BA 85 95.18 68.50 12.75
N MET BA 86 95.86 68.30 11.63
CA MET BA 86 95.74 67.08 10.85
C MET BA 86 97.02 66.25 10.99
N ASN BA 87 96.86 64.98 11.36
CA ASN BA 87 97.99 64.07 11.50
C ASN BA 87 97.90 62.94 10.50
N SER BA 88 99.05 62.51 9.99
CA SER BA 88 99.17 61.35 9.10
C SER BA 88 98.30 61.52 7.85
N LEU BA 89 98.60 62.57 7.09
CA LEU BA 89 97.92 62.79 5.83
C LEU BA 89 98.37 61.78 4.78
N LYS BA 90 97.50 61.51 3.84
CA LYS BA 90 97.72 60.56 2.77
C LYS BA 90 97.30 61.18 1.45
N PRO BA 91 97.76 60.63 0.32
CA PRO BA 91 97.31 61.15 -0.98
C PRO BA 91 95.81 60.99 -1.21
N GLU BA 92 95.14 60.11 -0.46
CA GLU BA 92 93.71 59.91 -0.65
C GLU BA 92 92.91 61.15 -0.29
N ASP BA 93 93.31 61.88 0.75
CA ASP BA 93 92.58 63.06 1.19
C ASP BA 93 93.07 64.34 0.52
N THR BA 94 93.58 64.24 -0.70
CA THR BA 94 93.97 65.42 -1.48
C THR BA 94 92.69 66.15 -1.91
N ALA BA 95 92.40 67.28 -1.28
CA ALA BA 95 91.16 67.99 -1.54
C ALA BA 95 91.30 69.43 -1.07
N VAL BA 96 90.32 70.24 -1.44
CA VAL BA 96 90.21 71.64 -1.01
C VAL BA 96 89.27 71.70 0.18
N TYR BA 97 89.72 72.33 1.26
CA TYR BA 97 88.99 72.35 2.53
C TYR BA 97 88.36 73.72 2.75
N TYR BA 98 87.08 73.72 3.09
CA TYR BA 98 86.35 74.95 3.40
C TYR BA 98 85.99 74.99 4.88
N CYS BA 99 85.59 76.18 5.33
CA CYS BA 99 85.06 76.37 6.67
C CYS BA 99 83.64 76.91 6.57
N PHE BA 100 82.81 76.52 7.53
CA PHE BA 100 81.42 76.93 7.57
C PHE BA 100 81.04 77.24 9.01
N VAL BA 101 80.28 78.33 9.20
CA VAL BA 101 79.90 78.76 10.54
C VAL BA 101 78.50 78.27 10.92
N TYR BA 107 76.80 81.58 5.17
CA TYR BA 107 78.20 81.97 5.01
C TYR BA 107 79.07 80.76 4.69
N ILE BA 108 79.98 80.93 3.73
CA ILE BA 108 80.89 79.86 3.31
C ILE BA 108 82.30 80.44 3.19
N GLY BA 109 83.29 79.66 3.64
CA GLY BA 109 84.66 80.10 3.56
C GLY BA 109 85.24 79.99 2.16
N GLN BA 110 86.36 80.70 1.95
CA GLN BA 110 86.98 80.72 0.63
C GLN BA 110 87.58 79.36 0.27
N GLY BA 111 88.27 78.74 1.21
CA GLY BA 111 88.87 77.44 0.96
C GLY BA 111 90.28 77.53 0.42
N THR BA 112 91.11 76.58 0.83
CA THR BA 112 92.50 76.50 0.40
C THR BA 112 92.83 75.08 -0.04
N GLN BA 113 93.60 74.96 -1.12
CA GLN BA 113 93.87 73.67 -1.71
C GLN BA 113 94.99 72.95 -0.96
N VAL BA 114 94.74 71.69 -0.62
CA VAL BA 114 95.72 70.84 0.05
C VAL BA 114 95.98 69.63 -0.84
N THR BA 115 97.24 69.42 -1.20
CA THR BA 115 97.64 68.31 -2.07
C THR BA 115 98.69 67.47 -1.36
N VAL BA 116 98.58 66.15 -1.52
CA VAL BA 116 99.52 65.20 -0.92
C VAL BA 116 100.13 64.36 -2.03
N SER BA 117 101.45 64.33 -2.08
CA SER BA 117 102.16 63.58 -3.11
C SER BA 117 102.95 62.43 -2.51
N GLN CA 4 79.50 86.54 -32.09
CA GLN CA 4 80.68 87.28 -31.67
C GLN CA 4 81.39 86.56 -30.53
N VAL CA 5 80.72 85.57 -29.95
CA VAL CA 5 81.26 84.84 -28.81
C VAL CA 5 82.18 83.74 -29.34
N GLN CA 6 83.44 83.79 -28.93
CA GLN CA 6 84.44 82.81 -29.35
C GLN CA 6 85.08 82.19 -28.13
N LEU CA 7 85.20 80.86 -28.13
CA LEU CA 7 85.83 80.12 -27.05
C LEU CA 7 87.07 79.43 -27.58
N VAL CA 8 88.21 79.68 -26.93
CA VAL CA 8 89.48 79.06 -27.27
C VAL CA 8 90.05 78.39 -26.03
N GLU CA 9 90.66 77.23 -26.21
CA GLU CA 9 91.25 76.49 -25.12
C GLU CA 9 92.77 76.63 -25.15
N SER CA 10 93.38 76.60 -23.95
CA SER CA 10 94.81 76.73 -23.82
C SER CA 10 95.25 76.07 -22.53
N GLY CA 11 96.56 75.81 -22.42
CA GLY CA 11 97.13 75.15 -21.27
C GLY CA 11 97.30 73.65 -21.39
N GLY CA 12 97.10 73.09 -22.57
CA GLY CA 12 97.27 71.67 -22.78
C GLY CA 12 98.73 71.31 -23.07
N GLY CA 13 98.94 70.04 -23.37
CA GLY CA 13 100.25 69.52 -23.67
C GLY CA 13 100.39 68.11 -23.14
N LEU CA 14 101.64 67.69 -22.96
CA LEU CA 14 101.96 66.36 -22.45
C LEU CA 14 102.50 66.49 -21.02
N VAL CA 15 101.90 65.73 -20.10
CA VAL CA 15 102.28 65.73 -18.70
C VAL CA 15 102.44 64.29 -18.23
N GLN CA 16 103.49 64.02 -17.47
CA GLN CA 16 103.75 62.68 -16.99
C GLN CA 16 102.79 62.31 -15.86
N ALA CA 17 102.94 61.09 -15.36
CA ALA CA 17 102.05 60.58 -14.32
C ALA CA 17 102.24 61.36 -13.02
N GLY CA 18 101.13 61.64 -12.35
CA GLY CA 18 101.16 62.38 -11.10
C GLY CA 18 101.28 63.88 -11.24
N GLY CA 19 101.34 64.40 -12.46
CA GLY CA 19 101.51 65.81 -12.67
C GLY CA 19 100.22 66.60 -12.57
N SER CA 20 100.37 67.92 -12.62
CA SER CA 20 99.25 68.84 -12.57
C SER CA 20 99.19 69.65 -13.86
N LEU CA 21 97.98 69.87 -14.36
CA LEU CA 21 97.78 70.62 -15.59
C LEU CA 21 96.65 71.61 -15.40
N ARG CA 22 96.78 72.76 -16.07
CA ARG CA 22 95.82 73.85 -15.98
C ARG CA 22 95.23 74.10 -17.36
N LEU CA 23 93.90 74.13 -17.43
CA LEU CA 23 93.18 74.32 -18.68
C LEU CA 23 92.46 75.66 -18.66
N SER CA 24 92.65 76.44 -19.71
CA SER CA 24 92.14 77.81 -19.77
C SER CA 24 91.23 77.96 -20.99
N CYS CA 25 90.05 78.53 -20.76
CA CYS CA 25 89.12 78.84 -21.83
C CYS CA 25 88.77 80.33 -21.75
N ALA CA 26 88.89 81.03 -22.87
CA ALA CA 26 88.65 82.47 -22.94
C ALA CA 26 87.25 82.73 -23.47
N ALA CA 27 86.49 83.56 -22.77
CA ALA CA 27 85.16 83.98 -23.20
C ALA CA 27 85.20 85.47 -23.55
N SER CA 28 84.74 85.80 -24.75
CA SER CA 28 84.77 87.18 -25.21
C SER CA 28 83.64 88.00 -24.58
N HIS CA 36 77.50 80.48 -16.59
CA HIS CA 36 77.42 79.03 -16.54
C HIS CA 36 78.28 78.37 -17.62
N MET CA 37 79.27 77.60 -17.17
CA MET CA 37 80.20 76.93 -18.07
C MET CA 37 80.26 75.45 -17.74
N ARG CA 38 80.54 74.64 -18.76
CA ARG CA 38 80.57 73.20 -18.64
C ARG CA 38 81.80 72.66 -19.37
N TRP CA 39 82.36 71.57 -18.85
CA TRP CA 39 83.55 70.96 -19.42
C TRP CA 39 83.25 69.54 -19.87
N TYR CA 40 83.83 69.17 -21.02
CA TYR CA 40 83.66 67.84 -21.59
C TYR CA 40 85.02 67.31 -22.05
N ARG CA 41 85.13 65.98 -22.10
CA ARG CA 41 86.33 65.33 -22.61
C ARG CA 41 85.92 64.24 -23.59
N GLN CA 42 86.82 63.95 -24.52
CA GLN CA 42 86.56 62.90 -25.51
C GLN CA 42 87.85 62.09 -25.68
N ARG CA 48 82.35 61.98 -26.36
CA ARG CA 48 82.35 63.14 -25.49
C ARG CA 48 81.71 62.80 -24.14
N GLU CA 49 82.49 62.89 -23.06
CA GLU CA 49 82.04 62.55 -21.73
C GLU CA 49 81.96 63.79 -20.85
N TRP CA 50 80.93 63.86 -20.03
CA TRP CA 50 80.72 65.01 -19.16
C TRP CA 50 81.77 65.03 -18.05
N VAL CA 51 82.29 66.22 -17.75
CA VAL CA 51 83.37 66.39 -16.77
C VAL CA 51 82.91 67.14 -15.53
N ALA CA 52 82.59 68.42 -15.67
CA ALA CA 52 82.30 69.24 -14.51
C ALA CA 52 81.52 70.48 -14.93
N ALA CA 53 80.96 71.17 -13.94
CA ALA CA 53 80.15 72.36 -14.19
C ALA CA 53 80.46 73.44 -13.17
N ILE CA 54 80.31 74.70 -13.60
CA ILE CA 54 80.42 75.86 -12.74
C ILE CA 54 79.25 76.79 -13.04
N TYR CA 55 78.97 77.68 -12.08
CA TYR CA 55 77.85 78.60 -12.21
C TYR CA 55 78.34 80.03 -12.44
N ALA CA 59 79.64 80.64 -7.65
CA ALA CA 59 80.87 79.84 -7.63
C ALA CA 59 80.56 78.40 -7.24
N GLY CA 60 79.28 78.05 -7.21
CA GLY CA 60 78.90 76.69 -6.91
C GLY CA 60 79.36 75.75 -8.00
N THR CA 61 79.97 74.64 -7.58
CA THR CA 61 80.68 73.78 -8.50
C THR CA 61 80.25 72.33 -8.36
N HIS CA 62 80.29 71.62 -9.48
CA HIS CA 62 79.83 70.23 -9.56
C HIS CA 62 80.84 69.43 -10.37
N TYR CA 63 81.13 68.20 -9.92
CA TYR CA 63 82.09 67.33 -10.58
C TYR CA 63 81.50 65.95 -10.80
N ALA CA 64 81.92 65.28 -11.87
CA ALA CA 64 81.53 63.90 -12.08
C ALA CA 64 82.28 62.98 -11.13
N ASP CA 65 81.63 61.87 -10.75
CA ASP CA 65 82.25 60.93 -9.82
C ASP CA 65 83.46 60.24 -10.43
N SER CA 66 83.45 60.00 -11.74
CA SER CA 66 84.61 59.41 -12.39
C SER CA 66 85.83 60.32 -12.34
N VAL CA 67 85.62 61.62 -12.11
CA VAL CA 67 86.69 62.60 -12.03
C VAL CA 67 86.69 63.33 -10.70
N LYS CA 68 85.91 62.85 -9.73
CA LYS CA 68 85.76 63.56 -8.46
C LYS CA 68 87.04 63.49 -7.64
N GLY CA 69 87.34 64.57 -6.92
CA GLY CA 69 88.49 64.62 -6.05
C GLY CA 69 89.82 64.83 -6.72
N ARG CA 70 89.83 65.22 -8.00
CA ARG CA 70 91.06 65.40 -8.74
C ARG CA 70 91.13 66.76 -9.42
N PHE CA 71 89.98 67.27 -9.84
CA PHE CA 71 89.87 68.50 -10.60
C PHE CA 71 89.17 69.58 -9.80
N THR CA 72 89.59 70.82 -10.01
CA THR CA 72 88.97 71.99 -9.40
C THR CA 72 88.79 73.06 -10.47
N ILE CA 73 87.61 73.65 -10.54
CA ILE CA 73 87.27 74.65 -11.55
C ILE CA 73 86.93 75.96 -10.85
N SER CA 74 87.51 77.05 -11.35
CA SER CA 74 87.18 78.39 -10.91
C SER CA 74 87.20 79.31 -12.12
N ARG CA 75 86.46 80.41 -12.01
CA ARG CA 75 86.42 81.40 -13.08
C ARG CA 75 86.43 82.80 -12.47
N ASP CA 76 86.99 83.75 -13.23
CA ASP CA 76 87.05 85.14 -12.82
C ASP CA 76 86.39 85.99 -13.89
N ASN CA 77 85.49 86.89 -13.48
CA ASN CA 77 84.83 87.77 -14.42
C ASN CA 77 85.74 88.89 -14.91
N ALA CA 78 86.79 89.21 -14.15
CA ALA CA 78 87.70 90.28 -14.57
C ALA CA 78 88.42 89.92 -15.86
N LYS CA 79 88.89 88.67 -15.98
CA LYS CA 79 89.58 88.21 -17.18
C LYS CA 79 88.67 87.46 -18.13
N ASN CA 80 87.43 87.15 -17.73
CA ASN CA 80 86.48 86.41 -18.55
C ASN CA 80 87.05 85.07 -19.01
N THR CA 81 87.76 84.40 -18.10
CA THR CA 81 88.32 83.08 -18.37
C THR CA 81 87.96 82.13 -17.25
N VAL CA 82 87.87 80.84 -17.60
CA VAL CA 82 87.57 79.78 -16.64
C VAL CA 82 88.81 78.91 -16.51
N TYR CA 83 89.26 78.73 -15.27
CA TYR CA 83 90.48 77.98 -14.99
C TYR CA 83 90.11 76.62 -14.41
N LEU CA 84 90.67 75.56 -14.97
CA LEU CA 84 90.36 74.19 -14.55
C LEU CA 84 91.66 73.57 -14.07
N GLN CA 85 91.79 73.42 -12.76
CA GLN CA 85 93.04 72.95 -12.16
C GLN CA 85 92.95 71.43 -12.00
N MET CA 86 93.82 70.70 -12.68
CA MET CA 86 93.83 69.25 -12.64
C MET CA 86 95.04 68.76 -11.84
N ASN CA 87 94.80 67.90 -10.86
CA ASN CA 87 95.85 67.33 -10.03
C ASN CA 87 95.93 65.83 -10.22
N SER CA 88 97.15 65.29 -10.19
CA SER CA 88 97.40 63.86 -10.24
C SER CA 88 96.79 63.22 -11.49
N LEU CA 89 97.26 63.69 -12.64
CA LEU CA 89 96.83 63.11 -13.91
C LEU CA 89 97.45 61.73 -14.11
N LYS CA 90 96.77 60.90 -14.86
CA LYS CA 90 97.17 59.53 -15.14
C LYS CA 90 97.02 59.27 -16.63
N PRO CA 91 97.67 58.23 -17.16
CA PRO CA 91 97.48 57.90 -18.57
C PRO CA 91 96.06 57.50 -18.93
N GLU CA 92 95.24 57.13 -17.94
CA GLU CA 92 93.87 56.74 -18.22
C GLU CA 92 93.03 57.89 -18.76
N ASP CA 93 93.24 59.11 -18.26
CA ASP CA 93 92.47 60.27 -18.70
C ASP CA 93 93.12 60.99 -19.89
N THR CA 94 93.84 60.26 -20.74
CA THR CA 94 94.39 60.83 -21.96
C THR CA 94 93.25 61.08 -22.94
N ALA CA 95 92.86 62.34 -23.11
CA ALA CA 95 91.72 62.67 -23.93
C ALA CA 95 91.79 64.14 -24.34
N VAL CA 96 90.91 64.51 -25.27
CA VAL CA 96 90.77 65.90 -25.72
C VAL CA 96 89.61 66.53 -24.96
N TYR CA 97 89.86 67.70 -24.38
CA TYR CA 97 88.91 68.35 -23.47
C TYR CA 97 88.28 69.54 -24.17
N TYR CA 98 86.96 69.62 -24.12
CA TYR CA 98 86.21 70.74 -24.69
C TYR CA 98 85.58 71.57 -23.58
N CYS CA 99 85.12 72.76 -23.96
CA CYS CA 99 84.35 73.62 -23.07
C CYS CA 99 82.99 73.89 -23.70
N PHE CA 100 81.98 74.02 -22.84
CA PHE CA 100 80.62 74.27 -23.28
C PHE CA 100 79.98 75.29 -22.35
N VAL CA 101 79.22 76.22 -22.93
CA VAL CA 101 78.59 77.30 -22.16
C VAL CA 101 77.15 76.98 -21.81
N TYR CA 107 76.65 76.35 -28.62
CA TYR CA 107 78.06 76.70 -28.73
C TYR CA 107 78.95 75.61 -28.16
N ILE CA 108 80.02 75.29 -28.88
CA ILE CA 108 80.98 74.26 -28.46
C ILE CA 108 82.39 74.80 -28.64
N GLY CA 109 83.27 74.49 -27.68
CA GLY CA 109 84.63 74.93 -27.75
C GLY CA 109 85.46 74.12 -28.72
N GLN CA 110 86.61 74.68 -29.11
CA GLN CA 110 87.48 74.02 -30.08
C GLN CA 110 88.11 72.75 -29.50
N GLY CA 111 88.60 72.82 -28.27
CA GLY CA 111 89.21 71.66 -27.63
C GLY CA 111 90.69 71.56 -27.90
N THR CA 112 91.41 71.07 -26.89
CA THR CA 112 92.85 70.90 -26.95
C THR CA 112 93.22 69.51 -26.45
N GLN CA 113 94.17 68.88 -27.12
CA GLN CA 113 94.53 67.50 -26.83
C GLN CA 113 95.47 67.43 -25.63
N VAL CA 114 95.13 66.56 -24.67
CA VAL CA 114 95.96 66.32 -23.50
C VAL CA 114 96.34 64.85 -23.48
N THR CA 115 97.65 64.58 -23.44
CA THR CA 115 98.17 63.22 -23.44
C THR CA 115 99.05 63.02 -22.22
N VAL CA 116 98.94 61.83 -21.62
CA VAL CA 116 99.73 61.47 -20.45
C VAL CA 116 100.52 60.21 -20.76
N SER CA 117 101.83 60.26 -20.56
CA SER CA 117 102.71 59.14 -20.85
C SER CA 117 103.34 58.58 -19.58
N GLN DA 4 85.78 60.76 -61.39
CA GLN DA 4 86.91 61.69 -61.29
C GLN DA 4 87.41 61.77 -59.85
N VAL DA 5 86.62 61.23 -58.93
CA VAL DA 5 86.95 61.28 -57.51
C VAL DA 5 87.91 60.14 -57.19
N GLN DA 6 89.09 60.48 -56.69
CA GLN DA 6 90.12 59.50 -56.35
C GLN DA 6 90.54 59.70 -54.90
N LEU DA 7 90.61 58.60 -54.16
CA LEU DA 7 91.04 58.63 -52.76
C LEU DA 7 92.34 57.84 -52.62
N VAL DA 8 93.36 58.49 -52.07
CA VAL DA 8 94.66 57.86 -51.82
C VAL DA 8 95.00 58.03 -50.34
N GLU DA 9 95.59 57.00 -49.76
CA GLU DA 9 95.99 57.03 -48.36
C GLU DA 9 97.50 57.24 -48.23
N SER DA 10 97.90 57.91 -47.16
CA SER DA 10 99.31 58.18 -46.91
C SER DA 10 99.51 58.38 -45.41
N GLY DA 11 100.77 58.30 -45.01
CA GLY DA 11 101.14 58.43 -43.61
C GLY DA 11 101.28 57.14 -42.84
N GLY DA 12 101.25 55.99 -43.52
CA GLY DA 12 101.43 54.71 -42.88
C GLY DA 12 102.88 54.35 -42.70
N GLY DA 13 103.10 53.14 -42.21
CA GLY DA 13 104.43 52.62 -41.97
C GLY DA 13 104.44 51.76 -40.72
N LEU DA 14 105.63 51.59 -40.15
CA LEU DA 14 105.83 50.80 -38.95
C LEU DA 14 106.14 51.73 -37.78
N VAL DA 15 105.38 51.57 -36.70
CA VAL DA 15 105.54 52.38 -35.49
C VAL DA 15 105.57 51.44 -34.29
N GLN DA 16 106.48 51.72 -33.36
CA GLN DA 16 106.63 50.88 -32.18
C GLN DA 16 105.49 51.15 -31.20
N ALA DA 17 105.52 50.42 -30.08
CA ALA DA 17 104.47 50.53 -29.08
C ALA DA 17 104.47 51.90 -28.42
N GLY DA 18 103.28 52.44 -28.20
CA GLY DA 18 103.13 53.75 -27.58
C GLY DA 18 103.32 54.92 -28.52
N GLY DA 19 103.59 54.66 -29.79
CA GLY DA 19 103.84 55.74 -30.73
C GLY DA 19 102.57 56.37 -31.27
N SER DA 20 102.76 57.44 -32.03
CA SER DA 20 101.68 58.17 -32.67
C SER DA 20 101.84 58.11 -34.19
N LEU DA 21 100.74 57.94 -34.89
CA LEU DA 21 100.76 57.87 -36.34
C LEU DA 21 99.63 58.74 -36.91
N ARG DA 22 99.90 59.31 -38.08
CA ARG DA 22 98.99 60.22 -38.76
C ARG DA 22 98.62 59.61 -40.10
N LEU DA 23 97.32 59.51 -40.38
CA LEU DA 23 96.81 58.93 -41.61
C LEU DA 23 96.15 60.01 -42.44
N SER DA 24 96.51 60.09 -43.71
CA SER DA 24 96.07 61.15 -44.60
C SER DA 24 95.36 60.55 -45.81
N CYS DA 25 94.18 61.07 -46.12
CA CYS DA 25 93.43 60.69 -47.31
C CYS DA 25 93.14 61.94 -48.11
N ALA DA 26 93.44 61.90 -49.41
CA ALA DA 26 93.26 63.04 -50.30
C ALA DA 26 91.97 62.87 -51.09
N ALA DA 27 91.14 63.91 -51.09
CA ALA DA 27 89.91 63.93 -51.87
C ALA DA 27 90.04 64.98 -52.98
N SER DA 28 89.79 64.56 -54.22
CA SER DA 28 89.92 65.45 -55.36
C SER DA 28 88.74 66.40 -55.47
N HIS DA 36 81.20 64.23 -45.66
CA HIS DA 36 81.06 63.05 -44.81
C HIS DA 36 82.06 61.96 -45.20
N MET DA 37 82.94 61.62 -44.26
CA MET DA 37 83.99 60.63 -44.48
C MET DA 37 83.94 59.59 -43.37
N ARG DA 38 84.35 58.37 -43.72
CA ARG DA 38 84.33 57.24 -42.80
C ARG DA 38 85.63 56.47 -42.92
N TRP DA 39 86.08 55.89 -41.81
CA TRP DA 39 87.33 55.14 -41.75
C TRP DA 39 87.06 53.69 -41.38
N TYR DA 40 87.80 52.78 -42.02
CA TYR DA 40 87.68 51.35 -41.77
C TYR DA 40 89.07 50.74 -41.65
N ARG DA 41 89.15 49.62 -40.93
CA ARG DA 41 90.39 48.87 -40.81
C ARG DA 41 90.11 47.40 -41.07
N GLN DA 42 91.13 46.69 -41.54
CA GLN DA 42 91.00 45.26 -41.78
C GLN DA 42 92.27 44.57 -41.28
N ARG DA 48 86.95 43.76 -42.59
CA ARG DA 48 86.84 45.21 -42.52
C ARG DA 48 86.00 45.63 -41.33
N GLU DA 49 86.60 46.36 -40.38
CA GLU DA 49 85.93 46.78 -39.17
C GLU DA 49 85.76 48.30 -39.16
N TRP DA 50 84.61 48.75 -38.68
CA TRP DA 50 84.31 50.17 -38.63
C TRP DA 50 85.17 50.87 -37.58
N VAL DA 51 85.67 52.05 -37.92
CA VAL DA 51 86.60 52.80 -37.07
C VAL DA 51 85.96 54.08 -36.54
N ALA DA 52 85.70 55.05 -37.42
CA ALA DA 52 85.26 56.36 -36.96
C ALA DA 52 84.60 57.10 -38.12
N ALA DA 53 83.91 58.19 -37.78
CA ALA DA 53 83.19 58.99 -38.77
C ALA DA 53 83.36 60.48 -38.49
N ILE DA 54 83.32 61.27 -39.57
CA ILE DA 54 83.35 62.72 -39.50
C ILE DA 54 82.25 63.24 -40.42
N TYR DA 55 81.85 64.49 -40.19
CA TYR DA 55 80.80 65.12 -40.98
C TYR DA 55 81.36 66.21 -41.88
N ALA DA 59 81.91 69.45 -38.12
CA ALA DA 59 83.09 68.88 -37.48
C ALA DA 59 82.69 67.88 -36.40
N GLY DA 60 81.41 67.53 -36.37
CA GLY DA 60 80.94 66.54 -35.42
C GLY DA 60 81.54 65.19 -35.72
N THR DA 61 82.04 64.54 -34.67
CA THR DA 61 82.87 63.36 -34.83
C THR DA 61 82.36 62.21 -33.97
N HIS DA 62 82.56 61.00 -34.49
CA HIS DA 62 82.09 59.77 -33.85
C HIS DA 62 83.18 58.71 -33.91
N TYR DA 63 83.36 57.98 -32.81
CA TYR DA 63 84.38 56.94 -32.73
C TYR DA 63 83.78 55.64 -32.22
N ALA DA 64 84.35 54.52 -32.66
CA ALA DA 64 83.96 53.23 -32.13
C ALA DA 64 84.53 53.04 -30.72
N ASP DA 65 83.79 52.29 -29.89
CA ASP DA 65 84.22 52.07 -28.52
C ASP DA 65 85.49 51.23 -28.44
N SER DA 66 85.68 50.31 -29.38
CA SER DA 66 86.92 49.53 -29.40
C SER DA 66 88.13 50.39 -29.69
N VAL DA 67 87.93 51.58 -30.27
CA VAL DA 67 89.00 52.51 -30.60
C VAL DA 67 88.82 53.85 -29.91
N LYS DA 68 87.88 53.95 -28.96
CA LYS DA 68 87.56 55.23 -28.35
C LYS DA 68 88.69 55.70 -27.44
N GLY DA 69 88.90 57.02 -27.43
CA GLY DA 69 89.91 57.62 -26.56
C GLY DA 69 91.33 57.50 -27.05
N ARG DA 70 91.55 57.12 -28.29
CA ARG DA 70 92.90 56.93 -28.82
C ARG DA 70 93.10 57.68 -30.13
N PHE DA 71 92.05 57.80 -30.93
CA PHE DA 71 92.11 58.39 -32.25
C PHE DA 71 91.32 59.69 -32.30
N THR DA 72 91.80 60.63 -33.11
CA THR DA 72 91.13 61.90 -33.36
C THR DA 72 91.16 62.18 -34.84
N ILE DA 73 90.02 62.55 -35.41
CA ILE DA 73 89.87 62.80 -36.84
C ILE DA 73 89.47 64.26 -37.05
N SER DA 74 90.15 64.91 -37.98
CA SER DA 74 89.80 66.26 -38.42
C SER DA 74 90.03 66.33 -39.92
N ARG DA 75 89.33 67.27 -40.56
CA ARG DA 75 89.48 67.50 -41.99
C ARG DA 75 89.45 68.99 -42.26
N ASP DA 76 90.13 69.39 -43.33
CA ASP DA 76 90.17 70.78 -43.76
C ASP DA 76 89.72 70.85 -45.21
N ASN DA 77 88.79 71.76 -45.51
CA ASN DA 77 88.31 71.94 -46.87
C ASN DA 77 89.32 72.65 -47.76
N ALA DA 78 90.25 73.41 -47.17
CA ALA DA 78 91.25 74.11 -47.97
C ALA DA 78 92.15 73.13 -48.72
N LYS DA 79 92.60 72.07 -48.04
CA LYS DA 79 93.44 71.07 -48.67
C LYS DA 79 92.67 69.86 -49.16
N ASN DA 80 91.38 69.75 -48.84
CA ASN DA 80 90.55 68.61 -49.24
C ASN DA 80 91.15 67.28 -48.78
N THR DA 81 91.68 67.27 -47.55
CA THR DA 81 92.24 66.07 -46.97
C THR DA 81 91.68 65.87 -45.56
N VAL DA 82 91.60 64.62 -45.15
CA VAL DA 82 91.13 64.24 -43.83
C VAL DA 82 92.30 63.67 -43.05
N TYR DA 83 92.55 64.23 -41.86
CA TYR DA 83 93.69 63.85 -41.03
C TYR DA 83 93.18 63.02 -39.86
N LEU DA 84 93.80 61.86 -39.64
CA LEU DA 84 93.37 60.95 -38.59
C LEU DA 84 94.56 60.78 -37.65
N GLN DA 85 94.49 61.39 -36.48
CA GLN DA 85 95.61 61.40 -35.55
C GLN DA 85 95.45 60.24 -34.57
N MET DA 86 96.40 59.31 -34.59
CA MET DA 86 96.36 58.13 -33.75
C MET DA 86 97.41 58.23 -32.65
N ASN DA 87 96.99 58.06 -31.40
CA ASN DA 87 97.88 58.12 -30.25
C ASN DA 87 97.93 56.76 -29.56
N SER DA 88 99.13 56.41 -29.05
CA SER DA 88 99.34 55.21 -28.25
C SER DA 88 98.91 53.95 -29.01
N LEU DA 89 99.57 53.73 -30.15
CA LEU DA 89 99.32 52.52 -30.91
C LEU DA 89 99.93 51.30 -30.22
N LYS DA 90 99.35 50.14 -30.48
CA LYS DA 90 99.74 48.88 -29.88
C LYS DA 90 99.82 47.83 -30.97
N PRO DA 91 100.52 46.72 -30.72
CA PRO DA 91 100.54 45.63 -31.73
C PRO DA 91 99.17 45.04 -32.00
N GLU DA 92 98.20 45.22 -31.11
CA GLU DA 92 96.88 44.65 -31.33
C GLU DA 92 96.17 45.25 -32.53
N ASP DA 93 96.34 46.56 -32.77
CA ASP DA 93 95.69 47.22 -33.89
C ASP DA 93 96.53 47.21 -35.16
N THR DA 94 97.36 46.18 -35.35
CA THR DA 94 98.10 46.01 -36.59
C THR DA 94 97.14 45.60 -37.69
N ALA DA 95 96.82 46.52 -38.59
CA ALA DA 95 95.84 46.27 -39.62
C ALA DA 95 96.02 47.26 -40.75
N VAL DA 96 95.31 47.00 -41.86
CA VAL DA 96 95.27 47.88 -43.02
C VAL DA 96 94.03 48.77 -42.92
N TYR DA 97 94.22 50.07 -43.05
CA TYR DA 97 93.17 51.05 -42.82
C TYR DA 97 92.69 51.61 -44.16
N TYR DA 98 91.38 51.63 -44.35
CA TYR DA 98 90.77 52.20 -45.55
C TYR DA 98 89.99 53.46 -45.19
N CYS DA 99 89.64 54.20 -46.23
CA CYS DA 99 88.77 55.37 -46.11
C CYS DA 99 87.53 55.16 -46.96
N PHE DA 100 86.40 55.69 -46.48
CA PHE DA 100 85.13 55.56 -47.19
C PHE DA 100 84.38 56.88 -47.09
N VAL DA 101 83.76 57.28 -48.20
CA VAL DA 101 83.06 58.56 -48.25
C VAL DA 101 81.56 58.40 -48.01
N TYR DA 107 82.11 54.06 -53.30
CA TYR DA 107 83.53 54.38 -53.38
C TYR DA 107 84.29 53.86 -52.16
N ILE DA 108 85.46 53.26 -52.42
CA ILE DA 108 86.30 52.70 -51.35
C ILE DA 108 87.74 53.12 -51.61
N GLY DA 109 88.44 53.46 -50.52
CA GLY DA 109 89.82 53.87 -50.63
C GLY DA 109 90.76 52.70 -50.83
N GLN DA 110 91.98 53.03 -51.30
CA GLN DA 110 92.96 52.00 -51.59
C GLN DA 110 93.45 51.31 -50.32
N GLY DA 111 93.75 52.07 -49.28
CA GLY DA 111 94.21 51.50 -48.02
C GLY DA 111 95.71 51.37 -47.96
N THR DA 112 96.25 51.57 -46.76
CA THR DA 112 97.69 51.49 -46.50
C THR DA 112 97.92 50.64 -45.26
N GLN DA 113 98.95 49.80 -45.32
CA GLN DA 113 99.22 48.84 -44.26
C GLN DA 113 99.96 49.50 -43.10
N VAL DA 114 99.45 49.29 -41.89
CA VAL DA 114 100.06 49.80 -40.67
C VAL DA 114 100.40 48.61 -39.78
N THR DA 115 101.67 48.50 -39.40
CA THR DA 115 102.14 47.40 -38.57
C THR DA 115 102.81 47.96 -37.33
N VAL DA 116 102.58 47.31 -36.19
CA VAL DA 116 103.16 47.71 -34.91
C VAL DA 116 103.96 46.54 -34.36
N SER DA 117 105.22 46.78 -34.03
CA SER DA 117 106.09 45.73 -33.51
C SER DA 117 106.50 46.02 -32.07
N GLN EA 4 -88.03 -69.75 -45.78
CA GLN EA 4 -89.13 -70.66 -45.46
C GLN EA 4 -89.56 -70.50 -44.01
N VAL EA 5 -88.73 -69.81 -43.23
CA VAL EA 5 -88.99 -69.63 -41.80
C VAL EA 5 -89.96 -68.46 -41.62
N GLN EA 6 -91.10 -68.73 -41.02
CA GLN EA 6 -92.13 -67.71 -40.78
C GLN EA 6 -92.47 -67.68 -39.30
N LEU EA 7 -92.52 -66.47 -38.74
CA LEU EA 7 -92.88 -66.28 -37.35
C LEU EA 7 -94.19 -65.49 -37.27
N VAL EA 8 -95.16 -66.05 -36.56
CA VAL EA 8 -96.45 -65.39 -36.35
C VAL EA 8 -96.71 -65.33 -34.84
N GLU EA 9 -97.31 -64.23 -34.40
CA GLU EA 9 -97.63 -64.02 -33.00
C GLU EA 9 -99.12 -64.22 -32.76
N SER EA 10 -99.45 -64.70 -31.57
CA SER EA 10 -100.84 -64.94 -31.20
C SER EA 10 -100.97 -64.89 -29.69
N GLY EA 11 -102.20 -64.77 -29.23
CA GLY EA 11 -102.49 -64.68 -27.81
C GLY EA 11 -102.62 -63.27 -27.27
N GLY EA 12 -102.65 -62.25 -28.13
CA GLY EA 12 -102.81 -60.88 -27.69
C GLY EA 12 -104.27 -60.51 -27.49
N GLY EA 13 -104.48 -59.24 -27.20
CA GLY EA 13 -105.81 -58.71 -26.98
C GLY EA 13 -105.77 -57.65 -25.90
N LEU EA 14 -106.93 -57.40 -25.29
CA LEU EA 14 -107.09 -56.43 -24.23
C LEU EA 14 -107.31 -57.14 -22.91
N VAL EA 15 -106.51 -56.80 -21.91
CA VAL EA 15 -106.59 -57.40 -20.58
C VAL EA 15 -106.58 -56.29 -19.55
N GLN EA 16 -107.43 -56.40 -18.54
CA GLN EA 16 -107.54 -55.39 -17.50
C GLN EA 16 -106.34 -55.48 -16.55
N ALA EA 17 -106.33 -54.57 -15.57
CA ALA EA 17 -105.22 -54.50 -14.63
C ALA EA 17 -105.17 -55.75 -13.76
N GLY EA 18 -103.96 -56.23 -13.50
CA GLY EA 18 -103.74 -57.41 -12.70
C GLY EA 18 -103.96 -58.72 -13.41
N GLY EA 19 -104.31 -58.70 -14.70
CA GLY EA 19 -104.58 -59.91 -15.42
C GLY EA 19 -103.32 -60.60 -15.93
N SER EA 20 -103.53 -61.79 -16.49
CA SER EA 20 -102.47 -62.60 -17.06
C SER EA 20 -102.72 -62.80 -18.54
N LEU EA 21 -101.65 -62.73 -19.33
CA LEU EA 21 -101.75 -62.91 -20.77
C LEU EA 21 -100.64 -63.83 -21.25
N ARG EA 22 -100.96 -64.61 -22.29
CA ARG EA 22 -100.06 -65.60 -22.86
C ARG EA 22 -99.78 -65.23 -24.31
N LEU EA 23 -98.50 -65.16 -24.66
CA LEU EA 23 -98.06 -64.78 -26.00
C LEU EA 23 -97.42 -65.98 -26.67
N SER EA 24 -97.85 -66.27 -27.90
CA SER EA 24 -97.42 -67.46 -28.62
C SER EA 24 -96.80 -67.06 -29.94
N CYS EA 25 -95.62 -67.61 -30.22
CA CYS EA 25 -94.94 -67.42 -31.50
C CYS EA 25 -94.65 -68.79 -32.11
N ALA EA 26 -95.04 -68.96 -33.37
CA ALA EA 26 -94.87 -70.24 -34.07
C ALA EA 26 -93.64 -70.18 -34.94
N ALA EA 27 -92.79 -71.20 -34.82
CA ALA EA 27 -91.60 -71.34 -35.66
C ALA EA 27 -91.77 -72.55 -36.56
N SER EA 28 -91.59 -72.34 -37.86
CA SER EA 28 -91.77 -73.42 -38.84
C SER EA 28 -90.57 -74.36 -38.85
N HIS EA 36 -82.57 -70.50 -29.96
CA HIS EA 36 -82.42 -69.19 -29.33
C HIS EA 36 -83.45 -68.20 -29.84
N MET EA 37 -84.30 -67.72 -28.92
CA MET EA 37 -85.36 -66.74 -29.30
C MET EA 37 -85.29 -65.54 -28.34
N ARG EA 38 -85.50 -64.33 -28.87
CA ARG EA 38 -85.46 -63.10 -28.04
C ARG EA 38 -86.79 -62.35 -28.20
N TRP EA 39 -87.23 -61.63 -27.17
CA TRP EA 39 -88.54 -60.94 -27.23
C TRP EA 39 -88.36 -59.43 -27.18
N TYR EA 40 -89.20 -58.68 -27.90
CA TYR EA 40 -89.10 -57.23 -27.91
C TYR EA 40 -90.49 -56.63 -27.81
N ARG EA 41 -90.56 -55.40 -27.28
CA ARG EA 41 -91.80 -54.66 -27.22
C ARG EA 41 -91.57 -53.24 -27.73
N GLN EA 42 -92.63 -52.63 -28.25
CA GLN EA 42 -92.54 -51.26 -28.74
C GLN EA 42 -93.79 -50.52 -28.29
N ARG EA 48 -88.57 -49.87 -30.00
CA ARG EA 48 -88.43 -51.29 -29.70
C ARG EA 48 -87.52 -51.50 -28.50
N GLU EA 49 -88.05 -52.06 -27.42
CA GLU EA 49 -87.31 -52.27 -26.19
C GLU EA 49 -87.11 -53.76 -25.94
N TRP EA 50 -85.92 -54.11 -25.46
CA TRP EA 50 -85.59 -55.51 -25.19
C TRP EA 50 -86.39 -56.03 -24.00
N VAL EA 51 -86.89 -57.27 -24.11
CA VAL EA 51 -87.75 -57.86 -23.10
C VAL EA 51 -87.06 -59.04 -22.39
N ALA EA 52 -86.83 -60.14 -23.11
CA ALA EA 52 -86.33 -61.34 -22.47
C ALA EA 52 -85.72 -62.26 -23.53
N ALA EA 53 -84.99 -63.28 -23.06
CA ALA EA 53 -84.31 -64.22 -23.94
C ALA EA 53 -84.43 -65.63 -23.40
N ILE EA 54 -84.44 -66.59 -24.34
CA ILE EA 54 -84.42 -68.01 -24.02
C ILE EA 54 -83.37 -68.68 -24.91
N TYR EA 55 -82.94 -69.86 -24.49
CA TYR EA 55 -81.91 -70.60 -25.22
C TYR EA 55 -82.50 -71.83 -25.90
N ALA EA 59 -82.79 -74.42 -21.63
CA ALA EA 59 -83.94 -73.75 -21.04
C ALA EA 59 -83.51 -72.60 -20.15
N GLY EA 60 -82.23 -72.23 -20.25
CA GLY EA 60 -81.74 -71.08 -19.51
C GLY EA 60 -82.38 -69.80 -20.00
N THR EA 61 -82.84 -68.99 -19.04
CA THR EA 61 -83.70 -67.86 -19.35
C THR EA 61 -83.18 -66.58 -18.72
N HIS EA 62 -83.42 -65.48 -19.41
CA HIS EA 62 -82.94 -64.16 -19.02
C HIS EA 62 -84.05 -63.14 -19.19
N TYR EA 63 -84.19 -62.23 -18.22
CA TYR EA 63 -85.22 -61.21 -18.26
C TYR EA 63 -84.64 -59.83 -18.00
N ALA EA 64 -85.23 -58.81 -18.59
CA ALA EA 64 -84.85 -57.44 -18.30
C ALA EA 64 -85.35 -57.03 -16.92
N ASP EA 65 -84.59 -56.14 -16.27
CA ASP EA 65 -84.95 -55.70 -14.92
C ASP EA 65 -86.22 -54.88 -14.91
N SER EA 66 -86.48 -54.13 -15.99
CA SER EA 66 -87.73 -53.37 -16.07
C SER EA 66 -88.95 -54.29 -16.14
N VAL EA 67 -88.75 -55.55 -16.53
CA VAL EA 67 -89.82 -56.53 -16.63
C VAL EA 67 -89.58 -57.74 -15.74
N LYS EA 68 -88.59 -57.67 -14.85
CA LYS EA 68 -88.21 -58.82 -14.05
C LYS EA 68 -89.28 -59.16 -13.02
N GLY EA 69 -89.47 -60.46 -12.77
CA GLY EA 69 -90.41 -60.91 -11.77
C GLY EA 69 -91.86 -60.89 -12.19
N ARG EA 70 -92.16 -60.73 -13.48
CA ARG EA 70 -93.53 -60.64 -13.95
C ARG EA 70 -93.78 -61.61 -15.10
N PHE EA 71 -92.78 -61.84 -15.92
CA PHE EA 71 -92.88 -62.65 -17.13
C PHE EA 71 -92.07 -63.92 -17.00
N THR EA 72 -92.59 -64.99 -17.62
CA THR EA 72 -91.90 -66.27 -17.69
C THR EA 72 -92.00 -66.80 -19.11
N ILE EA 73 -90.88 -67.25 -19.66
CA ILE EA 73 -90.80 -67.74 -21.03
C ILE EA 73 -90.39 -69.20 -21.02
N SER EA 74 -91.11 -70.01 -21.80
CA SER EA 74 -90.74 -71.40 -22.03
C SER EA 74 -91.05 -71.73 -23.48
N ARG EA 75 -90.37 -72.75 -23.99
CA ARG EA 75 -90.59 -73.21 -25.35
C ARG EA 75 -90.53 -74.73 -25.37
N ASP EA 76 -91.27 -75.31 -26.32
CA ASP EA 76 -91.31 -76.75 -26.52
C ASP EA 76 -90.92 -77.05 -27.96
N ASN EA 77 -89.99 -77.99 -28.14
CA ASN EA 77 -89.59 -78.38 -29.49
C ASN EA 77 -90.62 -79.25 -30.19
N ALA EA 78 -91.51 -79.91 -29.44
CA ALA EA 78 -92.53 -80.74 -30.06
C ALA EA 78 -93.49 -79.92 -30.90
N LYS EA 79 -93.92 -78.76 -30.40
CA LYS EA 79 -94.82 -77.88 -31.13
C LYS EA 79 -94.09 -76.76 -31.86
N ASN EA 80 -92.79 -76.58 -31.63
CA ASN EA 80 -92.00 -75.53 -32.25
C ASN EA 80 -92.61 -74.15 -31.99
N THR EA 81 -93.08 -73.93 -30.76
CA THR EA 81 -93.63 -72.65 -30.34
C THR EA 81 -93.01 -72.23 -29.03
N VAL EA 82 -92.93 -70.91 -28.83
CA VAL EA 82 -92.39 -70.33 -27.60
C VAL EA 82 -93.54 -69.65 -26.87
N TYR EA 83 -93.71 -70.00 -25.61
CA TYR EA 83 -94.80 -69.50 -24.79
C TYR EA 83 -94.26 -68.49 -23.79
N LEU EA 84 -94.88 -67.31 -23.74
CA LEU EA 84 -94.42 -66.23 -22.88
C LEU EA 84 -95.58 -65.92 -21.92
N GLN EA 85 -95.43 -66.33 -20.66
CA GLN EA 85 -96.49 -66.20 -19.68
C GLN EA 85 -96.31 -64.89 -18.92
N MET EA 86 -97.28 -63.99 -19.05
CA MET EA 86 -97.22 -62.68 -18.41
C MET EA 86 -98.20 -62.61 -17.25
N ASN EA 87 -97.72 -62.23 -16.07
CA ASN EA 87 -98.55 -62.10 -14.89
C ASN EA 87 -98.60 -60.65 -14.43
N SER EA 88 -99.77 -60.24 -13.93
CA SER EA 88 -99.96 -58.93 -13.32
C SER EA 88 -99.60 -57.81 -14.30
N LEU EA 89 -100.33 -57.78 -15.42
CA LEU EA 89 -100.14 -56.70 -16.39
C LEU EA 89 -100.73 -55.41 -15.87
N LYS EA 90 -100.19 -54.30 -16.35
CA LYS EA 90 -100.57 -52.96 -15.95
C LYS EA 90 -100.74 -52.11 -17.19
N PRO EA 91 -101.44 -50.98 -17.09
CA PRO EA 91 -101.54 -50.08 -18.25
C PRO EA 91 -100.21 -49.51 -18.70
N GLU EA 92 -99.18 -49.54 -17.85
CA GLU EA 92 -97.88 -48.99 -18.22
C GLU EA 92 -97.22 -49.78 -19.35
N ASP EA 93 -97.38 -51.10 -19.37
CA ASP EA 93 -96.78 -51.95 -20.39
C ASP EA 93 -97.68 -52.14 -21.60
N THR EA 94 -98.53 -51.18 -21.91
CA THR EA 94 -99.36 -51.22 -23.12
C THR EA 94 -98.45 -50.99 -24.31
N ALA EA 95 -98.17 -52.05 -25.06
CA ALA EA 95 -97.23 -51.95 -26.18
C ALA EA 95 -97.46 -53.12 -27.12
N VAL EA 96 -96.82 -53.04 -28.29
CA VAL EA 96 -96.82 -54.11 -29.29
C VAL EA 96 -95.55 -54.94 -29.11
N TYR EA 97 -95.73 -56.26 -29.01
CA TYR EA 97 -94.65 -57.17 -28.70
C TYR EA 97 -94.22 -57.94 -29.94
N TYR EA 98 -92.92 -57.98 -30.19
CA TYR EA 98 -92.36 -58.73 -31.32
C TYR EA 98 -91.54 -59.90 -30.80
N CYS EA 99 -91.23 -60.81 -31.72
CA CYS EA 99 -90.34 -61.92 -31.45
C CYS EA 99 -89.14 -61.84 -32.40
N PHE EA 100 -87.98 -62.27 -31.91
CA PHE EA 100 -86.76 -62.25 -32.68
C PHE EA 100 -85.97 -63.53 -32.41
N VAL EA 101 -85.40 -64.10 -33.47
CA VAL EA 101 -84.68 -65.36 -33.36
C VAL EA 101 -83.18 -65.15 -33.22
N TYR EA 107 -84.09 -61.76 -39.11
CA TYR EA 107 -85.50 -62.10 -39.06
C TYR EA 107 -86.21 -61.38 -37.92
N ILE EA 108 -87.40 -60.85 -38.19
CA ILE EA 108 -88.19 -60.14 -37.20
C ILE EA 108 -89.63 -60.61 -37.29
N GLY EA 109 -90.27 -60.78 -36.12
CA GLY EA 109 -91.65 -61.20 -36.09
C GLY EA 109 -92.62 -60.10 -36.44
N GLN EA 110 -93.85 -60.51 -36.77
CA GLN EA 110 -94.88 -59.56 -37.17
C GLN EA 110 -95.31 -58.67 -36.01
N GLY EA 111 -95.54 -59.26 -34.85
CA GLY EA 111 -95.94 -58.50 -33.68
C GLY EA 111 -97.45 -58.37 -33.55
N THR EA 112 -97.92 -58.38 -32.31
CA THR EA 112 -99.33 -58.27 -31.99
C THR EA 112 -99.52 -57.22 -30.90
N GLN EA 113 -100.58 -56.41 -31.04
CA GLN EA 113 -100.79 -55.30 -30.14
C GLN EA 113 -101.46 -55.77 -28.85
N VAL EA 114 -100.90 -55.36 -27.71
CA VAL EA 114 -101.44 -55.66 -26.40
C VAL EA 114 -101.75 -54.34 -25.70
N THR EA 115 -103.00 -54.18 -25.28
CA THR EA 115 -103.47 -52.97 -24.62
C THR EA 115 -104.05 -53.32 -23.26
N VAL EA 116 -103.77 -52.49 -22.27
CA VAL EA 116 -104.28 -52.68 -20.91
C VAL EA 116 -105.06 -51.44 -20.51
N SER EA 117 -106.31 -51.64 -20.08
CA SER EA 117 -107.18 -50.53 -19.69
C SER EA 117 -107.50 -50.58 -18.21
N GLN FA 4 -100.39 -35.12 -60.10
CA GLN FA 4 -101.51 -36.05 -60.10
C GLN FA 4 -101.68 -36.71 -58.73
N VAL FA 5 -100.66 -36.55 -57.89
CA VAL FA 5 -100.66 -37.16 -56.56
C VAL FA 5 -101.44 -36.26 -55.61
N GLN FA 6 -102.50 -36.82 -55.02
CA GLN FA 6 -103.36 -36.09 -54.10
C GLN FA 6 -103.44 -36.85 -52.78
N LEU FA 7 -103.27 -36.13 -51.67
CA LEU FA 7 -103.37 -36.72 -50.34
C LEU FA 7 -104.55 -36.10 -49.60
N VAL FA 8 -105.45 -36.94 -49.11
CA VAL FA 8 -106.61 -36.51 -48.34
C VAL FA 8 -106.61 -37.25 -47.01
N GLU FA 9 -106.99 -36.55 -45.95
CA GLU FA 9 -107.05 -37.14 -44.62
C GLU FA 9 -108.50 -37.43 -44.24
N SER FA 10 -108.68 -38.48 -43.44
CA SER FA 10 -110.01 -38.87 -42.99
C SER FA 10 -109.87 -39.65 -41.68
N GLY FA 11 -110.99 -39.79 -40.99
CA GLY FA 11 -111.03 -40.46 -39.71
C GLY FA 11 -110.92 -39.57 -38.50
N GLY FA 12 -110.97 -38.26 -38.67
CA GLY FA 12 -110.91 -37.34 -37.54
C GLY FA 12 -112.27 -37.13 -36.91
N GLY FA 13 -112.29 -36.21 -35.95
CA GLY FA 13 -113.49 -35.88 -35.21
C GLY FA 13 -113.16 -35.57 -33.78
N LEU FA 14 -114.18 -35.68 -32.92
CA LEU FA 14 -114.04 -35.42 -31.49
C LEU FA 14 -114.12 -36.74 -30.74
N VAL FA 15 -113.13 -36.99 -29.89
CA VAL FA 15 -113.06 -38.22 -29.08
C VAL FA 15 -112.75 -37.83 -27.65
N GLN FA 16 -113.44 -38.47 -26.71
CA GLN FA 16 -113.25 -38.17 -25.30
C GLN FA 16 -111.94 -38.76 -24.79
N ALA FA 17 -111.66 -38.53 -23.51
CA ALA FA 17 -110.41 -38.98 -22.91
C ALA FA 17 -110.35 -40.51 -22.86
N GLY FA 18 -109.17 -41.05 -23.15
CA GLY FA 18 -108.96 -42.48 -23.15
C GLY FA 18 -109.44 -43.20 -24.39
N GLY FA 19 -109.98 -42.48 -25.37
CA GLY FA 19 -110.51 -43.11 -26.55
C GLY FA 19 -109.43 -43.43 -27.58
N SER FA 20 -109.86 -44.13 -28.63
CA SER FA 20 -109.01 -44.52 -29.74
C SER FA 20 -109.53 -43.87 -31.02
N LEU FA 21 -108.59 -43.40 -31.85
CA LEU FA 21 -108.94 -42.77 -33.11
C LEU FA 21 -108.05 -43.30 -34.22
N ARG FA 22 -108.60 -43.39 -35.42
CA ARG FA 22 -107.93 -43.92 -36.59
C ARG FA 22 -107.85 -42.83 -37.64
N LEU FA 23 -106.65 -42.59 -38.15
CA LEU FA 23 -106.41 -41.55 -39.15
C LEU FA 23 -106.01 -42.20 -40.47
N SER FA 24 -106.67 -41.79 -41.54
CA SER FA 24 -106.51 -42.40 -42.86
C SER FA 24 -106.06 -41.35 -43.86
N CYS FA 25 -105.02 -41.67 -44.62
CA CYS FA 25 -104.54 -40.83 -45.71
C CYS FA 25 -104.52 -41.65 -46.98
N ALA FA 26 -105.12 -41.12 -48.04
CA ALA FA 26 -105.21 -41.82 -49.32
C ALA FA 26 -104.13 -41.30 -50.27
N ALA FA 27 -103.39 -42.23 -50.87
CA ALA FA 27 -102.39 -41.90 -51.87
C ALA FA 27 -102.84 -42.43 -53.23
N SER FA 28 -102.85 -41.56 -54.23
CA SER FA 28 -103.30 -41.93 -55.56
C SER FA 28 -102.23 -42.73 -56.30
N HIS FA 36 -92.51 -44.29 -48.51
CA HIS FA 36 -92.11 -43.53 -47.33
C HIS FA 36 -93.09 -42.41 -47.02
N MET FA 37 -93.72 -42.50 -45.84
CA MET FA 37 -94.72 -41.55 -45.40
C MET FA 37 -94.35 -41.02 -44.02
N ARG FA 38 -94.76 -39.77 -43.76
CA ARG FA 38 -94.46 -39.09 -42.51
C ARG FA 38 -95.70 -38.38 -42.02
N TRP FA 39 -95.84 -38.30 -40.70
CA TRP FA 39 -96.99 -37.67 -40.06
C TRP FA 39 -96.56 -36.48 -39.23
N TYR FA 40 -97.36 -35.42 -39.27
CA TYR FA 40 -97.11 -34.20 -38.53
C TYR FA 40 -98.39 -33.73 -37.85
N ARG FA 41 -98.24 -32.98 -36.76
CA ARG FA 41 -99.36 -32.39 -36.06
C ARG FA 41 -99.07 -30.92 -35.78
N GLN FA 42 -100.12 -30.12 -35.69
CA GLN FA 42 -99.96 -28.70 -35.39
C GLN FA 42 -101.04 -28.32 -34.37
N ARG FA 48 -96.12 -26.87 -36.48
CA ARG FA 48 -96.09 -28.22 -37.00
C ARG FA 48 -95.02 -29.05 -36.31
N GLU FA 49 -95.44 -30.10 -35.60
CA GLU FA 49 -94.53 -30.95 -34.84
C GLU FA 49 -94.45 -32.33 -35.47
N TRP FA 50 -93.25 -32.90 -35.49
CA TRP FA 50 -93.04 -34.22 -36.06
C TRP FA 50 -93.67 -35.30 -35.20
N VAL FA 51 -94.31 -36.27 -35.84
CA VAL FA 51 -95.05 -37.33 -35.15
C VAL FA 51 -94.40 -38.69 -35.32
N ALA FA 52 -94.40 -39.23 -36.54
CA ALA FA 52 -93.95 -40.59 -36.75
C ALA FA 52 -93.62 -40.80 -38.23
N ALA FA 53 -92.95 -41.91 -38.51
CA ALA FA 53 -92.52 -42.24 -39.87
C ALA FA 53 -92.72 -43.72 -40.15
N ILE FA 54 -92.98 -44.02 -41.43
CA ILE FA 54 -93.06 -45.39 -41.92
C ILE FA 54 -92.26 -45.47 -43.21
N TYR FA 55 -91.89 -46.70 -43.58
CA TYR FA 55 -91.09 -46.93 -44.78
C TYR FA 55 -91.91 -47.60 -45.87
N ALA FA 59 -91.78 -52.07 -43.65
CA ALA FA 59 -92.74 -51.83 -42.58
C ALA FA 59 -92.03 -51.33 -41.32
N GLY FA 60 -90.76 -50.98 -41.47
CA GLY FA 60 -90.02 -50.41 -40.35
C GLY FA 60 -90.59 -49.07 -39.94
N THR FA 61 -90.79 -48.90 -38.64
CA THR FA 61 -91.56 -47.78 -38.14
C THR FA 61 -90.81 -47.04 -37.04
N HIS FA 62 -91.04 -45.73 -36.98
CA HIS FA 62 -90.36 -44.84 -36.05
C HIS FA 62 -91.37 -43.88 -35.44
N TYR FA 63 -91.24 -43.64 -34.13
CA TYR FA 63 -92.16 -42.76 -33.42
C TYR FA 63 -91.38 -41.74 -32.59
N ALA FA 64 -91.95 -40.56 -32.43
CA ALA FA 64 -91.38 -39.55 -31.53
C ALA FA 64 -91.59 -39.96 -30.08
N ASP FA 65 -90.64 -39.56 -29.22
CA ASP FA 65 -90.72 -39.92 -27.81
C ASP FA 65 -91.89 -39.21 -27.11
N SER FA 66 -92.24 -38.01 -27.56
CA SER FA 66 -93.38 -37.32 -26.98
C SER FA 66 -94.69 -38.04 -27.29
N VAL FA 67 -94.70 -38.90 -28.30
CA VAL FA 67 -95.87 -39.67 -28.70
C VAL FA 67 -95.62 -41.17 -28.65
N LYS FA 68 -94.50 -41.59 -28.07
CA LYS FA 68 -94.12 -43.00 -28.09
C LYS FA 68 -95.04 -43.83 -27.20
N GLY FA 69 -95.33 -45.05 -27.65
CA GLY FA 69 -96.13 -45.98 -26.87
C GLY FA 69 -97.62 -45.73 -26.91
N ARG FA 70 -98.10 -44.90 -27.83
CA ARG FA 70 -99.52 -44.56 -27.91
C ARG FA 70 -100.06 -44.76 -29.32
N PHE FA 71 -99.23 -44.51 -30.32
CA PHE FA 71 -99.63 -44.55 -31.72
C PHE FA 71 -98.96 -45.70 -32.45
N THR FA 72 -99.67 -46.25 -33.42
CA THR FA 72 -99.16 -47.30 -34.29
C THR FA 72 -99.55 -46.98 -35.73
N ILE FA 73 -98.58 -47.07 -36.63
CA ILE FA 73 -98.79 -46.74 -38.04
C ILE FA 73 -98.54 -47.98 -38.88
N SER FA 74 -99.46 -48.24 -39.81
CA SER FA 74 -99.30 -49.28 -40.81
C SER FA 74 -99.87 -48.79 -42.13
N ARG FA 75 -99.40 -49.37 -43.21
CA ARG FA 75 -99.89 -49.03 -44.54
C ARG FA 75 -100.02 -50.30 -45.38
N ASP FA 76 -100.95 -50.28 -46.32
CA ASP FA 76 -101.18 -51.38 -47.24
C ASP FA 76 -101.08 -50.86 -48.66
N ASN FA 77 -100.30 -51.55 -49.49
CA ASN FA 77 -100.17 -51.16 -50.88
C ASN FA 77 -101.39 -51.51 -51.72
N ALA FA 78 -102.21 -52.47 -51.26
CA ALA FA 78 -103.40 -52.84 -52.02
C ALA FA 78 -104.39 -51.68 -52.09
N LYS FA 79 -104.61 -50.98 -50.96
CA LYS FA 79 -105.51 -49.85 -50.94
C LYS FA 79 -104.80 -48.50 -51.09
N ASN FA 80 -103.47 -48.49 -51.07
CA ASN FA 80 -102.68 -47.26 -51.18
C ASN FA 80 -103.08 -46.24 -50.11
N THR FA 81 -103.31 -46.72 -48.89
CA THR FA 81 -103.64 -45.86 -47.77
C THR FA 81 -102.77 -46.21 -46.58
N VAL FA 82 -102.52 -45.21 -45.74
CA VAL FA 82 -101.72 -45.37 -44.53
C VAL FA 82 -102.64 -45.20 -43.33
N TYR FA 83 -102.65 -46.18 -42.44
CA TYR FA 83 -103.53 -46.20 -41.29
C TYR FA 83 -102.72 -45.87 -40.04
N LEU FA 84 -103.20 -44.91 -39.25
CA LEU FA 84 -102.49 -44.46 -38.06
C LEU FA 84 -103.41 -44.72 -36.87
N GLN FA 85 -103.10 -45.74 -36.08
CA GLN FA 85 -103.98 -46.15 -34.99
C GLN FA 85 -103.54 -45.45 -33.70
N MET FA 86 -104.40 -44.63 -33.14
CA MET FA 86 -104.09 -43.87 -31.94
C MET FA 86 -104.86 -44.44 -30.76
N ASN FA 87 -104.15 -44.75 -29.67
CA ASN FA 87 -104.76 -45.27 -28.46
C ASN FA 87 -104.57 -44.30 -27.31
N SER FA 88 -105.58 -44.22 -26.44
CA SER FA 88 -105.53 -43.43 -25.22
C SER FA 88 -105.22 -41.97 -25.50
N LEU FA 89 -106.11 -41.34 -26.27
CA LEU FA 89 -105.97 -39.91 -26.54
C LEU FA 89 -106.32 -39.09 -25.31
N LYS FA 90 -105.74 -37.91 -25.22
CA LYS FA 90 -105.90 -37.00 -24.12
C LYS FA 90 -106.17 -35.60 -24.66
N PRO FA 91 -106.72 -34.70 -23.84
CA PRO FA 91 -106.92 -33.32 -24.31
C PRO FA 91 -105.62 -32.60 -24.65
N GLU FA 92 -104.47 -33.09 -24.15
CA GLU FA 92 -103.21 -32.44 -24.44
C GLU FA 92 -102.84 -32.50 -25.92
N ASP FA 93 -103.14 -33.61 -26.59
CA ASP FA 93 -102.80 -33.76 -27.99
C ASP FA 93 -103.92 -33.28 -28.93
N THR FA 94 -104.70 -32.29 -28.50
CA THR FA 94 -105.71 -31.67 -29.36
C THR FA 94 -104.99 -30.83 -30.41
N ALA FA 95 -104.95 -31.32 -31.65
CA ALA FA 95 -104.21 -30.64 -32.70
C ALA FA 95 -104.72 -31.13 -34.05
N VAL FA 96 -104.27 -30.43 -35.11
CA VAL FA 96 -104.56 -30.79 -36.49
C VAL FA 96 -103.38 -31.59 -37.03
N TYR FA 97 -103.68 -32.75 -37.62
CA TYR FA 97 -102.67 -33.70 -38.04
C TYR FA 97 -102.54 -33.68 -39.56
N TYR FA 98 -101.31 -33.58 -40.05
CA TYR FA 98 -101.03 -33.61 -41.48
C TYR FA 98 -100.27 -34.88 -41.84
N CYS FA 99 -100.22 -35.15 -43.14
CA CYS FA 99 -99.42 -36.23 -43.68
C CYS FA 99 -98.40 -35.66 -44.66
N PHE FA 100 -97.22 -36.29 -44.70
CA PHE FA 100 -96.15 -35.86 -45.58
C PHE FA 100 -95.48 -37.08 -46.19
N VAL FA 101 -95.15 -37.00 -47.47
CA VAL FA 101 -94.57 -38.13 -48.19
C VAL FA 101 -93.05 -38.02 -48.26
N TYR FA 107 -94.54 -31.99 -51.15
CA TYR FA 107 -95.96 -32.31 -51.02
C TYR FA 107 -96.38 -32.32 -49.55
N ILE FA 108 -97.53 -31.71 -49.27
CA ILE FA 108 -98.07 -31.63 -47.91
C ILE FA 108 -99.56 -31.98 -47.95
N GLY FA 109 -100.00 -32.74 -46.95
CA GLY FA 109 -101.39 -33.13 -46.88
C GLY FA 109 -102.29 -32.01 -46.39
N GLN FA 110 -103.59 -32.17 -46.63
CA GLN FA 110 -104.55 -31.14 -46.26
C GLN FA 110 -104.69 -31.02 -44.75
N GLY FA 111 -104.79 -32.14 -44.05
CA GLY FA 111 -104.91 -32.12 -42.60
C GLY FA 111 -106.35 -32.08 -42.13
N THR FA 112 -106.60 -32.76 -41.02
CA THR FA 112 -107.93 -32.83 -40.42
C THR FA 112 -107.81 -32.53 -38.93
N GLN FA 113 -108.78 -31.77 -38.41
CA GLN FA 113 -108.73 -31.32 -37.03
C GLN FA 113 -109.21 -32.41 -36.08
N VAL FA 114 -108.44 -32.67 -35.04
CA VAL FA 114 -108.79 -33.63 -34.00
C VAL FA 114 -108.83 -32.90 -32.67
N THR FA 115 -109.97 -32.98 -31.99
CA THR FA 115 -110.18 -32.32 -30.71
C THR FA 115 -110.57 -33.35 -29.66
N VAL FA 116 -110.04 -33.18 -28.45
CA VAL FA 116 -110.33 -34.07 -27.33
C VAL FA 116 -110.89 -33.23 -26.20
N SER FA 117 -112.07 -33.63 -25.69
CA SER FA 117 -112.73 -32.90 -24.62
C SER FA 117 -112.81 -33.75 -23.35
N GLN GA 4 -111.20 2.33 -49.80
CA GLN GA 4 -112.38 1.55 -50.15
C GLN GA 4 -112.39 0.22 -49.39
N VAL GA 5 -111.25 -0.12 -48.80
CA VAL GA 5 -111.11 -1.39 -48.08
C VAL GA 5 -111.67 -1.23 -46.67
N GLN GA 6 -112.66 -2.04 -46.34
CA GLN GA 6 -113.32 -1.99 -45.04
C GLN GA 6 -113.27 -3.38 -44.41
N LEU GA 7 -112.87 -3.44 -43.14
CA LEU GA 7 -112.83 -4.68 -42.39
C LEU GA 7 -113.83 -4.63 -41.25
N VAL GA 8 -114.71 -5.61 -41.18
CA VAL GA 8 -115.71 -5.73 -40.12
C VAL GA 8 -115.57 -7.11 -39.48
N GLU GA 9 -115.73 -7.16 -38.17
CA GLU GA 9 -115.65 -8.41 -37.43
C GLU GA 9 -117.04 -8.89 -37.04
N SER GA 10 -117.19 -10.22 -36.98
CA SER GA 10 -118.47 -10.83 -36.63
C SER GA 10 -118.20 -12.21 -36.04
N GLY GA 11 -119.22 -12.75 -35.38
CA GLY GA 11 -119.12 -14.04 -34.74
C GLY GA 11 -118.75 -14.01 -33.26
N GLY GA 12 -118.72 -12.85 -32.64
CA GLY GA 12 -118.43 -12.74 -31.23
C GLY GA 12 -119.66 -12.97 -30.36
N GLY GA 13 -119.46 -12.78 -29.07
CA GLY GA 13 -120.52 -12.95 -28.09
C GLY GA 13 -119.95 -13.53 -26.81
N LEU GA 14 -120.84 -14.14 -26.02
CA LEU GA 14 -120.46 -14.75 -24.75
C LEU GA 14 -120.54 -16.27 -24.89
N VAL GA 15 -119.47 -16.94 -24.52
CA VAL GA 15 -119.37 -18.40 -24.59
C VAL GA 15 -118.82 -18.91 -23.26
N GLN GA 16 -119.41 -20.00 -22.77
CA GLN GA 16 -119.00 -20.56 -21.49
C GLN GA 16 -117.68 -21.31 -21.65
N ALA GA 17 -117.19 -21.85 -20.54
CA ALA GA 17 -115.91 -22.55 -20.52
C ALA GA 17 -115.97 -23.82 -21.36
N GLY GA 18 -114.90 -24.07 -22.10
CA GLY GA 18 -114.80 -25.24 -22.95
C GLY GA 18 -115.51 -25.11 -24.28
N GLY GA 19 -116.14 -23.97 -24.57
CA GLY GA 19 -116.88 -23.81 -25.79
C GLY GA 19 -116.00 -23.45 -26.97
N SER GA 20 -116.64 -23.42 -28.15
CA SER GA 20 -115.98 -23.07 -29.40
C SER GA 20 -116.62 -21.82 -29.98
N LEU GA 21 -115.80 -20.94 -30.53
CA LEU GA 21 -116.27 -19.70 -31.11
C LEU GA 21 -115.60 -19.48 -32.45
N ARG GA 22 -116.33 -18.87 -33.38
CA ARG GA 22 -115.88 -18.61 -34.74
C ARG GA 22 -115.87 -17.10 -34.97
N LEU GA 23 -114.74 -16.58 -35.44
CA LEU GA 23 -114.56 -15.16 -35.68
C LEU GA 23 -114.43 -14.92 -37.17
N SER GA 24 -115.19 -13.97 -37.69
CA SER GA 24 -115.27 -13.71 -39.12
C SER GA 24 -114.91 -12.26 -39.40
N CYS GA 25 -114.02 -12.06 -40.36
CA CYS GA 25 -113.64 -10.74 -40.84
C CYS GA 25 -113.86 -10.67 -42.34
N ALA GA 26 -114.57 -9.63 -42.78
CA ALA GA 26 -114.91 -9.47 -44.19
C ALA GA 26 -113.94 -8.48 -44.83
N ALA GA 27 -113.37 -8.87 -45.97
CA ALA GA 27 -112.51 -8.00 -46.75
C ALA GA 27 -113.19 -7.66 -48.07
N SER GA 28 -113.28 -6.37 -48.36
CA SER GA 28 -113.95 -5.91 -49.58
C SER GA 28 -113.07 -6.11 -50.81
N HIS GA 36 -102.47 -11.71 -47.07
CA HIS GA 36 -101.83 -11.76 -45.76
C HIS GA 36 -102.67 -11.05 -44.70
N MET GA 37 -103.12 -11.81 -43.70
CA MET GA 37 -103.96 -11.31 -42.64
C MET GA 37 -103.36 -11.66 -41.29
N ARG GA 38 -103.62 -10.81 -40.31
CA ARG GA 38 -103.08 -10.97 -38.96
C ARG GA 38 -104.17 -10.71 -37.94
N TRP GA 39 -104.11 -11.41 -36.81
CA TRP GA 39 -105.10 -11.29 -35.76
C TRP GA 39 -104.45 -10.79 -34.48
N TYR GA 40 -105.16 -9.92 -33.77
CA TYR GA 40 -104.71 -9.34 -32.51
C TYR GA 40 -105.84 -9.39 -31.49
N ARG GA 41 -105.47 -9.41 -30.22
CA ARG GA 41 -106.42 -9.34 -29.12
C ARG GA 41 -105.97 -8.30 -28.11
N GLN GA 42 -106.93 -7.73 -27.40
CA GLN GA 42 -106.62 -6.74 -26.37
C GLN GA 42 -107.49 -7.03 -25.15
N ARG GA 48 -102.84 -4.54 -26.83
CA ARG GA 48 -103.01 -5.33 -28.04
C ARG GA 48 -101.91 -6.39 -28.14
N GLU GA 49 -102.30 -7.66 -28.11
CA GLU GA 49 -101.35 -8.78 -28.13
C GLU GA 49 -101.49 -9.55 -29.44
N TRP GA 50 -100.35 -9.96 -29.98
CA TRP GA 50 -100.33 -10.70 -31.23
C TRP GA 50 -100.92 -12.10 -31.05
N VAL GA 51 -101.73 -12.54 -32.02
CA VAL GA 51 -102.44 -13.80 -31.94
C VAL GA 51 -101.93 -14.81 -32.97
N ALA GA 52 -102.16 -14.54 -34.26
CA ALA GA 52 -101.86 -15.52 -35.29
C ALA GA 52 -101.75 -14.83 -36.64
N ALA GA 53 -101.24 -15.56 -37.63
CA ALA GA 53 -101.04 -15.04 -38.97
C ALA GA 53 -101.39 -16.07 -40.01
N ILE GA 54 -101.86 -15.59 -41.17
CA ILE GA 54 -102.13 -16.41 -42.33
C ILE GA 54 -101.53 -15.73 -43.55
N TYR GA 55 -101.32 -16.50 -44.61
CA TYR GA 55 -100.73 -15.99 -45.84
C TYR GA 55 -101.76 -15.92 -46.96
N ALA GA 59 -101.66 -20.84 -47.76
CA ALA GA 59 -102.42 -21.29 -46.61
C ALA GA 59 -101.51 -21.59 -45.43
N GLY GA 60 -100.24 -21.19 -45.55
CA GLY GA 60 -99.31 -21.37 -44.46
C GLY GA 60 -99.70 -20.52 -43.26
N THR GA 61 -99.70 -21.14 -42.09
CA THR GA 61 -100.28 -20.54 -40.91
C THR GA 61 -99.32 -20.55 -39.74
N HIS GA 62 -99.43 -19.53 -38.91
CA HIS GA 62 -98.55 -19.31 -37.76
C HIS GA 62 -99.38 -18.92 -36.55
N TYR GA 63 -99.05 -19.47 -35.38
CA TYR GA 63 -99.77 -19.18 -34.15
C TYR GA 63 -98.79 -18.82 -33.04
N ALA GA 64 -99.24 -17.96 -32.13
CA ALA GA 64 -98.46 -17.65 -30.93
C ALA GA 64 -98.49 -18.82 -29.96
N ASP GA 65 -97.40 -18.97 -29.21
CA ASP GA 65 -97.30 -20.08 -28.27
C ASP GA 65 -98.28 -19.94 -27.11
N SER GA 66 -98.60 -18.71 -26.72
CA SER GA 66 -99.59 -18.50 -25.67
C SER GA 66 -100.99 -18.94 -26.11
N VAL GA 67 -101.21 -19.06 -27.42
CA VAL GA 67 -102.48 -19.47 -27.98
C VAL GA 67 -102.35 -20.72 -28.84
N LYS GA 68 -101.20 -21.37 -28.81
CA LYS GA 68 -100.94 -22.50 -29.70
C LYS GA 68 -101.78 -23.71 -29.30
N GLY GA 69 -102.23 -24.46 -30.32
CA GLY GA 69 -102.99 -25.67 -30.09
C GLY GA 69 -104.44 -25.48 -29.73
N ARG GA 70 -104.98 -24.28 -29.91
CA ARG GA 70 -106.36 -23.99 -29.55
C ARG GA 70 -107.13 -23.34 -30.69
N PHE GA 71 -106.43 -22.54 -31.50
CA PHE GA 71 -107.04 -21.76 -32.57
C PHE GA 71 -106.56 -22.27 -33.93
N THR GA 72 -107.46 -22.18 -34.91
CA THR GA 72 -107.17 -22.52 -36.30
C THR GA 72 -107.74 -21.44 -37.19
N ILE GA 73 -106.93 -20.96 -38.13
CA ILE GA 73 -107.32 -19.88 -39.04
C ILE GA 73 -107.30 -20.40 -40.46
N SER GA 74 -108.36 -20.09 -41.21
CA SER GA 74 -108.43 -20.37 -42.63
C SER GA 74 -109.15 -19.21 -43.31
N ARG GA 75 -108.89 -19.04 -44.60
CA ARG GA 75 -109.55 -18.00 -45.38
C ARG GA 75 -109.89 -18.56 -46.75
N ASP GA 76 -110.96 -18.01 -47.34
CA ASP GA 76 -111.40 -18.39 -48.67
C ASP GA 76 -111.47 -17.14 -49.53
N ASN GA 77 -110.88 -17.21 -50.73
CA ASN GA 77 -110.92 -16.08 -51.64
C ASN GA 77 -112.27 -15.90 -52.31
N ALA GA 78 -113.10 -16.96 -52.36
CA ALA GA 78 -114.41 -16.85 -52.97
C ALA GA 78 -115.30 -15.88 -52.20
N LYS GA 79 -115.29 -15.97 -50.87
CA LYS GA 79 -116.09 -15.08 -50.03
C LYS GA 79 -115.31 -13.88 -49.51
N ASN GA 80 -113.99 -13.85 -49.70
CA ASN GA 80 -113.12 -12.78 -49.22
C ASN GA 80 -113.27 -12.57 -47.71
N THR GA 81 -113.36 -13.67 -46.98
CA THR GA 81 -113.46 -13.62 -45.53
C THR GA 81 -112.44 -14.59 -44.92
N VAL GA 82 -112.00 -14.25 -43.72
CA VAL GA 82 -111.05 -15.08 -42.97
C VAL GA 82 -111.77 -15.64 -41.75
N TYR GA 83 -111.72 -16.95 -41.61
CA TYR GA 83 -112.42 -17.66 -40.54
C TYR GA 83 -111.41 -18.10 -39.49
N LEU GA 84 -111.68 -17.78 -38.22
CA LEU GA 84 -110.78 -18.09 -37.13
C LEU GA 84 -111.54 -19.00 -36.17
N GLN GA 85 -111.20 -20.29 -36.17
CA GLN GA 85 -111.93 -21.28 -35.39
C GLN GA 85 -111.24 -21.44 -34.04
N MET GA 86 -111.95 -21.10 -32.97
CA MET GA 86 -111.41 -21.18 -31.61
C MET GA 86 -112.04 -22.34 -30.86
N ASN GA 87 -111.20 -23.20 -30.29
CA ASN GA 87 -111.67 -24.35 -29.51
C ASN GA 87 -111.22 -24.22 -28.06
N SER GA 88 -112.10 -24.68 -27.16
CA SER GA 88 -111.80 -24.75 -25.73
C SER GA 88 -111.41 -23.38 -25.17
N LEU GA 89 -112.35 -22.44 -25.28
CA LEU GA 89 -112.14 -21.12 -24.70
C LEU GA 89 -112.24 -21.18 -23.19
N LYS GA 90 -111.56 -20.24 -22.54
CA LYS GA 90 -111.49 -20.14 -21.09
C LYS GA 90 -111.72 -18.69 -20.69
N PRO GA 91 -112.07 -18.45 -19.42
CA PRO GA 91 -112.22 -17.05 -18.97
C PRO GA 91 -110.93 -16.25 -19.04
N GLU GA 92 -109.77 -16.91 -19.13
CA GLU GA 92 -108.50 -16.19 -19.19
C GLU GA 92 -108.36 -15.38 -20.46
N ASP GA 93 -108.85 -15.89 -21.59
CA ASP GA 93 -108.74 -15.20 -22.87
C ASP GA 93 -109.93 -14.28 -23.15
N THR GA 94 -110.57 -13.74 -22.11
CA THR GA 94 -111.63 -12.76 -22.27
C THR GA 94 -111.02 -11.45 -22.76
N ALA GA 95 -111.20 -11.13 -24.03
CA ALA GA 95 -110.57 -9.96 -24.62
C ALA GA 95 -111.30 -9.58 -25.90
N VAL GA 96 -110.96 -8.40 -26.42
CA VAL GA 96 -111.48 -7.89 -27.68
C VAL GA 96 -110.47 -8.20 -28.77
N TYR GA 97 -110.94 -8.82 -29.86
CA TYR GA 97 -110.07 -9.33 -30.91
C TYR GA 97 -110.18 -8.43 -32.15
N TYR GA 98 -109.03 -8.04 -32.67
CA TYR GA 98 -108.96 -7.22 -33.89
C TYR GA 98 -108.37 -8.04 -35.03
N CYS GA 99 -108.54 -7.51 -36.24
CA CYS GA 99 -107.92 -8.06 -37.44
C CYS GA 99 -107.01 -7.01 -38.06
N PHE GA 100 -105.90 -7.47 -38.65
CA PHE GA 100 -104.94 -6.59 -39.29
C PHE GA 100 -104.47 -7.23 -40.58
N VAL GA 101 -104.33 -6.41 -41.62
CA VAL GA 101 -103.94 -6.90 -42.94
C VAL GA 101 -102.45 -6.75 -43.20
N TYR GA 107 -103.86 -0.19 -41.80
CA TYR GA 107 -105.26 -0.54 -41.64
C TYR GA 107 -105.46 -1.41 -40.40
N ILE GA 108 -106.51 -1.11 -39.63
CA ILE GA 108 -106.83 -1.85 -38.42
C ILE GA 108 -108.33 -2.13 -38.40
N GLY GA 109 -108.68 -3.34 -37.96
CA GLY GA 109 -110.08 -3.73 -37.88
C GLY GA 109 -110.79 -3.10 -36.70
N GLN GA 110 -112.13 -3.13 -36.77
CA GLN GA 110 -112.95 -2.52 -35.72
C GLN GA 110 -112.85 -3.30 -34.41
N GLY GA 111 -112.93 -4.61 -34.48
CA GLY GA 111 -112.82 -5.45 -33.29
C GLY GA 111 -114.18 -5.71 -32.65
N THR GA 112 -114.32 -6.92 -32.10
CA THR GA 112 -115.55 -7.35 -31.43
C THR GA 112 -115.19 -7.96 -30.10
N GLN GA 113 -116.01 -7.66 -29.08
CA GLN GA 113 -115.71 -8.10 -27.73
C GLN GA 113 -116.15 -9.54 -27.50
N VAL GA 114 -115.24 -10.34 -26.95
CA VAL GA 114 -115.50 -11.73 -26.61
C VAL GA 114 -115.29 -11.90 -25.11
N THR GA 115 -116.32 -12.40 -24.43
CA THR GA 115 -116.28 -12.59 -22.99
C THR GA 115 -116.61 -14.05 -22.67
N VAL GA 116 -115.89 -14.60 -21.69
CA VAL GA 116 -116.08 -15.98 -21.25
C VAL GA 116 -116.41 -15.97 -19.77
N SER GA 117 -117.51 -16.61 -19.40
CA SER GA 117 -117.96 -16.65 -18.01
C SER GA 117 -117.91 -18.07 -17.46
N GLN HA 4 -117.54 26.31 -17.92
CA GLN HA 4 -118.80 25.82 -18.44
C GLN HA 4 -118.78 24.30 -18.58
N VAL HA 5 -117.59 23.73 -18.49
CA VAL HA 5 -117.40 22.30 -18.65
C VAL HA 5 -117.72 21.60 -17.33
N GLN HA 6 -118.70 20.70 -17.35
CA GLN HA 6 -119.13 19.96 -16.16
C GLN HA 6 -119.07 18.48 -16.44
N LEU HA 7 -118.47 17.72 -15.53
CA LEU HA 7 -118.38 16.27 -15.63
C LEU HA 7 -119.18 15.63 -14.50
N VAL HA 8 -120.11 14.75 -14.86
CA VAL HA 8 -120.91 14.01 -13.90
C VAL HA 8 -120.77 12.52 -14.20
N GLU HA 9 -120.72 11.72 -13.14
CA GLU HA 9 -120.59 10.28 -13.26
C GLU HA 9 -121.93 9.60 -12.99
N SER HA 10 -122.15 8.48 -13.66
CA SER HA 10 -123.38 7.72 -13.50
C SER HA 10 -123.12 6.26 -13.86
N GLY HA 11 -124.05 5.41 -13.45
CA GLY HA 11 -123.93 3.98 -13.69
C GLY HA 11 -123.33 3.19 -12.55
N GLY HA 12 -123.13 3.79 -11.38
CA GLY HA 12 -122.60 3.09 -10.24
C GLY HA 12 -123.67 2.36 -9.46
N GLY HA 13 -123.26 1.78 -8.33
CA GLY HA 13 -124.14 1.04 -7.47
C GLY HA 13 -123.42 -0.14 -6.86
N LEU HA 14 -124.20 -1.12 -6.41
CA LEU HA 14 -123.68 -2.33 -5.80
C LEU HA 14 -123.87 -3.50 -6.76
N VAL HA 15 -122.78 -4.22 -7.03
CA VAL HA 15 -122.81 -5.38 -7.92
C VAL HA 15 -122.08 -6.53 -7.24
N GLN HA 16 -122.65 -7.73 -7.34
CA GLN HA 16 -122.07 -8.90 -6.71
C GLN HA 16 -120.85 -9.38 -7.49
N ALA HA 17 -120.23 -10.43 -6.98
CA ALA HA 17 -119.01 -10.96 -7.58
C ALA HA 17 -119.28 -11.53 -8.96
N GLY HA 18 -118.36 -11.27 -9.89
CA GLY HA 18 -118.48 -11.74 -11.25
C GLY HA 18 -119.39 -10.91 -12.14
N GLY HA 19 -119.98 -9.84 -11.61
CA GLY HA 19 -120.90 -9.03 -12.38
C GLY HA 19 -120.20 -8.04 -13.29
N SER HA 20 -121.02 -7.38 -14.11
CA SER HA 20 -120.56 -6.35 -15.03
C SER HA 20 -121.21 -5.01 -14.68
N LEU HA 21 -120.42 -3.95 -14.76
CA LEU HA 21 -120.90 -2.61 -14.45
C LEU HA 21 -120.44 -1.64 -15.53
N ARG HA 22 -121.28 -0.64 -15.79
CA ARG HA 22 -121.04 0.36 -16.82
C ARG HA 22 -120.97 1.73 -16.15
N LEU HA 23 -119.90 2.47 -16.44
CA LEU HA 23 -119.67 3.79 -15.86
C LEU HA 23 -119.76 4.83 -16.95
N SER HA 24 -120.54 5.88 -16.69
CA SER HA 24 -120.84 6.90 -17.68
C SER HA 24 -120.43 8.27 -17.15
N CYS HA 25 -119.70 9.01 -17.97
CA CYS HA 25 -119.32 10.39 -17.67
C CYS HA 25 -119.78 11.28 -18.80
N ALA HA 26 -120.48 12.36 -18.45
CA ALA HA 26 -121.04 13.28 -19.43
C ALA HA 26 -120.13 14.50 -19.56
N ALA HA 27 -119.77 14.85 -20.79
CA ALA HA 27 -118.99 16.05 -21.09
C ALA HA 27 -119.86 17.05 -21.83
N SER HA 28 -119.91 18.27 -21.32
CA SER HA 28 -120.74 19.30 -21.93
C SER HA 28 -120.10 19.88 -23.19
N HIS HA 36 -109.40 13.58 -25.16
CA HIS HA 36 -108.57 12.82 -24.24
C HIS HA 36 -109.17 12.77 -22.84
N MET HA 37 -109.49 11.56 -22.39
CA MET HA 37 -110.13 11.33 -21.10
C MET HA 37 -109.33 10.29 -20.31
N ARG HA 38 -109.37 10.43 -18.99
CA ARG HA 38 -108.63 9.55 -18.09
C ARG HA 38 -109.53 9.14 -16.93
N TRP HA 39 -109.32 7.93 -16.44
CA TRP HA 39 -110.12 7.39 -15.34
C TRP HA 39 -109.24 7.10 -14.14
N TYR HA 40 -109.78 7.38 -12.95
CA TYR HA 40 -109.08 7.17 -11.69
C TYR HA 40 -110.03 6.50 -10.70
N ARG HA 41 -109.45 5.77 -9.74
CA ARG HA 41 -110.21 5.17 -8.66
C ARG HA 41 -109.53 5.46 -7.34
N GLN HA 42 -110.32 5.49 -6.27
CA GLN HA 42 -109.78 5.73 -4.94
C GLN HA 42 -110.47 4.77 -3.97
N ARG HA 48 -106.00 7.95 -4.71
CA ARG HA 48 -106.41 7.99 -6.11
C ARG HA 48 -105.42 7.21 -6.97
N GLU HA 49 -105.88 6.13 -7.60
CA GLU HA 49 -105.02 5.27 -8.41
C GLU HA 49 -105.42 5.37 -9.87
N TRP HA 50 -104.42 5.38 -10.75
CA TRP HA 50 -104.65 5.49 -12.18
C TRP HA 50 -105.29 4.21 -12.72
N VAL HA 51 -106.27 4.38 -13.61
CA VAL HA 51 -107.04 3.26 -14.14
C VAL HA 51 -106.77 3.04 -15.64
N ALA HA 52 -107.19 3.98 -16.48
CA ALA HA 52 -107.13 3.78 -17.92
C ALA HA 52 -107.21 5.12 -18.63
N ALA HA 53 -106.89 5.09 -19.93
CA ALA HA 53 -106.89 6.30 -20.75
C ALA HA 53 -107.47 6.03 -22.13
N ILE HA 54 -108.09 7.06 -22.69
CA ILE HA 54 -108.60 7.03 -24.06
C ILE HA 54 -108.16 8.32 -24.75
N TYR HA 55 -108.18 8.29 -26.09
CA TYR HA 55 -107.76 9.43 -26.87
C TYR HA 55 -108.96 10.09 -27.57
N ALA HA 59 -109.30 6.50 -31.03
CA ALA HA 59 -109.89 5.44 -30.22
C ALA HA 59 -108.82 4.56 -29.59
N GLY HA 60 -107.58 5.01 -29.68
CA GLY HA 60 -106.49 4.28 -29.06
C GLY HA 60 -106.63 4.29 -27.54
N THR HA 61 -106.47 3.11 -26.96
CA THR HA 61 -106.82 2.91 -25.56
C THR HA 61 -105.68 2.28 -24.79
N HIS HA 62 -105.59 2.63 -23.52
CA HIS HA 62 -104.52 2.19 -22.63
C HIS HA 62 -105.11 1.80 -21.28
N TYR HA 63 -104.63 0.69 -20.71
CA TYR HA 63 -105.11 0.20 -19.43
C TYR HA 63 -103.96 -0.09 -18.49
N ALA HA 64 -104.20 0.09 -17.19
CA ALA HA 64 -103.21 -0.31 -16.19
C ALA HA 64 -103.15 -1.83 -16.06
N ASP HA 65 -101.96 -2.34 -15.74
CA ASP HA 65 -101.78 -3.78 -15.61
C ASP HA 65 -102.56 -4.36 -14.44
N SER HA 66 -102.72 -3.58 -13.36
CA SER HA 66 -103.52 -4.05 -12.24
C SER HA 66 -104.99 -4.22 -12.60
N VAL HA 67 -105.43 -3.57 -13.68
CA VAL HA 67 -106.80 -3.65 -14.15
C VAL HA 67 -106.90 -4.18 -15.58
N LYS HA 68 -105.79 -4.70 -16.12
CA LYS HA 68 -105.75 -5.11 -17.52
C LYS HA 68 -106.60 -6.35 -17.74
N GLY HA 69 -107.26 -6.41 -18.90
CA GLY HA 69 -108.04 -7.57 -19.28
C GLY HA 69 -109.40 -7.67 -18.63
N ARG HA 70 -109.88 -6.61 -18.01
CA ARG HA 70 -111.16 -6.63 -17.31
C ARG HA 70 -112.06 -5.48 -17.74
N PHE HA 71 -111.46 -4.33 -18.05
CA PHE HA 71 -112.18 -3.12 -18.37
C PHE HA 71 -111.97 -2.73 -19.84
N THR HA 72 -113.01 -2.14 -20.42
CA THR HA 72 -112.97 -1.62 -21.78
C THR HA 72 -113.61 -0.24 -21.79
N ILE HA 73 -112.93 0.72 -22.43
CA ILE HA 73 -113.39 2.10 -22.47
C ILE HA 73 -113.64 2.49 -23.92
N SER HA 74 -114.79 3.12 -24.16
CA SER HA 74 -115.11 3.70 -25.46
C SER HA 74 -115.85 5.01 -25.23
N ARG HA 75 -115.79 5.89 -26.22
CA ARG HA 75 -116.50 7.16 -26.15
C ARG HA 75 -117.09 7.48 -27.51
N ASP HA 76 -118.20 8.21 -27.49
CA ASP HA 76 -118.89 8.64 -28.70
C ASP HA 76 -119.02 10.16 -28.68
N ASN HA 77 -118.64 10.80 -29.78
CA ASN HA 77 -118.75 12.25 -29.87
C ASN HA 77 -120.19 12.71 -30.07
N ALA HA 78 -121.06 11.84 -30.58
CA ALA HA 78 -122.46 12.23 -30.78
C ALA HA 78 -123.14 12.55 -29.46
N LYS HA 79 -122.93 11.72 -28.43
CA LYS HA 79 -123.51 11.94 -27.13
C LYS HA 79 -122.58 12.67 -26.16
N ASN HA 80 -121.31 12.85 -26.53
CA ASN HA 80 -120.32 13.50 -25.67
C ASN HA 80 -120.20 12.81 -24.32
N THR HA 81 -120.24 11.47 -24.33
CA THR HA 81 -120.09 10.69 -23.12
C THR HA 81 -119.06 9.59 -23.34
N VAL HA 82 -118.39 9.20 -22.27
CA VAL HA 82 -117.39 8.13 -22.29
C VAL HA 82 -117.95 6.95 -21.50
N TYR HA 83 -117.96 5.79 -22.13
CA TYR HA 83 -118.52 4.57 -21.55
C TYR HA 83 -117.38 3.66 -21.12
N LEU HA 84 -117.42 3.19 -19.88
CA LEU HA 84 -116.36 2.35 -19.32
C LEU HA 84 -117.02 1.03 -18.94
N GLN HA 85 -116.77 -0.02 -19.73
CA GLN HA 85 -117.43 -1.30 -19.52
C GLN HA 85 -116.54 -2.18 -18.66
N MET HA 86 -117.04 -2.54 -17.48
CA MET HA 86 -116.29 -3.34 -16.52
C MET HA 86 -116.86 -4.76 -16.47
N ASN HA 87 -116.00 -5.76 -16.64
CA ASN HA 87 -116.41 -7.16 -16.59
C ASN HA 87 -115.73 -7.86 -15.42
N SER HA 88 -116.47 -8.78 -14.79
CA SER HA 88 -115.95 -9.64 -13.73
C SER HA 88 -115.38 -8.81 -12.57
N LEU HA 89 -116.27 -8.02 -11.96
CA LEU HA 89 -115.88 -7.26 -10.79
C LEU HA 89 -115.74 -8.16 -9.58
N LYS HA 90 -114.90 -7.74 -8.64
CA LYS HA 90 -114.59 -8.47 -7.43
C LYS HA 90 -114.65 -7.53 -6.26
N PRO HA 91 -114.78 -8.06 -5.03
CA PRO HA 91 -114.76 -7.18 -3.85
C PRO HA 91 -113.45 -6.42 -3.68
N GLU HA 92 -112.36 -6.87 -4.31
CA GLU HA 92 -111.08 -6.19 -4.17
C GLU HA 92 -111.10 -4.79 -4.77
N ASP HA 93 -111.80 -4.59 -5.88
CA ASP HA 93 -111.86 -3.30 -6.54
C ASP HA 93 -113.01 -2.43 -6.05
N THR HA 94 -113.43 -2.60 -4.79
CA THR HA 94 -114.44 -1.74 -4.19
C THR HA 94 -113.83 -0.38 -3.95
N ALA HA 95 -114.20 0.61 -4.77
CA ALA HA 95 -113.60 1.93 -4.68
C ALA HA 95 -114.51 2.94 -5.37
N VAL HA 96 -114.18 4.22 -5.17
CA VAL HA 96 -114.86 5.34 -5.81
C VAL HA 96 -114.06 5.74 -7.05
N TYR HA 97 -114.74 5.83 -8.19
CA TYR HA 97 -114.10 6.05 -9.48
C TYR HA 97 -114.34 7.47 -9.95
N TYR HA 98 -113.28 8.16 -10.35
CA TYR HA 98 -113.35 9.50 -10.88
C TYR HA 98 -113.01 9.51 -12.37
N CYS HA 99 -113.34 10.62 -13.01
CA CYS HA 99 -112.95 10.88 -14.39
C CYS HA 99 -112.09 12.13 -14.45
N PHE HA 100 -111.14 12.14 -15.39
CA PHE HA 100 -110.23 13.26 -15.56
C PHE HA 100 -110.02 13.49 -17.05
N VAL HA 101 -110.00 14.77 -17.45
CA VAL HA 101 -109.87 15.13 -18.86
C VAL HA 101 -108.43 15.45 -19.22
N TYR HA 107 -109.17 20.00 -14.14
CA TYR HA 107 -110.54 19.56 -13.97
C TYR HA 107 -110.60 18.13 -13.43
N ILE HA 108 -111.49 17.90 -12.46
CA ILE HA 108 -111.65 16.59 -11.85
C ILE HA 108 -113.14 16.29 -11.74
N GLY HA 109 -113.49 15.02 -12.01
CA GLY HA 109 -114.88 14.61 -11.92
C GLY HA 109 -115.35 14.42 -10.50
N GLN HA 110 -116.68 14.40 -10.34
CA GLN HA 110 -117.26 14.26 -9.01
C GLN HA 110 -117.01 12.88 -8.41
N GLY HA 111 -117.19 11.83 -9.20
CA GLY HA 111 -116.94 10.48 -8.73
C GLY HA 111 -118.18 9.84 -8.13
N THR HA 112 -118.32 8.53 -8.35
CA THR HA 112 -119.44 7.75 -7.85
C THR HA 112 -118.91 6.49 -7.17
N GLN HA 113 -119.53 6.14 -6.05
CA GLN HA 113 -119.05 5.02 -5.25
C GLN HA 113 -119.54 3.69 -5.81
N VAL HA 114 -118.61 2.75 -5.97
CA VAL HA 114 -118.90 1.40 -6.45
C VAL HA 114 -118.46 0.42 -5.37
N THR HA 115 -119.39 -0.41 -4.91
CA THR HA 115 -119.13 -1.40 -3.87
C THR HA 115 -119.49 -2.78 -4.38
N VAL HA 116 -118.66 -3.77 -4.03
CA VAL HA 116 -118.87 -5.15 -4.43
C VAL HA 116 -118.94 -6.00 -3.17
N SER HA 117 -120.01 -6.77 -3.04
CA SER HA 117 -120.22 -7.62 -1.87
C SER HA 117 -120.19 -9.09 -2.24
N GLN IA 4 -116.42 28.62 21.87
CA GLN IA 4 -117.79 28.46 21.40
C GLN IA 4 -117.90 27.29 20.43
N VAL IA 5 -116.74 26.80 19.98
CA VAL IA 5 -116.70 25.71 19.01
C VAL IA 5 -116.84 24.38 19.75
N GLN IA 6 -117.87 23.61 19.42
CA GLN IA 6 -118.15 22.33 20.04
C GLN IA 6 -118.24 21.26 18.96
N LEU IA 7 -117.57 20.14 19.19
CA LEU IA 7 -117.60 19.00 18.28
C LEU IA 7 -118.24 17.81 18.98
N VAL IA 8 -119.28 17.25 18.36
CA VAL IA 8 -119.98 16.08 18.86
C VAL IA 8 -119.99 15.02 17.77
N GLU IA 9 -119.83 13.76 18.18
CA GLU IA 9 -119.82 12.64 17.25
C GLU IA 9 -121.14 11.88 17.34
N SER IA 10 -121.55 11.32 16.20
CA SER IA 10 -122.80 10.57 16.13
C SER IA 10 -122.70 9.58 14.98
N GLY IA 11 -123.61 8.60 15.00
CA GLY IA 11 -123.63 7.57 13.99
C GLY IA 11 -122.92 6.29 14.36
N GLY IA 12 -122.48 6.14 15.60
CA GLY IA 12 -121.82 4.94 16.05
C GLY IA 12 -122.81 3.86 16.47
N GLY IA 13 -122.26 2.76 16.99
CA GLY IA 13 -123.04 1.64 17.43
C GLY IA 13 -122.32 0.34 17.14
N LEU IA 14 -123.08 -0.74 17.09
CA LEU IA 14 -122.56 -2.07 16.82
C LEU IA 14 -122.98 -2.51 15.43
N VAL IA 15 -122.02 -2.92 14.61
CA VAL IA 15 -122.27 -3.37 13.25
C VAL IA 15 -121.52 -4.69 13.04
N GLN IA 16 -122.19 -5.63 12.38
CA GLN IA 16 -121.61 -6.95 12.14
C GLN IA 16 -120.56 -6.86 11.04
N ALA IA 17 -119.93 -8.01 10.74
CA ALA IA 17 -118.87 -8.06 9.75
C ALA IA 17 -119.41 -7.76 8.36
N GLY IA 18 -118.64 -7.00 7.58
CA GLY IA 18 -119.02 -6.62 6.24
C GLY IA 18 -119.99 -5.48 6.15
N GLY IA 19 -120.41 -4.91 7.27
CA GLY IA 19 -121.38 -3.83 7.26
C GLY IA 19 -120.78 -2.48 6.95
N SER IA 20 -121.66 -1.50 6.81
CA SER IA 20 -121.28 -0.12 6.55
C SER IA 20 -121.77 0.77 7.68
N LEU IA 21 -120.93 1.72 8.08
CA LEU IA 21 -121.26 2.63 9.16
C LEU IA 21 -120.91 4.06 8.75
N ARG IA 22 -121.70 5.01 9.23
CA ARG IA 22 -121.57 6.42 8.92
C ARG IA 22 -121.29 7.18 10.20
N LEU IA 23 -120.23 7.99 10.20
CA LEU IA 23 -119.81 8.75 11.36
C LEU IA 23 -120.01 10.24 11.08
N SER IA 24 -120.66 10.93 12.01
CA SER IA 24 -121.05 12.32 11.82
C SER IA 24 -120.45 13.17 12.94
N CYS IA 25 -119.81 14.27 12.57
CA CYS IA 25 -119.28 15.24 13.51
C CYS IA 25 -119.86 16.61 13.18
N ALA IA 26 -120.42 17.28 14.18
CA ALA IA 26 -121.05 18.58 14.00
C ALA IA 26 -120.09 19.69 14.41
N ALA IA 27 -119.92 20.68 13.54
CA ALA IA 27 -119.11 21.86 13.83
C ALA IA 27 -120.02 23.07 13.94
N SER IA 28 -119.89 23.80 15.05
CA SER IA 28 -120.73 24.97 15.28
C SER IA 28 -120.26 26.17 14.46
N HIS IA 36 -110.52 22.42 7.47
CA HIS IA 36 -109.61 21.29 7.64
C HIS IA 36 -109.98 20.44 8.85
N MET IA 37 -110.31 19.19 8.60
CA MET IA 37 -110.74 18.25 9.63
C MET IA 37 -109.90 16.97 9.55
N ARG IA 38 -109.71 16.34 10.71
CA ARG IA 38 -108.90 15.14 10.82
C ARG IA 38 -109.63 14.12 11.69
N TRP IA 39 -109.43 12.84 11.39
CA TRP IA 39 -110.08 11.76 12.11
C TRP IA 39 -109.03 10.88 12.77
N TYR IA 40 -109.35 10.43 13.98
CA TYR IA 40 -108.47 9.55 14.75
C TYR IA 40 -109.28 8.42 15.36
N ARG IA 41 -108.61 7.31 15.63
CA ARG IA 41 -109.23 6.17 16.30
C ARG IA 41 -108.32 5.69 17.42
N GLN IA 42 -108.93 5.09 18.45
CA GLN IA 42 -108.16 4.56 19.57
C GLN IA 42 -108.75 3.20 19.93
N ARG IA 48 -104.24 6.40 20.33
CA ARG IA 48 -104.87 7.19 19.28
C ARG IA 48 -104.08 7.06 17.97
N GLU IA 49 -104.73 6.51 16.94
CA GLU IA 49 -104.08 6.29 15.66
C GLU IA 49 -104.70 7.18 14.59
N TRP IA 50 -103.86 7.71 13.71
CA TRP IA 50 -104.32 8.60 12.65
C TRP IA 50 -105.12 7.82 11.61
N VAL IA 51 -106.22 8.42 11.15
CA VAL IA 51 -107.15 7.77 10.23
C VAL IA 51 -107.14 8.43 8.86
N ALA IA 52 -107.63 9.67 8.77
CA ALA IA 52 -107.81 10.31 7.47
C ALA IA 52 -107.91 11.82 7.66
N ALA IA 53 -107.82 12.54 6.54
CA ALA IA 53 -107.86 14.00 6.54
C ALA IA 53 -108.68 14.52 5.38
N ILE IA 54 -109.31 15.68 5.60
CA ILE IA 54 -110.04 16.40 4.56
C ILE IA 54 -109.62 17.86 4.64
N TYR IA 55 -109.86 18.59 3.55
CA TYR IA 55 -109.50 20.00 3.47
C TYR IA 55 -110.74 20.89 3.49
N ALA IA 59 -111.91 19.85 -1.25
CA ALA IA 59 -112.43 18.50 -1.08
C ALA IA 59 -111.34 17.46 -1.26
N GLY IA 60 -110.10 17.92 -1.31
CA GLY IA 60 -108.97 17.00 -1.40
C GLY IA 60 -108.87 16.15 -0.14
N THR IA 61 -108.70 14.86 -0.34
CA THR IA 61 -108.83 13.90 0.74
C THR IA 61 -107.63 12.97 0.81
N HIS IA 62 -107.30 12.56 2.03
CA HIS IA 62 -106.14 11.74 2.31
C HIS IA 62 -106.52 10.63 3.29
N TYR IA 63 -106.03 9.41 3.05
CA TYR IA 63 -106.34 8.27 3.91
C TYR IA 63 -105.07 7.54 4.29
N ALA IA 64 -105.08 6.95 5.50
CA ALA IA 64 -103.97 6.09 5.91
C ALA IA 64 -104.01 4.76 5.15
N ASP IA 65 -102.82 4.20 4.93
CA ASP IA 65 -102.73 2.95 4.19
C ASP IA 65 -103.34 1.78 4.96
N SER IA 66 -103.27 1.81 6.30
CA SER IA 66 -103.91 0.77 7.09
C SER IA 66 -105.42 0.78 6.96
N VAL IA 67 -105.99 1.91 6.52
CA VAL IA 67 -107.42 2.06 6.34
C VAL IA 67 -107.78 2.42 4.90
N LYS IA 68 -106.83 2.34 3.98
CA LYS IA 68 -107.04 2.78 2.61
C LYS IA 68 -108.00 1.85 1.89
N GLY IA 69 -108.84 2.43 1.02
CA GLY IA 69 -109.76 1.67 0.21
C GLY IA 69 -111.01 1.17 0.92
N ARG IA 70 -111.30 1.68 2.11
CA ARG IA 70 -112.44 1.24 2.88
C ARG IA 70 -113.31 2.40 3.34
N PHE IA 71 -112.68 3.54 3.61
CA PHE IA 71 -113.36 4.71 4.16
C PHE IA 71 -113.37 5.84 3.14
N THR IA 72 -114.44 6.64 3.18
CA THR IA 72 -114.58 7.83 2.36
C THR IA 72 -115.12 8.96 3.24
N ILE IA 73 -114.49 10.13 3.14
CA ILE IA 73 -114.84 11.28 3.96
C ILE IA 73 -115.30 12.41 3.04
N SER IA 74 -116.42 13.03 3.39
CA SER IA 74 -116.91 14.22 2.72
C SER IA 74 -117.50 15.14 3.78
N ARG IA 75 -117.55 16.43 3.46
CA ARG IA 75 -118.14 17.43 4.34
C ARG IA 75 -118.92 18.43 3.51
N ASP IA 76 -119.96 19.00 4.14
CA ASP IA 76 -120.80 20.00 3.51
C ASP IA 76 -120.81 21.24 4.40
N ASN IA 77 -120.57 22.41 3.80
CA ASN IA 77 -120.59 23.66 4.55
C ASN IA 77 -122.01 24.11 4.90
N ALA IA 78 -123.02 23.63 4.15
CA ALA IA 78 -124.39 24.03 4.45
C ALA IA 78 -124.82 23.52 5.82
N LYS IA 79 -124.51 22.28 6.16
CA LYS IA 79 -124.85 21.71 7.45
C LYS IA 79 -123.72 21.78 8.47
N ASN IA 80 -122.52 22.19 8.05
CA ASN IA 80 -121.36 22.28 8.92
C ASN IA 80 -121.07 20.94 9.62
N THR IA 81 -121.20 19.85 8.88
CA THR IA 81 -120.92 18.52 9.39
C THR IA 81 -120.02 17.78 8.42
N VAL IA 82 -119.21 16.87 8.96
CA VAL IA 82 -118.32 16.04 8.17
C VAL IA 82 -118.81 14.60 8.25
N TYR IA 83 -119.01 13.99 7.08
CA TYR IA 83 -119.56 12.64 6.99
C TYR IA 83 -118.44 11.69 6.62
N LEU IA 84 -118.30 10.60 7.38
CA LEU IA 84 -117.24 9.62 7.16
C LEU IA 84 -117.91 8.29 6.86
N GLN IA 85 -117.88 7.88 5.60
CA GLN IA 85 -118.58 6.68 5.16
C GLN IA 85 -117.63 5.50 5.23
N MET IA 86 -117.95 4.51 6.06
CA MET IA 86 -117.11 3.35 6.25
C MET IA 86 -117.77 2.12 5.62
N ASN IA 87 -117.03 1.41 4.77
CA ASN IA 87 -117.52 0.22 4.10
C ASN IA 87 -116.71 -1.00 4.54
N SER IA 88 -117.40 -2.13 4.65
CA SER IA 88 -116.78 -3.42 4.96
C SER IA 88 -115.98 -3.37 6.25
N LEU IA 89 -116.68 -3.08 7.34
CA LEU IA 89 -116.06 -3.10 8.65
C LEU IA 89 -115.78 -4.52 9.10
N LYS IA 90 -114.78 -4.67 9.95
CA LYS IA 90 -114.32 -5.94 10.46
C LYS IA 90 -114.13 -5.83 11.97
N PRO IA 91 -114.09 -6.96 12.68
CA PRO IA 91 -113.81 -6.89 14.13
C PRO IA 91 -112.44 -6.31 14.46
N GLU IA 92 -111.51 -6.29 13.50
CA GLU IA 92 -110.17 -5.77 13.77
C GLU IA 92 -110.19 -4.28 14.07
N ASP IA 93 -111.04 -3.51 13.39
CA ASP IA 93 -111.11 -2.07 13.60
C ASP IA 93 -112.11 -1.67 14.68
N THR IA 94 -112.32 -2.53 15.68
CA THR IA 94 -113.16 -2.19 16.83
C THR IA 94 -112.42 -1.18 17.69
N ALA IA 95 -112.84 0.08 17.63
CA ALA IA 95 -112.15 1.15 18.33
C ALA IA 95 -113.07 2.34 18.50
N VAL IA 96 -112.62 3.30 19.31
CA VAL IA 96 -113.33 4.56 19.52
C VAL IA 96 -112.71 5.61 18.61
N TYR IA 97 -113.56 6.31 17.85
CA TYR IA 97 -113.13 7.23 16.82
C TYR IA 97 -113.34 8.67 17.27
N TYR IA 98 -112.31 9.48 17.14
CA TYR IA 98 -112.37 10.90 17.48
C TYR IA 98 -112.28 11.75 16.22
N CYS IA 99 -112.61 13.02 16.37
CA CYS IA 99 -112.45 14.02 15.32
C CYS IA 99 -111.53 15.12 15.82
N PHE IA 100 -110.74 15.67 14.90
CA PHE IA 100 -109.79 16.73 15.22
C PHE IA 100 -109.82 17.77 14.11
N VAL IA 101 -109.77 19.05 14.49
CA VAL IA 101 -109.85 20.14 13.52
C VAL IA 101 -108.46 20.66 13.15
N TYR IA 107 -108.03 21.56 19.94
CA TYR IA 107 -109.38 21.04 20.07
C TYR IA 107 -109.46 19.56 19.73
N ILE IA 108 -110.18 18.79 20.54
CA ILE IA 108 -110.34 17.36 20.34
C ILE IA 108 -111.81 17.00 20.52
N GLY IA 109 -112.29 16.09 19.66
CA GLY IA 109 -113.67 15.66 19.75
C GLY IA 109 -113.91 14.68 20.88
N GLN IA 110 -115.19 14.53 21.22
CA GLN IA 110 -115.57 13.66 22.34
C GLN IA 110 -115.32 12.19 22.00
N GLY IA 111 -115.69 11.76 20.81
CA GLY IA 111 -115.48 10.38 20.40
C GLY IA 111 -116.65 9.48 20.76
N THR IA 112 -116.91 8.52 19.86
CA THR IA 112 -117.99 7.55 20.04
C THR IA 112 -117.45 6.15 19.79
N GLN IA 113 -117.90 5.20 20.60
CA GLN IA 113 -117.38 3.84 20.56
C GLN IA 113 -118.04 3.05 19.45
N VAL IA 114 -117.22 2.40 18.62
CA VAL IA 114 -117.69 1.53 17.54
C VAL IA 114 -117.15 0.13 17.79
N THR IA 115 -118.05 -0.84 17.86
CA THR IA 115 -117.70 -2.23 18.10
C THR IA 115 -118.23 -3.10 16.97
N VAL IA 116 -117.43 -4.09 16.57
CA VAL IA 116 -117.80 -5.02 15.52
C VAL IA 116 -117.73 -6.44 16.07
N SER IA 117 -118.83 -7.18 15.93
CA SER IA 117 -118.90 -8.54 16.45
C SER IA 117 -119.02 -9.55 15.33
N GLN JA 4 -108.51 8.68 55.18
CA GLN JA 4 -109.95 8.74 54.98
C GLN JA 4 -110.31 8.28 53.58
N VAL JA 5 -109.31 8.17 52.72
CA VAL JA 5 -109.52 7.79 51.33
C VAL JA 5 -109.61 6.27 51.23
N GLN JA 6 -110.74 5.77 50.75
CA GLN JA 6 -110.97 4.33 50.62
C GLN JA 6 -111.34 4.01 49.18
N LEU JA 7 -110.72 2.98 48.62
CA LEU JA 7 -111.00 2.52 47.28
C LEU JA 7 -111.58 1.11 47.33
N VAL JA 8 -112.75 0.93 46.72
CA VAL JA 8 -113.40 -0.36 46.63
C VAL JA 8 -113.69 -0.66 45.16
N GLU JA 9 -113.53 -1.92 44.79
CA GLU JA 9 -113.79 -2.36 43.42
C GLU JA 9 -115.12 -3.10 43.34
N SER JA 10 -115.77 -2.98 42.19
CA SER JA 10 -117.05 -3.63 41.96
C SER JA 10 -117.25 -3.83 40.46
N GLY JA 11 -118.20 -4.69 40.12
CA GLY JA 11 -118.49 -5.02 38.75
C GLY JA 11 -117.80 -6.26 38.21
N GLY JA 12 -117.14 -7.04 39.07
CA GLY JA 12 -116.49 -8.26 38.65
C GLY JA 12 -117.44 -9.44 38.60
N GLY JA 13 -116.89 -10.61 38.33
CA GLY JA 13 -117.64 -11.83 38.23
C GLY JA 13 -117.07 -12.72 37.15
N LEU JA 14 -117.90 -13.64 36.67
CA LEU JA 14 -117.52 -14.58 35.63
C LEU JA 14 -118.24 -14.21 34.33
N VAL JA 15 -117.48 -14.07 33.26
CA VAL JA 15 -118.01 -13.72 31.95
C VAL JA 15 -117.41 -14.66 30.91
N GLN JA 16 -118.26 -15.13 30.00
CA GLN JA 16 -117.81 -16.07 28.97
C GLN JA 16 -116.99 -15.34 27.91
N ALA JA 17 -116.51 -16.11 26.93
CA ALA JA 17 -115.66 -15.57 25.88
C ALA JA 17 -116.44 -14.59 25.00
N GLY JA 18 -115.78 -13.49 24.63
CA GLY JA 18 -116.39 -12.47 23.81
C GLY JA 18 -117.29 -11.50 24.56
N GLY JA 19 -117.44 -11.66 25.87
CA GLY JA 19 -118.32 -10.80 26.62
C GLY JA 19 -117.70 -9.48 26.99
N SER JA 20 -118.53 -8.61 27.57
CA SER JA 20 -118.12 -7.29 28.04
C SER JA 20 -118.31 -7.20 29.55
N LEU JA 21 -117.35 -6.57 30.22
CA LEU JA 21 -117.41 -6.41 31.66
C LEU JA 21 -117.05 -4.97 32.03
N ARG JA 22 -117.68 -4.48 33.10
CA ARG JA 22 -117.50 -3.12 33.58
C ARG JA 22 -116.94 -3.16 34.99
N LEU JA 23 -115.84 -2.44 35.21
CA LEU JA 23 -115.16 -2.41 36.49
C LEU JA 23 -115.31 -1.02 37.10
N SER JA 24 -115.72 -0.98 38.37
CA SER JA 24 -116.04 0.27 39.05
C SER JA 24 -115.19 0.40 40.30
N CYS JA 25 -114.56 1.56 40.47
CA CYS JA 25 -113.80 1.89 41.66
C CYS JA 25 -114.34 3.18 42.24
N ALA JA 26 -114.65 3.17 43.54
CA ALA JA 26 -115.22 4.33 44.21
C ALA JA 26 -114.12 5.08 44.97
N ALA JA 27 -114.05 6.39 44.76
CA ALA JA 27 -113.13 7.26 45.47
C ALA JA 27 -113.92 8.17 46.40
N SER JA 28 -113.54 8.19 47.67
CA SER JA 28 -114.24 9.00 48.67
C SER JA 28 -113.85 10.47 48.56
N HIS JA 36 -105.89 11.61 38.90
CA HIS JA 36 -105.04 10.62 38.25
C HIS JA 36 -105.23 9.23 38.86
N MET JA 37 -105.69 8.30 38.02
CA MET JA 37 -105.97 6.93 38.45
C MET JA 37 -105.25 5.96 37.53
N ARG JA 38 -104.89 4.81 38.09
CA ARG JA 38 -104.16 3.77 37.37
C ARG JA 38 -104.76 2.41 37.68
N TRP JA 39 -104.72 1.52 36.69
CA TRP JA 39 -105.29 0.19 36.83
C TRP JA 39 -104.19 -0.87 36.68
N TYR JA 40 -104.29 -1.92 37.49
CA TYR JA 40 -103.35 -3.02 37.48
C TYR JA 40 -104.11 -4.34 37.52
N ARG JA 41 -103.48 -5.40 37.00
CA ARG JA 41 -104.03 -6.74 37.06
C ARG JA 41 -102.95 -7.71 37.54
N GLN JA 42 -103.39 -8.79 38.17
CA GLN JA 42 -102.46 -9.81 38.64
C GLN JA 42 -103.06 -11.18 38.32
N ARG JA 48 -98.36 -8.49 39.49
CA ARG JA 48 -99.12 -7.29 39.19
C ARG JA 48 -98.62 -6.65 37.90
N GLU JA 49 -99.47 -6.58 36.88
CA GLU JA 49 -99.10 -6.04 35.58
C GLU JA 49 -99.85 -4.74 35.32
N TRP JA 50 -99.16 -3.78 34.72
CA TRP JA 50 -99.74 -2.48 34.42
C TRP JA 50 -100.79 -2.60 33.32
N VAL JA 51 -101.91 -1.91 33.48
CA VAL JA 51 -103.04 -1.99 32.55
C VAL JA 51 -103.25 -0.69 31.79
N ALA JA 52 -103.66 0.37 32.49
CA ALA JA 52 -104.05 1.60 31.80
C ALA JA 52 -104.00 2.76 32.79
N ALA JA 53 -104.08 3.98 32.26
CA ALA JA 53 -104.02 5.20 33.06
C ALA JA 53 -105.02 6.23 32.55
N ILE JA 54 -105.51 7.04 33.49
CA ILE JA 54 -106.37 8.17 33.17
C ILE JA 54 -105.86 9.37 33.95
N TYR JA 55 -106.25 10.57 33.50
CA TYR JA 55 -105.81 11.81 34.12
C TYR JA 55 -106.97 12.48 34.86
N ALA JA 59 -109.08 14.14 30.65
CA ALA JA 59 -109.66 12.89 30.16
C ALA JA 59 -108.69 12.17 29.24
N GLY JA 60 -107.45 12.64 29.21
CA GLY JA 60 -106.43 11.97 28.41
C GLY JA 60 -106.14 10.58 28.96
N THR JA 61 -106.10 9.62 28.06
CA THR JA 61 -106.09 8.22 28.46
C THR JA 61 -104.96 7.47 27.76
N HIS JA 62 -104.43 6.48 28.48
CA HIS JA 62 -103.30 5.68 28.04
C HIS JA 62 -103.56 4.20 28.32
N TYR JA 63 -103.21 3.34 27.36
CA TYR JA 63 -103.42 1.91 27.50
C TYR JA 63 -102.15 1.14 27.18
N ALA JA 64 -101.97 -0.01 27.83
CA ALA JA 64 -100.87 -0.90 27.49
C ALA JA 64 -101.13 -1.60 26.16
N ASP JA 65 -100.05 -1.89 25.44
CA ASP JA 65 -100.19 -2.54 24.13
C ASP JA 65 -100.72 -3.96 24.25
N SER JA 66 -100.39 -4.66 25.35
CA SER JA 66 -100.92 -6.00 25.55
C SER JA 66 -102.43 -5.98 25.76
N VAL JA 67 -103.00 -4.83 26.12
CA VAL JA 67 -104.43 -4.67 26.34
C VAL JA 67 -105.02 -3.61 25.43
N LYS JA 68 -104.27 -3.12 24.44
CA LYS JA 68 -104.72 -2.02 23.61
C LYS JA 68 -105.86 -2.45 22.70
N GLY JA 69 -106.81 -1.55 22.47
CA GLY JA 69 -107.91 -1.79 21.57
C GLY JA 69 -109.03 -2.64 22.12
N ARG JA 70 -109.05 -2.87 23.43
CA ARG JA 70 -110.06 -3.73 24.04
C ARG JA 70 -110.75 -3.04 25.22
N PHE JA 71 -110.01 -2.21 25.94
CA PHE JA 71 -110.48 -1.56 27.15
C PHE JA 71 -110.61 -0.06 26.95
N THR JA 72 -111.60 0.53 27.61
CA THR JA 72 -111.82 1.97 27.61
C THR JA 72 -112.10 2.42 29.04
N ILE JA 73 -111.42 3.47 29.48
CA ILE JA 73 -111.54 3.98 30.84
C ILE JA 73 -112.09 5.40 30.79
N SER JA 74 -113.07 5.67 31.63
CA SER JA 74 -113.60 7.01 31.83
C SER JA 74 -113.92 7.19 33.31
N ARG JA 75 -113.94 8.44 33.74
CA ARG JA 75 -114.29 8.76 35.12
C ARG JA 75 -115.15 10.01 35.16
N ASP JA 76 -116.01 10.10 36.17
CA ASP JA 76 -116.87 11.24 36.37
C ASP JA 76 -116.63 11.79 37.77
N ASN JA 77 -116.44 13.11 37.87
CA ASN JA 77 -116.24 13.74 39.15
C ASN JA 77 -117.52 13.86 39.96
N ALA JA 78 -118.68 13.82 39.30
CA ALA JA 78 -119.95 13.92 40.02
C ALA JA 78 -120.14 12.73 40.96
N LYS JA 79 -119.85 11.52 40.49
CA LYS JA 79 -119.98 10.33 41.30
C LYS JA 79 -118.67 9.89 41.96
N ASN JA 80 -117.55 10.51 41.60
CA ASN JA 80 -116.23 10.17 42.14
C ASN JA 80 -115.91 8.70 41.93
N THR JA 81 -116.25 8.17 40.75
CA THR JA 81 -115.97 6.79 40.40
C THR JA 81 -115.33 6.75 39.02
N VAL JA 82 -114.49 5.73 38.82
CA VAL JA 82 -113.81 5.51 37.55
C VAL JA 82 -114.39 4.24 36.93
N TYR JA 83 -114.84 4.35 35.68
CA TYR JA 83 -115.49 3.25 34.98
C TYR JA 83 -114.52 2.70 33.94
N LEU JA 84 -114.32 1.38 33.94
CA LEU JA 84 -113.39 0.73 33.03
C LEU JA 84 -114.20 -0.25 32.19
N GLN JA 85 -114.42 0.09 30.92
CA GLN JA 85 -115.28 -0.71 30.06
C GLN JA 85 -114.41 -1.69 29.29
N MET JA 86 -114.63 -2.98 29.50
CA MET JA 86 -113.86 -4.03 28.86
C MET JA 86 -114.70 -4.74 27.80
N ASN JA 87 -114.19 -4.83 26.59
CA ASN JA 87 -114.87 -5.50 25.49
C ASN JA 87 -114.08 -6.71 25.02
N SER JA 88 -114.80 -7.76 24.64
CA SER JA 88 -114.22 -8.97 24.06
C SER JA 88 -113.19 -9.60 25.00
N LEU JA 89 -113.66 -9.98 26.19
CA LEU JA 89 -112.79 -10.68 27.12
C LEU JA 89 -112.53 -12.10 26.66
N LYS JA 90 -111.40 -12.64 27.09
CA LYS JA 90 -110.93 -13.96 26.72
C LYS JA 90 -110.45 -14.67 27.97
N PRO JA 91 -110.34 -16.00 27.94
CA PRO JA 91 -109.80 -16.72 29.11
C PRO JA 91 -108.35 -16.36 29.42
N GLU JA 92 -107.62 -15.77 28.46
CA GLU JA 92 -106.23 -15.42 28.70
C GLU JA 92 -106.09 -14.33 29.76
N ASP JA 93 -107.00 -13.36 29.79
CA ASP JA 93 -106.94 -12.27 30.75
C ASP JA 93 -107.68 -12.57 32.05
N THR JA 94 -107.75 -13.84 32.44
CA THR JA 94 -108.33 -14.22 33.73
C THR JA 94 -107.37 -13.80 34.83
N ALA JA 95 -107.72 -12.74 35.55
CA ALA JA 95 -106.83 -12.20 36.56
C ALA JA 95 -107.62 -11.33 37.53
N VAL JA 96 -106.97 -10.94 38.62
CA VAL JA 96 -107.53 -10.04 39.62
C VAL JA 96 -107.04 -8.63 39.32
N TYR JA 97 -107.97 -7.69 39.24
CA TYR JA 97 -107.68 -6.32 38.82
C TYR JA 97 -107.70 -5.38 40.01
N TYR JA 98 -106.65 -4.57 40.14
CA TYR JA 98 -106.56 -3.56 41.20
C TYR JA 98 -106.65 -2.17 40.61
N CYS JA 99 -106.88 -1.20 41.50
CA CYS JA 99 -106.85 0.21 41.14
C CYS JA 99 -105.77 0.91 41.96
N PHE JA 100 -105.14 1.91 41.36
CA PHE JA 100 -104.09 2.67 42.01
C PHE JA 100 -104.25 4.15 41.67
N VAL JA 101 -104.05 5.01 42.66
CA VAL JA 101 -104.23 6.44 42.47
C VAL JA 101 -102.91 7.15 42.19
N TYR JA 107 -101.13 4.23 48.13
CA TYR JA 107 -102.47 3.66 48.22
C TYR JA 107 -102.70 2.60 47.16
N ILE JA 108 -103.31 1.48 47.55
CA ILE JA 108 -103.60 0.38 46.65
C ILE JA 108 -105.02 -0.09 46.88
N GLY JA 109 -105.72 -0.41 45.78
CA GLY JA 109 -107.09 -0.88 45.88
C GLY JA 109 -107.18 -2.33 46.32
N GLN JA 110 -108.38 -2.70 46.78
CA GLN JA 110 -108.59 -4.06 47.29
C GLN JA 110 -108.50 -5.10 46.17
N GLY JA 111 -109.13 -4.83 45.04
CA GLY JA 111 -109.09 -5.75 43.92
C GLY JA 111 -110.22 -6.75 43.94
N THR JA 112 -110.71 -7.09 42.74
CA THR JA 112 -111.80 -8.05 42.57
C THR JA 112 -111.41 -9.06 41.50
N GLN JA 113 -111.76 -10.32 41.75
CA GLN JA 113 -111.34 -11.40 40.86
C GLN JA 113 -112.26 -11.50 39.66
N VAL JA 114 -111.66 -11.56 38.47
CA VAL JA 114 -112.38 -11.71 37.22
C VAL JA 114 -111.90 -12.99 36.55
N THR JA 115 -112.84 -13.90 36.26
CA THR JA 115 -112.54 -15.17 35.63
C THR JA 115 -113.33 -15.32 34.35
N VAL JA 116 -112.69 -15.88 33.33
CA VAL JA 116 -113.32 -16.11 32.02
C VAL JA 116 -113.24 -17.59 31.71
N SER JA 117 -114.38 -18.19 31.40
CA SER JA 117 -114.44 -19.62 31.11
C SER JA 117 -114.85 -19.86 29.65
N GLN KA 4 -96.59 -27.11 69.45
CA GLN KA 4 -98.03 -26.99 69.59
C GLN KA 4 -98.66 -26.57 68.27
N VAL KA 5 -97.83 -26.15 67.32
CA VAL KA 5 -98.31 -25.67 66.03
C VAL KA 5 -98.53 -26.87 65.12
N GLN KA 6 -99.77 -27.03 64.65
CA GLN KA 6 -100.14 -28.14 63.78
C GLN KA 6 -100.77 -27.59 62.51
N LEU KA 7 -100.33 -28.09 61.37
CA LEU KA 7 -100.87 -27.71 60.08
C LEU KA 7 -101.55 -28.91 59.42
N VAL KA 8 -102.81 -28.74 59.04
CA VAL KA 8 -103.58 -29.78 58.37
C VAL KA 8 -104.14 -29.19 57.08
N GLU KA 9 -104.15 -30.00 56.02
CA GLU KA 9 -104.67 -29.59 54.74
C GLU KA 9 -106.05 -30.19 54.49
N SER KA 10 -106.88 -29.44 53.76
CA SER KA 10 -108.22 -29.89 53.45
C SER KA 10 -108.68 -29.20 52.16
N GLY KA 11 -109.74 -29.75 51.58
CA GLY KA 11 -110.28 -29.24 50.34
C GLY KA 11 -109.80 -29.93 49.08
N GLY KA 12 -109.08 -31.03 49.21
CA GLY KA 12 -108.61 -31.78 48.05
C GLY KA 12 -109.66 -32.74 47.53
N GLY KA 13 -109.25 -33.53 46.55
CA GLY KA 13 -110.11 -34.50 45.92
C GLY KA 13 -109.81 -34.61 44.44
N LEU KA 14 -110.78 -35.11 43.69
CA LEU KA 14 -110.66 -35.27 42.25
C LEU KA 14 -111.55 -34.24 41.55
N VAL KA 15 -110.97 -33.49 40.62
CA VAL KA 15 -111.69 -32.47 39.87
C VAL KA 15 -111.35 -32.64 38.39
N GLN KA 16 -112.37 -32.53 37.55
CA GLN KA 16 -112.19 -32.70 36.11
C GLN KA 16 -111.50 -31.47 35.51
N ALA KA 17 -111.26 -31.53 34.21
CA ALA KA 17 -110.55 -30.46 33.51
C ALA KA 17 -111.38 -29.18 33.50
N GLY KA 18 -110.70 -28.05 33.71
CA GLY KA 18 -111.35 -26.76 33.74
C GLY KA 18 -112.02 -26.41 35.05
N GLY KA 19 -111.97 -27.29 36.05
CA GLY KA 19 -112.64 -27.05 37.30
C GLY KA 19 -111.84 -26.15 38.23
N SER KA 20 -112.50 -25.80 39.34
CA SER KA 20 -111.90 -24.98 40.38
C SER KA 20 -111.84 -25.77 41.68
N LEU KA 21 -110.73 -25.60 42.40
CA LEU KA 21 -110.53 -26.30 43.67
C LEU KA 21 -109.99 -25.32 44.70
N ARG KA 22 -110.39 -25.55 45.95
CA ARG KA 22 -110.03 -24.70 47.08
C ARG KA 22 -109.24 -25.52 48.08
N LEU KA 23 -108.07 -25.02 48.47
CA LEU KA 23 -107.18 -25.72 49.39
C LEU KA 23 -107.10 -24.93 50.69
N SER KA 24 -107.30 -25.63 51.81
CA SER KA 24 -107.39 -25.00 53.13
C SER KA 24 -106.33 -25.59 54.05
N CYS KA 25 -105.59 -24.71 54.72
CA CYS KA 25 -104.62 -25.11 55.72
C CYS KA 25 -104.94 -24.39 57.02
N ALA KA 26 -105.03 -25.15 58.12
CA ALA KA 26 -105.38 -24.60 59.42
C ALA KA 26 -104.12 -24.39 60.25
N ALA KA 27 -103.98 -23.19 60.80
CA ALA KA 27 -102.87 -22.86 61.70
C ALA KA 27 -103.41 -22.65 63.11
N SER KA 28 -102.83 -23.36 64.07
CA SER KA 28 -103.28 -23.28 65.46
C SER KA 28 -102.79 -22.00 66.13
N HIS KA 36 -96.50 -15.33 57.54
CA HIS KA 36 -95.85 -15.75 56.30
C HIS KA 36 -96.05 -17.24 56.03
N MET KA 37 -96.73 -17.55 54.92
CA MET KA 37 -97.04 -18.91 54.54
C MET KA 37 -96.57 -19.18 53.12
N ARG KA 38 -96.22 -20.43 52.86
CA ARG KA 38 -95.70 -20.84 51.56
C ARG KA 38 -96.37 -22.15 51.15
N TRP KA 39 -96.55 -22.33 49.84
CA TRP KA 39 -97.21 -23.51 49.30
C TRP KA 39 -96.25 -24.25 48.38
N TYR KA 40 -96.29 -25.59 48.46
CA TYR KA 40 -95.46 -26.46 47.65
C TYR KA 40 -96.31 -27.59 47.08
N ARG KA 41 -95.86 -28.14 45.94
CA ARG KA 41 -96.51 -29.29 45.34
C ARG KA 41 -95.46 -30.33 44.97
N GLN KA 42 -95.87 -31.59 44.94
CA GLN KA 42 -94.97 -32.67 44.58
C GLN KA 42 -95.72 -33.62 43.65
N ARG KA 48 -90.68 -31.96 45.24
CA ARG KA 48 -91.38 -30.82 45.82
C ARG KA 48 -91.04 -29.54 45.05
N GLU KA 49 -92.05 -28.93 44.44
CA GLU KA 49 -91.85 -27.73 43.63
C GLU KA 49 -92.53 -26.54 44.29
N TRP KA 50 -91.87 -25.39 44.23
CA TRP KA 50 -92.39 -24.17 44.83
C TRP KA 50 -93.60 -23.66 44.06
N VAL KA 51 -94.62 -23.22 44.80
CA VAL KA 51 -95.90 -22.79 44.22
C VAL KA 51 -96.12 -21.29 44.38
N ALA KA 52 -96.32 -20.84 45.61
CA ALA KA 52 -96.71 -19.45 45.84
C ALA KA 52 -96.41 -19.05 47.28
N ALA KA 53 -96.47 -17.75 47.55
CA ALA KA 53 -96.17 -17.21 48.87
C ALA KA 53 -97.15 -16.10 49.23
N ILE KA 54 -97.42 -15.98 50.53
CA ILE KA 54 -98.22 -14.90 51.08
C ILE KA 54 -97.47 -14.33 52.29
N TYR KA 55 -97.84 -13.11 52.67
CA TYR KA 55 -97.20 -12.44 53.79
C TYR KA 55 -98.15 -12.34 54.99
N ALA KA 59 -100.80 -8.64 52.93
CA ALA KA 59 -101.55 -9.40 51.95
C ALA KA 59 -100.82 -9.44 50.61
N GLY KA 60 -99.56 -9.00 50.62
CA GLY KA 60 -98.75 -9.06 49.42
C GLY KA 60 -98.49 -10.50 49.02
N THR KA 61 -98.69 -10.78 47.74
CA THR KA 61 -98.73 -12.15 47.26
C THR KA 61 -97.79 -12.35 46.07
N HIS KA 62 -97.24 -13.56 45.99
CA HIS KA 62 -96.26 -13.92 44.97
C HIS KA 62 -96.60 -15.30 44.41
N TYR KA 63 -96.49 -15.46 43.10
CA TYR KA 63 -96.79 -16.72 42.43
C TYR KA 63 -95.66 -17.13 41.50
N ALA KA 64 -95.47 -18.43 41.34
CA ALA KA 64 -94.51 -18.94 40.37
C ALA KA 64 -95.06 -18.77 38.95
N ASP KA 65 -94.14 -18.57 38.00
CA ASP KA 65 -94.55 -18.35 36.61
C ASP KA 65 -95.17 -19.60 36.01
N SER KA 66 -94.72 -20.79 36.43
CA SER KA 66 -95.32 -22.02 35.94
C SER KA 66 -96.77 -22.16 36.39
N VAL KA 67 -97.17 -21.44 37.43
CA VAL KA 67 -98.53 -21.48 37.97
C VAL KA 67 -99.18 -20.10 37.95
N LYS KA 68 -98.56 -19.12 37.28
CA LYS KA 68 -99.05 -17.75 37.32
C LYS KA 68 -100.36 -17.62 36.55
N GLY KA 69 -101.25 -16.76 37.07
CA GLY KA 69 -102.51 -16.48 36.41
C GLY KA 69 -103.58 -17.53 36.57
N ARG KA 70 -103.40 -18.47 37.50
CA ARG KA 70 -104.36 -19.55 37.70
C ARG KA 70 -104.79 -19.68 39.16
N PHE KA 71 -103.87 -19.39 40.07
CA PHE KA 71 -104.08 -19.56 41.50
C PHE KA 71 -104.12 -18.20 42.21
N THR KA 72 -104.92 -18.14 43.25
CA THR KA 72 -105.01 -16.96 44.12
C THR KA 72 -105.02 -17.42 45.57
N ILE KA 73 -104.18 -16.78 46.39
CA ILE KA 73 -104.03 -17.14 47.80
C ILE KA 73 -104.45 -15.97 48.66
N SER KA 74 -105.27 -16.25 49.67
CA SER KA 74 -105.63 -15.28 50.69
C SER KA 74 -105.69 -15.99 52.03
N ARG KA 75 -105.54 -15.21 53.10
CA ARG KA 75 -105.61 -15.75 54.44
C ARG KA 75 -106.35 -14.76 55.34
N ASP KA 76 -107.01 -15.29 56.36
CA ASP KA 76 -107.74 -14.50 57.33
C ASP KA 76 -107.23 -14.84 58.72
N ASN KA 77 -106.91 -13.80 59.51
CA ASN KA 77 -106.44 -14.01 60.86
C ASN KA 77 -107.55 -14.42 61.82
N ALA KA 78 -108.81 -14.10 61.48
CA ALA KA 78 -109.92 -14.47 62.35
C ALA KA 78 -110.06 -15.98 62.47
N LYS KA 79 -109.94 -16.69 61.35
CA LYS KA 79 -110.04 -18.15 61.35
C LYS KA 79 -108.68 -18.84 61.39
N ASN KA 80 -107.59 -18.09 61.25
CA ASN KA 80 -106.23 -18.65 61.24
C ASN KA 80 -106.08 -19.74 60.17
N THR KA 81 -106.66 -19.50 59.01
CA THR KA 81 -106.55 -20.42 57.89
C THR KA 81 -106.15 -19.65 56.63
N VAL KA 82 -105.45 -20.35 55.73
CA VAL KA 82 -105.02 -19.79 54.46
C VAL KA 82 -105.79 -20.48 53.35
N TYR KA 83 -106.43 -19.70 52.50
CA TYR KA 83 -107.28 -20.21 51.43
C TYR KA 83 -106.56 -20.05 50.11
N LEU KA 84 -106.46 -21.12 49.33
CA LEU KA 84 -105.75 -21.11 48.06
C LEU KA 84 -106.77 -21.46 46.98
N GLN KA 85 -107.17 -20.46 46.19
CA GLN KA 85 -108.23 -20.65 45.21
C GLN KA 85 -107.59 -20.99 43.87
N MET KA 86 -107.88 -22.18 43.35
CA MET KA 86 -107.31 -22.65 42.10
C MET KA 86 -108.37 -22.65 41.01
N ASN KA 87 -108.07 -22.01 39.88
CA ASN KA 87 -108.99 -21.95 38.75
C ASN KA 87 -108.39 -22.66 37.55
N SER KA 88 -109.26 -23.33 36.78
CA SER KA 88 -108.89 -23.97 35.52
C SER KA 88 -107.76 -25.00 35.72
N LEU KA 89 -108.06 -25.99 36.55
CA LEU KA 89 -107.11 -27.08 36.74
C LEU KA 89 -107.05 -27.98 35.52
N LYS KA 90 -105.91 -28.63 35.34
CA LYS KA 90 -105.64 -29.50 34.22
C LYS KA 90 -105.01 -30.78 34.73
N PRO KA 91 -105.02 -31.85 33.94
CA PRO KA 91 -104.35 -33.08 34.37
C PRO KA 91 -102.84 -32.93 34.56
N GLU KA 92 -102.24 -31.88 33.98
CA GLU KA 92 -100.80 -31.68 34.12
C GLU KA 92 -100.39 -31.40 35.56
N ASP KA 93 -101.20 -30.65 36.30
CA ASP KA 93 -100.89 -30.30 37.68
C ASP KA 93 -101.42 -31.30 38.69
N THR KA 94 -101.54 -32.57 38.29
CA THR KA 94 -101.93 -33.64 39.22
C THR KA 94 -100.76 -33.89 40.17
N ALA KA 95 -100.89 -33.45 41.41
CA ALA KA 95 -99.80 -33.56 42.37
C ALA KA 95 -100.36 -33.42 43.78
N VAL KA 96 -99.49 -33.71 44.75
CA VAL KA 96 -99.80 -33.55 46.17
C VAL KA 96 -99.24 -32.21 46.64
N TYR KA 97 -100.09 -31.42 47.28
CA TYR KA 97 -99.76 -30.05 47.65
C TYR KA 97 -99.51 -29.96 49.16
N TYR KA 98 -98.39 -29.34 49.52
CA TYR KA 98 -98.04 -29.11 50.93
C TYR KA 98 -98.11 -27.64 51.26
N CYS KA 99 -98.10 -27.35 52.55
CA CYS KA 99 -98.01 -25.99 53.06
C CYS KA 99 -96.76 -25.86 53.92
N PHE KA 100 -96.16 -24.67 53.88
CA PHE KA 100 -94.95 -24.40 54.64
C PHE KA 100 -95.04 -23.00 55.24
N VAL KA 101 -94.60 -22.85 56.48
CA VAL KA 101 -94.70 -21.58 57.18
C VAL KA 101 -93.39 -20.79 57.10
N TYR KA 107 -90.90 -26.54 59.90
CA TYR KA 107 -92.24 -27.09 59.90
C TYR KA 107 -92.73 -27.35 58.48
N ILE KA 108 -93.36 -28.51 58.28
CA ILE KA 108 -93.88 -28.91 56.98
C ILE KA 108 -95.29 -29.46 57.17
N GLY KA 109 -96.18 -29.12 56.24
CA GLY KA 109 -97.55 -29.60 56.30
C GLY KA 109 -97.68 -31.04 55.86
N GLN KA 110 -98.81 -31.65 56.24
CA GLN KA 110 -99.05 -33.05 55.92
C GLN KA 110 -99.24 -33.27 54.42
N GLY KA 111 -100.01 -32.42 53.77
CA GLY KA 111 -100.25 -32.52 52.34
C GLY KA 111 -101.44 -33.39 52.01
N THR KA 112 -102.15 -33.01 50.94
CA THR KA 112 -103.32 -33.72 50.47
C THR KA 112 -103.21 -33.93 48.97
N GLN KA 113 -103.62 -35.11 48.51
CA GLN KA 113 -103.45 -35.48 47.12
C GLN KA 113 -104.57 -34.89 46.26
N VAL KA 114 -104.17 -34.25 45.16
CA VAL KA 114 -105.10 -33.68 44.19
C VAL KA 114 -104.85 -34.34 42.85
N THR KA 115 -105.89 -34.94 42.27
CA THR KA 115 -105.81 -35.62 41.00
C THR KA 115 -106.82 -35.04 40.02
N VAL KA 116 -106.41 -34.89 38.77
CA VAL KA 116 -107.27 -34.35 37.71
C VAL KA 116 -107.36 -35.38 36.60
N SER KA 117 -108.58 -35.74 36.23
CA SER KA 117 -108.82 -36.74 35.19
C SER KA 117 -109.48 -36.12 33.97
N GLN LA 4 -85.59 -64.48 58.41
CA GLN LA 4 -86.98 -64.50 58.85
C GLN LA 4 -87.78 -63.41 58.14
N VAL LA 5 -87.07 -62.50 57.49
CA VAL LA 5 -87.72 -61.37 56.80
C VAL LA 5 -88.18 -61.84 55.43
N GLN LA 6 -89.49 -61.73 55.18
CA GLN LA 6 -90.08 -62.14 53.91
C GLN LA 6 -90.87 -60.98 53.32
N LEU LA 7 -90.66 -60.72 52.04
CA LEU LA 7 -91.37 -59.67 51.33
C LEU LA 7 -92.23 -60.29 50.24
N VAL LA 8 -93.53 -59.97 50.26
CA VAL LA 8 -94.48 -60.44 49.27
C VAL LA 8 -95.19 -59.23 48.67
N GLU LA 9 -95.44 -59.29 47.36
CA GLU LA 9 -96.12 -58.22 46.65
C GLU LA 9 -97.57 -58.61 46.37
N SER LA 10 -98.43 -57.60 46.36
CA SER LA 10 -99.85 -57.80 46.10
C SER LA 10 -100.45 -56.53 45.54
N GLY LA 11 -101.63 -56.66 44.96
CA GLY LA 11 -102.32 -55.55 44.35
C GLY LA 11 -102.10 -55.37 42.86
N GLY LA 12 -101.48 -56.32 42.20
CA GLY LA 12 -101.26 -56.27 40.77
C GLY LA 12 -102.45 -56.77 40.00
N GLY LA 13 -102.27 -56.84 38.68
CA GLY LA 13 -103.31 -57.29 37.77
C GLY LA 13 -103.26 -56.51 36.48
N LEU LA 14 -104.38 -56.51 35.77
CA LEU LA 14 -104.51 -55.81 34.50
C LEU LA 14 -105.41 -54.60 34.68
N VAL LA 15 -104.92 -53.43 34.27
CA VAL LA 15 -105.65 -52.18 34.37
C VAL LA 15 -105.59 -51.46 33.03
N GLN LA 16 -106.71 -50.90 32.60
CA GLN LA 16 -106.78 -50.21 31.33
C GLN LA 16 -106.09 -48.86 31.42
N ALA LA 17 -106.07 -48.14 30.28
CA ALA LA 17 -105.40 -46.85 30.22
C ALA LA 17 -106.10 -45.82 31.10
N GLY LA 18 -105.31 -45.00 31.78
CA GLY LA 18 -105.83 -43.98 32.66
C GLY LA 18 -106.25 -44.46 34.02
N GLY LA 19 -106.11 -45.75 34.31
CA GLY LA 19 -106.55 -46.29 35.58
C GLY LA 19 -105.55 -46.07 36.69
N SER LA 20 -105.97 -46.45 37.90
CA SER LA 20 -105.15 -46.35 39.10
C SER LA 20 -104.95 -47.74 39.68
N LEU LA 21 -103.73 -48.01 40.14
CA LEU LA 21 -103.39 -49.29 40.72
C LEU LA 21 -102.61 -49.08 42.03
N ARG LA 22 -102.81 -50.00 42.96
CA ARG LA 22 -102.21 -49.94 44.28
C ARG LA 22 -101.34 -51.17 44.47
N LEU LA 23 -100.08 -50.97 44.86
CA LEU LA 23 -99.12 -52.04 45.04
C LEU LA 23 -98.78 -52.15 46.52
N SER LA 24 -98.84 -53.36 47.05
CA SER LA 24 -98.67 -53.61 48.47
C SER LA 24 -97.53 -54.60 48.70
N CYS LA 25 -96.61 -54.26 49.59
CA CYS LA 25 -95.53 -55.13 50.00
C CYS LA 25 -95.58 -55.31 51.50
N ALA LA 26 -95.55 -56.55 51.97
CA ALA LA 26 -95.64 -56.86 53.39
C ALA LA 26 -94.25 -57.13 53.95
N ALA LA 27 -93.92 -56.47 55.05
CA ALA LA 27 -92.66 -56.70 55.75
C ALA LA 27 -92.94 -57.35 57.10
N SER LA 28 -92.27 -58.47 57.37
CA SER LA 28 -92.49 -59.21 58.60
C SER LA 28 -91.79 -58.54 59.78
N HIS LA 36 -86.43 -48.00 55.57
CA HIS LA 36 -86.03 -47.61 54.21
C HIS LA 36 -86.39 -48.68 53.19
N MET LA 37 -87.26 -48.30 52.25
CA MET LA 37 -87.75 -49.21 51.22
C MET LA 37 -87.54 -48.59 49.85
N ARG LA 38 -87.34 -49.46 48.85
CA ARG LA 38 -87.07 -49.03 47.48
C ARG LA 38 -87.90 -49.87 46.53
N TRP LA 39 -88.32 -49.27 45.42
CA TRP LA 39 -89.14 -49.94 44.42
C TRP LA 39 -88.41 -50.00 43.09
N TYR LA 40 -88.56 -51.13 42.40
CA TYR LA 40 -87.95 -51.36 41.11
C TYR LA 40 -88.97 -51.98 40.16
N ARG LA 41 -88.76 -51.76 38.86
CA ARG LA 41 -89.59 -52.36 37.82
C ARG LA 41 -88.70 -52.98 36.75
N GLN LA 42 -89.22 -54.00 36.09
CA GLN LA 42 -88.48 -54.65 35.01
C GLN LA 42 -89.45 -54.91 33.87
N ARG LA 48 -84.10 -54.36 35.17
CA ARG LA 48 -84.59 -53.77 36.41
C ARG LA 48 -84.28 -52.29 36.47
N GLU LA 49 -85.31 -51.44 36.50
CA GLU LA 49 -85.15 -50.00 36.51
C GLU LA 49 -85.61 -49.43 37.85
N TRP LA 50 -84.87 -48.43 38.33
CA TRP LA 50 -85.18 -47.80 39.59
C TRP LA 50 -86.46 -46.97 39.49
N VAL LA 51 -87.30 -47.05 40.52
CA VAL LA 51 -88.61 -46.40 40.52
C VAL LA 51 -88.68 -45.27 41.56
N ALA LA 52 -88.64 -45.61 42.84
CA ALA LA 52 -88.87 -44.62 43.88
C ALA LA 52 -88.30 -45.13 45.20
N ALA LA 53 -88.21 -44.21 46.17
CA ALA LA 53 -87.67 -44.53 47.49
C ALA LA 53 -88.47 -43.85 48.59
N ILE LA 54 -88.51 -44.51 49.75
CA ILE LA 54 -89.12 -43.95 50.95
C ILE LA 54 -88.15 -44.18 52.10
N TYR LA 55 -88.34 -43.41 53.17
CA TYR LA 55 -87.48 -43.49 54.34
C TYR LA 55 -88.21 -44.12 55.53
N ALA LA 59 -90.83 -39.97 56.46
CA ALA LA 59 -91.80 -40.04 55.37
C ALA LA 59 -91.29 -39.29 54.15
N GLY LA 60 -90.01 -38.91 54.18
CA GLY LA 60 -89.41 -38.25 53.04
C GLY LA 60 -89.35 -39.20 51.85
N THR LA 61 -89.77 -38.69 50.70
CA THR LA 61 -90.00 -39.53 49.54
C THR LA 61 -89.29 -38.99 48.31
N HIS LA 62 -88.87 -39.91 47.45
CA HIS LA 62 -88.10 -39.60 46.26
C HIS LA 62 -88.64 -40.41 45.08
N TYR LA 63 -88.75 -39.77 43.92
CA TYR LA 63 -89.27 -40.44 42.72
C TYR LA 63 -88.34 -40.20 41.53
N ALA LA 64 -88.29 -41.18 40.63
CA ALA LA 64 -87.55 -41.00 39.39
C ALA LA 64 -88.30 -40.06 38.45
N ASP LA 65 -87.53 -39.33 37.64
CA ASP LA 65 -88.14 -38.36 36.73
C ASP LA 65 -88.94 -39.05 35.63
N SER LA 66 -88.54 -40.25 35.22
CA SER LA 66 -89.32 -40.99 34.22
C SER LA 66 -90.68 -41.39 34.77
N VAL LA 67 -90.85 -41.42 36.09
CA VAL LA 67 -92.10 -41.79 36.74
C VAL LA 67 -92.62 -40.67 37.63
N LYS LA 68 -92.03 -39.48 37.54
CA LYS LA 68 -92.40 -38.39 38.44
C LYS LA 68 -93.80 -37.86 38.14
N GLY LA 69 -94.51 -37.48 39.20
CA GLY LA 69 -95.84 -36.91 39.06
C GLY LA 69 -96.95 -37.88 38.79
N ARG LA 70 -96.71 -39.18 38.97
CA ARG LA 70 -97.71 -40.20 38.68
C ARG LA 70 -97.90 -41.15 39.85
N PHE LA 71 -96.83 -41.41 40.58
CA PHE LA 71 -96.82 -42.38 41.67
C PHE LA 71 -96.63 -41.69 43.01
N THR LA 72 -97.25 -42.26 44.04
CA THR LA 72 -97.10 -41.79 45.41
C THR LA 72 -96.90 -43.01 46.32
N ILE LA 73 -95.90 -42.93 47.19
CA ILE LA 73 -95.55 -44.04 48.08
C ILE LA 73 -95.73 -43.59 49.52
N SER LA 74 -96.39 -44.42 50.32
CA SER LA 74 -96.51 -44.23 51.75
C SER LA 74 -96.41 -45.57 52.44
N ARG LA 75 -96.02 -45.55 53.70
CA ARG LA 75 -95.92 -46.77 54.49
C ARG LA 75 -96.42 -46.49 55.90
N ASP LA 76 -96.95 -47.53 56.54
CA ASP LA 76 -97.44 -47.46 57.90
C ASP LA 76 -96.74 -48.53 58.73
N ASN LA 77 -96.21 -48.12 59.88
CA ASN LA 77 -95.55 -49.07 60.78
C ASN LA 77 -96.53 -49.97 61.52
N ALA LA 78 -97.79 -49.55 61.65
CA ALA LA 78 -98.78 -50.38 62.34
C ALA LA 78 -99.02 -51.69 61.59
N LYS LA 79 -99.15 -51.63 60.27
CA LYS LA 79 -99.37 -52.82 59.45
C LYS LA 79 -98.09 -53.37 58.85
N ASN LA 80 -96.96 -52.65 58.97
CA ASN LA 80 -95.68 -53.08 58.40
C ASN LA 80 -95.79 -53.34 56.90
N THR LA 81 -96.53 -52.49 56.20
CA THR LA 81 -96.69 -52.59 54.76
C THR LA 81 -96.42 -51.23 54.12
N VAL LA 82 -95.95 -51.26 52.88
CA VAL LA 82 -95.68 -50.06 52.09
C VAL LA 82 -96.67 -50.02 50.95
N TYR LA 83 -97.38 -48.90 50.83
CA TYR LA 83 -98.43 -48.72 49.83
C TYR LA 83 -97.91 -47.81 48.73
N LEU LA 84 -98.04 -48.24 47.48
CA LEU LA 84 -97.54 -47.48 46.34
C LEU LA 84 -98.75 -47.16 45.46
N GLN LA 85 -99.19 -45.91 45.47
CA GLN LA 85 -100.40 -45.51 44.76
C GLN LA 85 -100.01 -45.01 43.38
N MET LA 86 -100.48 -45.69 42.35
CA MET LA 86 -100.16 -45.34 40.97
C MET LA 86 -101.39 -44.73 40.29
N ASN LA 87 -101.22 -43.55 39.69
CA ASN LA 87 -102.30 -42.87 38.99
C ASN LA 87 -101.96 -42.75 37.51
N SER LA 88 -102.99 -42.87 36.67
CA SER LA 88 -102.89 -42.66 35.22
C SER LA 88 -101.84 -43.59 34.61
N LEU LA 89 -102.08 -44.89 34.74
CA LEU LA 89 -101.20 -45.87 34.12
C LEU LA 89 -101.43 -45.90 32.62
N LYS LA 90 -100.39 -46.30 31.90
CA LYS LA 90 -100.37 -46.35 30.45
C LYS LA 90 -99.77 -47.68 30.02
N PRO LA 91 -100.01 -48.09 28.77
CA PRO LA 91 -99.37 -49.34 28.28
C PRO LA 91 -97.86 -49.28 28.25
N GLU LA 92 -97.27 -48.08 28.28
CA GLU LA 92 -95.81 -47.97 28.25
C GLU LA 92 -95.15 -48.55 29.49
N ASP LA 93 -95.78 -48.38 30.66
CA ASP LA 93 -95.21 -48.89 31.90
C ASP LA 93 -95.66 -50.31 32.24
N THR LA 94 -95.94 -51.12 31.22
CA THR LA 94 -96.27 -52.52 31.42
C THR LA 94 -94.99 -53.25 31.82
N ALA LA 95 -94.89 -53.61 33.11
CA ALA LA 95 -93.66 -54.22 33.61
C ALA LA 95 -93.97 -54.94 34.92
N VAL LA 96 -92.99 -55.72 35.38
CA VAL LA 96 -93.05 -56.42 36.66
C VAL LA 96 -92.31 -55.57 37.69
N TYR LA 97 -92.97 -55.32 38.83
CA TYR LA 97 -92.48 -54.40 39.84
C TYR LA 97 -91.98 -55.19 41.05
N TYR LA 98 -90.77 -54.87 41.50
CA TYR LA 98 -90.18 -55.49 42.68
C TYR LA 98 -90.07 -54.47 43.80
N CYS LA 99 -89.82 -54.99 45.01
CA CYS LA 99 -89.54 -54.17 46.18
C CYS LA 99 -88.16 -54.52 46.71
N PHE LA 100 -87.47 -53.52 47.25
CA PHE LA 100 -86.14 -53.70 47.79
C PHE LA 100 -86.01 -52.89 49.08
N VAL LA 101 -85.38 -53.49 50.09
CA VAL LA 101 -85.24 -52.84 51.39
C VAL LA 101 -83.91 -52.13 51.54
N TYR LA 107 -81.48 -58.37 50.06
CA TYR LA 107 -82.85 -58.86 49.99
C TYR LA 107 -83.59 -58.27 48.79
N ILE LA 108 -84.34 -59.11 48.08
CA ILE LA 108 -85.10 -58.71 46.90
C ILE LA 108 -86.49 -59.30 46.99
N GLY LA 109 -87.50 -58.51 46.60
CA GLY LA 109 -88.86 -58.97 46.63
C GLY LA 109 -89.19 -59.90 45.48
N GLN LA 110 -90.30 -60.63 45.63
CA GLN LA 110 -90.70 -61.60 44.62
C GLN LA 110 -91.15 -60.92 43.33
N GLY LA 111 -91.95 -59.86 43.45
CA GLY LA 111 -92.41 -59.14 42.27
C GLY LA 111 -93.72 -59.68 41.72
N THR LA 112 -94.55 -58.76 41.22
CA THR LA 112 -95.84 -59.11 40.64
C THR LA 112 -95.99 -58.41 39.30
N GLN LA 113 -96.57 -59.12 38.34
CA GLN LA 113 -96.65 -58.62 36.97
C GLN LA 113 -97.83 -57.67 36.82
N VAL LA 114 -97.58 -56.50 36.23
CA VAL LA 114 -98.60 -55.51 35.95
C VAL LA 114 -98.62 -55.26 34.46
N THR LA 115 -99.79 -55.45 33.84
CA THR LA 115 -99.97 -55.27 32.42
C THR LA 115 -101.06 -54.24 32.16
N VAL LA 116 -100.86 -53.39 31.16
CA VAL LA 116 -101.82 -52.38 30.77
C VAL LA 116 -102.18 -52.58 29.31
N SER LA 117 -103.48 -52.68 29.03
CA SER LA 117 -103.95 -52.90 27.67
C SER LA 117 -104.75 -51.70 27.16
N GLN MA 4 -79.22 -88.68 27.82
CA GLN MA 4 -80.51 -88.98 28.43
C GLN MA 4 -81.34 -87.71 28.58
N VAL MA 5 -80.69 -86.56 28.41
CA VAL MA 5 -81.35 -85.26 28.58
C VAL MA 5 -82.07 -84.91 27.28
N GLN MA 6 -83.38 -84.73 27.38
CA GLN MA 6 -84.22 -84.40 26.23
C GLN MA 6 -85.00 -83.13 26.51
N LEU MA 7 -84.99 -82.21 25.57
CA LEU MA 7 -85.73 -80.96 25.67
C LEU MA 7 -86.82 -80.91 24.61
N VAL MA 8 -88.06 -80.70 25.05
CA VAL MA 8 -89.20 -80.58 24.14
C VAL MA 8 -89.90 -79.25 24.44
N GLU MA 9 -90.38 -78.60 23.39
CA GLU MA 9 -91.08 -77.33 23.51
C GLU MA 9 -92.59 -77.55 23.33
N SER MA 10 -93.36 -76.71 24.02
CA SER MA 10 -94.81 -76.78 23.96
C SER MA 10 -95.39 -75.43 24.31
N GLY MA 11 -96.67 -75.26 23.97
CA GLY MA 11 -97.36 -74.01 24.21
C GLY MA 11 -97.38 -73.05 23.05
N GLY MA 12 -96.95 -73.47 21.86
CA GLY MA 12 -96.98 -72.63 20.68
C GLY MA 12 -98.33 -72.66 19.99
N GLY MA 13 -98.39 -71.99 18.85
CA GLY MA 13 -99.58 -71.91 18.06
C GLY MA 13 -99.69 -70.55 17.40
N LEU MA 14 -100.92 -70.19 17.01
CA LEU MA 14 -101.20 -68.91 16.37
C LEU MA 14 -101.96 -68.03 17.35
N VAL MA 15 -101.47 -66.81 17.55
CA VAL MA 15 -102.08 -65.84 18.46
C VAL MA 15 -102.18 -64.51 17.73
N GLN MA 16 -103.31 -63.84 17.89
CA GLN MA 16 -103.54 -62.56 17.23
C GLN MA 16 -102.75 -61.45 17.92
N ALA MA 17 -102.87 -60.24 17.37
CA ALA MA 17 -102.13 -59.10 17.89
C ALA MA 17 -102.58 -58.75 19.29
N GLY MA 18 -101.63 -58.41 20.16
CA GLY MA 18 -101.90 -58.05 21.52
C GLY MA 18 -102.13 -59.21 22.46
N GLY MA 19 -102.05 -60.45 21.97
CA GLY MA 19 -102.30 -61.60 22.80
C GLY MA 19 -101.10 -62.00 23.64
N SER MA 20 -101.35 -62.98 24.52
CA SER MA 20 -100.33 -63.54 25.40
C SER MA 20 -100.13 -65.01 25.08
N LEU MA 21 -98.88 -65.44 25.10
CA LEU MA 21 -98.55 -66.83 24.82
C LEU MA 21 -97.55 -67.34 25.85
N ARG MA 22 -97.66 -68.62 26.16
CA ARG MA 22 -96.83 -69.28 27.17
C ARG MA 22 -96.04 -70.39 26.49
N LEU MA 23 -94.73 -70.39 26.69
CA LEU MA 23 -93.84 -71.38 26.08
C LEU MA 23 -93.25 -72.25 27.17
N SER MA 24 -93.32 -73.57 26.96
CA SER MA 24 -92.92 -74.54 27.97
C SER MA 24 -91.84 -75.45 27.40
N CYS MA 25 -90.77 -75.63 28.16
CA CYS MA 25 -89.70 -76.55 27.82
C CYS MA 25 -89.50 -77.52 28.97
N ALA MA 26 -89.50 -78.81 28.66
CA ALA MA 26 -89.37 -79.86 29.67
C ALA MA 26 -87.92 -80.35 29.73
N ALA MA 27 -87.36 -80.39 30.94
CA ALA MA 27 -86.03 -80.93 31.16
C ALA MA 27 -86.13 -82.21 31.96
N SER MA 28 -85.51 -83.28 31.45
CA SER MA 28 -85.57 -84.58 32.11
C SER MA 28 -84.63 -84.64 33.30
N HIS MA 36 -79.27 -73.36 34.57
CA HIS MA 36 -79.07 -72.29 33.60
C HIS MA 36 -79.69 -72.63 32.25
N MET MA 37 -80.67 -71.82 31.83
CA MET MA 37 -81.39 -72.04 30.59
C MET MA 37 -81.38 -70.76 29.76
N ARG MA 38 -81.41 -70.93 28.44
CA ARG MA 38 -81.35 -69.83 27.50
C ARG MA 38 -82.39 -70.04 26.41
N TRP MA 39 -82.94 -68.94 25.90
CA TRP MA 39 -83.97 -68.98 24.88
C TRP MA 39 -83.48 -68.28 23.61
N TYR MA 40 -83.84 -68.86 22.47
CA TYR MA 40 -83.47 -68.33 21.16
C TYR MA 40 -84.68 -68.34 20.24
N ARG MA 41 -84.68 -67.45 19.25
CA ARG MA 41 -85.72 -67.42 18.23
C ARG MA 41 -85.07 -67.32 16.87
N GLN MA 42 -85.77 -67.83 15.86
CA GLN MA 42 -85.28 -67.76 14.48
C GLN MA 42 -86.44 -67.38 13.57
N ARG MA 48 -80.92 -67.48 13.97
CA ARG MA 48 -81.16 -67.68 15.39
C ARG MA 48 -80.73 -66.46 16.19
N GLU MA 49 -81.67 -65.80 16.86
CA GLU MA 49 -81.41 -64.59 17.62
C GLU MA 49 -81.58 -64.85 19.11
N TRP MA 50 -80.70 -64.26 19.91
CA TRP MA 50 -80.74 -64.43 21.36
C TRP MA 50 -81.95 -63.72 21.95
N VAL MA 51 -82.61 -64.38 22.91
CA VAL MA 51 -83.84 -63.87 23.50
C VAL MA 51 -83.65 -63.49 24.97
N ALA MA 52 -83.41 -64.48 25.83
CA ALA MA 52 -83.39 -64.21 27.27
C ALA MA 52 -82.65 -65.35 27.97
N ALA MA 53 -82.32 -65.10 29.24
CA ALA MA 53 -81.58 -66.08 30.05
C ALA MA 53 -82.14 -66.13 31.47
N ILE MA 54 -82.03 -67.31 32.07
CA ILE MA 54 -82.38 -67.54 33.47
C ILE MA 54 -81.25 -68.32 34.12
N TYR MA 55 -81.21 -68.27 35.45
CA TYR MA 55 -80.15 -68.95 36.21
C TYR MA 55 -80.73 -70.14 36.97
N ALA MA 59 -82.83 -67.26 40.47
CA ALA MA 59 -83.96 -66.75 39.71
C ALA MA 59 -83.62 -65.44 39.02
N GLY MA 60 -82.33 -65.10 39.01
CA GLY MA 60 -81.89 -63.90 38.33
C GLY MA 60 -82.09 -64.04 36.83
N THR MA 61 -82.67 -63.00 36.24
CA THR MA 61 -83.15 -63.09 34.88
C THR MA 61 -82.62 -61.93 34.03
N HIS MA 62 -82.42 -62.23 32.74
CA HIS MA 62 -81.85 -61.29 31.78
C HIS MA 62 -82.63 -61.34 30.49
N TYR MA 63 -82.89 -60.18 29.90
CA TYR MA 63 -83.65 -60.09 28.65
C TYR MA 63 -82.93 -59.22 27.63
N ALA MA 64 -83.11 -59.55 26.36
CA ALA MA 64 -82.58 -58.70 25.30
C ALA MA 64 -83.40 -57.42 25.17
N ASP MA 65 -82.72 -56.33 24.77
CA ASP MA 65 -83.41 -55.05 24.65
C ASP MA 65 -84.44 -55.05 23.53
N SER MA 66 -84.20 -55.81 22.46
CA SER MA 66 -85.20 -55.92 21.40
C SER MA 66 -86.47 -56.60 21.87
N VAL MA 67 -86.41 -57.34 22.97
CA VAL MA 67 -87.56 -58.04 23.54
C VAL MA 67 -87.83 -57.61 24.98
N LYS MA 68 -87.18 -56.54 25.43
CA LYS MA 68 -87.30 -56.13 26.83
C LYS MA 68 -88.69 -55.57 27.12
N GLY MA 69 -89.18 -55.86 28.33
CA GLY MA 69 -90.46 -55.33 28.77
C GLY MA 69 -91.68 -56.04 28.22
N ARG MA 70 -91.52 -57.21 27.62
CA ARG MA 70 -92.63 -57.93 27.02
C ARG MA 70 -92.68 -59.38 27.50
N PHE MA 71 -91.53 -59.97 27.76
CA PHE MA 71 -91.40 -61.37 28.12
C PHE MA 71 -90.94 -61.51 29.57
N THR MA 72 -91.41 -62.58 30.22
CA THR MA 72 -91.00 -62.93 31.56
C THR MA 72 -90.74 -64.43 31.62
N ILE MA 73 -89.61 -64.82 32.19
CA ILE MA 73 -89.20 -66.22 32.26
C ILE MA 73 -89.10 -66.63 33.72
N SER MA 74 -89.67 -67.78 34.03
CA SER MA 74 -89.53 -68.41 35.34
C SER MA 74 -89.43 -69.91 35.15
N ARG MA 75 -88.81 -70.57 36.13
CA ARG MA 75 -88.68 -72.02 36.10
C ARG MA 75 -88.91 -72.57 37.50
N ASP MA 76 -89.41 -73.81 37.55
CA ASP MA 76 -89.65 -74.51 38.81
C ASP MA 76 -88.91 -75.83 38.78
N ASN MA 77 -88.16 -76.11 39.85
CA ASN MA 77 -87.43 -77.37 39.94
C ASN MA 77 -88.33 -78.56 40.24
N ALA MA 78 -89.52 -78.31 40.81
CA ALA MA 78 -90.43 -79.40 41.10
C ALA MA 78 -90.90 -80.10 39.83
N LYS MA 79 -91.25 -79.34 38.80
CA LYS MA 79 -91.68 -79.90 37.53
C LYS MA 79 -90.57 -79.99 36.50
N ASN MA 80 -89.40 -79.42 36.77
CA ASN MA 80 -88.27 -79.42 35.85
C ASN MA 80 -88.65 -78.83 34.49
N THR MA 81 -89.43 -77.76 34.52
CA THR MA 81 -89.84 -77.06 33.30
C THR MA 81 -89.58 -75.57 33.47
N VAL MA 82 -89.33 -74.91 32.34
CA VAL MA 82 -89.10 -73.46 32.31
C VAL MA 82 -90.27 -72.82 31.57
N TYR MA 83 -90.90 -71.84 32.21
CA TYR MA 83 -92.08 -71.18 31.68
C TYR MA 83 -91.69 -69.80 31.18
N LEU MA 84 -92.06 -69.48 29.94
CA LEU MA 84 -91.71 -68.21 29.33
C LEU MA 84 -93.02 -67.49 29.00
N GLN MA 85 -93.35 -66.47 29.77
CA GLN MA 85 -94.64 -65.78 29.63
C GLN MA 85 -94.45 -64.60 28.70
N MET MA 86 -95.14 -64.61 27.56
CA MET MA 86 -95.04 -63.55 26.57
C MET MA 86 -96.31 -62.72 26.56
N ASN MA 87 -96.16 -61.40 26.68
CA ASN MA 87 -97.28 -60.48 26.66
C ASN MA 87 -97.19 -59.55 25.46
N SER MA 88 -98.36 -59.23 24.89
CA SER MA 88 -98.48 -58.26 23.81
C SER MA 88 -97.63 -58.67 22.60
N LEU MA 89 -97.94 -59.84 22.05
CA LEU MA 89 -97.26 -60.29 20.85
C LEU MA 89 -97.74 -59.50 19.64
N LYS MA 90 -96.87 -59.41 18.64
CA LYS MA 90 -97.10 -58.66 17.42
C LYS MA 90 -96.69 -59.52 16.24
N PRO MA 91 -97.16 -59.20 15.03
CA PRO MA 91 -96.72 -59.95 13.85
C PRO MA 91 -95.24 -59.84 13.58
N GLU MA 92 -94.55 -58.84 14.14
CA GLU MA 92 -93.12 -58.68 13.90
C GLU MA 92 -92.31 -59.83 14.49
N ASP MA 93 -92.71 -60.35 15.65
CA ASP MA 93 -91.97 -61.43 16.30
C ASP MA 93 -92.47 -62.81 15.88
N THR MA 94 -92.99 -62.95 14.66
CA THR MA 94 -93.37 -64.25 14.13
C THR MA 94 -92.11 -65.04 13.82
N ALA MA 95 -91.81 -66.04 14.66
CA ALA MA 95 -90.57 -66.79 14.52
C ALA MA 95 -90.71 -68.11 15.26
N VAL MA 96 -89.73 -68.99 15.04
CA VAL MA 96 -89.62 -70.28 15.72
C VAL MA 96 -88.66 -70.11 16.89
N TYR MA 97 -89.10 -70.53 18.07
CA TYR MA 97 -88.36 -70.31 19.31
C TYR MA 97 -87.73 -71.60 19.78
N TYR MA 98 -86.44 -71.55 20.10
CA TYR MA 98 -85.72 -72.70 20.64
C TYR MA 98 -85.33 -72.46 22.09
N CYS MA 99 -84.93 -73.53 22.74
CA CYS MA 99 -84.39 -73.49 24.09
C CYS MA 99 -82.97 -74.03 24.09
N PHE MA 100 -82.12 -73.46 24.95
CA PHE MA 100 -80.74 -73.88 25.06
C PHE MA 100 -80.33 -73.90 26.52
N VAL MA 101 -79.58 -74.93 26.91
CA VAL MA 101 -79.18 -75.10 28.31
C VAL MA 101 -77.78 -74.55 28.56
N TYR MA 107 -76.14 -78.89 23.53
CA TYR MA 107 -77.53 -79.30 23.46
C TYR MA 107 -78.41 -78.17 22.93
N ILE MA 108 -79.33 -78.51 22.02
CA ILE MA 108 -80.25 -77.55 21.42
C ILE MA 108 -81.66 -78.14 21.43
N GLY MA 109 -82.64 -77.29 21.72
CA GLY MA 109 -84.02 -77.73 21.75
C GLY MA 109 -84.60 -77.88 20.35
N GLN MA 110 -85.72 -78.62 20.29
CA GLN MA 110 -86.37 -78.89 19.01
C GLN MA 110 -86.97 -77.62 18.41
N GLY MA 111 -87.65 -76.83 19.21
CA GLY MA 111 -88.25 -75.60 18.74
C GLY MA 111 -89.67 -75.79 18.22
N THR MA 112 -90.50 -74.78 18.46
CA THR MA 112 -91.89 -74.78 18.04
C THR MA 112 -92.22 -73.47 17.34
N GLN MA 113 -93.00 -73.56 16.27
CA GLN MA 113 -93.28 -72.39 15.45
C GLN MA 113 -94.39 -71.55 16.05
N VAL MA 114 -94.15 -70.25 16.16
CA VAL MA 114 -95.13 -69.29 16.66
C VAL MA 114 -95.38 -68.26 15.56
N THR MA 115 -96.64 -68.12 15.18
CA THR MA 115 -97.06 -67.20 14.13
C THR MA 115 -98.10 -66.23 14.68
N VAL MA 116 -98.00 -64.97 14.28
CA VAL MA 116 -98.93 -63.92 14.69
C VAL MA 116 -99.55 -63.31 13.45
N SER MA 117 -100.88 -63.28 13.40
CA SER MA 117 -101.60 -62.74 12.26
C SER MA 117 -102.37 -61.49 12.63
N GLN NA 4 -80.10 -90.96 -12.14
CA GLN NA 4 -81.29 -91.60 -11.59
C GLN NA 4 -81.99 -90.68 -10.60
N VAL NA 5 -81.31 -89.62 -10.20
CA VAL NA 5 -81.83 -88.67 -9.22
C VAL NA 5 -82.74 -87.69 -9.93
N GLN NA 6 -84.01 -87.64 -9.53
CA GLN NA 6 -85.00 -86.75 -10.11
C GLN NA 6 -85.63 -85.90 -9.02
N LEU NA 7 -85.73 -84.60 -9.27
CA LEU NA 7 -86.35 -83.67 -8.34
C LEU NA 7 -87.59 -83.07 -8.98
N VAL NA 8 -88.73 -83.19 -8.29
CA VAL NA 8 -89.99 -82.63 -8.74
C VAL NA 8 -90.54 -81.74 -7.64
N GLU NA 9 -91.15 -80.62 -8.03
CA GLU NA 9 -91.73 -79.68 -7.08
C GLU NA 9 -93.26 -79.81 -7.08
N SER NA 10 -93.85 -79.55 -5.91
CA SER NA 10 -95.29 -79.65 -5.75
C SER NA 10 -95.71 -78.76 -4.61
N GLY NA 11 -97.01 -78.47 -4.55
CA GLY NA 11 -97.57 -77.62 -3.53
C GLY NA 11 -97.73 -76.16 -3.92
N GLY NA 12 -97.53 -75.82 -5.18
CA GLY NA 12 -97.70 -74.45 -5.64
C GLY NA 12 -99.14 -74.14 -5.99
N GLY NA 13 -99.34 -72.95 -6.52
CA GLY NA 13 -100.65 -72.47 -6.90
C GLY NA 13 -100.77 -70.99 -6.64
N LEU NA 14 -102.02 -70.53 -6.53
CA LEU NA 14 -102.32 -69.13 -6.27
C LEU NA 14 -102.85 -68.99 -4.84
N VAL NA 15 -102.25 -68.09 -4.08
CA VAL NA 15 -102.63 -67.83 -2.69
C VAL NA 15 -102.76 -66.33 -2.50
N GLN NA 16 -103.81 -65.91 -1.80
CA GLN NA 16 -104.06 -64.50 -1.57
C GLN NA 16 -103.09 -63.95 -0.52
N ALA NA 17 -103.22 -62.64 -0.25
CA ALA NA 17 -102.32 -61.98 0.68
C ALA NA 17 -102.52 -62.50 2.10
N GLY NA 18 -101.41 -62.68 2.81
CA GLY NA 18 -101.44 -63.18 4.17
C GLY NA 18 -101.57 -64.68 4.30
N GLY NA 19 -101.65 -65.40 3.19
CA GLY NA 19 -101.83 -66.84 3.24
C GLY NA 19 -100.55 -67.60 3.49
N SER NA 20 -100.71 -68.90 3.67
CA SER NA 20 -99.60 -69.82 3.90
C SER NA 20 -99.56 -70.85 2.76
N LEU NA 21 -98.35 -71.16 2.31
CA LEU NA 21 -98.16 -72.12 1.23
C LEU NA 21 -97.04 -73.08 1.60
N ARG NA 22 -97.18 -74.33 1.15
CA ARG NA 22 -96.24 -75.40 1.44
C ARG NA 22 -95.65 -75.90 0.13
N LEU NA 23 -94.33 -75.95 0.05
CA LEU NA 23 -93.61 -76.37 -1.15
C LEU NA 23 -92.92 -77.69 -0.87
N SER NA 24 -93.10 -78.65 -1.78
CA SER NA 24 -92.61 -80.00 -1.59
C SER NA 24 -91.71 -80.39 -2.76
N CYS NA 25 -90.53 -80.92 -2.44
CA CYS NA 25 -89.60 -81.43 -3.42
C CYS NA 25 -89.28 -82.89 -3.07
N ALA NA 26 -89.41 -83.78 -4.06
CA ALA NA 26 -89.18 -85.20 -3.86
C ALA NA 26 -87.79 -85.57 -4.34
N ALA NA 27 -87.04 -86.27 -3.50
CA ALA NA 27 -85.72 -86.78 -3.86
C ALA NA 27 -85.77 -88.30 -3.92
N SER NA 28 -85.32 -88.85 -5.05
CA SER NA 28 -85.35 -90.30 -5.25
C SER NA 28 -84.23 -91.00 -4.48
N HIS NA 36 -77.99 -82.23 2.01
CA HIS NA 36 -77.89 -80.79 1.80
C HIS NA 36 -78.75 -80.33 0.61
N MET NA 37 -79.73 -79.47 0.91
CA MET NA 37 -80.66 -78.97 -0.08
C MET NA 37 -80.70 -77.46 -0.02
N ARG NA 38 -80.97 -76.84 -1.18
CA ARG NA 38 -80.99 -75.39 -1.32
C ARG NA 38 -82.21 -74.98 -2.13
N TRP NA 39 -82.77 -73.82 -1.82
CA TRP NA 39 -83.96 -73.30 -2.48
C TRP NA 39 -83.64 -72.00 -3.19
N TYR NA 40 -84.22 -71.83 -4.38
CA TYR NA 40 -84.03 -70.63 -5.18
C TYR NA 40 -85.38 -70.18 -5.73
N ARG NA 41 -85.49 -68.88 -6.02
CA ARG NA 41 -86.68 -68.31 -6.63
C ARG NA 41 -86.27 -67.43 -7.80
N GLN NA 42 -87.16 -67.29 -8.78
CA GLN NA 42 -86.90 -66.44 -9.92
C GLN NA 42 -88.18 -65.66 -10.23
N ARG NA 48 -82.68 -65.74 -10.94
CA ARG NA 48 -82.69 -66.73 -9.87
C ARG NA 48 -82.04 -66.15 -8.60
N GLU NA 49 -82.82 -66.04 -7.53
CA GLU NA 49 -82.35 -65.47 -6.27
C GLU NA 49 -82.29 -66.53 -5.20
N TRP NA 50 -81.25 -66.47 -4.38
CA TRP NA 50 -81.06 -67.43 -3.30
C TRP NA 50 -82.11 -67.24 -2.21
N VAL NA 51 -82.63 -68.35 -1.70
CA VAL NA 51 -83.72 -68.33 -0.71
C VAL NA 51 -83.25 -68.84 0.64
N ALA NA 52 -82.95 -70.14 0.74
CA ALA NA 52 -82.66 -70.74 2.03
C ALA NA 52 -81.89 -72.04 1.83
N ALA NA 53 -81.35 -72.56 2.93
CA ALA NA 53 -80.55 -73.78 2.91
C ALA NA 53 -80.86 -74.65 4.11
N ILE NA 54 -80.73 -75.97 3.90
CA ILE NA 54 -80.86 -76.96 4.97
C ILE NA 54 -79.69 -77.92 4.85
N TYR NA 55 -79.41 -78.63 5.93
CA TYR NA 55 -78.30 -79.58 5.97
C TYR NA 55 -78.81 -81.02 6.02
N ALA NA 59 -80.10 -80.74 10.84
CA ALA NA 59 -81.32 -79.94 10.71
C ALA NA 59 -81.00 -78.45 10.84
N GLY NA 60 -79.71 -78.12 10.80
CA GLY NA 60 -79.31 -76.73 10.85
C GLY NA 60 -79.77 -75.99 9.61
N THR NA 61 -80.36 -74.83 9.81
CA THR NA 61 -81.09 -74.13 8.76
C THR NA 61 -80.63 -72.69 8.64
N HIS NA 62 -80.65 -72.19 7.41
CA HIS NA 62 -80.19 -70.86 7.07
C HIS NA 62 -81.19 -70.19 6.13
N TYR NA 63 -81.47 -68.90 6.36
CA TYR NA 63 -82.42 -68.16 5.54
C TYR NA 63 -81.81 -66.84 5.09
N ALA NA 64 -82.23 -66.38 3.91
CA ALA NA 64 -81.83 -65.06 3.45
C ALA NA 64 -82.57 -63.97 4.22
N ASP NA 65 -81.91 -62.83 4.38
CA ASP NA 65 -82.51 -61.72 5.14
C ASP NA 65 -83.71 -61.13 4.42
N SER NA 66 -83.72 -61.14 3.09
CA SER NA 66 -84.87 -60.66 2.35
C SER NA 66 -86.09 -61.54 2.56
N VAL NA 67 -85.90 -62.77 3.01
CA VAL NA 67 -86.97 -63.72 3.27
C VAL NA 67 -86.99 -64.19 4.73
N LYS NA 68 -86.20 -63.56 5.59
CA LYS NA 68 -86.05 -64.03 6.96
C LYS NA 68 -87.33 -63.79 7.76
N GLY NA 69 -87.63 -64.73 8.66
CA GLY NA 69 -88.78 -64.60 9.54
C GLY NA 69 -90.12 -64.92 8.91
N ARG NA 70 -90.13 -65.53 7.73
CA ARG NA 70 -91.37 -65.83 7.02
C ARG NA 70 -91.45 -67.29 6.60
N PHE NA 71 -90.30 -67.88 6.27
CA PHE NA 71 -90.22 -69.23 5.75
C PHE NA 71 -89.52 -70.15 6.74
N THR NA 72 -89.96 -71.41 6.75
CA THR NA 72 -89.34 -72.46 7.56
C THR NA 72 -89.19 -73.70 6.70
N ILE NA 73 -88.00 -74.30 6.74
CA ILE NA 73 -87.68 -75.48 5.93
C ILE NA 73 -87.36 -76.64 6.85
N SER NA 74 -87.96 -77.79 6.55
CA SER NA 74 -87.63 -79.04 7.23
C SER NA 74 -87.65 -80.15 6.20
N ARG NA 75 -86.94 -81.23 6.50
CA ARG NA 75 -86.91 -82.40 5.64
C ARG NA 75 -86.94 -83.67 6.49
N ASP NA 76 -87.50 -84.73 5.92
CA ASP NA 76 -87.57 -86.03 6.58
C ASP NA 76 -86.93 -87.06 5.67
N ASN NA 77 -86.04 -87.87 6.23
CA ASN NA 77 -85.39 -88.93 5.47
C ASN NA 77 -86.31 -90.10 5.20
N ALA NA 78 -87.37 -90.28 6.00
CA ALA NA 78 -88.29 -91.39 5.77
C ALA NA 78 -89.01 -91.25 4.44
N LYS NA 79 -89.47 -90.05 4.11
CA LYS NA 79 -90.15 -89.80 2.84
C LYS NA 79 -89.24 -89.25 1.77
N ASN NA 80 -88.00 -88.88 2.11
CA ASN NA 80 -87.04 -88.32 1.16
C ASN NA 80 -87.60 -87.07 0.47
N THR NA 81 -88.30 -86.23 1.24
CA THR NA 81 -88.85 -84.99 0.74
C THR NA 81 -88.48 -83.85 1.67
N VAL NA 82 -88.36 -82.65 1.10
CA VAL NA 82 -88.05 -81.44 1.84
C VAL NA 82 -89.29 -80.54 1.82
N TYR NA 83 -89.73 -80.13 3.00
CA TYR NA 83 -90.94 -79.34 3.16
C TYR NA 83 -90.55 -77.90 3.47
N LEU NA 84 -91.10 -76.94 2.72
CA LEU NA 84 -90.77 -75.53 2.89
C LEU NA 84 -92.06 -74.82 3.26
N GLN NA 85 -92.19 -74.43 4.52
CA GLN NA 85 -93.44 -73.84 5.02
C GLN NA 85 -93.34 -72.32 4.92
N MET NA 86 -94.20 -71.72 4.11
CA MET NA 86 -94.20 -70.28 3.89
C MET NA 86 -95.40 -69.65 4.58
N ASN NA 87 -95.13 -68.63 5.40
CA ASN NA 87 -96.18 -67.90 6.11
C ASN NA 87 -96.24 -66.46 5.64
N SER NA 88 -97.45 -65.92 5.59
CA SER NA 88 -97.69 -64.51 5.28
C SER NA 88 -97.08 -64.12 3.93
N LEU NA 89 -97.56 -64.78 2.88
CA LEU NA 89 -97.12 -64.44 1.54
C LEU NA 89 -97.74 -63.12 1.09
N LYS NA 90 -97.04 -62.45 0.19
CA LYS NA 90 -97.43 -61.14 -0.33
C LYS NA 90 -97.29 -61.16 -1.84
N PRO NA 91 -97.93 -60.22 -2.54
CA PRO NA 91 -97.74 -60.15 -4.00
C PRO NA 91 -96.32 -59.84 -4.41
N GLU NA 92 -95.49 -59.31 -3.51
CA GLU NA 92 -94.10 -58.99 -3.86
C GLU NA 92 -93.29 -60.23 -4.19
N ASP NA 93 -93.51 -61.33 -3.48
CA ASP NA 93 -92.77 -62.56 -3.70
C ASP NA 93 -93.41 -63.47 -4.73
N THR NA 94 -94.13 -62.91 -5.70
CA THR NA 94 -94.69 -63.69 -6.80
C THR NA 94 -93.55 -64.12 -7.71
N ALA NA 95 -93.19 -65.39 -7.66
CA ALA NA 95 -92.04 -65.89 -8.42
C ALA NA 95 -92.13 -67.40 -8.55
N VAL NA 96 -91.27 -67.95 -9.40
CA VAL NA 96 -91.13 -69.39 -9.59
C VAL NA 96 -89.98 -69.89 -8.73
N TYR NA 97 -90.24 -70.92 -7.94
CA TYR NA 97 -89.29 -71.41 -6.94
C TYR NA 97 -88.68 -72.72 -7.41
N TYR NA 98 -87.36 -72.81 -7.34
CA TYR NA 98 -86.63 -74.01 -7.71
C TYR NA 98 -85.99 -74.63 -6.46
N CYS NA 99 -85.55 -75.88 -6.62
CA CYS NA 99 -84.80 -76.58 -5.60
C CYS NA 99 -83.43 -76.97 -6.16
N PHE NA 100 -82.43 -76.95 -5.29
CA PHE NA 100 -81.07 -77.30 -5.69
C PHE NA 100 -80.42 -78.14 -4.59
N VAL NA 101 -79.69 -79.17 -5.00
CA VAL NA 101 -79.08 -80.08 -4.05
C VAL NA 101 -77.62 -79.73 -3.76
N TYR NA 107 -77.13 -80.35 -10.57
CA TYR NA 107 -78.54 -80.70 -10.62
C TYR NA 107 -79.42 -79.51 -10.25
N ILE NA 108 -80.50 -79.31 -11.01
CA ILE NA 108 -81.44 -78.22 -10.78
C ILE NA 108 -82.86 -78.76 -10.87
N GLY NA 109 -83.73 -78.28 -9.97
CA GLY NA 109 -85.10 -78.71 -9.96
C GLY NA 109 -85.93 -78.07 -11.07
N GLN NA 110 -87.08 -78.68 -11.34
CA GLN NA 110 -87.95 -78.19 -12.41
C GLN NA 110 -88.56 -76.84 -12.08
N GLY NA 111 -89.05 -76.67 -10.85
CA GLY NA 111 -89.64 -75.41 -10.43
C GLY NA 111 -91.12 -75.34 -10.71
N THR NA 112 -91.83 -74.68 -9.79
CA THR NA 112 -93.28 -74.50 -9.88
C THR NA 112 -93.62 -73.05 -9.65
N GLN NA 113 -94.58 -72.53 -10.42
CA GLN NA 113 -94.92 -71.12 -10.38
C GLN NA 113 -95.85 -70.82 -9.21
N VAL NA 114 -95.50 -69.81 -8.43
CA VAL NA 114 -96.32 -69.34 -7.31
C VAL NA 114 -96.69 -67.89 -7.57
N THR NA 115 -97.99 -67.60 -7.58
CA THR NA 115 -98.50 -66.27 -7.81
C THR NA 115 -99.37 -65.83 -6.66
N VAL NA 116 -99.26 -64.56 -6.27
CA VAL NA 116 -100.03 -63.98 -5.19
C VAL NA 116 -100.81 -62.79 -5.73
N SER NA 117 -102.13 -62.80 -5.51
CA SER NA 117 -102.99 -61.73 -6.01
C SER NA 117 -103.60 -60.94 -4.85
#